data_6H7W
#
_entry.id   6H7W
#
loop_
_entity.id
_entity.type
_entity.pdbx_description
1 polymer 'Vacuolar protein sorting-associated protein 26-like protein'
2 polymer 'Putative vacuolar protein sorting-associated protein'
3 polymer 'Putative vacuolar protein sorting-associated protein'
4 polymer 'Putative vacuolar protein sorting-associated protein'
5 polymer 'Vacuolar protein sorting-associated protein 29'
6 polymer 'Vacuolar protein sorting-associated protein 35'
#
loop_
_entity_poly.entity_id
_entity_poly.type
_entity_poly.pdbx_seq_one_letter_code
_entity_poly.pdbx_strand_id
1 'polypeptide(L)'
;FSTPVDIDIVLADADKRAMVDVKLDKNRREKVPLYMDGESVKGCVTVRPKDGKRLEHTGIKVQFIGTIEMFFDRGNHYEF
LSLVQELAAPGELQHPQTFDFNFKNVEKQYESYNGINVKLRYFVRVTVSRRMADVIREKDIWVYSYRIPPELNSSIKMDV
GIEDCLHIEFEYSKSKYHLKDVIVGRIYFLLVRLKIKHMELSIIRRETTGVAPNQYNESETLVRFEIMDGSPSRGETIPI
RLFLGGFDLTPTFRDVNKKFSTRYYLSLVLIDEDARRYFKQSEIILYRQPPE
;
J,C
2 'polypeptide(L)'
;ARPTFHITVGDPHKVGDLATSHIVYSVRTKTTSKAYKQPEFEVKRRYRDFLWLYNTLHSNNPGVVVPPPPEKQAVGRFES
NFVESRRAALEKMLNKIAAHPTLQLDADLKLFLESESFNIDVKHKERKEPPLGESKGVFGSLGFGGGGNKFVEQDDWFHD
RRVYLDALENQLKALLKAMDNMVAQRKAMAEAAADFSASLHALSTVELSPTLSGPLDALSELQLAIRDVYERQAQQDVLT
FGIIIEEYIRLIGSVKQAFSQRQKAFHSWHSAESELMKKKAAQDKLLRQGKTQQDRLNQVNAEVIDAERKVHQARLLFED
MGRLLRSELDRFEREKVEDFKSGVETFLESAVEAQKELIEKWETFLMQ
;
B,A,G,E,P,N,H,F
3 'polypeptide(L)'
;ARPTFHITVGDPHKVGDLATSHIVYSVRTKTTSKAYKQPEFEVKRRYRDFLWLYNTLHSNNPGVVVPPPPEKQAVGRFES
NFVESRRAALEKMLNKIAAHPTLQLDADLKLFLESESFNIDVKHKERKE
;
D,K,V,L
4 'polypeptide(L)'
;NKFVEQDDWFHDRRVYLDALENQLKALLKAMDNMVAQRKAMAEAAADFSASLHALSTVELSPTLSGPLDALSELQLAIRD
VYERQAQQDVLTFGIIIEEYIRLIGSVKQAFSQRQKAFHSWHSAESELMKKKAAQDKLLRQGKTQQDRLNQVNAEVIDAE
RKVHQARLLFEDMGRLLRSELDRFEREKVEDFKSGVETFLESAVEAQKELIEKWETFLMQ
;
O,M
5 'polypeptide(L)'
;AFLILVIGNLHIPDRALDIPPKFKKLLSPGKISQTLCLGNLTDRATYDYLRSISPDLKIVRGRMDVEATSLPLMQVVTHG
SLRIGFLEGFTLVSEEPDVLLAEANKLDVDVLCWAGGSHRFECFEYMDKFFVNPGSATGAFTTDWLAEGEEVVPSFCLMD
VQGISLTLYVYQLRKDENGTENVAVEKVTYTKP
;
S,T
6 'polypeptide(L)'
;RLLEDALIAVRQQTAMMRKFLDTPGKLMDALKCCSTLVSELRTSSLSPKQYYELYMAVFDALRYLSAHLRENHPVNHLAD
LYELVQYAGNIIPRLYLMITVGTAYMSIDGAPVKELMKDMMDMSRGVQHPVRGLFLRYYLSGQARDYLPTGDSDGPEGNL
QDSINFILTNFVEMNKLWVRLQHQGHSRERDLRTQERRELQLLVGSNIVRLSQLVDLPTYRDSILGPLLEQIVQCRDILA
QEYLLEVITQVFPDEYHLHTLDQFLGAVSRLNPHVNVKAIVIGMMNRLSDYAERESQNEPEEDRAKLEEEALAKLLEKTK
LGQNSELEPQNGDHPDTEVSSTTDSAQAPSTADSDTTAVNGEEEPVRKRRGIPVNVPLYDIFFDQVQHLVQAQHLPIQDT
IALCCSLANLSLNIYPERLDYVDGILAYALAKVKEHANSADLHSQPAQQSLLSLLQSPLRRYVSIFTALSLPTYVSLFQA
QTYPTRRAIAGEIVRTLLKNQTLISTPAHLENVLEILKVLIKEGSQPPAGYPGVVQPRARPLETDETMEEQGWLARLVHL
IHSDDNDTQFRLLQMTRKAYAEGNERIRTTTPPLITAGLKLARRFKAREHYDDNWSSQSSSLFKFLHSAISTLYTRVNGP
GVADLCLRLFCSCGQVADMTEFEEVAYEFFAQAFTVYEESISDSKAQFQAVCVIASALHRTRNFGRENYDTLITKCAQHA
SKLLRKPDQCRAVYLASHLWWATPIAARGETEDTELYRDGKRVLECLQRALRVADSCMETATSIELFVEILDRYVYYFDQ
RNESVTTKYLNGLIELIHSNLAGNQQDSASVEASRKHFIQTLEMIQ
;
Q,R
#
# COMPACT_ATOMS: atom_id res chain seq x y z
N PHE A 1 -12.00 -24.74 64.64
CA PHE A 1 -11.30 -24.01 65.74
C PHE A 1 -11.07 -22.56 65.40
N SER A 2 -10.01 -22.24 64.63
CA SER A 2 -9.53 -20.90 64.29
C SER A 2 -8.28 -20.62 65.10
N THR A 3 -8.00 -19.34 65.38
CA THR A 3 -6.95 -18.88 66.24
C THR A 3 -7.35 -18.99 67.70
N PRO A 4 -6.45 -19.29 68.66
CA PRO A 4 -6.86 -19.31 70.06
C PRO A 4 -6.95 -17.89 70.58
N VAL A 5 -6.27 -16.95 69.90
CA VAL A 5 -6.05 -15.61 70.36
C VAL A 5 -5.96 -14.65 69.18
N ASP A 6 -6.60 -13.47 69.31
CA ASP A 6 -6.49 -12.39 68.34
C ASP A 6 -5.90 -11.17 69.02
N ILE A 7 -4.93 -10.52 68.33
CA ILE A 7 -4.21 -9.37 68.84
C ILE A 7 -4.72 -8.13 68.13
N ASP A 8 -5.12 -7.09 68.89
CA ASP A 8 -5.45 -5.80 68.30
C ASP A 8 -4.64 -4.68 68.96
N ILE A 9 -4.31 -3.62 68.21
CA ILE A 9 -3.50 -2.51 68.71
C ILE A 9 -4.29 -1.23 68.54
N VAL A 10 -4.55 -0.57 69.68
CA VAL A 10 -5.33 0.65 69.74
C VAL A 10 -4.46 1.75 70.31
N LEU A 11 -4.29 2.84 69.56
CA LEU A 11 -3.52 3.99 70.01
C LEU A 11 -4.28 4.84 71.00
N ALA A 12 -3.56 5.57 71.88
CA ALA A 12 -4.21 6.41 72.88
C ALA A 12 -4.86 7.66 72.31
N ASP A 13 -4.42 8.14 71.12
CA ASP A 13 -4.97 9.30 70.47
C ASP A 13 -5.80 8.95 69.24
N ALA A 14 -6.33 7.70 69.18
CA ALA A 14 -7.00 7.13 68.02
C ALA A 14 -8.18 7.90 67.44
N ASP A 15 -8.96 8.63 68.28
CA ASP A 15 -10.06 9.46 67.83
C ASP A 15 -9.64 10.81 67.24
N LYS A 16 -8.72 11.52 67.92
CA LYS A 16 -8.28 12.86 67.52
C LYS A 16 -7.22 12.87 66.42
N ARG A 17 -6.36 11.84 66.35
CA ARG A 17 -5.27 11.79 65.40
C ARG A 17 -5.69 11.69 63.93
N ALA A 18 -5.07 12.51 63.06
CA ALA A 18 -5.25 12.47 61.63
C ALA A 18 -4.80 11.17 60.95
N MET A 19 -5.45 10.80 59.82
CA MET A 19 -5.11 9.64 59.03
C MET A 19 -4.76 10.07 57.61
N VAL A 20 -3.98 9.22 56.88
CA VAL A 20 -3.48 9.56 55.54
C VAL A 20 -3.55 8.33 54.66
N ASP A 21 -3.71 8.56 53.35
CA ASP A 21 -3.91 7.54 52.35
C ASP A 21 -2.63 7.20 51.60
N VAL A 22 -2.49 5.93 51.17
CA VAL A 22 -1.38 5.51 50.33
C VAL A 22 -1.91 4.84 49.09
N LYS A 23 -1.43 5.20 47.89
CA LYS A 23 -1.70 4.43 46.68
C LYS A 23 -0.78 3.20 46.59
N LEU A 24 -1.37 2.00 46.48
CA LEU A 24 -0.66 0.75 46.36
C LEU A 24 -1.01 0.13 45.02
N ASP A 25 -0.41 -1.05 44.71
CA ASP A 25 -0.59 -1.75 43.46
C ASP A 25 -2.04 -2.01 43.05
N LYS A 26 -2.32 -1.76 41.76
CA LYS A 26 -3.61 -1.87 41.11
C LYS A 26 -4.69 -0.97 41.69
N ASN A 27 -4.34 0.31 41.95
CA ASN A 27 -5.24 1.40 42.30
C ASN A 27 -5.82 1.33 43.72
N ARG A 28 -5.33 0.41 44.56
CA ARG A 28 -5.75 0.32 45.93
C ARG A 28 -5.29 1.49 46.77
N ARG A 29 -6.16 1.95 47.69
CA ARG A 29 -5.82 3.02 48.60
C ARG A 29 -6.05 2.58 50.03
N GLU A 30 -4.96 2.45 50.80
CA GLU A 30 -5.02 2.16 52.23
C GLU A 30 -5.06 3.44 53.01
N LYS A 31 -5.57 3.40 54.26
CA LYS A 31 -5.61 4.54 55.13
C LYS A 31 -5.13 4.16 56.51
N VAL A 32 -4.10 4.86 57.02
CA VAL A 32 -3.43 4.52 58.27
C VAL A 32 -3.24 5.77 59.11
N PRO A 33 -3.03 5.70 60.44
CA PRO A 33 -2.75 6.88 61.24
C PRO A 33 -1.47 7.59 60.84
N LEU A 34 -1.43 8.91 61.09
CA LEU A 34 -0.39 9.77 60.56
C LEU A 34 0.50 10.28 61.65
N TYR A 35 1.82 10.22 61.42
CA TYR A 35 2.79 10.67 62.39
C TYR A 35 3.92 11.45 61.74
N MET A 36 4.72 12.12 62.57
CA MET A 36 5.90 12.83 62.17
C MET A 36 7.09 12.45 63.04
N ASP A 37 8.30 12.89 62.63
CA ASP A 37 9.50 12.70 63.41
C ASP A 37 9.41 13.36 64.79
N GLY A 38 9.92 12.68 65.84
CA GLY A 38 9.87 13.17 67.21
C GLY A 38 8.62 12.86 68.00
N GLU A 39 7.47 12.54 67.38
CA GLU A 39 6.30 12.10 68.15
C GLU A 39 6.46 10.78 68.88
N SER A 40 5.92 10.71 70.12
CA SER A 40 5.77 9.47 70.88
C SER A 40 4.67 8.59 70.33
N VAL A 41 4.86 7.27 70.38
CA VAL A 41 3.87 6.30 69.90
C VAL A 41 3.43 5.51 71.10
N LYS A 42 2.14 5.61 71.47
CA LYS A 42 1.66 4.97 72.68
C LYS A 42 0.22 4.53 72.54
N GLY A 43 -0.13 3.46 73.25
CA GLY A 43 -1.44 2.88 73.14
C GLY A 43 -1.50 1.63 73.93
N CYS A 44 -2.32 0.69 73.46
CA CYS A 44 -2.61 -0.53 74.15
C CYS A 44 -2.59 -1.71 73.19
N VAL A 45 -2.05 -2.85 73.65
CA VAL A 45 -2.16 -4.12 72.98
C VAL A 45 -3.31 -4.88 73.63
N THR A 46 -4.35 -5.21 72.86
CA THR A 46 -5.53 -5.89 73.39
C THR A 46 -5.53 -7.31 72.90
N VAL A 47 -5.48 -8.27 73.83
CA VAL A 47 -5.51 -9.68 73.52
C VAL A 47 -6.91 -10.20 73.73
N ARG A 48 -7.60 -10.61 72.63
CA ARG A 48 -8.91 -11.22 72.71
C ARG A 48 -8.75 -12.73 72.63
N PRO A 49 -8.88 -13.53 73.69
CA PRO A 49 -8.92 -14.97 73.54
C PRO A 49 -10.23 -15.39 72.90
N LYS A 50 -10.25 -16.52 72.18
CA LYS A 50 -11.40 -16.97 71.42
C LYS A 50 -11.88 -18.34 71.83
N ASP A 51 -11.00 -19.17 72.41
CA ASP A 51 -11.31 -20.48 72.93
C ASP A 51 -11.17 -20.48 74.44
N GLY A 52 -11.90 -21.38 75.12
CA GLY A 52 -11.78 -21.63 76.56
C GLY A 52 -10.72 -22.67 76.85
N LYS A 53 -9.45 -22.35 76.53
CA LYS A 53 -8.35 -23.26 76.57
C LYS A 53 -7.25 -22.50 77.29
N ARG A 54 -5.97 -22.84 77.07
CA ARG A 54 -4.89 -22.07 77.65
C ARG A 54 -3.77 -21.90 76.66
N LEU A 55 -3.11 -20.73 76.73
CA LEU A 55 -2.05 -20.34 75.83
C LEU A 55 -0.78 -20.20 76.63
N GLU A 56 0.14 -21.17 76.47
CA GLU A 56 1.47 -21.16 77.04
C GLU A 56 2.40 -20.37 76.13
N HIS A 57 3.16 -19.41 76.70
CA HIS A 57 4.03 -18.57 75.91
C HIS A 57 5.33 -18.31 76.64
N THR A 58 6.38 -17.92 75.88
CA THR A 58 7.71 -17.66 76.43
C THR A 58 8.03 -16.19 76.38
N GLY A 59 6.99 -15.33 76.30
CA GLY A 59 7.14 -13.88 76.36
C GLY A 59 6.28 -13.17 75.35
N ILE A 60 5.89 -11.92 75.68
CA ILE A 60 5.10 -11.07 74.81
C ILE A 60 5.81 -9.75 74.71
N LYS A 61 6.04 -9.26 73.48
CA LYS A 61 6.69 -7.99 73.25
C LYS A 61 5.98 -7.20 72.16
N VAL A 62 6.17 -5.88 72.18
CA VAL A 62 5.74 -4.99 71.12
C VAL A 62 6.94 -4.24 70.60
N GLN A 63 7.03 -4.11 69.27
CA GLN A 63 8.12 -3.44 68.60
C GLN A 63 7.61 -2.33 67.72
N PHE A 64 8.36 -1.21 67.65
CA PHE A 64 8.14 -0.18 66.63
C PHE A 64 9.24 -0.36 65.60
N ILE A 65 8.85 -0.54 64.34
CA ILE A 65 9.78 -0.83 63.25
C ILE A 65 9.62 0.21 62.16
N GLY A 66 10.75 0.70 61.62
CA GLY A 66 10.79 1.38 60.33
C GLY A 66 11.77 0.67 59.45
N THR A 67 11.35 0.25 58.23
CA THR A 67 12.18 -0.61 57.38
C THR A 67 12.06 -0.25 55.91
N ILE A 68 13.08 -0.61 55.12
CA ILE A 68 13.12 -0.43 53.68
C ILE A 68 13.18 -1.81 53.05
N GLU A 69 12.22 -2.08 52.13
CA GLU A 69 12.05 -3.34 51.45
C GLU A 69 12.42 -3.14 49.98
N MET A 70 13.34 -3.95 49.42
CA MET A 70 13.78 -3.80 48.03
C MET A 70 13.46 -5.04 47.20
N PHE A 71 12.93 -4.84 45.98
CA PHE A 71 12.70 -5.84 44.95
C PHE A 71 11.79 -7.00 45.34
N PHE A 72 10.87 -6.78 46.31
CA PHE A 72 9.90 -7.77 46.78
C PHE A 72 10.54 -8.97 47.47
N ASP A 73 11.77 -8.79 47.99
CA ASP A 73 12.57 -9.82 48.57
C ASP A 73 12.71 -9.55 50.07
N ARG A 74 12.32 -10.55 50.88
CA ARG A 74 12.47 -10.50 52.33
C ARG A 74 13.92 -10.46 52.80
N GLY A 75 14.88 -11.01 52.03
CA GLY A 75 16.28 -11.05 52.43
C GLY A 75 17.01 -9.76 52.25
N ASN A 76 16.37 -8.79 51.56
CA ASN A 76 16.90 -7.46 51.35
C ASN A 76 16.27 -6.42 52.26
N HIS A 77 15.40 -6.82 53.21
CA HIS A 77 14.78 -5.89 54.13
C HIS A 77 15.75 -5.33 55.17
N TYR A 78 15.84 -3.98 55.29
CA TYR A 78 16.72 -3.35 56.25
C TYR A 78 15.91 -2.46 57.19
N GLU A 79 15.89 -2.82 58.48
CA GLU A 79 15.33 -2.00 59.54
C GLU A 79 16.26 -0.85 59.87
N PHE A 80 15.81 0.41 59.70
CA PHE A 80 16.60 1.58 60.04
C PHE A 80 16.21 2.11 61.41
N LEU A 81 15.08 1.62 61.95
CA LEU A 81 14.65 1.90 63.30
C LEU A 81 14.01 0.66 63.89
N SER A 82 14.41 0.27 65.11
CA SER A 82 13.80 -0.81 65.85
C SER A 82 13.81 -0.44 67.31
N LEU A 83 12.63 -0.45 67.96
CA LEU A 83 12.50 -0.18 69.38
C LEU A 83 11.66 -1.30 69.96
N VAL A 84 12.01 -1.82 71.16
CA VAL A 84 11.33 -2.96 71.76
C VAL A 84 10.76 -2.56 73.11
N GLN A 85 9.52 -2.98 73.42
CA GLN A 85 9.03 -3.01 74.78
C GLN A 85 8.55 -4.41 75.09
N GLU A 86 9.14 -5.03 76.13
CA GLU A 86 8.68 -6.29 76.68
C GLU A 86 7.41 -6.06 77.50
N LEU A 87 6.33 -6.79 77.21
CA LEU A 87 5.04 -6.58 77.84
C LEU A 87 4.74 -7.65 78.87
N ALA A 88 5.27 -8.86 78.68
CA ALA A 88 5.08 -9.95 79.61
C ALA A 88 6.23 -10.93 79.57
N ALA A 89 6.56 -11.48 80.75
CA ALA A 89 7.47 -12.60 80.91
C ALA A 89 6.84 -13.91 80.47
N PRO A 90 7.58 -15.01 80.26
CA PRO A 90 7.01 -16.35 80.09
C PRO A 90 5.87 -16.70 81.02
N GLY A 91 4.78 -17.29 80.50
CA GLY A 91 3.62 -17.58 81.33
C GLY A 91 2.49 -18.19 80.56
N GLU A 92 1.27 -18.09 81.13
CA GLU A 92 0.06 -18.58 80.51
C GLU A 92 -0.92 -17.44 80.34
N LEU A 93 -1.84 -17.57 79.36
CA LEU A 93 -3.02 -16.73 79.24
C LEU A 93 -4.26 -17.61 79.19
N GLN A 94 -5.27 -17.30 80.03
CA GLN A 94 -6.54 -18.02 80.04
C GLN A 94 -7.76 -17.13 79.74
N HIS A 95 -7.63 -15.79 79.75
CA HIS A 95 -8.75 -14.86 79.67
C HIS A 95 -8.25 -13.59 78.97
N PRO A 96 -9.09 -12.60 78.55
CA PRO A 96 -8.60 -11.40 77.90
C PRO A 96 -7.74 -10.54 78.76
N GLN A 97 -6.71 -9.95 78.15
CA GLN A 97 -5.77 -9.11 78.84
C GLN A 97 -5.31 -8.01 77.92
N THR A 98 -5.09 -6.82 78.50
CA THR A 98 -4.62 -5.65 77.81
C THR A 98 -3.29 -5.22 78.40
N PHE A 99 -2.41 -4.64 77.57
CA PHE A 99 -1.11 -4.15 78.02
C PHE A 99 -0.85 -2.78 77.43
N ASP A 100 -0.54 -1.79 78.28
CA ASP A 100 -0.04 -0.48 77.88
C ASP A 100 1.33 -0.53 77.19
N PHE A 101 1.60 0.45 76.29
CA PHE A 101 2.93 0.64 75.75
C PHE A 101 3.18 2.11 75.43
N ASN A 102 4.45 2.58 75.59
CA ASN A 102 4.83 3.93 75.19
C ASN A 102 6.25 3.94 74.64
N PHE A 103 6.40 4.35 73.37
CA PHE A 103 7.69 4.61 72.78
C PHE A 103 7.94 6.11 72.82
N LYS A 104 8.87 6.55 73.68
CA LYS A 104 9.16 7.95 73.91
C LYS A 104 9.88 8.65 72.77
N ASN A 105 9.30 9.75 72.23
CA ASN A 105 9.93 10.68 71.30
C ASN A 105 10.59 10.02 70.10
N VAL A 106 9.80 9.25 69.34
CA VAL A 106 10.33 8.32 68.37
C VAL A 106 10.87 9.01 67.13
N GLU A 107 12.19 8.86 66.89
CA GLU A 107 12.83 9.23 65.64
C GLU A 107 12.25 8.49 64.43
N LYS A 108 11.94 9.22 63.34
CA LYS A 108 11.31 8.70 62.14
C LYS A 108 11.84 9.48 60.96
N GLN A 109 13.10 9.20 60.58
CA GLN A 109 13.91 10.05 59.71
C GLN A 109 13.45 10.16 58.26
N TYR A 110 12.56 9.28 57.77
CA TYR A 110 12.21 9.25 56.37
C TYR A 110 10.70 9.28 56.21
N GLU A 111 10.20 9.74 55.03
CA GLU A 111 8.78 9.65 54.72
C GLU A 111 8.47 8.27 54.16
N SER A 112 7.29 7.71 54.53
CA SER A 112 6.79 6.45 54.00
C SER A 112 6.65 6.50 52.48
N TYR A 113 6.95 5.39 51.79
CA TYR A 113 6.89 5.38 50.34
C TYR A 113 6.51 3.98 49.88
N ASN A 114 5.67 3.91 48.85
CA ASN A 114 5.34 2.68 48.17
C ASN A 114 5.59 2.96 46.71
N GLY A 115 6.60 2.27 46.16
CA GLY A 115 7.04 2.45 44.79
C GLY A 115 7.01 1.18 44.03
N ILE A 116 7.95 1.03 43.08
CA ILE A 116 7.97 -0.09 42.16
C ILE A 116 8.95 -1.15 42.64
N ASN A 117 10.22 -0.78 42.85
CA ASN A 117 11.24 -1.69 43.34
C ASN A 117 11.52 -1.46 44.82
N VAL A 118 10.81 -0.50 45.44
CA VAL A 118 11.11 -0.03 46.78
C VAL A 118 9.86 0.20 47.59
N LYS A 119 9.85 -0.26 48.85
CA LYS A 119 8.90 0.21 49.84
C LYS A 119 9.63 0.71 51.07
N LEU A 120 9.11 1.78 51.70
CA LEU A 120 9.55 2.25 52.98
C LEU A 120 8.31 2.34 53.85
N ARG A 121 8.27 1.59 54.97
CA ARG A 121 7.10 1.58 55.80
C ARG A 121 7.44 1.44 57.26
N TYR A 122 6.51 1.95 58.10
CA TYR A 122 6.62 1.94 59.54
C TYR A 122 5.45 1.17 60.08
N PHE A 123 5.66 0.39 61.14
CA PHE A 123 4.59 -0.36 61.73
C PHE A 123 4.90 -0.72 63.16
N VAL A 124 3.84 -1.06 63.92
CA VAL A 124 3.98 -1.65 65.23
C VAL A 124 3.83 -3.16 65.05
N ARG A 125 4.74 -3.97 65.62
CA ARG A 125 4.68 -5.42 65.52
C ARG A 125 4.57 -6.00 66.93
N VAL A 126 3.45 -6.70 67.23
CA VAL A 126 3.28 -7.44 68.48
C VAL A 126 3.60 -8.89 68.24
N THR A 127 4.40 -9.48 69.14
CA THR A 127 4.83 -10.87 69.03
C THR A 127 4.50 -11.59 70.33
N VAL A 128 3.71 -12.67 70.28
CA VAL A 128 3.53 -13.60 71.39
C VAL A 128 4.36 -14.82 71.05
N SER A 129 5.46 -15.02 71.81
CA SER A 129 6.43 -16.07 71.55
C SER A 129 5.91 -17.42 72.01
N ARG A 130 5.94 -18.44 71.14
CA ARG A 130 5.48 -19.77 71.48
C ARG A 130 6.55 -20.77 71.13
N ARG A 131 6.38 -22.04 71.53
CA ARG A 131 7.40 -23.07 71.39
C ARG A 131 7.84 -23.40 69.97
N MET A 132 6.94 -23.36 68.97
CA MET A 132 7.30 -23.62 67.57
C MET A 132 6.78 -22.59 66.58
N ALA A 133 5.68 -21.88 66.88
CA ALA A 133 5.15 -20.88 65.97
C ALA A 133 4.59 -19.67 66.70
N ASP A 134 5.28 -18.52 66.61
CA ASP A 134 4.85 -17.25 67.15
C ASP A 134 3.51 -16.75 66.62
N VAL A 135 2.78 -16.02 67.48
CA VAL A 135 1.60 -15.28 67.04
C VAL A 135 2.04 -13.84 66.84
N ILE A 136 1.89 -13.34 65.60
CA ILE A 136 2.46 -12.06 65.18
C ILE A 136 1.34 -11.18 64.64
N ARG A 137 1.33 -9.89 65.04
CA ARG A 137 0.39 -8.93 64.49
C ARG A 137 1.08 -7.63 64.14
N GLU A 138 1.01 -7.22 62.86
CA GLU A 138 1.50 -5.93 62.40
C GLU A 138 0.39 -4.89 62.36
N LYS A 139 0.74 -3.61 62.60
CA LYS A 139 -0.16 -2.48 62.54
C LYS A 139 0.52 -1.31 61.84
N ASP A 140 0.22 -1.11 60.55
CA ASP A 140 0.84 -0.10 59.71
C ASP A 140 0.57 1.38 60.04
N ILE A 141 1.56 2.25 59.70
CA ILE A 141 1.62 3.65 60.07
C ILE A 141 2.17 4.43 58.88
N TRP A 142 1.61 5.64 58.60
CA TRP A 142 2.24 6.58 57.67
C TRP A 142 3.05 7.59 58.44
N VAL A 143 4.25 7.90 57.92
CA VAL A 143 5.08 8.97 58.43
C VAL A 143 5.31 9.93 57.30
N TYR A 144 5.06 11.23 57.53
CA TYR A 144 5.44 12.26 56.60
C TYR A 144 6.70 12.96 57.05
N SER A 145 7.40 13.60 56.11
CA SER A 145 8.48 14.51 56.42
C SER A 145 8.13 15.90 55.93
N TYR A 146 8.44 16.93 56.74
CA TYR A 146 7.99 18.29 56.49
C TYR A 146 9.18 19.19 56.21
N ARG A 147 8.95 20.29 55.45
CA ARG A 147 10.01 21.25 55.21
C ARG A 147 9.49 22.68 54.96
N ILE A 148 9.96 23.67 55.77
CA ILE A 148 9.70 25.10 55.52
C ILE A 148 10.19 25.69 54.19
N PRO A 149 9.71 26.89 53.70
CA PRO A 149 10.21 27.50 52.47
C PRO A 149 11.73 27.54 52.35
N PRO A 150 12.35 27.20 51.22
CA PRO A 150 13.81 27.14 51.13
C PRO A 150 14.45 28.52 51.17
N GLU A 151 15.67 28.61 51.74
CA GLU A 151 16.47 29.83 51.76
C GLU A 151 16.74 30.40 50.38
N LEU A 152 17.12 29.51 49.45
CA LEU A 152 17.31 29.86 48.06
C LEU A 152 16.37 29.06 47.20
N ASN A 153 15.57 29.76 46.39
CA ASN A 153 14.76 29.17 45.35
C ASN A 153 14.96 30.01 44.10
N SER A 154 15.91 29.58 43.24
CA SER A 154 16.22 30.31 42.02
C SER A 154 15.27 29.92 40.92
N SER A 155 14.93 30.83 39.98
CA SER A 155 14.19 30.46 38.78
C SER A 155 15.07 29.63 37.85
N ILE A 156 14.45 28.68 37.10
CA ILE A 156 15.20 27.89 36.13
C ILE A 156 15.02 28.58 34.80
N LYS A 157 16.12 29.08 34.22
CA LYS A 157 16.08 29.87 33.01
C LYS A 157 17.20 29.43 32.09
N MET A 158 16.90 29.11 30.82
CA MET A 158 17.90 28.56 29.93
C MET A 158 17.57 28.80 28.46
N ASP A 159 18.62 28.93 27.64
CA ASP A 159 18.55 28.98 26.20
C ASP A 159 18.99 27.61 25.70
N VAL A 160 18.23 27.00 24.76
CA VAL A 160 18.52 25.68 24.22
C VAL A 160 18.10 25.66 22.77
N GLY A 161 18.68 24.73 21.99
CA GLY A 161 18.23 24.63 20.62
C GLY A 161 18.80 23.48 19.85
N ILE A 162 18.35 23.41 18.59
CA ILE A 162 18.95 22.60 17.56
C ILE A 162 19.52 23.62 16.63
N GLU A 163 20.86 23.62 16.45
CA GLU A 163 21.53 24.70 15.75
C GLU A 163 21.06 24.98 14.34
N ASP A 164 20.95 26.28 14.02
CA ASP A 164 20.30 26.83 12.84
C ASP A 164 18.90 26.32 12.50
N CYS A 165 18.16 25.68 13.44
CA CYS A 165 16.83 25.14 13.17
C CYS A 165 15.79 25.62 14.17
N LEU A 166 16.10 25.52 15.47
CA LEU A 166 15.20 25.94 16.52
C LEU A 166 16.00 26.47 17.68
N HIS A 167 15.75 27.72 18.11
CA HIS A 167 16.39 28.28 19.28
C HIS A 167 15.30 28.82 20.19
N ILE A 168 15.30 28.41 21.48
CA ILE A 168 14.26 28.79 22.43
C ILE A 168 14.88 29.14 23.76
N GLU A 169 14.25 30.10 24.47
CA GLU A 169 14.55 30.36 25.85
C GLU A 169 13.33 29.91 26.64
N PHE A 170 13.52 29.08 27.67
CA PHE A 170 12.45 28.66 28.55
C PHE A 170 12.75 29.12 29.96
N GLU A 171 11.69 29.39 30.74
CA GLU A 171 11.83 29.83 32.10
C GLU A 171 10.74 29.19 32.94
N TYR A 172 11.11 28.67 34.12
CA TYR A 172 10.19 28.17 35.13
C TYR A 172 10.47 28.95 36.40
N SER A 173 9.43 29.39 37.12
CA SER A 173 9.55 30.39 38.19
C SER A 173 10.34 29.97 39.42
N LYS A 174 10.45 28.67 39.70
CA LYS A 174 11.20 28.12 40.81
C LYS A 174 11.96 26.86 40.41
N SER A 175 12.94 26.46 41.26
CA SER A 175 13.57 25.14 41.20
C SER A 175 12.93 24.16 42.16
N LYS A 176 12.21 24.70 43.16
CA LYS A 176 11.64 23.92 44.25
C LYS A 176 10.19 24.28 44.42
N TYR A 177 9.30 23.29 44.27
CA TYR A 177 7.87 23.47 44.29
C TYR A 177 7.32 22.63 45.41
N HIS A 178 6.34 23.13 46.18
CA HIS A 178 5.63 22.25 47.11
C HIS A 178 4.59 21.41 46.38
N LEU A 179 4.04 20.36 47.03
CA LEU A 179 3.15 19.41 46.38
C LEU A 179 1.86 19.99 45.80
N LYS A 180 1.41 21.16 46.31
CA LYS A 180 0.24 21.87 45.80
C LYS A 180 0.62 23.21 45.18
N ASP A 181 1.86 23.34 44.69
CA ASP A 181 2.38 24.53 44.05
C ASP A 181 2.08 24.56 42.55
N VAL A 182 2.47 25.67 41.89
CA VAL A 182 2.12 25.94 40.51
C VAL A 182 3.37 26.19 39.70
N ILE A 183 3.56 25.48 38.56
CA ILE A 183 4.62 25.82 37.62
C ILE A 183 4.16 27.01 36.80
N VAL A 184 4.68 28.21 37.11
CA VAL A 184 4.46 29.39 36.30
C VAL A 184 5.69 29.56 35.45
N GLY A 185 5.54 29.69 34.12
CA GLY A 185 6.70 29.81 33.27
C GLY A 185 6.37 30.43 31.94
N ARG A 186 7.36 30.46 31.05
CA ARG A 186 7.15 30.88 29.69
C ARG A 186 8.16 30.24 28.77
N ILE A 187 7.77 30.07 27.50
CA ILE A 187 8.64 29.66 26.42
C ILE A 187 8.73 30.85 25.47
N TYR A 188 9.94 31.23 25.07
CA TYR A 188 10.19 32.33 24.16
C TYR A 188 10.95 31.80 22.96
N PHE A 189 10.49 32.14 21.74
CA PHE A 189 11.04 31.61 20.52
C PHE A 189 11.98 32.60 19.83
N LEU A 190 13.27 32.26 19.71
CA LEU A 190 14.29 33.12 19.12
C LEU A 190 14.47 32.85 17.63
N LEU A 191 14.47 31.56 17.22
CA LEU A 191 14.61 31.14 15.85
C LEU A 191 13.73 29.94 15.63
N VAL A 192 12.92 29.95 14.55
CA VAL A 192 12.03 28.85 14.21
C VAL A 192 12.16 28.60 12.71
N ARG A 193 12.76 27.45 12.32
CA ARG A 193 12.87 27.03 10.93
C ARG A 193 12.29 25.64 10.73
N LEU A 194 11.50 25.18 11.71
CA LEU A 194 10.80 23.92 11.65
C LEU A 194 9.33 24.20 11.82
N LYS A 195 8.48 23.24 11.40
CA LYS A 195 7.04 23.41 11.41
C LYS A 195 6.49 22.70 12.63
N ILE A 196 6.13 23.46 13.69
CA ILE A 196 5.79 22.86 14.97
C ILE A 196 4.30 22.57 15.01
N LYS A 197 3.92 21.31 15.29
CA LYS A 197 2.54 20.92 15.42
C LYS A 197 1.97 21.24 16.80
N HIS A 198 2.70 20.84 17.87
CA HIS A 198 2.30 21.16 19.23
C HIS A 198 3.50 21.10 20.18
N MET A 199 3.34 21.69 21.37
CA MET A 199 4.35 21.66 22.43
C MET A 199 3.68 21.28 23.74
N GLU A 200 4.28 20.35 24.50
CA GLU A 200 3.76 19.88 25.77
C GLU A 200 4.82 19.95 26.86
N LEU A 201 4.35 20.04 28.13
CA LEU A 201 5.18 20.01 29.31
C LEU A 201 4.82 18.76 30.10
N SER A 202 5.84 17.95 30.43
CA SER A 202 5.67 16.67 31.07
C SER A 202 6.36 16.66 32.42
N ILE A 203 5.75 16.02 33.43
CA ILE A 203 6.33 15.78 34.73
C ILE A 203 6.66 14.32 34.77
N ILE A 204 7.95 14.00 34.89
CA ILE A 204 8.44 12.65 34.84
C ILE A 204 8.97 12.31 36.20
N ARG A 205 8.60 11.12 36.71
CA ARG A 205 9.07 10.61 37.98
C ARG A 205 10.05 9.50 37.71
N ARG A 206 11.19 9.55 38.39
CA ARG A 206 12.20 8.53 38.30
C ARG A 206 12.44 7.94 39.68
N GLU A 207 12.32 6.61 39.80
CA GLU A 207 12.70 5.87 40.99
C GLU A 207 14.04 5.21 40.72
N THR A 208 15.07 5.51 41.53
CA THR A 208 16.43 4.99 41.34
C THR A 208 16.74 4.08 42.51
N THR A 209 17.02 2.79 42.27
CA THR A 209 17.23 1.80 43.33
C THR A 209 18.58 1.15 43.20
N GLY A 210 19.32 1.02 44.33
CA GLY A 210 20.56 0.27 44.38
C GLY A 210 21.76 1.12 44.67
N VAL A 211 22.95 0.49 44.66
CA VAL A 211 24.22 1.14 44.98
C VAL A 211 25.26 0.90 43.89
N ALA A 212 25.87 1.99 43.35
CA ALA A 212 26.99 1.94 42.45
C ALA A 212 26.61 1.35 41.07
N PRO A 213 27.31 0.47 40.32
CA PRO A 213 26.78 -0.06 39.08
C PRO A 213 25.49 -0.86 39.19
N ASN A 214 25.14 -1.32 40.40
CA ASN A 214 23.84 -1.90 40.69
C ASN A 214 22.83 -0.78 40.81
N GLN A 215 22.36 -0.27 39.65
CA GLN A 215 21.41 0.81 39.61
C GLN A 215 20.27 0.43 38.69
N TYR A 216 19.04 0.39 39.23
CA TYR A 216 17.86 0.20 38.43
C TYR A 216 17.09 1.50 38.46
N ASN A 217 16.64 1.98 37.29
CA ASN A 217 15.90 3.22 37.20
C ASN A 217 14.54 2.90 36.61
N GLU A 218 13.47 3.17 37.36
CA GLU A 218 12.11 3.04 36.88
C GLU A 218 11.58 4.42 36.55
N SER A 219 10.97 4.61 35.37
CA SER A 219 10.54 5.92 34.91
C SER A 219 9.05 5.91 34.62
N GLU A 220 8.32 6.91 35.13
CA GLU A 220 6.89 7.02 34.93
C GLU A 220 6.54 8.44 34.55
N THR A 221 5.63 8.61 33.57
CA THR A 221 5.28 9.92 33.04
C THR A 221 3.93 10.30 33.59
N LEU A 222 3.90 11.27 34.53
CA LEU A 222 2.74 11.51 35.37
C LEU A 222 1.80 12.58 34.82
N VAL A 223 2.24 13.39 33.86
CA VAL A 223 1.40 14.36 33.18
C VAL A 223 1.92 14.49 31.78
N ARG A 224 1.01 14.77 30.85
CA ARG A 224 1.35 15.35 29.57
C ARG A 224 0.44 16.55 29.43
N PHE A 225 1.00 17.77 29.52
CA PHE A 225 0.22 18.98 29.53
C PHE A 225 0.58 19.80 28.31
N GLU A 226 -0.32 19.82 27.30
CA GLU A 226 -0.14 20.64 26.11
C GLU A 226 -0.08 22.11 26.46
N ILE A 227 0.93 22.86 25.99
CA ILE A 227 1.05 24.29 26.27
C ILE A 227 1.02 25.14 25.02
N MET A 228 1.11 24.51 23.82
CA MET A 228 0.96 25.22 22.58
C MET A 228 0.37 24.35 21.49
N ASP A 229 -0.63 24.88 20.75
CA ASP A 229 -1.18 24.27 19.55
C ASP A 229 -0.74 25.15 18.39
N GLY A 230 0.00 24.59 17.41
CA GLY A 230 0.38 25.30 16.19
C GLY A 230 1.78 25.84 16.14
N SER A 231 2.09 26.49 15.00
CA SER A 231 3.44 26.92 14.66
C SER A 231 3.68 28.38 15.02
N PRO A 232 4.53 28.72 16.00
CA PRO A 232 4.86 30.09 16.31
C PRO A 232 5.89 30.64 15.33
N SER A 233 6.22 31.93 15.46
CA SER A 233 7.33 32.53 14.75
C SER A 233 8.28 33.13 15.78
N ARG A 234 9.43 33.71 15.36
CA ARG A 234 10.34 34.34 16.30
C ARG A 234 9.74 35.54 17.03
N GLY A 235 10.09 35.72 18.32
CA GLY A 235 9.53 36.77 19.16
C GLY A 235 8.23 36.42 19.84
N GLU A 236 7.77 35.17 19.69
CA GLU A 236 6.53 34.70 20.26
C GLU A 236 6.74 34.15 21.67
N THR A 237 5.83 34.49 22.61
CA THR A 237 5.93 34.09 24.01
C THR A 237 4.73 33.26 24.37
N ILE A 238 4.96 32.04 24.91
CA ILE A 238 3.92 31.10 25.28
C ILE A 238 3.87 30.97 26.79
N PRO A 239 2.79 31.32 27.50
CA PRO A 239 2.73 31.21 28.95
C PRO A 239 2.43 29.79 29.42
N ILE A 240 3.06 29.39 30.55
CA ILE A 240 2.86 28.09 31.19
C ILE A 240 2.23 28.36 32.54
N ARG A 241 1.11 27.68 32.85
CA ARG A 241 0.59 27.60 34.19
C ARG A 241 0.13 26.19 34.45
N LEU A 242 0.94 25.38 35.17
CA LEU A 242 0.65 23.98 35.43
C LEU A 242 0.49 23.75 36.92
N PHE A 243 -0.73 23.39 37.34
CA PHE A 243 -1.05 23.13 38.73
C PHE A 243 -0.66 21.72 39.16
N LEU A 244 0.17 21.58 40.21
CA LEU A 244 0.66 20.27 40.63
C LEU A 244 -0.35 19.49 41.45
N GLY A 245 -1.38 20.16 41.99
CA GLY A 245 -2.43 19.56 42.81
C GLY A 245 -3.28 18.55 42.07
N GLY A 246 -3.29 18.62 40.72
CA GLY A 246 -4.00 17.66 39.89
C GLY A 246 -3.33 16.32 39.69
N PHE A 247 -2.10 16.11 40.19
CA PHE A 247 -1.34 14.90 39.87
C PHE A 247 -0.87 14.07 41.08
N ASP A 248 -1.13 14.51 42.33
CA ASP A 248 -0.79 13.81 43.58
C ASP A 248 0.61 13.15 43.64
N LEU A 249 1.65 14.00 43.50
CA LEU A 249 3.04 13.60 43.50
C LEU A 249 3.55 13.30 44.91
N THR A 250 4.60 12.46 45.01
CA THR A 250 5.31 12.25 46.27
C THR A 250 6.40 13.32 46.34
N PRO A 251 6.94 13.70 47.49
CA PRO A 251 8.13 14.55 47.53
C PRO A 251 9.36 13.96 46.84
N THR A 252 10.35 14.81 46.53
CA THR A 252 11.68 14.37 46.14
C THR A 252 12.37 13.69 47.31
N PHE A 253 12.91 12.49 47.07
CA PHE A 253 13.60 11.72 48.08
C PHE A 253 14.99 11.46 47.54
N ARG A 254 16.04 11.83 48.29
CA ARG A 254 17.40 11.78 47.77
C ARG A 254 18.27 10.92 48.67
N ASP A 255 18.75 9.78 48.11
CA ASP A 255 19.71 8.88 48.71
C ASP A 255 19.30 8.37 50.11
N VAL A 256 18.01 7.99 50.21
CA VAL A 256 17.33 7.56 51.44
C VAL A 256 17.96 6.30 51.99
N ASN A 257 18.65 6.44 53.13
CA ASN A 257 19.42 5.41 53.80
C ASN A 257 20.54 4.83 52.93
N LYS A 258 20.95 5.58 51.90
CA LYS A 258 21.84 5.17 50.82
C LYS A 258 21.33 3.96 50.04
N LYS A 259 20.01 3.92 49.74
CA LYS A 259 19.42 2.78 49.06
C LYS A 259 18.54 3.15 47.88
N PHE A 260 17.91 4.34 47.89
CA PHE A 260 17.06 4.74 46.79
C PHE A 260 16.88 6.25 46.69
N SER A 261 16.40 6.70 45.53
CA SER A 261 16.09 8.09 45.25
C SER A 261 14.81 8.11 44.45
N THR A 262 13.97 9.13 44.68
CA THR A 262 12.77 9.37 43.90
C THR A 262 12.87 10.82 43.45
N ARG A 263 12.89 11.06 42.13
CA ARG A 263 13.22 12.36 41.59
C ARG A 263 12.24 12.77 40.51
N TYR A 264 12.04 14.10 40.37
CA TYR A 264 11.03 14.65 39.48
C TYR A 264 11.66 15.58 38.48
N TYR A 265 11.24 15.44 37.22
CA TYR A 265 11.80 16.19 36.11
C TYR A 265 10.70 16.84 35.32
N LEU A 266 10.88 18.12 34.95
CA LEU A 266 10.06 18.74 33.92
C LEU A 266 10.72 18.50 32.58
N SER A 267 9.98 17.88 31.66
CA SER A 267 10.45 17.55 30.32
C SER A 267 9.59 18.29 29.35
N LEU A 268 10.20 19.24 28.61
CA LEU A 268 9.53 20.07 27.64
C LEU A 268 9.67 19.41 26.29
N VAL A 269 8.55 19.11 25.60
CA VAL A 269 8.61 18.39 24.34
C VAL A 269 7.91 19.17 23.25
N LEU A 270 8.59 19.36 22.11
CA LEU A 270 8.01 19.97 20.93
C LEU A 270 7.91 18.90 19.87
N ILE A 271 6.78 18.83 19.13
CA ILE A 271 6.58 17.85 18.08
C ILE A 271 6.39 18.58 16.76
N ASP A 272 7.12 18.20 15.69
CA ASP A 272 6.95 18.77 14.36
C ASP A 272 5.83 18.10 13.56
N GLU A 273 5.50 18.64 12.38
CA GLU A 273 4.47 18.09 11.50
C GLU A 273 4.72 16.65 11.02
N ASP A 274 6.01 16.24 10.90
CA ASP A 274 6.39 14.90 10.47
C ASP A 274 6.61 13.97 11.66
N ALA A 275 6.21 14.40 12.88
CA ALA A 275 6.22 13.66 14.12
C ALA A 275 7.60 13.56 14.77
N ARG A 276 8.55 14.42 14.37
CA ARG A 276 9.84 14.51 15.04
C ARG A 276 9.71 15.24 16.36
N ARG A 277 10.58 14.91 17.33
CA ARG A 277 10.33 15.24 18.71
C ARG A 277 11.59 15.83 19.33
N TYR A 278 11.50 17.05 19.87
CA TYR A 278 12.62 17.81 20.37
C TYR A 278 12.36 18.05 21.83
N PHE A 279 13.35 17.80 22.72
CA PHE A 279 13.08 17.80 24.14
C PHE A 279 14.18 18.45 24.98
N LYS A 280 13.81 18.94 26.17
CA LYS A 280 14.77 19.26 27.21
C LYS A 280 14.22 18.91 28.57
N GLN A 281 15.04 18.20 29.37
CA GLN A 281 14.68 17.75 30.70
C GLN A 281 15.38 18.61 31.74
N SER A 282 14.66 18.97 32.82
CA SER A 282 15.16 19.77 33.94
C SER A 282 14.67 19.22 35.26
N GLU A 283 15.56 18.90 36.23
CA GLU A 283 15.14 18.44 37.56
C GLU A 283 14.40 19.52 38.35
N ILE A 284 13.33 19.14 39.07
CA ILE A 284 12.65 20.04 40.00
C ILE A 284 12.53 19.31 41.33
N ILE A 285 12.76 20.01 42.46
CA ILE A 285 12.63 19.40 43.77
C ILE A 285 11.20 19.61 44.23
N LEU A 286 10.49 18.51 44.57
CA LEU A 286 9.20 18.59 45.19
C LEU A 286 9.34 18.39 46.68
N TYR A 287 8.62 19.18 47.48
CA TYR A 287 8.69 19.09 48.93
C TYR A 287 7.32 19.17 49.56
N ARG A 288 7.18 18.60 50.76
CA ARG A 288 5.94 18.66 51.49
C ARG A 288 5.92 19.87 52.41
N GLN A 289 4.99 20.80 52.17
CA GLN A 289 4.87 22.02 52.94
C GLN A 289 4.37 21.74 54.37
N PRO A 290 5.02 22.17 55.45
CA PRO A 290 4.45 22.18 56.78
C PRO A 290 3.23 23.07 56.80
N PRO A 291 2.06 22.65 57.21
CA PRO A 291 0.95 23.56 57.51
C PRO A 291 1.26 24.42 58.72
N GLU A 292 0.79 25.68 58.71
CA GLU A 292 0.91 26.61 59.82
C GLU A 292 -0.13 26.30 60.94
N PHE B 1 50.10 -8.50 56.41
CA PHE B 1 49.03 -7.53 55.97
C PHE B 1 48.37 -6.87 57.16
N SER B 2 47.38 -7.54 57.79
CA SER B 2 46.52 -7.03 58.86
C SER B 2 45.15 -6.74 58.28
N THR B 3 44.42 -5.80 58.88
CA THR B 3 43.15 -5.30 58.40
C THR B 3 43.37 -4.27 57.29
N PRO B 4 42.49 -4.15 56.27
CA PRO B 4 42.69 -3.10 55.29
C PRO B 4 42.21 -1.78 55.85
N VAL B 5 41.34 -1.84 56.88
CA VAL B 5 40.61 -0.72 57.40
C VAL B 5 40.36 -0.89 58.89
N ASP B 6 40.53 0.20 59.66
CA ASP B 6 40.18 0.25 61.07
C ASP B 6 39.11 1.30 61.30
N ILE B 7 38.08 0.94 62.09
CA ILE B 7 36.95 1.80 62.38
C ILE B 7 37.08 2.33 63.80
N ASP B 8 36.99 3.65 63.99
CA ASP B 8 36.93 4.23 65.32
C ASP B 8 35.70 5.14 65.45
N ILE B 9 35.12 5.24 66.67
CA ILE B 9 33.92 6.02 66.92
C ILE B 9 34.23 7.03 68.00
N VAL B 10 34.08 8.32 67.63
CA VAL B 10 34.38 9.44 68.50
C VAL B 10 33.11 10.23 68.68
N LEU B 11 32.66 10.42 69.93
CA LEU B 11 31.49 11.21 70.26
C LEU B 11 31.77 12.70 70.19
N ALA B 12 30.73 13.51 69.92
CA ALA B 12 30.89 14.95 69.83
C ALA B 12 31.15 15.64 71.17
N ASP B 13 30.73 15.03 72.29
CA ASP B 13 30.93 15.55 73.62
C ASP B 13 31.99 14.79 74.41
N ALA B 14 32.93 14.11 73.71
CA ALA B 14 33.91 13.20 74.27
C ALA B 14 34.82 13.74 75.38
N ASP B 15 35.17 15.03 75.34
CA ASP B 15 35.96 15.69 76.37
C ASP B 15 35.18 16.04 77.64
N LYS B 16 33.98 16.66 77.48
CA LYS B 16 33.17 17.12 78.60
C LYS B 16 32.34 16.03 79.28
N ARG B 17 31.90 15.01 78.53
CA ARG B 17 31.05 13.96 79.04
C ARG B 17 31.67 13.07 80.12
N ALA B 18 30.93 12.83 81.22
CA ALA B 18 31.31 11.91 82.27
C ALA B 18 31.44 10.44 81.85
N MET B 19 32.33 9.68 82.53
CA MET B 19 32.53 8.27 82.30
C MET B 19 32.24 7.49 83.59
N VAL B 20 31.92 6.18 83.47
CA VAL B 20 31.52 5.34 84.60
C VAL B 20 32.13 3.96 84.45
N ASP B 21 32.39 3.31 85.59
CA ASP B 21 33.06 2.04 85.69
C ASP B 21 32.09 0.87 85.84
N VAL B 22 32.46 -0.30 85.30
CA VAL B 22 31.70 -1.52 85.49
C VAL B 22 32.60 -2.61 86.03
N LYS B 23 32.19 -3.32 87.09
CA LYS B 23 32.86 -4.54 87.51
C LYS B 23 32.46 -5.73 86.63
N LEU B 24 33.44 -6.40 86.01
CA LEU B 24 33.23 -7.57 85.17
C LEU B 24 33.97 -8.75 85.79
N ASP B 25 33.85 -9.94 85.17
CA ASP B 25 34.43 -11.18 85.65
C ASP B 25 35.92 -11.10 85.97
N LYS B 26 36.28 -11.70 87.14
CA LYS B 26 37.61 -11.75 87.72
C LYS B 26 38.22 -10.40 88.03
N ASN B 27 37.41 -9.49 88.64
CA ASN B 27 37.82 -8.21 89.22
C ASN B 27 38.18 -7.12 88.22
N ARG B 28 37.93 -7.35 86.91
CA ARG B 28 38.16 -6.36 85.89
C ARG B 28 37.21 -5.19 85.99
N ARG B 29 37.73 -3.97 85.74
CA ARG B 29 36.92 -2.78 85.73
C ARG B 29 37.10 -2.05 84.41
N GLU B 30 36.01 -2.00 83.60
CA GLU B 30 35.98 -1.24 82.37
C GLU B 30 35.46 0.15 82.64
N LYS B 31 35.78 1.12 81.77
CA LYS B 31 35.29 2.47 81.89
C LYS B 31 34.79 2.96 80.55
N VAL B 32 33.52 3.41 80.49
CA VAL B 32 32.85 3.77 79.25
C VAL B 32 32.12 5.09 79.43
N PRO B 33 31.77 5.86 78.38
CA PRO B 33 30.99 7.07 78.53
C PRO B 33 29.61 6.84 79.11
N LEU B 34 29.08 7.86 79.80
CA LEU B 34 27.89 7.73 80.60
C LEU B 34 26.74 8.47 80.01
N TYR B 35 25.56 7.83 79.97
CA TYR B 35 24.38 8.42 79.41
C TYR B 35 23.15 8.11 80.26
N MET B 36 22.06 8.83 79.98
CA MET B 36 20.75 8.63 80.58
C MET B 36 19.68 8.54 79.52
N ASP B 37 18.46 8.15 79.94
CA ASP B 37 17.29 8.11 79.08
C ASP B 37 16.96 9.50 78.51
N GLY B 38 16.59 9.56 77.22
CA GLY B 38 16.28 10.81 76.53
C GLY B 38 17.43 11.56 75.91
N GLU B 39 18.70 11.34 76.32
CA GLU B 39 19.83 11.97 75.63
C GLU B 39 20.04 11.52 74.19
N SER B 40 20.39 12.46 73.31
CA SER B 40 20.85 12.20 71.95
C SER B 40 22.26 11.63 71.92
N VAL B 41 22.53 10.71 70.99
CA VAL B 41 23.85 10.11 70.84
C VAL B 41 24.37 10.52 69.49
N LYS B 42 25.48 11.28 69.46
CA LYS B 42 25.99 11.83 68.22
C LYS B 42 27.48 11.94 68.23
N GLY B 43 28.08 11.82 67.04
CA GLY B 43 29.51 11.82 66.92
C GLY B 43 29.90 11.53 65.52
N CYS B 44 31.05 10.87 65.36
CA CYS B 44 31.65 10.63 64.09
C CYS B 44 32.18 9.20 64.01
N VAL B 45 32.01 8.56 62.84
CA VAL B 45 32.65 7.30 62.52
C VAL B 45 33.89 7.62 61.70
N THR B 46 35.08 7.26 62.19
CA THR B 46 36.33 7.56 61.51
C THR B 46 36.90 6.30 60.93
N VAL B 47 37.04 6.26 59.61
CA VAL B 47 37.61 5.13 58.90
C VAL B 47 39.06 5.41 58.60
N ARG B 48 39.99 4.65 59.24
CA ARG B 48 41.41 4.75 58.94
C ARG B 48 41.81 3.63 58.00
N PRO B 49 42.06 3.85 56.71
CA PRO B 49 42.62 2.82 55.87
C PRO B 49 44.07 2.57 56.25
N LYS B 50 44.56 1.33 56.02
CA LYS B 50 45.90 0.94 56.46
C LYS B 50 46.77 0.46 55.30
N ASP B 51 46.15 0.00 54.21
CA ASP B 51 46.83 -0.43 53.01
C ASP B 51 46.49 0.53 51.88
N GLY B 52 47.39 0.62 50.87
CA GLY B 52 47.15 1.37 49.63
C GLY B 52 46.49 0.50 48.59
N LYS B 53 45.27 0.06 48.86
CA LYS B 53 44.55 -0.92 48.08
C LYS B 53 43.17 -0.30 47.89
N ARG B 54 42.14 -1.12 47.66
CA ARG B 54 40.78 -0.60 47.59
C ARG B 54 39.82 -1.54 48.27
N LEU B 55 38.80 -0.94 48.90
CA LEU B 55 37.80 -1.64 49.67
C LEU B 55 36.45 -1.46 49.01
N GLU B 56 35.97 -2.53 48.35
CA GLU B 56 34.65 -2.61 47.75
C GLU B 56 33.64 -3.01 48.82
N HIS B 57 32.52 -2.26 48.93
CA HIS B 57 31.52 -2.53 49.95
C HIS B 57 30.12 -2.33 49.40
N THR B 58 29.13 -2.93 50.07
CA THR B 58 27.74 -2.86 49.66
C THR B 58 26.92 -2.01 50.62
N GLY B 59 27.60 -1.14 51.40
CA GLY B 59 26.95 -0.19 52.29
C GLY B 59 27.64 -0.09 53.62
N ILE B 60 27.52 1.09 54.25
CA ILE B 60 28.08 1.37 55.57
C ILE B 60 26.98 1.94 56.43
N LYS B 61 26.76 1.37 57.62
CA LYS B 61 25.74 1.83 58.54
C LYS B 61 26.28 1.88 59.94
N VAL B 62 25.64 2.71 60.80
CA VAL B 62 25.88 2.75 62.22
C VAL B 62 24.58 2.49 62.94
N GLN B 63 24.64 1.65 64.00
CA GLN B 63 23.48 1.29 64.77
C GLN B 63 23.69 1.62 66.23
N PHE B 64 22.61 2.07 66.92
CA PHE B 64 22.60 2.15 68.37
C PHE B 64 21.78 0.97 68.87
N ILE B 65 22.38 0.15 69.74
CA ILE B 65 21.77 -1.09 70.22
C ILE B 65 21.70 -1.05 71.73
N GLY B 66 20.56 -1.49 72.30
CA GLY B 66 20.47 -1.90 73.70
C GLY B 66 19.93 -3.30 73.74
N THR B 67 20.63 -4.23 74.42
CA THR B 67 20.29 -5.66 74.37
C THR B 67 20.48 -6.34 75.71
N ILE B 68 19.76 -7.47 75.91
CA ILE B 68 19.85 -8.32 77.09
C ILE B 68 20.37 -9.67 76.63
N GLU B 69 21.47 -10.12 77.27
CA GLU B 69 22.18 -11.34 76.96
C GLU B 69 21.95 -12.30 78.12
N MET B 70 21.47 -13.54 77.88
CA MET B 70 21.19 -14.51 78.94
C MET B 70 22.03 -15.77 78.77
N PHE B 71 22.63 -16.26 79.89
CA PHE B 71 23.34 -17.53 80.01
C PHE B 71 24.53 -17.73 79.08
N PHE B 72 25.17 -16.62 78.64
CA PHE B 72 26.34 -16.63 77.78
C PHE B 72 26.08 -17.19 76.38
N ASP B 73 24.80 -17.16 75.95
CA ASP B 73 24.33 -17.74 74.72
C ASP B 73 23.91 -16.63 73.78
N ARG B 74 24.50 -16.61 72.57
CA ARG B 74 24.14 -15.67 71.51
C ARG B 74 22.72 -15.83 71.00
N GLY B 75 22.14 -17.05 71.07
CA GLY B 75 20.79 -17.30 70.55
C GLY B 75 19.69 -16.81 71.45
N ASN B 76 20.05 -16.40 72.68
CA ASN B 76 19.11 -15.85 73.64
C ASN B 76 19.21 -14.32 73.74
N HIS B 77 20.03 -13.67 72.91
CA HIS B 77 20.16 -12.22 72.92
C HIS B 77 18.91 -11.49 72.39
N TYR B 78 18.35 -10.55 73.17
CA TYR B 78 17.18 -9.79 72.77
C TYR B 78 17.49 -8.31 72.77
N GLU B 79 17.46 -7.69 71.58
CA GLU B 79 17.55 -6.25 71.42
C GLU B 79 16.24 -5.59 71.80
N PHE B 80 16.24 -4.71 72.83
CA PHE B 80 15.06 -3.98 73.23
C PHE B 80 15.04 -2.59 72.63
N LEU B 81 16.18 -2.16 72.05
CA LEU B 81 16.29 -0.93 71.32
C LEU B 81 17.24 -1.15 70.15
N SER B 82 16.84 -0.74 68.94
CA SER B 82 17.68 -0.76 67.75
C SER B 82 17.33 0.45 66.93
N LEU B 83 18.34 1.29 66.60
CA LEU B 83 18.18 2.45 65.75
C LEU B 83 19.26 2.39 64.70
N VAL B 84 18.96 2.69 63.42
CA VAL B 84 19.90 2.58 62.32
C VAL B 84 20.11 3.93 61.67
N GLN B 85 21.35 4.29 61.33
CA GLN B 85 21.63 5.34 60.37
C GLN B 85 22.52 4.78 59.29
N GLU B 86 22.05 4.85 58.02
CA GLU B 86 22.84 4.54 56.86
C GLU B 86 23.82 5.67 56.58
N LEU B 87 25.12 5.37 56.46
CA LEU B 87 26.16 6.38 56.31
C LEU B 87 26.66 6.46 54.88
N ALA B 88 26.62 5.33 54.15
CA ALA B 88 27.05 5.29 52.77
C ALA B 88 26.33 4.21 52.00
N ALA B 89 26.05 4.51 50.71
CA ALA B 89 25.56 3.55 49.73
C ALA B 89 26.68 2.61 49.28
N PRO B 90 26.40 1.48 48.59
CA PRO B 90 27.41 0.67 47.93
C PRO B 90 28.48 1.45 47.16
N GLY B 91 29.76 1.10 47.30
CA GLY B 91 30.81 1.86 46.66
C GLY B 91 32.18 1.33 46.99
N GLU B 92 33.19 2.20 46.80
CA GLU B 92 34.58 1.89 47.11
C GLU B 92 35.12 2.87 48.12
N LEU B 93 36.14 2.46 48.88
CA LEU B 93 36.97 3.35 49.67
C LEU B 93 38.42 3.15 49.30
N GLN B 94 39.14 4.27 49.04
CA GLN B 94 40.57 4.24 48.73
C GLN B 94 41.44 5.06 49.70
N HIS B 95 40.85 5.91 50.57
CA HIS B 95 41.56 6.87 51.39
C HIS B 95 40.76 7.09 52.68
N PRO B 96 41.26 7.75 53.75
CA PRO B 96 40.48 7.95 54.97
C PRO B 96 39.25 8.80 54.78
N GLN B 97 38.18 8.43 55.48
CA GLN B 97 36.92 9.11 55.39
C GLN B 97 36.24 9.08 56.73
N THR B 98 35.55 10.17 57.06
CA THR B 98 34.79 10.32 58.28
C THR B 98 33.33 10.55 57.94
N PHE B 99 32.42 10.08 58.82
CA PHE B 99 30.99 10.25 58.63
C PHE B 99 30.35 10.69 59.94
N ASP B 100 29.60 11.79 59.92
CA ASP B 100 28.74 12.22 61.01
C ASP B 100 27.58 11.26 61.31
N PHE B 101 27.11 11.22 62.57
CA PHE B 101 25.89 10.54 62.92
C PHE B 101 25.18 11.21 64.08
N ASN B 102 23.82 11.19 64.11
CA ASN B 102 23.06 11.68 65.23
C ASN B 102 21.82 10.84 65.46
N PHE B 103 21.71 10.21 66.64
CA PHE B 103 20.50 9.54 67.07
C PHE B 103 19.75 10.48 68.00
N LYS B 104 18.61 11.03 67.52
CA LYS B 104 17.82 12.02 68.25
C LYS B 104 17.06 11.47 69.45
N ASN B 105 17.30 12.06 70.64
CA ASN B 105 16.52 11.83 71.86
C ASN B 105 16.30 10.37 72.22
N VAL B 106 17.40 9.63 72.38
CA VAL B 106 17.38 8.18 72.41
C VAL B 106 16.80 7.64 73.71
N GLU B 107 15.66 6.92 73.61
CA GLU B 107 15.11 6.12 74.68
C GLU B 107 16.08 5.04 75.17
N LYS B 108 16.26 4.90 76.50
CA LYS B 108 17.19 3.99 77.12
C LYS B 108 16.59 3.54 78.44
N GLN B 109 15.57 2.66 78.36
CA GLN B 109 14.66 2.37 79.45
C GLN B 109 15.24 1.64 80.66
N TYR B 110 16.43 1.05 80.56
CA TYR B 110 16.96 0.21 81.61
C TYR B 110 18.37 0.66 81.97
N GLU B 111 18.84 0.36 83.21
CA GLU B 111 20.22 0.60 83.58
C GLU B 111 21.08 -0.58 83.12
N SER B 112 22.31 -0.30 82.65
CA SER B 112 23.28 -1.32 82.27
C SER B 112 23.61 -2.24 83.44
N TYR B 113 23.82 -3.54 83.17
CA TYR B 113 24.08 -4.49 84.24
C TYR B 113 24.98 -5.58 83.71
N ASN B 114 25.92 -6.02 84.55
CA ASN B 114 26.75 -7.18 84.28
C ASN B 114 26.62 -8.04 85.51
N GLY B 115 26.00 -9.21 85.32
CA GLY B 115 25.72 -10.15 86.39
C GLY B 115 26.30 -11.49 86.11
N ILE B 116 25.61 -12.54 86.59
CA ILE B 116 26.11 -13.90 86.52
C ILE B 116 25.50 -14.63 85.34
N ASN B 117 24.16 -14.70 85.25
CA ASN B 117 23.47 -15.33 84.14
C ASN B 117 22.93 -14.29 83.16
N VAL B 118 23.16 -12.99 83.44
CA VAL B 118 22.53 -11.90 82.72
C VAL B 118 23.51 -10.78 82.45
N LYS B 119 23.50 -10.25 81.21
CA LYS B 119 24.09 -8.95 80.93
C LYS B 119 23.06 -8.06 80.24
N LEU B 120 23.08 -6.76 80.56
CA LEU B 120 22.33 -5.74 79.86
C LEU B 120 23.33 -4.67 79.46
N ARG B 121 23.47 -4.43 78.15
CA ARG B 121 24.45 -3.47 77.67
C ARG B 121 23.98 -2.72 76.45
N TYR B 122 24.54 -1.51 76.30
CA TYR B 122 24.25 -0.60 75.22
C TYR B 122 25.53 -0.34 74.48
N PHE B 123 25.45 -0.24 73.15
CA PHE B 123 26.63 0.02 72.37
C PHE B 123 26.28 0.62 71.03
N VAL B 124 27.26 1.27 70.40
CA VAL B 124 27.17 1.69 69.01
C VAL B 124 27.86 0.62 68.18
N ARG B 125 27.21 0.13 67.10
CA ARG B 125 27.78 -0.86 66.21
C ARG B 125 27.90 -0.29 64.80
N VAL B 126 29.14 -0.16 64.28
CA VAL B 126 29.38 0.24 62.89
C VAL B 126 29.61 -1.01 62.07
N THR B 127 28.96 -1.09 60.90
CA THR B 127 29.07 -2.24 60.00
C THR B 127 29.43 -1.74 58.62
N VAL B 128 30.55 -2.22 58.05
CA VAL B 128 30.88 -2.04 56.64
C VAL B 128 30.58 -3.35 55.96
N SER B 129 29.53 -3.37 55.13
CA SER B 129 29.04 -4.59 54.49
C SER B 129 29.92 -4.99 53.33
N ARG B 130 30.37 -6.26 53.30
CA ARG B 130 31.22 -6.76 52.23
C ARG B 130 30.62 -8.03 51.68
N ARG B 131 31.18 -8.54 50.57
CA ARG B 131 30.60 -9.67 49.86
C ARG B 131 30.50 -11.00 50.63
N MET B 132 31.46 -11.32 51.51
CA MET B 132 31.40 -12.53 52.31
C MET B 132 31.66 -12.32 53.80
N ALA B 133 32.39 -11.26 54.20
CA ALA B 133 32.67 -11.02 55.61
C ALA B 133 32.66 -9.54 55.94
N ASP B 134 31.64 -9.08 56.67
CA ASP B 134 31.52 -7.72 57.16
C ASP B 134 32.66 -7.27 58.07
N VAL B 135 32.96 -5.96 58.04
CA VAL B 135 33.86 -5.36 59.01
C VAL B 135 32.98 -4.68 60.05
N ILE B 136 33.11 -5.11 61.31
CA ILE B 136 32.20 -4.75 62.39
C ILE B 136 33.00 -4.12 63.52
N ARG B 137 32.52 -2.99 64.08
CA ARG B 137 33.13 -2.38 65.25
C ARG B 137 32.07 -2.00 66.27
N GLU B 138 32.17 -2.55 67.50
CA GLU B 138 31.34 -2.16 68.61
C GLU B 138 32.02 -1.11 69.49
N LYS B 139 31.22 -0.24 70.11
CA LYS B 139 31.66 0.80 71.02
C LYS B 139 30.72 0.88 72.22
N ASP B 140 31.10 0.27 73.35
CA ASP B 140 30.29 0.17 74.55
C ASP B 140 29.99 1.46 75.32
N ILE B 141 28.82 1.48 76.01
CA ILE B 141 28.22 2.63 76.65
C ILE B 141 27.61 2.18 77.97
N TRP B 142 27.74 2.98 79.06
CA TRP B 142 26.97 2.78 80.27
C TRP B 142 25.75 3.68 80.26
N VAL B 143 24.60 3.13 80.67
CA VAL B 143 23.38 3.88 80.90
C VAL B 143 22.99 3.69 82.34
N TYR B 144 22.74 4.80 83.06
CA TYR B 144 22.17 4.74 84.38
C TYR B 144 20.69 5.06 84.33
N SER B 145 19.96 4.62 85.36
CA SER B 145 18.57 5.05 85.57
C SER B 145 18.50 5.78 86.90
N TYR B 146 17.73 6.89 86.95
CA TYR B 146 17.71 7.78 88.09
C TYR B 146 16.33 7.79 88.72
N ARG B 147 16.28 8.09 90.04
CA ARG B 147 14.99 8.20 90.71
C ARG B 147 15.01 9.18 91.91
N ILE B 148 14.11 10.21 91.90
CA ILE B 148 13.89 11.08 93.07
C ILE B 148 13.42 10.42 94.38
N PRO B 149 13.51 11.06 95.58
CA PRO B 149 13.00 10.49 96.84
C PRO B 149 11.60 9.90 96.74
N PRO B 150 11.30 8.72 97.26
CA PRO B 150 9.99 8.11 97.09
C PRO B 150 8.90 8.83 97.87
N GLU B 151 7.66 8.84 97.35
CA GLU B 151 6.48 9.39 98.02
C GLU B 151 6.24 8.76 99.39
N LEU B 152 6.31 7.42 99.43
CA LEU B 152 6.21 6.67 100.66
C LEU B 152 7.48 5.90 100.90
N ASN B 153 8.09 6.10 102.08
CA ASN B 153 9.19 5.31 102.56
C ASN B 153 8.88 4.97 104.01
N SER B 154 8.27 3.80 104.23
CA SER B 154 7.90 3.35 105.57
C SER B 154 9.08 2.70 106.25
N SER B 155 9.19 2.81 107.59
CA SER B 155 10.17 2.03 108.33
C SER B 155 9.79 0.55 108.36
N ILE B 156 10.77 -0.36 108.36
CA ILE B 156 10.50 -1.79 108.46
C ILE B 156 10.61 -2.14 109.91
N LYS B 157 9.49 -2.58 110.53
CA LYS B 157 9.43 -2.84 111.95
C LYS B 157 8.67 -4.13 112.18
N MET B 158 9.24 -5.08 112.95
CA MET B 158 8.62 -6.37 113.11
C MET B 158 9.04 -7.06 114.40
N ASP B 159 8.13 -7.89 114.95
CA ASP B 159 8.38 -8.79 116.05
C ASP B 159 8.52 -10.19 115.45
N VAL B 160 9.57 -10.93 115.84
CA VAL B 160 9.83 -12.28 115.32
C VAL B 160 10.42 -13.11 116.44
N GLY B 161 10.32 -14.44 116.33
CA GLY B 161 10.96 -15.26 117.34
C GLY B 161 10.94 -16.72 117.06
N ILE B 162 11.55 -17.45 118.00
CA ILE B 162 11.43 -18.88 118.14
C ILE B 162 10.67 -19.02 119.43
N GLU B 163 9.45 -19.59 119.38
CA GLU B 163 8.55 -19.58 120.51
C GLU B 163 9.09 -20.15 121.81
N ASP B 164 8.77 -19.46 122.92
CA ASP B 164 9.35 -19.65 124.24
C ASP B 164 10.89 -19.73 124.34
N CYS B 165 11.65 -19.27 123.33
CA CYS B 165 13.11 -19.35 123.36
C CYS B 165 13.76 -18.01 123.08
N LEU B 166 13.34 -17.32 122.01
CA LEU B 166 13.89 -16.04 121.63
C LEU B 166 12.79 -15.20 121.02
N HIS B 167 12.53 -14.00 121.56
CA HIS B 167 11.58 -13.06 120.99
C HIS B 167 12.29 -11.73 120.81
N ILE B 168 12.25 -11.15 119.60
CA ILE B 168 12.95 -9.91 119.29
C ILE B 168 12.07 -9.01 118.46
N GLU B 169 12.21 -7.69 118.65
CA GLU B 169 11.66 -6.70 117.77
C GLU B 169 12.84 -6.05 117.05
N PHE B 170 12.81 -6.00 115.72
CA PHE B 170 13.83 -5.33 114.94
C PHE B 170 13.19 -4.19 114.16
N GLU B 171 13.98 -3.14 113.91
CA GLU B 171 13.51 -1.98 113.19
C GLU B 171 14.62 -1.47 112.29
N TYR B 172 14.29 -1.17 111.01
CA TYR B 172 15.18 -0.52 110.07
C TYR B 172 14.47 0.75 109.61
N SER B 173 15.19 1.88 109.52
CA SER B 173 14.58 3.20 109.37
C SER B 173 13.82 3.46 108.08
N LYS B 174 14.14 2.73 106.99
CA LYS B 174 13.49 2.85 105.71
C LYS B 174 13.27 1.49 105.05
N SER B 175 12.39 1.44 104.04
CA SER B 175 12.26 0.31 103.12
C SER B 175 13.07 0.51 101.87
N LYS B 176 13.41 1.78 101.57
CA LYS B 176 14.06 2.17 100.33
C LYS B 176 15.26 3.04 100.65
N TYR B 177 16.44 2.58 100.22
CA TYR B 177 17.71 3.22 100.53
C TYR B 177 18.36 3.59 99.22
N HIS B 178 18.98 4.76 99.12
CA HIS B 178 19.81 5.05 97.95
C HIS B 178 21.18 4.37 98.07
N LEU B 179 21.96 4.30 96.98
CA LEU B 179 23.21 3.54 96.95
C LEU B 179 24.28 4.00 97.94
N LYS B 180 24.22 5.26 98.40
CA LYS B 180 25.13 5.80 99.41
C LYS B 180 24.40 6.15 100.70
N ASP B 181 23.27 5.48 100.98
CA ASP B 181 22.46 5.67 102.16
C ASP B 181 22.93 4.80 103.33
N VAL B 182 22.28 4.97 104.49
CA VAL B 182 22.70 4.36 105.74
C VAL B 182 21.57 3.56 106.33
N ILE B 183 21.79 2.27 106.68
CA ILE B 183 20.82 1.50 107.44
C ILE B 183 20.95 1.91 108.90
N VAL B 184 20.01 2.73 109.40
CA VAL B 184 19.91 3.06 110.81
C VAL B 184 18.83 2.18 111.38
N GLY B 185 19.11 1.45 112.46
CA GLY B 185 18.11 0.56 113.01
C GLY B 185 18.38 0.21 114.44
N ARG B 186 17.57 -0.70 114.98
CA ARG B 186 17.81 -1.25 116.30
C ARG B 186 17.22 -2.64 116.42
N ILE B 187 17.82 -3.44 117.30
CA ILE B 187 17.31 -4.74 117.70
C ILE B 187 16.94 -4.61 119.17
N TYR B 188 15.75 -5.05 119.55
CA TYR B 188 15.25 -5.00 120.91
C TYR B 188 14.90 -6.41 121.35
N PHE B 189 15.38 -6.82 122.53
CA PHE B 189 15.22 -8.18 123.01
C PHE B 189 14.10 -8.30 124.04
N LEU B 190 13.02 -9.05 123.72
CA LEU B 190 11.88 -9.22 124.59
C LEU B 190 12.00 -10.46 125.49
N LEU B 191 12.51 -11.57 124.93
CA LEU B 191 12.71 -12.82 125.65
C LEU B 191 13.98 -13.45 125.14
N VAL B 192 14.88 -13.88 126.05
CA VAL B 192 16.13 -14.53 125.70
C VAL B 192 16.31 -15.72 126.62
N ARG B 193 16.21 -16.95 126.07
CA ARG B 193 16.44 -18.19 126.81
C ARG B 193 17.49 -19.04 126.12
N LEU B 194 18.25 -18.43 125.20
CA LEU B 194 19.34 -19.08 124.51
C LEU B 194 20.59 -18.26 124.77
N LYS B 195 21.76 -18.87 124.57
CA LYS B 195 23.03 -18.25 124.87
C LYS B 195 23.62 -17.74 123.57
N ILE B 196 23.54 -16.41 123.34
CA ILE B 196 23.90 -15.84 122.05
C ILE B 196 25.37 -15.48 122.04
N LYS B 197 26.12 -16.01 121.04
CA LYS B 197 27.52 -15.70 120.89
C LYS B 197 27.74 -14.37 120.15
N HIS B 198 27.07 -14.19 119.00
CA HIS B 198 27.14 -12.94 118.26
C HIS B 198 25.93 -12.77 117.36
N MET B 199 25.69 -11.54 116.88
CA MET B 199 24.63 -11.21 115.95
C MET B 199 25.19 -10.36 114.83
N GLU B 200 24.84 -10.68 113.57
CA GLU B 200 25.32 -9.98 112.39
C GLU B 200 24.17 -9.57 111.49
N LEU B 201 24.39 -8.53 110.67
CA LEU B 201 23.48 -8.04 109.66
C LEU B 201 24.13 -8.24 108.31
N SER B 202 23.42 -8.90 107.39
CA SER B 202 23.93 -9.28 106.08
C SER B 202 23.11 -8.63 105.00
N ILE B 203 23.77 -8.18 103.92
CA ILE B 203 23.13 -7.67 102.71
C ILE B 203 23.33 -8.74 101.68
N ILE B 204 22.22 -9.32 101.20
CA ILE B 204 22.25 -10.43 100.27
C ILE B 204 21.68 -9.93 98.97
N ARG B 205 22.38 -10.26 97.86
CA ARG B 205 21.93 -9.92 96.53
C ARG B 205 21.45 -11.18 95.85
N ARG B 206 20.28 -11.09 95.22
CA ARG B 206 19.70 -12.19 94.48
C ARG B 206 19.51 -11.75 93.05
N GLU B 207 20.07 -12.52 92.09
CA GLU B 207 19.81 -12.35 90.67
C GLU B 207 18.83 -13.44 90.25
N THR B 208 17.67 -13.07 89.71
CA THR B 208 16.61 -14.00 89.32
C THR B 208 16.46 -13.95 87.80
N THR B 209 16.70 -15.07 87.10
CA THR B 209 16.70 -15.10 85.64
C THR B 209 15.69 -16.08 85.11
N GLY B 210 14.89 -15.67 84.09
CA GLY B 210 14.00 -16.57 83.38
C GLY B 210 12.54 -16.24 83.56
N VAL B 211 11.67 -17.07 82.99
CA VAL B 211 10.22 -16.87 83.01
C VAL B 211 9.49 -18.11 83.51
N ALA B 212 8.62 -17.94 84.55
CA ALA B 212 7.72 -18.98 85.03
C ALA B 212 8.47 -20.14 85.71
N PRO B 213 8.22 -21.47 85.58
CA PRO B 213 9.08 -22.46 86.22
C PRO B 213 10.53 -22.47 85.79
N ASN B 214 10.86 -21.85 84.63
CA ASN B 214 12.22 -21.60 84.22
C ASN B 214 12.75 -20.42 85.02
N GLN B 215 13.17 -20.68 86.26
CA GLN B 215 13.69 -19.67 87.14
C GLN B 215 15.00 -20.13 87.73
N TYR B 216 16.07 -19.37 87.47
CA TYR B 216 17.36 -19.62 88.10
C TYR B 216 17.61 -18.46 89.04
N ASN B 217 18.01 -18.75 90.29
CA ASN B 217 18.28 -17.73 91.28
C ASN B 217 19.73 -17.86 91.69
N GLU B 218 20.54 -16.81 91.46
CA GLU B 218 21.91 -16.75 91.91
C GLU B 218 21.96 -15.86 93.14
N SER B 219 22.62 -16.31 94.22
CA SER B 219 22.64 -15.59 95.49
C SER B 219 24.06 -15.27 95.89
N GLU B 220 24.32 -14.01 96.28
CA GLU B 220 25.63 -13.57 96.70
C GLU B 220 25.51 -12.76 97.96
N THR B 221 26.43 -12.98 98.92
CA THR B 221 26.37 -12.33 100.23
C THR B 221 27.41 -11.24 100.27
N LEU B 222 26.98 -9.97 100.21
CA LEU B 222 27.85 -8.84 99.92
C LEU B 222 28.44 -8.16 101.15
N VAL B 223 27.87 -8.43 102.34
CA VAL B 223 28.41 -7.93 103.60
C VAL B 223 28.07 -8.95 104.64
N ARG B 224 28.95 -9.07 105.65
CA ARG B 224 28.61 -9.64 106.92
C ARG B 224 29.06 -8.63 107.95
N PHE B 225 28.10 -7.95 108.61
CA PHE B 225 28.41 -6.86 109.51
C PHE B 225 27.96 -7.24 110.90
N GLU B 226 28.91 -7.59 111.78
CA GLU B 226 28.62 -7.89 113.18
C GLU B 226 28.02 -6.70 113.88
N ILE B 227 26.88 -6.87 114.59
CA ILE B 227 26.23 -5.77 115.30
C ILE B 227 26.15 -6.03 116.80
N MET B 228 26.44 -7.27 117.25
CA MET B 228 26.50 -7.56 118.66
C MET B 228 27.51 -8.65 118.97
N ASP B 229 28.35 -8.45 120.00
CA ASP B 229 29.22 -9.45 120.56
C ASP B 229 28.68 -9.78 121.95
N GLY B 230 28.32 -11.06 122.19
CA GLY B 230 27.90 -11.52 123.51
C GLY B 230 26.42 -11.68 123.71
N SER B 231 26.06 -12.11 124.93
CA SER B 231 24.70 -12.52 125.28
C SER B 231 23.93 -11.39 125.95
N PRO B 232 22.89 -10.82 125.33
CA PRO B 232 22.05 -9.82 125.96
C PRO B 232 21.05 -10.46 126.90
N SER B 233 20.27 -9.63 127.62
CA SER B 233 19.12 -10.09 128.39
C SER B 233 17.91 -9.34 127.89
N ARG B 234 16.70 -9.63 128.42
CA ARG B 234 15.50 -8.90 128.03
C ARG B 234 15.54 -7.41 128.36
N GLY B 235 14.97 -6.56 127.48
CA GLY B 235 15.00 -5.11 127.63
C GLY B 235 16.24 -4.46 127.08
N GLU B 236 17.12 -5.23 126.42
CA GLU B 236 18.36 -4.73 125.86
C GLU B 236 18.16 -4.24 124.43
N THR B 237 18.76 -3.07 124.09
CA THR B 237 18.60 -2.44 122.78
C THR B 237 19.96 -2.34 122.13
N ILE B 238 20.10 -2.87 120.90
CA ILE B 238 21.34 -2.90 120.15
C ILE B 238 21.22 -1.97 118.95
N PRO B 239 22.00 -0.88 118.82
CA PRO B 239 21.91 0.02 117.67
C PRO B 239 22.59 -0.52 116.43
N ILE B 240 22.00 -0.26 115.24
CA ILE B 240 22.55 -0.62 113.95
C ILE B 240 22.86 0.66 113.20
N ARG B 241 24.10 0.81 112.69
CA ARG B 241 24.41 1.83 111.71
C ARG B 241 25.30 1.22 110.65
N LEU B 242 24.73 0.87 109.48
CA LEU B 242 25.45 0.21 108.39
C LEU B 242 25.47 1.10 107.17
N PHE B 243 26.66 1.56 106.79
CA PHE B 243 26.86 2.43 105.64
C PHE B 243 26.94 1.63 104.34
N LEU B 244 26.06 1.93 103.36
CA LEU B 244 26.01 1.18 102.11
C LEU B 244 27.11 1.55 101.13
N GLY B 245 27.75 2.73 101.31
CA GLY B 245 28.82 3.21 100.45
C GLY B 245 30.07 2.36 100.45
N GLY B 246 30.24 1.52 101.49
CA GLY B 246 31.35 0.57 101.57
C GLY B 246 31.22 -0.69 100.75
N PHE B 247 30.07 -0.92 100.08
CA PHE B 247 29.84 -2.20 99.39
C PHE B 247 29.52 -2.12 97.89
N ASP B 248 29.45 -0.91 97.29
CA ASP B 248 29.20 -0.67 95.86
C ASP B 248 28.11 -1.55 95.20
N LEU B 249 26.88 -1.43 95.71
CA LEU B 249 25.73 -2.18 95.25
C LEU B 249 25.16 -1.65 93.95
N THR B 250 24.47 -2.50 93.17
CA THR B 250 23.72 -2.05 92.01
C THR B 250 22.33 -1.67 92.51
N PRO B 251 21.52 -0.84 91.85
CA PRO B 251 20.13 -0.67 92.21
C PRO B 251 19.29 -1.94 92.16
N THR B 252 18.10 -1.92 92.81
CA THR B 252 17.08 -2.95 92.63
C THR B 252 16.51 -2.86 91.22
N PHE B 253 16.48 -4.01 90.52
CA PHE B 253 15.95 -4.09 89.18
C PHE B 253 14.84 -5.11 89.20
N ARG B 254 13.63 -4.73 88.76
CA ARG B 254 12.45 -5.58 88.92
C ARG B 254 11.83 -5.87 87.57
N ASP B 255 11.85 -7.15 87.16
CA ASP B 255 11.19 -7.69 85.99
C ASP B 255 11.56 -6.97 84.68
N VAL B 256 12.87 -6.69 84.53
CA VAL B 256 13.48 -5.94 83.44
C VAL B 256 13.26 -6.63 82.11
N ASN B 257 12.41 -6.02 81.26
CA ASN B 257 11.96 -6.53 79.98
C ASN B 257 11.25 -7.89 80.08
N LYS B 258 10.75 -8.21 81.29
CA LYS B 258 10.21 -9.51 81.68
C LYS B 258 11.22 -10.65 81.54
N LYS B 259 12.50 -10.41 81.91
CA LYS B 259 13.54 -11.41 81.75
C LYS B 259 14.39 -11.64 82.98
N PHE B 260 14.55 -10.63 83.85
CA PHE B 260 15.36 -10.80 85.04
C PHE B 260 15.01 -9.79 86.13
N SER B 261 15.46 -10.09 87.36
CA SER B 261 15.30 -9.25 88.52
C SER B 261 16.59 -9.31 89.31
N THR B 262 16.99 -8.19 89.92
CA THR B 262 18.12 -8.12 90.83
C THR B 262 17.59 -7.50 92.09
N ARG B 263 17.66 -8.21 93.23
CA ARG B 263 16.98 -7.82 94.45
C ARG B 263 17.89 -7.92 95.65
N TYR B 264 17.65 -7.06 96.65
CA TYR B 264 18.50 -6.93 97.81
C TYR B 264 17.74 -7.19 99.08
N TYR B 265 18.35 -7.97 99.97
CA TYR B 265 17.72 -8.40 101.21
C TYR B 265 18.63 -8.10 102.38
N LEU B 266 18.06 -7.56 103.47
CA LEU B 266 18.74 -7.54 104.75
C LEU B 266 18.40 -8.82 105.48
N SER B 267 19.44 -9.58 105.87
CA SER B 267 19.30 -10.85 106.56
C SER B 267 19.97 -10.70 107.90
N LEU B 268 19.19 -10.77 108.97
CA LEU B 268 19.64 -10.63 110.34
C LEU B 268 19.93 -12.00 110.88
N VAL B 269 21.16 -12.27 111.34
CA VAL B 269 21.55 -13.60 111.79
C VAL B 269 22.07 -13.55 113.21
N LEU B 270 21.53 -14.42 114.08
CA LEU B 270 22.02 -14.60 115.43
C LEU B 270 22.63 -15.97 115.53
N ILE B 271 23.80 -16.11 116.19
CA ILE B 271 24.48 -17.39 116.33
C ILE B 271 24.58 -17.71 117.82
N ASP B 272 24.18 -18.93 118.26
CA ASP B 272 24.33 -19.36 119.64
C ASP B 272 25.71 -19.95 119.93
N GLU B 273 26.00 -20.26 121.21
CA GLU B 273 27.26 -20.84 121.64
C GLU B 273 27.59 -22.20 121.01
N ASP B 274 26.55 -23.00 120.65
CA ASP B 274 26.72 -24.31 120.03
C ASP B 274 26.68 -24.23 118.50
N ALA B 275 26.74 -22.99 117.95
CA ALA B 275 26.80 -22.67 116.54
C ALA B 275 25.48 -22.80 115.80
N ARG B 276 24.34 -22.80 116.53
CA ARG B 276 23.04 -22.76 115.92
C ARG B 276 22.72 -21.36 115.45
N ARG B 277 21.90 -21.23 114.39
CA ARG B 277 21.81 -20.01 113.63
C ARG B 277 20.36 -19.66 113.39
N TYR B 278 19.95 -18.45 113.80
CA TYR B 278 18.57 -18.01 113.79
C TYR B 278 18.52 -16.79 112.90
N PHE B 279 17.57 -16.71 111.94
CA PHE B 279 17.63 -15.68 110.94
C PHE B 279 16.27 -15.08 110.59
N LYS B 280 16.28 -13.83 110.07
CA LYS B 280 15.13 -13.27 109.41
C LYS B 280 15.57 -12.41 108.25
N GLN B 281 14.96 -12.64 107.07
CA GLN B 281 15.26 -11.95 105.84
C GLN B 281 14.16 -10.92 105.54
N SER B 282 14.56 -9.72 105.07
CA SER B 282 13.66 -8.62 104.72
C SER B 282 14.13 -7.94 103.45
N GLU B 283 13.27 -7.82 102.40
CA GLU B 283 13.64 -7.11 101.17
C GLU B 283 13.85 -5.61 101.39
N ILE B 284 14.87 -5.01 100.77
CA ILE B 284 15.05 -3.57 100.76
C ILE B 284 15.24 -3.13 99.32
N ILE B 285 14.63 -2.00 98.93
CA ILE B 285 14.79 -1.49 97.57
C ILE B 285 15.97 -0.55 97.56
N LEU B 286 16.95 -0.81 96.69
CA LEU B 286 18.05 0.10 96.46
C LEU B 286 17.77 0.91 95.21
N TYR B 287 18.07 2.22 95.24
CA TYR B 287 17.83 3.07 94.09
C TYR B 287 18.98 4.03 93.88
N ARG B 288 19.15 4.49 92.63
CA ARG B 288 20.18 5.44 92.30
C ARG B 288 19.65 6.86 92.42
N GLN B 289 20.22 7.64 93.35
CA GLN B 289 19.79 9.01 93.60
C GLN B 289 20.16 9.94 92.43
N PRO B 290 19.27 10.71 91.82
CA PRO B 290 19.60 11.80 90.93
C PRO B 290 20.42 12.83 91.67
N PRO B 291 21.60 13.23 91.25
CA PRO B 291 22.26 14.40 91.79
C PRO B 291 21.51 15.68 91.42
N GLU B 292 21.51 16.68 92.32
CA GLU B 292 20.93 17.98 92.10
C GLU B 292 21.84 18.88 91.22
N ALA C 1 61.40 -44.76 132.04
CA ALA C 1 62.20 -45.33 130.94
C ALA C 1 61.46 -46.46 130.33
N ARG C 2 61.08 -47.48 131.12
CA ARG C 2 60.33 -48.60 130.62
C ARG C 2 59.07 -48.24 129.98
N PRO C 3 58.12 -47.60 130.59
CA PRO C 3 57.01 -47.06 129.85
C PRO C 3 57.50 -45.88 129.03
N THR C 4 58.62 -45.22 129.40
CA THR C 4 59.15 -44.02 128.76
C THR C 4 60.09 -44.35 127.63
N PHE C 5 59.43 -44.93 126.66
CA PHE C 5 59.89 -45.54 125.48
C PHE C 5 58.96 -44.85 124.53
N HIS C 6 59.42 -44.32 123.39
CA HIS C 6 58.58 -43.52 122.52
C HIS C 6 58.67 -44.12 121.13
N ILE C 7 57.52 -44.35 120.49
CA ILE C 7 57.45 -45.26 119.37
C ILE C 7 56.59 -44.59 118.37
N THR C 8 57.08 -44.49 117.12
CA THR C 8 56.25 -44.04 116.08
C THR C 8 56.45 -45.21 115.17
N VAL C 9 55.37 -45.61 114.50
CA VAL C 9 55.37 -46.68 113.55
C VAL C 9 54.81 -45.94 112.40
N GLY C 10 55.56 -45.80 111.31
CA GLY C 10 55.12 -44.87 110.31
C GLY C 10 55.49 -45.51 109.06
N ASP C 11 55.58 -44.63 108.06
CA ASP C 11 56.26 -44.87 106.83
C ASP C 11 55.83 -46.12 106.19
N PRO C 12 54.68 -46.12 105.57
CA PRO C 12 54.02 -47.34 105.27
C PRO C 12 54.57 -47.68 103.93
N HIS C 13 55.76 -48.31 103.94
CA HIS C 13 56.50 -48.76 102.80
C HIS C 13 55.81 -49.98 102.53
N LYS C 14 54.68 -49.82 101.86
CA LYS C 14 53.78 -50.89 101.77
C LYS C 14 54.23 -51.33 100.49
N VAL C 15 54.87 -52.50 100.55
CA VAL C 15 55.36 -53.11 99.38
C VAL C 15 54.13 -53.39 98.62
N GLY C 16 54.12 -52.91 97.36
CA GLY C 16 53.02 -52.92 96.40
C GLY C 16 52.60 -54.32 96.12
N ASP C 17 51.35 -54.51 95.64
CA ASP C 17 50.67 -55.78 95.37
C ASP C 17 51.49 -57.05 95.07
N LEU C 18 51.03 -58.18 95.66
CA LEU C 18 51.47 -59.54 95.45
C LEU C 18 50.29 -60.38 95.87
N ALA C 19 49.27 -59.74 96.52
CA ALA C 19 48.08 -60.32 97.11
C ALA C 19 48.36 -60.86 98.49
N THR C 20 49.49 -60.43 99.12
CA THR C 20 49.95 -60.97 100.38
C THR C 20 51.08 -60.11 100.87
N SER C 21 51.40 -59.02 100.12
CA SER C 21 52.52 -58.12 100.29
C SER C 21 52.58 -57.39 101.64
N HIS C 22 53.80 -57.00 102.07
CA HIS C 22 53.98 -56.87 103.46
C HIS C 22 54.56 -55.53 103.55
N ILE C 23 53.91 -54.76 104.40
CA ILE C 23 54.14 -53.41 104.72
C ILE C 23 55.26 -53.39 105.63
N VAL C 24 56.08 -52.36 105.43
CA VAL C 24 57.26 -52.29 106.11
C VAL C 24 57.07 -50.93 106.59
N TYR C 25 57.35 -50.80 107.87
CA TYR C 25 57.05 -49.62 108.61
C TYR C 25 58.33 -49.20 109.09
N SER C 26 58.59 -47.90 109.11
CA SER C 26 59.53 -47.42 110.08
C SER C 26 59.04 -47.75 111.45
N VAL C 27 59.97 -48.12 112.31
CA VAL C 27 59.67 -48.28 113.67
C VAL C 27 60.67 -47.37 114.11
N ARG C 28 60.28 -46.29 114.72
CA ARG C 28 61.19 -45.37 115.24
C ARG C 28 60.89 -45.59 116.61
N THR C 29 61.93 -45.79 117.33
CA THR C 29 61.91 -45.87 118.71
C THR C 29 62.58 -44.58 118.88
N LYS C 30 62.06 -43.65 119.66
CA LYS C 30 62.78 -42.54 120.21
C LYS C 30 62.60 -43.05 121.57
N THR C 31 63.60 -43.13 122.39
CA THR C 31 63.37 -43.82 123.59
C THR C 31 64.33 -43.18 124.45
N THR C 32 63.80 -42.82 125.62
CA THR C 32 64.61 -42.35 126.67
C THR C 32 64.84 -43.54 127.52
N SER C 33 64.22 -44.68 127.16
CA SER C 33 64.34 -45.88 127.91
C SER C 33 65.76 -46.28 127.87
N LYS C 34 66.23 -46.79 129.02
CA LYS C 34 67.55 -47.32 129.20
C LYS C 34 67.41 -48.80 129.01
N ALA C 35 66.22 -49.27 128.54
CA ALA C 35 66.01 -50.60 128.01
C ALA C 35 66.07 -50.54 126.51
N TYR C 36 66.49 -49.39 125.94
CA TYR C 36 66.69 -49.28 124.52
C TYR C 36 67.85 -48.36 124.30
N LYS C 37 68.90 -49.01 123.73
CA LYS C 37 70.22 -48.56 123.38
C LYS C 37 70.23 -47.15 122.88
N GLN C 38 69.73 -47.03 121.65
CA GLN C 38 69.58 -45.87 120.85
C GLN C 38 68.63 -44.97 121.54
N PRO C 39 68.86 -43.69 121.72
CA PRO C 39 67.80 -42.74 121.97
C PRO C 39 66.88 -42.61 120.79
N GLU C 40 67.31 -42.95 119.55
CA GLU C 40 66.40 -43.07 118.44
C GLU C 40 66.96 -44.17 117.64
N PHE C 41 66.10 -45.10 117.21
CA PHE C 41 66.50 -45.91 116.15
C PHE C 41 65.31 -46.08 115.33
N GLU C 42 65.56 -46.21 114.03
CA GLU C 42 64.54 -46.63 113.16
C GLU C 42 64.88 -47.86 112.46
N VAL C 43 63.93 -48.79 112.43
CA VAL C 43 64.12 -50.02 111.76
C VAL C 43 62.97 -50.07 110.89
N LYS C 44 62.92 -51.03 109.96
CA LYS C 44 61.90 -50.94 108.97
C LYS C 44 61.41 -52.28 108.83
N ARG C 45 60.50 -52.62 109.73
CA ARG C 45 60.14 -53.97 109.89
C ARG C 45 59.02 -54.29 109.09
N ARG C 46 58.97 -55.56 108.73
CA ARG C 46 57.97 -56.09 107.88
C ARG C 46 57.25 -57.03 108.72
N TYR C 47 56.00 -57.25 108.29
CA TYR C 47 54.97 -57.84 109.09
C TYR C 47 55.36 -59.12 109.77
N ARG C 48 56.04 -59.92 108.97
CA ARG C 48 56.53 -61.23 109.29
C ARG C 48 57.51 -61.24 110.42
N ASP C 49 58.34 -60.19 110.47
CA ASP C 49 59.34 -60.05 111.46
C ASP C 49 58.74 -59.85 112.77
N PHE C 50 57.76 -58.96 112.82
CA PHE C 50 57.02 -58.68 114.00
C PHE C 50 56.24 -59.78 114.56
N LEU C 51 55.58 -60.55 113.69
CA LEU C 51 54.73 -61.58 114.17
C LEU C 51 55.51 -62.59 114.84
N TRP C 52 56.63 -62.93 114.21
CA TRP C 52 57.60 -63.75 114.82
C TRP C 52 58.02 -63.14 116.08
N LEU C 53 58.37 -61.86 116.06
CA LEU C 53 58.94 -61.21 117.17
C LEU C 53 58.03 -61.31 118.31
N TYR C 54 56.78 -61.08 118.04
CA TYR C 54 55.73 -61.08 118.95
C TYR C 54 55.69 -62.41 119.64
N ASN C 55 55.85 -63.44 118.84
CA ASN C 55 55.99 -64.77 119.24
C ASN C 55 57.20 -64.91 120.06
N THR C 56 58.30 -64.25 119.73
CA THR C 56 59.54 -64.31 120.46
C THR C 56 59.32 -63.85 121.82
N LEU C 57 58.59 -62.74 121.99
CA LEU C 57 58.25 -62.17 123.24
C LEU C 57 57.51 -63.21 123.96
N HIS C 58 56.67 -63.93 123.23
CA HIS C 58 55.94 -64.99 123.78
C HIS C 58 56.87 -66.01 124.33
N SER C 59 57.92 -66.34 123.58
CA SER C 59 58.88 -67.36 123.83
C SER C 59 59.84 -67.06 124.93
N ASN C 60 60.03 -65.80 125.34
CA ASN C 60 61.13 -65.54 126.22
C ASN C 60 60.60 -65.25 127.54
N ASN C 61 59.27 -65.24 127.56
CA ASN C 61 58.56 -64.78 128.68
C ASN C 61 57.61 -65.93 128.88
N PRO C 62 57.83 -66.78 129.87
CA PRO C 62 57.23 -68.11 130.01
C PRO C 62 55.77 -68.26 130.36
N GLY C 63 55.10 -67.19 130.63
CA GLY C 63 53.74 -67.19 131.03
C GLY C 63 53.50 -65.77 131.09
N VAL C 64 54.60 -65.07 131.48
CA VAL C 64 54.87 -63.68 131.47
C VAL C 64 54.52 -63.23 130.11
N VAL C 65 53.45 -62.44 130.10
CA VAL C 65 52.56 -62.03 129.06
C VAL C 65 53.20 -61.78 127.73
N VAL C 66 52.28 -61.59 126.79
CA VAL C 66 52.55 -61.26 125.45
C VAL C 66 51.16 -60.95 125.06
N PRO C 67 50.97 -59.68 124.75
CA PRO C 67 49.66 -59.17 124.56
C PRO C 67 49.32 -59.64 123.19
N PRO C 68 48.23 -59.31 122.73
CA PRO C 68 47.96 -59.45 120.84
C PRO C 68 49.22 -58.94 119.94
N PRO C 69 49.50 -59.41 118.71
CA PRO C 69 50.57 -58.97 117.74
C PRO C 69 50.46 -57.64 116.94
N PRO C 70 51.23 -57.40 115.84
CA PRO C 70 50.81 -56.71 114.61
C PRO C 70 49.58 -57.34 114.01
N GLU C 71 48.64 -56.56 113.45
CA GLU C 71 47.40 -57.01 112.88
C GLU C 71 47.45 -57.97 111.75
N LYS C 72 46.60 -59.01 111.96
CA LYS C 72 46.13 -60.09 111.12
C LYS C 72 45.47 -59.71 109.86
N GLN C 73 45.86 -60.50 108.86
CA GLN C 73 45.37 -60.39 107.54
C GLN C 73 44.32 -61.44 107.41
N ALA C 74 44.17 -62.35 108.41
CA ALA C 74 43.10 -63.30 108.61
C ALA C 74 41.70 -62.77 108.56
N VAL C 75 41.53 -61.47 108.32
CA VAL C 75 40.29 -60.87 107.98
C VAL C 75 40.70 -59.67 107.22
N GLY C 76 41.92 -59.15 107.49
CA GLY C 76 42.53 -58.01 106.86
C GLY C 76 42.71 -58.31 105.43
N ARG C 77 42.89 -57.27 104.59
CA ARG C 77 43.16 -57.51 103.21
C ARG C 77 44.57 -57.15 103.13
N PHE C 78 44.79 -55.88 102.86
CA PHE C 78 46.08 -55.32 102.82
C PHE C 78 45.80 -53.86 102.94
N GLU C 79 44.55 -53.53 103.35
CA GLU C 79 43.98 -52.23 103.37
C GLU C 79 44.80 -51.32 104.18
N SER C 80 44.85 -50.02 103.85
CA SER C 80 45.63 -49.02 104.57
C SER C 80 45.26 -49.04 106.01
N ASN C 81 43.97 -49.25 106.22
CA ASN C 81 43.30 -49.43 107.45
C ASN C 81 43.74 -50.65 108.14
N PHE C 82 43.83 -51.77 107.42
CA PHE C 82 44.24 -53.04 107.91
C PHE C 82 45.67 -52.98 108.34
N VAL C 83 46.50 -52.42 107.49
CA VAL C 83 47.89 -52.27 107.71
C VAL C 83 48.04 -51.31 108.80
N GLU C 84 47.16 -50.32 108.88
CA GLU C 84 47.12 -49.41 109.97
C GLU C 84 46.81 -50.20 111.16
N SER C 85 45.89 -51.12 111.11
CA SER C 85 45.58 -51.91 112.23
C SER C 85 46.78 -52.64 112.65
N ARG C 86 47.55 -53.10 111.70
CA ARG C 86 48.74 -53.76 111.99
C ARG C 86 49.73 -52.94 112.66
N ARG C 87 49.89 -51.73 112.17
CA ARG C 87 50.73 -50.67 112.59
C ARG C 87 50.40 -50.32 113.98
N ALA C 88 49.11 -50.16 114.21
CA ALA C 88 48.50 -49.89 115.45
C ALA C 88 48.69 -51.00 116.38
N ALA C 89 48.53 -52.23 115.88
CA ALA C 89 48.51 -53.44 116.64
C ALA C 89 49.78 -53.70 117.23
N LEU C 90 50.76 -53.38 116.42
CA LEU C 90 52.07 -53.29 116.86
C LEU C 90 52.22 -52.22 117.79
N GLU C 91 51.67 -51.05 117.48
CA GLU C 91 51.98 -49.91 118.26
C GLU C 91 51.59 -50.16 119.63
N LYS C 92 50.42 -50.69 119.76
CA LYS C 92 49.85 -51.11 120.94
C LYS C 92 50.58 -52.15 121.64
N MET C 93 50.99 -53.17 120.90
CA MET C 93 51.57 -54.34 121.45
C MET C 93 52.81 -53.95 122.08
N LEU C 94 53.54 -53.15 121.31
CA LEU C 94 54.78 -52.54 121.61
C LEU C 94 54.67 -51.59 122.71
N ASN C 95 53.62 -50.79 122.70
CA ASN C 95 53.41 -49.75 123.63
C ASN C 95 53.37 -50.33 124.97
N LYS C 96 52.57 -51.37 125.08
CA LYS C 96 52.32 -51.95 126.33
C LYS C 96 53.46 -52.62 126.88
N ILE C 97 54.09 -53.38 125.98
CA ILE C 97 55.23 -54.15 126.31
C ILE C 97 56.26 -53.26 126.72
N ALA C 98 56.41 -52.09 126.11
CA ALA C 98 57.37 -51.19 126.64
C ALA C 98 56.99 -50.73 128.01
N ALA C 99 55.71 -50.48 128.29
CA ALA C 99 55.36 -50.14 129.63
C ALA C 99 55.12 -51.31 130.46
N HIS C 100 55.76 -52.41 130.10
CA HIS C 100 55.94 -53.51 130.94
C HIS C 100 57.37 -53.66 130.86
N PRO C 101 58.11 -53.49 131.86
CA PRO C 101 59.54 -53.55 131.70
C PRO C 101 60.09 -54.82 131.06
N THR C 102 59.57 -56.03 131.38
CA THR C 102 60.05 -57.33 130.91
C THR C 102 60.03 -57.66 129.45
N LEU C 103 58.88 -57.41 128.79
CA LEU C 103 58.71 -57.75 127.40
C LEU C 103 59.51 -56.80 126.59
N GLN C 104 59.68 -55.60 127.15
CA GLN C 104 60.53 -54.58 126.65
C GLN C 104 61.99 -54.94 126.76
N LEU C 105 62.33 -55.92 127.61
CA LEU C 105 63.68 -56.36 127.80
C LEU C 105 64.10 -57.38 126.84
N ASP C 106 63.21 -57.94 125.99
CA ASP C 106 63.64 -58.94 125.07
C ASP C 106 64.73 -58.32 124.17
N ALA C 107 65.91 -58.97 124.17
CA ALA C 107 67.11 -58.48 123.55
C ALA C 107 66.97 -58.45 122.09
N ASP C 108 66.18 -59.42 121.54
CA ASP C 108 65.91 -59.50 120.15
C ASP C 108 65.22 -58.27 119.83
N LEU C 109 64.25 -57.90 120.67
CA LEU C 109 63.47 -56.74 120.56
C LEU C 109 64.29 -55.50 120.63
N LYS C 110 65.32 -55.43 121.48
CA LYS C 110 66.16 -54.26 121.45
C LYS C 110 66.82 -54.11 120.17
N LEU C 111 67.43 -55.18 119.70
CA LEU C 111 68.09 -55.23 118.45
C LEU C 111 67.15 -55.02 117.31
N PHE C 112 65.95 -55.55 117.38
CA PHE C 112 64.91 -55.43 116.42
C PHE C 112 64.47 -54.03 116.14
N LEU C 113 64.36 -53.22 117.18
CA LEU C 113 63.74 -51.93 117.16
C LEU C 113 64.76 -50.92 116.94
N GLU C 114 65.97 -51.38 117.26
CA GLU C 114 67.11 -50.57 117.26
C GLU C 114 68.09 -51.00 116.31
N SER C 115 67.67 -51.84 115.35
CA SER C 115 68.49 -52.22 114.23
C SER C 115 67.49 -52.64 113.20
N GLU C 116 67.66 -52.25 111.92
CA GLU C 116 66.90 -52.83 110.83
C GLU C 116 67.70 -53.95 110.24
N SER C 117 67.29 -55.21 110.45
CA SER C 117 67.73 -56.30 109.61
C SER C 117 66.78 -57.44 109.74
N PHE C 118 65.78 -57.25 110.61
CA PHE C 118 64.68 -58.08 110.92
C PHE C 118 65.07 -58.94 112.06
N ASN C 119 64.05 -59.59 112.63
CA ASN C 119 64.06 -60.26 113.91
C ASN C 119 65.00 -61.40 113.89
N ILE C 120 65.06 -61.97 112.68
CA ILE C 120 65.74 -63.17 112.35
C ILE C 120 67.20 -63.15 112.60
N ASP C 121 67.91 -62.15 112.05
CA ASP C 121 69.34 -62.27 112.10
C ASP C 121 69.82 -61.82 113.41
N VAL C 122 68.98 -61.03 114.07
CA VAL C 122 69.09 -60.66 115.43
C VAL C 122 68.98 -61.86 116.28
N LYS C 123 68.03 -62.73 115.94
CA LYS C 123 67.80 -63.88 116.72
C LYS C 123 68.84 -64.92 116.62
N HIS C 124 69.62 -64.98 115.53
CA HIS C 124 70.74 -65.86 115.59
C HIS C 124 71.75 -65.34 116.47
N LYS C 125 72.02 -64.06 116.23
CA LYS C 125 73.08 -63.35 116.85
C LYS C 125 72.99 -63.38 118.31
N GLU C 126 71.78 -63.22 118.86
CA GLU C 126 71.66 -63.29 120.27
C GLU C 126 71.98 -64.58 120.96
N ARG C 127 71.60 -65.82 120.54
CA ARG C 127 72.02 -66.95 121.38
C ARG C 127 73.42 -67.40 121.08
N LYS C 128 74.20 -66.45 120.54
CA LYS C 128 75.52 -66.56 120.03
C LYS C 128 75.52 -67.65 119.02
N GLU C 129 74.68 -67.49 117.98
CA GLU C 129 74.55 -68.52 116.99
C GLU C 129 73.89 -67.99 115.73
N ASN C 149 45.59 -70.49 144.03
CA ASN C 149 44.85 -71.77 144.09
C ASN C 149 45.57 -72.84 143.31
N LYS C 150 45.40 -74.11 143.74
CA LYS C 150 45.79 -75.36 143.14
C LYS C 150 45.38 -75.44 141.67
N PHE C 151 45.65 -76.59 141.01
CA PHE C 151 45.43 -76.69 139.58
C PHE C 151 43.99 -76.48 139.22
N VAL C 152 43.13 -77.04 140.06
CA VAL C 152 41.75 -77.08 139.76
C VAL C 152 40.99 -75.79 139.65
N GLU C 153 41.07 -74.85 140.64
CA GLU C 153 40.30 -73.62 140.58
C GLU C 153 40.73 -72.85 139.45
N GLN C 154 42.04 -72.84 139.24
CA GLN C 154 42.59 -72.07 138.21
C GLN C 154 42.15 -72.54 136.92
N ASP C 155 42.14 -73.86 136.79
CA ASP C 155 41.71 -74.49 135.59
C ASP C 155 40.29 -74.18 135.48
N ASP C 156 39.55 -74.15 136.60
CA ASP C 156 38.19 -73.76 136.56
C ASP C 156 38.03 -72.47 136.01
N TRP C 157 38.86 -71.61 136.54
CA TRP C 157 38.76 -70.27 136.39
C TRP C 157 38.96 -69.89 135.07
N PHE C 158 39.90 -70.58 134.50
CA PHE C 158 40.34 -70.41 133.20
C PHE C 158 39.33 -70.79 132.32
N HIS C 159 38.77 -71.95 132.57
CA HIS C 159 37.79 -72.40 131.69
C HIS C 159 36.59 -71.56 131.81
N ASP C 160 36.25 -71.11 133.03
CA ASP C 160 35.13 -70.26 133.26
C ASP C 160 35.27 -69.04 132.48
N ARG C 161 36.48 -68.53 132.61
CA ARG C 161 36.84 -67.31 132.08
C ARG C 161 36.73 -67.34 130.67
N ARG C 162 37.25 -68.43 130.16
CA ARG C 162 37.38 -68.59 128.79
C ARG C 162 36.15 -68.62 128.11
N VAL C 163 35.29 -69.43 128.69
CA VAL C 163 34.06 -69.78 128.13
C VAL C 163 33.27 -68.60 127.97
N TYR C 164 33.25 -67.75 129.01
CA TYR C 164 32.58 -66.55 128.82
C TYR C 164 33.19 -65.74 127.78
N LEU C 165 34.48 -65.62 127.71
CA LEU C 165 34.92 -64.66 126.76
C LEU C 165 34.90 -65.12 125.38
N ASP C 166 34.75 -66.43 125.17
CA ASP C 166 34.46 -66.91 123.87
C ASP C 166 33.11 -66.50 123.53
N ALA C 167 32.18 -66.64 124.48
CA ALA C 167 30.81 -66.32 124.25
C ALA C 167 30.58 -64.89 123.91
N LEU C 168 31.20 -64.06 124.72
CA LEU C 168 31.10 -62.65 124.65
C LEU C 168 31.62 -62.13 123.41
N GLU C 169 32.69 -62.75 122.96
CA GLU C 169 33.30 -62.53 121.70
C GLU C 169 32.32 -62.73 120.64
N ASN C 170 31.56 -63.79 120.76
CA ASN C 170 30.65 -64.20 119.76
C ASN C 170 29.57 -63.25 119.58
N GLN C 171 29.13 -62.70 120.71
CA GLN C 171 28.25 -61.59 120.71
C GLN C 171 28.89 -60.49 120.05
N LEU C 172 30.17 -60.23 120.34
CA LEU C 172 30.82 -59.07 119.85
C LEU C 172 30.91 -59.12 118.42
N LYS C 173 31.12 -60.29 117.85
CA LYS C 173 30.99 -60.44 116.47
C LYS C 173 29.64 -60.19 115.97
N ALA C 174 28.62 -60.66 116.69
CA ALA C 174 27.28 -60.49 116.28
C ALA C 174 26.90 -59.07 116.20
N LEU C 175 27.28 -58.36 117.23
CA LEU C 175 27.15 -56.97 117.43
C LEU C 175 27.90 -56.20 116.40
N LEU C 176 29.10 -56.68 116.12
CA LEU C 176 29.90 -56.16 115.08
C LEU C 176 29.23 -56.28 113.78
N LYS C 177 28.58 -57.43 113.56
CA LYS C 177 27.96 -57.72 112.34
C LYS C 177 26.74 -56.97 112.21
N ALA C 178 26.22 -56.54 113.33
CA ALA C 178 25.18 -55.62 113.46
C ALA C 178 25.61 -54.31 112.87
N MET C 179 26.85 -53.86 113.16
CA MET C 179 27.39 -52.61 112.66
C MET C 179 27.32 -52.49 111.23
N ASP C 180 27.73 -53.60 110.67
CA ASP C 180 27.90 -53.75 109.28
C ASP C 180 26.67 -53.48 108.62
N ASN C 181 25.64 -54.07 109.19
CA ASN C 181 24.37 -53.98 108.59
C ASN C 181 23.94 -52.63 108.51
N MET C 182 24.07 -51.93 109.64
CA MET C 182 23.54 -50.63 109.62
C MET C 182 24.10 -49.70 108.68
N VAL C 183 25.40 -49.85 108.52
CA VAL C 183 26.09 -49.01 107.65
C VAL C 183 25.77 -49.33 106.26
N ALA C 184 25.68 -50.62 105.97
CA ALA C 184 25.38 -51.13 104.66
C ALA C 184 24.05 -50.67 104.26
N GLN C 185 23.18 -50.70 105.24
CA GLN C 185 21.85 -50.27 105.16
C GLN C 185 21.77 -48.85 105.52
N ARG C 186 22.82 -48.09 105.20
CA ARG C 186 22.67 -46.70 104.86
C ARG C 186 22.48 -46.71 103.40
N LYS C 187 21.60 -47.63 103.01
CA LYS C 187 21.44 -48.07 101.71
C LYS C 187 20.44 -47.27 101.03
N ALA C 188 19.16 -47.67 100.92
CA ALA C 188 18.21 -46.93 100.14
C ALA C 188 17.00 -46.77 100.96
N MET C 189 16.92 -45.85 101.94
CA MET C 189 17.74 -44.87 102.57
C MET C 189 18.26 -43.83 101.71
N ALA C 190 19.50 -44.09 101.34
CA ALA C 190 20.21 -43.14 100.66
C ALA C 190 19.64 -42.92 99.37
N GLU C 191 19.53 -43.99 98.63
CA GLU C 191 18.94 -43.97 97.36
C GLU C 191 17.54 -43.68 97.37
N ALA C 192 16.85 -44.11 98.43
CA ALA C 192 15.48 -43.80 98.40
C ALA C 192 15.26 -42.35 98.45
N ALA C 193 15.89 -41.68 99.40
CA ALA C 193 15.77 -40.29 99.63
C ALA C 193 16.59 -39.45 98.76
N ALA C 194 17.56 -40.09 98.13
CA ALA C 194 18.29 -39.52 97.07
C ALA C 194 17.57 -39.53 95.81
N ASP C 195 16.63 -40.42 95.71
CA ASP C 195 15.94 -40.45 94.48
C ASP C 195 14.73 -39.84 94.81
N PHE C 196 14.36 -39.79 96.04
CA PHE C 196 13.24 -39.07 96.39
C PHE C 196 13.42 -37.70 96.08
N SER C 197 14.59 -37.26 96.40
CA SER C 197 14.87 -36.01 95.98
C SER C 197 14.81 -35.84 94.52
N ALA C 198 15.42 -36.72 93.76
CA ALA C 198 15.26 -36.63 92.35
C ALA C 198 13.90 -36.78 91.84
N SER C 199 13.12 -37.65 92.37
CA SER C 199 11.80 -37.97 92.03
C SER C 199 10.98 -36.82 92.13
N LEU C 200 11.23 -36.17 93.25
CA LEU C 200 10.55 -35.04 93.65
C LEU C 200 10.80 -34.09 92.71
N HIS C 201 12.06 -33.98 92.41
CA HIS C 201 12.45 -33.10 91.45
C HIS C 201 11.79 -33.39 90.15
N ALA C 202 11.66 -34.67 89.82
CA ALA C 202 11.29 -35.17 88.56
C ALA C 202 10.03 -34.65 88.08
N LEU C 203 9.02 -34.58 88.92
CA LEU C 203 7.83 -33.97 88.41
C LEU C 203 7.93 -32.53 88.62
N SER C 204 8.89 -32.09 89.42
CA SER C 204 8.86 -30.70 89.67
C SER C 204 9.40 -29.93 88.59
N THR C 205 10.06 -30.65 87.74
CA THR C 205 10.64 -30.24 86.55
C THR C 205 9.69 -30.35 85.47
N VAL C 206 8.58 -31.07 85.64
CA VAL C 206 7.65 -31.28 84.57
C VAL C 206 6.85 -30.08 84.75
N GLU C 207 6.39 -29.94 85.96
CA GLU C 207 5.83 -28.75 86.45
C GLU C 207 6.77 -27.64 86.20
N LEU C 208 6.25 -26.60 85.55
CA LEU C 208 7.05 -25.53 85.05
C LEU C 208 6.57 -24.52 85.96
N SER C 209 5.28 -24.66 86.33
CA SER C 209 4.43 -23.94 87.20
C SER C 209 5.24 -23.63 88.36
N PRO C 210 5.88 -22.49 88.31
CA PRO C 210 7.23 -22.29 88.82
C PRO C 210 7.33 -22.58 90.22
N THR C 211 6.24 -22.21 90.85
CA THR C 211 6.11 -22.00 92.24
C THR C 211 5.61 -23.24 92.82
N LEU C 212 5.54 -24.26 91.97
CA LEU C 212 5.11 -25.53 92.30
C LEU C 212 6.32 -26.32 91.99
N SER C 213 7.08 -25.91 90.95
CA SER C 213 8.27 -26.57 90.57
C SER C 213 9.23 -26.50 91.67
N GLY C 214 9.40 -25.28 92.17
CA GLY C 214 10.25 -24.96 93.27
C GLY C 214 10.04 -25.74 94.51
N PRO C 215 8.88 -25.80 95.06
CA PRO C 215 8.62 -26.64 96.19
C PRO C 215 8.82 -28.08 95.92
N LEU C 216 8.47 -28.56 94.74
CA LEU C 216 8.57 -29.95 94.48
C LEU C 216 9.96 -30.44 94.47
N ASP C 217 10.76 -29.61 93.86
CA ASP C 217 12.15 -29.61 93.94
C ASP C 217 12.61 -29.41 95.31
N ALA C 218 11.98 -28.55 96.10
CA ALA C 218 12.41 -28.25 97.43
C ALA C 218 12.27 -29.49 98.21
N LEU C 219 11.22 -30.18 97.91
CA LEU C 219 11.09 -31.46 98.41
C LEU C 219 12.13 -32.30 97.88
N SER C 220 12.66 -32.14 96.71
CA SER C 220 13.82 -32.91 96.49
C SER C 220 14.91 -32.72 97.45
N GLU C 221 15.25 -31.47 97.71
CA GLU C 221 16.37 -31.24 98.55
C GLU C 221 16.23 -31.81 99.85
N LEU C 222 15.08 -31.62 100.40
CA LEU C 222 14.85 -32.09 101.67
C LEU C 222 15.11 -33.50 101.87
N GLN C 223 14.62 -34.31 100.95
CA GLN C 223 14.53 -35.72 101.21
C GLN C 223 15.76 -36.27 101.28
N LEU C 224 16.50 -35.73 100.39
CA LEU C 224 17.78 -35.98 100.42
C LEU C 224 18.46 -35.46 101.59
N ALA C 225 18.18 -34.26 102.03
CA ALA C 225 18.91 -33.68 103.11
C ALA C 225 18.77 -34.44 104.31
N ILE C 226 17.58 -34.83 104.50
CA ILE C 226 17.26 -35.78 105.44
C ILE C 226 17.84 -37.09 105.25
N ARG C 227 17.83 -37.55 104.01
CA ARG C 227 18.31 -38.81 103.56
C ARG C 227 19.63 -38.87 104.07
N ASP C 228 20.28 -37.75 103.91
CA ASP C 228 21.63 -37.63 104.10
C ASP C 228 21.85 -37.75 105.44
N VAL C 229 21.10 -37.09 106.25
CA VAL C 229 21.32 -37.16 107.63
C VAL C 229 21.19 -38.56 108.10
N TYR C 230 20.21 -39.24 107.56
CA TYR C 230 20.04 -40.61 107.86
C TYR C 230 21.23 -41.40 107.45
N GLU C 231 21.71 -41.10 106.28
CA GLU C 231 22.73 -41.78 105.60
C GLU C 231 23.84 -41.61 106.43
N ARG C 232 23.96 -40.46 106.98
CA ARG C 232 25.03 -40.07 107.75
C ARG C 232 25.22 -40.89 108.91
N GLN C 233 24.14 -41.29 109.50
CA GLN C 233 24.43 -41.84 110.76
C GLN C 233 25.17 -43.05 110.88
N ALA C 234 25.34 -43.93 109.92
CA ALA C 234 26.19 -45.05 110.25
C ALA C 234 27.51 -44.68 110.58
N GLN C 235 27.92 -43.73 109.77
CA GLN C 235 29.25 -43.33 109.74
C GLN C 235 29.54 -42.60 110.95
N GLN C 236 28.51 -41.90 111.44
CA GLN C 236 28.64 -41.14 112.61
C GLN C 236 28.90 -42.06 113.72
N ASP C 237 27.94 -42.91 113.94
CA ASP C 237 27.91 -43.54 115.16
C ASP C 237 28.28 -44.94 114.99
N VAL C 238 27.62 -45.69 114.08
CA VAL C 238 27.75 -47.13 113.92
C VAL C 238 29.12 -47.53 113.78
N LEU C 239 29.81 -46.78 112.98
CA LEU C 239 31.12 -47.07 112.65
C LEU C 239 31.99 -46.98 113.85
N THR C 240 31.73 -45.98 114.71
CA THR C 240 32.50 -45.74 115.91
C THR C 240 32.52 -46.91 116.74
N PHE C 241 31.34 -47.46 116.85
CA PHE C 241 31.16 -48.61 117.60
C PHE C 241 31.80 -49.76 117.03
N GLY C 242 31.72 -49.92 115.70
CA GLY C 242 32.24 -51.12 115.12
C GLY C 242 33.66 -51.22 115.35
N ILE C 243 34.30 -50.05 115.34
CA ILE C 243 35.66 -50.03 115.65
C ILE C 243 35.98 -50.43 117.04
N ILE C 244 35.29 -49.83 117.96
CA ILE C 244 35.70 -50.02 119.30
C ILE C 244 35.45 -51.44 119.66
N ILE C 245 34.33 -52.03 119.20
CA ILE C 245 33.98 -53.43 119.36
C ILE C 245 35.05 -54.28 118.89
N GLU C 246 35.55 -53.92 117.72
CA GLU C 246 36.57 -54.66 117.12
C GLU C 246 37.74 -54.70 118.00
N GLU C 247 38.04 -53.57 118.64
CA GLU C 247 39.21 -53.48 119.39
C GLU C 247 39.30 -54.46 120.44
N TYR C 248 38.22 -54.61 121.12
CA TYR C 248 38.23 -55.48 122.24
C TYR C 248 38.48 -56.82 121.86
N ILE C 249 37.85 -57.17 120.75
CA ILE C 249 37.96 -58.43 120.14
C ILE C 249 39.40 -58.67 119.81
N ARG C 250 40.14 -57.63 119.40
CA ARG C 250 41.55 -57.73 119.17
C ARG C 250 42.26 -58.15 120.39
N LEU C 251 41.94 -57.54 121.54
CA LEU C 251 42.57 -57.93 122.75
C LEU C 251 42.22 -59.27 123.05
N ILE C 252 40.97 -59.59 122.87
CA ILE C 252 40.52 -60.85 123.28
C ILE C 252 41.21 -61.91 122.54
N GLY C 253 41.34 -61.78 121.22
CA GLY C 253 42.12 -62.69 120.47
C GLY C 253 43.47 -62.84 121.03
N SER C 254 44.11 -61.74 121.30
CA SER C 254 45.41 -61.80 121.80
C SER C 254 45.55 -62.42 123.12
N VAL C 255 44.61 -62.25 124.04
CA VAL C 255 44.71 -62.89 125.29
C VAL C 255 44.36 -64.32 125.18
N LYS C 256 43.71 -64.65 124.10
CA LYS C 256 43.44 -65.98 123.78
C LYS C 256 44.70 -66.71 123.52
N GLN C 257 45.59 -66.02 122.85
CA GLN C 257 46.94 -66.41 122.69
C GLN C 257 47.58 -66.46 123.99
N ALA C 258 47.26 -65.50 124.85
CA ALA C 258 47.95 -65.33 126.08
C ALA C 258 47.87 -66.52 126.90
N PHE C 259 46.68 -67.01 126.87
CA PHE C 259 46.33 -68.19 127.46
C PHE C 259 47.09 -69.31 126.88
N SER C 260 47.17 -69.36 125.56
CA SER C 260 47.73 -70.53 124.96
C SER C 260 49.15 -70.78 125.36
N GLN C 261 49.85 -69.66 125.49
CA GLN C 261 51.18 -69.51 125.99
C GLN C 261 51.27 -70.05 127.34
N ARG C 262 50.27 -69.78 128.14
CA ARG C 262 50.24 -70.23 129.48
C ARG C 262 50.12 -71.70 129.49
N GLN C 263 49.37 -72.28 128.59
CA GLN C 263 49.25 -73.71 128.57
C GLN C 263 50.51 -74.37 128.29
N LYS C 264 51.29 -73.78 127.41
CA LYS C 264 52.64 -74.22 127.33
C LYS C 264 53.41 -74.03 128.59
N ALA C 265 53.26 -72.92 129.31
CA ALA C 265 54.01 -72.65 130.51
C ALA C 265 53.80 -73.66 131.55
N PHE C 266 52.54 -74.07 131.65
CA PHE C 266 52.09 -75.15 132.42
C PHE C 266 52.80 -76.36 131.94
N HIS C 267 52.83 -76.49 130.61
CA HIS C 267 53.28 -77.68 130.05
C HIS C 267 54.69 -77.93 130.40
N SER C 268 55.46 -76.88 130.26
CA SER C 268 56.85 -76.84 130.51
C SER C 268 57.14 -77.19 131.87
N TRP C 269 56.28 -76.64 132.69
CA TRP C 269 56.42 -76.83 134.03
C TRP C 269 56.33 -78.29 134.38
N HIS C 270 55.30 -78.97 133.90
CA HIS C 270 55.10 -80.34 134.25
C HIS C 270 56.17 -81.14 133.72
N SER C 271 56.68 -80.72 132.57
CA SER C 271 57.72 -81.38 131.86
C SER C 271 58.91 -81.39 132.74
N ALA C 272 59.15 -80.26 133.43
CA ALA C 272 60.23 -80.18 134.37
C ALA C 272 60.00 -81.20 135.41
N GLU C 273 58.76 -81.32 135.84
CA GLU C 273 58.49 -82.37 136.74
C GLU C 273 58.62 -83.76 136.28
N SER C 274 58.12 -84.11 135.11
CA SER C 274 58.08 -85.48 134.70
C SER C 274 59.42 -86.05 134.52
N GLU C 275 60.31 -85.22 134.02
CA GLU C 275 61.69 -85.50 133.98
C GLU C 275 62.28 -85.64 135.30
N LEU C 276 61.91 -84.73 136.23
CA LEU C 276 62.50 -84.68 137.54
C LEU C 276 62.35 -85.95 138.22
N MET C 277 61.14 -86.45 138.06
CA MET C 277 60.70 -87.67 138.57
C MET C 277 61.50 -88.78 138.04
N LYS C 278 61.80 -88.77 136.74
CA LYS C 278 62.58 -89.81 136.16
C LYS C 278 63.93 -89.93 136.73
N LYS C 279 64.60 -88.80 136.93
CA LYS C 279 65.93 -88.81 137.46
C LYS C 279 65.90 -89.30 138.84
N LYS C 280 64.88 -88.85 139.54
CA LYS C 280 64.73 -89.25 140.87
C LYS C 280 64.52 -90.68 141.01
N ALA C 281 63.67 -91.22 140.16
CA ALA C 281 63.32 -92.58 140.16
C ALA C 281 64.48 -93.44 139.92
N ALA C 282 65.33 -93.00 139.00
CA ALA C 282 66.53 -93.68 138.64
C ALA C 282 67.46 -93.81 139.79
N GLN C 283 67.55 -92.74 140.57
CA GLN C 283 68.39 -92.70 141.73
C GLN C 283 68.03 -93.75 142.70
N ASP C 284 66.73 -93.85 142.90
CA ASP C 284 66.09 -94.78 143.76
C ASP C 284 66.37 -96.14 143.33
N LYS C 285 66.37 -96.35 142.02
CA LYS C 285 66.65 -97.63 141.48
C LYS C 285 68.02 -98.04 141.75
N LEU C 286 69.01 -97.16 141.59
CA LEU C 286 70.37 -97.55 141.84
C LEU C 286 70.53 -97.95 143.24
N LEU C 287 69.87 -97.16 144.03
CA LEU C 287 69.84 -97.31 145.40
C LEU C 287 69.29 -98.63 145.82
N ARG C 288 68.23 -99.09 145.14
CA ARG C 288 67.49 -100.26 145.51
C ARG C 288 67.77 -101.37 144.54
N GLN C 289 68.77 -101.21 143.68
CA GLN C 289 69.58 -102.25 143.11
C GLN C 289 70.30 -102.83 144.25
N GLY C 290 70.69 -101.91 145.14
CA GLY C 290 71.01 -102.21 146.48
C GLY C 290 72.36 -101.69 146.49
N LYS C 291 73.19 -102.25 145.58
CA LYS C 291 74.56 -101.92 145.42
C LYS C 291 74.79 -100.48 145.12
N THR C 292 74.16 -99.89 144.07
CA THR C 292 74.21 -98.46 143.84
C THR C 292 75.58 -98.07 143.29
N GLN C 293 75.70 -97.61 142.01
CA GLN C 293 76.86 -96.81 141.65
C GLN C 293 76.59 -95.46 142.20
N GLN C 294 77.44 -95.05 143.15
CA GLN C 294 77.25 -93.81 143.83
C GLN C 294 77.54 -92.65 142.91
N ASP C 295 78.28 -92.96 141.85
CA ASP C 295 78.55 -92.14 140.72
C ASP C 295 77.34 -91.67 139.99
N ARG C 296 76.48 -92.63 139.60
CA ARG C 296 75.32 -92.28 138.82
C ARG C 296 74.26 -91.77 139.72
N LEU C 297 74.32 -92.18 141.00
CA LEU C 297 73.41 -91.73 142.01
C LEU C 297 73.57 -90.26 142.23
N ASN C 298 74.83 -89.80 142.30
CA ASN C 298 75.12 -88.41 142.46
C ASN C 298 74.71 -87.61 141.27
N GLN C 299 75.03 -88.13 140.07
CA GLN C 299 74.71 -87.38 138.89
C GLN C 299 73.25 -87.14 138.78
N VAL C 300 72.48 -88.23 138.97
CA VAL C 300 71.06 -88.30 138.83
C VAL C 300 70.37 -87.45 139.81
N ASN C 301 70.88 -87.47 141.03
CA ASN C 301 70.43 -86.63 142.09
C ASN C 301 70.63 -85.18 141.79
N ALA C 302 71.77 -84.78 141.20
CA ALA C 302 72.07 -83.39 140.95
C ALA C 302 70.99 -82.83 140.08
N GLU C 303 70.66 -83.62 139.04
CA GLU C 303 69.61 -83.36 138.11
C GLU C 303 68.23 -83.36 138.73
N VAL C 304 67.97 -84.26 139.69
CA VAL C 304 66.72 -84.28 140.42
C VAL C 304 66.46 -82.98 141.08
N ILE C 305 67.45 -82.43 141.82
CA ILE C 305 67.20 -81.22 142.56
C ILE C 305 66.95 -80.09 141.60
N ASP C 306 67.67 -80.07 140.46
CA ASP C 306 67.41 -79.05 139.46
C ASP C 306 66.05 -79.11 138.87
N ALA C 307 65.60 -80.32 138.57
CA ALA C 307 64.33 -80.61 138.02
C ALA C 307 63.14 -80.22 138.85
N GLU C 308 63.27 -80.41 140.17
CA GLU C 308 62.38 -79.96 141.21
C GLU C 308 62.29 -78.50 141.20
N ARG C 309 63.44 -77.85 141.03
CA ARG C 309 63.50 -76.45 140.91
C ARG C 309 62.77 -76.02 139.71
N LYS C 310 62.96 -76.70 138.58
CA LYS C 310 62.36 -76.46 137.30
C LYS C 310 60.92 -76.54 137.33
N VAL C 311 60.47 -77.54 138.06
CA VAL C 311 59.10 -77.65 138.32
C VAL C 311 58.68 -76.47 139.04
N HIS C 312 59.41 -76.11 140.06
CA HIS C 312 58.98 -74.99 140.80
C HIS C 312 58.93 -73.73 139.99
N GLN C 313 59.97 -73.45 139.23
CA GLN C 313 60.08 -72.22 138.56
C GLN C 313 59.08 -71.99 137.54
N ALA C 314 58.90 -73.00 136.67
CA ALA C 314 58.03 -72.92 135.56
C ALA C 314 56.69 -72.74 136.07
N ARG C 315 56.40 -73.49 137.12
CA ARG C 315 55.19 -73.27 137.80
C ARG C 315 55.03 -71.91 138.45
N LEU C 316 56.04 -71.39 139.13
CA LEU C 316 55.90 -70.17 139.85
C LEU C 316 55.60 -69.02 139.02
N LEU C 317 56.35 -68.91 137.96
CA LEU C 317 56.29 -67.79 137.09
C LEU C 317 54.97 -67.69 136.47
N PHE C 318 54.51 -68.89 136.11
CA PHE C 318 53.24 -69.19 135.59
C PHE C 318 52.19 -68.67 136.52
N GLU C 319 52.39 -68.77 137.85
CA GLU C 319 51.48 -68.21 138.82
C GLU C 319 51.32 -66.75 138.61
N ASP C 320 52.45 -66.13 138.49
CA ASP C 320 52.55 -64.73 138.63
C ASP C 320 51.99 -64.14 137.41
N MET C 321 52.01 -64.94 136.33
CA MET C 321 51.32 -64.62 135.14
C MET C 321 49.87 -64.51 135.34
N GLY C 322 49.26 -65.36 136.17
CA GLY C 322 47.85 -65.28 136.39
C GLY C 322 47.51 -64.08 137.19
N ARG C 323 48.36 -63.75 138.15
CA ARG C 323 48.14 -62.59 138.97
C ARG C 323 48.11 -61.33 138.23
N LEU C 324 49.09 -61.22 137.35
CA LEU C 324 49.31 -60.12 136.50
C LEU C 324 48.16 -59.93 135.64
N LEU C 325 47.69 -61.07 135.18
CA LEU C 325 46.66 -61.11 134.26
C LEU C 325 45.43 -60.61 134.83
N ARG C 326 45.17 -60.96 136.08
CA ARG C 326 44.11 -60.38 136.79
C ARG C 326 44.25 -58.93 136.92
N SER C 327 45.42 -58.40 137.25
CA SER C 327 45.60 -56.98 137.40
C SER C 327 45.27 -56.23 136.15
N GLU C 328 45.72 -56.84 135.08
CA GLU C 328 45.40 -56.39 133.81
C GLU C 328 43.95 -56.46 133.64
N LEU C 329 43.32 -57.53 134.06
CA LEU C 329 41.97 -57.76 133.75
C LEU C 329 41.15 -56.70 134.23
N ASP C 330 41.37 -56.32 135.49
CA ASP C 330 40.55 -55.30 136.06
C ASP C 330 40.75 -54.11 135.29
N ARG C 331 41.98 -53.90 134.89
CA ARG C 331 42.20 -52.87 134.00
C ARG C 331 41.44 -53.03 132.68
N PHE C 332 41.37 -54.16 131.98
CA PHE C 332 40.59 -54.19 130.77
C PHE C 332 39.17 -53.88 130.84
N GLU C 333 38.55 -54.48 131.83
CA GLU C 333 37.13 -54.46 131.93
C GLU C 333 36.69 -53.06 132.13
N ARG C 334 37.50 -52.46 132.99
CA ARG C 334 37.43 -51.12 133.35
C ARG C 334 37.60 -50.29 132.16
N GLU C 335 38.54 -50.67 131.29
CA GLU C 335 38.77 -49.91 130.13
C GLU C 335 37.52 -49.81 129.37
N LYS C 336 36.90 -50.94 129.34
CA LYS C 336 36.00 -51.13 128.34
C LYS C 336 34.89 -50.22 128.17
N VAL C 337 34.32 -49.83 129.26
CA VAL C 337 33.20 -48.96 129.32
C VAL C 337 33.47 -47.67 128.65
N GLU C 338 34.67 -47.18 128.90
CA GLU C 338 35.17 -45.90 128.64
C GLU C 338 35.21 -45.74 127.17
N ASP C 339 35.59 -46.81 126.46
CA ASP C 339 35.81 -46.76 125.03
C ASP C 339 34.55 -46.32 124.38
N PHE C 340 33.51 -46.90 124.91
CA PHE C 340 32.24 -46.88 124.35
C PHE C 340 31.57 -45.76 124.77
N LYS C 341 32.01 -45.20 125.86
CA LYS C 341 31.40 -44.10 126.43
C LYS C 341 31.57 -43.03 125.46
N SER C 342 32.80 -42.97 125.03
CA SER C 342 33.18 -42.11 124.00
C SER C 342 32.46 -42.49 122.74
N GLY C 343 32.37 -43.80 122.47
CA GLY C 343 31.59 -44.29 121.40
C GLY C 343 30.25 -43.65 121.32
N VAL C 344 29.57 -43.72 122.45
CA VAL C 344 28.25 -43.38 122.81
C VAL C 344 28.12 -41.97 122.60
N GLU C 345 29.13 -41.25 122.96
CA GLU C 345 29.23 -39.88 122.72
C GLU C 345 29.18 -39.59 121.27
N THR C 346 29.85 -40.39 120.42
CA THR C 346 29.88 -40.07 119.00
C THR C 346 28.55 -40.14 118.44
N PHE C 347 27.86 -41.12 118.95
CA PHE C 347 26.52 -41.20 118.67
C PHE C 347 25.70 -40.03 119.12
N LEU C 348 25.92 -39.60 120.35
CA LEU C 348 25.00 -38.73 121.00
C LEU C 348 24.84 -37.49 120.25
N GLU C 349 25.99 -37.00 119.93
CA GLU C 349 26.23 -35.82 119.22
C GLU C 349 25.67 -35.90 117.86
N SER C 350 25.85 -37.06 117.21
CA SER C 350 25.42 -37.20 115.86
C SER C 350 23.96 -37.05 115.77
N ALA C 351 23.25 -37.58 116.76
CA ALA C 351 21.84 -37.42 116.86
C ALA C 351 21.32 -36.04 117.09
N VAL C 352 21.90 -35.30 118.05
CA VAL C 352 21.38 -34.00 118.37
C VAL C 352 21.55 -33.11 117.19
N GLU C 353 22.71 -33.27 116.58
CA GLU C 353 23.12 -32.61 115.41
C GLU C 353 22.30 -32.91 114.30
N ALA C 354 21.87 -34.14 114.20
CA ALA C 354 20.96 -34.55 113.20
C ALA C 354 19.70 -33.77 113.28
N GLN C 355 19.19 -33.55 114.50
CA GLN C 355 17.96 -32.83 114.66
C GLN C 355 18.23 -31.42 114.33
N LYS C 356 19.46 -30.98 114.59
CA LYS C 356 19.87 -29.73 114.10
C LYS C 356 19.87 -29.62 112.63
N GLU C 357 20.35 -30.65 111.92
CA GLU C 357 20.48 -30.73 110.51
C GLU C 357 19.17 -30.54 109.89
N LEU C 358 18.18 -31.17 110.48
CA LEU C 358 16.87 -30.88 110.08
C LEU C 358 16.48 -29.49 110.31
N ILE C 359 16.84 -28.91 111.44
CA ILE C 359 16.43 -27.58 111.73
C ILE C 359 16.93 -26.59 110.76
N GLU C 360 18.19 -26.67 110.35
CA GLU C 360 18.59 -25.79 109.28
C GLU C 360 17.85 -26.04 108.05
N LYS C 361 17.60 -27.34 107.74
CA LYS C 361 16.86 -27.65 106.56
C LYS C 361 15.53 -26.98 106.65
N TRP C 362 14.91 -26.98 107.83
CA TRP C 362 13.73 -26.25 108.04
C TRP C 362 13.89 -24.79 107.81
N GLU C 363 14.96 -24.20 108.35
CA GLU C 363 15.00 -22.77 108.42
C GLU C 363 14.89 -22.19 107.08
N THR C 364 15.62 -22.81 106.19
CA THR C 364 15.63 -22.59 104.80
C THR C 364 14.34 -22.68 104.12
N PHE C 365 13.50 -23.62 104.49
CA PHE C 365 12.34 -23.90 103.70
C PHE C 365 11.22 -23.18 104.30
N LEU C 366 11.42 -22.60 105.50
CA LEU C 366 10.62 -21.50 105.97
C LEU C 366 10.95 -20.35 105.10
N MET C 367 12.26 -20.21 104.82
CA MET C 367 12.80 -19.15 104.03
C MET C 367 12.41 -19.38 102.61
N GLN C 368 11.93 -20.58 102.28
CA GLN C 368 11.09 -20.78 101.14
C GLN C 368 9.66 -20.61 101.64
N ALA D 1 -26.17 -31.62 98.88
CA ALA D 1 -26.76 -32.96 98.88
C ALA D 1 -25.84 -33.91 98.18
N ARG D 2 -25.49 -33.61 96.91
CA ARG D 2 -24.58 -34.44 96.16
C ARG D 2 -23.26 -34.63 96.81
N PRO D 3 -22.47 -33.65 97.10
CA PRO D 3 -21.33 -33.86 97.94
C PRO D 3 -21.80 -34.13 99.36
N THR D 4 -23.01 -33.68 99.76
CA THR D 4 -23.55 -33.78 101.10
C THR D 4 -24.30 -35.06 101.32
N PHE D 5 -23.47 -36.08 101.28
CA PHE D 5 -23.70 -37.46 101.27
C PHE D 5 -22.71 -37.82 102.32
N HIS D 6 -23.05 -38.65 103.33
CA HIS D 6 -22.18 -38.91 104.46
C HIS D 6 -22.03 -40.42 104.57
N ILE D 7 -20.79 -40.89 104.68
CA ILE D 7 -20.47 -42.28 104.40
C ILE D 7 -19.55 -42.71 105.47
N THR D 8 -19.88 -43.84 106.13
CA THR D 8 -18.95 -44.41 107.03
C THR D 8 -18.92 -45.77 106.43
N VAL D 9 -17.72 -46.36 106.39
CA VAL D 9 -17.50 -47.68 105.88
C VAL D 9 -16.85 -48.26 107.08
N GLY D 10 -17.45 -49.26 107.70
CA GLY D 10 -16.97 -49.65 108.99
C GLY D 10 -17.10 -51.08 109.01
N ASP D 11 -17.14 -51.57 110.24
CA ASP D 11 -17.62 -52.86 110.60
C ASP D 11 -16.99 -53.93 109.80
N PRO D 12 -15.77 -54.28 110.10
CA PRO D 12 -14.97 -55.00 109.18
C PRO D 12 -15.30 -56.42 109.48
N HIS D 13 -16.42 -56.90 108.91
CA HIS D 13 -16.96 -58.21 109.03
C HIS D 13 -16.12 -58.89 108.09
N LYS D 14 -14.92 -59.21 108.56
CA LYS D 14 -13.93 -59.64 107.67
C LYS D 14 -14.16 -61.04 107.86
N VAL D 15 -14.70 -61.63 106.78
CA VAL D 15 -14.97 -63.01 106.79
C VAL D 15 -13.62 -63.59 106.92
N GLY D 16 -13.49 -64.47 107.93
CA GLY D 16 -12.26 -65.14 108.38
C GLY D 16 -11.68 -65.95 107.28
N ASP D 17 -10.37 -66.25 107.34
CA ASP D 17 -9.55 -66.97 106.36
C ASP D 17 -10.21 -67.94 105.37
N LEU D 18 -9.72 -67.86 104.10
CA LEU D 18 -10.01 -68.74 102.98
C LEU D 18 -8.83 -68.56 102.07
N ALA D 19 -7.97 -67.54 102.34
CA ALA D 19 -6.82 -67.10 101.57
C ALA D 19 -7.25 -66.18 100.45
N THR D 20 -8.48 -65.62 100.52
CA THR D 20 -9.06 -64.85 99.45
C THR D 20 -10.33 -64.19 99.97
N SER D 21 -10.63 -64.41 101.26
CA SER D 21 -11.84 -64.03 101.97
C SER D 21 -12.15 -62.52 101.98
N HIS D 22 -13.46 -62.17 102.12
CA HIS D 22 -13.83 -60.93 101.58
C HIS D 22 -14.54 -60.33 102.72
N ILE D 23 -14.07 -59.13 103.01
CA ILE D 23 -14.47 -58.28 104.07
C ILE D 23 -15.71 -57.65 103.64
N VAL D 24 -16.57 -57.49 104.62
CA VAL D 24 -17.85 -57.05 104.35
C VAL D 24 -17.84 -55.98 105.34
N TYR D 25 -18.30 -54.84 104.85
CA TYR D 25 -18.21 -53.62 105.55
C TYR D 25 -19.59 -53.21 105.69
N SER D 26 -19.96 -52.63 106.83
CA SER D 26 -21.07 -51.72 106.80
C SER D 26 -20.74 -50.60 105.86
N VAL D 27 -21.74 -50.17 105.12
CA VAL D 27 -21.61 -49.01 104.36
C VAL D 27 -22.75 -48.37 104.93
N ARG D 28 -22.54 -47.28 105.62
CA ARG D 28 -23.58 -46.55 106.17
C ARG D 28 -23.45 -45.40 105.34
N THR D 29 -24.58 -45.04 104.81
CA THR D 29 -24.73 -43.87 104.10
C THR D 29 -25.53 -43.23 105.15
N LYS D 30 -25.22 -42.04 105.62
CA LYS D 30 -26.10 -41.18 106.34
C LYS D 30 -26.06 -40.20 105.26
N THR D 31 -27.15 -39.67 104.79
CA THR D 31 -27.02 -38.90 103.62
C THR D 31 -28.14 -38.01 103.77
N THR D 32 -27.82 -36.74 103.56
CA THR D 32 -28.81 -35.74 103.46
C THR D 32 -29.04 -35.57 102.01
N SER D 33 -28.28 -36.32 101.19
CA SER D 33 -28.40 -36.22 99.77
C SER D 33 -29.77 -36.67 99.42
N LYS D 34 -30.34 -35.98 98.42
CA LYS D 34 -31.62 -36.27 97.85
C LYS D 34 -31.31 -37.10 96.63
N ALA D 35 -30.03 -37.53 96.45
CA ALA D 35 -29.64 -38.57 95.52
C ALA D 35 -29.50 -39.86 96.27
N TYR D 36 -29.94 -39.90 97.56
CA TYR D 36 -29.95 -41.11 98.31
C TYR D 36 -31.14 -41.09 99.20
N LYS D 37 -32.03 -42.05 98.88
CA LYS D 37 -33.34 -42.37 99.41
C LYS D 37 -33.40 -42.16 100.90
N GLN D 38 -32.75 -43.10 101.59
CA GLN D 38 -32.60 -43.24 102.98
C GLN D 38 -31.83 -42.07 103.48
N PRO D 39 -32.19 -41.37 104.53
CA PRO D 39 -31.26 -40.54 105.26
C PRO D 39 -30.22 -41.37 105.94
N GLU D 40 -30.44 -42.68 106.21
CA GLU D 40 -29.37 -43.54 106.63
C GLU D 40 -29.72 -44.84 106.02
N PHE D 41 -28.73 -45.51 105.42
CA PHE D 41 -28.90 -46.88 105.18
C PHE D 41 -27.61 -47.47 105.43
N GLU D 42 -27.66 -48.70 105.92
CA GLU D 42 -26.50 -49.49 105.97
C GLU D 42 -26.63 -50.71 105.20
N VAL D 43 -25.60 -51.02 104.42
CA VAL D 43 -25.59 -52.20 103.63
C VAL D 43 -24.33 -52.79 104.01
N LYS D 44 -24.06 -54.03 103.60
CA LYS D 44 -22.93 -54.69 104.14
C LYS D 44 -22.31 -55.35 103.04
N ARG D 45 -21.51 -54.57 102.33
CA ARG D 45 -21.05 -54.99 101.07
C ARG D 45 -19.81 -55.65 101.17
N ARG D 46 -19.59 -56.54 100.21
CA ARG D 46 -18.45 -57.36 100.16
C ARG D 46 -17.76 -56.94 98.95
N TYR D 47 -16.46 -57.21 98.96
CA TYR D 47 -15.49 -56.61 98.09
C TYR D 47 -15.86 -56.67 96.63
N ARG D 48 -16.35 -57.84 96.28
CA ARG D 48 -16.76 -58.24 94.97
C ARG D 48 -17.88 -57.42 94.43
N ASP D 49 -18.80 -57.02 95.32
CA ASP D 49 -19.94 -56.26 94.97
C ASP D 49 -19.54 -54.92 94.54
N PHE D 50 -18.66 -54.32 95.33
CA PHE D 50 -18.12 -53.04 95.03
C PHE D 50 -17.33 -52.92 93.82
N LEU D 51 -16.49 -53.93 93.54
CA LEU D 51 -15.63 -53.85 92.42
C LEU D 51 -16.39 -53.84 91.20
N TRP D 52 -17.39 -54.73 91.17
CA TRP D 52 -18.35 -54.73 90.16
C TRP D 52 -18.99 -53.42 90.11
N LEU D 53 -19.45 -52.91 91.24
CA LEU D 53 -20.23 -51.74 91.28
C LEU D 53 -19.48 -50.63 90.69
N TYR D 54 -18.22 -50.57 91.02
CA TYR D 54 -17.32 -49.60 90.62
C TYR D 54 -17.25 -49.59 89.13
N ASN D 55 -17.21 -50.78 88.59
CA ASN D 55 -17.28 -51.07 87.21
C ASN D 55 -18.58 -50.61 86.70
N THR D 56 -19.68 -50.77 87.41
CA THR D 56 -20.99 -50.37 87.00
C THR D 56 -21.01 -48.94 86.78
N LEU D 57 -20.40 -48.18 87.69
CA LEU D 57 -20.29 -46.75 87.61
C LEU D 57 -19.56 -46.47 86.38
N HIS D 58 -18.56 -47.30 86.10
CA HIS D 58 -17.83 -47.19 84.91
C HIS D 58 -18.74 -47.34 83.73
N SER D 59 -19.63 -48.31 83.79
CA SER D 59 -20.53 -48.71 82.75
C SER D 59 -21.66 -47.77 82.48
N ASN D 60 -22.01 -46.87 83.40
CA ASN D 60 -23.25 -46.16 83.20
C ASN D 60 -22.92 -44.79 82.85
N ASN D 61 -21.61 -44.54 82.87
CA ASN D 61 -21.12 -43.24 82.77
C ASN D 61 -20.10 -43.44 81.68
N PRO D 62 -20.38 -42.98 80.46
CA PRO D 62 -19.69 -43.40 79.22
C PRO D 62 -18.29 -42.92 78.95
N GLY D 63 -17.76 -42.07 79.80
CA GLY D 63 -16.47 -41.50 79.62
C GLY D 63 -16.36 -40.76 80.86
N VAL D 64 -17.56 -40.27 81.27
CA VAL D 64 -17.95 -39.69 82.51
C VAL D 64 -17.47 -40.63 83.55
N VAL D 65 -16.48 -40.10 84.27
CA VAL D 65 -15.50 -40.67 85.13
C VAL D 65 -15.96 -41.83 85.96
N VAL D 66 -14.95 -42.41 86.57
CA VAL D 66 -15.05 -43.46 87.48
C VAL D 66 -13.66 -43.44 87.96
N PRO D 67 -13.54 -43.11 89.24
CA PRO D 67 -12.26 -42.83 89.79
C PRO D 67 -11.71 -44.18 90.01
N PRO D 68 -10.60 -44.26 90.55
CA PRO D 68 -10.05 -45.93 91.30
C PRO D 68 -11.22 -46.69 92.16
N PRO D 69 -11.29 -48.02 92.31
CA PRO D 69 -12.24 -48.84 93.13
C PRO D 69 -12.15 -48.92 94.67
N PRO D 70 -12.78 -49.90 95.39
CA PRO D 70 -12.25 -50.58 96.59
C PRO D 70 -10.90 -51.20 96.32
N GLU D 71 -9.97 -51.18 97.28
CA GLU D 71 -8.62 -51.69 97.17
C GLU D 71 -8.44 -53.11 96.85
N LYS D 72 -7.53 -53.28 95.85
CA LYS D 72 -6.86 -54.42 95.29
C LYS D 72 -6.07 -55.24 96.22
N GLN D 73 -6.23 -56.54 95.98
CA GLN D 73 -5.59 -57.56 96.70
C GLN D 73 -4.44 -57.99 95.84
N ALA D 74 -4.35 -57.50 94.57
CA ALA D 74 -3.23 -57.58 93.66
C ALA D 74 -1.89 -57.15 94.17
N VAL D 75 -1.82 -56.75 95.44
CA VAL D 75 -0.59 -56.57 96.14
C VAL D 75 -0.99 -56.76 97.56
N GLY D 76 -2.29 -56.47 97.87
CA GLY D 76 -2.90 -56.61 99.17
C GLY D 76 -2.86 -58.03 99.57
N ARG D 77 -3.01 -58.30 100.87
CA ARG D 77 -3.07 -59.67 101.30
C ARG D 77 -4.47 -59.81 101.63
N PHE D 78 -4.77 -59.50 102.88
CA PHE D 78 -6.09 -59.49 103.37
C PHE D 78 -5.95 -58.67 104.62
N GLU D 79 -4.81 -57.96 104.73
CA GLU D 79 -4.36 -57.25 105.88
C GLU D 79 -5.36 -56.25 106.30
N SER D 80 -5.49 -55.96 107.61
CA SER D 80 -6.45 -55.00 108.14
C SER D 80 -6.28 -53.70 107.45
N ASN D 81 -5.01 -53.40 107.19
CA ASN D 81 -4.51 -52.29 106.48
C ASN D 81 -4.92 -52.32 105.06
N PHE D 82 -4.83 -53.48 104.41
CA PHE D 82 -5.17 -53.70 103.05
C PHE D 82 -6.65 -53.54 102.87
N VAL D 83 -7.41 -54.14 103.76
CA VAL D 83 -8.81 -54.12 103.77
C VAL D 83 -9.20 -52.75 104.10
N GLU D 84 -8.43 -52.08 104.96
CA GLU D 84 -8.62 -50.71 105.26
C GLU D 84 -8.41 -49.97 104.01
N SER D 85 -7.41 -50.30 103.23
CA SER D 85 -7.19 -49.62 102.02
C SER D 85 -8.36 -49.78 101.17
N ARG D 86 -8.96 -50.95 101.19
CA ARG D 86 -10.11 -51.20 100.45
C ARG D 86 -11.26 -50.40 100.84
N ARG D 87 -11.45 -50.30 102.14
CA ARG D 87 -12.43 -49.59 102.87
C ARG D 87 -12.33 -48.15 102.53
N ALA D 88 -11.11 -47.66 102.60
CA ALA D 88 -10.70 -46.35 102.27
C ALA D 88 -10.91 -46.09 100.83
N ALA D 89 -10.58 -47.07 99.99
CA ALA D 89 -10.55 -46.94 98.58
C ALA D 89 -11.86 -46.75 98.05
N LEU D 90 -12.75 -47.48 98.69
CA LEU D 90 -14.11 -47.26 98.54
C LEU D 90 -14.48 -45.99 99.05
N GLU D 91 -14.01 -45.63 100.24
CA GLU D 91 -14.52 -44.48 100.88
C GLU D 91 -14.30 -43.34 100.04
N LYS D 92 -13.12 -43.27 99.52
CA LYS D 92 -12.67 -42.33 98.61
C LYS D 92 -13.40 -42.32 97.35
N MET D 93 -13.61 -43.51 96.78
CA MET D 93 -14.15 -43.66 95.48
C MET D 93 -15.50 -43.12 95.52
N LEU D 94 -16.19 -43.55 96.57
CA LEU D 94 -17.49 -43.21 96.96
C LEU D 94 -17.63 -41.80 97.29
N ASN D 95 -16.67 -41.27 98.01
CA ASN D 95 -16.68 -39.94 98.50
C ASN D 95 -16.78 -39.02 97.37
N LYS D 96 -15.90 -39.29 96.42
CA LYS D 96 -15.78 -38.41 95.32
C LYS D 96 -16.92 -38.42 94.45
N ILE D 97 -17.35 -39.66 94.19
CA ILE D 97 -18.44 -39.91 93.34
C ILE D 97 -19.60 -39.32 93.92
N ALA D 98 -19.77 -39.33 95.24
CA ALA D 98 -20.86 -38.62 95.77
C ALA D 98 -20.73 -37.15 95.55
N ALA D 99 -19.53 -36.59 95.65
CA ALA D 99 -19.40 -35.20 95.34
C ALA D 99 -19.16 -34.98 93.93
N HIS D 100 -19.65 -35.89 93.10
CA HIS D 100 -19.85 -35.68 91.74
C HIS D 100 -21.23 -36.05 91.62
N PRO D 101 -22.11 -35.22 91.30
CA PRO D 101 -23.49 -35.62 91.30
C PRO D 101 -23.84 -36.85 90.46
N THR D 102 -23.26 -37.04 89.25
CA THR D 102 -23.56 -38.13 88.31
C THR D 102 -23.30 -39.55 88.70
N LEU D 103 -22.11 -39.84 89.25
CA LEU D 103 -21.72 -41.17 89.60
C LEU D 103 -22.48 -41.58 90.80
N GLN D 104 -22.83 -40.56 91.59
CA GLN D 104 -23.69 -40.67 92.72
C GLN D 104 -25.12 -40.98 92.33
N LEU D 105 -25.47 -40.75 91.05
CA LEU D 105 -26.79 -41.00 90.57
C LEU D 105 -26.98 -42.37 90.09
N ASP D 106 -25.94 -43.22 90.01
CA ASP D 106 -26.16 -44.56 89.55
C ASP D 106 -27.16 -45.24 90.49
N ALA D 107 -28.27 -45.73 89.91
CA ALA D 107 -29.41 -46.24 90.61
C ALA D 107 -29.06 -47.48 91.32
N ASP D 108 -28.14 -48.28 90.72
CA ASP D 108 -27.66 -49.49 91.30
C ASP D 108 -27.04 -49.09 92.56
N LEU D 109 -26.24 -48.03 92.50
CA LEU D 109 -25.56 -47.46 93.60
C LEU D 109 -26.48 -46.96 94.65
N LYS D 110 -27.63 -46.36 94.30
CA LYS D 110 -28.55 -46.00 95.33
C LYS D 110 -29.05 -47.15 96.05
N LEU D 111 -29.48 -48.15 95.31
CA LEU D 111 -29.96 -49.37 95.84
C LEU D 111 -28.90 -50.11 96.58
N PHE D 112 -27.67 -50.11 96.10
CA PHE D 112 -26.52 -50.72 96.65
C PHE D 112 -26.18 -50.26 98.03
N LEU D 113 -26.28 -48.95 98.27
CA LEU D 113 -25.78 -48.28 99.44
C LEU D 113 -26.85 -48.19 100.42
N GLU D 114 -28.06 -48.31 99.84
CA GLU D 114 -29.25 -48.12 100.53
C GLU D 114 -30.05 -49.32 100.58
N SER D 115 -29.43 -50.47 100.29
CA SER D 115 -30.03 -51.75 100.48
C SER D 115 -28.87 -52.68 100.59
N GLU D 116 -28.90 -53.66 101.53
CA GLU D 116 -27.96 -54.75 101.53
C GLU D 116 -28.56 -55.91 100.81
N SER D 117 -28.06 -56.24 99.60
CA SER D 117 -28.28 -57.53 99.01
C SER D 117 -27.27 -57.79 97.96
N PHE D 118 -26.42 -56.78 97.74
CA PHE D 118 -25.31 -56.71 96.87
C PHE D 118 -25.77 -56.16 95.58
N ASN D 119 -24.78 -55.80 94.75
CA ASN D 119 -24.91 -54.99 93.57
C ASN D 119 -25.72 -55.68 92.55
N ILE D 120 -25.57 -57.01 92.62
CA ILE D 120 -26.09 -57.95 91.70
C ILE D 120 -27.57 -57.96 91.58
N ASP D 121 -28.28 -58.10 92.70
CA ASP D 121 -29.70 -58.35 92.55
C ASP D 121 -30.39 -57.08 92.33
N VAL D 122 -29.72 -56.01 92.73
CA VAL D 122 -30.03 -54.66 92.43
C VAL D 122 -29.94 -54.44 90.97
N LYS D 123 -28.88 -54.99 90.38
CA LYS D 123 -28.66 -54.80 89.00
C LYS D 123 -29.59 -55.53 88.10
N HIS D 124 -30.19 -56.63 88.54
CA HIS D 124 -31.24 -57.17 87.73
C HIS D 124 -32.39 -56.33 87.76
N LYS D 125 -32.74 -55.99 89.00
CA LYS D 125 -33.93 -55.30 89.32
C LYS D 125 -34.04 -54.02 88.62
N GLU D 126 -32.95 -53.27 88.53
CA GLU D 126 -33.01 -52.05 87.81
C GLU D 126 -33.31 -52.09 86.34
N ARG D 127 -32.77 -52.96 85.45
CA ARG D 127 -33.20 -52.81 84.05
C ARG D 127 -34.49 -53.50 83.77
N LYS D 128 -35.27 -53.67 84.85
CA LYS D 128 -36.49 -54.39 84.96
C LYS D 128 -36.26 -55.77 84.47
N GLU D 129 -35.30 -56.47 85.12
CA GLU D 129 -34.95 -57.78 84.65
C GLU D 129 -34.18 -58.54 85.73
N ASN D 149 -8.74 -22.42 66.19
CA ASN D 149 -7.58 -23.34 66.37
C ASN D 149 -7.31 -24.27 65.22
N LYS D 150 -6.66 -25.36 65.40
CA LYS D 150 -6.45 -26.33 64.39
C LYS D 150 -6.82 -27.60 65.02
N PHE D 151 -7.03 -28.62 64.11
CA PHE D 151 -7.31 -29.92 64.41
C PHE D 151 -6.01 -30.42 65.17
N VAL D 152 -4.80 -29.95 64.73
CA VAL D 152 -3.47 -30.19 65.25
C VAL D 152 -3.45 -29.64 66.66
N GLU D 153 -3.87 -28.39 66.97
CA GLU D 153 -3.80 -27.81 68.29
C GLU D 153 -4.62 -28.57 69.31
N GLN D 154 -5.86 -29.07 68.94
CA GLN D 154 -6.70 -29.92 69.72
C GLN D 154 -6.10 -31.26 69.94
N ASP D 155 -5.48 -31.94 68.93
CA ASP D 155 -4.82 -33.27 69.01
C ASP D 155 -3.63 -33.03 69.96
N ASP D 156 -2.98 -31.84 69.85
CA ASP D 156 -1.77 -31.54 70.57
C ASP D 156 -1.83 -31.61 72.01
N TRP D 157 -2.89 -30.98 72.70
CA TRP D 157 -3.12 -30.93 74.12
C TRP D 157 -3.37 -32.27 74.63
N PHE D 158 -4.08 -33.08 73.86
CA PHE D 158 -4.39 -34.44 74.21
C PHE D 158 -3.18 -35.26 74.26
N HIS D 159 -2.31 -35.15 73.20
CA HIS D 159 -1.06 -35.91 73.15
C HIS D 159 -0.06 -35.48 74.17
N ASP D 160 0.03 -34.18 74.44
CA ASP D 160 0.88 -33.52 75.40
C ASP D 160 0.59 -34.08 76.71
N ARG D 161 -0.67 -34.11 77.01
CA ARG D 161 -1.25 -34.65 78.21
C ARG D 161 -1.01 -36.01 78.40
N ARG D 162 -1.18 -36.89 77.39
CA ARG D 162 -0.95 -38.30 77.47
C ARG D 162 0.38 -38.71 77.79
N VAL D 163 1.23 -38.12 77.02
CA VAL D 163 2.66 -38.26 77.20
C VAL D 163 3.23 -37.83 78.54
N TYR D 164 2.82 -36.64 79.12
CA TYR D 164 3.38 -36.30 80.43
C TYR D 164 2.98 -37.26 81.51
N LEU D 165 1.73 -37.67 81.49
CA LEU D 165 1.22 -38.47 82.58
C LEU D 165 1.60 -39.86 82.37
N ASP D 166 2.05 -40.23 81.13
CA ASP D 166 2.67 -41.49 80.84
C ASP D 166 4.12 -41.63 81.44
N ALA D 167 4.88 -40.52 81.31
CA ALA D 167 6.15 -40.33 81.89
C ALA D 167 6.06 -40.31 83.41
N LEU D 168 5.04 -39.54 83.92
CA LEU D 168 4.84 -39.39 85.32
C LEU D 168 4.45 -40.74 85.91
N GLU D 169 3.60 -41.52 85.16
CA GLU D 169 3.20 -42.86 85.57
C GLU D 169 4.47 -43.75 85.77
N ASN D 170 5.43 -43.74 84.88
CA ASN D 170 6.58 -44.65 84.90
C ASN D 170 7.33 -44.20 86.14
N GLN D 171 7.45 -42.83 86.36
CA GLN D 171 8.05 -42.27 87.62
C GLN D 171 7.36 -42.75 88.83
N LEU D 172 6.03 -42.76 88.85
CA LEU D 172 5.19 -43.15 90.00
C LEU D 172 5.33 -44.59 90.26
N LYS D 173 5.48 -45.43 89.23
CA LYS D 173 5.84 -46.81 89.33
C LYS D 173 7.22 -47.00 89.90
N ALA D 174 8.27 -46.21 89.51
CA ALA D 174 9.57 -46.19 90.16
C ALA D 174 9.56 -45.69 91.61
N LEU D 175 8.81 -44.59 91.95
CA LEU D 175 8.61 -44.04 93.28
C LEU D 175 7.94 -45.07 94.12
N LEU D 176 6.90 -45.80 93.59
CA LEU D 176 6.22 -46.90 94.33
C LEU D 176 7.05 -47.99 94.84
N LYS D 177 7.95 -48.41 93.88
CA LYS D 177 8.94 -49.42 94.22
C LYS D 177 10.05 -48.86 95.04
N ALA D 178 10.21 -47.50 95.03
CA ALA D 178 11.16 -46.88 95.98
C ALA D 178 10.69 -47.11 97.41
N MET D 179 9.38 -46.87 97.70
CA MET D 179 8.72 -47.05 98.96
C MET D 179 8.89 -48.48 99.52
N ASP D 180 8.78 -49.48 98.61
CA ASP D 180 8.91 -50.88 98.93
C ASP D 180 10.20 -51.18 99.53
N ASN D 181 11.31 -50.55 98.88
CA ASN D 181 12.68 -50.62 99.26
C ASN D 181 12.79 -50.03 100.63
N MET D 182 12.22 -48.81 100.85
CA MET D 182 12.32 -48.14 102.10
C MET D 182 11.79 -48.88 103.25
N VAL D 183 10.67 -49.70 103.07
CA VAL D 183 10.11 -50.53 104.08
C VAL D 183 11.06 -51.68 104.33
N ALA D 184 11.66 -52.32 103.26
CA ALA D 184 12.65 -53.43 103.33
C ALA D 184 13.90 -52.95 104.02
N GLN D 185 14.31 -51.72 103.77
CA GLN D 185 15.43 -51.07 104.33
C GLN D 185 15.04 -50.39 105.65
N ARG D 186 14.09 -50.99 106.34
CA ARG D 186 13.88 -50.68 107.72
C ARG D 186 14.21 -51.92 108.52
N LYS D 187 14.58 -53.02 107.84
CA LYS D 187 14.79 -54.38 108.33
C LYS D 187 16.20 -54.59 108.45
N ALA D 188 16.72 -54.86 109.64
CA ALA D 188 18.10 -54.94 109.94
C ALA D 188 19.12 -53.86 109.84
N MET D 189 18.94 -52.67 110.53
CA MET D 189 17.97 -52.14 111.36
C MET D 189 17.35 -52.94 112.35
N ALA D 190 16.14 -53.46 112.10
CA ALA D 190 15.34 -54.02 113.04
C ALA D 190 15.92 -55.29 113.56
N GLU D 191 16.27 -56.29 112.72
CA GLU D 191 16.77 -57.55 113.11
C GLU D 191 18.14 -57.35 113.81
N ALA D 192 18.86 -56.29 113.26
CA ALA D 192 20.18 -55.88 113.82
C ALA D 192 20.03 -55.36 115.22
N ALA D 193 19.05 -54.48 115.49
CA ALA D 193 19.01 -53.87 116.79
C ALA D 193 18.29 -54.77 117.71
N ALA D 194 17.56 -55.76 117.19
CA ALA D 194 16.99 -56.74 118.00
C ALA D 194 17.89 -57.77 118.53
N ASP D 195 19.08 -57.99 117.83
CA ASP D 195 20.05 -58.97 118.23
C ASP D 195 21.18 -58.13 118.90
N PHE D 196 21.35 -56.78 118.60
CA PHE D 196 22.23 -55.92 119.32
C PHE D 196 21.79 -55.76 120.79
N SER D 197 20.44 -55.60 121.04
CA SER D 197 19.86 -55.69 122.42
C SER D 197 20.14 -56.98 123.10
N ALA D 198 19.95 -58.14 122.44
CA ALA D 198 20.15 -59.39 123.04
C ALA D 198 21.57 -59.50 123.33
N SER D 199 22.50 -59.04 122.43
CA SER D 199 23.90 -59.14 122.66
C SER D 199 24.31 -58.46 123.90
N LEU D 200 23.90 -57.20 124.10
CA LEU D 200 24.24 -56.44 125.30
C LEU D 200 23.62 -57.08 126.57
N HIS D 201 22.30 -57.51 126.46
CA HIS D 201 21.59 -58.14 127.55
C HIS D 201 22.23 -59.41 128.10
N ALA D 202 22.72 -60.20 127.19
CA ALA D 202 23.21 -61.50 127.43
C ALA D 202 24.33 -61.54 128.43
N LEU D 203 25.24 -60.59 128.28
CA LEU D 203 26.38 -60.55 129.10
C LEU D 203 26.06 -59.80 130.40
N SER D 204 24.92 -59.09 130.43
CA SER D 204 24.59 -58.46 131.68
C SER D 204 23.99 -59.42 132.72
N THR D 205 23.53 -60.59 132.28
CA THR D 205 22.98 -61.62 133.17
C THR D 205 24.07 -62.56 133.64
N VAL D 206 25.30 -62.59 133.00
CA VAL D 206 26.29 -63.57 133.26
C VAL D 206 27.41 -62.90 134.00
N GLU D 207 27.54 -61.58 133.92
CA GLU D 207 28.54 -60.83 134.62
C GLU D 207 27.96 -60.41 135.95
N LEU D 208 28.77 -60.46 136.98
CA LEU D 208 28.36 -60.47 138.34
C LEU D 208 28.84 -59.23 138.96
N SER D 209 29.31 -58.26 138.20
CA SER D 209 29.75 -56.96 138.69
C SER D 209 28.63 -55.97 138.38
N PRO D 210 27.94 -55.51 139.37
CA PRO D 210 26.63 -54.86 139.28
C PRO D 210 26.77 -53.62 138.46
N THR D 211 27.88 -52.87 138.61
CA THR D 211 28.04 -51.48 138.12
C THR D 211 28.69 -51.56 136.77
N LEU D 212 28.84 -52.70 136.15
CA LEU D 212 29.26 -52.77 134.79
C LEU D 212 28.23 -53.48 133.91
N SER D 213 27.60 -54.48 134.54
CA SER D 213 26.49 -55.23 134.01
C SER D 213 25.30 -54.39 133.72
N GLY D 214 24.95 -53.55 134.76
CA GLY D 214 23.94 -52.50 134.75
C GLY D 214 24.14 -51.59 133.57
N PRO D 215 25.32 -50.89 133.24
CA PRO D 215 25.46 -50.01 132.09
C PRO D 215 25.27 -50.78 130.84
N LEU D 216 25.71 -52.04 130.82
CA LEU D 216 25.63 -52.84 129.62
C LEU D 216 24.18 -53.04 129.25
N ASP D 217 23.44 -53.29 130.34
CA ASP D 217 22.00 -53.37 130.40
C ASP D 217 21.29 -52.11 129.95
N ALA D 218 21.81 -50.93 130.34
CA ALA D 218 21.26 -49.67 129.90
C ALA D 218 21.38 -49.46 128.39
N LEU D 219 22.56 -49.82 127.85
CA LEU D 219 22.75 -49.81 126.38
C LEU D 219 21.89 -50.86 125.66
N SER D 220 21.55 -52.07 126.28
CA SER D 220 20.57 -53.05 125.79
C SER D 220 19.29 -52.30 125.56
N GLU D 221 18.86 -51.47 126.55
CA GLU D 221 17.63 -50.68 126.47
C GLU D 221 17.57 -49.75 125.33
N LEU D 222 18.69 -48.96 125.08
CA LEU D 222 18.74 -48.02 123.94
C LEU D 222 18.49 -48.73 122.60
N GLN D 223 19.12 -49.85 122.33
CA GLN D 223 18.91 -50.59 121.05
C GLN D 223 17.61 -51.18 120.87
N LEU D 224 16.95 -51.76 121.92
CA LEU D 224 15.63 -52.31 121.77
C LEU D 224 14.65 -51.19 121.48
N ALA D 225 14.82 -50.05 122.20
CA ALA D 225 14.08 -48.87 121.98
C ALA D 225 14.27 -48.33 120.55
N ILE D 226 15.48 -48.29 119.97
CA ILE D 226 15.70 -47.88 118.59
C ILE D 226 15.10 -48.75 117.63
N ARG D 227 15.17 -50.09 117.81
CA ARG D 227 14.49 -51.01 116.93
C ARG D 227 13.02 -50.69 116.77
N ASP D 228 12.35 -50.48 117.87
CA ASP D 228 10.92 -50.27 117.83
C ASP D 228 10.54 -49.01 117.11
N VAL D 229 11.20 -47.92 117.48
CA VAL D 229 10.98 -46.61 116.96
C VAL D 229 11.22 -46.56 115.53
N TYR D 230 12.32 -47.25 115.01
CA TYR D 230 12.47 -47.32 113.58
C TYR D 230 11.39 -47.99 112.73
N GLU D 231 10.96 -49.15 113.32
CA GLU D 231 9.93 -49.96 112.70
C GLU D 231 8.61 -49.20 112.67
N ARG D 232 8.29 -48.47 113.74
CA ARG D 232 7.08 -47.68 113.88
C ARG D 232 7.05 -46.60 112.86
N GLN D 233 8.21 -45.98 112.57
CA GLN D 233 8.18 -44.93 111.54
C GLN D 233 7.92 -45.30 110.13
N ALA D 234 8.16 -46.59 109.76
CA ALA D 234 7.79 -46.99 108.45
C ALA D 234 6.26 -46.89 108.32
N GLN D 235 5.49 -47.30 109.36
CA GLN D 235 4.02 -47.19 109.33
C GLN D 235 3.51 -45.73 109.43
N GLN D 236 4.23 -44.76 110.12
CA GLN D 236 3.90 -43.34 110.07
C GLN D 236 4.04 -42.69 108.74
N ASP D 237 5.30 -42.72 108.18
CA ASP D 237 5.56 -41.77 107.13
C ASP D 237 5.59 -42.44 105.77
N VAL D 238 6.42 -43.48 105.65
CA VAL D 238 6.60 -44.26 104.34
C VAL D 238 5.33 -44.84 103.79
N LEU D 239 4.54 -45.46 104.68
CA LEU D 239 3.16 -46.08 104.38
C LEU D 239 2.28 -44.95 103.94
N THR D 240 2.27 -43.69 104.55
CA THR D 240 1.44 -42.58 104.14
C THR D 240 1.75 -42.31 102.68
N PHE D 241 3.00 -42.21 102.26
CA PHE D 241 3.37 -41.95 100.88
C PHE D 241 3.00 -43.12 100.01
N GLY D 242 3.19 -44.40 100.47
CA GLY D 242 2.89 -45.55 99.73
C GLY D 242 1.41 -45.71 99.42
N ILE D 243 0.51 -45.27 100.37
CA ILE D 243 -0.87 -45.15 100.08
C ILE D 243 -1.18 -44.06 98.99
N ILE D 244 -0.68 -42.79 99.16
CA ILE D 244 -1.06 -41.71 98.25
C ILE D 244 -0.55 -41.93 96.81
N ILE D 245 0.68 -42.50 96.58
CA ILE D 245 1.21 -42.92 95.34
C ILE D 245 0.34 -43.98 94.75
N GLU D 246 -0.15 -45.02 95.52
CA GLU D 246 -1.05 -46.12 95.09
C GLU D 246 -2.39 -45.62 94.60
N GLU D 247 -2.96 -44.63 95.31
CA GLU D 247 -4.17 -43.99 94.91
C GLU D 247 -4.07 -43.38 93.50
N TYR D 248 -2.97 -42.64 93.24
CA TYR D 248 -2.82 -41.89 92.04
C TYR D 248 -2.69 -42.82 90.89
N ILE D 249 -1.95 -43.96 90.95
CA ILE D 249 -1.70 -44.81 89.82
C ILE D 249 -3.05 -45.37 89.30
N ARG D 250 -4.03 -45.67 90.19
CA ARG D 250 -5.35 -46.03 89.80
C ARG D 250 -6.16 -45.00 89.07
N LEU D 251 -6.13 -43.74 89.66
CA LEU D 251 -6.79 -42.55 89.11
C LEU D 251 -6.14 -42.15 87.75
N ILE D 252 -4.81 -42.17 87.56
CA ILE D 252 -4.11 -41.91 86.32
C ILE D 252 -4.48 -42.96 85.42
N GLY D 253 -4.54 -44.21 85.94
CA GLY D 253 -5.08 -45.36 85.23
C GLY D 253 -6.45 -45.07 84.62
N SER D 254 -7.40 -44.52 85.41
CA SER D 254 -8.73 -44.17 85.08
C SER D 254 -8.93 -43.09 84.08
N VAL D 255 -8.15 -42.01 83.97
CA VAL D 255 -8.31 -41.03 82.94
C VAL D 255 -7.74 -41.55 81.70
N LYS D 256 -6.87 -42.61 81.71
CA LYS D 256 -6.51 -43.40 80.51
C LYS D 256 -7.69 -44.25 79.94
N GLN D 257 -8.46 -44.80 80.83
CA GLN D 257 -9.73 -45.43 80.39
C GLN D 257 -10.76 -44.47 79.75
N ALA D 258 -10.82 -43.25 80.36
CA ALA D 258 -11.55 -42.12 79.88
C ALA D 258 -11.14 -41.59 78.53
N PHE D 259 -9.79 -41.55 78.35
CA PHE D 259 -9.15 -41.11 77.12
C PHE D 259 -9.57 -42.04 75.99
N SER D 260 -9.59 -43.40 76.24
CA SER D 260 -9.96 -44.39 75.30
C SER D 260 -11.39 -44.26 74.86
N GLN D 261 -12.33 -43.89 75.73
CA GLN D 261 -13.72 -43.45 75.45
C GLN D 261 -13.80 -42.25 74.55
N ARG D 262 -12.92 -41.24 74.84
CA ARG D 262 -12.88 -40.07 73.93
C ARG D 262 -12.34 -40.42 72.54
N GLN D 263 -11.27 -41.27 72.37
CA GLN D 263 -10.73 -41.61 71.08
C GLN D 263 -11.79 -42.35 70.30
N LYS D 264 -12.61 -43.16 71.01
CA LYS D 264 -13.77 -43.87 70.49
C LYS D 264 -14.80 -42.89 69.96
N ALA D 265 -14.99 -41.78 70.71
CA ALA D 265 -15.88 -40.70 70.42
C ALA D 265 -15.47 -40.06 69.10
N PHE D 266 -14.11 -39.90 68.93
CA PHE D 266 -13.39 -39.49 67.76
C PHE D 266 -13.57 -40.47 66.59
N HIS D 267 -13.52 -41.82 66.88
CA HIS D 267 -13.68 -42.85 65.89
C HIS D 267 -15.04 -42.90 65.23
N SER D 268 -15.99 -42.79 66.10
CA SER D 268 -17.39 -42.71 65.72
C SER D 268 -17.75 -41.42 64.92
N TRP D 269 -17.20 -40.24 65.27
CA TRP D 269 -17.38 -39.02 64.50
C TRP D 269 -16.90 -39.11 63.14
N HIS D 270 -15.66 -39.63 63.04
CA HIS D 270 -14.99 -39.78 61.83
C HIS D 270 -15.71 -40.76 60.97
N SER D 271 -16.33 -41.88 61.47
CA SER D 271 -17.14 -42.70 60.76
C SER D 271 -18.35 -41.93 60.26
N ALA D 272 -18.96 -41.04 61.01
CA ALA D 272 -20.11 -40.27 60.66
C ALA D 272 -19.84 -39.39 59.47
N GLU D 273 -18.63 -38.74 59.53
CA GLU D 273 -18.09 -37.92 58.47
C GLU D 273 -17.83 -38.73 57.21
N SER D 274 -17.25 -39.96 57.32
CA SER D 274 -16.97 -40.76 56.14
C SER D 274 -18.18 -41.18 55.43
N GLU D 275 -19.16 -41.48 56.22
CA GLU D 275 -20.56 -41.90 55.86
C GLU D 275 -21.16 -40.74 55.13
N LEU D 276 -21.00 -39.49 55.65
CA LEU D 276 -21.50 -38.28 54.99
C LEU D 276 -21.04 -38.04 53.61
N MET D 277 -19.72 -38.20 53.38
CA MET D 277 -18.98 -38.07 52.14
C MET D 277 -19.39 -39.08 51.10
N LYS D 278 -19.63 -40.38 51.56
CA LYS D 278 -20.11 -41.52 50.74
C LYS D 278 -21.44 -41.24 50.17
N LYS D 279 -22.38 -40.78 51.01
CA LYS D 279 -23.72 -40.48 50.65
C LYS D 279 -23.74 -39.23 49.76
N LYS D 280 -22.97 -38.18 50.05
CA LYS D 280 -22.90 -36.97 49.22
C LYS D 280 -22.32 -37.38 47.88
N ALA D 281 -21.22 -38.23 47.84
CA ALA D 281 -20.58 -38.65 46.57
C ALA D 281 -21.55 -39.45 45.70
N ALA D 282 -22.39 -40.28 46.30
CA ALA D 282 -23.41 -40.97 45.57
C ALA D 282 -24.39 -40.09 44.88
N GLN D 283 -24.88 -38.99 45.59
CA GLN D 283 -25.78 -37.96 45.15
C GLN D 283 -25.26 -37.24 43.92
N ASP D 284 -23.97 -36.86 43.91
CA ASP D 284 -23.24 -36.23 42.81
C ASP D 284 -23.18 -37.05 41.57
N LYS D 285 -22.96 -38.36 41.74
CA LYS D 285 -23.04 -39.37 40.68
C LYS D 285 -24.41 -39.48 40.14
N LEU D 286 -25.51 -39.52 40.92
CA LEU D 286 -26.85 -39.60 40.41
C LEU D 286 -27.19 -38.42 39.59
N LEU D 287 -26.72 -37.23 40.01
CA LEU D 287 -26.75 -35.90 39.45
C LEU D 287 -26.10 -35.77 38.04
N ARG D 288 -24.98 -36.52 37.79
CA ARG D 288 -24.14 -36.47 36.56
C ARG D 288 -24.43 -37.71 35.84
N GLN D 289 -25.45 -38.52 36.16
CA GLN D 289 -26.12 -39.16 35.05
C GLN D 289 -26.93 -38.27 34.18
N GLY D 290 -27.65 -37.24 34.82
CA GLY D 290 -28.19 -36.12 33.99
C GLY D 290 -29.74 -36.08 34.01
N LYS D 291 -30.29 -37.22 34.54
CA LYS D 291 -31.70 -37.49 34.78
C LYS D 291 -31.45 -38.28 36.02
N THR D 292 -32.15 -37.87 37.05
CA THR D 292 -32.12 -38.43 38.42
C THR D 292 -33.58 -38.48 38.67
N GLN D 293 -34.12 -39.73 39.03
CA GLN D 293 -35.48 -39.88 39.67
C GLN D 293 -35.51 -39.07 40.99
N GLN D 294 -36.63 -38.37 41.21
CA GLN D 294 -36.89 -37.51 42.27
C GLN D 294 -37.07 -38.26 43.55
N ASP D 295 -37.44 -39.55 43.50
CA ASP D 295 -37.55 -40.47 44.56
C ASP D 295 -36.26 -40.56 45.28
N ARG D 296 -35.19 -40.85 44.52
CA ARG D 296 -33.92 -41.15 45.13
C ARG D 296 -33.21 -39.91 45.46
N LEU D 297 -33.49 -38.80 44.81
CA LEU D 297 -32.87 -37.49 45.11
C LEU D 297 -33.31 -37.10 46.48
N ASN D 298 -34.63 -37.22 46.83
CA ASN D 298 -35.12 -36.90 48.21
C ASN D 298 -34.60 -37.92 49.17
N GLN D 299 -34.60 -39.22 48.96
CA GLN D 299 -34.14 -40.22 49.87
C GLN D 299 -32.66 -40.17 50.27
N VAL D 300 -31.75 -40.01 49.23
CA VAL D 300 -30.36 -39.85 49.47
C VAL D 300 -30.10 -38.60 50.16
N ASN D 301 -30.73 -37.48 49.78
CA ASN D 301 -30.58 -36.17 50.46
C ASN D 301 -31.04 -36.22 51.94
N ALA D 302 -32.11 -36.88 52.24
CA ALA D 302 -32.61 -37.00 53.56
C ALA D 302 -31.68 -37.63 54.41
N GLU D 303 -31.06 -38.73 53.99
CA GLU D 303 -30.06 -39.53 54.69
C GLU D 303 -28.80 -38.77 54.94
N VAL D 304 -28.44 -37.96 53.96
CA VAL D 304 -27.36 -36.97 53.99
C VAL D 304 -27.59 -36.07 55.15
N ILE D 305 -28.86 -35.53 55.36
CA ILE D 305 -29.17 -34.54 56.35
C ILE D 305 -29.03 -35.25 57.69
N ASP D 306 -29.47 -36.55 57.88
CA ASP D 306 -29.39 -37.29 59.10
C ASP D 306 -27.93 -37.49 59.41
N ALA D 307 -27.07 -37.74 58.46
CA ALA D 307 -25.63 -37.89 58.56
C ALA D 307 -24.92 -36.68 59.02
N GLU D 308 -25.40 -35.54 58.50
CA GLU D 308 -25.02 -34.17 58.79
C GLU D 308 -25.29 -33.86 60.25
N ARG D 309 -26.49 -34.28 60.84
CA ARG D 309 -26.66 -34.20 62.27
C ARG D 309 -25.74 -35.07 63.14
N LYS D 310 -25.54 -36.31 62.65
CA LYS D 310 -24.75 -37.24 63.29
C LYS D 310 -23.39 -36.78 63.45
N VAL D 311 -22.81 -36.10 62.36
CA VAL D 311 -21.57 -35.48 62.36
C VAL D 311 -21.58 -34.36 63.39
N HIS D 312 -22.63 -33.48 63.33
CA HIS D 312 -22.63 -32.30 64.24
C HIS D 312 -22.70 -32.73 65.73
N GLN D 313 -23.61 -33.69 65.99
CA GLN D 313 -23.79 -34.15 67.34
C GLN D 313 -22.55 -34.81 67.80
N ALA D 314 -21.92 -35.68 66.99
CA ALA D 314 -20.74 -36.37 67.32
C ALA D 314 -19.58 -35.49 67.66
N ARG D 315 -19.39 -34.44 66.88
CA ARG D 315 -18.38 -33.37 67.13
C ARG D 315 -18.69 -32.70 68.43
N LEU D 316 -20.00 -32.38 68.63
CA LEU D 316 -20.45 -31.69 69.79
C LEU D 316 -20.21 -32.38 71.08
N LEU D 317 -20.52 -33.67 71.28
CA LEU D 317 -20.23 -34.39 72.53
C LEU D 317 -18.79 -34.60 72.85
N PHE D 318 -18.01 -34.97 71.85
CA PHE D 318 -16.60 -35.14 71.79
C PHE D 318 -15.85 -33.87 72.19
N GLU D 319 -16.30 -32.71 71.72
CA GLU D 319 -15.76 -31.40 72.11
C GLU D 319 -15.94 -31.22 73.58
N ASP D 320 -17.13 -31.50 74.11
CA ASP D 320 -17.46 -31.27 75.51
C ASP D 320 -16.85 -32.28 76.32
N MET D 321 -16.49 -33.47 75.84
CA MET D 321 -15.61 -34.42 76.64
C MET D 321 -14.29 -33.91 76.93
N GLY D 322 -13.64 -33.19 75.98
CA GLY D 322 -12.34 -32.59 76.18
C GLY D 322 -12.45 -31.46 77.10
N ARG D 323 -13.51 -30.64 77.05
CA ARG D 323 -13.75 -29.54 77.90
C ARG D 323 -13.84 -29.96 79.38
N LEU D 324 -14.58 -31.06 79.70
CA LEU D 324 -14.78 -31.76 80.94
C LEU D 324 -13.51 -32.26 81.48
N LEU D 325 -12.63 -32.79 80.56
CA LEU D 325 -11.25 -33.22 80.83
C LEU D 325 -10.33 -32.08 81.28
N ARG D 326 -10.44 -30.91 80.67
CA ARG D 326 -9.74 -29.72 81.13
C ARG D 326 -10.05 -29.31 82.51
N SER D 327 -11.37 -29.21 82.85
CA SER D 327 -11.95 -28.77 84.14
C SER D 327 -11.42 -29.76 85.12
N GLU D 328 -11.45 -31.10 84.81
CA GLU D 328 -10.91 -32.09 85.66
C GLU D 328 -9.41 -31.98 85.85
N LEU D 329 -8.65 -31.74 84.78
CA LEU D 329 -7.22 -31.71 84.89
C LEU D 329 -6.67 -30.70 85.83
N ASP D 330 -7.13 -29.43 85.74
CA ASP D 330 -6.66 -28.44 86.75
C ASP D 330 -7.06 -28.80 88.19
N ARG D 331 -8.29 -29.38 88.51
CA ARG D 331 -8.65 -29.81 89.83
C ARG D 331 -7.70 -30.81 90.40
N PHE D 332 -7.42 -31.81 89.53
CA PHE D 332 -6.66 -32.97 89.83
C PHE D 332 -5.24 -32.60 90.22
N GLU D 333 -4.62 -31.69 89.47
CA GLU D 333 -3.32 -31.23 89.56
C GLU D 333 -3.11 -30.52 90.97
N ARG D 334 -4.04 -29.64 91.36
CA ARG D 334 -4.00 -28.94 92.63
C ARG D 334 -4.05 -29.91 93.76
N GLU D 335 -4.95 -30.95 93.60
CA GLU D 335 -5.14 -32.01 94.54
C GLU D 335 -3.82 -32.72 94.89
N LYS D 336 -3.00 -33.04 93.87
CA LYS D 336 -1.89 -33.89 94.03
C LYS D 336 -0.91 -33.31 95.06
N VAL D 337 -0.75 -31.91 94.96
CA VAL D 337 0.09 -31.12 95.85
C VAL D 337 -0.30 -31.18 97.33
N GLU D 338 -1.66 -31.20 97.55
CA GLU D 338 -2.25 -31.10 98.88
C GLU D 338 -1.90 -32.38 99.64
N ASP D 339 -2.04 -33.51 98.91
CA ASP D 339 -1.74 -34.81 99.46
C ASP D 339 -0.33 -34.93 99.89
N PHE D 340 0.61 -34.34 99.13
CA PHE D 340 2.03 -34.63 99.40
C PHE D 340 2.40 -33.65 100.43
N LYS D 341 1.68 -32.55 100.63
CA LYS D 341 1.97 -31.74 101.75
C LYS D 341 1.59 -32.39 103.06
N SER D 342 0.38 -33.01 103.09
CA SER D 342 -0.02 -33.83 104.26
C SER D 342 0.85 -35.00 104.53
N GLY D 343 1.29 -35.69 103.45
CA GLY D 343 2.42 -36.61 103.35
C GLY D 343 3.66 -36.23 103.98
N VAL D 344 4.16 -35.01 103.64
CA VAL D 344 5.30 -34.33 104.25
C VAL D 344 5.05 -34.00 105.67
N GLU D 345 3.83 -33.55 106.07
CA GLU D 345 3.45 -33.40 107.48
C GLU D 345 3.56 -34.67 108.31
N THR D 346 3.17 -35.86 107.82
CA THR D 346 3.30 -37.13 108.53
C THR D 346 4.73 -37.44 108.79
N PHE D 347 5.63 -37.17 107.85
CA PHE D 347 7.08 -37.33 108.00
C PHE D 347 7.60 -36.47 109.10
N LEU D 348 7.18 -35.13 109.06
CA LEU D 348 7.61 -34.14 109.98
C LEU D 348 7.28 -34.58 111.41
N GLU D 349 6.01 -34.99 111.73
CA GLU D 349 5.63 -35.36 113.08
C GLU D 349 6.46 -36.57 113.60
N SER D 350 6.73 -37.54 112.74
CA SER D 350 7.52 -38.75 113.13
C SER D 350 8.97 -38.44 113.50
N ALA D 351 9.57 -37.53 112.69
CA ALA D 351 11.00 -37.13 112.79
C ALA D 351 11.28 -36.44 114.07
N VAL D 352 10.40 -35.45 114.42
CA VAL D 352 10.54 -34.71 115.64
C VAL D 352 10.29 -35.62 116.90
N GLU D 353 9.31 -36.51 116.78
CA GLU D 353 8.90 -37.45 117.83
C GLU D 353 9.98 -38.43 118.16
N ALA D 354 10.72 -38.89 117.10
CA ALA D 354 11.90 -39.69 117.14
C ALA D 354 13.02 -39.09 117.90
N GLN D 355 13.24 -37.79 117.65
CA GLN D 355 14.31 -37.14 118.41
C GLN D 355 13.96 -36.86 119.89
N LYS D 356 12.71 -36.58 120.20
CA LYS D 356 12.32 -36.47 121.55
C LYS D 356 12.49 -37.81 122.21
N GLU D 357 12.04 -38.92 121.56
CA GLU D 357 12.05 -40.23 122.16
C GLU D 357 13.50 -40.61 122.51
N LEU D 358 14.46 -40.30 121.62
CA LEU D 358 15.85 -40.44 121.71
C LEU D 358 16.40 -39.62 122.86
N ILE D 359 15.98 -38.37 123.17
CA ILE D 359 16.44 -37.55 124.33
C ILE D 359 16.07 -38.28 125.56
N GLU D 360 14.79 -38.83 125.59
CA GLU D 360 14.39 -39.63 126.74
C GLU D 360 15.27 -40.91 126.91
N LYS D 361 15.67 -41.59 125.81
CA LYS D 361 16.60 -42.73 125.86
C LYS D 361 17.90 -42.32 126.43
N TRP D 362 18.38 -41.14 125.96
CA TRP D 362 19.59 -40.58 126.49
C TRP D 362 19.57 -40.32 127.96
N GLU D 363 18.41 -39.73 128.42
CA GLU D 363 18.24 -39.40 129.81
C GLU D 363 18.35 -40.58 130.73
N THR D 364 17.69 -41.69 130.34
CA THR D 364 17.64 -42.96 131.09
C THR D 364 18.98 -43.44 131.45
N PHE D 365 20.04 -43.30 130.62
CA PHE D 365 21.30 -43.87 130.86
C PHE D 365 22.25 -42.88 131.45
N LEU D 366 21.88 -41.57 131.54
CA LEU D 366 22.54 -40.62 132.42
C LEU D 366 22.22 -41.00 133.87
N MET D 367 20.93 -41.34 134.13
CA MET D 367 20.46 -41.63 135.48
C MET D 367 20.96 -42.97 135.92
N GLN D 368 21.43 -43.88 134.92
CA GLN D 368 22.19 -45.01 135.39
C GLN D 368 23.68 -44.61 135.36
N ALA E 1 2.89 -49.02 140.00
CA ALA E 1 3.59 -49.79 138.97
C ALA E 1 2.80 -51.00 138.63
N ARG E 2 2.47 -51.85 139.63
CA ARG E 2 1.70 -53.03 139.41
C ARG E 2 0.37 -52.77 138.81
N PRO E 3 -0.52 -52.00 139.37
CA PRO E 3 -1.68 -51.58 138.63
C PRO E 3 -1.26 -50.60 137.56
N THR E 4 -0.10 -49.89 137.71
CA THR E 4 0.38 -48.85 136.82
C THR E 4 1.23 -49.40 135.71
N PHE E 5 0.49 -50.13 134.91
CA PHE E 5 0.85 -50.96 133.84
C PHE E 5 -0.16 -50.46 132.86
N HIS E 6 0.22 -50.15 131.60
CA HIS E 6 -0.69 -49.50 130.66
C HIS E 6 -0.70 -50.35 129.41
N ILE E 7 -1.91 -50.68 128.91
CA ILE E 7 -2.07 -51.77 127.99
C ILE E 7 -3.01 -51.29 126.95
N THR E 8 -2.61 -51.43 125.67
CA THR E 8 -3.53 -51.17 124.63
C THR E 8 -3.40 -52.48 123.94
N VAL E 9 -4.54 -52.98 123.44
CA VAL E 9 -4.62 -54.21 122.72
C VAL E 9 -5.27 -53.69 121.50
N GLY E 10 -4.61 -53.77 120.35
CA GLY E 10 -5.12 -53.04 119.22
C GLY E 10 -4.86 -53.89 118.09
N ASP E 11 -4.84 -53.22 116.95
CA ASP E 11 -4.26 -53.70 115.73
C ASP E 11 -4.76 -55.03 115.38
N PRO E 12 -5.95 -55.13 114.87
CA PRO E 12 -6.64 -56.38 114.84
C PRO E 12 -6.20 -56.97 113.55
N HIS E 13 -5.01 -57.60 113.57
CA HIS E 13 -4.37 -58.27 112.49
C HIS E 13 -5.09 -59.51 112.51
N LYS E 14 -6.27 -59.46 111.91
CA LYS E 14 -7.18 -60.51 112.09
C LYS E 14 -6.83 -61.18 110.89
N VAL E 15 -6.20 -62.34 111.12
CA VAL E 15 -5.80 -63.16 110.05
C VAL E 15 -7.10 -63.54 109.44
N GLY E 16 -7.20 -63.32 108.12
CA GLY E 16 -8.38 -63.48 107.28
C GLY E 16 -8.83 -64.90 107.30
N ASP E 17 -10.11 -65.16 106.96
CA ASP E 17 -10.81 -66.44 106.98
C ASP E 17 -10.03 -67.75 106.86
N LEU E 18 -10.45 -68.74 107.69
CA LEU E 18 -10.03 -70.13 107.70
C LEU E 18 -11.18 -70.85 108.37
N ALA E 19 -12.14 -70.08 108.96
CA ALA E 19 -13.28 -70.53 109.74
C ALA E 19 -12.89 -70.79 111.16
N THR E 20 -11.72 -70.28 111.62
CA THR E 20 -11.16 -70.60 112.91
C THR E 20 -9.98 -69.66 113.15
N SER E 21 -9.73 -68.75 112.19
CA SER E 21 -8.58 -67.86 112.09
C SER E 21 -8.41 -66.89 113.28
N HIS E 22 -7.16 -66.45 113.53
CA HIS E 22 -6.86 -66.07 114.86
C HIS E 22 -6.27 -64.74 114.64
N ILE E 23 -6.87 -63.83 115.38
CA ILE E 23 -6.60 -62.43 115.43
C ILE E 23 -5.39 -62.27 116.22
N VAL E 24 -4.59 -61.31 115.78
CA VAL E 24 -3.36 -61.15 116.34
C VAL E 24 -3.51 -59.71 116.57
N TYR E 25 -3.13 -59.35 117.78
CA TYR E 25 -3.36 -58.05 118.30
C TYR E 25 -2.04 -57.58 118.59
N SER E 26 -1.77 -56.29 118.35
CA SER E 26 -0.76 -55.66 119.14
C SER E 26 -1.13 -55.72 120.58
N VAL E 27 -0.14 -55.95 121.41
CA VAL E 27 -0.34 -55.84 122.80
C VAL E 27 0.71 -54.89 122.98
N ARG E 28 0.36 -53.70 123.41
CA ARG E 28 1.32 -52.72 123.68
C ARG E 28 1.13 -52.68 125.08
N THR E 29 2.24 -52.77 125.75
CA THR E 29 2.31 -52.59 127.11
C THR E 29 3.01 -51.30 126.98
N LYS E 30 2.55 -50.23 127.62
CA LYS E 30 3.32 -49.06 127.88
C LYS E 30 3.24 -49.30 129.32
N THR E 31 4.31 -49.25 130.06
CA THR E 31 4.17 -49.69 131.39
C THR E 31 5.19 -48.93 132.04
N THR E 32 4.77 -48.34 133.15
CA THR E 32 5.67 -47.71 134.04
C THR E 32 5.95 -48.72 135.08
N SER E 33 5.30 -49.90 134.99
CA SER E 33 5.47 -50.93 135.92
C SER E 33 6.90 -51.36 135.85
N LYS E 34 7.45 -51.66 137.04
CA LYS E 34 8.77 -52.17 137.22
C LYS E 34 8.61 -53.67 137.31
N ALA E 35 7.38 -54.19 137.04
CA ALA E 35 7.13 -55.59 136.78
C ALA E 35 7.07 -55.81 135.30
N TYR E 36 7.45 -54.79 134.49
CA TYR E 36 7.54 -54.94 133.07
C TYR E 36 8.67 -54.12 132.59
N LYS E 37 9.67 -54.88 132.07
CA LYS E 37 10.96 -54.53 131.54
C LYS E 37 10.94 -53.24 130.79
N GLN E 38 10.34 -53.34 129.60
CA GLN E 38 10.13 -52.35 128.61
C GLN E 38 9.24 -51.31 129.19
N PRO E 39 9.49 -50.02 129.11
CA PRO E 39 8.46 -49.04 129.26
C PRO E 39 7.46 -49.10 128.15
N GLU E 40 7.79 -49.67 126.97
CA GLU E 40 6.79 -49.98 125.98
C GLU E 40 7.27 -51.22 125.36
N PHE E 41 6.38 -52.19 125.16
CA PHE E 41 6.68 -53.19 124.25
C PHE E 41 5.44 -53.50 123.58
N GLU E 42 5.57 -53.86 122.31
CA GLU E 42 4.49 -54.41 121.62
C GLU E 42 4.76 -55.76 121.13
N VAL E 43 3.80 -56.66 121.35
CA VAL E 43 3.94 -57.99 120.91
C VAL E 43 2.72 -58.19 120.15
N LYS E 44 2.59 -59.30 119.43
CA LYS E 44 1.50 -59.38 118.53
C LYS E 44 0.98 -60.72 118.66
N ARG E 45 0.15 -60.85 119.68
CA ARG E 45 -0.20 -62.14 120.12
C ARG E 45 -1.39 -62.59 119.48
N ARG E 46 -1.47 -63.91 119.37
CA ARG E 46 -2.54 -64.55 118.72
C ARG E 46 -3.19 -65.32 119.78
N TYR E 47 -4.47 -65.59 119.50
CA TYR E 47 -5.44 -65.99 120.46
C TYR E 47 -5.00 -67.14 121.35
N ARG E 48 -4.39 -68.09 120.66
CA ARG E 48 -3.88 -69.32 121.17
C ARG E 48 -2.81 -69.13 122.21
N ASP E 49 -1.98 -68.11 122.00
CA ASP E 49 -0.91 -67.81 122.86
C ASP E 49 -1.39 -67.36 124.16
N PHE E 50 -2.37 -66.45 124.11
CA PHE E 50 -3.00 -65.95 125.27
C PHE E 50 -3.75 -66.91 126.09
N LEU E 51 -4.47 -67.81 125.44
CA LEU E 51 -5.29 -68.73 126.16
C LEU E 51 -4.47 -69.59 126.96
N TRP E 52 -3.40 -70.09 126.30
CA TRP E 52 -2.38 -70.78 126.98
C TRP E 52 -1.86 -69.96 128.07
N LEU E 53 -1.51 -68.72 127.78
CA LEU E 53 -0.85 -67.88 128.70
C LEU E 53 -1.66 -67.75 129.91
N TYR E 54 -2.93 -67.56 129.70
CA TYR E 54 -3.90 -67.36 130.67
C TYR E 54 -3.90 -68.53 131.59
N ASN E 55 -3.80 -69.69 131.00
CA ASN E 55 -3.64 -70.94 131.63
C ASN E 55 -2.37 -70.94 132.36
N THR E 56 -1.30 -70.38 131.84
CA THR E 56 0.00 -70.33 132.46
C THR E 56 -0.11 -69.62 133.72
N LEU E 57 -0.82 -68.49 133.73
CA LEU E 57 -1.06 -67.69 134.88
C LEU E 57 -1.74 -68.56 135.85
N HIS E 58 -2.65 -69.38 135.33
CA HIS E 58 -3.34 -70.30 136.12
C HIS E 58 -2.36 -71.23 136.77
N SER E 59 -1.38 -71.71 136.01
CA SER E 59 -0.40 -72.68 136.38
C SER E 59 0.64 -72.20 137.33
N ASN E 60 0.87 -70.90 137.47
CA ASN E 60 2.05 -70.49 138.21
C ASN E 60 1.62 -69.96 139.48
N ASN E 61 0.29 -69.92 139.62
CA ASN E 61 -0.33 -69.25 140.68
C ASN E 61 -1.26 -70.31 141.16
N PRO E 62 -0.96 -70.96 142.27
CA PRO E 62 -1.56 -72.25 142.69
C PRO E 62 -2.98 -72.30 143.17
N GLY E 63 -3.62 -71.17 143.30
CA GLY E 63 -4.95 -71.08 143.80
C GLY E 63 -5.18 -69.66 143.61
N VAL E 64 -4.04 -68.92 143.78
CA VAL E 64 -3.77 -67.56 143.48
C VAL E 64 -4.22 -67.37 142.10
N VAL E 65 -5.28 -66.58 142.01
CA VAL E 65 -6.25 -66.34 140.99
C VAL E 65 -5.73 -66.37 139.59
N VAL E 66 -6.71 -66.34 138.71
CA VAL E 66 -6.56 -66.26 137.32
C VAL E 66 -7.97 -66.00 136.99
N PRO E 67 -8.17 -64.81 136.46
CA PRO E 67 -9.49 -64.31 136.27
C PRO E 67 -9.94 -65.03 135.06
N PRO E 68 -11.06 -64.77 134.62
CA PRO E 68 -11.49 -65.26 132.83
C PRO E 68 -10.30 -64.94 131.75
N PRO E 69 -10.12 -65.64 130.61
CA PRO E 69 -9.13 -65.41 129.50
C PRO E 69 -9.29 -64.25 128.48
N PRO E 70 -8.61 -64.24 127.29
CA PRO E 70 -9.14 -63.77 125.99
C PRO E 70 -10.41 -64.48 125.61
N GLU E 71 -11.39 -63.80 125.00
CA GLU E 71 -12.67 -64.32 124.62
C GLU E 71 -12.71 -65.47 123.69
N LYS E 72 -13.56 -66.43 124.15
CA LYS E 72 -14.09 -67.65 123.58
C LYS E 72 -14.85 -67.49 122.32
N GLN E 73 -14.56 -68.47 121.45
CA GLN E 73 -15.14 -68.59 120.17
C GLN E 73 -16.20 -69.63 120.33
N ALA E 74 -16.28 -70.34 121.49
CA ALA E 74 -17.34 -71.20 121.95
C ALA E 74 -18.74 -70.66 121.92
N VAL E 75 -18.90 -69.43 121.44
CA VAL E 75 -20.18 -68.89 121.10
C VAL E 75 -19.83 -67.85 120.08
N GLY E 76 -18.58 -67.31 120.17
CA GLY E 76 -18.02 -66.33 119.29
C GLY E 76 -17.95 -66.89 117.91
N ARG E 77 -17.83 -66.03 116.91
CA ARG E 77 -17.68 -66.52 115.58
C ARG E 77 -16.28 -66.21 115.31
N PHE E 78 -16.08 -65.02 114.80
CA PHE E 78 -14.79 -64.50 114.55
C PHE E 78 -15.05 -63.03 114.42
N GLU E 79 -16.27 -62.62 114.85
CA GLU E 79 -16.83 -61.32 114.68
C GLU E 79 -15.94 -60.29 115.24
N SER E 80 -15.90 -59.07 114.66
CA SER E 80 -15.07 -57.98 115.12
C SER E 80 -15.31 -57.73 116.57
N ASN E 81 -16.59 -57.88 116.91
CA ASN E 81 -17.15 -57.80 118.21
C ASN E 81 -16.67 -58.88 119.07
N PHE E 82 -16.64 -60.11 118.57
CA PHE E 82 -16.21 -61.28 119.26
C PHE E 82 -14.74 -61.19 119.55
N VAL E 83 -13.98 -60.79 118.55
CA VAL E 83 -12.58 -60.64 118.62
C VAL E 83 -12.35 -59.49 119.51
N GLU E 84 -13.20 -58.49 119.47
CA GLU E 84 -13.15 -57.40 120.37
C GLU E 84 -13.37 -57.94 121.70
N SER E 85 -14.29 -58.84 121.90
CA SER E 85 -14.52 -59.40 123.17
C SER E 85 -13.29 -60.06 123.62
N ARG E 86 -12.60 -60.70 122.71
CA ARG E 86 -11.39 -61.32 123.02
C ARG E 86 -10.34 -60.41 123.46
N ARG E 87 -10.23 -59.32 122.74
CA ARG E 87 -9.35 -58.22 122.89
C ARG E 87 -9.56 -57.60 124.21
N ALA E 88 -10.83 -57.37 124.51
CA ALA E 88 -11.34 -56.86 125.72
C ALA E 88 -11.08 -57.80 126.82
N ALA E 89 -11.27 -59.09 126.57
CA ALA E 89 -11.24 -60.14 127.55
C ALA E 89 -9.93 -60.30 128.07
N LEU E 90 -9.02 -60.17 127.14
CA LEU E 90 -7.68 -60.02 127.46
C LEU E 90 -7.45 -58.80 128.15
N GLU E 91 -8.02 -57.69 127.67
CA GLU E 91 -7.64 -56.44 128.20
C GLU E 91 -7.92 -56.42 129.61
N LYS E 92 -9.08 -56.89 129.94
CA LYS E 92 -9.56 -57.08 131.22
C LYS E 92 -8.78 -57.98 132.04
N MET E 93 -8.43 -59.13 131.48
CA MET E 93 -7.82 -60.20 132.18
C MET E 93 -6.52 -59.71 132.64
N LEU E 94 -5.86 -59.09 131.68
CA LEU E 94 -4.60 -58.46 131.75
C LEU E 94 -4.60 -57.31 132.65
N ASN E 95 -5.65 -56.52 132.59
CA ASN E 95 -5.78 -55.32 133.32
C ASN E 95 -5.72 -55.63 134.75
N LYS E 96 -6.51 -56.62 135.10
CA LYS E 96 -6.66 -56.95 136.46
C LYS E 96 -5.49 -57.53 137.03
N ILE E 97 -4.93 -58.45 136.25
CA ILE E 97 -3.78 -59.17 136.63
C ILE E 97 -2.71 -58.24 136.78
N ALA E 98 -2.61 -57.21 135.95
CA ALA E 98 -1.61 -56.26 136.23
C ALA E 98 -1.86 -55.52 137.51
N ALA E 99 -3.12 -55.22 137.84
CA ALA E 99 -3.36 -54.62 139.11
C ALA E 99 -3.55 -55.61 140.16
N HIS E 100 -2.93 -56.77 139.96
CA HIS E 100 -2.69 -57.70 140.99
C HIS E 100 -1.27 -57.89 140.81
N PRO E 101 -0.46 -57.55 141.71
CA PRO E 101 0.95 -57.66 141.45
C PRO E 101 1.45 -59.05 141.02
N THR E 102 0.95 -60.17 141.60
CA THR E 102 1.38 -61.54 141.35
C THR E 102 1.23 -62.14 139.98
N LEU E 103 0.05 -61.99 139.37
CA LEU E 103 -0.23 -62.58 138.09
C LEU E 103 0.51 -61.82 137.06
N GLN E 104 0.73 -60.53 137.38
CA GLN E 104 1.53 -59.63 136.62
C GLN E 104 3.00 -60.00 136.67
N LEU E 105 3.39 -60.82 137.67
CA LEU E 105 4.75 -61.23 137.83
C LEU E 105 5.08 -62.43 137.06
N ASP E 106 4.13 -63.12 136.40
CA ASP E 106 4.49 -64.28 135.64
C ASP E 106 5.50 -63.86 134.57
N ALA E 107 6.67 -64.52 134.59
CA ALA E 107 7.83 -64.18 133.79
C ALA E 107 7.56 -64.41 132.37
N ASP E 108 6.74 -65.46 132.09
CA ASP E 108 6.35 -65.79 130.76
C ASP E 108 5.64 -64.63 130.27
N LEU E 109 4.75 -64.09 131.10
CA LEU E 109 3.96 -62.95 130.83
C LEU E 109 4.79 -61.73 130.61
N LYS E 110 5.90 -61.53 131.34
CA LYS E 110 6.73 -60.41 131.04
C LYS E 110 7.30 -60.51 129.70
N LEU E 111 7.84 -61.67 129.39
CA LEU E 111 8.41 -61.95 128.13
C LEU E 111 7.38 -61.94 127.04
N PHE E 112 6.19 -62.41 127.31
CA PHE E 112 5.07 -62.47 126.43
C PHE E 112 4.62 -61.13 125.92
N LEU E 113 4.60 -60.14 126.80
CA LEU E 113 3.99 -58.86 126.58
C LEU E 113 4.99 -57.93 126.09
N GLU E 114 6.23 -58.35 126.40
CA GLU E 114 7.36 -57.58 126.17
C GLU E 114 8.27 -58.20 125.24
N SER E 115 7.76 -59.19 124.49
CA SER E 115 8.48 -59.78 123.39
C SER E 115 7.40 -60.38 122.55
N GLU E 116 7.46 -60.24 121.21
CA GLU E 116 6.62 -60.98 120.31
C GLU E 116 7.36 -62.22 119.87
N SER E 117 6.96 -63.41 120.34
CA SER E 117 7.33 -64.65 119.70
C SER E 117 6.38 -65.72 120.11
N PHE E 118 5.47 -65.34 121.00
CA PHE E 118 4.39 -66.09 121.55
C PHE E 118 4.86 -66.73 122.79
N ASN E 119 3.88 -67.24 123.55
CA ASN E 119 4.00 -67.65 124.93
C ASN E 119 4.92 -68.80 125.05
N ILE E 120 4.89 -69.58 123.97
CA ILE E 120 5.53 -70.84 123.83
C ILE E 120 7.01 -70.80 123.94
N ASP E 121 7.68 -69.93 123.17
CA ASP E 121 9.11 -70.07 123.12
C ASP E 121 9.70 -69.40 124.29
N VAL E 122 8.91 -68.49 124.86
CA VAL E 122 9.13 -67.86 126.10
C VAL E 122 9.07 -68.89 127.17
N LYS E 123 8.10 -69.80 127.07
CA LYS E 123 7.93 -70.76 128.07
C LYS E 123 8.95 -71.84 128.09
N HIS E 124 9.64 -72.11 126.97
CA HIS E 124 10.77 -72.98 127.11
C HIS E 124 11.85 -72.33 127.79
N LYS E 125 12.10 -71.12 127.30
CA LYS E 125 13.21 -70.34 127.69
C LYS E 125 13.23 -70.08 129.13
N GLU E 126 12.08 -69.80 129.73
CA GLU E 126 12.07 -69.61 131.14
C GLU E 126 12.44 -70.76 132.03
N ARG E 127 12.03 -72.05 131.88
CA ARG E 127 12.49 -73.00 132.88
C ARG E 127 13.86 -73.53 132.56
N LYS E 128 14.61 -72.72 131.79
CA LYS E 128 15.88 -72.94 131.21
C LYS E 128 15.79 -74.21 130.42
N GLU E 129 14.86 -74.22 129.44
CA GLU E 129 14.66 -75.42 128.68
C GLU E 129 13.91 -75.11 127.39
N ALA F 1 -20.53 -3.26 -16.71
CA ALA F 1 -20.93 -4.63 -16.37
C ALA F 1 -19.76 -5.54 -16.55
N ARG F 2 -19.16 -5.57 -17.76
CA ARG F 2 -18.01 -6.40 -18.02
C ARG F 2 -16.86 -6.12 -17.14
N PRO F 3 -16.29 -4.96 -17.05
CA PRO F 3 -15.36 -4.69 -16.00
C PRO F 3 -16.10 -4.61 -14.68
N THR F 4 -17.42 -4.32 -14.67
CA THR F 4 -18.23 -4.11 -13.48
C THR F 4 -18.84 -5.40 -12.99
N PHE F 5 -17.90 -6.20 -12.54
CA PHE F 5 -17.93 -7.54 -12.14
C PHE F 5 -17.17 -7.37 -10.86
N HIS F 6 -17.63 -7.91 -9.72
CA HIS F 6 -17.01 -7.65 -8.44
C HIS F 6 -16.69 -9.00 -7.81
N ILE F 7 -15.46 -9.17 -7.33
CA ILE F 7 -14.92 -10.48 -7.08
C ILE F 7 -14.21 -10.40 -5.78
N THR F 8 -14.53 -11.31 -4.86
CA THR F 8 -13.77 -11.41 -3.67
C THR F 8 -13.42 -12.85 -3.78
N VAL F 9 -12.18 -13.18 -3.40
CA VAL F 9 -11.68 -14.52 -3.41
C VAL F 9 -11.25 -14.57 -1.99
N GLY F 10 -11.84 -15.45 -1.18
CA GLY F 10 -11.63 -15.33 0.22
C GLY F 10 -11.56 -16.70 0.68
N ASP F 11 -11.82 -16.79 2.00
CA ASP F 11 -12.19 -18.00 2.67
C ASP F 11 -11.27 -19.10 2.38
N PRO F 12 -10.11 -19.10 2.98
CA PRO F 12 -9.04 -19.89 2.51
C PRO F 12 -9.24 -21.19 3.20
N HIS F 13 -10.13 -22.02 2.63
CA HIS F 13 -10.51 -23.33 3.07
C HIS F 13 -9.40 -24.08 2.57
N LYS F 14 -8.30 -24.02 3.33
CA LYS F 14 -7.09 -24.48 2.82
C LYS F 14 -7.18 -25.77 3.42
N VAL F 15 -7.36 -26.74 2.52
CA VAL F 15 -7.45 -28.08 2.93
C VAL F 15 -6.11 -28.33 3.48
N GLY F 16 -6.09 -28.84 4.73
CA GLY F 16 -4.94 -29.08 5.58
C GLY F 16 -4.01 -30.05 4.93
N ASP F 17 -2.72 -30.06 5.32
CA ASP F 17 -1.62 -30.86 4.78
C ASP F 17 -1.90 -32.19 4.07
N LEU F 18 -1.16 -32.40 2.95
CA LEU F 18 -1.06 -33.61 2.16
C LEU F 18 0.26 -33.48 1.46
N ALA F 19 0.90 -32.27 1.52
CA ALA F 19 2.12 -31.87 0.86
C ALA F 19 1.85 -31.42 -0.56
N THR F 20 0.57 -31.12 -0.89
CA THR F 20 0.15 -30.82 -2.24
C THR F 20 -1.28 -30.31 -2.19
N SER F 21 -1.84 -30.19 -0.97
CA SER F 21 -3.21 -29.86 -0.65
C SER F 21 -3.71 -28.51 -1.19
N HIS F 22 -5.04 -28.39 -1.41
CA HIS F 22 -5.44 -27.46 -2.39
C HIS F 22 -6.46 -26.70 -1.65
N ILE F 23 -6.23 -25.40 -1.69
CA ILE F 23 -6.97 -24.37 -1.07
C ILE F 23 -8.14 -24.16 -1.89
N VAL F 24 -9.23 -23.88 -1.18
CA VAL F 24 -10.45 -23.80 -1.80
C VAL F 24 -10.80 -22.51 -1.23
N TYR F 25 -11.29 -21.68 -2.14
CA TYR F 25 -11.53 -20.30 -1.88
C TYR F 25 -12.93 -20.16 -2.13
N SER F 26 -13.62 -19.35 -1.32
CA SER F 26 -14.80 -18.73 -1.85
C SER F 26 -14.42 -17.89 -3.03
N VAL F 27 -15.27 -17.89 -4.03
CA VAL F 27 -15.13 -17.01 -5.10
C VAL F 27 -16.44 -16.47 -4.98
N ARG F 28 -16.53 -15.20 -4.67
CA ARG F 28 -17.76 -14.57 -4.57
C ARG F 28 -17.60 -13.71 -5.69
N THR F 29 -18.61 -13.75 -6.51
CA THR F 29 -18.74 -12.88 -7.58
C THR F 29 -19.85 -12.15 -6.95
N LYS F 30 -19.79 -10.83 -6.84
CA LYS F 30 -20.92 -9.98 -6.63
C LYS F 30 -20.77 -9.37 -7.95
N THR F 31 -21.78 -9.23 -8.75
CA THR F 31 -21.49 -8.84 -10.06
C THR F 31 -22.72 -8.17 -10.41
N THR F 32 -22.53 -6.99 -10.97
CA THR F 32 -23.59 -6.28 -11.56
C THR F 32 -23.51 -6.59 -13.01
N SER F 33 -22.49 -7.38 -13.39
CA SER F 33 -22.29 -7.73 -14.75
C SER F 33 -23.47 -8.53 -15.17
N LYS F 34 -23.88 -8.28 -16.42
CA LYS F 34 -24.95 -8.98 -17.08
C LYS F 34 -24.27 -10.05 -17.89
N ALA F 35 -22.94 -10.26 -17.69
CA ALA F 35 -22.22 -11.42 -18.14
C ALA F 35 -22.08 -12.39 -17.00
N TYR F 36 -22.79 -12.13 -15.87
CA TYR F 36 -22.82 -13.04 -14.77
C TYR F 36 -24.17 -12.99 -14.16
N LYS F 37 -24.84 -14.16 -14.31
CA LYS F 37 -26.18 -14.55 -13.92
C LYS F 37 -26.60 -13.94 -12.62
N GLN F 38 -26.01 -14.48 -11.57
CA GLN F 38 -26.17 -14.18 -10.20
C GLN F 38 -25.68 -12.79 -9.98
N PRO F 39 -26.36 -11.89 -9.31
CA PRO F 39 -25.74 -10.72 -8.74
C PRO F 39 -24.79 -11.09 -7.65
N GLU F 40 -24.90 -12.27 -7.01
CA GLU F 40 -23.85 -12.74 -6.15
C GLU F 40 -23.87 -14.20 -6.34
N PHE F 41 -22.70 -14.82 -6.51
CA PHE F 41 -22.62 -16.19 -6.30
C PHE F 41 -21.36 -16.44 -5.66
N GLU F 42 -21.36 -17.45 -4.81
CA GLU F 42 -20.16 -17.93 -4.30
C GLU F 42 -19.94 -19.34 -4.63
N VAL F 43 -18.72 -19.65 -5.08
CA VAL F 43 -18.39 -20.98 -5.41
C VAL F 43 -17.18 -21.18 -4.65
N LYS F 44 -16.66 -22.41 -4.58
CA LYS F 44 -15.62 -22.65 -3.65
C LYS F 44 -14.68 -23.48 -4.35
N ARG F 45 -13.84 -22.79 -5.13
CA ARG F 45 -13.07 -23.47 -6.08
C ARG F 45 -11.81 -23.81 -5.55
N ARG F 46 -11.26 -24.89 -6.11
CA ARG F 46 -10.04 -25.44 -5.69
C ARG F 46 -9.16 -25.28 -6.83
N TYR F 47 -7.86 -25.27 -6.50
CA TYR F 47 -6.81 -24.78 -7.34
C TYR F 47 -6.83 -25.34 -8.74
N ARG F 48 -7.07 -26.64 -8.76
CA ARG F 48 -7.12 -27.48 -9.91
C ARG F 48 -8.18 -27.08 -10.89
N ASP F 49 -9.31 -26.63 -10.35
CA ASP F 49 -10.43 -26.25 -11.13
C ASP F 49 -10.13 -25.05 -11.90
N PHE F 50 -9.53 -24.07 -11.21
CA PHE F 50 -9.11 -22.86 -11.82
C PHE F 50 -8.08 -22.95 -12.84
N LEU F 51 -7.09 -23.81 -12.61
CA LEU F 51 -6.00 -23.89 -13.54
C LEU F 51 -6.47 -24.39 -14.80
N TRP F 52 -7.30 -25.44 -14.70
CA TRP F 52 -8.01 -25.93 -15.81
C TRP F 52 -8.78 -24.84 -16.42
N LEU F 53 -9.55 -24.12 -15.61
CA LEU F 53 -10.46 -23.15 -16.09
C LEU F 53 -9.75 -22.16 -16.88
N TYR F 54 -8.62 -21.75 -16.37
CA TYR F 54 -7.78 -20.78 -16.90
C TYR F 54 -7.37 -21.21 -18.28
N ASN F 55 -7.05 -22.48 -18.37
CA ASN F 55 -6.77 -23.16 -19.57
C ASN F 55 -7.96 -23.14 -20.43
N THR F 56 -9.17 -23.29 -19.90
CA THR F 56 -10.40 -23.29 -20.64
C THR F 56 -10.54 -22.02 -21.32
N LEU F 57 -10.28 -20.92 -20.62
CA LEU F 57 -10.33 -19.59 -21.14
C LEU F 57 -9.38 -19.55 -22.27
N HIS F 58 -8.25 -20.22 -22.08
CA HIS F 58 -7.27 -20.32 -23.08
C HIS F 58 -7.87 -20.98 -24.29
N SER F 59 -8.62 -22.05 -24.08
CA SER F 59 -9.21 -22.91 -25.06
C SER F 59 -10.35 -22.33 -25.81
N ASN F 60 -11.02 -21.28 -25.31
CA ASN F 60 -12.26 -20.91 -25.95
C ASN F 60 -12.05 -19.67 -26.67
N ASN F 61 -10.81 -19.19 -26.51
CA ASN F 61 -10.48 -17.90 -26.94
C ASN F 61 -9.23 -18.20 -27.72
N PRO F 62 -9.27 -18.20 -29.04
CA PRO F 62 -8.28 -18.81 -29.94
C PRO F 62 -6.92 -18.18 -30.10
N GLY F 63 -6.71 -17.03 -29.50
CA GLY F 63 -5.50 -16.29 -29.63
C GLY F 63 -5.79 -15.21 -28.71
N VAL F 64 -7.09 -14.87 -28.69
CA VAL F 64 -7.83 -14.04 -27.81
C VAL F 64 -7.47 -14.51 -26.45
N VAL F 65 -6.75 -13.62 -25.78
CA VAL F 65 -5.93 -13.71 -24.62
C VAL F 65 -6.41 -14.63 -23.55
N VAL F 66 -5.50 -14.80 -22.62
CA VAL F 66 -5.67 -15.54 -21.44
C VAL F 66 -4.44 -15.10 -20.76
N PRO F 67 -4.66 -14.39 -19.67
CA PRO F 67 -3.59 -13.71 -19.01
C PRO F 67 -2.93 -14.81 -18.27
N PRO F 68 -1.97 -14.50 -17.55
CA PRO F 68 -1.40 -15.74 -16.21
C PRO F 68 -2.62 -16.42 -15.36
N PRO F 69 -2.54 -17.64 -14.80
CA PRO F 69 -3.54 -18.34 -13.94
C PRO F 69 -3.80 -17.93 -12.45
N PRO F 70 -4.45 -18.78 -11.58
CA PRO F 70 -4.12 -18.95 -10.16
C PRO F 70 -2.67 -19.35 -9.96
N GLU F 71 -2.00 -18.85 -8.92
CA GLU F 71 -0.61 -19.10 -8.62
C GLU F 71 -0.17 -20.50 -8.41
N LYS F 72 0.95 -20.76 -9.13
CA LYS F 72 1.88 -21.87 -9.16
C LYS F 72 2.54 -22.21 -7.88
N GLN F 73 2.60 -23.53 -7.70
CA GLN F 73 3.19 -24.14 -6.59
C GLN F 73 4.55 -24.58 -7.03
N ALA F 74 4.86 -24.47 -8.36
CA ALA F 74 6.16 -24.60 -8.98
C ALA F 74 7.29 -23.79 -8.42
N VAL F 75 7.01 -23.02 -7.37
CA VAL F 75 8.01 -22.41 -6.56
C VAL F 75 7.32 -22.24 -5.25
N GLY F 76 5.97 -22.13 -5.28
CA GLY F 76 5.10 -22.00 -4.15
C GLY F 76 5.23 -23.20 -3.29
N ARG F 77 4.82 -23.11 -2.02
CA ARG F 77 4.84 -24.26 -1.19
C ARG F 77 3.43 -24.57 -1.07
N PHE F 78 2.81 -23.97 -0.08
CA PHE F 78 1.43 -24.08 0.16
C PHE F 78 1.18 -22.91 1.06
N GLU F 79 2.17 -22.00 1.14
CA GLU F 79 2.24 -20.91 2.05
C GLU F 79 1.05 -20.04 1.92
N SER F 80 0.59 -19.40 3.02
CA SER F 80 -0.58 -18.54 3.04
C SER F 80 -0.43 -17.49 2.00
N ASN F 81 0.81 -17.04 1.88
CA ASN F 81 1.32 -16.11 0.93
C ASN F 81 1.24 -16.64 -0.44
N PHE F 82 1.64 -17.90 -0.65
CA PHE F 82 1.64 -18.57 -1.91
C PHE F 82 0.23 -18.76 -2.37
N VAL F 83 -0.61 -19.22 -1.48
CA VAL F 83 -1.98 -19.47 -1.73
C VAL F 83 -2.60 -18.16 -1.93
N GLU F 84 -2.15 -17.14 -1.23
CA GLU F 84 -2.58 -15.80 -1.43
C GLU F 84 -2.19 -15.44 -2.79
N SER F 85 -1.00 -15.77 -3.24
CA SER F 85 -0.60 -15.47 -4.55
C SER F 85 -1.52 -16.10 -5.49
N ARG F 86 -1.94 -17.30 -5.19
CA ARG F 86 -2.86 -17.98 -6.00
C ARG F 86 -4.16 -17.33 -6.10
N ARG F 87 -4.65 -16.89 -4.96
CA ARG F 87 -5.85 -16.19 -4.69
C ARG F 87 -5.87 -14.94 -5.45
N ALA F 88 -4.76 -14.22 -5.34
CA ALA F 88 -4.46 -13.02 -6.00
C ALA F 88 -4.38 -13.23 -7.46
N ALA F 89 -3.74 -14.33 -7.87
CA ALA F 89 -3.41 -14.62 -9.22
C ALA F 89 -4.58 -14.86 -10.00
N LEU F 90 -5.48 -15.53 -9.31
CA LEU F 90 -6.79 -15.64 -9.77
C LEU F 90 -7.43 -14.37 -9.77
N GLU F 91 -7.29 -13.59 -8.70
CA GLU F 91 -8.08 -12.42 -8.58
C GLU F 91 -7.82 -11.56 -9.70
N LYS F 92 -6.57 -11.42 -10.00
CA LYS F 92 -6.06 -10.73 -11.07
C LYS F 92 -6.46 -11.23 -12.38
N MET F 93 -6.39 -12.54 -12.54
CA MET F 93 -6.60 -13.17 -13.80
C MET F 93 -7.98 -12.93 -14.18
N LEU F 94 -8.83 -13.15 -13.18
CA LEU F 94 -10.22 -12.97 -13.16
C LEU F 94 -10.62 -11.59 -13.34
N ASN F 95 -9.91 -10.69 -12.68
CA ASN F 95 -10.21 -9.31 -12.66
C ASN F 95 -10.15 -8.80 -14.03
N LYS F 96 -9.07 -9.15 -14.69
CA LYS F 96 -8.82 -8.63 -15.97
C LYS F 96 -9.70 -9.13 -16.96
N ILE F 97 -9.91 -10.45 -16.88
CA ILE F 97 -10.74 -11.14 -17.78
C ILE F 97 -12.06 -10.64 -17.63
N ALA F 98 -12.52 -10.30 -16.43
CA ALA F 98 -13.79 -9.70 -16.37
C ALA F 98 -13.81 -8.35 -17.03
N ALA F 99 -12.75 -7.56 -16.91
CA ALA F 99 -12.72 -6.32 -17.63
C ALA F 99 -12.20 -6.49 -18.98
N HIS F 100 -12.38 -7.69 -19.52
CA HIS F 100 -12.28 -7.94 -20.89
C HIS F 100 -13.53 -8.59 -21.12
N PRO F 101 -14.42 -8.08 -21.85
CA PRO F 101 -15.70 -8.72 -21.96
C PRO F 101 -15.69 -10.19 -22.39
N THR F 102 -14.83 -10.62 -23.35
CA THR F 102 -14.76 -11.96 -23.93
C THR F 102 -14.41 -13.13 -23.04
N LEU F 103 -13.36 -12.99 -22.23
CA LEU F 103 -12.88 -14.07 -21.40
C LEU F 103 -13.83 -14.24 -20.29
N GLN F 104 -14.50 -13.13 -19.94
CA GLN F 104 -15.56 -13.05 -19.01
C GLN F 104 -16.81 -13.75 -19.52
N LEU F 105 -16.89 -13.97 -20.84
CA LEU F 105 -18.03 -14.62 -21.44
C LEU F 105 -17.91 -16.07 -21.46
N ASP F 106 -16.79 -16.68 -21.07
CA ASP F 106 -16.72 -18.12 -21.11
C ASP F 106 -17.81 -18.67 -20.18
N ALA F 107 -18.69 -19.52 -20.75
CA ALA F 107 -19.88 -20.02 -20.12
C ALA F 107 -19.55 -20.89 -19.00
N ASP F 108 -18.41 -21.63 -19.13
CA ASP F 108 -17.93 -22.50 -18.11
C ASP F 108 -17.66 -21.64 -16.98
N LEU F 109 -17.01 -20.50 -17.24
CA LEU F 109 -16.68 -19.52 -16.28
C LEU F 109 -17.89 -18.92 -15.63
N LYS F 110 -18.99 -18.69 -16.35
CA LYS F 110 -20.16 -18.22 -15.68
C LYS F 110 -20.66 -19.19 -14.73
N LEU F 111 -20.78 -20.42 -15.14
CA LEU F 111 -21.20 -21.50 -14.34
C LEU F 111 -20.24 -21.78 -13.22
N PHE F 112 -18.95 -21.67 -13.46
CA PHE F 112 -17.88 -21.85 -12.54
C PHE F 112 -17.93 -20.94 -11.35
N LEU F 113 -18.26 -19.68 -11.58
CA LEU F 113 -18.13 -18.60 -10.63
C LEU F 113 -19.39 -18.44 -9.94
N GLU F 114 -20.41 -18.96 -10.64
CA GLU F 114 -21.74 -18.81 -10.27
C GLU F 114 -22.37 -20.07 -9.97
N SER F 115 -21.56 -21.11 -9.75
CA SER F 115 -22.01 -22.38 -9.27
C SER F 115 -20.81 -22.98 -8.65
N GLU F 116 -20.92 -23.62 -7.47
CA GLU F 116 -19.86 -24.45 -6.94
C GLU F 116 -20.13 -25.87 -7.33
N SER F 117 -19.33 -26.44 -8.27
CA SER F 117 -19.25 -27.87 -8.42
C SER F 117 -18.00 -28.22 -9.13
N PHE F 118 -17.26 -27.18 -9.51
CA PHE F 118 -15.99 -27.15 -10.15
C PHE F 118 -16.21 -27.11 -11.61
N ASN F 119 -15.12 -26.82 -12.33
CA ASN F 119 -15.07 -26.44 -13.71
C ASN F 119 -15.54 -27.54 -14.57
N ILE F 120 -15.24 -28.74 -14.05
CA ILE F 120 -15.41 -29.99 -14.68
C ILE F 120 -16.81 -30.33 -15.05
N ASP F 121 -17.73 -30.27 -14.09
CA ASP F 121 -19.02 -30.82 -14.39
C ASP F 121 -19.81 -29.83 -15.14
N VAL F 122 -19.39 -28.58 -15.00
CA VAL F 122 -19.81 -27.46 -15.77
C VAL F 122 -19.42 -27.68 -17.18
N LYS F 123 -18.18 -28.16 -17.37
CA LYS F 123 -17.68 -28.34 -18.68
C LYS F 123 -18.27 -29.47 -19.42
N HIS F 124 -18.81 -30.49 -18.75
CA HIS F 124 -19.57 -31.43 -19.52
C HIS F 124 -20.81 -30.86 -19.97
N LYS F 125 -21.47 -30.25 -18.99
CA LYS F 125 -22.78 -29.75 -19.12
C LYS F 125 -22.89 -28.78 -20.21
N GLU F 126 -21.90 -27.90 -20.36
CA GLU F 126 -21.96 -26.97 -21.45
C GLU F 126 -21.91 -27.51 -22.84
N ARG F 127 -21.08 -28.48 -23.29
CA ARG F 127 -21.19 -28.83 -24.72
C ARG F 127 -22.29 -29.82 -24.97
N LYS F 128 -23.26 -29.81 -24.05
CA LYS F 128 -24.38 -30.68 -23.91
C LYS F 128 -23.86 -32.07 -23.88
N GLU F 129 -22.99 -32.35 -22.89
CA GLU F 129 -22.37 -33.64 -22.82
C GLU F 129 -21.77 -33.88 -21.44
N ASN F 149 1.37 -7.16 -40.38
CA ASN F 149 2.50 -7.73 -41.17
C ASN F 149 2.31 -9.21 -41.37
N LYS F 150 2.85 -9.72 -42.50
CA LYS F 150 3.02 -11.09 -42.93
C LYS F 150 3.62 -11.96 -41.84
N PHE F 151 3.87 -13.27 -42.13
CA PHE F 151 4.31 -14.18 -41.10
C PHE F 151 5.61 -13.78 -40.51
N VAL F 152 6.48 -13.31 -41.39
CA VAL F 152 7.82 -13.04 -41.00
C VAL F 152 8.09 -11.99 -39.98
N GLU F 153 7.56 -10.74 -40.11
CA GLU F 153 7.85 -9.67 -39.16
C GLU F 153 7.35 -10.04 -37.88
N GLN F 154 6.16 -10.63 -37.89
CA GLN F 154 5.53 -10.98 -36.69
C GLN F 154 6.28 -11.99 -35.98
N ASP F 155 6.77 -12.96 -36.74
CA ASP F 155 7.55 -14.00 -36.21
C ASP F 155 8.77 -13.37 -35.73
N ASP F 156 9.30 -12.36 -36.44
CA ASP F 156 10.43 -11.66 -35.99
C ASP F 156 10.20 -11.09 -34.71
N TRP F 157 9.06 -10.47 -34.65
CA TRP F 157 8.71 -9.62 -33.65
C TRP F 157 8.58 -10.30 -32.44
N PHE F 158 8.02 -11.46 -32.59
CA PHE F 158 7.73 -12.35 -31.57
C PHE F 158 8.93 -12.83 -31.04
N HIS F 159 9.82 -13.24 -31.90
CA HIS F 159 11.00 -13.79 -31.40
C HIS F 159 11.81 -12.71 -30.80
N ASP F 160 11.80 -11.51 -31.36
CA ASP F 160 12.50 -10.39 -30.83
C ASP F 160 12.07 -10.13 -29.46
N ARG F 161 10.76 -10.13 -29.39
CA ARG F 161 10.06 -9.79 -28.24
C ARG F 161 10.37 -10.69 -27.20
N ARG F 162 10.33 -11.93 -27.61
CA ARG F 162 10.47 -12.98 -26.71
C ARG F 162 11.72 -13.02 -26.06
N VAL F 163 12.71 -12.88 -26.90
CA VAL F 163 14.06 -13.05 -26.55
C VAL F 163 14.40 -12.08 -25.56
N TYR F 164 13.97 -10.83 -25.79
CA TYR F 164 14.22 -9.91 -24.76
C TYR F 164 13.51 -10.24 -23.53
N LEU F 165 12.29 -10.68 -23.57
CA LEU F 165 11.67 -10.80 -22.30
C LEU F 165 12.05 -12.02 -21.57
N ASP F 166 12.67 -12.97 -22.25
CA ASP F 166 13.29 -14.04 -21.57
C ASP F 166 14.43 -13.51 -20.86
N ALA F 167 15.21 -12.67 -21.53
CA ALA F 167 16.41 -12.12 -20.96
C ALA F 167 16.18 -11.30 -19.76
N LEU F 168 15.20 -10.43 -19.89
CA LEU F 168 14.80 -9.50 -18.91
C LEU F 168 14.33 -10.13 -17.70
N GLU F 169 13.61 -11.23 -17.93
CA GLU F 169 13.14 -12.11 -16.92
C GLU F 169 14.27 -12.59 -16.13
N ASN F 170 15.33 -12.97 -16.82
CA ASN F 170 16.45 -13.57 -16.22
C ASN F 170 17.15 -12.67 -15.32
N GLN F 171 17.21 -11.41 -15.73
CA GLN F 171 17.63 -10.37 -14.89
C GLN F 171 16.75 -10.29 -13.77
N LEU F 172 15.44 -10.36 -14.00
CA LEU F 172 14.51 -10.12 -12.96
C LEU F 172 14.63 -11.13 -11.93
N LYS F 173 14.93 -12.36 -12.30
CA LYS F 173 15.29 -13.32 -11.35
C LYS F 173 16.53 -13.01 -10.64
N ALA F 174 17.53 -12.49 -11.34
CA ALA F 174 18.79 -12.18 -10.75
C ALA F 174 18.65 -11.14 -9.72
N LEU F 175 17.90 -10.12 -10.06
CA LEU F 175 17.51 -9.01 -9.29
C LEU F 175 16.71 -9.43 -8.11
N LEU F 176 15.80 -10.36 -8.38
CA LEU F 176 15.02 -10.97 -7.38
C LEU F 176 15.86 -11.67 -6.39
N LYS F 177 16.89 -12.35 -6.90
CA LYS F 177 17.74 -13.13 -6.10
C LYS F 177 18.64 -12.28 -5.35
N ALA F 178 18.81 -11.07 -5.84
CA ALA F 178 19.42 -10.02 -5.19
C ALA F 178 18.67 -9.68 -3.95
N MET F 179 17.32 -9.62 -4.04
CA MET F 179 16.44 -9.30 -2.92
C MET F 179 16.67 -10.12 -1.77
N ASP F 180 16.76 -11.37 -2.13
CA ASP F 180 16.84 -12.43 -1.23
C ASP F 180 17.98 -12.27 -0.38
N ASN F 181 19.07 -11.92 -1.05
CA ASN F 181 20.30 -11.81 -0.39
C ASN F 181 20.24 -10.79 0.61
N MET F 182 19.72 -9.64 0.22
CA MET F 182 19.76 -8.60 1.15
C MET F 182 19.05 -8.78 2.38
N VAL F 183 17.92 -9.44 2.24
CA VAL F 183 17.11 -9.69 3.34
C VAL F 183 17.71 -10.70 4.21
N ALA F 184 18.29 -11.73 3.60
CA ALA F 184 18.92 -12.82 4.27
C ALA F 184 20.05 -12.31 5.05
N GLN F 185 20.74 -11.38 4.41
CA GLN F 185 21.82 -10.67 4.92
C GLN F 185 21.35 -9.47 5.61
N ARG F 186 20.16 -9.52 6.20
CA ARG F 186 19.88 -8.77 7.39
C ARG F 186 20.25 -9.65 8.49
N LYS F 187 21.44 -10.22 8.29
CA LYS F 187 21.93 -11.31 8.98
C LYS F 187 22.67 -10.87 10.16
N ALA F 188 24.01 -10.77 10.14
CA ALA F 188 24.76 -10.45 11.33
C ALA F 188 25.70 -9.36 10.99
N MET F 189 25.32 -8.08 10.87
CA MET F 189 24.13 -7.31 10.94
C MET F 189 23.40 -7.35 12.18
N ALA F 190 22.39 -8.20 12.14
CA ALA F 190 21.50 -8.26 13.16
C ALA F 190 22.13 -8.75 14.34
N GLU F 191 22.72 -9.92 14.21
CA GLU F 191 23.43 -10.53 15.25
C GLU F 191 24.63 -9.84 15.61
N ALA F 192 25.27 -9.18 14.64
CA ALA F 192 26.43 -8.52 15.03
C ALA F 192 26.13 -7.45 15.98
N ALA F 193 25.18 -6.58 15.63
CA ALA F 193 24.79 -5.46 16.38
C ALA F 193 23.85 -5.75 17.48
N ALA F 194 23.27 -6.93 17.39
CA ALA F 194 22.53 -7.50 18.46
C ALA F 194 23.38 -8.07 19.49
N ASP F 195 24.58 -8.40 19.10
CA ASP F 195 25.40 -9.00 20.09
C ASP F 195 26.27 -7.95 20.40
N PHE F 196 26.41 -6.98 19.58
CA PHE F 196 27.16 -5.88 19.93
C PHE F 196 26.56 -5.22 21.03
N SER F 197 25.28 -5.12 20.93
CA SER F 197 24.64 -4.66 22.03
C SER F 197 24.84 -5.47 23.22
N ALA F 198 24.69 -6.77 23.13
CA ALA F 198 25.01 -7.58 24.26
C ALA F 198 26.39 -7.54 24.74
N SER F 199 27.34 -7.50 23.87
CA SER F 199 28.72 -7.49 24.09
C SER F 199 29.06 -6.36 24.87
N LEU F 200 28.46 -5.28 24.43
CA LEU F 200 28.63 -4.01 24.96
C LEU F 200 28.21 -4.07 26.25
N HIS F 201 27.05 -4.64 26.39
CA HIS F 201 26.51 -4.81 27.62
C HIS F 201 27.41 -5.63 28.49
N ALA F 202 28.02 -6.65 27.91
CA ALA F 202 28.71 -7.69 28.57
C ALA F 202 29.75 -7.21 29.43
N LEU F 203 30.56 -6.27 28.99
CA LEU F 203 31.52 -5.77 29.92
C LEU F 203 30.90 -4.70 30.69
N SER F 204 29.75 -4.21 30.26
CA SER F 204 29.25 -3.11 30.99
C SER F 204 28.64 -3.48 32.23
N THR F 205 28.40 -4.76 32.30
CA THR F 205 27.88 -5.46 33.38
C THR F 205 28.96 -5.92 34.24
N VAL F 206 30.20 -5.89 33.78
CA VAL F 206 31.29 -6.41 34.56
C VAL F 206 31.59 -5.21 35.33
N GLU F 207 31.80 -4.15 34.57
CA GLU F 207 31.84 -2.84 35.06
C GLU F 207 30.62 -2.59 35.86
N LEU F 208 30.84 -2.13 37.09
CA LEU F 208 29.79 -2.02 38.05
C LEU F 208 29.75 -0.58 38.11
N SER F 209 30.95 0.02 37.91
CA SER F 209 31.36 1.37 37.84
C SER F 209 30.35 2.05 37.07
N PRO F 210 29.37 2.56 37.77
CA PRO F 210 27.97 2.55 37.34
C PRO F 210 27.78 3.24 36.11
N THR F 211 28.57 4.28 36.02
CA THR F 211 28.44 5.37 35.15
C THR F 211 29.24 5.09 33.96
N LEU F 212 29.77 3.88 33.94
CA LEU F 212 30.57 3.39 32.91
C LEU F 212 29.77 2.24 32.47
N SER F 213 29.07 1.57 33.41
CA SER F 213 28.25 0.45 33.11
C SER F 213 27.17 0.89 32.21
N GLY F 214 26.52 1.97 32.61
CA GLY F 214 25.48 2.61 31.88
C GLY F 214 25.76 2.97 30.48
N PRO F 215 26.78 3.70 30.18
CA PRO F 215 27.16 3.96 28.83
C PRO F 215 27.50 2.75 28.06
N LEU F 216 28.16 1.77 28.67
CA LEU F 216 28.59 0.63 27.95
C LEU F 216 27.47 -0.19 27.45
N ASP F 217 26.53 -0.30 28.34
CA ASP F 217 25.24 -0.74 28.09
C ASP F 217 24.54 0.12 27.14
N ALA F 218 24.72 1.44 27.21
CA ALA F 218 24.03 2.35 26.36
C ALA F 218 24.48 2.08 24.97
N LEU F 219 25.74 1.80 24.89
CA LEU F 219 26.22 1.31 23.70
C LEU F 219 25.63 0.03 23.40
N SER F 220 25.25 -0.81 24.32
CA SER F 220 24.47 -1.87 23.81
C SER F 220 23.26 -1.50 23.08
N GLU F 221 22.47 -0.62 23.65
CA GLU F 221 21.25 -0.30 23.04
C GLU F 221 21.38 0.22 21.71
N LEU F 222 22.30 1.10 21.57
CA LEU F 222 22.51 1.71 20.36
C LEU F 222 22.72 0.79 19.26
N GLN F 223 23.59 -0.18 19.47
CA GLN F 223 24.12 -0.92 18.36
C GLN F 223 23.16 -1.68 17.79
N LEU F 224 22.41 -2.15 18.71
CA LEU F 224 21.31 -2.77 18.35
C LEU F 224 20.34 -1.88 17.73
N ALA F 225 20.11 -0.69 18.23
CA ALA F 225 19.08 0.15 17.72
C ALA F 225 19.32 0.46 16.33
N ILE F 226 20.53 0.74 16.09
CA ILE F 226 21.02 0.85 14.82
C ILE F 226 20.97 -0.36 14.03
N ARG F 227 21.30 -1.48 14.65
CA ARG F 227 21.37 -2.79 14.09
C ARG F 227 20.09 -2.96 13.51
N ASP F 228 19.12 -2.54 14.27
CA ASP F 228 17.79 -2.81 14.03
C ASP F 228 17.44 -2.09 12.91
N VAL F 229 17.80 -0.85 12.84
CA VAL F 229 17.43 -0.08 11.75
C VAL F 229 17.96 -0.66 10.50
N TYR F 230 19.19 -1.13 10.58
CA TYR F 230 19.77 -1.79 9.49
C TYR F 230 19.01 -3.01 9.11
N GLU F 231 18.63 -3.74 10.13
CA GLU F 231 18.01 -5.00 10.05
C GLU F 231 16.80 -4.73 9.39
N ARG F 232 16.20 -3.64 9.72
CA ARG F 232 14.97 -3.25 9.26
C ARG F 232 14.93 -3.12 7.84
N GLN F 233 15.99 -2.62 7.27
CA GLN F 233 15.73 -2.27 5.94
C GLN F 233 15.43 -3.25 4.96
N ALA F 234 15.72 -4.53 5.08
CA ALA F 234 15.27 -5.37 3.99
C ALA F 234 13.87 -5.36 3.80
N GLN F 235 13.28 -5.40 4.97
CA GLN F 235 11.91 -5.61 5.09
C GLN F 235 11.23 -4.43 4.62
N GLN F 236 11.88 -3.28 4.86
CA GLN F 236 11.32 -2.06 4.46
C GLN F 236 11.25 -2.04 3.00
N ASP F 237 12.39 -2.13 2.41
CA ASP F 237 12.47 -1.75 1.09
C ASP F 237 12.63 -2.93 0.25
N VAL F 238 13.63 -3.80 0.53
CA VAL F 238 14.04 -4.90 -0.31
C VAL F 238 12.93 -5.76 -0.66
N LEU F 239 12.14 -6.02 0.34
CA LEU F 239 11.06 -6.89 0.22
C LEU F 239 10.06 -6.34 -0.73
N THR F 240 9.84 -5.01 -0.68
CA THR F 240 8.88 -4.35 -1.52
C THR F 240 9.15 -4.60 -2.91
N PHE F 241 10.40 -4.47 -3.18
CA PHE F 241 10.88 -4.70 -4.47
C PHE F 241 10.75 -6.07 -4.89
N GLY F 242 11.08 -7.01 -3.99
CA GLY F 242 11.10 -8.37 -4.41
C GLY F 242 9.78 -8.79 -4.83
N ILE F 243 8.78 -8.23 -4.15
CA ILE F 243 7.46 -8.50 -4.54
C ILE F 243 7.11 -7.97 -5.90
N ILE F 244 7.41 -6.72 -6.08
CA ILE F 244 6.92 -6.13 -7.26
C ILE F 244 7.58 -6.74 -8.43
N ILE F 245 8.89 -7.06 -8.32
CA ILE F 245 9.68 -7.77 -9.32
C ILE F 245 9.06 -9.01 -9.67
N GLU F 246 8.63 -9.71 -8.62
CA GLU F 246 8.02 -10.96 -8.79
C GLU F 246 6.83 -10.82 -9.63
N GLU F 247 6.07 -9.76 -9.41
CA GLU F 247 4.84 -9.62 -10.06
C GLU F 247 4.96 -9.61 -11.50
N TYR F 248 5.91 -8.89 -11.96
CA TYR F 248 6.05 -8.75 -13.37
C TYR F 248 6.34 -9.99 -13.99
N ILE F 249 7.20 -10.73 -13.30
CA ILE F 249 7.62 -12.02 -13.69
C ILE F 249 6.41 -12.89 -13.80
N ARG F 250 5.42 -12.71 -12.91
CA ARG F 250 4.19 -13.43 -12.99
C ARG F 250 3.50 -13.17 -14.27
N LEU F 251 3.43 -11.89 -14.68
CA LEU F 251 2.81 -11.58 -15.93
C LEU F 251 3.55 -12.16 -16.98
N ILE F 252 4.86 -12.06 -16.88
CA ILE F 252 5.64 -12.48 -17.95
C ILE F 252 5.47 -13.91 -18.19
N GLY F 253 5.49 -14.72 -17.15
CA GLY F 253 5.19 -16.11 -17.28
C GLY F 253 3.93 -16.32 -17.98
N SER F 254 2.91 -15.62 -17.54
CA SER F 254 1.64 -15.79 -18.12
C SER F 254 1.55 -15.39 -19.54
N VAL F 255 2.22 -14.36 -19.97
CA VAL F 255 2.18 -13.99 -21.34
C VAL F 255 3.02 -14.91 -22.14
N LYS F 256 3.88 -15.61 -21.47
CA LYS F 256 4.64 -16.62 -22.08
C LYS F 256 3.77 -17.72 -22.54
N GLN F 257 2.80 -18.00 -21.69
CA GLN F 257 1.70 -18.85 -22.00
C GLN F 257 0.95 -18.25 -23.09
N ALA F 258 0.79 -16.93 -23.06
CA ALA F 258 -0.08 -16.26 -23.96
C ALA F 258 0.30 -16.49 -25.34
N PHE F 259 1.57 -16.42 -25.47
CA PHE F 259 2.21 -16.71 -26.64
C PHE F 259 1.98 -18.10 -27.04
N SER F 260 2.10 -19.03 -26.11
CA SER F 260 2.08 -20.41 -26.50
C SER F 260 0.79 -20.81 -27.14
N GLN F 261 -0.27 -20.20 -26.60
CA GLN F 261 -1.62 -20.25 -27.05
C GLN F 261 -1.70 -19.77 -28.43
N ARG F 262 -0.98 -18.71 -28.72
CA ARG F 262 -0.98 -18.12 -30.00
C ARG F 262 -0.36 -19.06 -30.96
N GLN F 263 0.66 -19.78 -30.56
CA GLN F 263 1.27 -20.71 -31.48
C GLN F 263 0.37 -21.78 -31.86
N LYS F 264 -0.43 -22.23 -30.92
CA LYS F 264 -1.52 -23.05 -31.32
C LYS F 264 -2.48 -22.37 -32.24
N ALA F 265 -2.82 -21.10 -32.03
CA ALA F 265 -3.79 -20.39 -32.84
C ALA F 265 -3.39 -20.33 -34.26
N PHE F 266 -2.10 -20.09 -34.43
CA PHE F 266 -1.41 -20.15 -35.65
C PHE F 266 -1.58 -21.53 -36.18
N HIS F 267 -1.37 -22.49 -35.28
CA HIS F 267 -1.30 -23.82 -35.71
C HIS F 267 -2.56 -24.25 -36.31
N SER F 268 -3.63 -23.90 -35.62
CA SER F 268 -4.97 -24.22 -35.96
C SER F 268 -5.30 -23.65 -37.24
N TRP F 269 -4.82 -22.44 -37.38
CA TRP F 269 -5.06 -21.74 -38.53
C TRP F 269 -4.52 -22.47 -39.73
N HIS F 270 -3.26 -22.88 -39.69
CA HIS F 270 -2.66 -23.50 -40.81
C HIS F 270 -3.29 -24.76 -41.08
N SER F 271 -3.75 -25.41 -40.03
CA SER F 271 -4.39 -26.67 -40.07
C SER F 271 -5.60 -26.52 -40.88
N ALA F 272 -6.32 -25.40 -40.69
CA ALA F 272 -7.48 -25.11 -41.47
C ALA F 272 -7.07 -25.03 -42.88
N GLU F 273 -5.93 -24.40 -43.11
CA GLU F 273 -5.45 -24.42 -44.44
C GLU F 273 -5.02 -25.71 -45.03
N SER F 274 -4.26 -26.52 -44.31
CA SER F 274 -3.70 -27.70 -44.90
C SER F 274 -4.72 -28.67 -45.33
N GLU F 275 -5.76 -28.75 -44.53
CA GLU F 275 -6.93 -29.45 -44.86
C GLU F 275 -7.62 -28.87 -46.01
N LEU F 276 -7.73 -27.54 -46.07
CA LEU F 276 -8.47 -26.85 -47.07
C LEU F 276 -7.98 -27.22 -48.40
N MET F 277 -6.67 -27.23 -48.45
CA MET F 277 -5.91 -27.56 -49.57
C MET F 277 -6.19 -28.93 -50.01
N LYS F 278 -6.29 -29.87 -49.07
CA LYS F 278 -6.57 -31.24 -49.43
C LYS F 278 -7.86 -31.40 -50.11
N LYS F 279 -8.90 -30.76 -49.61
CA LYS F 279 -10.20 -30.89 -50.19
C LYS F 279 -10.20 -30.29 -51.53
N LYS F 280 -9.51 -29.17 -51.62
CA LYS F 280 -9.42 -28.52 -52.85
C LYS F 280 -8.74 -29.32 -53.86
N ALA F 281 -7.66 -29.94 -53.46
CA ALA F 281 -6.86 -30.74 -54.32
C ALA F 281 -7.60 -31.87 -54.86
N ALA F 282 -8.42 -32.47 -54.00
CA ALA F 282 -9.24 -33.59 -54.33
C ALA F 282 -10.22 -33.24 -55.38
N GLN F 283 -10.79 -32.05 -55.29
CA GLN F 283 -11.73 -31.56 -56.23
C GLN F 283 -11.17 -31.50 -57.60
N ASP F 284 -9.96 -30.99 -57.65
CA ASP F 284 -9.17 -30.83 -58.80
C ASP F 284 -8.89 -32.12 -59.41
N LYS F 285 -8.64 -33.12 -58.58
CA LYS F 285 -8.38 -34.43 -59.04
C LYS F 285 -9.54 -35.01 -59.70
N LEU F 286 -10.74 -34.86 -59.14
CA LEU F 286 -11.91 -35.44 -59.75
C LEU F 286 -12.11 -34.85 -61.07
N LEU F 287 -11.88 -33.56 -61.06
CA LEU F 287 -11.99 -32.76 -62.17
C LEU F 287 -11.08 -33.19 -63.28
N ARG F 288 -9.85 -33.57 -62.93
CA ARG F 288 -8.81 -33.86 -63.88
C ARG F 288 -8.55 -35.33 -63.92
N GLN F 289 -9.41 -36.14 -63.32
CA GLN F 289 -9.73 -37.49 -63.67
C GLN F 289 -10.35 -37.38 -64.99
N GLY F 290 -11.15 -36.33 -65.10
CA GLY F 290 -11.54 -35.76 -66.35
C GLY F 290 -12.97 -35.87 -66.18
N LYS F 291 -13.42 -37.14 -65.99
CA LYS F 291 -14.78 -37.51 -65.84
C LYS F 291 -15.45 -36.80 -64.70
N THR F 292 -14.92 -36.88 -63.45
CA THR F 292 -15.44 -36.09 -62.35
C THR F 292 -16.76 -36.66 -61.85
N GLN F 293 -16.85 -37.24 -60.63
CA GLN F 293 -18.15 -37.34 -59.98
C GLN F 293 -18.46 -35.98 -59.48
N GLN F 294 -19.52 -35.38 -60.03
CA GLN F 294 -19.86 -34.03 -59.70
C GLN F 294 -20.41 -33.96 -58.29
N ASP F 295 -20.83 -35.12 -57.80
CA ASP F 295 -21.22 -35.41 -56.47
C ASP F 295 -20.15 -35.15 -55.45
N ARG F 296 -18.97 -35.73 -55.67
CA ARG F 296 -17.90 -35.60 -54.72
C ARG F 296 -17.22 -34.31 -54.90
N LEU F 297 -17.32 -33.76 -56.13
CA LEU F 297 -16.77 -32.48 -56.47
C LEU F 297 -17.46 -31.41 -55.69
N ASN F 298 -18.80 -31.50 -55.62
CA ASN F 298 -19.57 -30.56 -54.86
C ASN F 298 -19.31 -30.66 -53.40
N GLN F 299 -19.25 -31.90 -52.89
CA GLN F 299 -19.04 -32.06 -51.47
C GLN F 299 -17.75 -31.46 -51.03
N VAL F 300 -16.70 -31.80 -51.80
CA VAL F 300 -15.34 -31.44 -51.55
C VAL F 300 -15.13 -29.98 -51.64
N ASN F 301 -15.76 -29.37 -52.63
CA ASN F 301 -15.79 -27.96 -52.80
C ASN F 301 -16.43 -27.26 -51.65
N ALA F 302 -17.54 -27.77 -51.10
CA ALA F 302 -18.26 -27.10 -50.04
C ALA F 302 -17.34 -26.92 -48.88
N GLU F 303 -16.62 -28.00 -48.59
CA GLU F 303 -15.60 -28.09 -47.59
C GLU F 303 -14.42 -27.20 -47.87
N VAL F 304 -14.00 -27.08 -49.14
CA VAL F 304 -12.93 -26.19 -49.53
C VAL F 304 -13.22 -24.79 -49.12
N ILE F 305 -14.44 -24.28 -49.44
CA ILE F 305 -14.73 -22.90 -49.17
C ILE F 305 -14.76 -22.68 -47.69
N ASP F 306 -15.28 -23.67 -46.93
CA ASP F 306 -15.25 -23.54 -45.48
C ASP F 306 -13.87 -23.49 -44.89
N ALA F 307 -13.01 -24.34 -45.40
CA ALA F 307 -11.64 -24.44 -45.02
C ALA F 307 -10.80 -23.23 -45.22
N GLU F 308 -11.04 -22.54 -46.35
CA GLU F 308 -10.51 -21.25 -46.71
C GLU F 308 -10.93 -20.24 -45.73
N ARG F 309 -12.21 -20.32 -45.34
CA ARG F 309 -12.73 -19.47 -44.34
C ARG F 309 -12.04 -19.72 -43.06
N LYS F 310 -11.81 -20.97 -42.70
CA LYS F 310 -11.16 -21.44 -41.50
C LYS F 310 -9.80 -20.98 -41.39
N VAL F 311 -9.13 -21.01 -42.52
CA VAL F 311 -7.86 -20.44 -42.60
C VAL F 311 -7.98 -19.02 -42.32
N HIS F 312 -8.93 -18.37 -42.95
CA HIS F 312 -9.01 -16.99 -42.70
C HIS F 312 -9.30 -16.64 -41.27
N GLN F 313 -10.26 -17.33 -40.66
CA GLN F 313 -10.69 -16.97 -39.36
C GLN F 313 -9.69 -17.14 -38.31
N ALA F 314 -9.06 -18.32 -38.32
CA ALA F 314 -8.13 -18.69 -37.31
C ALA F 314 -7.02 -17.76 -37.40
N ARG F 315 -6.64 -17.48 -38.64
CA ARG F 315 -5.69 -16.46 -38.84
C ARG F 315 -6.09 -15.07 -38.40
N LEU F 316 -7.31 -14.63 -38.70
CA LEU F 316 -7.70 -13.29 -38.42
C LEU F 316 -7.71 -12.96 -37.02
N LEU F 317 -8.30 -13.84 -36.25
CA LEU F 317 -8.51 -13.63 -34.86
C LEU F 317 -7.23 -13.51 -34.17
N PHE F 318 -6.34 -14.39 -34.61
CA PHE F 318 -4.99 -14.48 -34.26
C PHE F 318 -4.31 -13.17 -34.47
N GLU F 319 -4.66 -12.44 -35.55
CA GLU F 319 -4.14 -11.11 -35.79
C GLU F 319 -4.47 -10.20 -34.67
N ASP F 320 -5.73 -10.26 -34.31
CA ASP F 320 -6.32 -9.27 -33.51
C ASP F 320 -5.83 -9.47 -32.14
N MET F 321 -5.42 -10.72 -31.88
CA MET F 321 -4.72 -11.04 -30.69
C MET F 321 -3.44 -10.33 -30.56
N GLY F 322 -2.71 -10.15 -31.67
CA GLY F 322 -1.45 -9.45 -31.59
C GLY F 322 -1.66 -8.00 -31.35
N ARG F 323 -2.70 -7.45 -31.95
CA ARG F 323 -3.01 -6.06 -31.77
C ARG F 323 -3.33 -5.69 -30.40
N LEU F 324 -4.14 -6.54 -29.81
CA LEU F 324 -4.62 -6.43 -28.48
C LEU F 324 -3.49 -6.46 -27.56
N LEU F 325 -2.60 -7.36 -27.90
CA LEU F 325 -1.50 -7.63 -27.11
C LEU F 325 -0.62 -6.49 -27.05
N ARG F 326 -0.43 -5.81 -28.17
CA ARG F 326 0.26 -4.59 -28.18
C ARG F 326 -0.40 -3.59 -27.34
N SER F 327 -1.70 -3.43 -27.40
CA SER F 327 -2.39 -2.43 -26.60
C SER F 327 -2.17 -2.63 -25.14
N GLU F 328 -2.22 -3.90 -24.80
CA GLU F 328 -1.91 -4.32 -23.51
C GLU F 328 -0.51 -3.97 -23.24
N LEU F 329 0.38 -4.17 -24.18
CA LEU F 329 1.76 -4.06 -23.91
C LEU F 329 2.08 -2.76 -23.47
N ASP F 330 1.58 -1.77 -24.18
CA ASP F 330 1.90 -0.42 -23.84
C ASP F 330 1.41 -0.19 -22.50
N ARG F 331 0.25 -0.73 -22.24
CA ARG F 331 -0.17 -0.71 -20.93
C ARG F 331 0.76 -1.41 -19.95
N PHE F 332 1.32 -2.60 -20.16
CA PHE F 332 2.23 -3.15 -19.18
C PHE F 332 3.42 -2.39 -18.84
N GLU F 333 4.07 -1.93 -19.88
CA GLU F 333 5.37 -1.35 -19.77
C GLU F 333 5.25 -0.12 -18.93
N ARG F 334 4.18 0.55 -19.30
CA ARG F 334 3.72 1.72 -18.66
C ARG F 334 3.45 1.44 -17.26
N GLU F 335 2.83 0.29 -16.99
CA GLU F 335 2.52 -0.04 -15.64
C GLU F 335 3.74 -0.04 -14.86
N LYS F 336 4.72 -0.61 -15.50
CA LYS F 336 5.75 -1.07 -14.75
C LYS F 336 6.49 -0.18 -13.89
N VAL F 337 6.73 1.00 -14.36
CA VAL F 337 7.46 2.02 -13.69
C VAL F 337 6.85 2.34 -12.39
N GLU F 338 5.55 2.43 -12.42
CA GLU F 338 4.67 2.93 -11.44
C GLU F 338 4.78 2.07 -10.26
N ASP F 339 4.91 0.75 -10.48
CA ASP F 339 4.88 -0.22 -9.41
C ASP F 339 5.98 0.08 -8.48
N PHE F 340 7.07 0.41 -9.11
CA PHE F 340 8.33 0.50 -8.52
C PHE F 340 8.50 1.76 -8.00
N LYS F 341 7.75 2.69 -8.51
CA LYS F 341 7.85 4.02 -8.12
C LYS F 341 7.46 4.04 -6.73
N SER F 342 6.36 3.38 -6.53
CA SER F 342 5.85 3.14 -5.25
C SER F 342 6.82 2.31 -4.46
N GLY F 343 7.41 1.30 -5.11
CA GLY F 343 8.44 0.53 -4.53
C GLY F 343 9.48 1.38 -3.88
N VAL F 344 9.97 2.32 -4.66
CA VAL F 344 11.03 3.24 -4.55
C VAL F 344 10.69 4.10 -3.43
N GLU F 345 9.44 4.46 -3.38
CA GLU F 345 8.92 5.19 -2.31
C GLU F 345 9.06 4.46 -1.03
N THR F 346 8.84 3.13 -1.02
CA THR F 346 8.90 2.41 0.24
C THR F 346 10.25 2.46 0.80
N PHE F 347 11.15 2.38 -0.13
CA PHE F 347 12.46 2.60 0.20
C PHE F 347 12.74 3.97 0.74
N LEU F 348 12.23 4.99 0.06
CA LEU F 348 12.69 6.32 0.28
C LEU F 348 12.51 6.72 1.67
N GLU F 349 11.32 6.43 2.08
CA GLU F 349 10.78 6.67 3.35
C GLU F 349 11.51 5.93 4.37
N SER F 350 11.84 4.66 4.08
CA SER F 350 12.49 3.84 5.05
C SER F 350 13.79 4.40 5.41
N ALA F 351 14.50 4.93 4.42
CA ALA F 351 15.74 5.60 4.64
C ALA F 351 15.71 6.86 5.44
N VAL F 352 14.78 7.78 5.14
CA VAL F 352 14.77 9.04 5.82
C VAL F 352 14.46 8.81 7.25
N GLU F 353 13.53 7.90 7.45
CA GLU F 353 13.09 7.44 8.71
C GLU F 353 14.11 6.79 9.44
N ALA F 354 14.95 6.04 8.76
CA ALA F 354 16.08 5.44 9.36
C ALA F 354 16.96 6.45 9.97
N GLN F 355 17.19 7.58 9.28
CA GLN F 355 18.04 8.60 9.80
C GLN F 355 17.36 9.24 10.93
N LYS F 356 16.04 9.28 10.86
CA LYS F 356 15.28 9.64 11.98
C LYS F 356 15.46 8.76 13.17
N GLU F 357 15.46 7.44 12.95
CA GLU F 357 15.57 6.42 13.93
C GLU F 357 16.81 6.60 14.68
N LEU F 358 17.86 6.91 13.97
CA LEU F 358 19.03 7.30 14.63
C LEU F 358 18.88 8.52 15.42
N ILE F 359 18.19 9.52 14.90
CA ILE F 359 18.06 10.74 15.62
C ILE F 359 17.38 10.60 16.92
N GLU F 360 16.31 9.84 17.01
CA GLU F 360 15.78 9.60 18.33
C GLU F 360 16.72 8.87 19.17
N LYS F 361 17.45 7.90 18.59
CA LYS F 361 18.42 7.17 19.36
C LYS F 361 19.40 8.15 19.91
N TRP F 362 19.80 9.13 19.11
CA TRP F 362 20.62 10.17 19.59
C TRP F 362 20.00 10.94 20.70
N GLU F 363 18.73 11.33 20.55
CA GLU F 363 18.18 12.31 21.43
C GLU F 363 18.27 11.87 22.81
N THR F 364 17.94 10.62 22.97
CA THR F 364 18.04 9.85 24.15
C THR F 364 19.36 9.79 24.78
N PHE F 365 20.43 9.71 23.98
CA PHE F 365 21.71 9.40 24.54
C PHE F 365 22.41 10.68 24.72
N LEU F 366 21.85 11.77 24.17
CA LEU F 366 22.15 13.09 24.66
C LEU F 366 21.56 13.18 26.01
N MET F 367 20.34 12.63 26.14
CA MET F 367 19.58 12.64 27.35
C MET F 367 20.22 11.70 28.32
N GLN F 368 21.13 10.85 27.82
CA GLN F 368 22.14 10.26 28.65
C GLN F 368 23.34 11.20 28.58
N ALA G 1 60.77 14.54 28.17
CA ALA G 1 61.78 13.84 27.37
C ALA G 1 61.36 12.44 27.16
N ARG G 2 61.10 11.68 28.25
CA ARG G 2 60.66 10.31 28.14
C ARG G 2 59.41 10.15 27.37
N PRO G 3 58.29 10.73 27.69
CA PRO G 3 57.20 10.73 26.77
C PRO G 3 57.52 11.63 25.61
N THR G 4 58.45 12.63 25.76
CA THR G 4 58.78 13.63 24.77
C THR G 4 59.88 13.17 23.86
N PHE G 5 59.48 12.17 23.12
CA PHE G 5 60.17 11.31 22.25
C PHE G 5 59.24 11.42 21.09
N HIS G 6 59.70 11.64 19.85
CA HIS G 6 58.82 11.90 18.73
C HIS G 6 59.18 10.90 17.63
N ILE G 7 58.19 10.22 17.07
CA ILE G 7 58.41 9.01 16.34
C ILE G 7 57.56 9.08 15.13
N THR G 8 58.16 8.88 13.95
CA THR G 8 57.38 8.75 12.78
C THR G 8 57.90 7.43 12.34
N VAL G 9 56.99 6.60 11.82
CA VAL G 9 57.32 5.30 11.30
C VAL G 9 56.74 5.47 9.95
N GLY G 10 57.57 5.41 8.91
CA GLY G 10 57.07 5.82 7.63
C GLY G 10 57.69 4.91 6.69
N ASP G 11 57.72 5.41 5.46
CA ASP G 11 58.57 4.94 4.40
C ASP G 11 58.46 3.48 4.23
N PRO G 12 57.41 3.01 3.61
CA PRO G 12 57.05 1.66 3.72
C PRO G 12 57.80 1.01 2.62
N HIS G 13 59.09 0.71 2.87
CA HIS G 13 60.02 0.09 1.99
C HIS G 13 59.62 -1.27 2.15
N LYS G 14 58.56 -1.60 1.42
CA LYS G 14 57.91 -2.82 1.67
C LYS G 14 58.58 -3.54 0.64
N VAL G 15 59.43 -4.46 1.13
CA VAL G 15 60.16 -5.28 0.26
C VAL G 15 59.10 -6.07 -0.41
N GLY G 16 59.13 -6.05 -1.74
CA GLY G 16 58.18 -6.62 -2.68
C GLY G 16 58.07 -8.09 -2.48
N ASP G 17 56.94 -8.71 -2.89
CA ASP G 17 56.57 -10.12 -2.73
C ASP G 17 57.66 -11.20 -2.55
N LEU G 18 57.36 -12.14 -1.62
CA LEU G 18 58.09 -13.35 -1.33
C LEU G 18 57.05 -14.25 -0.69
N ALA G 19 55.87 -13.68 -0.33
CA ALA G 19 54.77 -14.29 0.37
C ALA G 19 54.99 -14.26 1.88
N THR G 20 55.93 -13.40 2.35
CA THR G 20 56.35 -13.38 3.74
C THR G 20 57.23 -12.16 3.94
N SER G 21 57.40 -11.35 2.87
CA SER G 21 58.30 -10.21 2.76
C SER G 21 58.06 -9.09 3.77
N HIS G 22 59.12 -8.30 4.08
CA HIS G 22 59.12 -7.69 5.35
C HIS G 22 59.40 -6.30 4.98
N ILE G 23 58.52 -5.46 5.49
CA ILE G 23 58.44 -4.06 5.31
C ILE G 23 59.44 -3.49 6.21
N VAL G 24 60.05 -2.43 5.70
CA VAL G 24 61.11 -1.88 6.36
C VAL G 24 60.59 -0.51 6.32
N TYR G 25 60.69 0.09 7.48
CA TYR G 25 60.09 1.35 7.75
C TYR G 25 61.20 2.19 8.10
N SER G 26 61.19 3.45 7.68
CA SER G 26 61.90 4.43 8.46
C SER G 26 61.34 4.46 9.83
N VAL G 27 62.22 4.61 10.80
CA VAL G 27 61.81 4.85 12.11
C VAL G 27 62.56 6.05 12.26
N ARG G 28 61.89 7.16 12.44
CA ARG G 28 62.53 8.37 12.64
C ARG G 28 62.13 8.56 13.98
N THR G 29 63.11 8.85 14.77
CA THR G 29 62.95 9.22 16.09
C THR G 29 63.33 10.63 15.82
N LYS G 30 62.55 11.62 16.20
CA LYS G 30 62.97 12.97 16.36
C LYS G 30 62.75 12.91 17.80
N THR G 31 63.65 13.34 18.63
CA THR G 31 63.43 13.05 19.99
C THR G 31 64.13 14.15 20.62
N THR G 32 63.43 14.74 21.56
CA THR G 32 64.01 15.70 22.42
C THR G 32 64.37 14.94 23.64
N SER G 33 64.03 13.63 23.67
CA SER G 33 64.31 12.82 24.79
C SER G 33 65.78 12.77 24.94
N LYS G 34 66.21 12.77 26.22
CA LYS G 34 67.58 12.65 26.62
C LYS G 34 67.76 11.19 26.95
N ALA G 35 66.74 10.33 26.64
CA ALA G 35 66.87 8.90 26.59
C ALA G 35 67.08 8.46 25.17
N TYR G 36 67.32 9.44 24.24
CA TYR G 36 67.65 9.11 22.88
C TYR G 36 68.62 10.13 22.40
N LYS G 37 69.83 9.58 22.13
CA LYS G 37 71.07 10.18 21.69
C LYS G 37 70.85 11.31 20.73
N GLN G 38 70.47 10.90 19.52
CA GLN G 38 70.19 11.66 18.36
C GLN G 38 69.00 12.50 18.66
N PRO G 39 68.95 13.79 18.39
CA PRO G 39 67.70 14.50 18.27
C PRO G 39 66.92 14.03 17.07
N GLU G 40 67.54 13.40 16.05
CA GLU G 40 66.80 12.73 15.03
C GLU G 40 67.64 11.57 14.68
N PHE G 41 67.05 10.38 14.56
CA PHE G 41 67.71 9.37 13.86
C PHE G 41 66.69 8.67 13.12
N GLU G 42 67.09 8.19 11.95
CA GLU G 42 66.28 7.29 11.24
C GLU G 42 66.94 6.01 11.03
N VAL G 43 66.19 4.93 11.29
CA VAL G 43 66.71 3.63 11.09
C VAL G 43 65.68 3.02 10.25
N LYS G 44 65.93 1.83 9.71
CA LYS G 44 65.03 1.35 8.72
C LYS G 44 64.84 -0.04 9.03
N ARG G 45 63.92 -0.25 9.97
CA ARG G 45 63.83 -1.51 10.57
C ARG G 45 62.89 -2.32 9.89
N ARG G 46 63.13 -3.62 10.00
CA ARG G 46 62.36 -4.61 9.35
C ARG G 46 61.75 -5.36 10.44
N TYR G 47 60.63 -5.99 10.07
CA TYR G 47 59.65 -6.50 10.99
C TYR G 47 60.21 -7.35 12.08
N ARG G 48 61.12 -8.20 11.64
CA ARG G 48 61.83 -9.18 12.40
C ARG G 48 62.66 -8.59 13.50
N ASP G 49 63.24 -7.42 13.22
CA ASP G 49 64.09 -6.74 14.13
C ASP G 49 63.32 -6.26 15.27
N PHE G 50 62.18 -5.66 14.96
CA PHE G 50 61.28 -5.17 15.95
C PHE G 50 60.67 -6.16 16.83
N LEU G 51 60.29 -7.31 16.26
CA LEU G 51 59.61 -8.29 17.03
C LEU G 51 60.48 -8.81 18.05
N TRP G 52 61.72 -9.08 17.61
CA TRP G 52 62.76 -9.41 18.50
C TRP G 52 62.91 -8.34 19.48
N LEU G 53 63.00 -7.10 19.03
CA LEU G 53 63.30 -6.00 19.87
C LEU G 53 62.31 -5.92 20.94
N TYR G 54 61.07 -6.09 20.56
CA TYR G 54 59.96 -6.01 21.38
C TYR G 54 60.10 -7.01 22.49
N ASN G 55 60.55 -8.19 22.10
CA ASN G 55 60.90 -9.25 22.95
C ASN G 55 62.02 -8.83 23.80
N THR G 56 63.00 -8.08 23.31
CA THR G 56 64.14 -7.62 24.05
C THR G 56 63.68 -6.79 25.15
N LEU G 57 62.73 -5.89 24.90
CA LEU G 57 62.14 -5.04 25.87
C LEU G 57 61.55 -5.91 26.89
N HIS G 58 60.95 -7.00 26.41
CA HIS G 58 60.39 -7.96 27.27
C HIS G 58 61.45 -8.51 28.18
N SER G 59 62.62 -8.81 27.62
CA SER G 59 63.73 -9.44 28.25
C SER G 59 64.49 -8.60 29.21
N ASN G 60 64.37 -7.26 29.16
CA ASN G 60 65.30 -6.48 29.94
C ASN G 60 64.57 -5.90 31.05
N ASN G 61 63.27 -6.18 31.03
CA ASN G 61 62.37 -5.55 31.89
C ASN G 61 61.65 -6.75 32.44
N PRO G 62 61.93 -7.14 33.68
CA PRO G 62 61.60 -8.47 34.24
C PRO G 62 60.17 -8.82 34.56
N GLY G 63 59.26 -7.88 34.42
CA GLY G 63 57.89 -8.06 34.75
C GLY G 63 57.37 -6.80 34.30
N VAL G 64 58.25 -5.77 34.48
CA VAL G 64 58.24 -4.45 33.99
C VAL G 64 57.97 -4.57 32.54
N VAL G 65 56.77 -4.09 32.22
CA VAL G 65 55.94 -4.25 31.07
C VAL G 65 56.65 -4.33 29.75
N VAL G 66 55.84 -4.67 28.78
CA VAL G 66 56.17 -4.75 27.43
C VAL G 66 54.80 -4.91 26.91
N PRO G 67 54.39 -3.89 26.16
CA PRO G 67 53.04 -3.78 25.76
C PRO G 67 52.96 -4.75 24.63
N PRO G 68 51.88 -4.84 24.04
CA PRO G 68 51.84 -5.65 22.32
C PRO G 68 53.07 -5.19 21.33
N PRO G 69 53.58 -5.97 20.36
CA PRO G 69 54.64 -5.66 19.34
C PRO G 69 54.36 -4.72 18.12
N PRO G 70 55.18 -4.70 17.03
CA PRO G 70 54.76 -4.56 15.62
C PRO G 70 53.75 -5.62 15.23
N GLU G 71 52.74 -5.30 14.41
CA GLU G 71 51.69 -6.18 13.98
C GLU G 71 52.07 -7.42 13.27
N LYS G 72 51.42 -8.50 13.79
CA LYS G 72 51.27 -9.86 13.37
C LYS G 72 50.70 -10.09 12.02
N GLN G 73 51.33 -11.06 11.38
CA GLN G 73 50.98 -11.51 10.08
C GLN G 73 50.19 -12.75 10.29
N ALA G 74 50.12 -13.28 11.54
CA ALA G 74 49.24 -14.32 12.02
C ALA G 74 47.77 -14.18 11.75
N VAL G 75 47.38 -13.11 11.05
CA VAL G 75 46.09 -12.96 10.49
C VAL G 75 46.32 -12.00 9.37
N GLY G 76 47.38 -11.15 9.49
CA GLY G 76 47.82 -10.19 8.52
C GLY G 76 48.22 -10.89 7.28
N ARG G 77 48.28 -10.18 6.16
CA ARG G 77 48.74 -10.79 4.95
C ARG G 77 50.04 -10.18 4.79
N PHE G 78 50.04 -9.05 4.12
CA PHE G 78 51.18 -8.27 3.93
C PHE G 78 50.60 -6.94 3.52
N GLU G 79 49.28 -6.79 3.74
CA GLU G 79 48.46 -5.73 3.29
C GLU G 79 48.99 -4.44 3.77
N SER G 80 48.82 -3.33 3.00
CA SER G 80 49.29 -2.01 3.36
C SER G 80 48.78 -1.64 4.71
N ASN G 81 47.54 -2.05 4.93
CA ASN G 81 46.79 -1.96 6.12
C ASN G 81 47.39 -2.74 7.21
N PHE G 82 47.79 -3.99 6.92
CA PHE G 82 48.37 -4.90 7.84
C PHE G 82 49.72 -4.39 8.28
N VAL G 83 50.50 -3.96 7.31
CA VAL G 83 51.79 -3.44 7.51
C VAL G 83 51.63 -2.17 8.20
N GLU G 84 50.57 -1.43 7.91
CA GLU G 84 50.23 -0.25 8.61
C GLU G 84 49.95 -0.64 9.99
N SER G 85 49.25 -1.71 10.22
CA SER G 85 48.98 -2.14 11.54
C SER G 85 50.24 -2.39 12.22
N ARG G 86 51.19 -2.96 11.52
CA ARG G 86 52.45 -3.19 12.06
C ARG G 86 53.19 -2.01 12.45
N ARG G 87 53.14 -1.02 11.57
CA ARG G 87 53.70 0.27 11.62
C ARG G 87 53.16 0.99 12.80
N ALA G 88 51.85 0.93 12.92
CA ALA G 88 51.06 1.45 13.96
C ALA G 88 51.37 0.77 15.23
N ALA G 89 51.51 -0.56 15.17
CA ALA G 89 51.64 -1.41 16.32
C ALA G 89 52.88 -1.17 16.99
N LEU G 90 53.85 -0.93 16.16
CA LEU G 90 55.06 -0.41 16.60
C LEU G 90 54.89 0.92 17.08
N GLU G 91 54.16 1.77 16.37
CA GLU G 91 54.15 3.14 16.72
C GLU G 91 53.67 3.28 18.06
N LYS G 92 52.61 2.57 18.34
CA LYS G 92 52.01 2.44 19.57
C LYS G 92 52.85 1.89 20.62
N MET G 93 53.53 0.80 20.29
CA MET G 93 54.27 0.04 21.23
C MET G 93 55.34 0.89 21.74
N LEU G 94 55.97 1.53 20.77
CA LEU G 94 57.01 2.47 20.87
C LEU G 94 56.61 3.68 21.56
N ASN G 95 55.42 4.16 21.24
CA ASN G 95 54.91 5.38 21.75
C ASN G 95 54.83 5.30 23.21
N LYS G 96 54.26 4.19 23.64
CA LYS G 96 53.98 4.02 25.01
C LYS G 96 55.17 3.85 25.79
N ILE G 97 56.04 2.99 25.24
CA ILE G 97 57.26 2.65 25.85
C ILE G 97 58.04 3.84 25.96
N ALA G 98 58.03 4.74 24.99
CA ALA G 98 58.72 5.95 25.21
C ALA G 98 58.11 6.76 26.31
N ALA G 99 56.78 6.78 26.45
CA ALA G 99 56.22 7.46 27.57
C ALA G 99 56.13 6.60 28.74
N HIS G 100 57.02 5.63 28.82
CA HIS G 100 57.32 4.94 30.00
C HIS G 100 58.74 5.09 30.03
N PRO G 101 59.33 5.75 30.93
CA PRO G 101 60.74 5.97 30.84
C PRO G 101 61.60 4.71 30.70
N THR G 102 61.30 3.59 31.41
CA THR G 102 62.09 2.35 31.44
C THR G 102 62.29 1.56 30.18
N LEU G 103 61.20 1.31 29.43
CA LEU G 103 61.26 0.51 28.24
C LEU G 103 61.93 1.28 27.19
N GLN G 104 61.80 2.61 27.30
CA GLN G 104 62.47 3.58 26.50
C GLN G 104 63.96 3.60 26.78
N LEU G 105 64.39 3.06 27.93
CA LEU G 105 65.77 3.03 28.31
C LEU G 105 66.48 1.86 27.78
N ASP G 106 65.82 0.88 27.15
CA ASP G 106 66.56 -0.25 26.65
C ASP G 106 67.58 0.27 25.64
N ALA G 107 68.87 -0.06 25.90
CA ALA G 107 70.01 0.45 25.18
C ALA G 107 70.01 -0.03 23.80
N ASP G 108 69.51 -1.29 23.60
CA ASP G 108 69.41 -1.88 22.32
C ASP G 108 68.52 -1.02 21.56
N LEU G 109 67.42 -0.62 22.19
CA LEU G 109 66.44 0.24 21.66
C LEU G 109 66.98 1.59 21.31
N LYS G 110 67.88 2.17 22.13
CA LYS G 110 68.47 3.41 21.73
C LYS G 110 69.23 3.27 20.50
N LEU G 111 70.08 2.27 20.44
CA LEU G 111 70.87 1.96 19.32
C LEU G 111 70.04 1.58 18.14
N PHE G 112 68.96 0.84 18.34
CA PHE G 112 68.03 0.38 17.37
C PHE G 112 67.35 1.48 16.60
N LEU G 113 66.97 2.55 17.30
CA LEU G 113 66.11 3.58 16.80
C LEU G 113 66.94 4.65 16.27
N GLU G 114 68.17 4.63 16.77
CA GLU G 114 69.11 5.61 16.55
C GLU G 114 70.27 5.12 15.84
N SER G 115 70.13 3.95 15.21
CA SER G 115 71.12 3.42 14.32
C SER G 115 70.35 2.46 13.47
N GLU G 116 70.58 2.43 12.14
CA GLU G 116 70.07 1.37 11.30
C GLU G 116 71.14 0.33 11.16
N SER G 117 70.96 -0.86 11.78
CA SER G 117 71.70 -2.04 11.39
C SER G 117 71.00 -3.24 11.87
N PHE G 118 69.90 -3.01 12.58
CA PHE G 118 68.96 -3.91 13.13
C PHE G 118 69.38 -4.24 14.51
N ASN G 119 68.45 -4.87 15.23
CA ASN G 119 68.45 -5.07 16.67
C ASN G 119 69.58 -5.90 17.08
N ILE G 120 69.91 -6.81 16.14
CA ILE G 120 70.84 -7.86 16.27
C ILE G 120 72.24 -7.42 16.55
N ASP G 121 72.79 -6.53 15.71
CA ASP G 121 74.19 -6.31 15.85
C ASP G 121 74.44 -5.36 16.94
N VAL G 122 73.37 -4.61 17.26
CA VAL G 122 73.25 -3.78 18.41
C VAL G 122 73.29 -4.63 19.62
N LYS G 123 72.59 -5.76 19.56
CA LYS G 123 72.51 -6.60 20.68
C LYS G 123 73.74 -7.35 20.99
N HIS G 124 74.63 -7.59 20.02
CA HIS G 124 75.89 -8.12 20.42
C HIS G 124 76.67 -7.13 21.10
N LYS G 125 76.71 -5.98 20.45
CA LYS G 125 77.53 -4.89 20.81
C LYS G 125 77.28 -4.44 22.18
N GLU G 126 76.01 -4.39 22.60
CA GLU G 126 75.76 -4.01 23.95
C GLU G 126 76.25 -4.90 25.05
N ARG G 127 76.18 -6.25 25.07
CA ARG G 127 76.71 -6.92 26.26
C ARG G 127 78.19 -7.12 26.19
N LYS G 128 78.83 -6.25 25.39
CA LYS G 128 80.19 -6.22 24.99
C LYS G 128 80.52 -7.56 24.42
N GLU G 129 79.78 -7.94 23.36
CA GLU G 129 79.97 -9.25 22.80
C GLU G 129 79.37 -9.32 21.40
N ASN G 149 45.99 -6.73 56.21
CA ASN G 149 45.22 -7.63 55.33
C ASN G 149 45.45 -9.10 55.53
N LYS G 150 45.19 -9.95 54.61
CA LYS G 150 45.48 -11.34 54.70
C LYS G 150 46.17 -11.65 53.44
N PHE G 151 46.85 -12.84 53.47
CA PHE G 151 47.52 -13.43 52.44
C PHE G 151 46.39 -13.72 51.38
N VAL G 152 45.15 -14.12 51.85
CA VAL G 152 43.93 -14.41 51.13
C VAL G 152 43.53 -13.13 50.44
N GLU G 153 43.44 -11.93 51.08
CA GLU G 153 42.99 -10.70 50.47
C GLU G 153 43.87 -10.26 49.32
N GLN G 154 45.25 -10.41 49.44
CA GLN G 154 46.20 -10.18 48.41
C GLN G 154 46.09 -11.14 47.28
N ASP G 155 45.88 -12.48 47.52
CA ASP G 155 45.73 -13.54 46.50
C ASP G 155 44.41 -13.17 45.78
N ASP G 156 43.40 -12.67 46.56
CA ASP G 156 42.08 -12.43 46.05
C ASP G 156 41.97 -11.52 44.95
N TRP G 157 42.62 -10.27 44.99
CA TRP G 157 42.62 -9.23 44.00
C TRP G 157 43.25 -9.71 42.77
N PHE G 158 44.30 -10.51 42.92
CA PHE G 158 45.01 -11.08 41.81
C PHE G 158 44.16 -12.02 41.07
N HIS G 159 43.48 -12.95 41.81
CA HIS G 159 42.58 -13.92 41.19
C HIS G 159 41.35 -13.33 40.58
N ASP G 160 40.78 -12.30 41.22
CA ASP G 160 39.63 -11.54 40.82
C ASP G 160 39.90 -10.95 39.52
N ARG G 161 41.05 -10.33 39.44
CA ARG G 161 41.61 -9.71 38.27
C ARG G 161 41.82 -10.58 37.20
N ARG G 162 42.43 -11.78 37.41
CA ARG G 162 42.69 -12.75 36.40
C ARG G 162 41.56 -13.28 35.70
N VAL G 163 40.67 -13.69 36.56
CA VAL G 163 39.37 -14.16 36.14
C VAL G 163 38.51 -13.19 35.34
N TYR G 164 38.39 -11.88 35.75
CA TYR G 164 37.58 -10.99 34.93
C TYR G 164 38.13 -10.79 33.55
N LEU G 165 39.44 -10.63 33.47
CA LEU G 165 40.02 -10.28 32.19
C LEU G 165 40.18 -11.49 31.39
N ASP G 166 40.08 -12.71 32.01
CA ASP G 166 39.98 -13.95 31.31
C ASP G 166 38.60 -14.16 30.59
N ALA G 167 37.53 -13.76 31.31
CA ALA G 167 36.19 -13.71 30.84
C ALA G 167 36.06 -12.68 29.72
N LEU G 168 36.67 -11.47 29.99
CA LEU G 168 36.61 -10.39 29.07
C LEU G 168 37.34 -10.76 27.80
N GLU G 169 38.51 -11.48 27.96
CA GLU G 169 39.29 -11.97 26.83
C GLU G 169 38.40 -12.89 25.93
N ASN G 170 37.62 -13.79 26.47
CA ASN G 170 36.88 -14.80 25.71
C ASN G 170 35.85 -13.95 24.98
N GLN G 171 35.23 -12.93 25.70
CA GLN G 171 34.31 -11.93 25.05
C GLN G 171 34.94 -11.23 23.93
N LEU G 172 36.18 -10.76 24.08
CA LEU G 172 36.93 -9.97 23.09
C LEU G 172 37.27 -10.82 21.92
N LYS G 173 37.56 -12.10 22.13
CA LYS G 173 37.68 -13.09 21.09
C LYS G 173 36.39 -13.33 20.37
N ALA G 174 35.21 -13.42 21.04
CA ALA G 174 33.91 -13.44 20.40
C ALA G 174 33.54 -12.15 19.65
N LEU G 175 33.81 -10.93 20.20
CA LEU G 175 33.61 -9.62 19.61
C LEU G 175 34.47 -9.53 18.39
N LEU G 176 35.76 -10.00 18.44
CA LEU G 176 36.67 -10.03 17.26
C LEU G 176 36.21 -10.72 16.07
N LYS G 177 35.65 -11.94 16.38
CA LYS G 177 35.03 -12.74 15.34
C LYS G 177 33.70 -12.22 14.94
N ALA G 178 33.09 -11.37 15.83
CA ALA G 178 31.86 -10.66 15.39
C ALA G 178 32.17 -9.71 14.25
N MET G 179 33.25 -8.91 14.36
CA MET G 179 33.75 -7.97 13.40
C MET G 179 34.01 -8.62 12.02
N ASP G 180 34.60 -9.86 12.05
CA ASP G 180 34.91 -10.63 10.88
C ASP G 180 33.73 -10.89 10.06
N ASN G 181 32.58 -11.28 10.81
CA ASN G 181 31.28 -11.55 10.31
C ASN G 181 30.78 -10.31 9.67
N MET G 182 30.86 -9.15 10.36
CA MET G 182 30.36 -7.91 9.87
C MET G 182 30.95 -7.47 8.60
N VAL G 183 32.29 -7.75 8.34
CA VAL G 183 32.95 -7.45 7.12
C VAL G 183 32.45 -8.39 6.05
N ALA G 184 32.24 -9.73 6.35
CA ALA G 184 31.72 -10.78 5.45
C ALA G 184 30.30 -10.44 5.08
N GLN G 185 29.52 -9.92 6.02
CA GLN G 185 28.17 -9.51 5.87
C GLN G 185 28.11 -8.06 5.39
N ARG G 186 29.11 -7.68 4.61
CA ARG G 186 28.99 -6.51 3.81
C ARG G 186 29.02 -6.91 2.36
N LYS G 187 29.14 -8.23 2.10
CA LYS G 187 29.36 -8.91 0.82
C LYS G 187 28.09 -9.46 0.40
N ALA G 188 27.54 -9.04 -0.72
CA ALA G 188 26.26 -9.38 -1.19
C ALA G 188 24.95 -9.08 -0.54
N MET G 189 24.61 -7.77 -0.26
CA MET G 189 25.20 -6.53 -0.40
C MET G 189 25.92 -6.20 -1.57
N ALA G 190 27.25 -6.29 -1.57
CA ALA G 190 28.06 -5.76 -2.53
C ALA G 190 27.89 -6.49 -3.83
N GLU G 191 28.03 -7.83 -3.89
CA GLU G 191 27.95 -8.60 -5.08
C GLU G 191 26.52 -8.48 -5.65
N ALA G 192 25.55 -8.38 -4.64
CA ALA G 192 24.10 -8.20 -4.97
C ALA G 192 23.87 -6.88 -5.65
N ALA G 193 24.43 -5.78 -5.14
CA ALA G 193 24.09 -4.51 -5.71
C ALA G 193 24.93 -4.26 -6.88
N ALA G 194 26.02 -5.00 -7.04
CA ALA G 194 26.78 -4.94 -8.22
C ALA G 194 26.23 -5.60 -9.41
N ASP G 195 25.29 -6.62 -9.19
CA ASP G 195 24.67 -7.35 -10.25
C ASP G 195 23.25 -6.75 -10.36
N PHE G 196 22.67 -6.09 -9.27
CA PHE G 196 21.46 -5.35 -9.35
C PHE G 196 21.59 -4.14 -10.28
N SER G 197 22.76 -3.39 -10.19
CA SER G 197 23.13 -2.35 -11.20
C SER G 197 23.23 -2.87 -12.59
N ALA G 198 23.90 -4.01 -12.84
CA ALA G 198 24.07 -4.53 -14.12
C ALA G 198 22.74 -4.91 -14.59
N SER G 199 21.85 -5.51 -13.74
CA SER G 199 20.55 -5.93 -14.17
C SER G 199 19.77 -4.80 -14.70
N LEU G 200 19.68 -3.67 -13.98
CA LEU G 200 18.93 -2.50 -14.41
C LEU G 200 19.56 -1.88 -15.70
N HIS G 201 20.94 -1.78 -15.72
CA HIS G 201 21.66 -1.24 -16.84
C HIS G 201 21.44 -1.96 -18.18
N ALA G 202 21.38 -3.27 -18.08
CA ALA G 202 21.34 -4.15 -19.17
C ALA G 202 20.18 -3.92 -20.09
N LEU G 203 19.03 -3.69 -19.47
CA LEU G 203 17.84 -3.52 -20.22
C LEU G 203 17.69 -2.06 -20.65
N SER G 204 18.50 -1.17 -20.06
CA SER G 204 18.41 0.19 -20.52
C SER G 204 19.15 0.43 -21.85
N THR G 205 20.06 -0.47 -22.23
CA THR G 205 20.79 -0.40 -23.50
C THR G 205 20.04 -1.10 -24.60
N VAL G 206 19.00 -1.97 -24.31
CA VAL G 206 18.38 -2.80 -25.28
C VAL G 206 17.01 -2.26 -25.53
N GLU G 207 16.45 -1.48 -24.62
CA GLU G 207 15.16 -0.87 -24.80
C GLU G 207 15.37 0.49 -25.43
N LEU G 208 14.49 0.85 -26.33
CA LEU G 208 14.68 1.87 -27.30
C LEU G 208 13.73 2.94 -27.02
N SER G 209 13.05 2.93 -25.87
CA SER G 209 12.12 3.97 -25.45
C SER G 209 12.86 4.82 -24.42
N PRO G 210 13.20 6.02 -24.77
CA PRO G 210 14.20 6.85 -24.10
C PRO G 210 13.76 7.10 -22.70
N THR G 211 12.45 7.31 -22.46
CA THR G 211 11.90 7.88 -21.21
C THR G 211 11.51 6.71 -20.34
N LEU G 212 11.85 5.49 -20.64
CA LEU G 212 11.67 4.41 -19.72
C LEU G 212 13.00 3.71 -19.40
N SER G 213 13.85 3.67 -20.44
CA SER G 213 15.20 3.21 -20.41
C SER G 213 16.06 4.00 -19.47
N GLY G 214 15.94 5.37 -19.65
CA GLY G 214 16.52 6.43 -18.83
C GLY G 214 16.18 6.20 -17.38
N PRO G 215 14.89 6.03 -16.83
CA PRO G 215 14.62 5.83 -15.42
C PRO G 215 15.23 4.55 -14.96
N LEU G 216 15.27 3.54 -15.83
CA LEU G 216 15.80 2.25 -15.46
C LEU G 216 17.26 2.40 -15.11
N ASP G 217 17.87 3.19 -16.00
CA ASP G 217 19.23 3.68 -15.91
C ASP G 217 19.51 4.47 -14.64
N ALA G 218 18.57 5.35 -14.23
CA ALA G 218 18.69 6.10 -13.01
C ALA G 218 18.73 5.21 -11.76
N LEU G 219 17.84 4.20 -11.76
CA LEU G 219 17.86 3.18 -10.68
C LEU G 219 19.13 2.30 -10.71
N SER G 220 19.77 2.02 -11.93
CA SER G 220 21.10 1.39 -12.07
C SER G 220 22.05 2.18 -11.24
N GLU G 221 22.02 3.53 -11.38
CA GLU G 221 22.89 4.44 -10.64
C GLU G 221 22.79 4.34 -9.16
N LEU G 222 21.52 4.33 -8.61
CA LEU G 222 21.30 4.18 -7.16
C LEU G 222 21.97 2.93 -6.59
N GLN G 223 21.81 1.77 -7.21
CA GLN G 223 22.45 0.52 -6.71
C GLN G 223 23.87 0.46 -6.79
N LEU G 224 24.54 0.99 -7.86
CA LEU G 224 25.97 0.99 -7.94
C LEU G 224 26.54 1.88 -6.86
N ALA G 225 25.88 3.05 -6.68
CA ALA G 225 26.19 3.97 -5.64
C ALA G 225 26.03 3.33 -4.24
N ILE G 226 24.98 2.56 -3.94
CA ILE G 226 24.82 1.85 -2.68
C ILE G 226 25.81 0.85 -2.45
N ARG G 227 26.19 0.05 -3.48
CA ARG G 227 27.27 -0.91 -3.34
C ARG G 227 28.54 -0.29 -2.82
N ASP G 228 28.92 0.81 -3.40
CA ASP G 228 30.19 1.42 -3.05
C ASP G 228 30.20 1.94 -1.65
N VAL G 229 29.16 2.67 -1.29
CA VAL G 229 28.98 3.29 -0.01
C VAL G 229 28.95 2.31 1.05
N TYR G 230 28.24 1.12 0.84
CA TYR G 230 28.33 0.09 1.85
C TYR G 230 29.69 -0.54 2.17
N GLU G 231 30.40 -0.79 1.03
CA GLU G 231 31.72 -1.38 1.09
C GLU G 231 32.68 -0.43 1.80
N ARG G 232 32.57 0.87 1.51
CA ARG G 232 33.40 1.93 2.09
C ARG G 232 33.20 2.00 3.56
N GLN G 233 31.95 1.81 4.03
CA GLN G 233 31.76 1.86 5.49
C GLN G 233 32.32 0.78 6.34
N ALA G 234 32.60 -0.41 5.74
CA ALA G 234 33.27 -1.41 6.49
C ALA G 234 34.67 -0.89 6.86
N GLN G 235 35.39 -0.21 5.91
CA GLN G 235 36.70 0.35 6.20
C GLN G 235 36.66 1.58 7.15
N GLN G 236 35.57 2.43 7.18
CA GLN G 236 35.38 3.47 8.19
C GLN G 236 35.21 2.98 9.58
N ASP G 237 34.14 2.15 9.82
CA ASP G 237 33.70 2.01 11.19
C ASP G 237 34.11 0.66 11.75
N VAL G 238 33.71 -0.40 11.05
CA VAL G 238 34.00 -1.83 11.50
C VAL G 238 35.46 -2.15 11.70
N LEU G 239 36.28 -1.71 10.72
CA LEU G 239 37.82 -1.84 10.73
C LEU G 239 38.30 -1.05 11.91
N THR G 240 37.78 0.20 12.29
CA THR G 240 38.23 0.96 13.44
C THR G 240 38.06 0.08 14.65
N PHE G 241 36.92 -0.57 14.86
CA PHE G 241 36.68 -1.41 16.01
C PHE G 241 37.56 -2.65 15.94
N GLY G 242 37.75 -3.28 14.73
CA GLY G 242 38.53 -4.42 14.58
C GLY G 242 40.01 -4.22 14.89
N ILE G 243 40.55 -2.98 14.60
CA ILE G 243 41.84 -2.61 15.07
C ILE G 243 41.90 -2.48 16.63
N ILE G 244 40.97 -1.69 17.27
CA ILE G 244 41.08 -1.43 18.71
C ILE G 244 40.88 -2.70 19.56
N ILE G 245 39.96 -3.65 19.21
CA ILE G 245 39.79 -4.93 19.78
C ILE G 245 41.06 -5.73 19.65
N GLU G 246 41.76 -5.75 18.46
CA GLU G 246 43.03 -6.46 18.17
C GLU G 246 44.18 -5.97 19.05
N GLU G 247 44.26 -4.65 19.24
CA GLU G 247 45.21 -4.06 20.12
C GLU G 247 45.11 -4.60 21.56
N TYR G 248 43.86 -4.65 22.09
CA TYR G 248 43.64 -5.00 23.45
C TYR G 248 44.00 -6.41 23.68
N ILE G 249 43.70 -7.40 22.78
CA ILE G 249 43.92 -8.79 23.03
C ILE G 249 45.45 -9.04 23.24
N ARG G 250 46.34 -8.31 22.50
CA ARG G 250 47.73 -8.35 22.75
C ARG G 250 48.23 -7.85 24.06
N LEU G 251 47.68 -6.62 24.44
CA LEU G 251 47.95 -5.96 25.72
C LEU G 251 47.42 -6.81 26.92
N ILE G 252 46.21 -7.41 26.87
CA ILE G 252 45.64 -8.29 27.86
C ILE G 252 46.48 -9.45 27.89
N GLY G 253 46.89 -9.94 26.70
CA GLY G 253 47.89 -10.98 26.54
C GLY G 253 49.15 -10.70 27.36
N SER G 254 49.73 -9.49 27.27
CA SER G 254 50.89 -9.00 27.91
C SER G 254 50.83 -8.86 29.38
N VAL G 255 49.75 -8.48 30.08
CA VAL G 255 49.71 -8.44 31.50
C VAL G 255 49.53 -9.80 32.02
N LYS G 256 49.10 -10.80 31.21
CA LYS G 256 49.20 -12.25 31.53
C LYS G 256 50.67 -12.77 31.56
N GLN G 257 51.44 -12.30 30.63
CA GLN G 257 52.91 -12.56 30.72
C GLN G 257 53.62 -11.98 31.95
N ALA G 258 53.16 -10.74 32.31
CA ALA G 258 53.52 -10.03 33.50
C ALA G 258 53.14 -10.71 34.79
N PHE G 259 51.90 -11.27 34.79
CA PHE G 259 51.34 -12.00 35.90
C PHE G 259 52.19 -13.21 36.19
N SER G 260 52.66 -13.96 35.12
CA SER G 260 53.48 -15.10 35.22
C SER G 260 54.81 -14.81 35.81
N GLN G 261 55.44 -13.66 35.54
CA GLN G 261 56.62 -13.06 36.22
C GLN G 261 56.40 -12.82 37.68
N ARG G 262 55.18 -12.26 38.02
CA ARG G 262 54.87 -12.09 39.45
C ARG G 262 54.69 -13.41 40.18
N GLN G 263 54.02 -14.47 39.60
CA GLN G 263 53.81 -15.73 40.28
C GLN G 263 55.16 -16.35 40.51
N LYS G 264 56.10 -16.16 39.56
CA LYS G 264 57.50 -16.57 39.64
C LYS G 264 58.18 -15.90 40.82
N ALA G 265 57.88 -14.59 41.00
CA ALA G 265 58.38 -13.75 42.05
C ALA G 265 57.95 -14.31 43.39
N PHE G 266 56.66 -14.80 43.44
CA PHE G 266 56.01 -15.54 44.49
C PHE G 266 56.68 -16.90 44.75
N HIS G 267 57.05 -17.63 43.64
CA HIS G 267 57.71 -18.92 43.72
C HIS G 267 59.08 -18.90 44.35
N SER G 268 59.81 -17.94 43.91
CA SER G 268 61.13 -17.64 44.43
C SER G 268 61.12 -17.17 45.93
N TRP G 269 60.15 -16.34 46.35
CA TRP G 269 60.01 -15.96 47.75
C TRP G 269 59.78 -17.08 48.63
N HIS G 270 58.82 -17.93 48.21
CA HIS G 270 58.43 -19.05 48.92
C HIS G 270 59.56 -20.02 49.01
N SER G 271 60.44 -20.22 48.00
CA SER G 271 61.58 -20.95 48.10
C SER G 271 62.51 -20.35 49.13
N ALA G 272 62.66 -19.04 49.24
CA ALA G 272 63.51 -18.35 50.14
C ALA G 272 63.11 -18.63 51.58
N GLU G 273 61.76 -18.58 51.81
CA GLU G 273 61.13 -18.91 53.05
C GLU G 273 61.33 -20.36 53.43
N SER G 274 61.23 -21.32 52.45
CA SER G 274 61.40 -22.73 52.78
C SER G 274 62.76 -23.07 53.19
N GLU G 275 63.67 -22.40 52.54
CA GLU G 275 65.17 -22.42 52.72
C GLU G 275 65.42 -21.90 54.09
N LEU G 276 64.77 -20.79 54.50
CA LEU G 276 64.90 -20.23 55.85
C LEU G 276 64.58 -21.14 56.98
N MET G 277 63.44 -21.86 56.88
CA MET G 277 62.88 -22.84 57.78
C MET G 277 63.77 -24.06 57.95
N LYS G 278 64.36 -24.54 56.79
CA LYS G 278 65.34 -25.67 56.71
C LYS G 278 66.56 -25.40 57.50
N LYS G 279 67.14 -24.21 57.30
CA LYS G 279 68.34 -23.77 57.93
C LYS G 279 68.04 -23.51 59.42
N LYS G 280 66.92 -22.87 59.79
CA LYS G 280 66.55 -22.63 61.20
C LYS G 280 66.34 -23.99 61.84
N ALA G 281 65.63 -24.97 61.18
CA ALA G 281 65.36 -26.30 61.76
C ALA G 281 66.66 -27.07 62.01
N ALA G 282 67.63 -26.94 61.13
CA ALA G 282 68.92 -27.52 61.36
C ALA G 282 69.63 -27.04 62.57
N GLN G 283 69.59 -25.67 62.83
CA GLN G 283 70.14 -24.95 63.94
C GLN G 283 69.57 -25.46 65.27
N ASP G 284 68.26 -25.65 65.36
CA ASP G 284 67.51 -26.21 66.49
C ASP G 284 67.91 -27.59 66.87
N LYS G 285 68.14 -28.42 65.86
CA LYS G 285 68.71 -29.77 66.00
C LYS G 285 70.10 -29.73 66.51
N LEU G 286 71.02 -28.85 66.05
CA LEU G 286 72.36 -28.77 66.55
C LEU G 286 72.38 -28.40 67.98
N LEU G 287 71.48 -27.48 68.38
CA LEU G 287 71.12 -26.95 69.67
C LEU G 287 70.67 -28.02 70.73
N ARG G 288 69.92 -29.06 70.27
CA ARG G 288 69.30 -30.13 71.11
C ARG G 288 70.10 -31.34 70.86
N GLN G 289 71.28 -31.30 70.24
CA GLN G 289 72.28 -32.23 70.74
C GLN G 289 72.85 -31.92 72.07
N GLY G 290 73.07 -30.56 72.36
CA GLY G 290 73.29 -30.16 73.78
C GLY G 290 74.71 -29.57 74.00
N LYS G 291 75.55 -29.80 72.92
CA LYS G 291 76.91 -29.35 72.76
C LYS G 291 76.78 -29.15 71.29
N THR G 292 77.15 -27.95 70.88
CA THR G 292 77.12 -27.44 69.49
C THR G 292 78.46 -26.81 69.47
N GLN G 293 79.34 -27.22 68.45
CA GLN G 293 80.57 -26.42 68.06
C GLN G 293 80.13 -25.00 67.62
N GLN G 294 80.89 -24.01 68.06
CA GLN G 294 80.69 -22.63 67.86
C GLN G 294 80.93 -22.25 66.44
N ASP G 295 81.72 -23.01 65.69
CA ASP G 295 82.00 -22.90 64.31
C ASP G 295 80.74 -22.95 63.55
N ARG G 296 79.94 -24.01 63.77
CA ARG G 296 78.79 -24.25 62.95
C ARG G 296 77.66 -23.44 63.43
N LEU G 297 77.62 -23.03 64.68
CA LEU G 297 76.55 -22.18 65.23
C LEU G 297 76.64 -20.86 64.52
N ASN G 298 77.86 -20.25 64.36
CA ASN G 298 78.01 -18.97 63.61
C ASN G 298 77.73 -19.21 62.17
N GLN G 299 78.22 -20.22 61.46
CA GLN G 299 78.01 -20.46 60.07
C GLN G 299 76.57 -20.68 59.61
N VAL G 300 75.82 -21.58 60.37
CA VAL G 300 74.43 -21.80 60.11
C VAL G 300 73.66 -20.60 60.38
N ASN G 301 73.91 -19.87 61.48
CA ASN G 301 73.23 -18.60 61.82
C ASN G 301 73.46 -17.52 60.74
N ALA G 302 74.64 -17.38 60.23
CA ALA G 302 74.96 -16.41 59.23
C ALA G 302 74.20 -16.61 58.06
N GLU G 303 74.06 -17.84 57.57
CA GLU G 303 73.31 -18.27 56.40
C GLU G 303 71.85 -18.04 56.54
N VAL G 304 71.37 -18.26 57.75
CA VAL G 304 70.03 -17.95 58.23
C VAL G 304 69.76 -16.51 57.99
N ILE G 305 70.72 -15.56 58.35
CA ILE G 305 70.53 -14.15 58.30
C ILE G 305 70.44 -13.80 56.83
N ASP G 306 71.28 -14.39 55.89
CA ASP G 306 71.30 -14.11 54.50
C ASP G 306 69.97 -14.56 53.93
N ALA G 307 69.39 -15.66 54.38
CA ALA G 307 68.10 -16.19 54.00
C ALA G 307 66.96 -15.33 54.37
N GLU G 308 67.08 -14.74 55.56
CA GLU G 308 66.20 -13.76 56.19
C GLU G 308 66.14 -12.49 55.34
N ARG G 309 67.32 -11.99 54.78
CA ARG G 309 67.25 -10.93 53.80
C ARG G 309 66.58 -11.28 52.46
N LYS G 310 66.89 -12.50 51.97
CA LYS G 310 66.40 -12.98 50.79
C LYS G 310 64.94 -13.04 50.80
N VAL G 311 64.32 -13.51 51.98
CA VAL G 311 62.96 -13.52 52.22
C VAL G 311 62.43 -12.09 52.18
N HIS G 312 63.11 -11.18 52.95
CA HIS G 312 62.57 -9.78 53.04
C HIS G 312 62.59 -9.07 51.65
N GLN G 313 63.72 -9.23 50.96
CA GLN G 313 63.85 -8.60 49.68
C GLN G 313 62.87 -9.17 48.74
N ALA G 314 62.71 -10.51 48.69
CA ALA G 314 61.81 -11.17 47.83
C ALA G 314 60.38 -10.76 47.99
N ARG G 315 59.95 -10.62 49.24
CA ARG G 315 58.60 -10.10 49.63
C ARG G 315 58.48 -8.69 49.13
N LEU G 316 59.56 -7.88 49.37
CA LEU G 316 59.57 -6.50 49.02
C LEU G 316 59.39 -6.22 47.57
N LEU G 317 60.12 -6.84 46.62
CA LEU G 317 59.92 -6.61 45.18
C LEU G 317 58.61 -7.04 44.61
N PHE G 318 58.16 -8.23 45.02
CA PHE G 318 56.92 -8.87 44.77
C PHE G 318 55.72 -8.02 45.20
N GLU G 319 55.80 -7.38 46.37
CA GLU G 319 54.79 -6.44 46.86
C GLU G 319 54.69 -5.29 45.90
N ASP G 320 55.82 -4.72 45.49
CA ASP G 320 55.85 -3.54 44.65
C ASP G 320 55.51 -3.90 43.30
N MET G 321 55.67 -5.13 42.82
CA MET G 321 55.07 -5.56 41.49
C MET G 321 53.62 -5.50 41.44
N GLY G 322 52.90 -5.85 42.54
CA GLY G 322 51.47 -5.77 42.61
C GLY G 322 51.04 -4.37 42.68
N ARG G 323 51.75 -3.49 43.39
CA ARG G 323 51.47 -2.11 43.51
C ARG G 323 51.50 -1.40 42.14
N LEU G 324 52.52 -1.67 41.28
CA LEU G 324 52.76 -1.26 39.92
C LEU G 324 51.68 -1.68 39.04
N LEU G 325 51.19 -2.95 39.25
CA LEU G 325 50.01 -3.54 38.58
C LEU G 325 48.71 -2.81 38.88
N ARG G 326 48.50 -2.38 40.11
CA ARG G 326 47.36 -1.52 40.46
C ARG G 326 47.31 -0.24 39.73
N SER G 327 48.45 0.52 39.72
CA SER G 327 48.66 1.85 39.13
C SER G 327 48.37 1.65 37.68
N GLU G 328 48.92 0.55 37.04
CA GLU G 328 48.64 0.25 35.68
C GLU G 328 47.18 -0.08 35.42
N LEU G 329 46.53 -0.88 36.27
CA LEU G 329 45.19 -1.29 36.02
C LEU G 329 44.21 -0.18 35.91
N ASP G 330 44.19 0.77 36.86
CA ASP G 330 43.26 1.94 36.70
C ASP G 330 43.57 2.76 35.44
N ARG G 331 44.87 3.02 34.99
CA ARG G 331 45.16 3.72 33.78
C ARG G 331 44.55 3.09 32.56
N PHE G 332 44.76 1.75 32.54
CA PHE G 332 44.42 0.89 31.44
C PHE G 332 42.91 0.91 31.20
N GLU G 333 42.13 0.82 32.29
CA GLU G 333 40.76 0.72 32.35
C GLU G 333 40.11 2.04 31.74
N ARG G 334 40.61 3.22 32.14
CA ARG G 334 40.15 4.50 31.65
C ARG G 334 40.38 4.60 30.18
N GLU G 335 41.61 4.12 29.74
CA GLU G 335 42.01 4.08 28.37
C GLU G 335 40.98 3.38 27.47
N LYS G 336 40.48 2.21 27.91
CA LYS G 336 39.72 1.36 27.08
C LYS G 336 38.47 2.08 26.58
N VAL G 337 37.84 2.89 27.53
CA VAL G 337 36.66 3.70 27.28
C VAL G 337 36.85 4.78 26.19
N GLU G 338 38.08 5.38 26.20
CA GLU G 338 38.40 6.53 25.35
C GLU G 338 38.41 6.04 23.90
N ASP G 339 39.04 4.84 23.72
CA ASP G 339 39.15 4.23 22.42
C ASP G 339 37.82 3.94 21.84
N PHE G 340 36.84 3.51 22.67
CA PHE G 340 35.60 2.98 22.09
C PHE G 340 34.76 4.20 21.90
N LYS G 341 35.03 5.31 22.57
CA LYS G 341 34.31 6.50 22.24
C LYS G 341 34.70 7.04 20.88
N SER G 342 36.04 7.06 20.61
CA SER G 342 36.54 7.43 19.26
C SER G 342 36.10 6.50 18.19
N GLY G 343 36.08 5.19 18.47
CA GLY G 343 35.36 4.11 17.80
C GLY G 343 33.99 4.34 17.41
N VAL G 344 33.16 4.76 18.40
CA VAL G 344 31.77 5.21 18.24
C VAL G 344 31.69 6.46 17.42
N GLU G 345 32.61 7.44 17.59
CA GLU G 345 32.71 8.60 16.69
C GLU G 345 32.94 8.26 15.23
N THR G 346 33.78 7.27 14.86
CA THR G 346 34.01 6.83 13.49
C THR G 346 32.74 6.29 12.91
N PHE G 347 31.95 5.54 13.65
CA PHE G 347 30.65 5.03 13.24
C PHE G 347 29.70 6.15 12.93
N LEU G 348 29.63 7.17 13.88
CA LEU G 348 28.77 8.29 13.79
C LEU G 348 29.02 9.03 12.48
N GLU G 349 30.29 9.41 12.15
CA GLU G 349 30.59 10.18 10.94
C GLU G 349 30.16 9.42 9.66
N SER G 350 30.37 8.11 9.63
CA SER G 350 30.00 7.28 8.43
C SER G 350 28.50 7.22 8.18
N ALA G 351 27.74 7.09 9.30
CA ALA G 351 26.26 6.92 9.30
C ALA G 351 25.59 8.13 8.75
N VAL G 352 26.01 9.33 9.25
CA VAL G 352 25.45 10.57 8.82
C VAL G 352 25.82 10.88 7.32
N GLU G 353 27.06 10.53 6.95
CA GLU G 353 27.61 10.73 5.61
C GLU G 353 26.91 9.92 4.58
N ALA G 354 26.54 8.66 4.97
CA ALA G 354 25.71 7.73 4.26
C ALA G 354 24.36 8.23 3.94
N GLN G 355 23.74 8.88 4.94
CA GLN G 355 22.41 9.43 4.67
C GLN G 355 22.43 10.71 3.80
N LYS G 356 23.45 11.54 3.91
CA LYS G 356 23.58 12.63 3.03
C LYS G 356 23.80 12.10 1.64
N GLU G 357 24.69 11.08 1.46
CA GLU G 357 25.05 10.59 0.15
C GLU G 357 23.80 10.08 -0.55
N LEU G 358 22.92 9.35 0.19
CA LEU G 358 21.67 8.83 -0.15
C LEU G 358 20.71 9.94 -0.55
N ILE G 359 20.61 11.13 0.09
CA ILE G 359 19.75 12.28 -0.29
C ILE G 359 20.16 12.72 -1.64
N GLU G 360 21.55 12.81 -1.85
CA GLU G 360 22.04 13.17 -3.18
C GLU G 360 21.64 12.12 -4.25
N LYS G 361 21.66 10.79 -3.94
CA LYS G 361 21.19 9.74 -4.84
C LYS G 361 19.74 9.94 -5.17
N TRP G 362 18.97 10.25 -4.11
CA TRP G 362 17.57 10.56 -4.30
C TRP G 362 17.30 11.70 -5.21
N GLU G 363 18.10 12.80 -5.03
CA GLU G 363 17.95 14.00 -5.81
C GLU G 363 18.14 13.76 -7.28
N THR G 364 19.17 12.99 -7.63
CA THR G 364 19.57 12.64 -9.03
C THR G 364 18.43 12.08 -9.78
N PHE G 365 17.53 11.26 -9.21
CA PHE G 365 16.52 10.60 -9.93
C PHE G 365 15.21 11.31 -9.84
N LEU G 366 15.08 12.38 -9.01
CA LEU G 366 14.03 13.36 -9.12
C LEU G 366 14.24 14.18 -10.41
N MET G 367 15.52 14.57 -10.65
CA MET G 367 15.87 15.42 -11.79
C MET G 367 15.81 14.62 -13.06
N GLN G 368 15.83 13.20 -12.97
CA GLN G 368 15.46 12.48 -14.17
C GLN G 368 13.94 12.20 -14.07
N ALA H 1 34.10 19.55 -17.65
CA ALA H 1 33.85 18.12 -17.49
C ALA H 1 35.05 17.36 -17.94
N ARG H 2 35.51 17.56 -19.18
CA ARG H 2 36.68 16.89 -19.69
C ARG H 2 37.90 17.15 -18.90
N PRO H 3 38.38 18.33 -18.70
CA PRO H 3 39.41 18.53 -17.72
C PRO H 3 38.82 18.35 -16.33
N THR H 4 37.49 18.52 -16.13
CA THR H 4 36.81 18.48 -14.85
C THR H 4 36.38 17.09 -14.50
N PHE H 5 37.42 16.32 -14.28
CA PHE H 5 37.53 14.94 -14.08
C PHE H 5 38.42 14.99 -12.88
N HIS H 6 38.14 14.25 -11.79
CA HIS H 6 38.89 14.38 -10.56
C HIS H 6 39.38 13.00 -10.18
N ILE H 7 40.68 12.88 -9.86
CA ILE H 7 41.34 11.60 -9.87
C ILE H 7 42.18 11.57 -8.66
N THR H 8 42.05 10.50 -7.85
CA THR H 8 42.94 10.31 -6.79
C THR H 8 43.39 8.94 -7.14
N VAL H 9 44.69 8.67 -6.96
CA VAL H 9 45.28 7.41 -7.21
C VAL H 9 45.88 7.19 -5.87
N GLY H 10 45.45 6.16 -5.15
CA GLY H 10 45.83 6.09 -3.77
C GLY H 10 46.05 4.68 -3.53
N ASP H 11 45.95 4.38 -2.24
CA ASP H 11 45.75 3.06 -1.72
C ASP H 11 46.72 2.10 -2.27
N PRO H 12 47.94 2.13 -1.79
CA PRO H 12 49.00 1.51 -2.49
C PRO H 12 48.99 0.12 -1.99
N HIS H 13 48.11 -0.71 -2.57
CA HIS H 13 47.89 -2.09 -2.30
C HIS H 13 48.98 -2.65 -3.03
N LYS H 14 50.15 -2.59 -2.38
CA LYS H 14 51.33 -2.87 -3.08
C LYS H 14 51.41 -4.23 -2.67
N VAL H 15 51.20 -5.08 -3.69
CA VAL H 15 51.26 -6.46 -3.48
C VAL H 15 52.68 -6.66 -3.11
N GLY H 16 52.87 -7.34 -1.96
CA GLY H 16 54.14 -7.59 -1.29
C GLY H 16 55.06 -8.38 -2.17
N ASP H 17 56.38 -8.31 -1.92
CA ASP H 17 57.47 -8.92 -2.69
C ASP H 17 57.22 -10.15 -3.56
N LEU H 18 57.83 -10.13 -4.77
CA LEU H 18 57.93 -11.19 -5.74
C LEU H 18 59.16 -10.84 -6.55
N ALA H 19 59.69 -9.61 -6.37
CA ALA H 19 60.79 -9.00 -7.08
C ALA H 19 60.32 -8.39 -8.38
N THR H 20 59.00 -8.16 -8.53
CA THR H 20 58.40 -7.71 -9.77
C THR H 20 56.96 -7.35 -9.50
N SER H 21 56.53 -7.45 -8.22
CA SER H 21 55.18 -7.31 -7.71
C SER H 21 54.53 -5.95 -7.99
N HIS H 22 53.17 -5.93 -8.04
CA HIS H 22 52.59 -4.90 -8.83
C HIS H 22 51.60 -4.36 -7.88
N ILE H 23 51.72 -3.05 -7.75
CA ILE H 23 50.98 -2.19 -6.90
C ILE H 23 49.71 -1.98 -7.56
N VAL H 24 48.70 -1.91 -6.69
CA VAL H 24 47.41 -1.86 -7.17
C VAL H 24 47.03 -0.70 -6.38
N TYR H 25 46.38 0.21 -7.10
CA TYR H 25 46.07 1.50 -6.61
C TYR H 25 44.64 1.55 -6.68
N SER H 26 43.97 2.16 -5.70
CA SER H 26 42.70 2.74 -6.00
C SER H 26 42.88 3.77 -7.07
N VAL H 27 41.92 3.82 -7.97
CA VAL H 27 41.86 4.86 -8.90
C VAL H 27 40.54 5.26 -8.55
N ARG H 28 40.39 6.45 -8.06
CA ARG H 28 39.13 6.95 -7.74
C ARG H 28 39.10 7.97 -8.72
N THR H 29 38.00 7.96 -9.42
CA THR H 29 37.68 8.94 -10.33
C THR H 29 36.60 9.48 -9.48
N LYS H 30 36.57 10.77 -9.19
CA LYS H 30 35.41 11.46 -8.73
C LYS H 30 35.36 12.26 -9.95
N THR H 31 34.25 12.41 -10.61
CA THR H 31 34.35 13.02 -11.86
C THR H 31 33.04 13.62 -11.99
N THR H 32 33.07 14.87 -12.37
CA THR H 32 31.90 15.56 -12.74
C THR H 32 31.84 15.46 -14.21
N SER H 33 32.87 14.84 -14.82
CA SER H 33 32.93 14.70 -16.23
C SER H 33 31.77 13.88 -16.65
N LYS H 34 31.20 14.24 -17.79
CA LYS H 34 30.12 13.56 -18.44
C LYS H 34 30.78 12.68 -19.46
N ALA H 35 32.14 12.57 -19.44
CA ALA H 35 32.89 11.56 -20.13
C ALA H 35 33.23 10.46 -19.16
N TYR H 36 32.64 10.49 -17.95
CA TYR H 36 32.81 9.42 -17.00
C TYR H 36 31.54 9.26 -16.25
N LYS H 37 30.95 8.07 -16.51
CA LYS H 37 29.70 7.50 -16.05
C LYS H 37 29.39 7.89 -14.64
N GLN H 38 30.14 7.25 -13.74
CA GLN H 38 30.12 7.35 -12.33
C GLN H 38 30.51 8.73 -11.97
N PRO H 39 29.85 9.45 -11.09
CA PRO H 39 30.44 10.58 -10.42
C PRO H 39 31.55 10.16 -9.51
N GLU H 40 31.60 8.89 -9.04
CA GLU H 40 32.77 8.39 -8.37
C GLU H 40 32.86 6.98 -8.78
N PHE H 41 34.03 6.51 -9.17
CA PHE H 41 34.24 5.14 -9.18
C PHE H 41 35.58 4.93 -8.71
N GLU H 42 35.76 3.81 -8.03
CA GLU H 42 37.05 3.36 -7.73
C GLU H 42 37.34 2.05 -8.29
N VAL H 43 38.52 1.92 -8.91
CA VAL H 43 38.90 0.69 -9.48
C VAL H 43 40.21 0.49 -8.87
N LYS H 44 40.83 -0.69 -9.05
CA LYS H 44 41.98 -0.94 -8.28
C LYS H 44 42.91 -1.56 -9.19
N ARG H 45 43.59 -0.71 -9.94
CA ARG H 45 44.30 -1.16 -11.05
C ARG H 45 45.63 -1.46 -10.72
N ARG H 46 46.19 -2.39 -11.49
CA ARG H 46 47.50 -2.88 -11.29
C ARG H 46 48.22 -2.47 -12.48
N TYR H 47 49.54 -2.39 -12.28
CA TYR H 47 50.45 -1.69 -13.14
C TYR H 47 50.31 -2.04 -14.60
N ARG H 48 50.18 -3.34 -14.80
CA ARG H 48 50.06 -4.01 -16.05
C ARG H 48 48.86 -3.58 -16.84
N ASP H 49 47.77 -3.32 -16.12
CA ASP H 49 46.53 -2.94 -16.71
C ASP H 49 46.65 -1.61 -17.32
N PHE H 50 47.25 -0.70 -16.56
CA PHE H 50 47.49 0.62 -17.01
C PHE H 50 48.40 0.78 -18.14
N LEU H 51 49.49 -0.01 -18.16
CA LEU H 51 50.45 0.14 -19.19
C LEU H 51 49.88 -0.21 -20.45
N TRP H 52 49.15 -1.34 -20.43
CA TRP H 52 48.36 -1.73 -21.53
C TRP H 52 47.44 -0.65 -21.86
N LEU H 53 46.72 -0.12 -20.88
CA LEU H 53 45.69 0.82 -21.12
C LEU H 53 46.22 1.97 -21.82
N TYR H 54 47.37 2.42 -21.36
CA TYR H 54 48.07 3.52 -21.83
C TYR H 54 48.33 3.33 -23.28
N ASN H 55 48.74 2.13 -23.62
CA ASN H 55 48.94 1.65 -24.92
C ASN H 55 47.65 1.68 -25.64
N THR H 56 46.53 1.34 -25.03
CA THR H 56 45.23 1.33 -25.61
C THR H 56 44.90 2.67 -26.08
N LEU H 57 45.17 3.68 -25.26
CA LEU H 57 44.95 5.06 -25.56
C LEU H 57 45.75 5.35 -26.75
N HIS H 58 46.95 4.76 -26.78
CA HIS H 58 47.80 4.90 -27.89
C HIS H 58 47.12 4.36 -29.12
N SER H 59 46.49 3.21 -28.99
CA SER H 59 45.87 2.46 -30.03
C SER H 59 44.59 3.02 -30.56
N ASN H 60 43.92 3.92 -29.84
CA ASN H 60 42.58 4.26 -30.28
C ASN H 60 42.61 5.61 -30.82
N ASN H 61 43.81 6.17 -30.71
CA ASN H 61 44.00 7.54 -30.98
C ASN H 61 45.17 7.46 -31.92
N PRO H 62 44.97 7.65 -33.22
CA PRO H 62 45.90 7.27 -34.29
C PRO H 62 47.18 8.04 -34.49
N GLY H 63 47.36 9.11 -33.76
CA GLY H 63 48.48 9.97 -33.90
C GLY H 63 48.23 10.87 -32.80
N VAL H 64 46.90 11.09 -32.60
CA VAL H 64 46.22 11.71 -31.52
C VAL H 64 46.76 11.09 -30.30
N VAL H 65 47.49 11.94 -29.57
CA VAL H 65 48.45 11.77 -28.53
C VAL H 65 48.16 10.66 -27.57
N VAL H 66 49.19 10.44 -26.77
CA VAL H 66 49.22 9.53 -25.71
C VAL H 66 50.48 9.98 -25.11
N PRO H 67 50.32 10.50 -23.91
CA PRO H 67 51.41 11.18 -23.27
C PRO H 67 52.24 10.06 -22.77
N PRO H 68 53.25 10.35 -22.13
CA PRO H 68 54.07 9.00 -21.05
C PRO H 68 53.01 8.09 -20.20
N PRO H 69 53.25 6.81 -19.84
CA PRO H 69 52.41 5.90 -18.99
C PRO H 69 52.30 6.06 -17.45
N PRO H 70 51.83 5.06 -16.65
CA PRO H 70 52.33 4.71 -15.30
C PRO H 70 53.81 4.42 -15.31
N GLU H 71 54.57 4.82 -14.29
CA GLU H 71 56.00 4.67 -14.18
C GLU H 71 56.56 3.31 -14.24
N LYS H 72 57.61 3.26 -15.10
CA LYS H 72 58.61 2.26 -15.39
C LYS H 72 59.43 1.80 -14.25
N GLN H 73 59.62 0.48 -14.28
CA GLN H 73 60.39 -0.23 -13.34
C GLN H 73 61.71 -0.46 -13.99
N ALA H 74 61.85 -0.15 -15.31
CA ALA H 74 63.08 -0.06 -16.08
C ALA H 74 64.20 0.77 -15.51
N VAL H 75 63.99 1.35 -14.34
CA VAL H 75 65.03 1.94 -13.55
C VAL H 75 64.49 1.85 -12.17
N GLY H 76 63.13 1.84 -12.03
CA GLY H 76 62.39 1.72 -10.82
C GLY H 76 62.71 0.42 -10.17
N ARG H 77 62.45 0.30 -8.87
CA ARG H 77 62.67 -0.96 -8.22
C ARG H 77 61.30 -1.42 -8.01
N PHE H 78 60.76 -1.01 -6.88
CA PHE H 78 59.42 -1.28 -6.52
C PHE H 78 59.19 -0.29 -5.43
N GLU H 79 60.11 0.70 -5.31
CA GLU H 79 60.20 1.65 -4.26
C GLU H 79 58.94 2.39 -4.13
N SER H 80 58.55 2.82 -2.90
CA SER H 80 57.35 3.57 -2.64
C SER H 80 57.29 4.76 -3.52
N ASN H 81 58.46 5.34 -3.70
CA ASN H 81 58.79 6.43 -4.53
C ASN H 81 58.59 6.11 -5.95
N PHE H 82 59.06 4.93 -6.39
CA PHE H 82 58.96 4.45 -7.72
C PHE H 82 57.53 4.19 -8.07
N VAL H 83 56.83 3.54 -7.17
CA VAL H 83 55.47 3.20 -7.32
C VAL H 83 54.73 4.45 -7.26
N GLU H 84 55.18 5.42 -6.46
CA GLU H 84 54.63 6.72 -6.41
C GLU H 84 54.82 7.30 -7.73
N SER H 85 55.97 7.14 -8.35
CA SER H 85 56.20 7.68 -9.63
C SER H 85 55.23 7.10 -10.55
N ARG H 86 54.93 5.84 -10.40
CA ARG H 86 53.98 5.20 -11.19
C ARG H 86 52.64 5.72 -11.07
N ARG H 87 52.25 5.95 -9.83
CA ARG H 87 51.03 6.48 -9.33
C ARG H 87 50.84 7.84 -9.89
N ALA H 88 51.88 8.63 -9.79
CA ALA H 88 52.01 9.93 -10.29
C ALA H 88 51.94 9.93 -11.76
N ALA H 89 52.61 8.97 -12.39
CA ALA H 89 52.81 8.90 -13.80
C ALA H 89 51.58 8.67 -14.47
N LEU H 90 50.81 7.83 -13.81
CA LEU H 90 49.47 7.67 -14.14
C LEU H 90 48.74 8.86 -13.88
N GLU H 91 48.95 9.49 -12.73
CA GLU H 91 48.08 10.55 -12.35
C GLU H 91 48.14 11.58 -13.34
N LYS H 92 49.33 11.88 -13.74
CA LYS H 92 49.67 12.77 -14.76
C LYS H 92 49.14 12.42 -16.07
N MET H 93 49.31 11.15 -16.44
CA MET H 93 49.00 10.69 -17.75
C MET H 93 47.57 10.86 -17.94
N LEU H 94 46.87 10.42 -16.91
CA LEU H 94 45.47 10.46 -16.71
C LEU H 94 44.96 11.81 -16.64
N ASN H 95 45.66 12.66 -15.93
CA ASN H 95 45.26 13.99 -15.66
C ASN H 95 45.11 14.70 -16.94
N LYS H 96 46.14 14.54 -17.75
CA LYS H 96 46.20 15.26 -18.95
C LYS H 96 45.24 14.83 -19.92
N ILE H 97 45.15 13.50 -20.02
CA ILE H 97 44.28 12.86 -20.92
C ILE H 97 42.94 13.21 -20.56
N ALA H 98 42.60 13.33 -19.29
CA ALA H 98 41.30 13.80 -18.99
C ALA H 98 41.11 15.22 -19.44
N ALA H 99 42.11 16.08 -19.31
CA ALA H 99 41.96 17.39 -19.83
C ALA H 99 42.33 17.48 -21.24
N HIS H 100 42.19 16.36 -21.94
CA HIS H 100 42.14 16.32 -23.34
C HIS H 100 40.92 15.59 -23.53
N PRO H 101 39.93 16.11 -24.08
CA PRO H 101 38.68 15.38 -24.15
C PRO H 101 38.77 13.99 -24.80
N THR H 102 39.54 13.80 -25.90
CA THR H 102 39.65 12.55 -26.67
C THR H 102 40.18 11.30 -26.02
N LEU H 103 41.31 11.42 -25.31
CA LEU H 103 41.96 10.29 -24.70
C LEU H 103 41.16 9.87 -23.54
N GLN H 104 40.47 10.87 -22.96
CA GLN H 104 39.51 10.69 -21.92
C GLN H 104 38.27 9.96 -22.39
N LEU H 105 38.05 9.93 -23.72
CA LEU H 105 36.91 9.28 -24.30
C LEU H 105 37.13 7.86 -24.54
N ASP H 106 38.34 7.30 -24.38
CA ASP H 106 38.52 5.89 -24.63
C ASP H 106 37.59 5.12 -23.69
N ALA H 107 36.72 4.29 -24.30
CA ALA H 107 35.65 3.59 -23.63
C ALA H 107 36.18 2.60 -22.69
N ASP H 108 37.34 2.00 -23.05
CA ASP H 108 38.00 1.05 -22.23
C ASP H 108 38.33 1.75 -21.01
N LEU H 109 38.85 2.97 -21.15
CA LEU H 109 39.22 3.84 -20.11
C LEU H 109 38.06 4.22 -19.25
N LYS H 110 36.86 4.44 -19.81
CA LYS H 110 35.75 4.70 -18.96
C LYS H 110 35.45 3.57 -18.11
N LEU H 111 35.37 2.40 -18.71
CA LEU H 111 35.13 1.18 -18.03
C LEU H 111 36.23 0.85 -17.08
N PHE H 112 37.46 1.11 -17.43
CA PHE H 112 38.65 0.89 -16.66
C PHE H 112 38.67 1.61 -15.35
N LEU H 113 38.22 2.86 -15.34
CA LEU H 113 38.38 3.80 -14.27
C LEU H 113 37.19 3.74 -13.43
N GLU H 114 36.15 3.24 -14.09
CA GLU H 114 34.86 3.20 -13.58
C GLU H 114 34.37 1.86 -13.41
N SER H 115 35.28 0.89 -13.43
CA SER H 115 34.98 -0.48 -13.09
C SER H 115 36.30 -1.04 -12.71
N GLU H 116 36.38 -1.86 -11.63
CA GLU H 116 37.54 -2.65 -11.34
C GLU H 116 37.35 -4.02 -11.91
N SER H 117 38.07 -4.37 -13.00
CA SER H 117 38.25 -5.75 -13.38
C SER H 117 39.43 -5.88 -14.26
N PHE H 118 40.04 -4.72 -14.56
CA PHE H 118 41.21 -4.49 -15.31
C PHE H 118 40.82 -4.26 -16.72
N ASN H 119 41.80 -3.77 -17.50
CA ASN H 119 41.65 -3.19 -18.80
C ASN H 119 41.17 -4.20 -19.77
N ILE H 120 41.62 -5.43 -19.47
CA ILE H 120 41.48 -6.59 -20.27
C ILE H 120 40.08 -7.00 -20.52
N ASP H 121 39.27 -7.16 -19.47
CA ASP H 121 38.01 -7.79 -19.72
C ASP H 121 37.05 -6.78 -20.22
N VAL H 122 37.39 -5.52 -19.94
CA VAL H 122 36.80 -4.36 -20.50
C VAL H 122 37.04 -4.34 -21.95
N LYS H 123 38.28 -4.67 -22.34
CA LYS H 123 38.64 -4.61 -23.69
C LYS H 123 38.06 -5.66 -24.54
N HIS H 124 37.67 -6.82 -23.98
CA HIS H 124 36.91 -7.72 -24.80
C HIS H 124 35.59 -7.20 -25.03
N LYS H 125 35.00 -6.80 -23.91
CA LYS H 125 33.65 -6.41 -23.82
C LYS H 125 33.34 -5.31 -24.74
N GLU H 126 34.22 -4.33 -24.85
CA GLU H 126 33.97 -3.28 -25.77
C GLU H 126 33.90 -3.59 -27.23
N ARG H 127 34.75 -4.40 -27.90
CA ARG H 127 34.50 -4.57 -29.35
C ARG H 127 33.47 -5.60 -29.63
N LYS H 128 32.60 -5.82 -28.62
CA LYS H 128 31.58 -6.80 -28.51
C LYS H 128 32.21 -8.12 -28.74
N GLU H 129 33.21 -8.46 -27.89
CA GLU H 129 33.93 -9.69 -28.08
C GLU H 129 34.70 -10.05 -26.83
N ASN I 1 103.31 -52.16 135.11
CA ASN I 1 102.74 -52.65 133.84
C ASN I 1 102.84 -54.18 133.69
N LYS I 2 102.36 -54.62 132.56
CA LYS I 2 102.30 -55.99 132.24
C LYS I 2 102.46 -56.17 130.79
N PHE I 3 103.23 -57.16 130.43
CA PHE I 3 103.64 -57.48 129.09
C PHE I 3 102.43 -57.74 128.20
N VAL I 4 101.32 -58.42 128.60
CA VAL I 4 100.18 -58.73 127.76
C VAL I 4 99.53 -57.52 127.27
N GLU I 5 99.32 -56.58 128.16
CA GLU I 5 98.63 -55.32 128.04
C GLU I 5 99.31 -54.46 127.03
N GLN I 6 100.65 -54.48 126.97
CA GLN I 6 101.47 -53.74 126.00
C GLN I 6 101.23 -54.34 124.64
N ASP I 7 101.20 -55.65 124.46
CA ASP I 7 100.80 -56.20 123.14
C ASP I 7 99.37 -55.99 122.67
N ASP I 8 98.43 -56.01 123.64
CA ASP I 8 96.99 -55.76 123.52
C ASP I 8 96.76 -54.38 122.97
N TRP I 9 97.45 -53.29 123.51
CA TRP I 9 97.48 -51.95 123.00
C TRP I 9 98.09 -51.86 121.63
N PHE I 10 99.16 -52.71 121.28
CA PHE I 10 99.74 -52.72 119.97
C PHE I 10 98.79 -53.14 118.86
N HIS I 11 98.10 -54.35 119.06
CA HIS I 11 97.29 -54.93 118.03
C HIS I 11 96.10 -54.09 117.76
N ASP I 12 95.61 -53.47 118.87
CA ASP I 12 94.49 -52.50 118.82
C ASP I 12 94.78 -51.29 117.98
N ARG I 13 95.96 -50.61 118.18
CA ARG I 13 96.29 -49.43 117.46
C ARG I 13 96.45 -49.68 116.02
N ARG I 14 97.13 -50.80 115.72
CA ARG I 14 97.45 -51.22 114.33
C ARG I 14 96.25 -51.55 113.50
N VAL I 15 95.30 -52.38 114.01
CA VAL I 15 94.00 -52.56 113.45
C VAL I 15 93.19 -51.33 113.29
N TYR I 16 93.09 -50.47 114.33
CA TYR I 16 92.24 -49.32 114.27
C TYR I 16 92.60 -48.36 113.15
N LEU I 17 93.92 -48.10 113.01
CA LEU I 17 94.48 -47.07 112.12
C LEU I 17 94.72 -47.66 110.77
N ASP I 18 94.55 -49.02 110.64
CA ASP I 18 94.40 -49.61 109.31
C ASP I 18 92.96 -49.32 108.84
N ALA I 19 91.93 -49.49 109.73
CA ALA I 19 90.51 -49.21 109.34
C ALA I 19 90.38 -47.80 108.95
N LEU I 20 90.99 -46.88 109.81
CA LEU I 20 90.91 -45.49 109.57
C LEU I 20 91.56 -45.00 108.30
N GLU I 21 92.78 -45.45 107.92
CA GLU I 21 93.46 -45.05 106.71
C GLU I 21 92.64 -45.35 105.49
N ASN I 22 92.09 -46.61 105.41
CA ASN I 22 91.30 -47.02 104.24
C ASN I 22 89.99 -46.24 104.13
N GLN I 23 89.43 -45.90 105.34
CA GLN I 23 88.30 -44.99 105.47
C GLN I 23 88.52 -43.67 104.91
N LEU I 24 89.62 -42.99 105.29
CA LEU I 24 90.06 -41.68 104.91
C LEU I 24 90.26 -41.53 103.41
N LYS I 25 90.72 -42.65 102.74
CA LYS I 25 90.85 -42.71 101.32
C LYS I 25 89.49 -42.60 100.56
N ALA I 26 88.44 -43.31 101.11
CA ALA I 26 87.05 -43.22 100.62
C ALA I 26 86.48 -41.83 100.76
N LEU I 27 86.65 -41.07 101.94
CA LEU I 27 86.13 -39.70 102.17
C LEU I 27 86.85 -38.75 101.28
N LEU I 28 88.16 -38.87 100.96
CA LEU I 28 88.91 -38.10 100.05
C LEU I 28 88.36 -38.16 98.64
N LYS I 29 87.91 -39.33 98.15
CA LYS I 29 87.36 -39.53 96.82
C LYS I 29 86.05 -38.84 96.66
N ALA I 30 85.31 -38.83 97.77
CA ALA I 30 84.09 -38.13 97.89
C ALA I 30 84.18 -36.69 97.67
N MET I 31 85.31 -36.09 98.22
CA MET I 31 85.67 -34.70 97.97
C MET I 31 85.93 -34.30 96.56
N ASP I 32 86.63 -35.14 95.78
CA ASP I 32 87.12 -34.88 94.44
C ASP I 32 85.95 -34.63 93.54
N ASN I 33 84.89 -35.45 93.78
CA ASN I 33 83.60 -35.23 93.09
C ASN I 33 82.85 -34.03 93.46
N MET I 34 82.91 -33.65 94.73
CA MET I 34 82.22 -32.57 95.30
C MET I 34 82.73 -31.28 94.72
N VAL I 35 84.03 -31.15 94.47
CA VAL I 35 84.63 -29.93 93.84
C VAL I 35 84.13 -29.79 92.41
N ALA I 36 84.18 -30.95 91.74
CA ALA I 36 83.74 -31.13 90.38
C ALA I 36 82.28 -30.80 90.14
N GLN I 37 81.33 -31.19 91.08
CA GLN I 37 79.98 -30.82 91.04
C GLN I 37 79.72 -29.44 91.42
N ARG I 38 80.37 -28.86 92.44
CA ARG I 38 80.13 -27.49 92.75
C ARG I 38 80.50 -26.51 91.65
N LYS I 39 81.54 -26.89 90.90
CA LYS I 39 81.92 -26.26 89.58
C LYS I 39 80.86 -26.15 88.54
N ALA I 40 79.78 -27.00 88.58
CA ALA I 40 79.04 -27.27 87.42
C ALA I 40 77.61 -27.25 87.88
N MET I 41 77.24 -27.25 89.21
CA MET I 41 75.97 -26.78 89.84
C MET I 41 75.76 -25.29 89.55
N ALA I 42 76.93 -24.60 89.58
CA ALA I 42 77.06 -23.25 89.21
C ALA I 42 76.67 -23.08 87.76
N GLU I 43 77.19 -23.89 86.77
CA GLU I 43 76.86 -23.81 85.33
C GLU I 43 75.38 -24.10 85.15
N ALA I 44 74.82 -25.01 86.00
CA ALA I 44 73.48 -25.42 86.10
C ALA I 44 72.63 -24.11 86.34
N ALA I 45 73.20 -23.22 87.21
CA ALA I 45 72.51 -22.04 87.64
C ALA I 45 72.75 -20.83 86.74
N ALA I 46 73.53 -21.04 85.74
CA ALA I 46 73.92 -20.02 84.72
C ALA I 46 72.90 -20.12 83.63
N ASP I 47 72.52 -21.40 83.36
CA ASP I 47 71.42 -21.75 82.45
C ASP I 47 70.07 -21.21 82.99
N PHE I 48 69.90 -21.37 84.36
CA PHE I 48 68.74 -21.00 85.05
C PHE I 48 68.38 -19.51 85.02
N SER I 49 69.49 -18.77 85.21
CA SER I 49 69.53 -17.33 85.09
C SER I 49 69.25 -16.95 83.71
N ALA I 50 69.86 -17.63 82.76
CA ALA I 50 69.70 -17.36 81.33
C ALA I 50 68.34 -17.50 80.88
N SER I 51 67.56 -18.53 81.30
CA SER I 51 66.15 -18.75 80.95
C SER I 51 65.26 -17.63 81.46
N LEU I 52 65.53 -17.13 82.75
CA LEU I 52 64.79 -15.99 83.31
C LEU I 52 64.93 -14.79 82.52
N HIS I 53 66.16 -14.43 82.12
CA HIS I 53 66.43 -13.36 81.17
C HIS I 53 65.85 -13.58 79.74
N ALA I 54 65.92 -14.80 79.25
CA ALA I 54 65.45 -15.19 77.97
C ALA I 54 63.92 -15.11 77.89
N LEU I 55 63.21 -14.94 79.04
CA LEU I 55 61.75 -14.98 79.16
C LEU I 55 61.27 -13.51 79.42
N SER I 56 62.10 -12.64 80.00
CA SER I 56 61.96 -11.22 80.15
C SER I 56 62.16 -10.51 78.85
N THR I 57 62.59 -11.26 77.75
CA THR I 57 62.58 -10.61 76.47
C THR I 57 61.21 -10.86 75.77
N VAL I 58 60.51 -11.90 76.19
CA VAL I 58 59.33 -12.38 75.37
C VAL I 58 58.06 -12.07 76.19
N GLU I 59 58.16 -11.58 77.46
CA GLU I 59 57.16 -10.80 78.27
C GLU I 59 57.85 -9.58 78.76
N LEU I 60 57.09 -8.53 79.35
CA LEU I 60 57.61 -7.21 79.51
C LEU I 60 56.67 -6.54 80.45
N SER I 61 55.54 -7.21 80.75
CA SER I 61 54.41 -6.63 81.45
C SER I 61 54.88 -6.15 82.87
N PRO I 62 54.49 -4.90 83.29
CA PRO I 62 55.29 -4.16 84.27
C PRO I 62 55.48 -4.80 85.60
N THR I 63 54.51 -5.50 86.06
CA THR I 63 54.33 -6.07 87.40
C THR I 63 54.68 -7.49 87.39
N LEU I 64 55.25 -8.05 86.24
CA LEU I 64 55.83 -9.36 86.22
C LEU I 64 57.37 -9.29 85.99
N SER I 65 57.84 -8.33 85.21
CA SER I 65 59.22 -8.14 84.90
C SER I 65 60.12 -7.80 86.01
N GLY I 66 59.61 -6.86 86.89
CA GLY I 66 60.31 -6.45 88.11
C GLY I 66 60.73 -7.55 88.99
N PRO I 67 59.87 -8.43 89.45
CA PRO I 67 60.28 -9.61 90.22
C PRO I 67 61.22 -10.53 89.44
N LEU I 68 61.00 -10.61 88.10
CA LEU I 68 61.68 -11.54 87.28
C LEU I 68 63.17 -11.27 87.20
N ASP I 69 63.61 -9.98 87.06
CA ASP I 69 64.96 -9.65 87.13
C ASP I 69 65.54 -9.91 88.44
N ALA I 70 64.78 -9.63 89.61
CA ALA I 70 65.24 -9.75 90.95
C ALA I 70 65.62 -11.16 91.26
N LEU I 71 64.78 -12.06 90.80
CA LEU I 71 64.96 -13.46 90.72
C LEU I 71 66.09 -14.02 89.90
N SER I 72 66.41 -13.34 88.74
CA SER I 72 67.62 -13.71 88.03
C SER I 72 68.88 -13.48 88.88
N GLU I 73 68.98 -12.32 89.56
CA GLU I 73 70.00 -11.87 90.46
C GLU I 73 70.12 -12.72 91.68
N LEU I 74 68.97 -13.11 92.29
CA LEU I 74 68.90 -14.09 93.37
C LEU I 74 69.52 -15.36 93.12
N GLN I 75 69.22 -15.86 91.95
CA GLN I 75 69.74 -17.07 91.32
C GLN I 75 71.20 -16.93 91.16
N LEU I 76 71.73 -15.75 90.69
CA LEU I 76 73.16 -15.49 90.52
C LEU I 76 73.87 -15.49 91.81
N ALA I 77 73.31 -15.06 92.95
CA ALA I 77 73.80 -15.22 94.29
C ALA I 77 73.86 -16.74 94.60
N ILE I 78 72.84 -17.52 94.32
CA ILE I 78 72.94 -18.94 94.57
C ILE I 78 74.01 -19.61 93.77
N ARG I 79 74.15 -19.25 92.48
CA ARG I 79 75.18 -19.66 91.58
C ARG I 79 76.54 -19.47 92.26
N ASP I 80 76.66 -18.24 92.76
CA ASP I 80 77.88 -17.79 93.40
C ASP I 80 78.21 -18.61 94.68
N VAL I 81 77.18 -18.91 95.53
CA VAL I 81 77.29 -19.75 96.82
C VAL I 81 77.79 -21.07 96.52
N TYR I 82 77.36 -21.71 95.37
CA TYR I 82 77.80 -22.97 94.89
C TYR I 82 79.34 -22.99 94.58
N GLU I 83 79.79 -21.90 93.91
CA GLU I 83 81.21 -21.72 93.61
C GLU I 83 82.05 -21.59 94.91
N ARG I 84 81.42 -20.75 95.84
CA ARG I 84 82.00 -20.44 97.18
C ARG I 84 82.27 -21.65 98.02
N GLN I 85 81.33 -22.56 97.95
CA GLN I 85 81.26 -23.76 98.77
C GLN I 85 82.24 -24.77 98.44
N ALA I 86 82.77 -24.80 97.18
CA ALA I 86 83.92 -25.68 96.89
C ALA I 86 85.14 -25.40 97.72
N GLN I 87 85.39 -24.09 98.00
CA GLN I 87 86.47 -23.58 98.85
C GLN I 87 86.02 -23.54 100.27
N GLN I 88 84.76 -23.75 100.63
CA GLN I 88 84.34 -23.79 102.09
C GLN I 88 84.44 -25.21 102.55
N ASP I 89 83.36 -25.96 102.56
CA ASP I 89 83.31 -27.28 103.03
C ASP I 89 84.32 -28.23 102.28
N VAL I 90 84.35 -28.31 100.90
CA VAL I 90 85.07 -29.29 100.11
C VAL I 90 86.57 -29.22 100.31
N LEU I 91 87.07 -27.98 100.22
CA LEU I 91 88.43 -27.78 100.37
C LEU I 91 88.91 -28.01 101.79
N THR I 92 88.15 -27.62 102.81
CA THR I 92 88.50 -27.70 104.22
C THR I 92 88.64 -29.10 104.66
N PHE I 93 87.64 -30.00 104.35
CA PHE I 93 87.62 -31.44 104.74
C PHE I 93 88.71 -32.15 103.97
N GLY I 94 88.82 -31.83 102.68
CA GLY I 94 89.79 -32.55 101.83
C GLY I 94 91.25 -32.45 102.25
N ILE I 95 91.66 -31.20 102.70
CA ILE I 95 92.94 -30.91 103.27
C ILE I 95 93.13 -31.67 104.64
N ILE I 96 92.14 -31.53 105.57
CA ILE I 96 92.34 -32.36 106.86
C ILE I 96 92.39 -33.81 106.69
N ILE I 97 91.58 -34.44 105.78
CA ILE I 97 91.67 -35.88 105.51
C ILE I 97 93.00 -36.38 105.06
N GLU I 98 93.62 -35.56 104.13
CA GLU I 98 94.92 -35.90 103.58
C GLU I 98 95.94 -35.90 104.66
N GLU I 99 95.80 -34.87 105.51
CA GLU I 99 96.61 -34.64 106.71
C GLU I 99 96.58 -35.73 107.75
N TYR I 100 95.38 -36.28 108.02
CA TYR I 100 95.25 -37.44 108.98
C TYR I 100 95.97 -38.64 108.48
N ILE I 101 95.95 -38.91 107.10
CA ILE I 101 96.69 -39.99 106.42
C ILE I 101 98.14 -39.84 106.57
N ARG I 102 98.70 -38.55 106.50
CA ARG I 102 100.08 -38.31 106.74
C ARG I 102 100.51 -38.76 108.10
N LEU I 103 99.69 -38.42 109.12
CA LEU I 103 99.94 -38.74 110.52
C LEU I 103 99.86 -40.19 110.79
N ILE I 104 98.83 -41.01 110.21
CA ILE I 104 98.76 -42.47 110.26
C ILE I 104 99.87 -43.13 109.56
N GLY I 105 100.15 -42.60 108.38
CA GLY I 105 101.20 -42.87 107.46
C GLY I 105 102.58 -42.84 108.06
N SER I 106 102.91 -41.89 108.94
CA SER I 106 104.12 -41.82 109.80
C SER I 106 104.17 -42.83 110.86
N VAL I 107 102.99 -43.12 111.49
CA VAL I 107 102.88 -44.24 112.48
C VAL I 107 102.94 -45.62 111.85
N LYS I 108 102.69 -45.84 110.53
CA LYS I 108 103.07 -47.08 109.80
C LYS I 108 104.60 -47.26 109.76
N GLN I 109 105.41 -46.23 109.54
CA GLN I 109 106.89 -46.35 109.50
C GLN I 109 107.43 -46.77 110.88
N ALA I 110 106.82 -46.15 111.96
CA ALA I 110 107.13 -46.40 113.39
C ALA I 110 106.86 -47.79 113.79
N PHE I 111 105.70 -48.33 113.27
CA PHE I 111 105.40 -49.73 113.43
C PHE I 111 106.35 -50.66 112.82
N SER I 112 106.82 -50.44 111.63
CA SER I 112 107.67 -51.35 110.85
C SER I 112 108.99 -51.56 111.62
N GLN I 113 109.43 -50.43 112.31
CA GLN I 113 110.67 -50.31 113.17
C GLN I 113 110.68 -51.28 114.34
N ARG I 114 109.44 -51.37 115.05
CA ARG I 114 109.14 -52.33 116.02
C ARG I 114 108.98 -53.75 115.51
N GLN I 115 108.29 -53.86 114.39
CA GLN I 115 107.88 -55.12 113.74
C GLN I 115 109.07 -55.96 113.33
N LYS I 116 110.13 -55.39 112.83
CA LYS I 116 111.37 -56.15 112.57
C LYS I 116 111.95 -56.72 113.90
N ALA I 117 111.92 -55.84 114.95
CA ALA I 117 112.32 -56.12 116.30
C ALA I 117 111.56 -57.29 116.94
N PHE I 118 110.22 -57.38 116.72
CA PHE I 118 109.39 -58.47 117.14
C PHE I 118 109.73 -59.75 116.48
N HIS I 119 109.96 -59.69 115.11
CA HIS I 119 110.22 -60.80 114.31
C HIS I 119 111.49 -61.37 114.75
N SER I 120 112.55 -60.56 115.07
CA SER I 120 113.79 -61.03 115.69
C SER I 120 113.69 -61.64 117.08
N TRP I 121 112.88 -61.07 117.92
CA TRP I 121 112.58 -61.54 119.24
C TRP I 121 112.07 -62.95 119.27
N HIS I 122 111.10 -63.36 118.36
CA HIS I 122 110.48 -64.68 118.36
C HIS I 122 111.57 -65.69 118.05
N SER I 123 112.55 -65.38 117.09
CA SER I 123 113.70 -66.23 116.72
C SER I 123 114.58 -66.40 117.94
N ALA I 124 114.78 -65.34 118.64
CA ALA I 124 115.58 -65.34 119.84
C ALA I 124 114.94 -66.18 120.97
N GLU I 125 113.64 -66.10 121.23
CA GLU I 125 112.86 -66.94 122.12
C GLU I 125 112.80 -68.47 121.70
N SER I 126 112.53 -68.83 120.41
CA SER I 126 112.62 -70.19 119.98
C SER I 126 114.00 -70.85 119.96
N GLU I 127 115.04 -70.11 119.69
CA GLU I 127 116.45 -70.51 119.97
C GLU I 127 116.75 -70.77 121.41
N LEU I 128 116.30 -69.88 122.35
CA LEU I 128 116.47 -70.01 123.82
C LEU I 128 115.82 -71.28 124.35
N MET I 129 114.54 -71.44 123.93
CA MET I 129 113.74 -72.60 124.34
C MET I 129 114.36 -73.91 123.87
N LYS I 130 114.94 -74.03 122.59
CA LYS I 130 115.57 -75.18 121.98
C LYS I 130 116.76 -75.59 122.81
N LYS I 131 117.63 -74.59 123.30
CA LYS I 131 118.80 -74.69 124.04
C LYS I 131 118.54 -75.17 125.42
N LYS I 132 117.51 -74.63 126.06
CA LYS I 132 117.07 -74.97 127.39
C LYS I 132 116.61 -76.41 127.43
N ALA I 133 115.85 -76.90 126.40
CA ALA I 133 115.48 -78.27 126.16
C ALA I 133 116.65 -79.23 125.94
N ALA I 134 117.75 -78.85 125.24
CA ALA I 134 118.98 -79.60 125.02
C ALA I 134 119.74 -79.92 126.28
N GLN I 135 119.75 -78.94 127.20
CA GLN I 135 120.33 -79.20 128.53
C GLN I 135 119.54 -80.30 129.24
N ASP I 136 118.17 -80.14 129.25
CA ASP I 136 117.29 -81.07 129.90
C ASP I 136 117.50 -82.49 129.36
N LYS I 137 117.69 -82.61 127.99
CA LYS I 137 117.85 -83.86 127.23
C LYS I 137 119.09 -84.66 127.64
N LEU I 138 120.21 -83.92 127.83
CA LEU I 138 121.48 -84.43 128.30
C LEU I 138 121.42 -85.05 129.69
N LEU I 139 120.63 -84.41 130.61
CA LEU I 139 120.37 -84.90 131.95
C LEU I 139 119.76 -86.30 131.99
N ARG I 140 118.85 -86.53 131.03
CA ARG I 140 118.19 -87.82 131.00
C ARG I 140 118.60 -88.74 129.94
N GLN I 141 119.79 -88.38 129.25
CA GLN I 141 120.72 -89.32 128.65
C GLN I 141 121.36 -90.28 129.60
N GLY I 142 121.81 -89.77 130.82
CA GLY I 142 122.42 -90.54 131.89
C GLY I 142 123.95 -90.33 131.86
N LYS I 143 124.47 -89.73 130.74
CA LYS I 143 125.90 -89.48 130.53
C LYS I 143 125.95 -88.08 129.86
N THR I 144 126.75 -87.18 130.37
CA THR I 144 126.87 -85.86 129.81
C THR I 144 128.33 -85.48 129.70
N GLN I 145 128.83 -84.93 128.57
CA GLN I 145 130.05 -84.16 128.61
C GLN I 145 129.70 -82.79 129.16
N GLN I 146 130.37 -82.43 130.33
CA GLN I 146 130.08 -81.18 131.11
C GLN I 146 130.54 -79.87 130.44
N ASP I 147 131.51 -80.06 129.45
CA ASP I 147 132.05 -79.12 128.53
C ASP I 147 130.98 -78.55 127.68
N ARG I 148 130.13 -79.44 127.09
CA ARG I 148 129.10 -79.04 126.20
C ARG I 148 127.88 -78.51 126.88
N LEU I 149 127.76 -78.98 128.08
CA LEU I 149 126.67 -78.51 128.94
C LEU I 149 126.90 -77.00 129.30
N ASN I 150 128.16 -76.67 129.63
CA ASN I 150 128.66 -75.31 129.89
C ASN I 150 128.62 -74.38 128.57
N GLN I 151 128.97 -74.90 127.38
CA GLN I 151 128.82 -74.21 126.06
C GLN I 151 127.38 -73.92 125.77
N VAL I 152 126.41 -74.85 126.02
CA VAL I 152 125.01 -74.56 126.00
C VAL I 152 124.63 -73.50 127.07
N ASN I 153 125.19 -73.54 128.31
CA ASN I 153 124.86 -72.67 129.36
C ASN I 153 125.12 -71.26 128.99
N ALA I 154 126.30 -71.07 128.35
CA ALA I 154 126.76 -69.71 127.96
C ALA I 154 125.81 -69.05 126.95
N GLU I 155 125.32 -69.81 125.95
CA GLU I 155 124.33 -69.41 124.96
C GLU I 155 122.98 -69.24 125.53
N VAL I 156 122.50 -70.10 126.46
CA VAL I 156 121.33 -69.90 127.23
C VAL I 156 121.37 -68.56 128.01
N ILE I 157 122.45 -68.27 128.71
CA ILE I 157 122.63 -67.05 129.52
C ILE I 157 122.63 -65.79 128.66
N ASP I 158 123.28 -65.75 127.50
CA ASP I 158 123.31 -64.63 126.53
C ASP I 158 121.93 -64.40 125.94
N ALA I 159 121.20 -65.51 125.51
CA ALA I 159 119.84 -65.38 125.13
C ALA I 159 118.87 -64.88 126.21
N GLU I 160 119.06 -65.21 127.47
CA GLU I 160 118.33 -64.65 128.59
C GLU I 160 118.48 -63.19 128.71
N ARG I 161 119.67 -62.63 128.59
CA ARG I 161 119.79 -61.24 128.49
C ARG I 161 119.20 -60.53 127.33
N LYS I 162 119.32 -61.07 126.13
CA LYS I 162 118.73 -60.65 124.92
C LYS I 162 117.18 -60.61 124.96
N VAL I 163 116.55 -61.70 125.48
CA VAL I 163 115.15 -61.67 125.71
C VAL I 163 114.76 -60.61 126.75
N HIS I 164 115.47 -60.52 127.87
CA HIS I 164 115.10 -59.62 129.00
C HIS I 164 115.18 -58.18 128.44
N GLN I 165 116.20 -57.86 127.76
CA GLN I 165 116.31 -56.51 127.22
C GLN I 165 115.34 -56.08 126.20
N ALA I 166 115.10 -56.97 125.27
CA ALA I 166 114.20 -56.85 124.10
C ALA I 166 112.74 -56.62 124.55
N ARG I 167 112.22 -57.41 125.56
CA ARG I 167 111.00 -57.31 126.23
C ARG I 167 110.84 -56.01 126.93
N LEU I 168 111.96 -55.56 127.61
CA LEU I 168 112.00 -54.20 128.21
C LEU I 168 111.76 -53.10 127.20
N LEU I 169 112.42 -53.16 126.04
CA LEU I 169 112.26 -52.20 124.97
C LEU I 169 110.88 -52.13 124.40
N PHE I 170 110.24 -53.32 124.22
CA PHE I 170 108.85 -53.43 123.85
C PHE I 170 107.96 -52.70 124.78
N GLU I 171 108.09 -52.77 126.11
CA GLU I 171 107.28 -52.00 127.05
C GLU I 171 107.41 -50.49 126.81
N ASP I 172 108.69 -49.92 126.66
CA ASP I 172 108.92 -48.50 126.71
C ASP I 172 108.56 -47.92 125.32
N MET I 173 108.70 -48.77 124.26
CA MET I 173 108.20 -48.43 122.91
C MET I 173 106.73 -48.28 122.81
N GLY I 174 106.06 -49.13 123.62
CA GLY I 174 104.63 -49.18 123.85
C GLY I 174 104.07 -47.99 124.71
N ARG I 175 104.78 -47.60 125.75
CA ARG I 175 104.51 -46.42 126.59
C ARG I 175 104.62 -45.10 125.84
N LEU I 176 105.66 -45.08 124.98
CA LEU I 176 105.82 -44.10 123.93
C LEU I 176 104.68 -44.15 123.00
N LEU I 177 104.21 -45.34 122.59
CA LEU I 177 103.16 -45.48 121.63
C LEU I 177 101.86 -44.97 122.11
N ARG I 178 101.48 -45.15 123.42
CA ARG I 178 100.38 -44.64 124.16
C ARG I 178 100.42 -43.19 124.17
N SER I 179 101.56 -42.57 124.56
CA SER I 179 101.75 -41.14 124.48
C SER I 179 101.61 -40.57 123.09
N GLU I 180 102.14 -41.27 122.09
CA GLU I 180 101.97 -41.01 120.72
C GLU I 180 100.53 -41.01 120.20
N LEU I 181 99.72 -42.02 120.66
CA LEU I 181 98.33 -42.13 120.31
C LEU I 181 97.62 -41.02 120.89
N ASP I 182 97.90 -40.78 122.12
CA ASP I 182 97.22 -39.79 122.93
C ASP I 182 97.43 -38.42 122.48
N ARG I 183 98.71 -38.07 122.06
CA ARG I 183 99.06 -36.88 121.36
C ARG I 183 98.36 -36.82 120.06
N PHE I 184 98.42 -37.91 119.25
CA PHE I 184 97.87 -37.89 117.90
C PHE I 184 96.39 -37.50 117.86
N GLU I 185 95.57 -38.09 118.77
CA GLU I 185 94.18 -37.83 118.74
C GLU I 185 93.84 -36.39 119.04
N ARG I 186 94.58 -35.82 120.07
CA ARG I 186 94.46 -34.44 120.53
C ARG I 186 94.73 -33.47 119.39
N GLU I 187 95.74 -33.75 118.55
CA GLU I 187 96.07 -32.98 117.42
C GLU I 187 94.95 -33.05 116.47
N LYS I 188 94.33 -34.22 116.16
CA LYS I 188 93.34 -34.48 115.11
C LYS I 188 92.06 -33.61 115.39
N VAL I 189 91.68 -33.47 116.70
CA VAL I 189 90.61 -32.53 117.20
C VAL I 189 90.97 -31.11 116.90
N GLU I 190 92.21 -30.66 117.20
CA GLU I 190 92.73 -29.27 117.08
C GLU I 190 92.70 -28.97 115.61
N ASP I 191 93.10 -29.93 114.80
CA ASP I 191 93.08 -29.84 113.34
C ASP I 191 91.70 -29.52 112.76
N PHE I 192 90.63 -30.21 113.25
CA PHE I 192 89.27 -30.36 112.79
C PHE I 192 88.62 -29.11 113.32
N LYS I 193 88.91 -28.75 114.63
CA LYS I 193 88.34 -27.61 115.35
C LYS I 193 88.68 -26.31 114.62
N SER I 194 90.02 -26.10 114.20
CA SER I 194 90.37 -24.92 113.46
C SER I 194 89.72 -24.84 112.16
N GLY I 195 89.79 -25.97 111.43
CA GLY I 195 89.08 -26.13 110.20
C GLY I 195 87.62 -25.83 110.24
N VAL I 196 86.93 -26.26 111.27
CA VAL I 196 85.56 -25.98 111.56
C VAL I 196 85.25 -24.58 111.77
N GLU I 197 86.13 -23.87 112.55
CA GLU I 197 86.07 -22.41 112.83
C GLU I 197 86.20 -21.59 111.58
N THR I 198 87.15 -22.04 110.69
CA THR I 198 87.38 -21.32 109.46
C THR I 198 86.14 -21.32 108.59
N PHE I 199 85.54 -22.50 108.57
CA PHE I 199 84.27 -22.76 107.96
C PHE I 199 83.18 -21.96 108.60
N LEU I 200 83.07 -21.90 109.93
CA LEU I 200 81.94 -21.38 110.69
C LEU I 200 81.76 -19.88 110.30
N GLU I 201 82.94 -19.21 110.31
CA GLU I 201 82.96 -17.82 109.98
C GLU I 201 82.54 -17.55 108.58
N SER I 202 83.14 -18.33 107.68
CA SER I 202 82.91 -17.99 106.25
C SER I 202 81.50 -18.30 105.86
N ALA I 203 80.98 -19.46 106.37
CA ALA I 203 79.63 -19.95 106.16
C ALA I 203 78.55 -19.03 106.68
N VAL I 204 78.73 -18.43 107.90
CA VAL I 204 77.82 -17.45 108.44
C VAL I 204 77.67 -16.20 107.61
N GLU I 205 78.82 -15.63 107.12
CA GLU I 205 78.73 -14.52 106.20
C GLU I 205 78.12 -14.85 104.89
N ALA I 206 78.53 -16.00 104.21
CA ALA I 206 78.08 -16.41 102.89
C ALA I 206 76.56 -16.53 102.92
N GLN I 207 75.96 -17.16 104.01
CA GLN I 207 74.53 -17.32 104.20
C GLN I 207 73.84 -16.06 104.62
N LYS I 208 74.60 -15.18 105.39
CA LYS I 208 74.05 -13.90 105.84
C LYS I 208 73.72 -13.09 104.63
N GLU I 209 74.71 -13.23 103.65
CA GLU I 209 74.67 -12.61 102.36
C GLU I 209 73.46 -13.09 101.54
N LEU I 210 73.19 -14.42 101.55
CA LEU I 210 71.99 -14.91 100.91
C LEU I 210 70.70 -14.34 101.51
N ILE I 211 70.68 -14.20 102.84
CA ILE I 211 69.55 -13.66 103.46
C ILE I 211 69.41 -12.17 103.02
N GLU I 212 70.56 -11.37 102.98
CA GLU I 212 70.43 -10.06 102.58
C GLU I 212 69.90 -9.87 101.15
N LYS I 213 70.40 -10.75 100.28
CA LYS I 213 69.95 -10.87 98.91
C LYS I 213 68.51 -11.15 98.78
N TRP I 214 68.04 -12.11 99.65
CA TRP I 214 66.64 -12.42 99.80
C TRP I 214 65.81 -11.28 100.23
N GLU I 215 66.25 -10.45 101.24
CA GLU I 215 65.47 -9.29 101.63
C GLU I 215 65.33 -8.35 100.52
N THR I 216 66.38 -8.03 99.82
CA THR I 216 66.42 -7.04 98.72
C THR I 216 65.40 -7.42 97.67
N PHE I 217 65.29 -8.76 97.37
CA PHE I 217 64.52 -9.25 96.27
C PHE I 217 63.15 -9.78 96.74
N LEU I 218 62.91 -9.96 98.04
CA LEU I 218 61.61 -10.07 98.67
C LEU I 218 60.82 -8.82 98.61
N MET I 219 61.48 -7.69 98.90
CA MET I 219 60.89 -6.33 98.88
C MET I 219 60.84 -5.82 97.45
N GLN I 220 61.52 -6.55 96.52
CA GLN I 220 61.20 -6.55 95.12
C GLN I 220 61.73 -5.27 94.51
N ALA J 1 34.96 -18.92 93.69
CA ALA J 1 34.40 -20.24 93.41
C ALA J 1 35.38 -21.02 92.61
N ARG J 2 35.84 -20.51 91.45
CA ARG J 2 36.80 -21.17 90.62
C ARG J 2 38.08 -21.45 91.32
N PRO J 3 38.82 -20.54 91.85
CA PRO J 3 39.90 -20.90 92.72
C PRO J 3 39.34 -21.43 94.02
N THR J 4 38.08 -21.07 94.41
CA THR J 4 37.46 -21.43 95.67
C THR J 4 36.73 -22.74 95.59
N PHE J 5 37.58 -23.71 95.42
CA PHE J 5 37.39 -25.08 95.14
C PHE J 5 38.30 -25.63 96.18
N HIS J 6 37.91 -26.63 96.99
CA HIS J 6 38.71 -27.09 98.11
C HIS J 6 38.89 -28.58 97.95
N ILE J 7 40.13 -29.07 98.07
CA ILE J 7 40.49 -30.36 97.56
C ILE J 7 41.35 -30.98 98.59
N THR J 8 41.00 -32.20 99.01
CA THR J 8 41.86 -32.93 99.85
C THR J 8 41.98 -34.16 99.01
N VAL J 9 43.19 -34.72 98.95
CA VAL J 9 43.48 -35.91 98.23
C VAL J 9 44.05 -36.70 99.35
N GLY J 10 43.43 -37.81 99.72
CA GLY J 10 43.83 -38.42 100.95
C GLY J 10 43.74 -39.84 100.69
N ASP J 11 43.62 -40.55 101.81
CA ASP J 11 43.14 -41.90 101.89
C ASP J 11 43.86 -42.78 100.94
N PRO J 12 45.06 -43.17 101.27
CA PRO J 12 45.94 -43.70 100.29
C PRO J 12 45.62 -45.15 100.29
N HIS J 13 44.56 -45.53 99.57
CA HIS J 13 44.05 -46.85 99.40
C HIS J 13 44.96 -47.33 98.41
N LYS J 14 46.12 -47.73 98.90
CA LYS J 14 47.19 -47.97 98.02
C LYS J 14 46.98 -49.37 97.94
N VAL J 15 46.54 -49.76 96.74
CA VAL J 15 46.30 -51.11 96.47
C VAL J 15 47.64 -51.71 96.59
N GLY J 16 47.72 -52.77 97.42
CA GLY J 16 48.93 -53.49 97.83
C GLY J 16 49.61 -54.07 96.64
N ASP J 17 50.92 -54.37 96.75
CA ASP J 17 51.82 -54.88 95.71
C ASP J 17 51.26 -55.65 94.52
N LEU J 18 51.83 -55.34 93.32
CA LEU J 18 51.65 -56.00 92.05
C LEU J 18 52.88 -55.64 91.27
N ALA J 19 53.70 -54.67 91.79
CA ALA J 19 54.89 -54.09 91.20
C ALA J 19 54.52 -52.98 90.24
N THR J 20 53.27 -52.46 90.33
CA THR J 20 52.75 -51.50 89.37
C THR J 20 51.43 -50.97 89.91
N SER J 21 51.05 -51.43 91.12
CA SER J 21 49.77 -51.19 91.79
C SER J 21 49.43 -49.73 92.05
N HIS J 22 48.12 -49.42 92.15
CA HIS J 22 47.75 -48.10 91.83
C HIS J 22 46.96 -47.73 93.01
N ILE J 23 47.37 -46.60 93.55
CA ILE J 23 46.88 -45.96 94.71
C ILE J 23 45.65 -45.28 94.31
N VAL J 24 44.71 -45.31 95.25
CA VAL J 24 43.45 -44.84 94.96
C VAL J 24 43.37 -43.98 96.13
N TYR J 25 42.92 -42.77 95.84
CA TYR J 25 42.92 -41.70 96.76
C TYR J 25 41.55 -41.34 96.85
N SER J 26 41.07 -40.99 98.05
CA SER J 26 39.96 -40.09 98.10
C SER J 26 40.32 -38.82 97.42
N VAL J 27 39.36 -38.27 96.71
CA VAL J 27 39.52 -36.97 96.18
C VAL J 27 38.33 -36.47 96.78
N ARG J 28 38.47 -35.52 97.66
CA ARG J 28 37.36 -34.92 98.27
C ARG J 28 37.52 -33.65 97.68
N THR J 29 36.44 -33.19 97.14
CA THR J 29 36.31 -31.91 96.66
C THR J 29 35.41 -31.49 97.75
N LYS J 30 35.68 -30.40 98.45
CA LYS J 30 34.72 -29.70 99.24
C LYS J 30 34.81 -28.53 98.37
N THR J 31 33.75 -27.95 97.92
CA THR J 31 33.94 -26.97 96.94
C THR J 31 32.79 -26.13 97.15
N THR J 32 33.10 -24.83 97.21
CA THR J 32 32.09 -23.85 97.23
C THR J 32 31.96 -23.42 95.83
N SER J 33 32.79 -23.98 94.94
CA SER J 33 32.79 -23.63 93.56
C SER J 33 31.46 -24.02 93.02
N LYS J 34 30.94 -23.16 92.14
CA LYS J 34 29.71 -23.34 91.42
C LYS J 34 30.12 -23.93 90.09
N ALA J 35 31.41 -24.31 89.93
CA ALA J 35 31.90 -25.15 88.86
C ALA J 35 32.02 -26.56 89.36
N TYR J 36 31.49 -26.84 90.58
CA TYR J 36 31.45 -28.17 91.10
C TYR J 36 30.20 -28.32 91.89
N LYS J 37 29.35 -29.22 91.33
CA LYS J 37 28.02 -29.65 91.69
C LYS J 37 27.85 -29.72 93.18
N GLN J 38 28.48 -30.76 93.73
CA GLN J 38 28.53 -31.17 95.09
C GLN J 38 29.23 -30.10 95.84
N PRO J 39 28.78 -29.61 96.98
CA PRO J 39 29.63 -28.93 97.91
C PRO J 39 30.64 -29.86 98.50
N GLU J 40 30.43 -31.19 98.52
CA GLU J 40 31.49 -32.11 98.85
C GLU J 40 31.22 -33.27 97.99
N PHE J 41 32.26 -33.81 97.35
CA PHE J 41 32.14 -35.11 96.85
C PHE J 41 33.42 -35.73 97.07
N GLU J 42 33.37 -37.03 97.31
CA GLU J 42 34.54 -37.80 97.32
C GLU J 42 34.50 -38.87 96.32
N VAL J 43 35.59 -39.00 95.57
CA VAL J 43 35.68 -40.02 94.59
C VAL J 43 36.92 -40.66 94.94
N LYS J 44 37.25 -41.80 94.32
CA LYS J 44 38.35 -42.53 94.83
C LYS J 44 39.07 -42.97 93.66
N ARG J 45 39.91 -42.07 93.17
CA ARG J 45 40.46 -42.24 91.90
C ARG J 45 41.70 -42.89 91.97
N ARG J 46 42.00 -43.59 90.88
CA ARG J 46 43.18 -44.37 90.75
C ARG J 46 43.93 -43.72 89.70
N TYR J 47 45.24 -43.98 89.76
CA TYR J 47 46.25 -43.22 89.09
C TYR J 47 45.98 -43.01 87.62
N ARG J 48 45.55 -44.10 87.02
CA ARG J 48 45.24 -44.25 85.64
C ARG J 48 44.14 -43.35 85.17
N ASP J 49 43.16 -43.14 86.05
CA ASP J 49 42.03 -42.34 85.76
C ASP J 49 42.42 -40.93 85.62
N PHE J 50 43.23 -40.49 86.57
CA PHE J 50 43.75 -39.16 86.56
C PHE J 50 44.64 -38.81 85.45
N LEU J 51 45.51 -39.74 85.05
CA LEU J 51 46.45 -39.45 84.03
C LEU J 51 45.78 -39.21 82.79
N TRP J 52 44.81 -40.11 82.52
CA TRP J 52 43.91 -39.93 81.45
C TRP J 52 43.25 -38.63 81.59
N LEU J 53 42.70 -38.34 82.76
CA LEU J 53 41.89 -37.20 82.97
C LEU J 53 42.65 -36.00 82.64
N TYR J 54 43.89 -35.99 83.09
CA TYR J 54 44.79 -34.95 82.94
C TYR J 54 44.96 -34.67 81.48
N ASN J 55 45.08 -35.74 80.73
CA ASN J 55 45.11 -35.76 79.33
C ASN J 55 43.84 -35.24 78.81
N THR J 56 42.70 -35.53 79.40
CA THR J 56 41.40 -35.08 78.97
C THR J 56 41.38 -33.63 79.02
N LEU J 57 41.89 -33.03 80.10
CA LEU J 57 41.98 -31.64 80.29
C LEU J 57 42.78 -31.12 79.18
N HIS J 58 43.82 -31.87 78.83
CA HIS J 58 44.64 -31.53 77.74
C HIS J 58 43.81 -31.46 76.49
N SER J 59 42.94 -32.44 76.30
CA SER J 59 42.13 -32.64 75.15
C SER J 59 41.00 -31.68 74.98
N ASN J 60 40.57 -30.98 76.02
CA ASN J 60 39.32 -30.25 75.87
C ASN J 60 39.64 -28.83 75.80
N ASN J 61 40.94 -28.59 75.96
CA ASN J 61 41.42 -27.28 76.13
C ASN J 61 42.52 -27.26 75.11
N PRO J 62 42.31 -26.60 73.98
CA PRO J 62 43.10 -26.75 72.74
C PRO J 62 44.51 -26.23 72.67
N GLY J 63 44.95 -25.54 73.68
CA GLY J 63 46.24 -24.94 73.72
C GLY J 63 46.23 -24.44 75.07
N VAL J 64 45.00 -24.04 75.49
CA VAL J 64 44.51 -23.71 76.77
C VAL J 64 44.95 -24.82 77.65
N VAL J 65 45.86 -24.43 78.53
CA VAL J 65 46.79 -25.15 79.35
C VAL J 65 46.31 -26.43 79.90
N VAL J 66 47.27 -27.12 80.47
CA VAL J 66 47.14 -28.32 81.16
C VAL J 66 48.48 -28.38 81.73
N PRO J 67 48.50 -28.28 83.05
CA PRO J 67 49.74 -28.10 83.75
C PRO J 67 50.30 -29.47 83.76
N PRO J 68 51.38 -29.62 84.34
CA PRO J 68 51.91 -31.41 84.82
C PRO J 68 50.70 -32.32 85.44
N PRO J 69 50.66 -33.66 85.32
CA PRO J 69 49.66 -34.63 85.91
C PRO J 69 49.64 -34.99 87.42
N PRO J 70 48.99 -36.09 87.88
CA PRO J 70 49.44 -36.99 88.98
C PRO J 70 50.82 -37.54 88.70
N GLU J 71 51.68 -37.67 89.71
CA GLU J 71 53.05 -38.14 89.60
C GLU J 71 53.29 -39.48 89.05
N LYS J 72 54.27 -39.44 88.10
CA LYS J 72 55.00 -40.45 87.40
C LYS J 72 55.74 -41.44 88.21
N GLN J 73 55.63 -42.66 87.73
CA GLN J 73 56.25 -43.80 88.29
C GLN J 73 57.45 -44.05 87.45
N ALA J 74 57.62 -43.33 86.31
CA ALA J 74 58.81 -43.23 85.49
C ALA J 74 60.11 -42.88 86.16
N VAL J 75 60.08 -42.73 87.48
CA VAL J 75 61.24 -42.68 88.29
C VAL J 75 60.74 -43.12 89.63
N GLY J 76 59.42 -42.91 89.89
CA GLY J 76 58.73 -43.30 91.08
C GLY J 76 58.77 -44.76 91.21
N ARG J 77 58.53 -45.28 92.42
CA ARG J 77 58.47 -46.71 92.58
C ARG J 77 57.05 -46.92 92.79
N PHE J 78 56.66 -46.84 94.04
CA PHE J 78 55.32 -46.94 94.43
C PHE J 78 55.34 -46.37 95.81
N GLU J 79 56.45 -45.69 96.14
CA GLU J 79 56.81 -45.19 97.44
C GLU J 79 55.75 -44.30 97.95
N SER J 80 55.52 -44.26 99.28
CA SER J 80 54.51 -43.43 99.91
C SER J 80 54.69 -42.02 99.48
N ASN J 81 55.97 -41.67 99.38
CA ASN J 81 56.50 -40.43 98.92
C ASN J 81 56.18 -40.20 97.50
N PHE J 82 56.36 -41.22 96.66
CA PHE J 82 56.11 -41.18 95.25
C PHE J 82 54.64 -41.00 95.00
N VAL J 83 53.85 -41.78 95.70
CA VAL J 83 52.45 -41.77 95.61
C VAL J 83 52.01 -40.48 96.17
N GLU J 84 52.69 -39.98 97.17
CA GLU J 84 52.44 -38.69 97.71
C GLU J 84 52.72 -37.74 96.64
N SER J 85 53.78 -37.90 95.90
CA SER J 85 54.08 -37.01 94.85
C SER J 85 52.98 -37.02 93.90
N ARG J 86 52.41 -38.18 93.66
CA ARG J 86 51.31 -38.29 92.81
C ARG J 86 50.12 -37.59 93.25
N ARG J 87 49.85 -37.73 94.53
CA ARG J 87 48.80 -37.18 95.30
C ARG J 87 48.89 -35.71 95.25
N ALA J 88 50.09 -35.23 95.48
CA ALA J 88 50.49 -33.87 95.44
C ALA J 88 50.37 -33.35 94.06
N ALA J 89 50.78 -34.14 93.09
CA ALA J 89 50.91 -33.76 91.72
C ALA J 89 49.64 -33.49 91.14
N LEU J 90 48.72 -34.34 91.57
CA LEU J 90 47.37 -34.10 91.36
C LEU J 90 46.94 -32.96 92.07
N GLU J 91 47.32 -32.82 93.34
CA GLU J 91 46.74 -31.82 94.14
C GLU J 91 46.99 -30.53 93.55
N LYS J 92 48.21 -30.35 93.14
CA LYS J 92 48.69 -29.26 92.45
C LYS J 92 48.06 -29.01 91.16
N MET J 93 47.91 -30.08 90.38
CA MET J 93 47.46 -29.99 89.03
C MET J 93 46.11 -29.48 89.07
N LEU J 94 45.35 -30.11 89.97
CA LEU J 94 44.02 -29.87 90.31
C LEU J 94 43.82 -28.54 90.89
N ASN J 95 44.72 -28.14 91.76
CA ASN J 95 44.64 -26.94 92.49
C ASN J 95 44.61 -25.82 91.54
N LYS J 96 45.55 -25.89 90.62
CA LYS J 96 45.73 -24.83 89.72
C LYS J 96 44.66 -24.69 88.78
N ILE J 97 44.27 -25.86 88.26
CA ILE J 97 43.25 -25.96 87.30
C ILE J 97 42.04 -25.49 87.90
N ALA J 98 41.78 -25.75 89.17
CA ALA J 98 40.63 -25.17 89.74
C ALA J 98 40.75 -23.68 89.81
N ALA J 99 41.93 -23.14 90.11
CA ALA J 99 42.05 -21.71 90.08
C ALA J 99 42.38 -21.22 88.74
N HIS J 100 41.97 -21.98 87.73
CA HIS J 100 41.86 -21.51 86.42
C HIS J 100 40.51 -21.87 86.13
N PRO J 101 39.63 -21.00 85.90
CA PRO J 101 38.26 -21.41 85.73
C PRO J 101 38.01 -22.47 84.65
N THR J 102 38.68 -22.42 83.47
CA THR J 102 38.46 -23.32 82.33
C THR J 102 38.74 -24.79 82.46
N LEU J 103 39.88 -25.15 83.03
CA LEU J 103 40.28 -26.53 83.16
C LEU J 103 39.45 -27.16 84.20
N GLN J 104 39.02 -26.31 85.15
CA GLN J 104 38.09 -26.63 86.17
C GLN J 104 36.70 -26.89 85.62
N LEU J 105 36.43 -26.42 84.39
CA LEU J 105 35.15 -26.59 83.77
C LEU J 105 35.03 -27.86 83.04
N ASP J 106 36.09 -28.65 82.87
CA ASP J 106 35.94 -29.89 82.15
C ASP J 106 34.89 -30.74 82.89
N ALA J 107 33.83 -31.13 82.13
CA ALA J 107 32.65 -31.78 82.64
C ALA J 107 32.98 -33.12 83.14
N ASP J 108 33.97 -33.78 82.47
CA ASP J 108 34.43 -35.07 82.86
C ASP J 108 34.95 -34.91 84.19
N LEU J 109 35.73 -33.86 84.40
CA LEU J 109 36.31 -33.50 85.63
C LEU J 109 35.30 -33.21 86.68
N LYS J 110 34.17 -32.56 86.37
CA LYS J 110 33.16 -32.41 87.38
C LYS J 110 32.65 -33.68 87.83
N LEU J 111 32.30 -34.53 86.89
CA LEU J 111 31.81 -35.83 87.15
C LEU J 111 32.83 -36.69 87.82
N PHE J 112 34.09 -36.57 87.44
CA PHE J 112 35.22 -37.27 87.95
C PHE J 112 35.45 -37.07 89.42
N LEU J 113 35.30 -35.84 89.88
CA LEU J 113 35.69 -35.39 91.19
C LEU J 113 34.55 -35.49 92.07
N GLU J 114 33.40 -35.51 91.41
CA GLU J 114 32.16 -35.47 92.03
C GLU J 114 31.38 -36.66 91.80
N SER J 115 32.05 -37.74 91.35
CA SER J 115 31.46 -39.04 91.25
C SER J 115 32.63 -39.96 91.26
N GLU J 116 32.56 -41.08 92.00
CA GLU J 116 33.53 -42.15 91.88
C GLU J 116 33.00 -43.17 90.91
N SER J 117 33.60 -43.25 89.70
CA SER J 117 33.44 -44.43 88.87
C SER J 117 34.54 -44.47 87.86
N PHE J 118 35.37 -43.43 87.91
CA PHE J 118 36.54 -43.18 87.14
C PHE J 118 36.16 -42.42 85.94
N ASN J 119 37.21 -41.89 85.27
CA ASN J 119 37.14 -40.87 84.25
C ASN J 119 36.42 -41.37 83.08
N ILE J 120 36.58 -42.69 82.90
CA ILE J 120 36.16 -43.45 81.78
C ILE J 120 34.70 -43.46 81.56
N ASP J 121 33.91 -43.81 82.58
CA ASP J 121 32.52 -44.03 82.27
C ASP J 121 31.81 -42.75 82.25
N VAL J 122 32.43 -41.76 82.89
CA VAL J 122 32.10 -40.39 82.82
C VAL J 122 32.29 -39.90 81.44
N LYS J 123 33.40 -40.32 80.83
CA LYS J 123 33.72 -39.87 79.53
C LYS J 123 32.89 -40.43 78.46
N HIS J 124 32.27 -41.61 78.64
CA HIS J 124 31.30 -41.98 77.66
C HIS J 124 30.12 -41.18 77.77
N LYS J 125 29.68 -41.08 79.01
CA LYS J 125 28.45 -40.48 79.37
C LYS J 125 28.36 -39.09 78.91
N GLU J 126 29.44 -38.33 79.04
CA GLU J 126 29.40 -36.99 78.55
C GLU J 126 29.21 -36.76 77.08
N ARG J 127 29.83 -37.45 76.09
CA ARG J 127 29.50 -37.04 74.72
C ARG J 127 28.25 -37.68 74.22
N LYS J 128 27.39 -38.06 75.18
CA LYS J 128 26.18 -38.79 75.08
C LYS J 128 26.49 -40.05 74.36
N GLU J 129 27.42 -40.85 74.93
CA GLU J 129 27.84 -42.05 74.26
C GLU J 129 28.55 -42.99 75.23
N ASN J 149 45.74 -13.35 58.58
CA ASN J 149 47.01 -12.66 58.62
C ASN J 149 47.85 -13.11 57.45
N LYS J 150 48.93 -12.28 57.19
CA LYS J 150 49.95 -12.40 56.18
C LYS J 150 50.76 -13.57 56.47
N PHE J 151 51.40 -14.19 55.42
CA PHE J 151 52.17 -15.37 55.40
C PHE J 151 53.47 -15.31 56.22
N VAL J 152 54.20 -14.14 56.15
CA VAL J 152 55.50 -13.87 56.82
C VAL J 152 55.18 -13.94 58.30
N GLU J 153 54.13 -13.19 58.77
CA GLU J 153 53.78 -12.93 60.08
C GLU J 153 53.46 -14.10 60.95
N GLN J 154 52.71 -15.09 60.44
CA GLN J 154 52.47 -16.43 61.01
C GLN J 154 53.66 -17.31 61.03
N ASP J 155 54.42 -17.28 59.96
CA ASP J 155 55.64 -18.09 59.83
C ASP J 155 56.68 -17.64 60.80
N ASP J 156 56.86 -16.33 61.05
CA ASP J 156 57.69 -15.66 62.01
C ASP J 156 57.38 -15.95 63.47
N TRP J 157 56.06 -15.91 63.82
CA TRP J 157 55.59 -16.35 65.10
C TRP J 157 55.90 -17.80 65.38
N PHE J 158 55.79 -18.70 64.37
CA PHE J 158 56.17 -20.10 64.53
C PHE J 158 57.63 -20.31 64.79
N HIS J 159 58.57 -19.68 63.97
CA HIS J 159 60.03 -19.83 64.12
C HIS J 159 60.53 -19.20 65.36
N ASP J 160 60.05 -17.97 65.81
CA ASP J 160 60.39 -17.31 67.07
C ASP J 160 60.14 -18.19 68.29
N ARG J 161 58.94 -18.74 68.32
CA ARG J 161 58.50 -19.55 69.33
C ARG J 161 59.35 -20.81 69.42
N ARG J 162 59.67 -21.39 68.21
CA ARG J 162 60.43 -22.62 68.08
C ARG J 162 61.80 -22.44 68.67
N VAL J 163 62.55 -21.35 68.35
CA VAL J 163 63.87 -21.05 68.86
C VAL J 163 63.76 -20.83 70.36
N TYR J 164 62.81 -19.99 70.85
CA TYR J 164 62.67 -19.63 72.23
C TYR J 164 62.37 -20.73 73.16
N LEU J 165 61.38 -21.61 72.77
CA LEU J 165 60.98 -22.68 73.65
C LEU J 165 61.86 -24.01 73.51
N ASP J 166 62.65 -24.11 72.46
CA ASP J 166 63.74 -25.04 72.24
C ASP J 166 64.81 -24.61 73.20
N ALA J 167 65.13 -23.30 73.39
CA ALA J 167 66.14 -22.76 74.33
C ALA J 167 65.77 -23.12 75.79
N LEU J 168 64.49 -22.94 76.24
CA LEU J 168 64.13 -23.36 77.53
C LEU J 168 64.23 -24.74 77.82
N GLU J 169 63.85 -25.60 76.86
CA GLU J 169 63.92 -27.05 77.00
C GLU J 169 65.27 -27.55 77.19
N ASN J 170 66.31 -27.01 76.44
CA ASN J 170 67.73 -27.39 76.55
C ASN J 170 68.28 -27.08 77.90
N GLN J 171 67.92 -25.88 78.44
CA GLN J 171 68.25 -25.44 79.77
C GLN J 171 67.66 -26.35 80.82
N LEU J 172 66.38 -26.72 80.63
CA LEU J 172 65.66 -27.60 81.53
C LEU J 172 66.13 -29.02 81.55
N LYS J 173 66.53 -29.52 80.42
CA LYS J 173 67.22 -30.76 80.27
C LYS J 173 68.63 -30.77 80.93
N ALA J 174 69.43 -29.66 80.77
CA ALA J 174 70.72 -29.50 81.45
C ALA J 174 70.54 -29.45 82.99
N LEU J 175 69.54 -28.68 83.56
CA LEU J 175 69.23 -28.61 85.00
C LEU J 175 68.85 -29.96 85.46
N LEU J 176 68.05 -30.71 84.68
CA LEU J 176 67.75 -32.09 85.11
C LEU J 176 68.98 -33.06 85.33
N LYS J 177 70.04 -33.05 84.46
CA LYS J 177 71.17 -33.96 84.68
C LYS J 177 72.10 -33.48 85.78
N ALA J 178 72.02 -32.20 86.06
CA ALA J 178 72.58 -31.71 87.31
C ALA J 178 71.87 -32.24 88.57
N MET J 179 70.52 -32.24 88.62
CA MET J 179 69.77 -32.74 89.74
C MET J 179 70.07 -34.13 90.10
N ASP J 180 70.21 -35.09 89.13
CA ASP J 180 70.58 -36.52 89.22
C ASP J 180 71.97 -36.60 89.91
N ASN J 181 73.01 -35.79 89.45
CA ASN J 181 74.37 -35.88 89.99
C ASN J 181 74.45 -35.46 91.43
N MET J 182 73.75 -34.34 91.78
CA MET J 182 73.58 -33.74 93.06
C MET J 182 72.87 -34.54 94.14
N VAL J 183 71.90 -35.38 93.70
CA VAL J 183 71.33 -36.35 94.56
C VAL J 183 72.33 -37.51 94.75
N ALA J 184 73.02 -37.95 93.66
CA ALA J 184 73.87 -39.16 93.68
C ALA J 184 75.07 -38.94 94.65
N GLN J 185 75.65 -37.73 94.54
CA GLN J 185 76.85 -37.33 95.29
C GLN J 185 76.52 -36.69 96.59
N ARG J 186 75.46 -37.15 97.28
CA ARG J 186 75.26 -36.96 98.73
C ARG J 186 75.51 -38.25 99.42
N LYS J 187 75.60 -39.38 98.65
CA LYS J 187 75.80 -40.70 99.14
C LYS J 187 77.27 -40.81 99.05
N ALA J 188 77.93 -40.67 100.20
CA ALA J 188 79.34 -40.54 100.34
C ALA J 188 79.70 -39.11 99.93
N MET J 189 80.14 -38.24 100.88
CA MET J 189 80.55 -38.26 102.23
C MET J 189 79.58 -38.79 103.24
N ALA J 190 78.25 -38.73 103.14
CA ALA J 190 77.30 -39.04 104.14
C ALA J 190 77.38 -40.52 104.48
N GLU J 191 77.36 -41.34 103.45
CA GLU J 191 77.51 -42.78 103.62
C GLU J 191 78.86 -43.26 104.14
N ALA J 192 79.94 -42.62 103.76
CA ALA J 192 81.27 -42.75 104.29
C ALA J 192 81.32 -42.38 105.78
N ALA J 193 80.69 -41.26 106.18
CA ALA J 193 80.82 -40.66 107.52
C ALA J 193 80.02 -41.38 108.52
N ALA J 194 79.11 -42.22 108.06
CA ALA J 194 78.32 -43.09 108.83
C ALA J 194 79.19 -44.22 109.33
N ASP J 195 80.40 -44.53 108.66
CA ASP J 195 81.31 -45.56 109.05
C ASP J 195 82.51 -44.86 109.61
N PHE J 196 82.78 -43.59 109.30
CA PHE J 196 83.84 -42.83 109.92
C PHE J 196 83.51 -42.73 111.45
N SER J 197 82.17 -42.47 111.75
CA SER J 197 81.64 -42.42 113.09
C SER J 197 81.88 -43.69 113.81
N ALA J 198 81.52 -44.89 113.30
CA ALA J 198 81.81 -46.11 113.92
C ALA J 198 83.29 -46.40 114.07
N SER J 199 84.17 -46.04 113.10
CA SER J 199 85.62 -46.21 113.22
C SER J 199 86.25 -45.43 114.35
N LEU J 200 85.89 -44.13 114.46
CA LEU J 200 86.35 -43.33 115.53
C LEU J 200 85.81 -43.90 116.88
N HIS J 201 84.48 -44.24 116.95
CA HIS J 201 83.76 -44.71 118.19
C HIS J 201 84.39 -45.96 118.78
N ALA J 202 84.80 -46.80 117.91
CA ALA J 202 85.51 -48.02 118.22
C ALA J 202 86.73 -47.84 119.08
N LEU J 203 87.60 -46.84 118.80
CA LEU J 203 88.92 -46.57 119.40
C LEU J 203 88.68 -45.72 120.64
N SER J 204 87.44 -45.20 120.72
CA SER J 204 87.02 -44.52 121.85
C SER J 204 86.60 -45.46 122.96
N THR J 205 86.51 -46.80 122.79
CA THR J 205 86.35 -47.76 123.88
C THR J 205 87.71 -48.16 124.42
N VAL J 206 88.72 -47.84 123.61
CA VAL J 206 90.14 -48.21 123.92
C VAL J 206 90.77 -47.18 124.79
N GLU J 207 90.49 -45.84 124.52
CA GLU J 207 90.88 -44.75 125.46
C GLU J 207 89.75 -44.72 126.54
N LEU J 208 90.12 -44.35 127.84
CA LEU J 208 89.29 -44.50 128.94
C LEU J 208 89.80 -43.29 129.71
N SER J 209 90.88 -42.63 129.33
CA SER J 209 91.44 -41.41 130.00
C SER J 209 90.61 -40.18 129.65
N PRO J 210 89.93 -39.53 130.66
CA PRO J 210 88.64 -38.98 130.53
C PRO J 210 88.61 -37.89 129.45
N THR J 211 89.65 -37.07 129.27
CA THR J 211 89.66 -35.89 128.46
C THR J 211 90.21 -36.16 127.02
N LEU J 212 90.43 -37.39 126.67
CA LEU J 212 90.70 -37.83 125.33
C LEU J 212 89.59 -38.77 124.88
N SER J 213 89.09 -39.56 125.84
CA SER J 213 87.96 -40.43 125.51
C SER J 213 86.74 -39.63 125.16
N GLY J 214 86.41 -38.69 126.01
CA GLY J 214 85.34 -37.77 125.91
C GLY J 214 85.32 -36.98 124.66
N PRO J 215 86.38 -36.22 124.30
CA PRO J 215 86.44 -35.56 123.03
C PRO J 215 86.32 -36.48 121.82
N LEU J 216 87.02 -37.65 121.89
CA LEU J 216 87.04 -38.51 120.72
C LEU J 216 85.66 -39.00 120.42
N ASP J 217 84.80 -39.38 121.41
CA ASP J 217 83.44 -39.81 121.25
C ASP J 217 82.61 -38.62 120.62
N ALA J 218 82.89 -37.30 121.03
CA ALA J 218 82.23 -36.11 120.53
C ALA J 218 82.54 -35.91 119.08
N LEU J 219 83.79 -36.15 118.71
CA LEU J 219 84.26 -36.09 117.31
C LEU J 219 83.56 -37.16 116.46
N SER J 220 83.27 -38.36 116.96
CA SER J 220 82.58 -39.46 116.35
C SER J 220 81.22 -39.04 115.93
N GLU J 221 80.60 -38.39 116.91
CA GLU J 221 79.27 -37.82 116.95
C GLU J 221 79.10 -36.74 115.93
N LEU J 222 80.14 -35.90 115.82
CA LEU J 222 80.36 -34.97 114.78
C LEU J 222 80.31 -35.61 113.43
N GLN J 223 80.96 -36.72 113.17
CA GLN J 223 80.84 -37.32 111.85
C GLN J 223 79.50 -37.83 111.44
N LEU J 224 78.70 -38.36 112.37
CA LEU J 224 77.32 -38.76 112.32
C LEU J 224 76.47 -37.54 111.98
N ALA J 225 76.78 -36.35 112.61
CA ALA J 225 76.12 -35.08 112.37
C ALA J 225 76.30 -34.64 110.96
N ILE J 226 77.53 -34.73 110.45
CA ILE J 226 77.79 -34.40 109.10
C ILE J 226 77.07 -35.31 108.14
N ARG J 227 77.08 -36.60 108.49
CA ARG J 227 76.29 -37.64 107.74
C ARG J 227 74.83 -37.34 107.62
N ASP J 228 74.17 -36.91 108.78
CA ASP J 228 72.70 -36.77 108.80
C ASP J 228 72.32 -35.58 107.97
N VAL J 229 73.02 -34.45 108.17
CA VAL J 229 72.79 -33.23 107.35
C VAL J 229 73.10 -33.32 105.87
N TYR J 230 74.30 -33.90 105.50
CA TYR J 230 74.65 -33.99 104.14
C TYR J 230 73.64 -34.79 103.31
N GLU J 231 73.23 -35.96 103.89
CA GLU J 231 72.31 -36.77 103.20
C GLU J 231 70.95 -36.11 103.08
N ARG J 232 70.48 -35.38 104.20
CA ARG J 232 69.14 -34.81 104.27
C ARG J 232 69.03 -33.89 103.07
N GLN J 233 70.08 -33.15 102.73
CA GLN J 233 70.09 -32.15 101.68
C GLN J 233 69.77 -32.60 100.25
N ALA J 234 69.88 -33.98 99.91
CA ALA J 234 69.31 -34.49 98.64
C ALA J 234 67.87 -34.32 98.49
N GLN J 235 67.22 -34.65 99.65
CA GLN J 235 65.85 -34.54 99.89
C GLN J 235 65.29 -33.22 100.13
N GLN J 236 66.07 -32.32 100.76
CA GLN J 236 65.69 -30.89 101.05
C GLN J 236 65.48 -30.07 99.89
N ASP J 237 66.63 -29.94 99.11
CA ASP J 237 66.73 -28.98 98.07
C ASP J 237 66.61 -29.53 96.66
N VAL J 238 67.46 -30.58 96.27
CA VAL J 238 67.53 -31.18 94.99
C VAL J 238 66.23 -31.70 94.47
N LEU J 239 65.50 -32.43 95.38
CA LEU J 239 64.23 -33.03 95.17
C LEU J 239 63.20 -31.98 94.95
N THR J 240 63.12 -30.82 95.61
CA THR J 240 62.16 -29.75 95.39
C THR J 240 62.24 -29.24 93.97
N PHE J 241 63.53 -29.01 93.52
CA PHE J 241 63.84 -28.69 92.12
C PHE J 241 63.60 -29.73 91.14
N GLY J 242 63.91 -30.97 91.36
CA GLY J 242 63.59 -32.01 90.44
C GLY J 242 62.11 -32.18 90.12
N ILE J 243 61.22 -31.96 91.08
CA ILE J 243 59.80 -31.95 90.89
C ILE J 243 59.32 -30.78 89.98
N ILE J 244 59.72 -29.54 90.28
CA ILE J 244 59.36 -28.43 89.44
C ILE J 244 60.07 -28.48 88.13
N ILE J 245 61.30 -28.88 87.89
CA ILE J 245 61.91 -29.06 86.62
C ILE J 245 61.07 -30.07 85.78
N GLU J 246 60.66 -31.24 86.33
CA GLU J 246 59.96 -32.23 85.63
C GLU J 246 58.62 -31.72 85.12
N GLU J 247 57.94 -30.88 86.02
CA GLU J 247 56.64 -30.24 85.80
C GLU J 247 56.68 -29.32 84.60
N TYR J 248 57.77 -28.57 84.45
CA TYR J 248 57.95 -27.72 83.32
C TYR J 248 58.09 -28.46 82.01
N ILE J 249 58.91 -29.56 81.93
CA ILE J 249 59.15 -30.26 80.76
C ILE J 249 57.93 -30.92 80.15
N ARG J 250 57.02 -31.47 80.98
CA ARG J 250 55.77 -31.87 80.64
C ARG J 250 54.86 -30.83 80.11
N LEU J 251 54.84 -29.64 80.79
CA LEU J 251 54.04 -28.48 80.37
C LEU J 251 54.44 -27.96 78.98
N ILE J 252 55.81 -27.94 78.70
CA ILE J 252 56.40 -27.62 77.47
C ILE J 252 56.01 -28.60 76.34
N GLY J 253 56.06 -30.00 76.72
CA GLY J 253 55.44 -31.03 75.92
C GLY J 253 54.02 -30.86 75.50
N SER J 254 53.13 -30.47 76.47
CA SER J 254 51.74 -30.27 76.29
C SER J 254 51.49 -29.07 75.33
N VAL J 255 52.21 -27.94 75.36
CA VAL J 255 52.01 -26.80 74.54
C VAL J 255 52.59 -27.00 73.13
N LYS J 256 53.46 -28.04 73.04
CA LYS J 256 53.94 -28.64 71.77
C LYS J 256 52.79 -29.27 71.04
N GLN J 257 51.85 -29.97 71.79
CA GLN J 257 50.59 -30.42 71.24
C GLN J 257 49.70 -29.28 70.77
N ALA J 258 49.50 -28.15 71.52
CA ALA J 258 48.67 -26.99 71.22
C ALA J 258 49.18 -26.43 69.90
N PHE J 259 50.56 -26.35 69.72
CA PHE J 259 51.20 -25.88 68.52
C PHE J 259 50.80 -26.71 67.37
N SER J 260 50.77 -28.00 67.59
CA SER J 260 50.52 -28.95 66.53
C SER J 260 49.17 -28.73 66.01
N GLN J 261 48.26 -28.45 66.93
CA GLN J 261 46.86 -28.15 66.63
C GLN J 261 46.70 -26.96 65.71
N ARG J 262 47.55 -25.90 65.95
CA ARG J 262 47.63 -24.76 65.09
C ARG J 262 48.15 -25.11 63.68
N GLN J 263 49.10 -26.04 63.59
CA GLN J 263 49.60 -26.50 62.28
C GLN J 263 48.49 -27.24 61.53
N LYS J 264 47.65 -27.99 62.27
CA LYS J 264 46.48 -28.59 61.59
C LYS J 264 45.50 -27.62 61.04
N ALA J 265 45.21 -26.58 61.80
CA ALA J 265 44.39 -25.50 61.35
C ALA J 265 44.88 -24.74 60.10
N PHE J 266 46.22 -24.50 60.01
CA PHE J 266 47.03 -23.95 58.93
C PHE J 266 46.87 -24.88 57.74
N HIS J 267 46.97 -26.24 57.90
CA HIS J 267 46.76 -27.22 56.90
C HIS J 267 45.34 -27.17 56.36
N SER J 268 44.30 -27.11 57.19
CA SER J 268 42.93 -27.05 56.74
C SER J 268 42.64 -25.83 55.91
N TRP J 269 43.09 -24.68 56.39
CA TRP J 269 42.90 -23.39 55.75
C TRP J 269 43.55 -23.30 54.37
N HIS J 270 44.81 -23.74 54.13
CA HIS J 270 45.28 -23.71 52.81
C HIS J 270 44.55 -24.70 51.87
N SER J 271 44.09 -25.88 52.39
CA SER J 271 43.33 -26.92 51.79
C SER J 271 42.07 -26.40 51.32
N ALA J 272 41.35 -25.57 52.14
CA ALA J 272 40.19 -24.91 51.76
C ALA J 272 40.36 -23.97 50.66
N GLU J 273 41.48 -23.21 50.73
CA GLU J 273 41.84 -22.26 49.68
C GLU J 273 42.18 -22.84 48.35
N SER J 274 43.00 -23.95 48.26
CA SER J 274 43.28 -24.69 47.01
C SER J 274 42.05 -25.34 46.40
N GLU J 275 41.09 -25.92 47.30
CA GLU J 275 39.80 -26.45 46.93
C GLU J 275 38.89 -25.27 46.38
N LEU J 276 38.82 -24.06 47.02
CA LEU J 276 38.02 -22.99 46.49
C LEU J 276 38.44 -22.50 45.09
N MET J 277 39.81 -22.35 44.90
CA MET J 277 40.43 -21.82 43.69
C MET J 277 40.01 -22.78 42.56
N LYS J 278 40.05 -24.12 42.86
CA LYS J 278 39.60 -25.15 41.90
C LYS J 278 38.17 -25.07 41.50
N LYS J 279 37.32 -24.81 42.54
CA LYS J 279 35.86 -24.84 42.40
C LYS J 279 35.42 -23.74 41.52
N LYS J 280 36.02 -22.57 41.74
CA LYS J 280 35.88 -21.30 41.04
C LYS J 280 36.27 -21.49 39.65
N ALA J 281 37.39 -22.17 39.40
CA ALA J 281 37.93 -22.45 38.07
C ALA J 281 37.06 -23.29 37.21
N ALA J 282 36.42 -24.35 37.83
CA ALA J 282 35.47 -25.26 37.20
C ALA J 282 34.32 -24.40 36.83
N GLN J 283 33.88 -23.45 37.69
CA GLN J 283 32.78 -22.68 37.41
C GLN J 283 32.88 -21.85 36.18
N ASP J 284 33.95 -21.06 36.05
CA ASP J 284 34.25 -20.24 34.91
C ASP J 284 34.38 -20.86 33.60
N LYS J 285 35.05 -22.04 33.55
CA LYS J 285 35.25 -22.85 32.35
C LYS J 285 33.95 -23.44 31.87
N LEU J 286 33.11 -23.93 32.78
CA LEU J 286 31.74 -24.28 32.48
C LEU J 286 30.94 -23.12 31.92
N LEU J 287 31.01 -21.93 32.51
CA LEU J 287 30.41 -20.71 32.04
C LEU J 287 30.78 -20.29 30.64
N ARG J 288 32.05 -20.36 30.31
CA ARG J 288 32.56 -19.80 29.11
C ARG J 288 32.87 -20.86 28.12
N GLN J 289 32.37 -22.07 28.36
CA GLN J 289 31.95 -23.05 27.42
C GLN J 289 30.77 -22.59 26.63
N GLY J 290 29.83 -21.87 27.33
CA GLY J 290 28.80 -21.05 26.68
C GLY J 290 27.74 -21.92 26.17
N LYS J 291 27.64 -23.05 26.79
CA LYS J 291 26.85 -24.18 26.44
C LYS J 291 26.51 -24.92 27.73
N THR J 292 26.16 -24.19 28.80
CA THR J 292 25.74 -24.74 30.03
C THR J 292 24.43 -23.94 30.35
N GLN J 293 23.28 -24.61 30.61
CA GLN J 293 22.02 -23.96 31.11
C GLN J 293 22.17 -23.37 32.52
N GLN J 294 21.41 -22.34 32.92
CA GLN J 294 21.54 -21.58 34.12
C GLN J 294 21.23 -22.38 35.38
N ASP J 295 20.50 -23.51 35.23
CA ASP J 295 20.28 -24.55 36.23
C ASP J 295 21.51 -25.12 36.74
N ARG J 296 22.38 -25.57 35.80
CA ARG J 296 23.59 -26.32 36.20
C ARG J 296 24.65 -25.33 36.69
N LEU J 297 24.60 -24.09 36.16
CA LEU J 297 25.52 -23.00 36.59
C LEU J 297 25.28 -22.74 38.04
N ASN J 298 23.93 -22.64 38.38
CA ASN J 298 23.53 -22.39 39.74
C ASN J 298 23.95 -23.48 40.66
N GLN J 299 23.91 -24.78 40.24
CA GLN J 299 24.46 -25.77 41.11
C GLN J 299 25.94 -25.56 41.44
N VAL J 300 26.84 -25.28 40.42
CA VAL J 300 28.26 -25.03 40.66
C VAL J 300 28.50 -23.78 41.49
N ASN J 301 27.72 -22.67 41.20
CA ASN J 301 27.85 -21.36 41.84
C ASN J 301 27.63 -21.38 43.30
N ALA J 302 26.56 -22.13 43.74
CA ALA J 302 26.26 -22.28 45.04
C ALA J 302 27.35 -22.93 45.75
N GLU J 303 27.85 -23.95 45.11
CA GLU J 303 28.98 -24.73 45.75
C GLU J 303 30.32 -23.89 45.89
N VAL J 304 30.64 -22.98 44.89
CA VAL J 304 31.73 -21.96 44.92
C VAL J 304 31.47 -21.15 46.17
N ILE J 305 30.26 -20.63 46.50
CA ILE J 305 29.95 -19.79 47.67
C ILE J 305 30.08 -20.57 49.00
N ASP J 306 29.72 -21.93 49.11
CA ASP J 306 29.93 -22.82 50.25
C ASP J 306 31.37 -23.00 50.51
N ALA J 307 32.20 -23.10 49.39
CA ALA J 307 33.66 -23.16 49.57
C ALA J 307 34.19 -21.84 50.24
N GLU J 308 33.67 -20.63 49.89
CA GLU J 308 34.10 -19.44 50.53
C GLU J 308 33.89 -19.43 52.04
N ARG J 309 32.70 -19.97 52.51
CA ARG J 309 32.32 -20.16 53.87
C ARG J 309 33.30 -21.12 54.48
N LYS J 310 33.72 -22.28 53.79
CA LYS J 310 34.72 -23.16 54.26
C LYS J 310 36.07 -22.44 54.47
N VAL J 311 36.51 -21.60 53.54
CA VAL J 311 37.65 -20.74 53.75
C VAL J 311 37.43 -19.81 54.87
N HIS J 312 36.31 -19.02 55.01
CA HIS J 312 36.09 -18.01 55.99
C HIS J 312 36.02 -18.61 57.41
N GLN J 313 35.28 -19.73 57.64
CA GLN J 313 35.20 -20.38 58.92
C GLN J 313 36.53 -20.99 59.27
N ALA J 314 37.25 -21.73 58.40
CA ALA J 314 38.52 -22.32 58.69
C ALA J 314 39.62 -21.29 59.02
N ARG J 315 39.73 -20.12 58.27
CA ARG J 315 40.71 -19.06 58.52
C ARG J 315 40.45 -18.48 59.86
N LEU J 316 39.11 -18.17 60.16
CA LEU J 316 38.69 -17.40 61.33
C LEU J 316 39.06 -18.10 62.62
N LEU J 317 38.77 -19.34 62.69
CA LEU J 317 39.12 -20.19 63.87
C LEU J 317 40.64 -20.29 63.93
N PHE J 318 41.40 -20.44 62.77
CA PHE J 318 42.88 -20.42 62.72
C PHE J 318 43.50 -19.15 63.34
N GLU J 319 42.89 -17.94 63.09
CA GLU J 319 43.26 -16.69 63.72
C GLU J 319 43.02 -16.87 65.22
N ASP J 320 41.85 -17.37 65.74
CA ASP J 320 41.49 -17.37 67.12
C ASP J 320 42.28 -18.38 67.83
N MET J 321 42.68 -19.46 67.19
CA MET J 321 43.63 -20.47 67.69
C MET J 321 45.01 -19.82 68.00
N GLY J 322 45.38 -18.84 67.10
CA GLY J 322 46.64 -18.12 67.33
C GLY J 322 46.57 -17.08 68.45
N ARG J 323 45.35 -16.47 68.64
CA ARG J 323 45.03 -15.63 69.78
C ARG J 323 45.15 -16.44 71.01
N LEU J 324 44.64 -17.69 71.08
CA LEU J 324 44.70 -18.64 72.13
C LEU J 324 46.11 -19.09 72.49
N LEU J 325 46.92 -19.31 71.43
CA LEU J 325 48.36 -19.72 71.53
C LEU J 325 49.13 -18.60 72.13
N ARG J 326 48.86 -17.33 71.84
CA ARG J 326 49.52 -16.13 72.34
C ARG J 326 49.26 -16.04 73.85
N SER J 327 47.93 -16.22 74.14
CA SER J 327 47.31 -16.13 75.43
C SER J 327 47.86 -17.14 76.43
N GLU J 328 48.01 -18.36 75.97
CA GLU J 328 48.61 -19.51 76.61
C GLU J 328 50.06 -19.23 76.85
N LEU J 329 50.76 -18.54 75.83
CA LEU J 329 52.16 -18.16 76.02
C LEU J 329 52.33 -17.24 77.16
N ASP J 330 51.52 -16.11 77.21
CA ASP J 330 51.56 -14.99 78.16
C ASP J 330 51.25 -15.51 79.53
N ARG J 331 50.29 -16.46 79.53
CA ARG J 331 49.98 -17.22 80.73
C ARG J 331 51.04 -18.02 81.21
N PHE J 332 51.70 -18.78 80.30
CA PHE J 332 52.74 -19.78 80.57
C PHE J 332 53.92 -19.11 81.33
N GLU J 333 54.34 -17.95 80.75
CA GLU J 333 55.42 -17.19 81.23
C GLU J 333 55.13 -16.72 82.65
N ARG J 334 53.84 -16.20 82.86
CA ARG J 334 53.45 -15.60 84.06
C ARG J 334 53.57 -16.58 85.21
N GLU J 335 53.11 -17.86 84.98
CA GLU J 335 53.16 -18.96 85.93
C GLU J 335 54.60 -19.28 86.38
N LYS J 336 55.50 -19.24 85.33
CA LYS J 336 56.85 -19.61 85.40
C LYS J 336 57.60 -18.76 86.40
N VAL J 337 57.36 -17.42 86.37
CA VAL J 337 58.01 -16.41 87.23
C VAL J 337 57.71 -16.71 88.69
N GLU J 338 56.43 -17.00 89.04
CA GLU J 338 55.93 -17.17 90.41
C GLU J 338 56.42 -18.43 91.08
N ASP J 339 56.45 -19.52 90.27
CA ASP J 339 56.75 -20.97 90.49
C ASP J 339 58.13 -21.17 90.93
N PHE J 340 59.03 -20.42 90.25
CA PHE J 340 60.47 -20.58 90.38
C PHE J 340 60.88 -19.70 91.56
N LYS J 341 60.12 -18.52 91.85
CA LYS J 341 60.40 -17.75 92.94
C LYS J 341 60.17 -18.58 94.23
N SER J 342 58.99 -19.29 94.26
CA SER J 342 58.66 -20.20 95.37
C SER J 342 59.65 -21.28 95.47
N GLY J 343 60.10 -21.85 94.36
CA GLY J 343 61.22 -22.77 94.16
C GLY J 343 62.52 -22.39 94.85
N VAL J 344 62.96 -21.13 94.65
CA VAL J 344 64.11 -20.48 95.28
C VAL J 344 63.91 -20.24 96.79
N GLU J 345 62.73 -19.77 97.18
CA GLU J 345 62.37 -19.50 98.58
C GLU J 345 62.37 -20.80 99.43
N THR J 346 61.84 -21.92 98.94
CA THR J 346 61.83 -23.16 99.57
C THR J 346 63.28 -23.68 99.72
N PHE J 347 64.12 -23.46 98.67
CA PHE J 347 65.56 -23.73 98.72
C PHE J 347 66.31 -22.96 99.84
N LEU J 348 66.02 -21.62 99.98
CA LEU J 348 66.67 -20.67 100.97
C LEU J 348 66.48 -21.17 102.35
N GLU J 349 65.25 -21.51 102.69
CA GLU J 349 64.81 -21.93 104.01
C GLU J 349 65.48 -23.22 104.51
N SER J 350 65.59 -24.12 103.48
CA SER J 350 66.31 -25.30 103.62
C SER J 350 67.82 -25.33 103.81
N ALA J 351 68.52 -24.42 102.99
CA ALA J 351 69.95 -24.21 102.86
C ALA J 351 70.45 -23.69 104.24
N VAL J 352 69.72 -22.68 104.83
CA VAL J 352 69.93 -22.08 106.17
C VAL J 352 69.70 -23.03 107.29
N GLU J 353 68.60 -23.85 107.24
CA GLU J 353 68.32 -24.89 108.17
C GLU J 353 69.37 -26.03 108.21
N ALA J 354 69.86 -26.40 106.99
CA ALA J 354 71.02 -27.36 106.94
C ALA J 354 72.24 -26.88 107.59
N GLN J 355 72.62 -25.60 107.37
CA GLN J 355 73.79 -24.98 107.87
C GLN J 355 73.67 -24.65 109.32
N LYS J 356 72.51 -24.24 109.85
CA LYS J 356 72.19 -23.89 111.18
C LYS J 356 72.33 -25.04 111.98
N GLU J 357 71.83 -26.24 111.53
CA GLU J 357 71.98 -27.54 112.26
C GLU J 357 73.43 -27.91 112.51
N LEU J 358 74.33 -27.79 111.48
CA LEU J 358 75.76 -27.94 111.66
C LEU J 358 76.39 -26.92 112.63
N ILE J 359 75.92 -25.64 112.58
CA ILE J 359 76.45 -24.63 113.54
C ILE J 359 76.16 -25.03 114.96
N GLU J 360 74.94 -25.50 115.26
CA GLU J 360 74.46 -25.90 116.57
C GLU J 360 75.24 -27.14 117.04
N LYS J 361 75.47 -28.10 116.11
CA LYS J 361 76.35 -29.22 116.32
C LYS J 361 77.78 -28.92 116.59
N TRP J 362 78.39 -27.95 115.84
CA TRP J 362 79.80 -27.45 115.95
C TRP J 362 79.98 -26.78 117.31
N GLU J 363 79.02 -25.96 117.75
CA GLU J 363 79.16 -25.45 119.11
C GLU J 363 79.20 -26.50 120.24
N THR J 364 78.26 -27.50 120.11
CA THR J 364 78.08 -28.61 121.06
C THR J 364 79.40 -29.41 121.33
N PHE J 365 80.11 -29.58 120.24
CA PHE J 365 81.43 -30.26 120.32
C PHE J 365 82.65 -29.34 120.41
N LEU J 366 82.50 -27.98 120.24
CA LEU J 366 83.45 -26.95 120.64
C LEU J 366 83.46 -26.92 122.20
N MET J 367 82.28 -27.03 122.75
CA MET J 367 82.12 -27.12 124.16
C MET J 367 82.53 -28.55 124.63
N GLN J 368 82.60 -29.52 123.65
CA GLN J 368 83.16 -30.89 123.81
C GLN J 368 82.04 -31.87 124.45
N ASN K 1 -56.83 -20.40 -28.35
CA ASN K 1 -55.97 -21.38 -27.65
C ASN K 1 -55.55 -22.57 -28.54
N LYS K 2 -54.82 -23.46 -27.93
CA LYS K 2 -54.27 -24.58 -28.58
C LYS K 2 -54.19 -25.71 -27.61
N PHE K 3 -54.54 -26.86 -28.10
CA PHE K 3 -54.65 -28.08 -27.34
C PHE K 3 -53.32 -28.44 -26.69
N VAL K 4 -52.11 -28.30 -27.30
CA VAL K 4 -50.85 -28.69 -26.73
C VAL K 4 -50.56 -27.96 -25.50
N GLU K 5 -50.78 -26.67 -25.53
CA GLU K 5 -50.53 -25.65 -24.54
C GLU K 5 -51.31 -25.94 -23.31
N GLN K 6 -52.55 -26.43 -23.45
CA GLN K 6 -53.44 -26.81 -22.33
C GLN K 6 -52.85 -28.02 -21.68
N ASP K 7 -52.37 -29.03 -22.39
CA ASP K 7 -51.66 -30.15 -21.70
C ASP K 7 -50.32 -29.84 -21.03
N ASP K 8 -49.55 -28.91 -21.66
CA ASP K 8 -48.27 -28.37 -21.24
C ASP K 8 -48.43 -27.69 -19.89
N TRP K 9 -49.49 -26.83 -19.68
CA TRP K 9 -49.89 -26.24 -18.44
C TRP K 9 -50.32 -27.26 -17.42
N PHE K 10 -51.00 -28.43 -17.84
CA PHE K 10 -51.38 -29.47 -16.93
C PHE K 10 -50.22 -30.16 -16.25
N HIS K 11 -49.20 -30.65 -17.11
CA HIS K 11 -48.13 -31.47 -16.62
C HIS K 11 -47.24 -30.67 -15.72
N ASP K 12 -47.12 -29.35 -16.09
CA ASP K 12 -46.39 -28.36 -15.28
C ASP K 12 -46.94 -28.17 -13.90
N ARG K 13 -48.29 -27.95 -13.76
CA ARG K 13 -48.89 -27.71 -12.49
C ARG K 13 -48.79 -28.88 -11.59
N ARG K 14 -49.02 -30.07 -12.18
CA ARG K 14 -49.02 -31.36 -11.46
C ARG K 14 -47.67 -31.74 -10.89
N VAL K 15 -46.57 -31.67 -11.70
CA VAL K 15 -45.23 -31.74 -11.23
C VAL K 15 -44.84 -30.73 -10.22
N TYR K 16 -45.16 -29.43 -10.43
CA TYR K 16 -44.72 -28.41 -9.53
C TYR K 16 -45.23 -28.58 -8.10
N LEU K 17 -46.53 -28.93 -7.99
CA LEU K 17 -47.28 -28.97 -6.73
C LEU K 17 -47.14 -30.34 -6.13
N ASP K 18 -46.53 -31.30 -6.90
CA ASP K 18 -46.04 -32.53 -6.25
C ASP K 18 -44.72 -32.16 -5.54
N ALA K 19 -43.82 -31.37 -6.19
CA ALA K 19 -42.52 -30.96 -5.55
C ALA K 19 -42.81 -30.21 -4.32
N LEU K 20 -43.78 -29.21 -4.45
CA LEU K 20 -44.12 -28.40 -3.35
C LEU K 20 -44.73 -29.09 -2.16
N GLU K 21 -45.68 -30.05 -2.32
CA GLU K 21 -46.30 -30.77 -1.24
C GLU K 21 -45.27 -31.51 -0.41
N ASN K 22 -44.35 -32.24 -1.10
CA ASN K 22 -43.31 -33.04 -0.39
C ASN K 22 -42.33 -32.15 0.36
N GLN K 23 -42.06 -30.95 -0.26
CA GLN K 23 -41.32 -29.88 0.37
C GLN K 23 -41.88 -29.39 1.62
N LEU K 24 -43.18 -29.04 1.64
CA LEU K 24 -43.96 -28.53 2.72
C LEU K 24 -44.01 -29.46 3.91
N LYS K 25 -43.99 -30.82 3.65
CA LYS K 25 -43.93 -31.82 4.64
C LYS K 25 -42.59 -31.80 5.46
N ALA K 26 -41.44 -31.59 4.71
CA ALA K 26 -40.09 -31.40 5.31
C ALA K 26 -40.03 -30.16 6.18
N LEU K 27 -40.59 -28.94 5.77
CA LEU K 27 -40.57 -27.67 6.55
C LEU K 27 -41.45 -27.83 7.75
N LEU K 28 -42.59 -28.54 7.74
CA LEU K 28 -43.42 -28.85 8.83
C LEU K 28 -42.72 -29.62 9.92
N LYS K 29 -41.85 -30.60 9.59
CA LYS K 29 -41.11 -31.43 10.52
C LYS K 29 -40.08 -30.64 11.25
N ALA K 30 -39.53 -29.67 10.51
CA ALA K 30 -38.62 -28.71 11.03
C ALA K 30 -39.15 -27.89 12.11
N MET K 31 -40.46 -27.48 11.96
CA MET K 31 -41.23 -26.80 13.01
C MET K 31 -41.41 -27.54 14.29
N ASP K 32 -41.71 -28.85 14.24
CA ASP K 32 -42.08 -29.69 15.35
C ASP K 32 -40.95 -29.72 16.33
N ASN K 33 -39.72 -29.79 15.75
CA ASN K 33 -38.50 -29.67 16.58
C ASN K 33 -38.23 -28.37 17.17
N MET K 34 -38.56 -27.30 16.45
CA MET K 34 -38.35 -25.96 16.81
C MET K 34 -39.15 -25.62 18.02
N VAL K 35 -40.39 -26.11 18.14
CA VAL K 35 -41.26 -25.87 19.33
C VAL K 35 -40.66 -26.55 20.56
N ALA K 36 -40.26 -27.80 20.31
CA ALA K 36 -39.60 -28.66 21.26
C ALA K 36 -38.31 -28.12 21.83
N GLN K 37 -37.43 -27.46 20.98
CA GLN K 37 -36.26 -26.80 21.42
C GLN K 37 -36.51 -25.53 22.07
N ARG K 38 -37.43 -24.67 21.60
CA ARG K 38 -37.70 -23.44 22.29
C ARG K 38 -38.21 -23.61 23.70
N LYS K 39 -38.98 -24.68 23.89
CA LYS K 39 -39.37 -25.24 25.24
C LYS K 39 -38.27 -25.50 26.22
N ALA K 40 -37.00 -25.71 25.78
CA ALA K 40 -36.07 -26.41 26.56
C ALA K 40 -34.79 -25.63 26.41
N MET K 41 -34.61 -24.65 25.45
CA MET K 41 -33.65 -23.51 25.43
C MET K 41 -33.91 -22.60 26.66
N ALA K 42 -35.22 -22.49 26.94
CA ALA K 42 -35.73 -21.84 28.09
C ALA K 42 -35.24 -22.54 29.33
N GLU K 43 -35.34 -23.90 29.47
CA GLU K 43 -34.88 -24.69 30.65
C GLU K 43 -33.37 -24.52 30.78
N ALA K 44 -32.65 -24.41 29.62
CA ALA K 44 -31.29 -24.19 29.44
C ALA K 44 -30.95 -22.86 30.21
N ALA K 45 -31.88 -21.87 30.07
CA ALA K 45 -31.66 -20.55 30.61
C ALA K 45 -32.16 -20.39 32.03
N ALA K 46 -32.70 -21.43 32.54
CA ALA K 46 -33.26 -21.51 33.93
C ALA K 46 -32.14 -21.95 34.80
N ASP K 47 -31.33 -22.89 34.22
CA ASP K 47 -30.08 -23.37 34.81
C ASP K 47 -29.04 -22.22 34.92
N PHE K 48 -29.01 -21.37 33.81
CA PHE K 48 -28.13 -20.31 33.68
C PHE K 48 -28.28 -19.18 34.71
N SER K 49 -29.58 -18.91 34.92
CA SER K 49 -30.06 -18.01 35.94
C SER K 49 -29.75 -18.56 37.27
N ALA K 50 -29.99 -19.83 37.45
CA ALA K 50 -29.74 -20.53 38.71
C ALA K 50 -28.36 -20.47 39.13
N SER K 51 -27.35 -20.65 38.24
CA SER K 51 -25.90 -20.58 38.53
C SER K 51 -25.50 -19.19 38.99
N LEU K 52 -26.09 -18.10 38.32
CA LEU K 52 -25.82 -16.71 38.73
C LEU K 52 -26.23 -16.44 40.09
N HIS K 53 -27.45 -16.85 40.47
CA HIS K 53 -27.94 -16.82 41.84
C HIS K 53 -27.15 -17.70 42.84
N ALA K 54 -26.76 -18.90 42.40
CA ALA K 54 -26.03 -19.85 43.17
C ALA K 54 -24.61 -19.34 43.47
N LEU K 55 -24.14 -18.24 42.81
CA LEU K 55 -22.77 -17.72 42.87
C LEU K 55 -22.83 -16.39 43.68
N SER K 56 -23.96 -15.67 43.72
CA SER K 56 -24.31 -14.56 44.54
C SER K 56 -24.55 -14.98 45.96
N THR K 57 -24.59 -16.34 46.24
CA THR K 57 -24.62 -16.73 47.63
C THR K 57 -23.16 -16.92 48.16
N VAL K 58 -22.22 -17.13 47.26
CA VAL K 58 -20.87 -17.62 47.70
C VAL K 58 -19.88 -16.46 47.44
N GLU K 59 -20.28 -15.32 46.80
CA GLU K 59 -19.71 -13.94 46.82
C GLU K 59 -20.80 -13.00 47.15
N LEU K 60 -20.51 -11.65 47.49
CA LEU K 60 -21.44 -10.81 48.17
C LEU K 60 -20.89 -9.43 48.01
N SER K 61 -19.65 -9.33 47.50
CA SER K 61 -18.87 -8.12 47.49
C SER K 61 -19.65 -7.01 46.68
N PRO K 62 -19.74 -5.75 47.21
CA PRO K 62 -20.85 -4.86 46.87
C PRO K 62 -21.00 -4.51 45.43
N THR K 63 -19.90 -4.37 44.74
CA THR K 63 -19.73 -3.84 43.40
C THR K 63 -19.60 -4.94 42.43
N LEU K 64 -19.81 -6.25 42.87
CA LEU K 64 -19.92 -7.36 41.95
C LEU K 64 -21.36 -7.95 41.98
N SER K 65 -22.01 -7.95 43.14
CA SER K 65 -23.33 -8.47 43.33
C SER K 65 -24.42 -7.80 42.60
N GLY K 66 -24.36 -6.42 42.61
CA GLY K 66 -25.29 -5.58 41.88
C GLY K 66 -25.44 -5.89 40.46
N PRO K 67 -24.42 -5.92 39.65
CA PRO K 67 -24.52 -6.36 38.26
C PRO K 67 -25.00 -7.81 38.12
N LEU K 68 -24.60 -8.66 39.09
CA LEU K 68 -24.84 -10.06 39.02
C LEU K 68 -26.32 -10.41 39.09
N ASP K 69 -27.12 -9.75 39.97
CA ASP K 69 -28.51 -9.92 39.96
C ASP K 69 -29.13 -9.44 38.75
N ALA K 70 -28.65 -8.23 38.14
CA ALA K 70 -29.22 -7.60 37.01
C ALA K 70 -29.16 -8.49 35.80
N LEU K 71 -28.02 -9.14 35.67
CA LEU K 71 -27.73 -10.20 34.80
C LEU K 71 -28.51 -11.49 34.91
N SER K 72 -28.88 -11.89 36.18
CA SER K 72 -29.81 -12.99 36.33
C SER K 72 -31.16 -12.69 35.68
N GLU K 73 -31.73 -11.47 35.92
CA GLU K 73 -32.95 -10.92 35.41
C GLU K 73 -32.93 -10.74 33.92
N LEU K 74 -31.81 -10.25 33.34
CA LEU K 74 -31.56 -10.20 31.92
C LEU K 74 -31.69 -11.43 31.20
N GLN K 75 -31.10 -12.44 31.80
CA GLN K 75 -31.13 -13.85 31.41
C GLN K 75 -32.53 -14.33 31.45
N LEU K 76 -33.34 -14.00 32.49
CA LEU K 76 -34.75 -14.40 32.62
C LEU K 76 -35.57 -13.78 31.57
N ALA K 77 -35.33 -12.56 31.06
CA ALA K 77 -35.90 -11.97 29.89
C ALA K 77 -35.50 -12.84 28.66
N ILE K 78 -34.27 -13.21 28.49
CA ILE K 78 -33.93 -14.06 27.37
C ILE K 78 -34.62 -15.39 27.41
N ARG K 79 -34.72 -16.01 28.58
CA ARG K 79 -35.43 -17.22 28.86
C ARG K 79 -36.85 -17.09 28.32
N ASP K 80 -37.42 -15.95 28.71
CA ASP K 80 -38.79 -15.62 28.39
C ASP K 80 -39.00 -15.46 26.86
N VAL K 81 -38.05 -14.78 26.14
CA VAL K 81 -38.04 -14.58 24.62
C VAL K 81 -38.04 -15.82 23.92
N TYR K 82 -37.29 -16.87 24.42
CA TYR K 82 -37.24 -18.20 23.91
C TYR K 82 -38.64 -18.90 23.94
N GLU K 83 -39.32 -18.74 25.09
CA GLU K 83 -40.68 -19.26 25.26
C GLU K 83 -41.67 -18.61 24.27
N ARG K 84 -41.47 -17.22 24.20
CA ARG K 84 -42.28 -16.33 23.32
C ARG K 84 -42.25 -16.70 21.87
N GLN K 85 -41.06 -17.07 21.45
CA GLN K 85 -40.72 -17.34 20.07
C GLN K 85 -41.27 -18.56 19.54
N ALA K 86 -41.59 -19.58 20.39
CA ALA K 86 -42.35 -20.73 19.89
C ALA K 86 -43.69 -20.41 19.30
N GLN K 87 -44.39 -19.40 19.91
CA GLN K 87 -45.67 -18.86 19.48
C GLN K 87 -45.45 -17.75 18.50
N GLN K 88 -44.23 -17.26 18.24
CA GLN K 88 -44.02 -16.20 17.18
C GLN K 88 -43.71 -16.91 15.90
N ASP K 89 -42.46 -17.07 15.53
CA ASP K 89 -42.04 -17.66 14.32
C ASP K 89 -42.59 -19.12 14.15
N VAL K 90 -42.41 -20.09 15.13
CA VAL K 90 -42.67 -21.51 14.98
C VAL K 90 -44.13 -21.82 14.71
N LEU K 91 -44.99 -21.19 15.52
CA LEU K 91 -46.34 -21.39 15.36
C LEU K 91 -46.90 -20.78 14.09
N THR K 92 -46.45 -19.60 13.67
CA THR K 92 -46.92 -18.85 12.53
C THR K 92 -46.66 -19.57 11.26
N PHE K 93 -45.38 -20.07 11.03
CA PHE K 93 -44.97 -20.80 9.81
C PHE K 93 -45.65 -22.14 9.80
N GLY K 94 -45.71 -22.80 10.95
CA GLY K 94 -46.27 -24.16 11.00
C GLY K 94 -47.72 -24.28 10.57
N ILE K 95 -48.57 -23.28 11.00
CA ILE K 95 -49.92 -23.11 10.61
C ILE K 95 -50.05 -22.81 9.06
N ILE K 96 -49.27 -21.79 8.57
CA ILE K 96 -49.37 -21.58 7.04
C ILE K 96 -48.91 -22.71 6.22
N ILE K 97 -47.84 -23.46 6.59
CA ILE K 97 -47.41 -24.67 5.85
C ILE K 97 -48.45 -25.74 5.71
N GLU K 98 -49.17 -25.97 6.85
CA GLU K 98 -50.22 -26.99 6.88
C GLU K 98 -51.31 -26.61 5.96
N GLU K 99 -51.63 -25.32 6.00
CA GLU K 99 -52.61 -24.64 5.15
C GLU K 99 -52.36 -24.69 3.67
N TYR K 100 -51.09 -24.51 3.25
CA TYR K 100 -50.72 -24.65 1.79
C TYR K 100 -50.95 -26.02 1.30
N ILE K 101 -50.66 -27.10 2.16
CA ILE K 101 -50.91 -28.53 1.88
C ILE K 101 -52.35 -28.80 1.68
N ARG K 102 -53.29 -28.13 2.50
CA ARG K 102 -54.68 -28.26 2.32
C ARG K 102 -55.11 -27.83 0.94
N LEU K 103 -54.58 -26.67 0.50
CA LEU K 103 -54.89 -26.06 -0.79
C LEU K 103 -54.38 -26.86 -1.92
N ILE K 104 -53.07 -27.46 -1.89
CA ILE K 104 -52.54 -28.41 -2.87
C ILE K 104 -53.29 -29.68 -2.91
N GLY K 105 -53.58 -30.17 -1.71
CA GLY K 105 -54.36 -31.30 -1.33
C GLY K 105 -55.74 -31.33 -1.93
N SER K 106 -56.46 -30.21 -2.01
CA SER K 106 -57.73 -30.00 -2.77
C SER K 106 -57.58 -30.02 -4.22
N VAL K 107 -56.46 -29.42 -4.74
CA VAL K 107 -56.11 -29.51 -6.19
C VAL K 107 -55.65 -30.89 -6.62
N LYS K 108 -55.18 -31.83 -5.74
CA LYS K 108 -55.05 -33.28 -6.06
C LYS K 108 -56.43 -33.92 -6.33
N GLN K 109 -57.49 -33.62 -5.59
CA GLN K 109 -58.83 -34.20 -5.82
C GLN K 109 -59.36 -33.78 -7.19
N ALA K 110 -59.13 -32.45 -7.52
CA ALA K 110 -59.52 -31.78 -8.80
C ALA K 110 -58.87 -32.40 -9.98
N PHE K 111 -57.55 -32.73 -9.79
CA PHE K 111 -56.83 -33.49 -10.78
C PHE K 111 -57.34 -34.83 -11.05
N SER K 112 -57.71 -35.61 -10.07
CA SER K 112 -58.12 -37.02 -10.19
C SER K 112 -59.38 -37.08 -11.06
N GLN K 113 -60.24 -36.01 -10.89
CA GLN K 113 -61.56 -35.78 -11.61
C GLN K 113 -61.40 -35.68 -13.12
N ARG K 114 -60.31 -34.88 -13.55
CA ARG K 114 -59.83 -34.82 -14.87
C ARG K 114 -59.15 -36.07 -15.40
N GLN K 115 -58.34 -36.65 -14.54
CA GLN K 115 -57.46 -37.80 -14.83
C GLN K 115 -58.24 -39.04 -15.21
N LYS K 116 -59.37 -39.30 -14.58
CA LYS K 116 -60.26 -40.40 -15.05
C LYS K 116 -60.79 -40.11 -16.48
N ALA K 117 -61.16 -38.82 -16.69
CA ALA K 117 -61.62 -38.27 -17.94
C ALA K 117 -60.61 -38.41 -19.09
N PHE K 118 -59.30 -38.18 -18.82
CA PHE K 118 -58.22 -38.38 -19.73
C PHE K 118 -58.04 -39.81 -20.11
N HIS K 119 -58.11 -40.72 -19.08
CA HIS K 119 -57.89 -42.11 -19.23
C HIS K 119 -58.96 -42.62 -20.10
N SER K 120 -60.25 -42.20 -19.92
CA SER K 120 -61.35 -42.52 -20.86
C SER K 120 -61.23 -42.01 -22.28
N TRP K 121 -60.76 -40.80 -22.44
CA TRP K 121 -60.49 -40.17 -23.69
C TRP K 121 -59.56 -40.95 -24.58
N HIS K 122 -58.41 -41.51 -24.05
CA HIS K 122 -57.40 -42.23 -24.82
C HIS K 122 -58.06 -43.47 -25.38
N SER K 123 -58.95 -44.20 -24.59
CA SER K 123 -59.70 -45.40 -25.01
C SER K 123 -60.63 -45.00 -26.13
N ALA K 124 -61.25 -43.88 -25.98
CA ALA K 124 -62.16 -43.37 -26.99
C ALA K 124 -61.44 -43.00 -28.30
N GLU K 125 -60.26 -42.36 -28.28
CA GLU K 125 -59.38 -42.10 -29.40
C GLU K 125 -58.77 -43.41 -30.08
N SER K 126 -58.24 -44.41 -29.31
CA SER K 126 -57.83 -45.65 -29.88
C SER K 126 -58.91 -46.57 -30.47
N GLU K 127 -60.09 -46.58 -29.91
CA GLU K 127 -61.32 -47.12 -30.55
C GLU K 127 -61.70 -46.45 -31.83
N LEU K 128 -61.68 -45.09 -31.91
CA LEU K 128 -61.98 -44.28 -33.12
C LEU K 128 -61.03 -44.60 -34.26
N MET K 129 -59.72 -44.55 -33.89
CA MET K 129 -58.65 -44.84 -34.86
C MET K 129 -58.75 -46.25 -35.44
N LYS K 130 -59.09 -47.34 -34.62
CA LYS K 130 -59.25 -48.74 -34.99
C LYS K 130 -60.33 -48.87 -36.02
N LYS K 131 -61.54 -48.15 -35.85
CA LYS K 131 -62.70 -48.11 -36.62
C LYS K 131 -62.47 -47.46 -37.92
N LYS K 132 -61.76 -46.34 -37.93
CA LYS K 132 -61.40 -45.56 -39.09
C LYS K 132 -60.50 -46.38 -40.01
N ALA K 133 -59.51 -47.15 -39.45
CA ALA K 133 -58.69 -48.11 -40.12
C ALA K 133 -59.45 -49.29 -40.73
N ALA K 134 -60.51 -49.84 -40.08
CA ALA K 134 -61.40 -50.90 -40.57
C ALA K 134 -62.17 -50.55 -41.81
N GLN K 135 -62.61 -49.29 -41.86
CA GLN K 135 -63.24 -48.80 -43.10
C GLN K 135 -62.24 -48.82 -44.25
N ASP K 136 -60.99 -48.27 -43.99
CA ASP K 136 -59.96 -48.20 -44.97
C ASP K 136 -59.62 -49.59 -45.51
N LYS K 137 -59.59 -50.63 -44.59
CA LYS K 137 -59.25 -52.03 -44.85
C LYS K 137 -60.20 -52.72 -45.83
N LEU K 138 -61.51 -52.46 -45.63
CA LEU K 138 -62.60 -52.91 -46.47
C LEU K 138 -62.51 -52.42 -47.91
N LEU K 139 -62.10 -51.11 -48.08
CA LEU K 139 -61.87 -50.50 -49.38
C LEU K 139 -60.85 -51.24 -50.24
N ARG K 140 -59.80 -51.73 -49.56
CA ARG K 140 -58.77 -52.43 -50.29
C ARG K 140 -58.72 -53.87 -50.14
N GLN K 141 -59.86 -54.46 -49.55
CA GLN K 141 -60.34 -55.80 -49.82
C GLN K 141 -60.77 -56.05 -51.23
N GLY K 142 -61.51 -55.05 -51.87
CA GLY K 142 -61.96 -55.09 -53.25
C GLY K 142 -63.46 -55.46 -53.28
N LYS K 143 -64.00 -55.94 -52.11
CA LYS K 143 -65.40 -56.36 -51.98
C LYS K 143 -65.81 -55.85 -50.56
N THR K 144 -66.93 -55.17 -50.45
CA THR K 144 -67.38 -54.66 -49.19
C THR K 144 -68.86 -54.94 -49.04
N GLN K 145 -69.36 -55.46 -47.90
CA GLN K 145 -70.77 -55.30 -47.57
C GLN K 145 -70.95 -53.89 -47.06
N GLN K 146 -71.84 -53.09 -47.78
CA GLN K 146 -72.08 -51.64 -47.51
C GLN K 146 -72.84 -51.33 -46.23
N ASP K 147 -73.56 -52.40 -45.73
CA ASP K 147 -74.26 -52.53 -44.48
C ASP K 147 -73.33 -52.35 -43.35
N ARG K 148 -72.17 -53.05 -43.38
CA ARG K 148 -71.23 -53.03 -42.32
C ARG K 148 -70.34 -51.83 -42.34
N LEU K 149 -70.21 -51.34 -43.54
CA LEU K 149 -69.47 -50.10 -43.73
C LEU K 149 -70.21 -48.91 -43.05
N ASN K 150 -71.55 -48.86 -43.24
CA ASN K 150 -72.47 -47.93 -42.60
C ASN K 150 -72.57 -48.13 -41.02
N GLN K 151 -72.59 -49.38 -40.50
CA GLN K 151 -72.50 -49.71 -39.05
C GLN K 151 -71.21 -49.24 -38.45
N VAL K 152 -70.03 -49.39 -39.14
CA VAL K 152 -68.81 -48.75 -38.76
C VAL K 152 -68.94 -47.20 -38.82
N ASN K 153 -69.60 -46.61 -39.85
CA ASN K 153 -69.70 -45.23 -40.03
C ASN K 153 -70.35 -44.58 -38.87
N ALA K 154 -71.44 -45.25 -38.41
CA ALA K 154 -72.27 -44.71 -37.29
C ALA K 154 -71.46 -44.61 -35.99
N GLU K 155 -70.62 -45.62 -35.67
CA GLU K 155 -69.70 -45.67 -34.54
C GLU K 155 -68.56 -44.75 -34.71
N VAL K 156 -67.94 -44.58 -35.90
CA VAL K 156 -67.01 -43.56 -36.20
C VAL K 156 -67.58 -42.14 -35.91
N ILE K 157 -68.78 -41.84 -36.39
CA ILE K 157 -69.44 -40.53 -36.23
C ILE K 157 -69.74 -40.22 -34.76
N ASP K 158 -70.22 -41.15 -33.93
CA ASP K 158 -70.48 -41.03 -32.50
C ASP K 158 -69.18 -40.81 -31.73
N ALA K 159 -68.10 -41.62 -32.05
CA ALA K 159 -66.81 -41.33 -31.50
C ALA K 159 -66.19 -39.98 -31.86
N GLU K 160 -66.43 -39.44 -33.06
CA GLU K 160 -66.06 -38.10 -33.44
C GLU K 160 -66.69 -37.05 -32.60
N ARG K 161 -67.96 -37.14 -32.29
CA ARG K 161 -68.52 -36.28 -31.32
C ARG K 161 -68.05 -36.36 -29.91
N LYS K 162 -67.84 -37.55 -29.39
CA LYS K 162 -67.26 -37.86 -28.13
C LYS K 162 -65.82 -37.30 -27.95
N VAL K 163 -64.95 -37.51 -28.97
CA VAL K 163 -63.68 -36.88 -28.95
C VAL K 163 -63.79 -35.36 -28.99
N HIS K 164 -64.61 -34.79 -29.87
CA HIS K 164 -64.70 -33.31 -30.09
C HIS K 164 -65.17 -32.72 -28.74
N GLN K 165 -66.14 -33.28 -28.14
CA GLN K 165 -66.62 -32.73 -26.87
C GLN K 165 -65.72 -32.78 -25.70
N ALA K 166 -65.09 -33.92 -25.56
CA ALA K 166 -64.13 -34.30 -24.50
C ALA K 166 -62.89 -33.39 -24.50
N ARG K 167 -62.29 -33.11 -25.71
CA ARG K 167 -61.26 -32.20 -25.99
C ARG K 167 -61.62 -30.81 -25.66
N LEU K 168 -62.90 -30.42 -26.01
CA LEU K 168 -63.45 -29.11 -25.58
C LEU K 168 -63.45 -28.93 -24.08
N LEU K 169 -63.90 -29.93 -23.33
CA LEU K 169 -63.92 -29.91 -21.88
C LEU K 169 -62.58 -29.80 -21.25
N PHE K 170 -61.58 -30.53 -21.80
CA PHE K 170 -60.19 -30.39 -21.42
C PHE K 170 -59.71 -29.00 -21.53
N GLU K 171 -59.98 -28.21 -22.60
CA GLU K 171 -59.59 -26.81 -22.70
C GLU K 171 -60.17 -25.98 -21.55
N ASP K 172 -61.52 -26.10 -21.22
CA ASP K 172 -62.20 -25.16 -20.37
C ASP K 172 -61.88 -25.55 -18.91
N MET K 173 -61.61 -26.86 -18.68
CA MET K 173 -61.07 -27.34 -17.40
C MET K 173 -59.72 -26.83 -17.04
N GLY K 174 -58.94 -26.68 -18.12
CA GLY K 174 -57.59 -26.10 -18.14
C GLY K 174 -57.56 -24.54 -17.95
N ARG K 175 -58.49 -23.82 -18.57
CA ARG K 175 -58.74 -22.37 -18.39
C ARG K 175 -59.16 -21.99 -16.98
N LEU K 176 -60.04 -22.88 -16.45
CA LEU K 176 -60.37 -22.95 -15.04
C LEU K 176 -59.17 -23.21 -14.24
N LEU K 177 -58.28 -24.14 -14.65
CA LEU K 177 -57.14 -24.53 -13.90
C LEU K 177 -56.15 -23.43 -13.76
N ARG K 178 -55.89 -22.59 -14.81
CA ARG K 178 -55.11 -21.41 -14.89
C ARG K 178 -55.62 -20.40 -13.96
N SER K 179 -56.95 -20.10 -13.99
CA SER K 179 -57.58 -19.23 -13.04
C SER K 179 -57.46 -19.68 -11.60
N GLU K 180 -57.59 -20.98 -11.37
CA GLU K 180 -57.34 -21.65 -10.16
C GLU K 180 -55.94 -21.53 -9.60
N LEU K 181 -54.90 -21.66 -10.49
CA LEU K 181 -53.51 -21.51 -10.13
C LEU K 181 -53.29 -20.14 -9.76
N ASP K 182 -53.78 -19.26 -10.56
CA ASP K 182 -53.56 -17.83 -10.44
C ASP K 182 -54.15 -17.25 -9.23
N ARG K 183 -55.39 -17.71 -8.86
CA ARG K 183 -56.03 -17.45 -7.60
C ARG K 183 -55.22 -18.02 -6.49
N PHE K 184 -54.83 -19.33 -6.60
CA PHE K 184 -54.15 -20.00 -5.51
C PHE K 184 -52.88 -19.29 -5.04
N GLU K 185 -52.03 -18.84 -6.00
CA GLU K 185 -50.81 -18.22 -5.64
C GLU K 185 -51.01 -16.94 -4.89
N ARG K 186 -52.00 -16.11 -5.39
CA ARG K 186 -52.40 -14.82 -4.81
C ARG K 186 -52.82 -14.98 -3.37
N GLU K 187 -53.56 -16.05 -3.04
CA GLU K 187 -53.99 -16.36 -1.72
C GLU K 187 -52.79 -16.66 -0.92
N LYS K 188 -51.79 -17.46 -1.38
CA LYS K 188 -50.65 -18.01 -0.64
C LYS K 188 -49.77 -16.82 -0.13
N VAL K 189 -49.62 -15.75 -0.97
CA VAL K 189 -48.98 -14.43 -0.60
C VAL K 189 -49.74 -13.75 0.50
N GLU K 190 -51.08 -13.66 0.41
CA GLU K 190 -52.01 -12.94 1.34
C GLU K 190 -51.89 -13.69 2.65
N ASP K 191 -51.85 -15.01 2.59
CA ASP K 191 -51.68 -15.88 3.74
C ASP K 191 -50.41 -15.60 4.54
N PHE K 192 -49.26 -15.40 3.86
CA PHE K 192 -47.87 -15.36 4.28
C PHE K 192 -47.72 -13.95 4.77
N LYS K 193 -48.28 -12.94 3.98
CA LYS K 193 -48.21 -11.51 4.26
C LYS K 193 -48.85 -11.21 5.61
N SER K 194 -50.11 -11.74 5.89
CA SER K 194 -50.74 -11.54 7.17
C SER K 194 -50.00 -12.12 8.29
N GLY K 195 -49.60 -13.40 8.08
CA GLY K 195 -48.72 -14.08 8.99
C GLY K 195 -47.45 -13.38 9.33
N VAL K 196 -46.79 -12.77 8.37
CA VAL K 196 -45.64 -11.94 8.50
C VAL K 196 -45.84 -10.75 9.29
N GLU K 197 -46.99 -10.04 9.06
CA GLU K 197 -47.44 -8.83 9.80
C GLU K 197 -47.66 -9.12 11.26
N THR K 198 -48.29 -10.32 11.52
CA THR K 198 -48.59 -10.69 12.88
C THR K 198 -47.31 -10.85 13.68
N PHE K 199 -46.37 -11.49 13.00
CA PHE K 199 -45.01 -11.65 13.45
C PHE K 199 -44.34 -10.34 13.63
N LEU K 200 -44.42 -9.40 12.69
CA LEU K 200 -43.63 -8.18 12.59
C LEU K 200 -43.89 -7.34 13.87
N GLU K 201 -45.21 -7.25 14.16
CA GLU K 201 -45.65 -6.51 15.31
C GLU K 201 -45.16 -7.10 16.59
N SER K 202 -45.35 -8.42 16.69
CA SER K 202 -45.08 -9.05 18.00
C SER K 202 -43.60 -9.05 18.26
N ALA K 203 -42.80 -9.35 17.19
CA ALA K 203 -41.35 -9.39 17.20
C ALA K 203 -40.70 -8.07 17.54
N VAL K 204 -41.21 -6.91 17.00
CA VAL K 204 -40.74 -5.60 17.33
C VAL K 204 -40.89 -5.23 18.79
N GLU K 205 -42.11 -5.53 19.39
CA GLU K 205 -42.26 -5.34 20.81
C GLU K 205 -41.42 -6.22 21.65
N ALA K 206 -41.35 -7.58 21.37
CA ALA K 206 -40.62 -8.57 22.14
C ALA K 206 -39.16 -8.15 22.23
N GLN K 207 -38.53 -7.68 21.07
CA GLN K 207 -37.15 -7.21 21.00
C GLN K 207 -36.97 -5.84 21.60
N LYS K 208 -38.07 -4.98 21.50
CA LYS K 208 -38.02 -3.64 22.07
C LYS K 208 -37.82 -3.75 23.53
N GLU K 209 -38.59 -4.80 24.05
CA GLU K 209 -38.58 -5.20 25.43
C GLU K 209 -37.18 -5.67 25.89
N LEU K 210 -36.51 -6.49 25.05
CA LEU K 210 -35.14 -6.86 25.36
C LEU K 210 -34.19 -5.67 25.43
N ILE K 211 -34.38 -4.69 24.53
CA ILE K 211 -33.58 -3.55 24.55
C ILE K 211 -33.87 -2.76 25.86
N GLU K 212 -35.21 -2.63 26.28
CA GLU K 212 -35.45 -1.93 27.45
C GLU K 212 -34.84 -2.55 28.70
N LYS K 213 -34.91 -3.89 28.72
CA LYS K 213 -34.29 -4.72 29.72
C LYS K 213 -32.81 -4.54 29.82
N TRP K 214 -32.18 -4.47 28.60
CA TRP K 214 -30.79 -4.13 28.46
C TRP K 214 -30.42 -2.81 28.98
N GLU K 215 -31.24 -1.72 28.71
CA GLU K 215 -30.93 -0.41 29.26
C GLU K 215 -30.96 -0.44 30.73
N THR K 216 -31.96 -1.02 31.33
CA THR K 216 -32.18 -1.07 32.80
C THR K 216 -30.97 -1.68 33.47
N PHE K 217 -30.39 -2.75 32.83
CA PHE K 217 -29.37 -3.56 33.42
C PHE K 217 -27.98 -3.18 32.90
N LEU K 218 -27.86 -2.39 31.84
CA LEU K 218 -26.68 -1.63 31.46
C LEU K 218 -26.34 -0.54 32.41
N MET K 219 -27.36 0.20 32.85
CA MET K 219 -27.24 1.32 33.82
C MET K 219 -27.18 0.76 35.22
N GLN K 220 -27.46 -0.57 35.37
CA GLN K 220 -26.99 -1.38 36.46
C GLN K 220 -27.83 -1.06 37.67
N ALA L 1 0.40 -1.70 32.24
CA ALA L 1 1.41 -2.59 31.67
C ALA L 1 0.88 -3.98 31.63
N ARG L 2 0.46 -4.54 32.77
CA ARG L 2 -0.10 -5.86 32.81
C ARG L 2 -1.28 -6.05 31.95
N PRO L 3 -2.35 -5.34 32.05
CA PRO L 3 -3.36 -5.40 31.02
C PRO L 3 -2.83 -4.71 29.79
N THR L 4 -1.84 -3.78 29.90
CA THR L 4 -1.32 -2.97 28.81
C THR L 4 -0.18 -3.64 28.11
N PHE L 5 -0.61 -4.71 27.47
CA PHE L 5 0.08 -5.74 26.82
C PHE L 5 -0.72 -5.75 25.56
N HIS L 6 -0.13 -5.76 24.37
CA HIS L 6 -0.86 -5.62 23.13
C HIS L 6 -0.48 -6.79 22.23
N ILE L 7 -1.49 -7.47 21.67
CA ILE L 7 -1.30 -8.80 21.15
C ILE L 7 -2.02 -8.84 19.86
N THR L 8 -1.34 -9.27 18.80
CA THR L 8 -2.01 -9.51 17.58
C THR L 8 -1.57 -10.92 17.39
N VAL L 9 -2.48 -11.76 16.90
CA VAL L 9 -2.24 -13.13 16.62
C VAL L 9 -2.66 -13.13 15.20
N GLY L 10 -1.75 -13.42 14.27
CA GLY L 10 -2.08 -13.17 12.91
C GLY L 10 -1.46 -14.25 12.18
N ASP L 11 -1.27 -13.96 10.90
CA ASP L 11 -0.37 -14.65 10.03
C ASP L 11 -0.59 -16.11 10.05
N PRO L 12 -1.62 -16.58 9.40
CA PRO L 12 -2.11 -17.88 9.66
C PRO L 12 -1.31 -18.72 8.75
N HIS L 13 -0.09 -19.09 9.18
CA HIS L 13 0.86 -19.91 8.52
C HIS L 13 0.32 -21.19 8.81
N LYS L 14 -0.70 -21.55 8.03
CA LYS L 14 -1.47 -22.66 8.39
C LYS L 14 -0.77 -23.58 7.55
N VAL L 15 -0.06 -24.48 8.26
CA VAL L 15 0.66 -25.48 7.60
C VAL L 15 -0.39 -26.27 6.95
N GLY L 16 -0.22 -26.47 5.63
CA GLY L 16 -1.14 -27.10 4.69
C GLY L 16 -1.40 -28.51 5.10
N ASP L 17 -2.53 -29.09 4.65
CA ASP L 17 -3.05 -30.43 4.96
C ASP L 17 -2.09 -31.54 5.42
N LEU L 18 -2.55 -32.30 6.45
CA LEU L 18 -1.98 -33.51 6.99
C LEU L 18 -3.15 -34.22 7.64
N ALA L 19 -4.30 -33.51 7.77
CA ALA L 19 -5.52 -33.92 8.44
C ALA L 19 -5.44 -33.67 9.93
N THR L 20 -4.48 -32.84 10.38
CA THR L 20 -4.19 -32.63 11.78
C THR L 20 -3.23 -31.47 11.90
N SER L 21 -2.88 -30.84 10.75
CA SER L 21 -1.88 -29.80 10.57
C SER L 21 -2.10 -28.53 11.38
N HIS L 22 -1.02 -27.79 11.68
CA HIS L 22 -1.08 -26.98 12.84
C HIS L 22 -0.63 -25.70 12.31
N ILE L 23 -1.49 -24.72 12.59
CA ILE L 23 -1.41 -23.37 12.21
C ILE L 23 -0.46 -22.74 13.11
N VAL L 24 0.29 -21.83 12.52
CA VAL L 24 1.33 -21.26 13.21
C VAL L 24 0.94 -19.89 12.91
N TYR L 25 0.99 -19.11 13.99
CA TYR L 25 0.48 -17.78 14.01
C TYR L 25 1.62 -16.99 14.35
N SER L 26 1.78 -15.81 13.75
CA SER L 26 2.50 -14.79 14.45
C SER L 26 1.81 -14.50 15.74
N VAL L 27 2.61 -14.26 16.76
CA VAL L 27 2.09 -13.80 17.97
C VAL L 27 2.93 -12.65 18.01
N ARG L 28 2.35 -11.48 17.96
CA ARG L 28 3.08 -10.31 18.05
C ARG L 28 2.57 -9.89 19.31
N THR L 29 3.50 -9.55 20.14
CA THR L 29 3.24 -8.96 21.36
C THR L 29 3.78 -7.66 20.94
N LYS L 30 3.06 -6.56 21.09
CA LYS L 30 3.59 -5.23 21.10
C LYS L 30 3.21 -5.06 22.50
N THR L 31 4.07 -4.58 23.36
CA THR L 31 3.69 -4.63 24.71
C THR L 31 4.42 -3.52 25.24
N THR L 32 3.69 -2.72 26.01
CA THR L 32 4.28 -1.70 26.77
C THR L 32 4.44 -2.29 28.12
N SER L 33 3.99 -3.54 28.31
CA SER L 33 4.07 -4.19 29.56
C SER L 33 5.52 -4.33 29.88
N LYS L 34 5.82 -4.16 31.17
CA LYS L 34 7.13 -4.32 31.73
C LYS L 34 7.14 -5.72 32.29
N ALA L 35 6.08 -6.54 31.99
CA ALA L 35 6.08 -7.97 32.17
C ALA L 35 6.38 -8.62 30.86
N TYR L 36 6.80 -7.84 29.84
CA TYR L 36 7.23 -8.38 28.59
C TYR L 36 8.32 -7.54 28.07
N LYS L 37 9.51 -8.21 28.01
CA LYS L 37 10.84 -7.78 27.63
C LYS L 37 10.81 -6.80 26.49
N GLN L 38 10.52 -7.36 25.32
CA GLN L 38 10.42 -6.76 24.04
C GLN L 38 9.30 -5.81 24.09
N PRO L 39 9.38 -4.58 23.63
CA PRO L 39 8.23 -3.80 23.27
C PRO L 39 7.52 -4.39 22.09
N GLU L 40 8.18 -5.21 21.23
CA GLU L 40 7.47 -5.98 20.24
C GLU L 40 8.25 -7.23 20.16
N PHE L 41 7.56 -8.38 20.15
CA PHE L 41 8.19 -9.53 19.68
C PHE L 41 7.19 -10.25 18.93
N GLU L 42 7.65 -10.94 17.91
CA GLU L 42 6.83 -11.86 17.25
C GLU L 42 7.38 -13.22 17.30
N VAL L 43 6.52 -14.19 17.62
CA VAL L 43 6.93 -15.53 17.68
C VAL L 43 5.95 -16.17 16.83
N LYS L 44 6.12 -17.46 16.51
CA LYS L 44 5.29 -18.01 15.50
C LYS L 44 4.94 -19.32 15.98
N ARG L 45 3.92 -19.32 16.83
CA ARG L 45 3.65 -20.46 17.60
C ARG L 45 2.71 -21.28 16.95
N ARG L 46 2.82 -22.57 17.26
CA ARG L 46 2.03 -23.58 16.69
C ARG L 46 1.25 -24.11 17.80
N TYR L 47 0.11 -24.69 17.41
CA TYR L 47 -0.98 -24.98 18.27
C TYR L 47 -0.62 -25.70 19.54
N ARG L 48 0.25 -26.67 19.33
CA ARG L 48 0.78 -27.57 20.29
C ARG L 48 1.55 -26.88 21.38
N ASP L 49 2.27 -25.83 20.99
CA ASP L 49 3.08 -25.08 21.88
C ASP L 49 2.26 -24.37 22.85
N PHE L 50 1.21 -23.74 22.34
CA PHE L 50 0.27 -23.04 23.15
C PHE L 50 -0.51 -23.84 24.08
N LEU L 51 -0.94 -25.02 23.65
CA LEU L 51 -1.78 -25.82 24.48
C LEU L 51 -1.06 -26.23 25.65
N TRP L 52 0.18 -26.67 25.39
CA TRP L 52 1.10 -26.94 26.41
C TRP L 52 1.25 -25.74 27.26
N LEU L 53 1.49 -24.60 26.64
CA LEU L 53 1.81 -23.42 27.33
C LEU L 53 0.74 -23.09 28.27
N TYR L 54 -0.47 -23.22 27.79
CA TYR L 54 -1.65 -22.93 28.46
C TYR L 54 -1.70 -23.77 29.71
N ASN L 55 -1.32 -25.00 29.54
CA ASN L 55 -1.16 -25.95 30.57
C ASN L 55 -0.10 -25.50 31.47
N THR L 56 0.99 -24.90 30.99
CA THR L 56 2.09 -24.42 31.77
C THR L 56 1.61 -23.41 32.69
N LEU L 57 0.77 -22.49 32.20
CA LEU L 57 0.18 -21.45 32.97
C LEU L 57 -0.59 -22.11 34.03
N HIS L 58 -1.24 -23.20 33.66
CA HIS L 58 -1.97 -23.97 34.58
C HIS L 58 -1.05 -24.45 35.67
N SER L 59 0.12 -24.93 35.29
CA SER L 59 1.12 -25.54 36.12
C SER L 59 1.85 -24.62 37.03
N ASN L 60 1.86 -23.30 36.76
CA ASN L 60 2.78 -22.48 37.52
C ASN L 60 2.00 -21.69 38.45
N ASN L 61 0.69 -21.87 38.33
CA ASN L 61 -0.23 -21.05 38.99
C ASN L 61 -1.11 -22.09 39.62
N PRO L 62 -1.00 -22.31 40.92
CA PRO L 62 -1.49 -23.51 41.64
C PRO L 62 -2.97 -23.68 41.84
N GLY L 63 -3.76 -22.71 41.48
CA GLY L 63 -5.17 -22.74 41.68
C GLY L 63 -5.53 -21.52 41.00
N VAL L 64 -4.57 -20.55 41.12
CA VAL L 64 -4.43 -19.32 40.43
C VAL L 64 -4.56 -19.64 39.01
N VAL L 65 -5.67 -19.13 38.48
CA VAL L 65 -6.40 -19.40 37.29
C VAL L 65 -5.58 -19.73 36.09
N VAL L 66 -6.33 -20.16 35.09
CA VAL L 66 -5.87 -20.46 33.81
C VAL L 66 -7.19 -20.59 33.16
N PRO L 67 -7.42 -19.68 32.24
CA PRO L 67 -8.72 -19.53 31.68
C PRO L 67 -8.78 -20.65 30.71
N PRO L 68 -9.80 -20.75 30.02
CA PRO L 68 -9.74 -21.82 28.43
C PRO L 68 -8.38 -21.60 27.54
N PRO L 69 -7.87 -22.56 26.74
CA PRO L 69 -6.69 -22.49 25.81
C PRO L 69 -6.76 -21.73 24.45
N PRO L 70 -5.83 -21.94 23.47
CA PRO L 70 -6.10 -21.99 22.02
C PRO L 70 -7.15 -23.02 21.67
N GLU L 71 -8.04 -22.75 20.71
CA GLU L 71 -9.13 -23.60 20.30
C GLU L 71 -8.81 -24.97 19.82
N LYS L 72 -9.60 -25.89 20.42
CA LYS L 72 -9.83 -27.29 20.18
C LYS L 72 -10.30 -27.67 18.84
N GLN L 73 -9.69 -28.77 18.40
CA GLN L 73 -9.95 -29.39 17.16
C GLN L 73 -10.87 -30.53 17.45
N ALA L 74 -11.11 -30.85 18.76
CA ALA L 74 -12.14 -31.74 19.28
C ALA L 74 -13.55 -31.51 18.83
N VAL L 75 -13.76 -30.54 17.96
CA VAL L 75 -14.98 -30.37 17.23
C VAL L 75 -14.55 -29.64 16.01
N GLY L 76 -13.43 -28.86 16.14
CA GLY L 76 -12.81 -28.09 15.08
C GLY L 76 -12.37 -29.00 14.01
N ARG L 77 -12.14 -28.48 12.81
CA ARG L 77 -11.62 -29.31 11.77
C ARG L 77 -10.24 -28.82 11.66
N PHE L 78 -10.08 -27.82 10.83
CA PHE L 78 -8.86 -27.16 10.65
C PHE L 78 -9.27 -25.88 10.00
N GLU L 79 -10.59 -25.60 10.05
CA GLU L 79 -11.27 -24.55 9.37
C GLU L 79 -10.66 -23.24 9.71
N SER L 80 -10.66 -22.26 8.77
CA SER L 80 -10.10 -20.95 8.99
C SER L 80 -10.70 -20.34 10.21
N ASN L 81 -12.00 -20.61 10.35
CA ASN L 81 -12.84 -20.27 11.43
C ASN L 81 -12.43 -20.93 12.68
N PHE L 82 -12.12 -22.23 12.61
CA PHE L 82 -11.71 -23.03 13.72
C PHE L 82 -10.38 -22.56 14.21
N VAL L 83 -9.47 -22.35 13.29
CA VAL L 83 -8.16 -21.91 13.55
C VAL L 83 -8.27 -20.53 14.03
N GLU L 84 -9.22 -19.77 13.52
CA GLU L 84 -9.53 -18.48 14.00
C GLU L 84 -9.96 -18.63 15.38
N SER L 85 -10.78 -19.59 15.69
CA SER L 85 -11.22 -19.78 17.02
C SER L 85 -10.06 -20.03 17.86
N ARG L 86 -9.09 -20.77 17.36
CA ARG L 86 -7.93 -21.02 18.06
C ARG L 86 -7.12 -19.83 18.35
N ARG L 87 -6.99 -19.00 17.35
CA ARG L 87 -6.32 -17.75 17.27
C ARG L 87 -6.91 -16.84 18.26
N ALA L 88 -8.22 -16.77 18.24
CA ALA L 88 -9.06 -16.05 19.10
C ALA L 88 -8.94 -16.55 20.48
N ALA L 89 -8.90 -17.86 20.64
CA ALA L 89 -8.96 -18.54 21.89
C ALA L 89 -7.79 -18.29 22.67
N LEU L 90 -6.72 -18.26 21.92
CA LEU L 90 -5.51 -17.77 22.41
C LEU L 90 -5.61 -16.38 22.68
N GLU L 91 -6.19 -15.59 21.77
CA GLU L 91 -6.11 -14.19 21.92
C GLU L 91 -6.70 -13.81 23.17
N LYS L 92 -7.84 -14.39 23.42
CA LYS L 92 -8.56 -14.26 24.59
C LYS L 92 -7.89 -14.72 25.79
N MET L 93 -7.27 -15.89 25.69
CA MET L 93 -6.70 -16.56 26.82
C MET L 93 -5.62 -15.72 27.30
N LEU L 94 -4.84 -15.29 26.32
CA LEU L 94 -3.73 -14.43 26.40
C LEU L 94 -4.09 -13.10 26.86
N ASN L 95 -5.18 -12.58 26.35
CA ASN L 95 -5.63 -11.26 26.61
C ASN L 95 -5.85 -11.11 28.06
N LYS L 96 -6.57 -12.09 28.57
CA LYS L 96 -6.98 -12.03 29.91
C LYS L 96 -5.91 -12.18 30.84
N ILE L 97 -5.07 -13.17 30.52
CA ILE L 97 -3.95 -13.50 31.31
C ILE L 97 -3.08 -12.38 31.33
N ALA L 98 -2.92 -11.63 30.24
CA ALA L 98 -2.14 -10.46 30.35
C ALA L 98 -2.77 -9.45 31.26
N ALA L 99 -4.10 -9.31 31.24
CA ALA L 99 -4.70 -8.42 32.17
C ALA L 99 -4.99 -9.08 33.44
N HIS L 100 -4.20 -10.11 33.76
CA HIS L 100 -4.08 -10.61 35.06
C HIS L 100 -2.66 -10.57 35.21
N PRO L 101 -2.12 -9.83 36.07
CA PRO L 101 -0.68 -9.74 36.11
C PRO L 101 0.08 -11.06 36.26
N THR L 102 -0.40 -12.03 37.07
CA THR L 102 0.26 -13.31 37.37
C THR L 102 0.51 -14.30 36.27
N LEU L 103 -0.52 -14.57 35.44
CA LEU L 103 -0.42 -15.56 34.39
C LEU L 103 0.42 -15.00 33.33
N GLN L 104 0.41 -13.66 33.23
CA GLN L 104 1.24 -12.89 32.38
C GLN L 104 2.69 -12.93 32.81
N LEU L 105 2.94 -13.33 34.07
CA LEU L 105 4.28 -13.41 34.59
C LEU L 105 4.93 -14.69 34.33
N ASP L 106 4.25 -15.70 33.77
CA ASP L 106 4.91 -16.95 33.53
C ASP L 106 6.08 -16.68 32.56
N ALA L 107 7.30 -17.06 33.01
CA ALA L 107 8.54 -16.75 32.36
C ALA L 107 8.64 -17.45 31.07
N ASP L 108 8.04 -18.66 31.00
CA ASP L 108 8.01 -19.45 29.81
C ASP L 108 7.29 -18.64 28.85
N LEU L 109 6.17 -18.07 29.29
CA LEU L 109 5.32 -17.23 28.53
C LEU L 109 6.02 -16.00 28.06
N LYS L 110 6.89 -15.38 28.86
CA LYS L 110 7.63 -14.26 28.36
C LYS L 110 8.48 -14.64 27.26
N LEU L 111 9.24 -15.69 27.45
CA LEU L 111 10.11 -16.23 26.47
C LEU L 111 9.36 -16.74 25.27
N PHE L 112 8.21 -17.34 25.47
CA PHE L 112 7.34 -17.86 24.47
C PHE L 112 6.85 -16.85 23.49
N LEU L 113 6.50 -15.67 23.97
CA LEU L 113 5.78 -14.66 23.24
C LEU L 113 6.75 -13.74 22.65
N GLU L 114 7.92 -13.80 23.29
CA GLU L 114 8.98 -12.93 23.03
C GLU L 114 10.15 -13.61 22.52
N SER L 115 9.95 -14.85 22.07
CA SER L 115 10.97 -15.59 21.36
C SER L 115 10.20 -16.60 20.60
N GLU L 116 10.55 -16.86 19.31
CA GLU L 116 10.04 -17.98 18.58
C GLU L 116 11.01 -19.12 18.71
N SER L 117 10.67 -20.17 19.47
CA SER L 117 11.33 -21.45 19.35
C SER L 117 10.48 -22.51 19.91
N PHE L 118 9.33 -22.08 20.46
CA PHE L 118 8.27 -22.83 21.03
C PHE L 118 8.52 -22.96 22.48
N ASN L 119 7.47 -23.41 23.19
CA ASN L 119 7.31 -23.38 24.61
C ASN L 119 8.32 -24.22 25.26
N ILE L 120 8.64 -25.28 24.51
CA ILE L 120 9.46 -26.37 24.90
C ILE L 120 10.85 -26.01 25.25
N ASP L 121 11.56 -25.30 24.36
CA ASP L 121 12.97 -25.17 24.62
C ASP L 121 13.20 -24.07 25.58
N VAL L 122 12.18 -23.22 25.67
CA VAL L 122 12.02 -22.22 26.67
C VAL L 122 11.87 -22.87 27.98
N LYS L 123 11.07 -23.94 28.02
CA LYS L 123 10.80 -24.58 29.23
C LYS L 123 11.92 -25.37 29.78
N HIS L 124 12.87 -25.83 28.96
CA HIS L 124 14.04 -26.38 29.57
C HIS L 124 14.84 -25.36 30.17
N LYS L 125 15.04 -24.33 29.36
CA LYS L 125 15.92 -23.26 29.65
C LYS L 125 15.59 -22.60 30.91
N GLU L 126 14.30 -22.38 31.17
CA GLU L 126 13.95 -21.79 32.42
C GLU L 126 14.25 -22.52 33.69
N ARG L 127 14.05 -23.85 33.90
CA ARG L 127 14.40 -24.36 35.23
C ARG L 127 15.86 -24.68 35.35
N LYS L 128 16.64 -24.00 34.50
CA LYS L 128 18.04 -24.14 34.25
C LYS L 128 18.29 -25.57 33.93
N GLU L 129 17.63 -26.05 32.85
CA GLU L 129 17.76 -27.44 32.52
C GLU L 129 17.29 -27.68 31.08
N ASN L 149 -5.69 -24.79 61.33
CA ASN L 149 -7.11 -24.70 61.58
C ASN L 149 -7.60 -26.03 62.06
N LYS L 150 -8.85 -25.99 62.68
CA LYS L 150 -9.65 -27.06 63.23
C LYS L 150 -10.06 -27.93 62.15
N PHE L 151 -10.33 -29.25 62.46
CA PHE L 151 -10.67 -30.32 61.61
C PHE L 151 -12.02 -30.17 60.87
N VAL L 152 -13.06 -29.65 61.60
CA VAL L 152 -14.45 -29.46 61.10
C VAL L 152 -14.32 -28.44 60.00
N GLU L 153 -13.63 -27.27 60.26
CA GLU L 153 -13.55 -26.12 59.50
C GLU L 153 -12.98 -26.27 58.11
N GLN L 154 -11.90 -27.03 57.94
CA GLN L 154 -11.31 -27.51 56.67
C GLN L 154 -12.15 -28.49 55.94
N ASP L 155 -12.73 -29.40 56.67
CA ASP L 155 -13.59 -30.44 56.08
C ASP L 155 -14.85 -29.83 55.53
N ASP L 156 -15.46 -28.83 56.17
CA ASP L 156 -16.58 -28.02 55.78
C ASP L 156 -16.37 -27.17 54.54
N TRP L 157 -15.20 -26.49 54.46
CA TRP L 157 -14.78 -25.80 53.28
C TRP L 157 -14.64 -26.71 52.09
N PHE L 158 -14.12 -27.97 52.27
CA PHE L 158 -14.04 -28.94 51.21
C PHE L 158 -15.38 -29.39 50.69
N HIS L 159 -16.36 -29.79 51.60
CA HIS L 159 -17.71 -30.28 51.20
C HIS L 159 -18.53 -29.19 50.62
N ASP L 160 -18.53 -27.91 51.14
CA ASP L 160 -19.22 -26.73 50.58
C ASP L 160 -18.86 -26.47 49.13
N ARG L 161 -17.56 -26.44 48.90
CA ARG L 161 -17.02 -26.19 47.66
C ARG L 161 -17.40 -27.28 46.68
N ARG L 162 -17.37 -28.57 47.16
CA ARG L 162 -17.68 -29.74 46.37
C ARG L 162 -19.10 -29.69 45.88
N VAL L 163 -20.12 -29.38 46.73
CA VAL L 163 -21.51 -29.28 46.37
C VAL L 163 -21.66 -28.12 45.42
N TYR L 164 -21.10 -26.91 45.72
CA TYR L 164 -21.27 -25.73 44.92
C TYR L 164 -20.74 -25.78 43.55
N LEU L 165 -19.49 -26.32 43.39
CA LEU L 165 -18.86 -26.35 42.09
C LEU L 165 -19.25 -27.64 41.21
N ASP L 166 -19.82 -28.64 41.84
CA ASP L 166 -20.51 -29.79 41.27
C ASP L 166 -21.79 -29.21 40.70
N ALA L 167 -22.54 -28.29 41.38
CA ALA L 167 -23.77 -27.63 40.89
C ALA L 167 -23.49 -26.80 39.62
N LEU L 168 -22.41 -25.97 39.55
CA LEU L 168 -22.09 -25.31 38.35
C LEU L 168 -21.78 -26.11 37.23
N GLU L 169 -21.02 -27.19 37.44
CA GLU L 169 -20.64 -28.14 36.38
C GLU L 169 -21.77 -28.79 35.73
N ASN L 170 -22.84 -29.24 36.52
CA ASN L 170 -24.05 -29.89 36.03
C ASN L 170 -24.84 -28.98 35.14
N GLN L 171 -24.96 -27.68 35.57
CA GLN L 171 -25.57 -26.63 34.82
C GLN L 171 -24.85 -26.38 33.51
N LEU L 172 -23.51 -26.35 33.57
CA LEU L 172 -22.67 -26.13 32.41
C LEU L 172 -22.66 -27.24 31.41
N LYS L 173 -22.74 -28.45 31.89
CA LYS L 173 -22.96 -29.63 31.09
C LYS L 173 -24.35 -29.66 30.43
N ALA L 174 -25.44 -29.26 31.17
CA ALA L 174 -26.80 -29.12 30.60
C ALA L 174 -26.84 -28.03 29.50
N LEU L 175 -26.21 -26.81 29.71
CA LEU L 175 -26.13 -25.73 28.70
C LEU L 175 -25.40 -26.23 27.54
N LEU L 176 -24.30 -27.00 27.72
CA LEU L 176 -23.63 -27.57 26.54
C LEU L 176 -24.50 -28.49 25.60
N LYS L 177 -25.39 -29.39 26.12
CA LYS L 177 -26.18 -30.24 25.23
C LYS L 177 -27.35 -29.51 24.61
N ALA L 178 -27.73 -28.40 25.24
CA ALA L 178 -28.56 -27.44 24.55
C ALA L 178 -27.90 -26.77 23.35
N MET L 179 -26.63 -26.29 23.47
CA MET L 179 -25.90 -25.67 22.40
C MET L 179 -25.78 -26.49 21.18
N ASP L 180 -25.49 -27.82 21.28
CA ASP L 180 -25.38 -28.86 20.24
C ASP L 180 -26.74 -28.92 19.50
N ASN L 181 -27.91 -29.00 20.23
CA ASN L 181 -29.25 -29.15 19.61
C ASN L 181 -29.63 -27.95 18.79
N MET L 182 -29.38 -26.72 19.35
CA MET L 182 -29.57 -25.43 18.80
C MET L 182 -28.79 -25.05 17.56
N VAL L 183 -27.56 -25.59 17.45
CA VAL L 183 -26.81 -25.51 16.25
C VAL L 183 -27.39 -26.52 15.23
N ALA L 184 -27.77 -27.76 15.69
CA ALA L 184 -28.18 -28.84 14.77
C ALA L 184 -29.50 -28.46 14.05
N GLN L 185 -30.42 -27.89 14.84
CA GLN L 185 -31.75 -27.51 14.39
C GLN L 185 -31.83 -26.11 13.86
N ARG L 186 -30.78 -25.64 13.19
CA ARG L 186 -30.82 -24.50 12.24
C ARG L 186 -30.73 -25.02 10.86
N LYS L 187 -30.35 -26.32 10.69
CA LYS L 187 -30.18 -26.98 9.43
C LYS L 187 -31.51 -27.59 9.26
N ALA L 188 -32.32 -26.97 8.39
CA ALA L 188 -33.71 -27.24 8.20
C ALA L 188 -34.45 -26.63 9.40
N MET L 189 -35.26 -25.57 9.20
CA MET L 189 -35.82 -24.83 8.12
C MET L 189 -34.85 -24.22 7.14
N ALA L 190 -33.61 -23.82 7.42
CA ALA L 190 -32.74 -23.09 6.59
C ALA L 190 -32.39 -23.90 5.36
N GLU L 191 -31.98 -25.12 5.59
CA GLU L 191 -31.68 -26.06 4.52
C GLU L 191 -32.85 -26.49 3.65
N ALA L 192 -34.02 -26.64 4.22
CA ALA L 192 -35.30 -26.81 3.57
C ALA L 192 -35.65 -25.61 2.69
N ALA L 193 -35.46 -24.38 3.19
CA ALA L 193 -35.96 -23.14 2.56
C ALA L 193 -35.10 -22.74 1.45
N ALA L 194 -33.92 -23.31 1.36
CA ALA L 194 -32.99 -23.15 0.30
C ALA L 194 -33.50 -23.88 -0.90
N ASP L 195 -34.46 -24.91 -0.75
CA ASP L 195 -35.02 -25.67 -1.82
C ASP L 195 -36.45 -25.21 -1.94
N PHE L 196 -37.08 -24.63 -0.92
CA PHE L 196 -38.40 -24.04 -1.02
C PHE L 196 -38.30 -22.87 -2.06
N SER L 197 -37.17 -22.07 -1.94
CA SER L 197 -36.86 -21.00 -2.86
C SER L 197 -36.77 -21.48 -4.26
N ALA L 198 -35.97 -22.51 -4.60
CA ALA L 198 -35.93 -23.05 -5.90
C ALA L 198 -37.25 -23.63 -6.37
N SER L 199 -38.07 -24.29 -5.53
CA SER L 199 -39.39 -24.81 -5.90
C SER L 199 -40.36 -23.74 -6.32
N LEU L 200 -40.46 -22.66 -5.52
CA LEU L 200 -41.28 -21.56 -5.86
C LEU L 200 -40.77 -20.90 -7.18
N HIS L 201 -39.42 -20.65 -7.28
CA HIS L 201 -38.75 -19.94 -8.42
C HIS L 201 -39.00 -20.63 -9.76
N ALA L 202 -39.02 -21.89 -9.70
CA ALA L 202 -39.32 -22.76 -10.82
C ALA L 202 -40.64 -22.48 -11.49
N LEU L 203 -41.75 -22.25 -10.74
CA LEU L 203 -43.15 -22.10 -11.17
C LEU L 203 -43.35 -20.64 -11.52
N SER L 204 -42.37 -19.83 -11.10
CA SER L 204 -42.34 -18.49 -11.45
C SER L 204 -41.78 -18.27 -12.84
N THR L 205 -41.24 -19.28 -13.57
CA THR L 205 -40.91 -19.18 -14.98
C THR L 205 -42.12 -19.55 -15.82
N VAL L 206 -43.08 -20.18 -15.14
CA VAL L 206 -44.33 -20.69 -15.79
C VAL L 206 -45.36 -19.62 -15.85
N GLU L 207 -45.51 -18.79 -14.74
CA GLU L 207 -46.34 -17.56 -14.77
C GLU L 207 -45.42 -16.47 -15.43
N LEU L 208 -46.04 -15.49 -16.20
CA LEU L 208 -45.36 -14.60 -17.03
C LEU L 208 -46.33 -13.44 -16.89
N SER L 209 -47.51 -13.58 -16.30
CA SER L 209 -48.51 -12.49 -16.08
C SER L 209 -48.08 -11.59 -14.91
N PRO L 210 -47.79 -10.28 -15.17
CA PRO L 210 -46.74 -9.56 -14.55
C PRO L 210 -46.92 -9.50 -13.03
N THR L 211 -48.14 -9.39 -12.49
CA THR L 211 -48.42 -9.12 -11.12
C THR L 211 -48.67 -10.42 -10.29
N LEU L 212 -48.43 -11.56 -10.85
CA LEU L 212 -48.38 -12.82 -10.16
C LEU L 212 -46.98 -13.39 -10.29
N SER L 213 -46.38 -13.15 -11.46
CA SER L 213 -44.99 -13.60 -11.64
C SER L 213 -44.06 -12.87 -10.72
N GLY L 214 -44.17 -11.58 -10.70
CA GLY L 214 -43.45 -10.66 -9.89
C GLY L 214 -43.52 -10.92 -8.44
N PRO L 215 -44.71 -10.98 -7.80
CA PRO L 215 -44.82 -11.37 -6.44
C PRO L 215 -44.26 -12.75 -6.11
N LEU L 216 -44.55 -13.73 -7.01
CA LEU L 216 -44.15 -15.10 -6.70
C LEU L 216 -42.66 -15.18 -6.61
N ASP L 217 -41.85 -14.51 -7.51
CA ASP L 217 -40.42 -14.49 -7.50
C ASP L 217 -39.94 -13.80 -6.15
N ALA L 218 -40.68 -12.71 -5.64
CA ALA L 218 -40.38 -12.01 -4.40
C ALA L 218 -40.56 -12.92 -3.23
N LEU L 219 -41.61 -13.73 -3.26
CA LEU L 219 -41.89 -14.76 -2.23
C LEU L 219 -40.79 -15.82 -2.20
N SER L 220 -40.18 -16.22 -3.33
CA SER L 220 -39.10 -17.15 -3.49
C SER L 220 -37.92 -16.69 -2.73
N GLU L 221 -37.66 -15.40 -2.96
CA GLU L 221 -36.61 -14.55 -2.46
C GLU L 221 -36.67 -14.42 -0.97
N LEU L 222 -37.90 -14.25 -0.48
CA LEU L 222 -38.27 -14.36 0.88
C LEU L 222 -37.85 -15.66 1.49
N GLN L 223 -38.07 -16.80 0.88
CA GLN L 223 -37.59 -18.04 1.48
C GLN L 223 -36.12 -18.21 1.62
N LEU L 224 -35.31 -17.71 0.68
CA LEU L 224 -33.89 -17.58 0.63
C LEU L 224 -33.44 -16.68 1.79
N ALA L 225 -34.19 -15.56 2.05
CA ALA L 225 -33.95 -14.63 3.13
C ALA L 225 -34.08 -15.30 4.46
N ILE L 226 -35.15 -16.08 4.63
CA ILE L 226 -35.33 -16.82 5.82
C ILE L 226 -34.24 -17.84 6.04
N ARG L 227 -33.88 -18.50 4.94
CA ARG L 227 -32.71 -19.45 4.92
C ARG L 227 -31.42 -18.84 5.38
N ASP L 228 -31.09 -17.59 4.88
CA ASP L 228 -29.77 -17.00 5.14
C ASP L 228 -29.69 -16.61 6.57
N VAL L 229 -30.72 -15.92 7.08
CA VAL L 229 -30.80 -15.53 8.51
C VAL L 229 -30.87 -16.66 9.53
N TYR L 230 -31.76 -17.69 9.28
CA TYR L 230 -31.89 -18.75 10.19
C TYR L 230 -30.58 -19.50 10.41
N GLU L 231 -29.89 -19.81 9.28
CA GLU L 231 -28.68 -20.52 9.39
C GLU L 231 -27.61 -19.70 10.08
N ARG L 232 -27.54 -18.31 9.75
CA ARG L 232 -26.47 -17.45 10.24
C ARG L 232 -26.53 -17.55 11.75
N GLN L 233 -27.70 -17.61 12.36
CA GLN L 233 -27.90 -17.59 13.80
C GLN L 233 -27.28 -18.74 14.61
N ALA L 234 -26.88 -19.94 13.96
CA ALA L 234 -26.03 -20.94 14.65
C ALA L 234 -24.72 -20.45 15.05
N GLN L 235 -24.14 -19.71 14.03
CA GLN L 235 -22.92 -19.03 14.11
C GLN L 235 -22.85 -17.78 14.85
N GLN L 236 -23.96 -17.01 14.88
CA GLN L 236 -24.10 -15.72 15.63
C GLN L 236 -24.02 -15.84 17.05
N ASP L 237 -25.04 -16.63 17.59
CA ASP L 237 -25.31 -16.67 18.97
C ASP L 237 -24.84 -17.93 19.69
N VAL L 238 -25.26 -19.18 19.19
CA VAL L 238 -24.97 -20.45 19.76
C VAL L 238 -23.50 -20.72 19.97
N LEU L 239 -22.70 -20.39 18.90
CA LEU L 239 -21.29 -20.55 18.82
C LEU L 239 -20.64 -19.64 19.80
N THR L 240 -21.03 -18.38 20.07
CA THR L 240 -20.43 -17.46 21.05
C THR L 240 -20.49 -18.07 22.43
N PHE L 241 -21.73 -18.63 22.76
CA PHE L 241 -21.94 -19.41 23.98
C PHE L 241 -21.26 -20.68 24.07
N GLY L 242 -21.17 -21.49 23.05
CA GLY L 242 -20.42 -22.71 23.11
C GLY L 242 -18.94 -22.54 23.43
N ILE L 243 -18.30 -21.49 22.95
CA ILE L 243 -16.94 -21.15 23.28
C ILE L 243 -16.76 -20.77 24.78
N ILE L 244 -17.58 -19.86 25.31
CA ILE L 244 -17.49 -19.52 26.71
C ILE L 244 -17.97 -20.64 27.58
N ILE L 245 -18.98 -21.46 27.35
CA ILE L 245 -19.31 -22.62 28.10
C ILE L 245 -18.11 -23.58 28.18
N GLU L 246 -17.41 -23.90 27.05
CA GLU L 246 -16.35 -24.80 27.03
C GLU L 246 -15.19 -24.36 27.90
N GLU L 247 -14.92 -22.97 27.85
CA GLU L 247 -13.89 -22.26 28.59
C GLU L 247 -14.07 -22.41 30.09
N TYR L 248 -15.32 -22.35 30.56
CA TYR L 248 -15.61 -22.56 31.93
C TYR L 248 -15.35 -23.95 32.42
N ILE L 249 -15.75 -25.02 31.67
CA ILE L 249 -15.61 -26.35 32.06
C ILE L 249 -14.17 -26.81 32.24
N ARG L 250 -13.25 -26.36 31.36
CA ARG L 250 -11.90 -26.45 31.51
C ARG L 250 -11.32 -25.78 32.70
N LEU L 251 -11.77 -24.51 32.96
CA LEU L 251 -11.33 -23.72 34.13
C LEU L 251 -11.70 -24.39 35.47
N ILE L 252 -12.95 -25.01 35.51
CA ILE L 252 -13.46 -25.78 36.57
C ILE L 252 -12.63 -27.06 36.83
N GLY L 253 -12.28 -27.80 35.63
CA GLY L 253 -11.27 -28.83 35.64
C GLY L 253 -9.94 -28.51 36.24
N SER L 254 -9.35 -27.33 35.87
CA SER L 254 -8.10 -26.85 36.31
C SER L 254 -8.12 -26.58 37.84
N VAL L 255 -9.17 -26.02 38.46
CA VAL L 255 -9.24 -25.69 39.85
C VAL L 255 -9.55 -26.94 40.70
N LYS L 256 -10.01 -28.01 39.99
CA LYS L 256 -10.11 -29.39 40.48
C LYS L 256 -8.74 -29.93 40.77
N GLN L 257 -7.72 -29.62 39.87
CA GLN L 257 -6.34 -29.87 40.14
C GLN L 257 -5.80 -29.10 41.35
N ALA L 258 -6.08 -27.77 41.54
CA ALA L 258 -5.63 -26.91 42.61
C ALA L 258 -6.12 -27.55 43.91
N PHE L 259 -7.42 -28.05 43.92
CA PHE L 259 -8.02 -28.72 45.05
C PHE L 259 -7.24 -29.90 45.42
N SER L 260 -6.81 -30.64 44.42
CA SER L 260 -6.14 -31.90 44.64
C SER L 260 -4.87 -31.65 45.34
N GLN L 261 -4.23 -30.56 44.95
CA GLN L 261 -2.98 -30.11 45.52
C GLN L 261 -3.09 -29.82 47.01
N ARG L 262 -4.26 -29.22 47.42
CA ARG L 262 -4.59 -29.02 48.79
C ARG L 262 -4.79 -30.35 49.56
N GLN L 263 -5.38 -31.35 48.91
CA GLN L 263 -5.52 -32.68 49.52
C GLN L 263 -4.17 -33.31 49.74
N LYS L 264 -3.21 -33.07 48.81
CA LYS L 264 -1.84 -33.55 49.07
C LYS L 264 -1.17 -32.93 50.23
N ALA L 265 -1.33 -31.62 50.37
CA ALA L 265 -0.85 -30.91 51.51
C ALA L 265 -1.39 -31.35 52.89
N PHE L 266 -2.73 -31.68 52.95
CA PHE L 266 -3.52 -32.27 54.01
C PHE L 266 -2.91 -33.64 54.32
N HIS L 267 -2.60 -34.49 53.31
CA HIS L 267 -1.96 -35.75 53.44
C HIS L 267 -0.57 -35.60 54.05
N SER L 268 0.27 -34.68 53.59
CA SER L 268 1.60 -34.51 54.15
C SER L 268 1.59 -34.10 55.59
N TRP L 269 0.72 -33.14 55.93
CA TRP L 269 0.57 -32.61 57.27
C TRP L 269 0.10 -33.66 58.28
N HIS L 270 -0.92 -34.52 58.01
CA HIS L 270 -1.19 -35.52 58.97
C HIS L 270 -0.06 -36.57 59.12
N SER L 271 0.69 -36.88 58.02
CA SER L 271 1.81 -37.74 57.88
C SER L 271 2.88 -37.29 58.73
N ALA L 272 3.19 -35.96 58.74
CA ALA L 272 4.11 -35.38 59.60
C ALA L 272 3.78 -35.49 61.02
N GLU L 273 2.48 -35.28 61.32
CA GLU L 273 1.97 -35.43 62.69
C GLU L 273 2.00 -36.81 63.27
N SER L 274 1.60 -37.90 62.51
CA SER L 274 1.74 -39.31 62.94
C SER L 274 3.18 -39.75 63.11
N GLU L 275 4.14 -39.25 62.19
CA GLU L 275 5.58 -39.44 62.28
C GLU L 275 6.13 -38.69 63.57
N LEU L 276 5.72 -37.43 63.87
CA LEU L 276 6.18 -36.78 65.07
C LEU L 276 5.81 -37.48 66.38
N MET L 277 4.51 -37.94 66.46
CA MET L 277 3.90 -38.57 67.65
C MET L 277 4.74 -39.83 67.90
N LYS L 278 5.10 -40.56 66.81
CA LYS L 278 5.98 -41.75 66.91
C LYS L 278 7.35 -41.50 67.44
N LYS L 279 7.93 -40.37 66.94
CA LYS L 279 9.32 -40.00 67.20
C LYS L 279 9.49 -39.68 68.63
N LYS L 280 8.52 -38.93 69.15
CA LYS L 280 8.33 -38.47 70.52
C LYS L 280 8.20 -39.62 71.39
N ALA L 281 7.40 -40.62 71.00
CA ALA L 281 7.16 -41.84 71.75
C ALA L 281 8.36 -42.71 71.95
N ALA L 282 9.21 -42.82 70.87
CA ALA L 282 10.49 -43.55 70.87
C ALA L 282 11.33 -42.81 71.85
N GLN L 283 11.32 -41.46 71.88
CA GLN L 283 12.14 -40.77 72.74
C GLN L 283 11.94 -41.03 74.17
N ASP L 284 10.71 -40.91 74.65
CA ASP L 284 10.30 -41.17 76.00
C ASP L 284 10.53 -42.51 76.57
N LYS L 285 10.29 -43.57 75.76
CA LYS L 285 10.53 -44.96 76.10
C LYS L 285 11.99 -45.26 76.23
N LEU L 286 12.83 -44.73 75.34
CA LEU L 286 14.27 -44.74 75.51
C LEU L 286 14.72 -44.04 76.78
N LEU L 287 14.18 -42.85 77.11
CA LEU L 287 14.41 -42.13 78.32
C LEU L 287 14.10 -42.87 79.60
N ARG L 288 12.99 -43.54 79.65
CA ARG L 288 12.48 -44.10 80.84
C ARG L 288 12.65 -45.56 80.86
N GLN L 289 13.47 -46.09 79.96
CA GLN L 289 14.32 -47.23 80.08
C GLN L 289 15.37 -47.05 81.11
N GLY L 290 15.93 -45.80 81.17
CA GLY L 290 16.72 -45.32 82.32
C GLY L 290 18.06 -45.91 82.27
N LYS L 291 18.43 -46.25 81.08
CA LYS L 291 19.59 -47.00 80.71
C LYS L 291 19.97 -46.56 79.29
N THR L 292 19.93 -45.25 79.01
CA THR L 292 20.35 -44.69 77.78
C THR L 292 21.28 -43.52 78.22
N GLN L 293 22.54 -43.44 77.74
CA GLN L 293 23.44 -42.25 77.93
C GLN L 293 22.94 -40.98 77.25
N GLN L 294 23.28 -39.76 77.70
CA GLN L 294 22.75 -38.50 77.29
C GLN L 294 23.14 -38.14 75.86
N ASP L 295 24.21 -38.78 75.33
CA ASP L 295 24.63 -38.77 73.92
C ASP L 295 23.59 -39.22 73.02
N ARG L 296 23.04 -40.43 73.32
CA ARG L 296 22.10 -41.07 72.39
C ARG L 296 20.72 -40.42 72.54
N LEU L 297 20.44 -39.90 73.75
CA LEU L 297 19.17 -39.17 74.03
C LEU L 297 19.12 -37.97 73.13
N ASN L 298 20.31 -37.24 73.12
CA ASN L 298 20.44 -36.05 72.30
C ASN L 298 20.27 -36.34 70.84
N GLN L 299 20.78 -37.50 70.32
CA GLN L 299 20.49 -37.79 68.96
C GLN L 299 18.99 -37.91 68.66
N VAL L 300 18.19 -38.67 69.50
CA VAL L 300 16.73 -38.81 69.31
C VAL L 300 16.00 -37.47 69.47
N ASN L 301 16.42 -36.66 70.51
CA ASN L 301 15.78 -35.39 70.87
C ASN L 301 15.82 -34.37 69.79
N ALA L 302 17.00 -34.25 69.10
CA ALA L 302 17.18 -33.40 68.06
C ALA L 302 16.27 -33.76 66.98
N GLU L 303 16.21 -35.04 66.74
CA GLU L 303 15.32 -35.53 65.60
C GLU L 303 13.78 -35.29 65.88
N VAL L 304 13.31 -35.41 67.18
CA VAL L 304 11.96 -35.04 67.69
C VAL L 304 11.79 -33.59 67.31
N ILE L 305 12.70 -32.63 67.55
CA ILE L 305 12.58 -31.19 67.26
C ILE L 305 12.54 -30.91 65.74
N ASP L 306 13.31 -31.65 64.82
CA ASP L 306 13.24 -31.60 63.36
C ASP L 306 11.93 -32.03 62.86
N ALA L 307 11.32 -33.08 63.53
CA ALA L 307 9.96 -33.47 63.18
C ALA L 307 8.94 -32.30 63.47
N GLU L 308 9.09 -31.54 64.60
CA GLU L 308 8.20 -30.44 64.83
C GLU L 308 8.22 -29.38 63.73
N ARG L 309 9.45 -29.07 63.18
CA ARG L 309 9.70 -28.17 62.08
C ARG L 309 9.01 -28.76 60.87
N LYS L 310 9.08 -30.15 60.60
CA LYS L 310 8.36 -30.77 59.53
C LYS L 310 6.83 -30.58 59.68
N VAL L 311 6.27 -30.75 60.87
CA VAL L 311 4.89 -30.39 61.13
C VAL L 311 4.67 -28.95 60.93
N HIS L 312 5.44 -27.96 61.47
CA HIS L 312 5.20 -26.56 61.42
C HIS L 312 5.27 -26.02 59.98
N GLN L 313 6.30 -26.40 59.16
CA GLN L 313 6.43 -25.99 57.79
C GLN L 313 5.33 -26.61 56.98
N ALA L 314 5.01 -27.93 57.05
CA ALA L 314 3.97 -28.55 56.30
C ALA L 314 2.57 -27.98 56.58
N ARG L 315 2.18 -27.69 57.89
CA ARG L 315 0.88 -27.13 58.27
C ARG L 315 0.77 -25.78 57.68
N LEU L 316 1.88 -24.94 57.82
CA LEU L 316 1.88 -23.50 57.50
C LEU L 316 1.61 -23.26 56.03
N LEU L 317 2.26 -23.98 55.20
CA LEU L 317 2.06 -23.91 53.73
C LEU L 317 0.67 -24.44 53.43
N PHE L 318 0.14 -25.53 54.10
CA PHE L 318 -1.24 -26.04 53.97
C PHE L 318 -2.31 -24.96 54.26
N GLU L 319 -2.10 -24.09 55.31
CA GLU L 319 -2.92 -22.95 55.60
C GLU L 319 -2.84 -22.02 54.39
N ASP L 320 -1.65 -21.64 53.83
CA ASP L 320 -1.48 -20.63 52.83
C ASP L 320 -1.98 -21.12 51.54
N MET L 321 -1.93 -22.41 51.28
CA MET L 321 -2.56 -23.09 50.13
C MET L 321 -4.10 -22.88 50.15
N GLY L 322 -4.65 -22.91 51.41
CA GLY L 322 -6.10 -22.68 51.55
C GLY L 322 -6.50 -21.20 51.40
N ARG L 323 -5.58 -20.27 51.81
CA ARG L 323 -5.70 -18.84 51.53
C ARG L 323 -5.71 -18.64 50.07
N LEU L 324 -4.83 -19.30 49.28
CA LEU L 324 -4.72 -19.29 47.86
C LEU L 324 -5.93 -19.81 47.12
N LEU L 325 -6.49 -20.93 47.68
CA LEU L 325 -7.72 -21.61 47.15
C LEU L 325 -8.88 -20.69 47.34
N ARG L 326 -9.00 -19.92 48.41
CA ARG L 326 -10.07 -18.98 48.73
C ARG L 326 -10.05 -17.86 47.70
N SER L 327 -8.77 -17.37 47.52
CA SER L 327 -8.39 -16.27 46.69
C SER L 327 -8.71 -16.49 45.22
N GLU L 328 -8.40 -17.66 44.75
CA GLU L 328 -8.68 -18.24 43.44
C GLU L 328 -10.14 -18.36 43.27
N LEU L 329 -10.89 -18.77 44.41
CA LEU L 329 -12.36 -18.84 44.33
C LEU L 329 -12.96 -17.52 44.05
N ASP L 330 -12.56 -16.46 44.85
CA ASP L 330 -13.09 -15.09 44.87
C ASP L 330 -12.80 -14.46 43.54
N ARG L 331 -11.59 -14.79 43.04
CA ARG L 331 -11.20 -14.43 41.69
C ARG L 331 -12.01 -15.01 40.67
N PHE L 332 -12.27 -16.34 40.78
CA PHE L 332 -12.95 -17.18 39.80
C PHE L 332 -14.36 -16.61 39.52
N GLU L 333 -15.07 -16.34 40.66
CA GLU L 333 -16.38 -15.85 40.65
C GLU L 333 -16.44 -14.49 39.93
N ARG L 334 -15.43 -13.58 40.27
CA ARG L 334 -15.40 -12.28 39.80
C ARG L 334 -15.33 -12.24 38.30
N GLU L 335 -14.48 -13.13 37.69
CA GLU L 335 -14.29 -13.29 36.26
C GLU L 335 -15.59 -13.67 35.54
N LYS L 336 -16.32 -14.61 36.24
CA LYS L 336 -17.47 -15.26 35.78
C LYS L 336 -18.57 -14.28 35.50
N VAL L 337 -18.77 -13.30 36.42
CA VAL L 337 -19.82 -12.25 36.35
C VAL L 337 -19.63 -11.43 35.10
N GLU L 338 -18.37 -10.97 34.80
CA GLU L 338 -18.03 -10.04 33.73
C GLU L 338 -18.17 -10.63 32.35
N ASP L 339 -17.73 -11.90 32.24
CA ASP L 339 -17.58 -12.86 31.09
C ASP L 339 -18.87 -13.17 30.46
N PHE L 340 -19.86 -13.38 31.35
CA PHE L 340 -21.18 -13.88 30.97
C PHE L 340 -22.00 -12.64 30.61
N LYS L 341 -21.70 -11.38 31.25
CA LYS L 341 -22.34 -10.24 30.90
C LYS L 341 -22.03 -9.90 29.42
N SER L 342 -20.69 -9.98 29.08
CA SER L 342 -20.23 -9.79 27.70
C SER L 342 -20.83 -10.78 26.81
N GLY L 343 -20.93 -12.04 27.21
CA GLY L 343 -21.66 -13.17 26.62
C GLY L 343 -23.09 -12.87 26.20
N VAL L 344 -23.88 -12.28 27.11
CA VAL L 344 -25.24 -11.80 26.92
C VAL L 344 -25.33 -10.58 25.97
N GLU L 345 -24.42 -9.63 26.13
CA GLU L 345 -24.33 -8.42 25.29
C GLU L 345 -24.04 -8.77 23.81
N THR L 346 -23.12 -9.67 23.52
CA THR L 346 -22.77 -10.12 22.24
C THR L 346 -24.00 -10.85 21.61
N PHE L 347 -24.73 -11.65 22.43
CA PHE L 347 -26.00 -12.26 22.05
C PHE L 347 -27.07 -11.25 21.62
N LEU L 348 -27.27 -10.14 22.41
CA LEU L 348 -28.29 -9.06 22.21
C LEU L 348 -28.14 -8.45 20.88
N GLU L 349 -26.91 -8.06 20.56
CA GLU L 349 -26.53 -7.35 19.34
C GLU L 349 -26.80 -8.13 18.06
N SER L 350 -26.49 -9.46 18.22
CA SER L 350 -26.81 -10.41 17.26
C SER L 350 -28.24 -10.79 16.92
N ALA L 351 -29.09 -10.93 18.02
CA ALA L 351 -30.47 -11.32 18.09
C ALA L 351 -31.29 -10.24 17.33
N VAL L 352 -31.00 -8.92 17.64
CA VAL L 352 -31.56 -7.71 17.01
C VAL L 352 -31.18 -7.56 15.57
N GLU L 353 -29.88 -7.79 15.20
CA GLU L 353 -29.39 -7.82 13.87
C GLU L 353 -30.01 -8.91 12.97
N ALA L 354 -30.20 -10.13 13.59
CA ALA L 354 -30.98 -11.18 12.85
C ALA L 354 -32.36 -10.83 12.53
N GLN L 355 -33.10 -10.22 13.47
CA GLN L 355 -34.46 -9.85 13.35
C GLN L 355 -34.64 -8.64 12.50
N LYS L 356 -33.75 -7.64 12.51
CA LYS L 356 -33.73 -6.43 11.78
C LYS L 356 -33.58 -6.75 10.42
N GLU L 357 -32.67 -7.70 10.05
CA GLU L 357 -32.50 -8.17 8.63
C GLU L 357 -33.76 -8.73 8.02
N LEU L 358 -34.52 -9.60 8.76
CA LEU L 358 -35.83 -10.07 8.36
C LEU L 358 -36.87 -8.93 8.21
N ILE L 359 -36.83 -7.93 9.13
CA ILE L 359 -37.78 -6.79 9.01
C ILE L 359 -37.57 -6.05 7.73
N GLU L 360 -36.31 -5.77 7.35
CA GLU L 360 -35.89 -5.05 6.15
C GLU L 360 -36.28 -5.85 4.91
N LYS L 361 -36.07 -7.18 4.96
CA LYS L 361 -36.56 -8.11 3.96
C LYS L 361 -38.03 -8.19 3.78
N TRP L 362 -38.82 -8.19 4.89
CA TRP L 362 -40.32 -8.24 4.96
C TRP L 362 -40.88 -6.97 4.36
N GLU L 363 -40.29 -5.80 4.67
CA GLU L 363 -40.76 -4.60 3.98
C GLU L 363 -40.60 -4.61 2.44
N THR L 364 -39.38 -5.08 2.00
CA THR L 364 -38.98 -5.17 0.60
C THR L 364 -39.99 -5.97 -0.29
N PHE L 365 -40.47 -7.03 0.32
CA PHE L 365 -41.49 -7.87 -0.35
C PHE L 365 -42.95 -7.57 0.04
N LEU L 366 -43.23 -6.69 1.07
CA LEU L 366 -44.50 -6.03 1.31
C LEU L 366 -44.71 -5.00 0.17
N MET L 367 -43.63 -4.34 -0.17
CA MET L 367 -43.64 -3.43 -1.26
C MET L 367 -43.62 -4.25 -2.60
N GLN L 368 -43.25 -5.58 -2.50
CA GLN L 368 -43.36 -6.59 -3.58
C GLN L 368 -42.06 -6.50 -4.56
N ALA M 1 17.76 1.03 -76.82
CA ALA M 1 18.97 0.20 -76.81
C ALA M 1 18.64 -1.15 -76.29
N ARG M 2 18.07 -1.24 -75.07
CA ARG M 2 17.68 -2.49 -74.49
C ARG M 2 16.71 -3.26 -75.30
N PRO M 3 15.55 -2.80 -75.65
CA PRO M 3 14.78 -3.48 -76.64
C PRO M 3 15.43 -3.30 -77.99
N THR M 4 16.26 -2.24 -78.21
CA THR M 4 16.86 -1.89 -79.48
C THR M 4 18.19 -2.58 -79.66
N PHE M 5 18.02 -3.87 -79.78
CA PHE M 5 18.94 -4.92 -79.81
C PHE M 5 18.39 -5.62 -81.02
N HIS M 6 19.20 -6.04 -82.01
CA HIS M 6 18.69 -6.57 -83.26
C HIS M 6 19.36 -7.92 -83.47
N ILE M 7 18.57 -8.95 -83.77
CA ILE M 7 19.02 -10.31 -83.60
C ILE M 7 18.56 -11.04 -84.81
N THR M 8 19.47 -11.74 -85.48
CA THR M 8 19.07 -12.61 -86.52
C THR M 8 19.71 -13.85 -86.00
N VAL M 9 19.01 -14.98 -86.16
CA VAL M 9 19.47 -16.27 -85.76
C VAL M 9 19.33 -16.95 -87.05
N GLY M 10 20.41 -17.43 -87.65
CA GLY M 10 20.31 -17.85 -89.01
C GLY M 10 21.19 -19.01 -89.08
N ASP M 11 21.57 -19.25 -90.34
CA ASP M 11 22.69 -20.06 -90.69
C ASP M 11 22.66 -21.38 -90.04
N PRO M 12 21.83 -22.27 -90.51
CA PRO M 12 21.46 -23.41 -89.75
C PRO M 12 22.50 -24.40 -90.08
N HIS M 13 23.66 -24.29 -89.40
CA HIS M 13 24.82 -25.12 -89.52
C HIS M 13 24.39 -26.23 -88.73
N LYS M 14 23.59 -27.08 -89.37
CA LYS M 14 22.91 -28.05 -88.65
C LYS M 14 23.85 -29.09 -88.89
N VAL M 15 24.52 -29.44 -87.77
CA VAL M 15 25.48 -30.46 -87.82
C VAL M 15 24.67 -31.65 -88.16
N GLY M 16 25.10 -32.35 -89.22
CA GLY M 16 24.45 -33.49 -89.87
C GLY M 16 24.30 -34.61 -88.89
N ASP M 17 23.35 -35.54 -89.15
CA ASP M 17 22.96 -36.67 -88.32
C ASP M 17 23.94 -37.27 -87.31
N LEU M 18 23.40 -37.61 -86.11
CA LEU M 18 24.00 -38.33 -85.02
C LEU M 18 22.83 -38.90 -84.24
N ALA M 19 21.59 -38.44 -84.58
CA ALA M 19 20.33 -38.75 -83.93
C ALA M 19 20.11 -37.88 -82.72
N THR M 20 20.86 -36.77 -82.60
CA THR M 20 20.85 -35.93 -81.42
C THR M 20 21.63 -34.66 -81.74
N SER M 21 22.11 -34.54 -83.00
CA SER M 21 22.99 -33.51 -83.51
C SER M 21 22.45 -32.07 -83.40
N HIS M 22 23.38 -31.08 -83.34
CA HIS M 22 23.00 -29.89 -82.70
C HIS M 22 23.37 -28.89 -83.71
N ILE M 23 22.38 -28.08 -83.99
CA ILE M 23 22.35 -27.02 -84.93
C ILE M 23 23.03 -25.91 -84.31
N VAL M 24 23.76 -25.21 -85.17
CA VAL M 24 24.58 -24.20 -84.70
C VAL M 24 24.09 -23.20 -85.62
N TYR M 25 23.84 -22.05 -85.02
CA TYR M 25 23.18 -20.97 -85.66
C TYR M 25 24.13 -19.90 -85.59
N SER M 26 24.24 -19.09 -86.64
CA SER M 26 24.69 -17.75 -86.41
C SER M 26 23.75 -17.07 -85.47
N VAL M 27 24.30 -16.28 -84.59
CA VAL M 27 23.53 -15.44 -83.78
C VAL M 27 24.19 -14.24 -84.17
N ARG M 28 23.50 -13.34 -84.81
CA ARG M 28 24.05 -12.13 -85.19
C ARG M 28 23.26 -11.32 -84.32
N THR M 29 23.98 -10.49 -83.63
CA THR M 29 23.42 -9.49 -82.85
C THR M 29 23.87 -8.42 -83.75
N LYS M 30 23.00 -7.53 -84.19
CA LYS M 30 23.35 -6.25 -84.73
C LYS M 30 22.71 -5.56 -83.61
N THR M 31 23.33 -4.61 -82.98
CA THR M 31 22.72 -4.16 -81.80
C THR M 31 23.20 -2.80 -81.76
N THR M 32 22.25 -1.92 -81.51
CA THR M 32 22.55 -0.56 -81.24
C THR M 32 22.53 -0.48 -79.77
N SER M 33 22.20 -1.58 -79.08
CA SER M 33 22.15 -1.62 -77.66
C SER M 33 23.51 -1.32 -77.16
N LYS M 34 23.55 -0.57 -76.06
CA LYS M 34 24.73 -0.21 -75.34
C LYS M 34 24.82 -1.21 -74.21
N ALA M 35 23.94 -2.26 -74.22
CA ALA M 35 24.08 -3.45 -73.42
C ALA M 35 24.70 -4.53 -74.25
N TYR M 36 25.20 -4.19 -75.46
CA TYR M 36 25.92 -5.13 -76.28
C TYR M 36 26.98 -4.39 -77.01
N LYS M 37 28.22 -4.78 -76.61
CA LYS M 37 29.53 -4.32 -77.00
C LYS M 37 29.60 -3.93 -78.45
N GLN M 38 29.60 -4.99 -79.26
CA GLN M 38 29.67 -5.03 -80.67
C GLN M 38 28.44 -4.37 -81.21
N PRO M 39 28.46 -3.47 -82.15
CA PRO M 39 27.30 -3.17 -82.95
C PRO M 39 26.90 -4.33 -83.81
N GLU M 40 27.81 -5.28 -84.13
CA GLU M 40 27.40 -6.52 -84.72
C GLU M 40 28.32 -7.52 -84.15
N PHE M 41 27.79 -8.67 -83.72
CA PHE M 41 28.63 -9.77 -83.54
C PHE M 41 27.88 -10.91 -83.98
N GLU M 42 28.60 -11.88 -84.52
CA GLU M 42 28.04 -13.13 -84.77
C GLU M 42 28.73 -14.20 -84.05
N VAL M 43 27.95 -15.08 -83.43
CA VAL M 43 28.51 -16.16 -82.73
C VAL M 43 27.79 -17.28 -83.29
N LYS M 44 28.18 -18.52 -82.97
CA LYS M 44 27.62 -19.60 -83.71
C LYS M 44 27.35 -20.62 -82.73
N ARG M 45 26.20 -20.44 -82.09
CA ARG M 45 25.93 -21.18 -80.93
C ARG M 45 25.23 -22.37 -81.23
N ARG M 46 25.45 -23.35 -80.36
CA ARG M 46 24.90 -24.65 -80.49
C ARG M 46 24.01 -24.78 -79.36
N TYR M 47 23.04 -25.69 -79.56
CA TYR M 47 21.85 -25.78 -78.79
C TYR M 47 22.06 -25.80 -77.30
N ARG M 48 23.07 -26.58 -76.95
CA ARG M 48 23.51 -26.86 -75.63
C ARG M 48 23.99 -25.65 -74.90
N ASP M 49 24.62 -24.74 -75.64
CA ASP M 49 25.16 -23.53 -75.10
C ASP M 49 24.09 -22.65 -74.66
N PHE M 50 23.08 -22.51 -75.52
CA PHE M 50 21.93 -21.73 -75.22
C PHE M 50 21.09 -22.18 -74.11
N LEU M 51 20.90 -23.50 -74.01
CA LEU M 51 20.03 -24.01 -73.01
C LEU M 51 20.57 -23.75 -71.70
N TRP M 52 21.88 -24.01 -71.60
CA TRP M 52 22.62 -23.61 -70.47
C TRP M 52 22.46 -22.17 -70.25
N LEU M 53 22.68 -21.38 -71.29
CA LEU M 53 22.72 -19.97 -71.17
C LEU M 53 21.45 -19.49 -70.61
N TYR M 54 20.39 -20.04 -71.11
CA TYR M 54 19.08 -19.74 -70.78
C TYR M 54 18.89 -19.94 -69.31
N ASN M 55 19.44 -21.04 -68.84
CA ASN M 55 19.54 -21.40 -67.49
C ASN M 55 20.35 -20.40 -66.78
N THR M 56 21.42 -19.88 -67.36
CA THR M 56 22.29 -18.91 -66.76
C THR M 56 21.53 -17.72 -66.46
N LEU M 57 20.69 -17.27 -67.40
CA LEU M 57 19.84 -16.14 -67.26
C LEU M 57 18.98 -16.41 -66.11
N HIS M 58 18.55 -17.67 -66.01
CA HIS M 58 17.77 -18.10 -64.92
C HIS M 58 18.51 -17.87 -63.65
N SER M 59 19.80 -18.23 -63.64
CA SER M 59 20.68 -18.23 -62.51
C SER M 59 21.12 -16.87 -62.05
N ASN M 60 21.01 -15.83 -62.87
CA ASN M 60 21.67 -14.61 -62.48
C ASN M 60 20.64 -13.65 -62.10
N ASN M 61 19.41 -14.12 -62.27
CA ASN M 61 18.29 -13.28 -62.16
C ASN M 61 17.45 -14.10 -61.22
N PRO M 62 17.35 -13.72 -59.96
CA PRO M 62 16.87 -14.56 -58.84
C PRO M 62 15.42 -14.92 -58.74
N GLY M 63 14.59 -14.38 -59.58
CA GLY M 63 13.18 -14.58 -59.56
C GLY M 63 12.81 -13.86 -60.75
N VAL M 64 13.59 -12.77 -60.98
CA VAL M 64 13.72 -11.95 -62.12
C VAL M 64 13.88 -12.86 -63.26
N VAL M 65 12.83 -12.85 -64.08
CA VAL M 65 12.38 -13.74 -65.08
C VAL M 65 13.45 -14.39 -65.91
N VAL M 66 12.95 -15.34 -66.69
CA VAL M 66 13.67 -16.08 -67.63
C VAL M 66 12.52 -16.72 -68.28
N PRO M 67 12.35 -16.36 -69.54
CA PRO M 67 11.17 -16.71 -70.24
C PRO M 67 11.42 -18.12 -70.61
N PRO M 68 10.57 -18.69 -71.28
CA PRO M 68 11.05 -20.31 -72.19
C PRO M 68 12.50 -20.26 -72.93
N PRO M 69 13.28 -21.33 -73.14
CA PRO M 69 14.59 -21.45 -73.88
C PRO M 69 14.68 -21.37 -75.42
N PRO M 70 15.78 -21.80 -76.10
CA PRO M 70 15.80 -22.51 -77.39
C PRO M 70 14.96 -23.77 -77.35
N GLU M 71 14.23 -24.11 -78.41
CA GLU M 71 13.35 -25.26 -78.51
C GLU M 71 13.93 -26.60 -78.29
N LYS M 72 13.16 -27.32 -77.42
CA LYS M 72 13.15 -28.70 -77.02
C LYS M 72 13.00 -29.70 -78.09
N GLN M 73 13.80 -30.75 -77.91
CA GLN M 73 13.85 -31.86 -78.76
C GLN M 73 13.04 -32.93 -78.09
N ALA M 74 12.61 -32.70 -76.81
CA ALA M 74 11.62 -33.45 -76.05
C ALA M 74 10.30 -33.72 -76.72
N VAL M 75 10.13 -33.27 -77.95
CA VAL M 75 9.06 -33.68 -78.80
C VAL M 75 9.62 -33.46 -80.17
N GLY M 76 10.58 -32.51 -80.29
CA GLY M 76 11.27 -32.16 -81.49
C GLY M 76 12.02 -33.34 -81.98
N ARG M 77 12.40 -33.35 -83.26
CA ARG M 77 13.21 -34.42 -83.74
C ARG M 77 14.51 -33.78 -83.91
N PHE M 78 14.70 -33.22 -85.08
CA PHE M 78 15.84 -32.47 -85.40
C PHE M 78 15.40 -31.70 -86.61
N GLU M 79 14.07 -31.69 -86.84
CA GLU M 79 13.40 -31.18 -87.99
C GLU M 79 13.77 -29.77 -88.22
N SER M 80 13.82 -29.30 -89.48
CA SER M 80 14.17 -27.94 -89.83
C SER M 80 13.28 -27.00 -89.11
N ASN M 81 12.04 -27.43 -88.99
CA ASN M 81 10.96 -26.82 -88.28
C ASN M 81 11.22 -26.80 -86.84
N PHE M 82 11.68 -27.91 -86.26
CA PHE M 82 11.99 -28.07 -84.88
C PHE M 82 13.13 -27.19 -84.51
N VAL M 83 14.16 -27.21 -85.32
CA VAL M 83 15.34 -26.47 -85.15
C VAL M 83 14.98 -25.07 -85.35
N GLU M 84 14.05 -24.80 -86.26
CA GLU M 84 13.50 -23.50 -86.45
C GLU M 84 12.85 -23.13 -85.22
N SER M 85 12.10 -24.01 -84.59
CA SER M 85 11.46 -23.70 -83.38
C SER M 85 12.47 -23.32 -82.39
N ARG M 86 13.59 -24.00 -82.39
CA ARG M 86 14.64 -23.69 -81.53
C ARG M 86 15.22 -22.38 -81.73
N ARG M 87 15.43 -22.05 -82.98
CA ARG M 87 15.94 -20.85 -83.54
C ARG M 87 15.07 -19.72 -83.14
N ALA M 88 13.78 -19.93 -83.33
CA ALA M 88 12.72 -19.08 -82.99
C ALA M 88 12.65 -18.91 -81.53
N ALA M 89 12.81 -20.00 -80.79
CA ALA M 89 12.61 -20.07 -79.38
C ALA M 89 13.57 -19.29 -78.68
N LEU M 90 14.76 -19.38 -79.24
CA LEU M 90 15.78 -18.51 -78.90
C LEU M 90 15.47 -17.18 -79.30
N GLU M 91 14.97 -16.98 -80.51
CA GLU M 91 14.85 -15.67 -81.02
C GLU M 91 14.00 -14.92 -80.15
N LYS M 92 12.91 -15.53 -79.78
CA LYS M 92 11.97 -15.07 -78.88
C LYS M 92 12.48 -14.82 -77.54
N MET M 93 13.24 -15.79 -77.03
CA MET M 93 13.67 -15.78 -75.68
C MET M 93 14.53 -14.62 -75.50
N LEU M 94 15.41 -14.51 -76.48
CA LEU M 94 16.37 -13.50 -76.68
C LEU M 94 15.78 -12.20 -76.92
N ASN M 95 14.74 -12.17 -77.72
CA ASN M 95 14.10 -10.99 -78.13
C ASN M 95 13.59 -10.28 -76.94
N LYS M 96 12.92 -11.06 -76.13
CA LYS M 96 12.26 -10.51 -75.02
C LYS M 96 13.16 -10.04 -74.01
N ILE M 97 14.15 -10.88 -73.76
CA ILE M 97 15.15 -10.63 -72.78
C ILE M 97 15.86 -9.46 -73.18
N ALA M 98 16.12 -9.24 -74.46
CA ALA M 98 16.71 -8.01 -74.81
C ALA M 98 15.81 -6.86 -74.53
N ALA M 99 14.50 -6.99 -74.76
CA ALA M 99 13.62 -5.91 -74.40
C ALA M 99 13.19 -6.00 -73.00
N HIS M 100 14.03 -6.63 -72.18
CA HIS M 100 13.97 -6.50 -70.79
C HIS M 100 15.32 -6.12 -70.52
N PRO M 101 15.60 -5.00 -70.03
CA PRO M 101 16.98 -4.61 -69.88
C PRO M 101 17.86 -5.58 -69.07
N THR M 102 17.36 -6.18 -67.96
CA THR M 102 18.12 -7.05 -67.04
C THR M 102 18.67 -8.35 -67.54
N LEU M 103 17.87 -9.13 -68.26
CA LEU M 103 18.27 -10.44 -68.73
C LEU M 103 19.23 -10.25 -69.83
N GLN M 104 19.06 -9.12 -70.53
CA GLN M 104 19.93 -8.63 -71.54
C GLN M 104 21.27 -8.21 -70.98
N LEU M 105 21.34 -7.97 -69.66
CA LEU M 105 22.55 -7.56 -69.01
C LEU M 105 23.40 -8.67 -68.60
N ASP M 106 22.95 -9.94 -68.70
CA ASP M 106 23.81 -11.02 -68.29
C ASP M 106 25.09 -10.97 -69.13
N ALA M 107 26.24 -10.87 -68.42
CA ALA M 107 27.53 -10.64 -69.01
C ALA M 107 27.95 -11.79 -69.82
N ASP M 108 27.53 -13.01 -69.40
CA ASP M 108 27.82 -14.22 -70.10
C ASP M 108 27.19 -14.06 -71.39
N LEU M 109 25.95 -13.58 -71.39
CA LEU M 109 25.16 -13.33 -72.54
C LEU M 109 25.77 -12.30 -73.43
N LYS M 110 26.39 -11.24 -72.90
CA LYS M 110 27.07 -10.32 -73.78
C LYS M 110 28.15 -10.97 -74.49
N LEU M 111 28.99 -11.68 -73.76
CA LEU M 111 30.09 -12.41 -74.29
C LEU M 111 29.63 -13.51 -75.19
N PHE M 112 28.55 -14.18 -74.88
CA PHE M 112 27.94 -15.24 -75.61
C PHE M 112 27.52 -14.86 -77.00
N LEU M 113 26.95 -13.68 -77.14
CA LEU M 113 26.27 -13.23 -78.33
C LEU M 113 27.20 -12.49 -79.15
N GLU M 114 28.23 -12.04 -78.44
CA GLU M 114 29.20 -11.18 -78.95
C GLU M 114 30.52 -11.77 -78.96
N SER M 115 30.57 -13.11 -78.82
CA SER M 115 31.78 -13.86 -79.00
C SER M 115 31.30 -15.23 -79.30
N GLU M 116 31.91 -15.93 -80.28
CA GLU M 116 31.68 -17.35 -80.47
C GLU M 116 32.75 -18.10 -79.75
N SER M 117 32.40 -18.77 -78.62
CA SER M 117 33.23 -19.83 -78.08
C SER M 117 32.41 -20.70 -77.19
N PHE M 118 31.15 -20.30 -77.03
CA PHE M 118 30.10 -20.92 -76.31
C PHE M 118 30.10 -20.37 -74.94
N ASN M 119 29.00 -20.66 -74.23
CA ASN M 119 28.58 -20.04 -73.00
C ASN M 119 29.54 -20.33 -71.93
N ILE M 120 30.13 -21.52 -72.08
CA ILE M 120 30.99 -22.16 -71.15
C ILE M 120 32.24 -21.42 -70.84
N ASP M 121 33.00 -21.04 -71.87
CA ASP M 121 34.32 -20.54 -71.55
C ASP M 121 34.21 -19.12 -71.18
N VAL M 122 33.11 -18.52 -71.60
CA VAL M 122 32.65 -17.24 -71.19
C VAL M 122 32.33 -17.28 -69.74
N LYS M 123 31.68 -18.36 -69.32
CA LYS M 123 31.28 -18.46 -67.97
C LYS M 123 32.37 -18.71 -67.02
N HIS M 124 33.50 -19.28 -67.43
CA HIS M 124 34.60 -19.29 -66.51
C HIS M 124 35.15 -17.97 -66.35
N LYS M 125 35.36 -17.36 -67.51
CA LYS M 125 36.03 -16.13 -67.64
C LYS M 125 35.39 -15.07 -66.86
N GLU M 126 34.06 -15.02 -66.87
CA GLU M 126 33.41 -14.02 -66.08
C GLU M 126 33.56 -14.07 -64.59
N ARG M 127 33.50 -15.19 -63.82
CA ARG M 127 33.65 -15.01 -62.37
C ARG M 127 35.09 -14.96 -61.97
N LYS M 128 35.94 -14.58 -62.94
CA LYS M 128 37.35 -14.53 -62.95
C LYS M 128 37.84 -15.88 -62.56
N GLU M 129 37.45 -16.90 -63.36
CA GLU M 129 37.80 -18.25 -63.02
C GLU M 129 37.64 -19.16 -64.23
N ASN M 149 1.02 -9.49 -51.04
CA ASN M 149 0.45 -10.40 -50.03
C ASN M 149 1.49 -11.31 -49.45
N LYS M 150 1.29 -11.72 -48.19
CA LYS M 150 2.00 -12.71 -47.39
C LYS M 150 2.20 -14.01 -48.15
N PHE M 151 2.80 -15.03 -47.50
CA PHE M 151 3.16 -16.25 -48.20
C PHE M 151 1.95 -16.95 -48.75
N VAL M 152 0.89 -16.92 -47.96
CA VAL M 152 -0.26 -17.69 -48.27
C VAL M 152 -1.03 -17.36 -49.50
N GLU M 153 -1.43 -16.07 -49.76
CA GLU M 153 -2.23 -15.74 -50.93
C GLU M 153 -1.48 -16.03 -52.12
N GLN M 154 -0.20 -15.70 -52.06
CA GLN M 154 0.64 -15.87 -53.18
C GLN M 154 0.78 -17.26 -53.52
N ASP M 155 0.93 -18.08 -52.49
CA ASP M 155 1.06 -19.47 -52.64
C ASP M 155 -0.24 -19.93 -53.15
N ASP M 156 -1.35 -19.32 -52.69
CA ASP M 156 -2.62 -19.65 -53.22
C ASP M 156 -2.68 -19.43 -54.61
N TRP M 157 -2.19 -18.27 -54.94
CA TRP M 157 -2.36 -17.70 -56.16
C TRP M 157 -1.70 -18.43 -57.15
N PHE M 158 -0.55 -18.88 -56.75
CA PHE M 158 0.34 -19.62 -57.51
C PHE M 158 -0.22 -20.86 -57.79
N HIS M 159 -0.73 -21.50 -56.76
CA HIS M 159 -1.24 -22.77 -56.99
C HIS M 159 -2.48 -22.67 -57.78
N ASP M 160 -3.30 -21.64 -57.56
CA ASP M 160 -4.49 -21.41 -58.30
C ASP M 160 -4.18 -21.31 -59.72
N ARG M 161 -3.17 -20.49 -59.92
CA ARG M 161 -2.74 -20.11 -61.17
C ARG M 161 -2.30 -21.23 -61.91
N ARG M 162 -1.52 -22.01 -61.19
CA ARG M 162 -0.86 -23.08 -61.77
C ARG M 162 -1.73 -24.07 -62.26
N VAL M 163 -2.66 -24.39 -61.38
CA VAL M 163 -3.56 -25.45 -61.56
C VAL M 163 -4.33 -25.24 -62.73
N TYR M 164 -4.82 -23.99 -62.89
CA TYR M 164 -5.47 -23.75 -64.11
C TYR M 164 -4.60 -23.88 -65.25
N LEU M 165 -3.39 -23.39 -65.21
CA LEU M 165 -2.71 -23.44 -66.46
C LEU M 165 -2.17 -24.74 -66.80
N ASP M 166 -2.11 -25.65 -65.83
CA ASP M 166 -1.83 -27.00 -66.14
C ASP M 166 -2.97 -27.53 -66.86
N ALA M 167 -4.17 -27.23 -66.37
CA ALA M 167 -5.37 -27.75 -66.94
C ALA M 167 -5.59 -27.32 -68.34
N LEU M 168 -5.41 -26.04 -68.55
CA LEU M 168 -5.60 -25.37 -69.76
C LEU M 168 -4.70 -25.84 -70.79
N GLU M 169 -3.48 -26.12 -70.36
CA GLU M 169 -2.47 -26.72 -71.12
C GLU M 169 -2.94 -28.01 -71.65
N ASN M 170 -3.59 -28.76 -70.80
CA ASN M 170 -4.00 -30.08 -71.10
C ASN M 170 -5.01 -30.11 -72.15
N GLN M 171 -5.89 -29.12 -72.07
CA GLN M 171 -6.81 -28.85 -73.12
C GLN M 171 -6.07 -28.53 -74.30
N LEU M 172 -5.04 -27.70 -74.19
CA LEU M 172 -4.37 -27.20 -75.34
C LEU M 172 -3.73 -28.29 -76.04
N LYS M 173 -3.21 -29.26 -75.33
CA LYS M 173 -2.78 -30.44 -75.95
C LYS M 173 -3.85 -31.19 -76.59
N ALA M 174 -5.02 -31.26 -75.97
CA ALA M 174 -6.12 -31.99 -76.51
C ALA M 174 -6.57 -31.43 -77.78
N LEU M 175 -6.67 -30.12 -77.80
CA LEU M 175 -7.00 -29.27 -78.87
C LEU M 175 -5.99 -29.37 -79.96
N LEU M 176 -4.74 -29.40 -79.54
CA LEU M 176 -3.65 -29.60 -80.41
C LEU M 176 -3.75 -30.91 -81.09
N LYS M 177 -4.16 -31.92 -80.32
CA LYS M 177 -4.24 -33.25 -80.81
C LYS M 177 -5.39 -33.39 -81.67
N ALA M 178 -6.33 -32.50 -81.51
CA ALA M 178 -7.41 -32.30 -82.35
C ALA M 178 -6.91 -31.89 -83.70
N MET M 179 -5.92 -30.96 -83.77
CA MET M 179 -5.35 -30.48 -85.01
C MET M 179 -4.88 -31.52 -85.87
N ASP M 180 -4.19 -32.39 -85.19
CA ASP M 180 -3.49 -33.45 -85.76
C ASP M 180 -4.38 -34.27 -86.50
N ASN M 181 -5.50 -34.53 -85.85
CA ASN M 181 -6.46 -35.42 -86.40
C ASN M 181 -6.94 -34.90 -87.64
N MET M 182 -7.31 -33.63 -87.62
CA MET M 182 -7.92 -33.15 -88.79
C MET M 182 -7.13 -33.15 -89.99
N VAL M 183 -5.86 -32.87 -89.77
CA VAL M 183 -4.97 -32.83 -90.85
C VAL M 183 -4.71 -34.17 -91.36
N ALA M 184 -4.55 -35.12 -90.43
CA ALA M 184 -4.28 -36.49 -90.73
C ALA M 184 -5.38 -37.05 -91.51
N GLN M 185 -6.57 -36.64 -91.09
CA GLN M 185 -7.80 -36.96 -91.67
C GLN M 185 -8.13 -35.97 -92.68
N ARG M 186 -7.12 -35.40 -93.35
CA ARG M 186 -7.26 -34.98 -94.71
C ARG M 186 -6.88 -36.15 -95.50
N LYS M 187 -7.45 -37.27 -95.04
CA LYS M 187 -7.06 -38.56 -95.38
C LYS M 187 -7.79 -39.01 -96.55
N ALA M 188 -8.88 -39.79 -96.45
CA ALA M 188 -9.54 -40.34 -97.61
C ALA M 188 -10.97 -40.07 -97.47
N MET M 189 -11.52 -38.87 -97.73
CA MET M 189 -11.09 -37.56 -98.12
C MET M 189 -10.37 -37.47 -99.37
N ALA M 190 -9.07 -37.42 -99.19
CA ALA M 190 -8.24 -37.17 -100.25
C ALA M 190 -8.29 -38.24 -101.18
N GLU M 191 -8.02 -39.42 -100.69
CA GLU M 191 -8.07 -40.59 -101.45
C GLU M 191 -9.39 -40.95 -101.87
N ALA M 192 -10.39 -40.62 -101.07
CA ALA M 192 -11.67 -40.99 -101.51
C ALA M 192 -12.02 -40.26 -102.74
N ALA M 193 -11.87 -38.93 -102.72
CA ALA M 193 -12.20 -38.07 -103.77
C ALA M 193 -11.18 -37.97 -104.84
N ALA M 194 -9.99 -38.44 -104.48
CA ALA M 194 -8.97 -38.67 -105.43
C ALA M 194 -9.14 -39.90 -106.18
N ASP M 195 -9.90 -40.79 -105.62
CA ASP M 195 -10.04 -42.00 -106.32
C ASP M 195 -11.34 -41.88 -106.83
N PHE M 196 -12.16 -41.05 -106.28
CA PHE M 196 -13.39 -40.82 -106.85
C PHE M 196 -13.24 -40.25 -108.13
N SER M 197 -12.33 -39.34 -108.18
CA SER M 197 -12.02 -38.88 -109.41
C SER M 197 -11.53 -39.92 -110.32
N ALA M 198 -10.60 -40.75 -109.91
CA ALA M 198 -10.22 -41.83 -110.74
C ALA M 198 -11.26 -42.81 -111.08
N SER M 199 -12.09 -43.15 -110.17
CA SER M 199 -13.15 -44.07 -110.25
C SER M 199 -14.04 -43.68 -111.28
N LEU M 200 -14.31 -42.40 -111.19
CA LEU M 200 -15.20 -41.73 -112.03
C LEU M 200 -14.69 -41.84 -113.30
N HIS M 201 -13.44 -41.55 -113.37
CA HIS M 201 -12.78 -41.66 -114.57
C HIS M 201 -12.86 -43.05 -115.09
N ALA M 202 -12.74 -44.03 -114.21
CA ALA M 202 -12.54 -45.40 -114.50
C ALA M 202 -13.57 -45.94 -115.36
N LEU M 203 -14.83 -45.65 -115.11
CA LEU M 203 -15.78 -46.14 -116.05
C LEU M 203 -15.90 -45.17 -117.13
N SER M 204 -15.37 -43.97 -116.97
CA SER M 204 -15.62 -43.06 -118.00
C SER M 204 -14.79 -43.26 -119.14
N THR M 205 -13.79 -44.05 -118.88
CA THR M 205 -12.84 -44.51 -119.78
C THR M 205 -13.29 -45.75 -120.39
N VAL M 206 -14.30 -46.42 -119.84
CA VAL M 206 -14.73 -47.68 -120.36
C VAL M 206 -15.65 -47.20 -121.39
N GLU M 207 -16.55 -46.37 -120.92
CA GLU M 207 -17.36 -45.58 -121.74
C GLU M 207 -16.50 -44.82 -122.68
N LEU M 208 -16.83 -44.96 -123.96
CA LEU M 208 -16.00 -44.47 -125.01
C LEU M 208 -16.88 -43.41 -125.44
N SER M 209 -18.20 -43.67 -125.30
CA SER M 209 -19.38 -42.95 -125.57
C SER M 209 -19.11 -41.60 -125.10
N PRO M 210 -18.60 -40.79 -126.01
CA PRO M 210 -17.59 -39.81 -125.72
C PRO M 210 -18.00 -38.86 -124.73
N THR M 211 -19.27 -38.59 -124.85
CA THR M 211 -19.95 -37.47 -124.32
C THR M 211 -20.51 -37.88 -123.03
N LEU M 212 -20.15 -39.08 -122.64
CA LEU M 212 -20.56 -39.67 -121.46
C LEU M 212 -19.25 -39.89 -120.80
N SER M 213 -18.20 -40.18 -121.59
CA SER M 213 -16.89 -40.38 -121.07
C SER M 213 -16.44 -39.15 -120.43
N GLY M 214 -16.58 -38.06 -121.16
CA GLY M 214 -16.25 -36.74 -120.73
C GLY M 214 -16.85 -36.29 -119.46
N PRO M 215 -18.13 -36.33 -119.27
CA PRO M 215 -18.72 -36.03 -118.01
C PRO M 215 -18.29 -36.92 -116.92
N LEU M 216 -18.12 -38.21 -117.18
CA LEU M 216 -17.80 -39.11 -116.14
C LEU M 216 -16.47 -38.86 -115.54
N ASP M 217 -15.59 -38.59 -116.45
CA ASP M 217 -14.34 -38.02 -116.22
C ASP M 217 -14.45 -36.70 -115.61
N ALA M 218 -15.41 -35.87 -116.00
CA ALA M 218 -15.55 -34.54 -115.49
C ALA M 218 -15.87 -34.67 -114.06
N LEU M 219 -16.66 -35.64 -113.78
CA LEU M 219 -16.86 -36.00 -112.46
C LEU M 219 -15.61 -36.46 -111.90
N SER M 220 -14.69 -37.08 -112.57
CA SER M 220 -13.47 -37.22 -111.89
C SER M 220 -12.85 -35.99 -111.40
N GLU M 221 -12.75 -35.00 -112.25
CA GLU M 221 -12.07 -33.83 -111.86
C GLU M 221 -12.64 -33.20 -110.72
N LEU M 222 -13.93 -33.10 -110.73
CA LEU M 222 -14.59 -32.47 -109.70
C LEU M 222 -14.29 -32.98 -108.39
N GLN M 223 -14.32 -34.29 -108.26
CA GLN M 223 -14.37 -34.88 -106.95
C GLN M 223 -13.21 -34.66 -106.29
N LEU M 224 -12.25 -34.78 -107.10
CA LEU M 224 -11.04 -34.43 -106.70
C LEU M 224 -10.92 -33.00 -106.44
N ALA M 225 -11.45 -32.13 -107.25
CA ALA M 225 -11.25 -30.73 -107.07
C ALA M 225 -11.76 -30.28 -105.81
N ILE M 226 -12.90 -30.79 -105.55
CA ILE M 226 -13.47 -30.69 -104.31
C ILE M 226 -12.75 -31.32 -103.23
N ARG M 227 -12.23 -32.51 -103.49
CA ARG M 227 -11.50 -33.36 -102.61
C ARG M 227 -10.48 -32.51 -102.12
N ASP M 228 -9.92 -31.79 -103.05
CA ASP M 228 -8.76 -31.08 -102.86
C ASP M 228 -9.07 -30.04 -102.02
N VAL M 229 -10.12 -29.35 -102.25
CA VAL M 229 -10.44 -28.27 -101.44
C VAL M 229 -10.61 -28.71 -100.04
N TYR M 230 -11.25 -29.85 -99.88
CA TYR M 230 -11.38 -30.41 -98.61
C TYR M 230 -10.06 -30.70 -97.99
N GLU M 231 -9.21 -31.26 -98.80
CA GLU M 231 -7.95 -31.76 -98.45
C GLU M 231 -7.26 -30.63 -98.00
N ARG M 232 -7.46 -29.54 -98.66
CA ARG M 232 -6.81 -28.36 -98.44
C ARG M 232 -7.00 -27.85 -97.12
N GLN M 233 -8.19 -28.02 -96.61
CA GLN M 233 -8.35 -27.25 -95.45
C GLN M 233 -7.60 -27.52 -94.26
N ALA M 234 -7.00 -28.66 -94.02
CA ALA M 234 -6.25 -28.70 -92.79
C ALA M 234 -5.18 -27.76 -92.75
N GLN M 235 -4.59 -27.71 -93.91
CA GLN M 235 -3.39 -27.03 -94.09
C GLN M 235 -3.66 -25.62 -94.03
N GLN M 236 -4.86 -25.25 -94.50
CA GLN M 236 -5.25 -23.90 -94.49
C GLN M 236 -5.35 -23.47 -93.10
N ASP M 237 -6.23 -24.10 -92.41
CA ASP M 237 -6.68 -23.53 -91.24
C ASP M 237 -6.13 -24.27 -90.10
N VAL M 238 -6.32 -25.60 -90.04
CA VAL M 238 -6.02 -26.45 -88.90
C VAL M 238 -4.66 -26.26 -88.45
N LEU M 239 -3.79 -26.22 -89.41
CA LEU M 239 -2.43 -26.13 -89.16
C LEU M 239 -2.11 -24.85 -88.49
N THR M 240 -2.77 -23.76 -88.91
CA THR M 240 -2.54 -22.44 -88.38
C THR M 240 -2.73 -22.42 -86.95
N PHE M 241 -3.80 -23.06 -86.60
CA PHE M 241 -4.15 -23.19 -85.26
C PHE M 241 -3.23 -24.00 -84.51
N GLY M 242 -2.79 -25.12 -85.08
CA GLY M 242 -1.98 -26.01 -84.32
C GLY M 242 -0.75 -25.36 -83.92
N ILE M 243 -0.27 -24.51 -84.81
CA ILE M 243 0.86 -23.76 -84.49
C ILE M 243 0.66 -22.81 -83.37
N ILE M 244 -0.38 -22.02 -83.50
CA ILE M 244 -0.50 -20.97 -82.57
C ILE M 244 -0.74 -21.54 -81.22
N ILE M 245 -1.53 -22.62 -81.12
CA ILE M 245 -1.79 -23.38 -79.91
C ILE M 245 -0.55 -23.80 -79.30
N GLU M 246 0.33 -24.30 -80.15
CA GLU M 246 1.56 -24.79 -79.71
C GLU M 246 2.31 -23.71 -79.05
N GLU M 247 2.23 -22.51 -79.61
CA GLU M 247 3.01 -21.46 -79.14
C GLU M 247 2.78 -21.14 -77.76
N TYR M 248 1.54 -21.11 -77.42
CA TYR M 248 1.21 -20.72 -76.09
C TYR M 248 1.71 -21.63 -75.14
N ILE M 249 1.59 -22.91 -75.52
CA ILE M 249 2.04 -24.00 -74.76
C ILE M 249 3.51 -23.83 -74.54
N ARG M 250 4.25 -23.31 -75.53
CA ARG M 250 5.64 -23.04 -75.38
C ARG M 250 5.86 -22.07 -74.30
N LEU M 251 5.08 -20.98 -74.25
CA LEU M 251 5.22 -20.04 -73.19
C LEU M 251 4.91 -20.67 -71.95
N ILE M 252 3.86 -21.44 -71.96
CA ILE M 252 3.41 -21.96 -70.74
C ILE M 252 4.43 -22.83 -70.15
N GLY M 253 5.04 -23.71 -70.93
CA GLY M 253 6.13 -24.48 -70.46
C GLY M 253 7.17 -23.65 -69.85
N SER M 254 7.55 -22.61 -70.54
CA SER M 254 8.57 -21.78 -70.05
C SER M 254 8.24 -21.07 -68.81
N VAL M 255 7.02 -20.62 -68.61
CA VAL M 255 6.68 -19.97 -67.41
C VAL M 255 6.54 -20.95 -66.31
N LYS M 256 6.38 -22.19 -66.69
CA LYS M 256 6.39 -23.25 -65.77
C LYS M 256 7.70 -23.37 -65.12
N GLN M 257 8.71 -23.18 -65.94
CA GLN M 257 10.06 -23.01 -65.52
C GLN M 257 10.15 -21.82 -64.71
N ALA M 258 9.44 -20.76 -65.09
CA ALA M 258 9.58 -19.49 -64.50
C ALA M 258 9.30 -19.53 -63.09
N PHE M 259 8.27 -20.25 -62.85
CA PHE M 259 7.83 -20.57 -61.59
C PHE M 259 8.86 -21.33 -60.86
N SER M 260 9.45 -22.32 -61.49
CA SER M 260 10.30 -23.21 -60.74
C SER M 260 11.47 -22.50 -60.15
N GLN M 261 11.96 -21.54 -60.93
CA GLN M 261 12.98 -20.60 -60.62
C GLN M 261 12.59 -19.83 -59.43
N ARG M 262 11.34 -19.44 -59.36
CA ARG M 262 10.84 -18.69 -58.29
C ARG M 262 10.86 -19.49 -57.07
N GLN M 263 10.57 -20.78 -57.15
CA GLN M 263 10.60 -21.60 -55.97
C GLN M 263 11.93 -21.70 -55.41
N LYS M 264 12.94 -21.76 -56.26
CA LYS M 264 14.24 -21.56 -55.75
C LYS M 264 14.46 -20.21 -55.14
N ALA M 265 13.93 -19.13 -55.72
CA ALA M 265 14.14 -17.80 -55.21
C ALA M 265 13.64 -17.62 -53.84
N PHE M 266 12.49 -18.24 -53.62
CA PHE M 266 11.88 -18.39 -52.36
C PHE M 266 12.83 -19.14 -51.51
N HIS M 267 13.37 -20.21 -52.09
CA HIS M 267 14.11 -21.10 -51.32
C HIS M 267 15.29 -20.46 -50.75
N SER M 268 15.96 -19.71 -51.60
CA SER M 268 17.14 -18.99 -51.31
C SER M 268 16.92 -18.04 -50.27
N TRP M 269 15.76 -17.44 -50.41
CA TRP M 269 15.38 -16.47 -49.52
C TRP M 269 15.31 -17.02 -48.12
N HIS M 270 14.61 -18.13 -47.94
CA HIS M 270 14.42 -18.67 -46.64
C HIS M 270 15.68 -19.11 -46.10
N SER M 271 16.56 -19.56 -46.99
CA SER M 271 17.83 -20.07 -46.67
C SER M 271 18.60 -18.96 -46.04
N ALA M 272 18.45 -17.75 -46.59
CA ALA M 272 19.07 -16.59 -46.02
C ALA M 272 18.56 -16.44 -44.65
N GLU M 273 17.26 -16.63 -44.50
CA GLU M 273 16.78 -16.61 -43.17
C GLU M 273 17.20 -17.65 -42.22
N SER M 274 17.22 -18.92 -42.62
CA SER M 274 17.48 -19.97 -41.69
C SER M 274 18.82 -19.91 -41.11
N GLU M 275 19.76 -19.53 -41.96
CA GLU M 275 21.06 -19.21 -41.57
C GLU M 275 21.11 -18.05 -40.68
N LEU M 276 20.34 -17.00 -40.99
CA LEU M 276 20.37 -15.75 -40.28
C LEU M 276 20.09 -15.98 -38.86
N MET M 277 19.09 -16.81 -38.69
CA MET M 277 18.60 -17.24 -37.45
C MET M 277 19.63 -17.95 -36.70
N LYS M 278 20.40 -18.81 -37.35
CA LYS M 278 21.45 -19.53 -36.67
C LYS M 278 22.48 -18.65 -36.09
N LYS M 279 22.91 -17.65 -36.85
CA LYS M 279 23.93 -16.77 -36.37
C LYS M 279 23.42 -15.98 -35.24
N LYS M 280 22.18 -15.59 -35.40
CA LYS M 280 21.57 -14.85 -34.38
C LYS M 280 21.44 -15.59 -33.13
N ALA M 281 21.05 -16.83 -33.25
CA ALA M 281 20.85 -17.69 -32.14
C ALA M 281 22.08 -17.90 -31.39
N ALA M 282 23.18 -18.05 -32.12
CA ALA M 282 24.48 -18.25 -31.59
C ALA M 282 24.91 -17.10 -30.76
N GLN M 283 24.60 -15.90 -31.22
CA GLN M 283 24.91 -14.70 -30.53
C GLN M 283 24.31 -14.64 -29.19
N ASP M 284 23.05 -15.03 -29.16
CA ASP M 284 22.22 -15.12 -28.03
C ASP M 284 22.77 -16.06 -27.07
N LYS M 285 23.29 -17.17 -27.58
CA LYS M 285 23.88 -18.17 -26.76
C LYS M 285 25.07 -17.68 -26.09
N LEU M 286 25.96 -16.95 -26.77
CA LEU M 286 27.15 -16.48 -26.14
C LEU M 286 26.79 -15.57 -25.05
N LEU M 287 25.81 -14.79 -25.38
CA LEU M 287 25.28 -13.84 -24.54
C LEU M 287 24.73 -14.43 -23.29
N ARG M 288 24.06 -15.58 -23.40
CA ARG M 288 23.36 -16.21 -22.32
C ARG M 288 24.08 -17.42 -21.87
N GLN M 289 25.32 -17.63 -22.31
CA GLN M 289 26.38 -18.31 -21.64
C GLN M 289 26.65 -17.49 -20.45
N GLY M 290 26.59 -16.18 -20.70
CA GLY M 290 26.40 -15.21 -19.69
C GLY M 290 27.59 -14.42 -19.95
N LYS M 291 28.74 -15.11 -19.83
CA LYS M 291 30.04 -14.54 -20.02
C LYS M 291 30.22 -13.91 -21.36
N THR M 292 29.99 -14.63 -22.48
CA THR M 292 30.00 -14.02 -23.81
C THR M 292 31.43 -13.72 -24.25
N GLN M 293 31.99 -14.40 -25.28
CA GLN M 293 33.11 -13.81 -26.00
C GLN M 293 32.54 -12.77 -26.86
N GLN M 294 32.91 -11.52 -26.59
CA GLN M 294 32.36 -10.41 -27.31
C GLN M 294 32.87 -10.38 -28.73
N ASP M 295 33.98 -11.07 -28.93
CA ASP M 295 34.60 -11.40 -30.16
C ASP M 295 33.72 -12.15 -31.11
N ARG M 296 33.16 -13.28 -30.63
CA ARG M 296 32.36 -14.10 -31.49
C ARG M 296 31.00 -13.55 -31.58
N LEU M 297 30.60 -12.77 -30.56
CA LEU M 297 29.35 -12.09 -30.53
C LEU M 297 29.27 -11.08 -31.63
N ASN M 298 30.35 -10.31 -31.80
CA ASN M 298 30.42 -9.34 -32.84
C ASN M 298 30.44 -9.97 -34.20
N GLN M 299 31.23 -11.04 -34.35
CA GLN M 299 31.33 -11.66 -35.64
C GLN M 299 30.00 -12.16 -36.10
N VAL M 300 29.32 -12.87 -35.19
CA VAL M 300 28.08 -13.54 -35.40
C VAL M 300 26.98 -12.60 -35.68
N ASN M 301 26.98 -11.49 -34.96
CA ASN M 301 26.09 -10.41 -35.16
C ASN M 301 26.25 -9.78 -36.52
N ALA M 302 27.49 -9.60 -37.01
CA ALA M 302 27.73 -8.94 -38.27
C ALA M 302 27.02 -9.70 -39.35
N GLU M 303 27.18 -11.02 -39.27
CA GLU M 303 26.56 -11.99 -40.12
C GLU M 303 25.07 -12.03 -39.98
N VAL M 304 24.53 -11.87 -38.75
CA VAL M 304 23.11 -11.79 -38.51
C VAL M 304 22.49 -10.70 -39.30
N ILE M 305 23.07 -9.47 -39.24
CA ILE M 305 22.45 -8.34 -39.90
C ILE M 305 22.48 -8.57 -41.38
N ASP M 306 23.58 -9.16 -41.90
CA ASP M 306 23.63 -9.46 -43.32
C ASP M 306 22.60 -10.46 -43.77
N ALA M 307 22.42 -11.50 -42.98
CA ALA M 307 21.48 -12.53 -43.18
C ALA M 307 20.04 -12.14 -43.24
N GLU M 308 19.67 -11.18 -42.37
CA GLU M 308 18.42 -10.49 -42.31
C GLU M 308 18.20 -9.74 -43.55
N ARG M 309 19.27 -9.10 -44.03
CA ARG M 309 19.23 -8.42 -45.27
C ARG M 309 18.99 -9.37 -46.36
N LYS M 310 19.65 -10.52 -46.36
CA LYS M 310 19.57 -11.59 -47.31
C LYS M 310 18.25 -12.15 -47.41
N VAL M 311 17.64 -12.30 -46.26
CA VAL M 311 16.30 -12.67 -46.23
C VAL M 311 15.51 -11.63 -46.89
N HIS M 312 15.77 -10.40 -46.55
CA HIS M 312 14.98 -9.41 -47.15
C HIS M 312 15.13 -9.35 -48.65
N GLN M 313 16.35 -9.40 -49.14
CA GLN M 313 16.60 -9.21 -50.52
C GLN M 313 16.04 -10.23 -51.38
N ALA M 314 16.31 -11.50 -51.01
CA ALA M 314 15.93 -12.62 -51.78
C ALA M 314 14.48 -12.62 -51.85
N ARG M 315 13.88 -12.35 -50.70
CA ARG M 315 12.48 -12.15 -50.69
C ARG M 315 11.96 -10.99 -51.51
N LEU M 316 12.59 -9.82 -51.46
CA LEU M 316 12.07 -8.68 -52.12
C LEU M 316 12.00 -8.81 -53.57
N LEU M 317 13.09 -9.27 -54.12
CA LEU M 317 13.25 -9.35 -55.52
C LEU M 317 12.28 -10.25 -56.10
N PHE M 318 12.10 -11.34 -55.36
CA PHE M 318 11.17 -12.37 -55.54
C PHE M 318 9.79 -11.77 -55.63
N GLU M 319 9.47 -10.75 -54.82
CA GLU M 319 8.22 -10.05 -54.90
C GLU M 319 8.01 -9.48 -56.25
N ASP M 320 9.06 -8.82 -56.70
CA ASP M 320 8.95 -7.93 -57.78
C ASP M 320 8.85 -8.76 -58.99
N MET M 321 9.35 -9.99 -58.88
CA MET M 321 9.14 -10.98 -59.87
C MET M 321 7.73 -11.31 -60.06
N GLY M 322 6.93 -11.35 -58.99
CA GLY M 322 5.54 -11.67 -59.12
C GLY M 322 4.81 -10.54 -59.77
N ARG M 323 5.20 -9.32 -59.42
CA ARG M 323 4.57 -8.17 -59.99
C ARG M 323 4.71 -8.06 -61.44
N LEU M 324 5.94 -8.31 -61.86
CA LEU M 324 6.36 -8.28 -63.21
C LEU M 324 5.61 -9.26 -63.97
N LEU M 325 5.48 -10.39 -63.33
CA LEU M 325 4.88 -11.49 -63.91
C LEU M 325 3.48 -11.25 -64.19
N ARG M 326 2.79 -10.58 -63.28
CA ARG M 326 1.49 -10.12 -63.53
C ARG M 326 1.44 -9.20 -64.66
N SER M 327 2.34 -8.23 -64.77
CA SER M 327 2.32 -7.29 -65.88
C SER M 327 2.42 -7.96 -67.19
N GLU M 328 3.29 -8.93 -67.19
CA GLU M 328 3.46 -9.77 -68.28
C GLU M 328 2.20 -10.48 -68.51
N LEU M 329 1.54 -10.95 -67.46
CA LEU M 329 0.45 -11.82 -67.63
C LEU M 329 -0.58 -11.19 -68.36
N ASP M 330 -0.91 -9.95 -67.99
CA ASP M 330 -1.97 -9.28 -68.66
C ASP M 330 -1.60 -9.16 -70.04
N ARG M 331 -0.34 -8.88 -70.26
CA ARG M 331 0.11 -8.93 -71.56
C ARG M 331 -0.07 -10.30 -72.22
N PHE M 332 0.24 -11.46 -71.67
CA PHE M 332 -0.01 -12.69 -72.37
C PHE M 332 -1.37 -12.99 -72.78
N GLU M 333 -2.26 -12.79 -71.84
CA GLU M 333 -3.62 -13.22 -72.00
C GLU M 333 -4.22 -12.50 -73.13
N ARG M 334 -3.86 -11.22 -73.07
CA ARG M 334 -4.19 -10.25 -74.02
C ARG M 334 -3.66 -10.65 -75.32
N GLU M 335 -2.43 -11.16 -75.33
CA GLU M 335 -1.83 -11.55 -76.55
C GLU M 335 -2.70 -12.53 -77.20
N LYS M 336 -3.15 -13.40 -76.35
CA LYS M 336 -3.59 -14.59 -76.84
C LYS M 336 -4.62 -14.65 -77.85
N VAL M 337 -5.60 -13.82 -77.67
CA VAL M 337 -6.74 -13.72 -78.53
C VAL M 337 -6.34 -13.44 -79.92
N GLU M 338 -5.40 -12.55 -80.04
CA GLU M 338 -4.94 -11.88 -81.18
C GLU M 338 -4.35 -12.88 -82.08
N ASP M 339 -3.64 -13.86 -81.50
CA ASP M 339 -2.90 -14.83 -82.27
C ASP M 339 -3.85 -15.56 -83.15
N PHE M 340 -4.95 -15.85 -82.54
CA PHE M 340 -5.91 -16.73 -83.01
C PHE M 340 -6.78 -16.06 -83.82
N LYS M 341 -6.85 -14.77 -83.66
CA LYS M 341 -7.73 -13.98 -84.36
C LYS M 341 -7.30 -14.08 -85.74
N SER M 342 -6.02 -13.91 -85.87
CA SER M 342 -5.34 -14.09 -87.07
C SER M 342 -5.49 -15.53 -87.51
N GLY M 343 -5.36 -16.47 -86.58
CA GLY M 343 -5.61 -17.84 -86.82
C GLY M 343 -6.87 -18.06 -87.58
N VAL M 344 -7.92 -17.47 -87.03
CA VAL M 344 -9.31 -17.51 -87.30
C VAL M 344 -9.48 -16.96 -88.61
N GLU M 345 -8.76 -15.92 -88.88
CA GLU M 345 -8.70 -15.33 -90.15
C GLU M 345 -8.22 -16.30 -91.16
N THR M 346 -7.20 -17.12 -90.85
CA THR M 346 -6.66 -18.02 -91.86
C THR M 346 -7.67 -18.98 -92.29
N PHE M 347 -8.41 -19.37 -91.29
CA PHE M 347 -9.51 -20.13 -91.54
C PHE M 347 -10.54 -19.45 -92.40
N LEU M 348 -10.87 -18.20 -92.07
CA LEU M 348 -12.04 -17.59 -92.59
C LEU M 348 -12.01 -17.56 -94.04
N GLU M 349 -10.88 -17.12 -94.47
CA GLU M 349 -10.49 -16.94 -95.80
C GLU M 349 -10.48 -18.21 -96.53
N SER M 350 -9.95 -19.26 -95.87
CA SER M 350 -9.83 -20.52 -96.52
C SER M 350 -11.15 -21.05 -96.90
N ALA M 351 -12.13 -20.85 -96.03
CA ALA M 351 -13.47 -21.20 -96.29
C ALA M 351 -14.16 -20.47 -97.40
N VAL M 352 -14.07 -19.14 -97.45
CA VAL M 352 -14.79 -18.40 -98.44
C VAL M 352 -14.26 -18.75 -99.78
N GLU M 353 -12.95 -18.87 -99.81
CA GLU M 353 -12.19 -19.25 -100.94
C GLU M 353 -12.49 -20.56 -101.37
N ALA M 354 -12.74 -21.46 -100.44
CA ALA M 354 -13.15 -22.78 -100.75
C ALA M 354 -14.41 -22.77 -101.53
N GLN M 355 -15.36 -21.91 -101.14
CA GLN M 355 -16.62 -21.85 -101.84
C GLN M 355 -16.38 -21.25 -103.15
N LYS M 356 -15.39 -20.37 -103.22
CA LYS M 356 -14.94 -19.91 -104.47
C LYS M 356 -14.39 -20.97 -105.34
N GLU M 357 -13.58 -21.88 -104.78
CA GLU M 357 -12.92 -22.95 -105.44
C GLU M 357 -13.91 -23.81 -106.10
N LEU M 358 -14.98 -24.06 -105.40
CA LEU M 358 -16.05 -24.70 -106.03
C LEU M 358 -16.64 -23.91 -107.13
N ILE M 359 -16.79 -22.61 -106.96
CA ILE M 359 -17.39 -21.83 -107.99
C ILE M 359 -16.65 -21.85 -109.25
N GLU M 360 -15.33 -21.75 -109.25
CA GLU M 360 -14.65 -21.93 -110.48
C GLU M 360 -14.82 -23.28 -111.02
N LYS M 361 -14.81 -24.30 -110.14
CA LYS M 361 -15.03 -25.64 -110.59
C LYS M 361 -16.35 -25.70 -111.28
N TRP M 362 -17.35 -25.04 -110.74
CA TRP M 362 -18.60 -24.92 -111.41
C TRP M 362 -18.49 -24.26 -112.73
N GLU M 363 -17.77 -23.14 -112.81
CA GLU M 363 -17.90 -22.30 -113.96
C GLU M 363 -17.54 -23.05 -115.16
N THR M 364 -16.47 -23.79 -115.02
CA THR M 364 -15.94 -24.72 -115.93
C THR M 364 -16.86 -25.77 -116.40
N PHE M 365 -17.70 -26.29 -115.51
CA PHE M 365 -18.42 -27.48 -115.86
C PHE M 365 -19.76 -27.05 -116.30
N LEU M 366 -20.08 -25.74 -116.12
CA LEU M 366 -21.09 -25.11 -116.90
C LEU M 366 -20.57 -25.03 -118.29
N MET M 367 -19.26 -24.68 -118.37
CA MET M 367 -18.57 -24.51 -119.60
C MET M 367 -18.36 -25.86 -120.22
N GLN M 368 -18.57 -26.93 -119.45
CA GLN M 368 -18.89 -28.21 -119.98
C GLN M 368 -20.40 -28.28 -120.05
N ALA N 1 -51.26 -49.53 -117.08
CA ALA N 1 -51.68 -50.46 -116.04
C ALA N 1 -50.48 -51.16 -115.50
N ARG N 2 -49.69 -51.83 -116.35
CA ARG N 2 -48.49 -52.51 -115.94
C ARG N 2 -47.51 -51.64 -115.27
N PRO N 3 -46.99 -50.59 -115.83
CA PRO N 3 -46.25 -49.65 -115.05
C PRO N 3 -47.19 -48.89 -114.14
N THR N 4 -48.51 -48.80 -114.47
CA THR N 4 -49.51 -48.02 -113.75
C THR N 4 -50.16 -48.83 -112.66
N PHE N 5 -49.28 -49.09 -111.72
CA PHE N 5 -49.36 -49.92 -110.60
C PHE N 5 -48.83 -48.95 -109.60
N HIS N 6 -49.45 -48.75 -108.42
CA HIS N 6 -49.05 -47.72 -107.50
C HIS N 6 -48.81 -48.38 -106.15
N ILE N 7 -47.67 -48.09 -105.53
CA ILE N 7 -47.15 -48.92 -104.47
C ILE N 7 -46.67 -48.01 -103.41
N THR N 8 -47.12 -48.22 -102.18
CA THR N 8 -46.56 -47.51 -101.09
C THR N 8 -46.18 -48.69 -100.26
N VAL N 9 -45.01 -48.58 -99.62
CA VAL N 9 -44.48 -49.59 -98.76
C VAL N 9 -44.29 -48.76 -97.56
N GLY N 10 -44.99 -49.04 -96.46
CA GLY N 10 -45.00 -48.09 -95.40
C GLY N 10 -45.00 -48.90 -94.19
N ASP N 11 -45.46 -48.23 -93.14
CA ASP N 11 -45.92 -48.84 -91.92
C ASP N 11 -44.93 -49.78 -91.37
N PRO N 12 -43.89 -49.29 -90.76
CA PRO N 12 -42.73 -50.08 -90.53
C PRO N 12 -43.03 -50.73 -89.23
N HIS N 13 -43.79 -51.84 -89.28
CA HIS N 13 -44.21 -52.64 -88.19
C HIS N 13 -43.02 -53.42 -88.00
N LYS N 14 -42.06 -52.79 -87.31
CA LYS N 14 -40.78 -53.32 -87.29
C LYS N 14 -40.93 -54.00 -86.05
N VAL N 15 -40.95 -55.34 -86.20
CA VAL N 15 -41.08 -56.17 -85.07
C VAL N 15 -39.84 -55.89 -84.32
N GLY N 16 -40.02 -55.55 -83.03
CA GLY N 16 -39.01 -55.10 -82.08
C GLY N 16 -37.97 -56.17 -81.90
N ASP N 17 -36.76 -55.78 -81.43
CA ASP N 17 -35.57 -56.61 -81.24
C ASP N 17 -35.70 -58.14 -81.03
N LEU N 18 -34.78 -58.88 -81.70
CA LEU N 18 -34.53 -60.29 -81.59
C LEU N 18 -33.11 -60.46 -82.06
N ALA N 19 -32.53 -59.38 -82.66
CA ALA N 19 -31.22 -59.32 -83.29
C ALA N 19 -31.26 -59.83 -84.71
N THR N 20 -32.48 -59.93 -85.30
CA THR N 20 -32.67 -60.55 -86.60
C THR N 20 -34.10 -60.27 -87.04
N SER N 21 -34.85 -59.52 -86.21
CA SER N 21 -36.27 -59.23 -86.32
C SER N 21 -36.69 -58.53 -87.62
N HIS N 22 -37.97 -58.71 -88.02
CA HIS N 22 -38.24 -58.59 -89.41
C HIS N 22 -39.38 -57.68 -89.40
N ILE N 23 -39.17 -56.64 -90.19
CA ILE N 23 -40.01 -55.52 -90.41
C ILE N 23 -41.05 -55.98 -91.33
N VAL N 24 -42.24 -55.46 -91.06
CA VAL N 24 -43.35 -55.91 -91.74
C VAL N 24 -43.82 -54.59 -92.12
N TYR N 25 -44.15 -54.51 -93.39
CA TYR N 25 -44.47 -53.29 -94.04
C TYR N 25 -45.80 -53.48 -94.50
N SER N 26 -46.64 -52.44 -94.42
CA SER N 26 -47.73 -52.39 -95.36
C SER N 26 -47.19 -52.38 -96.75
N VAL N 27 -47.86 -53.08 -97.63
CA VAL N 27 -47.56 -52.99 -99.00
C VAL N 27 -48.88 -52.63 -99.38
N ARG N 28 -49.05 -51.45 -99.91
CA ARG N 28 -50.29 -51.03 -100.37
C ARG N 28 -49.97 -51.00 -101.75
N THR N 29 -50.82 -51.62 -102.49
CA THR N 29 -50.80 -51.58 -103.87
C THR N 29 -52.00 -50.74 -103.94
N LYS N 30 -52.00 -49.62 -104.66
CA LYS N 30 -53.16 -48.95 -105.12
C LYS N 30 -52.80 -49.22 -106.52
N THR N 31 -53.68 -49.72 -107.34
CA THR N 31 -53.18 -50.13 -108.59
C THR N 31 -54.36 -49.96 -109.41
N THR N 32 -54.09 -49.33 -110.55
CA THR N 32 -55.07 -49.22 -111.57
C THR N 32 -54.74 -50.32 -112.51
N SER N 33 -53.65 -51.07 -112.22
CA SER N 33 -53.23 -52.13 -113.05
C SER N 33 -54.30 -53.15 -113.05
N LYS N 34 -54.51 -53.74 -114.23
CA LYS N 34 -55.44 -54.81 -114.46
C LYS N 34 -54.62 -56.07 -114.36
N ALA N 35 -53.33 -55.96 -113.93
CA ALA N 35 -52.53 -57.07 -113.49
C ALA N 35 -52.55 -57.14 -111.99
N TYR N 36 -53.45 -56.36 -111.35
CA TYR N 36 -53.64 -56.43 -109.92
C TYR N 36 -55.08 -56.19 -109.64
N LYS N 37 -55.69 -57.29 -109.13
CA LYS N 37 -57.05 -57.53 -108.74
C LYS N 37 -57.71 -56.31 -108.14
N GLN N 38 -57.28 -56.05 -106.91
CA GLN N 38 -57.67 -55.01 -106.03
C GLN N 38 -57.25 -53.72 -106.65
N PRO N 39 -58.05 -52.69 -106.74
CA PRO N 39 -57.55 -51.35 -106.92
C PRO N 39 -56.78 -50.88 -105.73
N GLU N 40 -56.97 -51.46 -104.52
CA GLU N 40 -56.07 -51.21 -103.43
C GLU N 40 -56.03 -52.49 -102.71
N PHE N 41 -54.83 -52.95 -102.33
CA PHE N 41 -54.77 -53.91 -101.33
C PHE N 41 -53.62 -53.57 -100.53
N GLU N 42 -53.73 -53.87 -99.23
CA GLU N 42 -52.63 -53.83 -98.40
C GLU N 42 -52.33 -55.11 -97.79
N VAL N 43 -51.05 -55.49 -97.81
CA VAL N 43 -50.64 -56.71 -97.23
C VAL N 43 -49.57 -56.28 -96.36
N LYS N 44 -49.05 -57.17 -95.51
CA LYS N 44 -48.17 -56.68 -94.51
C LYS N 44 -47.10 -57.65 -94.46
N ARG N 45 -46.16 -57.46 -95.38
CA ARG N 45 -45.22 -58.48 -95.63
C ARG N 45 -44.06 -58.29 -94.85
N ARG N 46 -43.41 -59.42 -94.58
CA ARG N 46 -42.26 -59.48 -93.77
C ARG N 46 -41.22 -59.92 -94.67
N TYR N 47 -39.99 -59.57 -94.25
CA TYR N 47 -38.83 -59.55 -95.09
C TYR N 47 -38.60 -60.82 -95.86
N ARG N 48 -38.80 -61.90 -95.12
CA ARG N 48 -38.65 -63.25 -95.52
C ARG N 48 -39.54 -63.65 -96.67
N ASP N 49 -40.76 -63.10 -96.64
CA ASP N 49 -41.74 -63.38 -97.62
C ASP N 49 -41.35 -62.85 -98.92
N PHE N 50 -40.89 -61.59 -98.89
CA PHE N 50 -40.40 -60.93 -100.05
C PHE N 50 -39.22 -61.50 -100.68
N LEU N 51 -38.26 -61.93 -99.87
CA LEU N 51 -37.03 -62.43 -100.41
C LEU N 51 -37.27 -63.63 -101.17
N TRP N 52 -38.09 -64.50 -100.56
CA TRP N 52 -38.59 -65.62 -101.22
C TRP N 52 -39.29 -65.20 -102.44
N LEU N 53 -40.18 -64.24 -102.33
CA LEU N 53 -41.03 -63.86 -103.40
C LEU N 53 -40.21 -63.45 -104.54
N TYR N 54 -39.19 -62.69 -104.25
CA TYR N 54 -38.30 -62.13 -105.16
C TYR N 54 -37.66 -63.25 -105.94
N ASN N 55 -37.31 -64.28 -105.21
CA ASN N 55 -36.82 -65.49 -105.71
C ASN N 55 -37.85 -66.13 -106.53
N THR N 56 -39.13 -66.08 -106.17
CA THR N 56 -40.22 -66.66 -106.90
C THR N 56 -40.28 -66.07 -108.23
N LEU N 57 -40.15 -64.74 -108.31
CA LEU N 57 -40.14 -64.00 -109.52
C LEU N 57 -39.03 -64.52 -110.32
N HIS N 58 -37.93 -64.81 -109.63
CA HIS N 58 -36.80 -65.37 -110.25
C HIS N 58 -37.18 -66.68 -110.88
N SER N 59 -37.93 -67.50 -110.15
CA SER N 59 -38.32 -68.83 -110.47
C SER N 59 -39.34 -68.95 -111.56
N ASN N 60 -40.10 -67.89 -111.87
CA ASN N 60 -41.23 -68.12 -112.74
C ASN N 60 -40.92 -67.52 -114.04
N ASN N 61 -39.75 -66.91 -114.06
CA ASN N 61 -39.36 -66.10 -115.14
C ASN N 61 -38.00 -66.66 -115.41
N PRO N 62 -37.84 -67.45 -116.46
CA PRO N 62 -36.69 -68.35 -116.68
C PRO N 62 -35.34 -67.78 -117.04
N GLY N 63 -35.26 -66.50 -117.23
CA GLY N 63 -34.05 -65.84 -117.62
C GLY N 63 -34.51 -64.47 -117.59
N VAL N 64 -35.81 -64.33 -117.94
CA VAL N 64 -36.69 -63.23 -117.83
C VAL N 64 -36.55 -62.77 -116.44
N VAL N 65 -35.98 -61.56 -116.36
CA VAL N 65 -35.35 -60.85 -115.29
C VAL N 65 -35.98 -61.02 -113.95
N VAL N 66 -35.23 -60.50 -112.99
CA VAL N 66 -35.58 -60.40 -111.64
C VAL N 66 -34.48 -59.51 -111.23
N PRO N 67 -34.90 -58.33 -110.83
CA PRO N 67 -33.96 -57.27 -110.59
C PRO N 67 -33.40 -57.62 -109.26
N PRO N 68 -32.58 -56.85 -108.78
CA PRO N 68 -32.21 -56.97 -106.90
C PRO N 68 -33.54 -57.16 -105.96
N PRO N 69 -33.54 -57.78 -104.77
CA PRO N 69 -34.66 -57.96 -103.79
C PRO N 69 -35.16 -56.78 -102.90
N PRO N 70 -35.92 -57.00 -101.79
CA PRO N 70 -35.83 -56.27 -100.51
C PRO N 70 -34.43 -56.29 -99.94
N GLU N 71 -33.94 -55.21 -99.33
CA GLU N 71 -32.61 -55.07 -98.78
C GLU N 71 -32.19 -56.01 -97.73
N LYS N 72 -30.96 -56.52 -98.00
CA LYS N 72 -30.02 -57.30 -97.24
C LYS N 72 -29.58 -56.74 -95.96
N GLN N 73 -29.51 -57.68 -95.01
CA GLN N 73 -29.10 -57.44 -93.69
C GLN N 73 -27.68 -57.90 -93.62
N ALA N 74 -27.16 -58.57 -94.70
CA ALA N 74 -25.77 -58.89 -94.95
C ALA N 74 -24.77 -57.77 -94.87
N VAL N 75 -25.23 -56.57 -94.53
CA VAL N 75 -24.38 -55.49 -94.14
C VAL N 75 -25.28 -54.66 -93.29
N GLY N 76 -26.62 -54.74 -93.54
CA GLY N 76 -27.66 -54.07 -92.83
C GLY N 76 -27.65 -54.51 -91.41
N ARG N 77 -28.26 -53.73 -90.53
CA ARG N 77 -28.35 -54.15 -89.16
C ARG N 77 -29.77 -54.49 -89.05
N PHE N 78 -30.53 -53.50 -88.71
CA PHE N 78 -31.93 -53.60 -88.62
C PHE N 78 -32.37 -52.17 -88.64
N GLU N 79 -31.42 -51.27 -89.01
CA GLU N 79 -31.51 -49.86 -88.96
C GLU N 79 -32.70 -49.38 -89.71
N SER N 80 -33.34 -48.27 -89.28
CA SER N 80 -34.50 -47.71 -89.93
C SER N 80 -34.21 -47.48 -91.37
N ASN N 81 -32.97 -47.04 -91.58
CA ASN N 81 -32.34 -46.80 -92.83
C ASN N 81 -32.18 -48.05 -93.60
N PHE N 82 -31.72 -49.12 -92.95
CA PHE N 82 -31.51 -50.40 -93.54
C PHE N 82 -32.82 -51.00 -93.97
N VAL N 83 -33.79 -50.94 -93.08
CA VAL N 83 -35.09 -51.43 -93.29
C VAL N 83 -35.70 -50.59 -94.32
N GLU N 84 -35.38 -49.30 -94.33
CA GLU N 84 -35.80 -48.41 -95.34
C GLU N 84 -35.20 -48.88 -96.59
N SER N 85 -33.96 -49.28 -96.60
CA SER N 85 -33.34 -49.75 -97.77
C SER N 85 -34.08 -50.91 -98.24
N ARG N 86 -34.53 -51.75 -97.33
CA ARG N 86 -35.28 -52.87 -97.67
C ARG N 86 -36.56 -52.57 -98.29
N ARG N 87 -37.25 -51.60 -97.71
CA ARG N 87 -38.50 -51.02 -98.06
C ARG N 87 -38.40 -50.48 -99.42
N ALA N 88 -37.35 -49.72 -99.64
CA ALA N 88 -36.96 -49.12 -100.85
C ALA N 88 -36.64 -50.14 -101.86
N ALA N 89 -35.93 -51.17 -101.45
CA ALA N 89 -35.36 -52.18 -102.29
C ALA N 89 -36.39 -52.96 -102.90
N LEU N 90 -37.39 -53.19 -102.07
CA LEU N 90 -38.59 -53.70 -102.52
C LEU N 90 -39.25 -52.76 -103.36
N GLU N 91 -39.30 -51.49 -102.97
CA GLU N 91 -40.13 -50.57 -103.67
C GLU N 91 -39.70 -50.52 -105.04
N LYS N 92 -38.43 -50.44 -105.21
CA LYS N 92 -37.75 -50.46 -106.43
C LYS N 92 -37.94 -51.69 -107.20
N MET N 93 -37.80 -52.82 -106.53
CA MET N 93 -37.80 -54.10 -107.16
C MET N 93 -39.10 -54.28 -107.77
N LEU N 94 -40.09 -53.97 -106.95
CA LEU N 94 -41.48 -53.97 -107.21
C LEU N 94 -41.87 -53.02 -108.23
N ASN N 95 -41.29 -51.83 -108.17
CA ASN N 95 -41.62 -50.75 -109.02
C ASN N 95 -41.36 -51.15 -110.40
N LYS N 96 -40.17 -51.70 -110.57
CA LYS N 96 -39.72 -52.01 -111.86
C LYS N 96 -40.43 -53.10 -112.46
N ILE N 97 -40.62 -54.13 -111.62
CA ILE N 97 -41.27 -55.31 -112.01
C ILE N 97 -42.62 -54.98 -112.36
N ALA N 98 -43.27 -54.05 -111.67
CA ALA N 98 -44.54 -53.68 -112.13
C ALA N 98 -44.48 -52.99 -113.46
N ALA N 99 -43.46 -52.17 -113.73
CA ALA N 99 -43.35 -51.61 -115.03
C ALA N 99 -42.61 -52.49 -115.94
N HIS N 100 -42.67 -53.78 -115.67
CA HIS N 100 -42.34 -54.78 -116.59
C HIS N 100 -43.53 -55.58 -116.52
N PRO N 101 -44.29 -55.71 -117.52
CA PRO N 101 -45.53 -56.43 -117.36
C PRO N 101 -45.41 -57.86 -116.81
N THR N 102 -44.39 -58.66 -117.21
CA THR N 102 -44.21 -60.07 -116.84
C THR N 102 -43.98 -60.44 -115.40
N LEU N 103 -43.07 -59.73 -114.72
CA LEU N 103 -42.73 -60.04 -113.35
C LEU N 103 -43.85 -59.62 -112.49
N GLN N 104 -44.57 -58.61 -112.97
CA GLN N 104 -45.78 -58.13 -112.39
C GLN N 104 -46.91 -59.12 -112.53
N LEU N 105 -46.78 -60.09 -113.45
CA LEU N 105 -47.78 -61.09 -113.67
C LEU N 105 -47.65 -62.25 -112.80
N ASP N 106 -46.58 -62.38 -111.98
CA ASP N 106 -46.47 -63.53 -111.14
C ASP N 106 -47.69 -63.55 -110.21
N ALA N 107 -48.44 -64.67 -110.25
CA ALA N 107 -49.72 -64.83 -109.60
C ALA N 107 -49.55 -64.83 -108.14
N ASP N 108 -48.40 -65.36 -107.67
CA ASP N 108 -48.07 -65.39 -106.28
C ASP N 108 -48.02 -64.00 -105.87
N LEU N 109 -47.35 -63.18 -106.68
CA LEU N 109 -47.21 -61.79 -106.48
C LEU N 109 -48.51 -61.07 -106.47
N LYS N 110 -49.48 -61.44 -107.31
CA LYS N 110 -50.76 -60.79 -107.20
C LYS N 110 -51.38 -61.06 -105.93
N LEU N 111 -51.40 -62.30 -105.53
CA LEU N 111 -51.94 -62.74 -104.30
C LEU N 111 -51.17 -62.18 -103.14
N PHE N 112 -49.87 -62.09 -103.24
CA PHE N 112 -48.96 -61.58 -102.27
C PHE N 112 -49.21 -60.15 -101.89
N LEU N 113 -49.52 -59.31 -102.87
CA LEU N 113 -49.57 -57.88 -102.76
C LEU N 113 -50.94 -57.48 -102.45
N GLU N 114 -51.81 -58.43 -102.82
CA GLU N 114 -53.19 -58.24 -102.78
C GLU N 114 -53.84 -59.15 -101.85
N SER N 115 -53.05 -59.75 -100.95
CA SER N 115 -53.55 -60.52 -99.87
C SER N 115 -52.45 -60.51 -98.87
N GLU N 116 -52.74 -60.33 -97.56
CA GLU N 116 -51.77 -60.55 -96.51
C GLU N 116 -51.95 -61.95 -96.01
N SER N 117 -50.99 -62.86 -96.30
CA SER N 117 -50.85 -64.08 -95.55
C SER N 117 -49.50 -64.64 -95.75
N PHE N 118 -48.73 -63.95 -96.60
CA PHE N 118 -47.38 -64.16 -96.97
C PHE N 118 -47.36 -65.02 -98.16
N ASN N 119 -46.16 -65.09 -98.78
CA ASN N 119 -45.89 -65.60 -100.10
C ASN N 119 -46.20 -67.05 -100.16
N ILE N 120 -45.97 -67.65 -99.00
CA ILE N 120 -45.99 -69.05 -98.76
C ILE N 120 -47.31 -69.69 -99.01
N ASP N 121 -48.38 -69.18 -98.39
CA ASP N 121 -49.59 -69.94 -98.45
C ASP N 121 -50.28 -69.69 -99.73
N VAL N 122 -49.90 -68.56 -100.33
CA VAL N 122 -50.21 -68.18 -101.66
C VAL N 122 -49.58 -69.15 -102.60
N LYS N 123 -48.33 -69.50 -102.31
CA LYS N 123 -47.61 -70.35 -103.16
C LYS N 123 -48.06 -71.77 -103.15
N HIS N 124 -48.68 -72.25 -102.06
CA HIS N 124 -49.28 -73.54 -102.20
C HIS N 124 -50.43 -73.49 -103.04
N LYS N 125 -51.26 -72.51 -102.71
CA LYS N 125 -52.54 -72.33 -103.28
C LYS N 125 -52.50 -72.22 -104.74
N GLU N 126 -51.52 -71.48 -105.27
CA GLU N 126 -51.42 -71.40 -106.68
C GLU N 126 -51.13 -72.65 -107.46
N ARG N 127 -50.21 -73.59 -107.13
CA ARG N 127 -50.08 -74.73 -108.06
C ARG N 127 -51.09 -75.79 -107.79
N LYS N 128 -52.20 -75.36 -107.18
CA LYS N 128 -53.31 -76.10 -106.69
C LYS N 128 -52.78 -77.13 -105.75
N GLU N 129 -52.08 -76.66 -104.70
CA GLU N 129 -51.45 -77.58 -103.80
C GLU N 129 -51.08 -76.88 -102.49
N ASN N 149 -23.58 -62.96 -139.68
CA ASN N 149 -22.50 -62.89 -138.66
C ASN N 149 -21.73 -64.15 -138.44
N LYS N 150 -21.09 -64.37 -137.35
CA LYS N 150 -20.43 -65.57 -137.04
C LYS N 150 -20.89 -65.91 -135.68
N PHE N 151 -20.64 -67.22 -135.34
CA PHE N 151 -20.89 -67.80 -134.12
C PHE N 151 -19.95 -67.01 -133.14
N VAL N 152 -18.70 -66.64 -133.59
CA VAL N 152 -17.66 -65.88 -132.93
C VAL N 152 -18.22 -64.51 -132.66
N GLU N 153 -18.85 -63.77 -133.60
CA GLU N 153 -19.35 -62.42 -133.39
C GLU N 153 -20.42 -62.36 -132.32
N GLN N 154 -21.37 -63.38 -132.26
CA GLN N 154 -22.35 -63.53 -131.25
C GLN N 154 -21.77 -63.87 -129.92
N ASP N 155 -20.74 -64.77 -129.81
CA ASP N 155 -20.05 -65.18 -128.57
C ASP N 155 -19.35 -63.89 -128.09
N ASP N 156 -18.81 -63.08 -129.06
CA ASP N 156 -18.00 -61.93 -128.77
C ASP N 156 -18.60 -60.91 -127.97
N TRP N 157 -19.90 -60.43 -128.28
CA TRP N 157 -20.65 -59.41 -127.60
C TRP N 157 -20.96 -59.84 -126.24
N PHE N 158 -21.25 -61.13 -126.07
CA PHE N 158 -21.53 -61.70 -124.78
C PHE N 158 -20.36 -61.65 -123.90
N HIS N 159 -19.18 -62.08 -124.43
CA HIS N 159 -17.94 -62.05 -123.65
C HIS N 159 -17.44 -60.69 -123.34
N ASP N 160 -17.59 -59.74 -124.28
CA ASP N 160 -17.23 -58.35 -124.21
C ASP N 160 -17.94 -57.76 -123.10
N ARG N 161 -19.21 -58.02 -123.08
CA ARG N 161 -20.17 -57.61 -122.08
C ARG N 161 -19.90 -58.10 -120.79
N ARG N 162 -19.57 -59.41 -120.62
CA ARG N 162 -19.26 -60.01 -119.36
C ARG N 162 -18.13 -59.49 -118.67
N VAL N 163 -17.10 -59.45 -119.44
CA VAL N 163 -15.85 -58.86 -119.05
C VAL N 163 -15.87 -57.40 -118.63
N TYR N 164 -16.58 -56.48 -119.38
CA TYR N 164 -16.61 -55.10 -118.90
C TYR N 164 -17.30 -54.94 -117.58
N LEU N 165 -18.41 -55.64 -117.42
CA LEU N 165 -19.21 -55.42 -116.24
C LEU N 165 -18.65 -56.19 -115.13
N ASP N 166 -17.73 -57.16 -115.41
CA ASP N 166 -16.94 -57.82 -114.43
C ASP N 166 -15.82 -56.91 -113.79
N ALA N 167 -15.18 -56.13 -114.69
CA ALA N 167 -14.24 -55.12 -114.38
C ALA N 167 -14.90 -53.99 -113.60
N LEU N 168 -16.10 -53.58 -114.13
CA LEU N 168 -16.85 -52.50 -113.53
C LEU N 168 -17.30 -52.91 -112.15
N GLU N 169 -17.72 -54.21 -112.00
CA GLU N 169 -18.12 -54.78 -110.71
C GLU N 169 -16.95 -54.63 -109.68
N ASN N 170 -15.73 -54.94 -110.04
CA ASN N 170 -14.61 -54.99 -109.10
C ASN N 170 -14.42 -53.52 -108.73
N GLN N 171 -14.52 -52.58 -109.75
CA GLN N 171 -14.51 -51.10 -109.48
C GLN N 171 -15.56 -50.70 -108.53
N LEU N 172 -16.79 -51.18 -108.68
CA LEU N 172 -17.96 -50.83 -107.88
C LEU N 172 -17.81 -51.36 -106.50
N LYS N 173 -17.20 -52.52 -106.32
CA LYS N 173 -16.77 -53.05 -105.06
C LYS N 173 -15.71 -52.21 -104.42
N ALA N 174 -14.67 -51.71 -105.15
CA ALA N 174 -13.72 -50.72 -104.65
C ALA N 174 -14.33 -49.35 -104.31
N LEU N 175 -15.25 -48.79 -105.14
CA LEU N 175 -16.00 -47.55 -104.94
C LEU N 175 -16.84 -47.71 -103.71
N LEU N 176 -17.52 -48.89 -103.51
CA LEU N 176 -18.33 -49.16 -102.30
C LEU N 176 -17.66 -49.06 -101.01
N LYS N 177 -16.43 -49.68 -101.04
CA LYS N 177 -15.55 -49.60 -99.88
C LYS N 177 -14.89 -48.26 -99.76
N ALA N 178 -14.88 -47.49 -100.90
CA ALA N 178 -14.42 -46.07 -100.78
C ALA N 178 -15.38 -45.29 -99.91
N MET N 179 -16.72 -45.42 -100.13
CA MET N 179 -17.78 -44.80 -99.40
C MET N 179 -17.72 -45.08 -97.89
N ASP N 180 -17.38 -46.35 -97.53
CA ASP N 180 -17.24 -46.82 -96.18
C ASP N 180 -16.26 -46.03 -95.43
N ASN N 181 -15.06 -45.79 -96.15
CA ASN N 181 -13.94 -45.03 -95.71
C ASN N 181 -14.41 -43.63 -95.47
N MET N 182 -15.13 -43.02 -96.44
CA MET N 182 -15.58 -41.68 -96.35
C MET N 182 -16.45 -41.40 -95.20
N VAL N 183 -17.33 -42.38 -94.75
CA VAL N 183 -18.14 -42.26 -93.60
C VAL N 183 -17.27 -42.36 -92.37
N ALA N 184 -16.23 -43.27 -92.31
CA ALA N 184 -15.26 -43.45 -91.23
C ALA N 184 -14.43 -42.21 -91.09
N GLN N 185 -14.06 -41.59 -92.19
CA GLN N 185 -13.31 -40.40 -92.29
C GLN N 185 -14.22 -39.18 -92.23
N ARG N 186 -15.31 -39.33 -91.48
CA ARG N 186 -16.05 -38.20 -91.04
C ARG N 186 -15.96 -38.12 -89.54
N LYS N 187 -15.25 -39.09 -88.93
CA LYS N 187 -15.11 -39.37 -87.49
C LYS N 187 -13.84 -38.86 -87.06
N ALA N 188 -13.80 -37.92 -86.16
CA ALA N 188 -12.64 -37.23 -85.74
C ALA N 188 -11.77 -36.35 -86.56
N MET N 189 -12.30 -35.26 -87.21
CA MET N 189 -13.56 -34.70 -87.36
C MET N 189 -14.44 -34.60 -86.25
N ALA N 190 -15.41 -35.52 -86.10
CA ALA N 190 -16.45 -35.39 -85.25
C ALA N 190 -15.99 -35.48 -83.82
N GLU N 191 -15.26 -36.51 -83.39
CA GLU N 191 -14.83 -36.71 -82.05
C GLU N 191 -13.86 -35.56 -81.68
N ALA N 192 -13.09 -35.15 -82.76
CA ALA N 192 -12.12 -34.01 -82.62
C ALA N 192 -12.85 -32.72 -82.34
N ALA N 193 -13.93 -32.41 -83.08
CA ALA N 193 -14.53 -31.12 -82.90
C ALA N 193 -15.45 -31.17 -81.76
N ALA N 194 -15.84 -32.35 -81.31
CA ALA N 194 -16.59 -32.48 -80.13
C ALA N 194 -15.85 -32.30 -78.86
N ASP N 195 -14.47 -32.51 -78.89
CA ASP N 195 -13.64 -32.36 -77.74
C ASP N 195 -12.95 -30.99 -77.92
N PHE N 196 -12.81 -30.44 -79.19
CA PHE N 196 -12.34 -29.10 -79.42
C PHE N 196 -13.32 -28.07 -78.84
N SER N 197 -14.68 -28.28 -79.02
CA SER N 197 -15.72 -27.50 -78.30
C SER N 197 -15.62 -27.57 -76.81
N ALA N 198 -15.42 -28.76 -76.22
CA ALA N 198 -15.36 -28.91 -74.83
C ALA N 198 -14.15 -28.21 -74.40
N SER N 199 -13.00 -28.31 -75.12
CA SER N 199 -11.79 -27.68 -74.74
C SER N 199 -11.95 -26.21 -74.59
N LEU N 200 -12.52 -25.54 -75.60
CA LEU N 200 -12.74 -24.09 -75.56
C LEU N 200 -13.74 -23.70 -74.44
N HIS N 201 -14.86 -24.50 -74.31
CA HIS N 201 -15.87 -24.28 -73.32
C HIS N 201 -15.38 -24.30 -71.87
N ALA N 202 -14.50 -25.24 -71.61
CA ALA N 202 -14.03 -25.57 -70.33
C ALA N 202 -13.37 -24.42 -69.63
N LEU N 203 -12.56 -23.69 -70.38
CA LEU N 203 -11.84 -22.62 -69.82
C LEU N 203 -12.70 -21.35 -69.81
N SER N 204 -13.83 -21.36 -70.54
CA SER N 204 -14.67 -20.21 -70.46
C SER N 204 -15.53 -20.15 -69.18
N THR N 205 -15.68 -21.28 -68.50
CA THR N 205 -16.43 -21.36 -67.24
C THR N 205 -15.51 -21.11 -66.07
N VAL N 206 -14.14 -21.15 -66.20
CA VAL N 206 -13.24 -21.11 -65.11
C VAL N 206 -12.55 -19.77 -65.14
N GLU N 207 -12.52 -19.08 -66.27
CA GLU N 207 -11.94 -17.77 -66.39
C GLU N 207 -13.03 -16.76 -66.13
N LEU N 208 -12.67 -15.70 -65.43
CA LEU N 208 -13.56 -14.82 -64.77
C LEU N 208 -13.48 -13.51 -65.40
N SER N 209 -12.85 -13.40 -66.56
CA SER N 209 -12.75 -12.16 -67.33
C SER N 209 -13.75 -12.29 -68.48
N PRO N 210 -14.80 -11.53 -68.43
CA PRO N 210 -16.03 -11.75 -69.20
C PRO N 210 -15.71 -11.64 -70.65
N THR N 211 -14.81 -10.73 -71.07
CA THR N 211 -14.61 -10.31 -72.46
C THR N 211 -13.49 -11.13 -73.03
N LEU N 212 -13.01 -12.15 -72.38
CA LEU N 212 -12.10 -13.07 -72.99
C LEU N 212 -12.64 -14.49 -72.98
N SER N 213 -13.37 -14.79 -71.90
CA SER N 213 -14.12 -16.00 -71.68
C SER N 213 -15.18 -16.22 -72.71
N GLY N 214 -15.97 -15.10 -72.91
CA GLY N 214 -17.00 -14.92 -73.95
C GLY N 214 -16.45 -15.25 -75.30
N PRO N 215 -15.30 -14.69 -75.89
CA PRO N 215 -14.81 -15.04 -77.22
C PRO N 215 -14.44 -16.48 -77.27
N LEU N 216 -13.91 -17.00 -76.15
CA LEU N 216 -13.45 -18.39 -76.13
C LEU N 216 -14.63 -19.29 -76.35
N ASP N 217 -15.69 -18.88 -75.66
CA ASP N 217 -17.04 -19.40 -75.76
C ASP N 217 -17.62 -19.34 -77.15
N ALA N 218 -17.41 -18.22 -77.87
CA ALA N 218 -17.87 -18.08 -79.22
C ALA N 218 -17.20 -19.07 -80.18
N LEU N 219 -15.87 -19.24 -79.99
CA LEU N 219 -15.14 -20.27 -80.76
C LEU N 219 -15.55 -21.70 -80.38
N SER N 220 -15.99 -22.00 -79.07
CA SER N 220 -16.62 -23.27 -78.64
C SER N 220 -17.77 -23.52 -79.57
N GLU N 221 -18.62 -22.48 -79.80
CA GLU N 221 -19.80 -22.57 -80.68
C GLU N 221 -19.50 -22.96 -82.07
N LEU N 222 -18.45 -22.31 -82.71
CA LEU N 222 -18.05 -22.66 -84.09
C LEU N 222 -17.70 -24.14 -84.23
N GLN N 223 -16.92 -24.72 -83.34
CA GLN N 223 -16.56 -26.17 -83.42
C GLN N 223 -17.63 -27.09 -83.21
N LEU N 224 -18.58 -26.85 -82.25
CA LEU N 224 -19.69 -27.74 -82.04
C LEU N 224 -20.57 -27.74 -83.27
N ALA N 225 -20.80 -26.52 -83.82
CA ALA N 225 -21.51 -26.32 -85.03
C ALA N 225 -20.84 -27.05 -86.21
N ILE N 226 -19.50 -27.02 -86.39
CA ILE N 226 -18.81 -27.76 -87.43
C ILE N 226 -18.92 -29.18 -87.29
N ARG N 227 -18.80 -29.74 -86.05
CA ARG N 227 -19.00 -31.15 -85.84
C ARG N 227 -20.31 -31.66 -86.39
N ASP N 228 -21.37 -30.94 -86.09
CA ASP N 228 -22.69 -31.40 -86.46
C ASP N 228 -22.88 -31.40 -87.95
N VAL N 229 -22.51 -30.29 -88.59
CA VAL N 229 -22.64 -30.07 -89.99
C VAL N 229 -21.88 -31.04 -90.75
N TYR N 230 -20.61 -31.40 -90.31
CA TYR N 230 -19.92 -32.46 -90.98
C TYR N 230 -20.52 -33.88 -90.99
N GLU N 231 -21.04 -34.20 -89.76
CA GLU N 231 -21.66 -35.49 -89.55
C GLU N 231 -22.93 -35.59 -90.40
N ARG N 232 -23.70 -34.51 -90.47
CA ARG N 232 -24.95 -34.42 -91.24
C ARG N 232 -24.69 -34.63 -92.68
N GLN N 233 -23.57 -34.09 -93.20
CA GLN N 233 -23.30 -34.32 -94.63
C GLN N 233 -22.96 -35.68 -95.09
N ALA N 234 -22.49 -36.57 -94.18
CA ALA N 234 -22.29 -37.91 -94.58
C ALA N 234 -23.65 -38.53 -94.94
N GLN N 235 -24.72 -38.25 -94.14
CA GLN N 235 -26.06 -38.75 -94.45
C GLN N 235 -26.71 -38.08 -95.70
N GLN N 236 -26.41 -36.77 -96.05
CA GLN N 236 -26.82 -36.17 -97.31
C GLN N 236 -26.23 -36.78 -98.54
N ASP N 237 -24.87 -36.75 -98.64
CA ASP N 237 -24.31 -36.94 -99.97
C ASP N 237 -23.70 -38.34 -100.11
N VAL N 238 -22.79 -38.67 -99.18
CA VAL N 238 -22.06 -40.01 -99.19
C VAL N 238 -22.96 -41.21 -99.18
N LEU N 239 -23.97 -41.16 -98.28
CA LEU N 239 -25.07 -42.23 -98.11
C LEU N 239 -25.81 -42.28 -99.40
N THR N 240 -26.17 -41.15 -100.15
CA THR N 240 -26.89 -41.18 -101.41
C THR N 240 -26.06 -42.03 -102.36
N PHE N 241 -24.75 -41.83 -102.50
CA PHE N 241 -23.92 -42.60 -103.39
C PHE N 241 -23.81 -44.03 -102.92
N GLY N 242 -23.69 -44.28 -101.57
CA GLY N 242 -23.59 -45.58 -101.04
C GLY N 242 -24.81 -46.45 -101.27
N ILE N 243 -26.03 -45.82 -101.26
CA ILE N 243 -27.21 -46.49 -101.69
C ILE N 243 -27.17 -46.85 -103.22
N ILE N 244 -26.91 -45.85 -104.13
CA ILE N 244 -27.01 -46.11 -105.58
C ILE N 244 -25.97 -47.13 -106.07
N ILE N 245 -24.69 -47.15 -105.56
CA ILE N 245 -23.68 -48.12 -105.78
C ILE N 245 -24.17 -49.47 -105.32
N GLU N 246 -24.81 -49.61 -104.11
CA GLU N 246 -25.37 -50.86 -103.54
C GLU N 246 -26.46 -51.46 -104.39
N GLU N 247 -27.34 -50.61 -104.93
CA GLU N 247 -28.37 -51.02 -105.83
C GLU N 247 -27.80 -51.72 -107.09
N TYR N 248 -26.75 -51.11 -107.70
CA TYR N 248 -26.22 -51.57 -108.93
C TYR N 248 -25.59 -52.90 -108.73
N ILE N 249 -24.82 -53.19 -107.65
CA ILE N 249 -24.07 -54.40 -107.50
C ILE N 249 -25.07 -55.61 -107.48
N ARG N 250 -26.29 -55.45 -106.90
CA ARG N 250 -27.31 -56.43 -106.98
C ARG N 250 -27.88 -56.72 -108.33
N LEU N 251 -28.19 -55.59 -109.07
CA LEU N 251 -28.69 -55.61 -110.44
C LEU N 251 -27.62 -56.21 -111.42
N ILE N 252 -26.32 -55.86 -111.32
CA ILE N 252 -25.22 -56.41 -112.10
C ILE N 252 -25.13 -57.79 -111.73
N GLY N 253 -25.26 -58.09 -110.42
CA GLY N 253 -25.38 -59.43 -109.90
C GLY N 253 -26.43 -60.25 -110.65
N SER N 254 -27.65 -59.72 -110.83
CA SER N 254 -28.79 -60.25 -111.47
C SER N 254 -28.68 -60.52 -112.92
N VAL N 255 -28.02 -59.73 -113.80
CA VAL N 255 -27.87 -60.05 -115.18
C VAL N 255 -26.83 -61.07 -115.32
N LYS N 256 -25.93 -61.30 -114.31
CA LYS N 256 -25.06 -62.50 -114.23
C LYS N 256 -25.85 -63.82 -113.98
N GLN N 257 -26.84 -63.72 -113.14
CA GLN N 257 -27.78 -64.86 -113.02
C GLN N 257 -28.58 -65.22 -114.29
N ALA N 258 -28.98 -64.12 -115.01
CA ALA N 258 -29.58 -64.16 -116.31
C ALA N 258 -28.72 -64.74 -117.41
N PHE N 259 -27.43 -64.36 -117.36
CA PHE N 259 -26.41 -64.83 -118.29
C PHE N 259 -26.27 -66.33 -118.16
N SER N 260 -26.26 -66.88 -116.89
CA SER N 260 -26.16 -68.27 -116.61
C SER N 260 -27.30 -69.05 -117.14
N GLN N 261 -28.54 -68.55 -117.12
CA GLN N 261 -29.76 -69.05 -117.82
C GLN N 261 -29.59 -69.11 -119.31
N ARG N 262 -28.98 -68.02 -119.88
CA ARG N 262 -28.71 -68.07 -121.34
C ARG N 262 -27.65 -69.11 -121.70
N GLN N 263 -26.53 -69.31 -120.93
CA GLN N 263 -25.51 -70.27 -121.26
C GLN N 263 -26.11 -71.64 -121.19
N LYS N 264 -27.06 -71.84 -120.24
CA LYS N 264 -27.86 -73.04 -120.09
C LYS N 264 -28.70 -73.30 -121.33
N ALA N 265 -29.27 -72.21 -121.89
CA ALA N 265 -30.08 -72.19 -123.07
C ALA N 265 -29.25 -72.68 -124.24
N PHE N 266 -27.95 -72.23 -124.27
CA PHE N 266 -26.88 -72.63 -125.16
C PHE N 266 -26.51 -74.11 -124.96
N HIS N 267 -26.43 -74.59 -123.67
CA HIS N 267 -26.11 -75.96 -123.35
C HIS N 267 -27.11 -76.98 -123.84
N SER N 268 -28.32 -76.63 -123.59
CA SER N 268 -29.47 -77.39 -124.06
C SER N 268 -29.61 -77.44 -125.62
N TRP N 269 -29.35 -76.33 -126.34
CA TRP N 269 -29.34 -76.33 -127.79
C TRP N 269 -28.36 -77.24 -128.37
N HIS N 270 -27.14 -77.13 -127.82
CA HIS N 270 -26.05 -77.89 -128.24
C HIS N 270 -26.29 -79.33 -127.97
N SER N 271 -26.94 -79.77 -126.86
CA SER N 271 -27.34 -81.05 -126.64
C SER N 271 -28.33 -81.47 -127.72
N ALA N 272 -29.27 -80.65 -128.15
CA ALA N 272 -30.27 -80.92 -129.12
C ALA N 272 -29.64 -81.25 -130.47
N GLU N 273 -28.61 -80.42 -130.82
CA GLU N 273 -27.79 -80.58 -131.99
C GLU N 273 -26.99 -81.87 -131.94
N SER N 274 -26.39 -82.24 -130.76
CA SER N 274 -25.60 -83.46 -130.68
C SER N 274 -26.39 -84.68 -130.86
N GLU N 275 -27.58 -84.59 -130.32
CA GLU N 275 -28.69 -85.61 -130.35
C GLU N 275 -29.07 -85.76 -131.80
N LEU N 276 -29.23 -84.64 -132.54
CA LEU N 276 -29.56 -84.68 -133.98
C LEU N 276 -28.62 -85.43 -134.84
N MET N 277 -27.31 -85.20 -134.66
CA MET N 277 -26.16 -85.80 -135.31
C MET N 277 -26.05 -87.28 -135.07
N LYS N 278 -26.32 -87.71 -133.77
CA LYS N 278 -26.35 -89.13 -133.30
C LYS N 278 -27.37 -89.91 -134.02
N LYS N 279 -28.60 -89.37 -134.08
CA LYS N 279 -29.73 -89.97 -134.71
C LYS N 279 -29.52 -89.99 -136.24
N LYS N 280 -29.02 -88.92 -136.86
CA LYS N 280 -28.75 -88.88 -138.30
C LYS N 280 -27.66 -89.90 -138.58
N ALA N 281 -26.56 -89.98 -137.75
CA ALA N 281 -25.45 -90.93 -137.97
C ALA N 281 -25.93 -92.38 -137.89
N ALA N 282 -26.85 -92.68 -136.99
CA ALA N 282 -27.46 -93.98 -136.93
C ALA N 282 -28.16 -94.39 -138.16
N GLN N 283 -28.99 -93.44 -138.78
CA GLN N 283 -29.75 -93.56 -139.99
C GLN N 283 -28.86 -93.91 -141.18
N ASP N 284 -27.72 -93.24 -141.33
CA ASP N 284 -26.68 -93.47 -142.34
C ASP N 284 -26.07 -94.83 -142.29
N LYS N 285 -25.81 -95.32 -141.09
CA LYS N 285 -25.38 -96.70 -140.81
C LYS N 285 -26.43 -97.69 -141.18
N LEU N 286 -27.74 -97.51 -140.88
CA LEU N 286 -28.76 -98.43 -141.26
C LEU N 286 -28.87 -98.55 -142.74
N LEU N 287 -28.72 -97.42 -143.44
CA LEU N 287 -28.65 -97.15 -144.86
C LEU N 287 -27.52 -97.91 -145.63
N ARG N 288 -26.33 -98.08 -144.97
CA ARG N 288 -25.09 -98.67 -145.55
C ARG N 288 -24.96 -100.00 -144.93
N GLN N 289 -25.96 -100.56 -144.23
CA GLN N 289 -26.09 -102.00 -144.36
C GLN N 289 -26.58 -102.48 -145.68
N GLY N 290 -27.59 -101.72 -146.29
CA GLY N 290 -27.86 -101.94 -147.74
C GLY N 290 -29.30 -102.47 -147.98
N LYS N 291 -29.91 -102.89 -146.81
CA LYS N 291 -31.26 -103.38 -146.65
C LYS N 291 -31.43 -102.76 -145.30
N THR N 292 -32.52 -102.02 -145.20
CA THR N 292 -32.95 -101.26 -143.99
C THR N 292 -34.39 -101.65 -144.02
N GLN N 293 -34.91 -102.24 -142.85
CA GLN N 293 -36.39 -102.34 -142.58
C GLN N 293 -37.01 -100.91 -142.57
N GLN N 294 -38.17 -100.80 -143.19
CA GLN N 294 -38.91 -99.62 -143.39
C GLN N 294 -39.49 -99.12 -142.11
N ASP N 295 -39.69 -99.98 -141.11
CA ASP N 295 -40.11 -99.70 -139.79
C ASP N 295 -39.19 -98.74 -139.16
N ARG N 296 -37.88 -99.07 -139.17
CA ARG N 296 -36.92 -98.29 -138.42
C ARG N 296 -36.52 -97.12 -139.20
N LEU N 297 -36.62 -97.12 -140.52
CA LEU N 297 -36.29 -95.98 -141.37
C LEU N 297 -37.27 -94.88 -141.03
N ASN N 298 -38.60 -95.17 -140.94
CA ASN N 298 -39.60 -94.13 -140.53
C ASN N 298 -39.38 -93.75 -139.10
N GLN N 299 -39.20 -94.61 -138.12
CA GLN N 299 -39.03 -94.29 -136.74
C GLN N 299 -37.83 -93.40 -136.38
N VAL N 300 -36.60 -93.78 -136.94
CA VAL N 300 -35.43 -92.99 -136.75
C VAL N 300 -35.57 -91.71 -137.40
N ASN N 301 -36.12 -91.62 -138.63
CA ASN N 301 -36.36 -90.36 -139.36
C ASN N 301 -37.34 -89.43 -138.59
N ALA N 302 -38.38 -89.94 -138.03
CA ALA N 302 -39.34 -89.19 -137.30
C ALA N 302 -38.75 -88.54 -136.19
N GLU N 303 -37.92 -89.21 -135.41
CA GLU N 303 -37.19 -88.73 -134.23
C GLU N 303 -36.20 -87.68 -134.57
N VAL N 304 -35.57 -87.86 -135.72
CA VAL N 304 -34.68 -86.90 -136.40
C VAL N 304 -35.42 -85.63 -136.57
N ILE N 305 -36.72 -85.65 -137.08
CA ILE N 305 -37.47 -84.48 -137.43
C ILE N 305 -37.79 -83.79 -136.12
N ASP N 306 -38.14 -84.50 -134.97
CA ASP N 306 -38.47 -83.94 -133.70
C ASP N 306 -37.23 -83.28 -133.17
N ALA N 307 -36.05 -83.82 -133.36
CA ALA N 307 -34.75 -83.29 -132.97
C ALA N 307 -34.39 -82.04 -133.67
N GLU N 308 -34.74 -82.00 -134.95
CA GLU N 308 -34.62 -80.90 -135.90
C GLU N 308 -35.46 -79.72 -135.43
N ARG N 309 -36.75 -79.94 -134.92
CA ARG N 309 -37.46 -78.89 -134.26
C ARG N 309 -36.86 -78.35 -132.95
N LYS N 310 -36.38 -79.30 -132.13
CA LYS N 310 -35.81 -79.03 -130.91
C LYS N 310 -34.66 -78.16 -131.03
N VAL N 311 -33.78 -78.40 -132.09
CA VAL N 311 -32.70 -77.61 -132.45
C VAL N 311 -33.20 -76.23 -132.85
N HIS N 312 -34.22 -76.20 -133.76
CA HIS N 312 -34.69 -74.87 -134.28
C HIS N 312 -35.28 -74.00 -133.14
N GLN N 313 -36.13 -74.65 -132.32
CA GLN N 313 -36.75 -73.95 -131.25
C GLN N 313 -35.74 -73.49 -130.29
N ALA N 314 -34.77 -74.34 -129.90
CA ALA N 314 -33.76 -74.02 -128.97
C ALA N 314 -32.90 -72.85 -129.38
N ARG N 315 -32.52 -72.81 -130.65
CA ARG N 315 -31.78 -71.68 -131.29
C ARG N 315 -32.63 -70.45 -131.20
N LEU N 316 -33.94 -70.61 -131.55
CA LEU N 316 -34.86 -69.53 -131.58
C LEU N 316 -35.07 -68.83 -130.29
N LEU N 317 -35.32 -69.50 -129.14
CA LEU N 317 -35.45 -68.81 -127.83
C LEU N 317 -34.23 -68.15 -127.29
N PHE N 318 -33.10 -68.83 -127.41
CA PHE N 318 -31.78 -68.44 -127.11
C PHE N 318 -31.35 -67.17 -127.86
N GLU N 319 -31.69 -67.07 -129.15
CA GLU N 319 -31.47 -65.88 -129.96
C GLU N 319 -32.21 -64.72 -129.36
N ASP N 320 -33.48 -64.92 -129.02
CA ASP N 320 -34.34 -63.85 -128.52
C ASP N 320 -33.99 -63.55 -127.16
N MET N 321 -33.38 -64.43 -126.36
CA MET N 321 -32.78 -64.00 -125.02
C MET N 321 -31.72 -63.02 -125.12
N GLY N 322 -30.84 -63.11 -126.14
CA GLY N 322 -29.78 -62.16 -126.36
C GLY N 322 -30.33 -60.89 -126.84
N ARG N 323 -31.36 -60.89 -127.69
CA ARG N 323 -32.01 -59.74 -128.21
C ARG N 323 -32.61 -58.88 -127.09
N LEU N 324 -33.32 -59.50 -126.10
CA LEU N 324 -33.91 -59.01 -124.88
C LEU N 324 -32.89 -58.39 -124.02
N LEU N 325 -31.69 -59.05 -123.93
CA LEU N 325 -30.49 -58.55 -123.23
C LEU N 325 -29.92 -57.27 -123.84
N ARG N 326 -29.90 -57.15 -125.16
CA ARG N 326 -29.54 -55.90 -125.82
C ARG N 326 -30.39 -54.74 -125.47
N SER N 327 -31.75 -54.91 -125.56
CA SER N 327 -32.81 -53.93 -125.33
C SER N 327 -32.60 -53.52 -123.91
N GLU N 328 -32.39 -54.48 -122.95
CA GLU N 328 -32.13 -54.16 -121.59
C GLU N 328 -30.84 -53.41 -121.39
N LEU N 329 -29.74 -53.81 -122.06
CA LEU N 329 -28.47 -53.18 -121.83
C LEU N 329 -28.43 -51.72 -122.11
N ASP N 330 -28.94 -51.27 -123.28
CA ASP N 330 -28.98 -49.79 -123.52
C ASP N 330 -29.87 -49.06 -122.52
N ARG N 331 -31.07 -49.57 -122.02
CA ARG N 331 -31.87 -48.93 -121.02
C ARG N 331 -31.11 -48.69 -119.74
N PHE N 332 -30.43 -49.79 -119.34
CA PHE N 332 -29.73 -49.89 -118.09
C PHE N 332 -28.62 -48.87 -118.01
N GLU N 333 -27.85 -48.73 -119.09
CA GLU N 333 -26.73 -47.94 -119.25
C GLU N 333 -27.14 -46.41 -119.08
N ARG N 334 -28.23 -45.98 -119.73
CA ARG N 334 -28.73 -44.62 -119.64
C ARG N 334 -29.12 -44.31 -118.24
N GLU N 335 -29.80 -45.32 -117.59
CA GLU N 335 -30.24 -45.25 -116.22
C GLU N 335 -29.09 -44.87 -115.26
N LYS N 336 -27.91 -45.51 -115.42
CA LYS N 336 -26.88 -45.44 -114.47
C LYS N 336 -26.43 -43.98 -114.29
N VAL N 337 -26.36 -43.24 -115.48
CA VAL N 337 -26.00 -41.84 -115.58
C VAL N 337 -26.94 -40.89 -114.79
N GLU N 338 -28.27 -41.24 -114.85
CA GLU N 338 -29.32 -40.39 -114.32
C GLU N 338 -29.18 -40.36 -112.79
N ASP N 339 -28.91 -41.58 -112.24
CA ASP N 339 -28.74 -41.75 -110.82
C ASP N 339 -27.59 -40.96 -110.30
N PHE N 340 -26.48 -40.88 -111.07
CA PHE N 340 -25.26 -40.31 -110.49
C PHE N 340 -25.40 -38.85 -110.72
N LYS N 341 -26.24 -38.38 -111.63
CA LYS N 341 -26.48 -36.99 -111.70
C LYS N 341 -27.27 -36.49 -110.51
N SER N 342 -28.34 -37.25 -110.13
CA SER N 342 -29.09 -36.94 -108.88
C SER N 342 -28.28 -37.05 -107.64
N GLY N 343 -27.40 -38.07 -107.57
CA GLY N 343 -26.23 -38.22 -106.70
C GLY N 343 -25.37 -37.08 -106.52
N VAL N 344 -24.89 -36.50 -107.66
CA VAL N 344 -24.13 -35.25 -107.75
C VAL N 344 -24.94 -34.07 -107.31
N GLU N 345 -26.25 -34.00 -107.65
CA GLU N 345 -27.16 -32.98 -107.10
C GLU N 345 -27.26 -32.99 -105.57
N THR N 346 -27.33 -34.15 -104.88
CA THR N 346 -27.36 -34.25 -103.43
C THR N 346 -26.10 -33.68 -102.84
N PHE N 347 -24.95 -33.92 -103.42
CA PHE N 347 -23.67 -33.35 -103.02
C PHE N 347 -23.68 -31.86 -103.10
N LEU N 348 -24.18 -31.32 -104.30
CA LEU N 348 -24.24 -29.94 -104.59
C LEU N 348 -25.03 -29.21 -103.50
N GLU N 349 -26.28 -29.66 -103.17
CA GLU N 349 -27.12 -28.97 -102.19
C GLU N 349 -26.44 -28.92 -100.80
N SER N 350 -25.78 -29.99 -100.39
CA SER N 350 -25.08 -30.05 -99.06
C SER N 350 -23.93 -29.06 -98.94
N ALA N 351 -23.15 -28.97 -100.05
CA ALA N 351 -21.90 -28.15 -100.14
C ALA N 351 -22.21 -26.71 -100.00
N VAL N 352 -23.24 -26.24 -100.77
CA VAL N 352 -23.65 -24.87 -100.74
C VAL N 352 -24.28 -24.49 -99.34
N GLU N 353 -25.04 -25.42 -98.79
CA GLU N 353 -25.74 -25.28 -97.49
C GLU N 353 -24.78 -25.15 -96.36
N ALA N 354 -23.65 -25.92 -96.43
CA ALA N 354 -22.51 -25.89 -95.57
C ALA N 354 -21.82 -24.58 -95.53
N GLN N 355 -21.66 -23.98 -96.73
CA GLN N 355 -21.02 -22.66 -96.74
C GLN N 355 -21.93 -21.52 -96.23
N LYS N 356 -23.22 -21.60 -96.47
CA LYS N 356 -24.11 -20.66 -95.90
C LYS N 356 -24.08 -20.81 -94.41
N GLU N 357 -24.14 -22.07 -93.88
CA GLU N 357 -24.24 -22.32 -92.46
C GLU N 357 -23.02 -21.71 -91.77
N LEU N 358 -21.81 -21.87 -92.36
CA LEU N 358 -20.56 -21.36 -92.01
C LEU N 358 -20.57 -19.84 -92.02
N ILE N 359 -21.19 -19.09 -92.96
CA ILE N 359 -21.29 -17.60 -92.97
C ILE N 359 -22.03 -17.19 -91.77
N GLU N 360 -23.16 -17.95 -91.46
CA GLU N 360 -23.91 -17.66 -90.23
C GLU N 360 -23.04 -17.88 -88.97
N LYS N 361 -22.18 -18.93 -88.91
CA LYS N 361 -21.25 -19.17 -87.80
C LYS N 361 -20.30 -18.02 -87.68
N TRP N 362 -19.80 -17.57 -88.85
CA TRP N 362 -18.94 -16.42 -88.87
C TRP N 362 -19.54 -15.17 -88.33
N GLU N 363 -20.84 -14.93 -88.73
CA GLU N 363 -21.55 -13.75 -88.30
C GLU N 363 -21.70 -13.66 -86.81
N THR N 364 -22.05 -14.79 -86.18
CA THR N 364 -22.27 -14.93 -84.71
C THR N 364 -21.13 -14.41 -83.95
N PHE N 365 -19.85 -14.58 -84.36
CA PHE N 365 -18.73 -14.24 -83.58
C PHE N 365 -18.18 -12.91 -83.98
N LEU N 366 -18.67 -12.27 -85.08
CA LEU N 366 -18.49 -10.84 -85.33
C LEU N 366 -19.31 -10.07 -84.29
N MET N 367 -20.56 -10.53 -84.03
CA MET N 367 -21.48 -9.83 -83.15
C MET N 367 -21.07 -10.04 -81.72
N GLN N 368 -20.17 -11.11 -81.42
CA GLN N 368 -19.54 -11.07 -80.12
C GLN N 368 -18.19 -10.33 -80.28
N ALA O 1 5.74 -24.03 -122.25
CA ALA O 1 5.46 -25.17 -121.37
C ALA O 1 6.73 -25.83 -121.00
N ARG O 2 7.54 -26.26 -122.00
CA ARG O 2 8.81 -26.88 -121.73
C ARG O 2 9.75 -26.04 -120.95
N PRO O 3 10.13 -24.86 -121.35
CA PRO O 3 10.83 -24.01 -120.45
C PRO O 3 9.87 -23.50 -119.40
N THR O 4 8.53 -23.48 -119.65
CA THR O 4 7.51 -22.95 -118.78
C THR O 4 6.99 -23.99 -117.82
N PHE O 5 7.93 -24.32 -116.97
CA PHE O 5 7.99 -25.34 -116.00
C PHE O 5 8.48 -24.49 -114.87
N HIS O 6 7.90 -24.56 -113.66
CA HIS O 6 8.25 -23.67 -112.58
C HIS O 6 8.61 -24.52 -111.38
N ILE O 7 9.75 -24.23 -110.75
CA ILE O 7 10.40 -25.17 -109.88
C ILE O 7 10.84 -24.41 -108.69
N THR O 8 10.49 -24.88 -107.49
CA THR O 8 11.03 -24.31 -106.32
C THR O 8 11.56 -25.56 -105.73
N VAL O 9 12.76 -25.45 -105.11
CA VAL O 9 13.41 -26.54 -104.46
C VAL O 9 13.58 -25.89 -103.14
N GLY O 10 12.96 -26.43 -102.08
CA GLY O 10 12.92 -25.68 -100.87
C GLY O 10 13.06 -26.68 -99.83
N ASP O 11 12.60 -26.24 -98.66
CA ASP O 11 12.25 -27.09 -97.56
C ASP O 11 13.35 -28.01 -97.21
N PRO O 12 14.37 -27.53 -96.56
CA PRO O 12 15.60 -28.22 -96.51
C PRO O 12 15.44 -29.11 -95.33
N HIS O 13 14.78 -30.27 -95.54
CA HIS O 13 14.50 -31.28 -94.59
C HIS O 13 15.75 -31.96 -94.58
N LYS O 14 16.68 -31.37 -93.83
CA LYS O 14 18.01 -31.77 -93.95
C LYS O 14 17.98 -32.66 -92.84
N VAL O 15 18.08 -33.95 -93.21
CA VAL O 15 18.08 -34.96 -92.24
C VAL O 15 19.33 -34.70 -91.51
N GLY O 16 19.18 -34.60 -90.17
CA GLY O 16 20.19 -34.22 -89.19
C GLY O 16 21.33 -35.19 -89.22
N ASP O 17 22.53 -34.78 -88.74
CA ASP O 17 23.79 -35.51 -88.74
C ASP O 17 23.81 -37.04 -88.80
N LEU O 18 24.76 -37.57 -89.61
CA LEU O 18 25.14 -38.96 -89.76
C LEU O 18 26.55 -38.89 -90.31
N ALA O 19 27.00 -37.68 -90.73
CA ALA O 19 28.27 -37.38 -91.37
C ALA O 19 28.20 -37.65 -92.85
N THR O 20 26.97 -37.76 -93.42
CA THR O 20 26.76 -38.17 -94.80
C THR O 20 25.31 -37.97 -95.13
N SER O 21 24.52 -37.43 -94.17
CA SER O 21 23.07 -37.27 -94.17
C SER O 21 22.52 -36.41 -95.31
N HIS O 22 21.25 -36.66 -95.70
CA HIS O 22 20.91 -36.33 -97.02
C HIS O 22 19.69 -35.53 -96.82
N ILE O 23 19.76 -34.37 -97.43
CA ILE O 23 18.81 -33.32 -97.43
C ILE O 23 17.78 -33.71 -98.37
N VAL O 24 16.56 -33.37 -97.97
CA VAL O 24 15.47 -33.80 -98.69
C VAL O 24 14.86 -32.48 -98.81
N TYR O 25 14.44 -32.23 -100.04
CA TYR O 25 14.00 -30.95 -100.46
C TYR O 25 12.65 -31.19 -100.89
N SER O 26 11.73 -30.27 -100.62
CA SER O 26 10.60 -30.17 -101.49
C SER O 26 11.07 -29.87 -102.87
N VAL O 27 10.43 -30.47 -103.84
CA VAL O 27 10.64 -30.12 -105.17
C VAL O 27 9.28 -29.84 -105.45
N ARG O 28 8.97 -28.61 -105.76
CA ARG O 28 7.68 -28.24 -106.09
C ARG O 28 7.93 -27.94 -107.45
N THR O 29 7.09 -28.50 -108.26
CA THR O 29 7.05 -28.23 -109.62
C THR O 29 5.76 -27.53 -109.51
N LYS O 30 5.64 -26.30 -110.01
CA LYS O 30 4.39 -25.68 -110.32
C LYS O 30 4.70 -25.68 -111.75
N THR O 31 3.84 -26.11 -112.62
CA THR O 31 4.30 -26.26 -113.93
C THR O 31 3.09 -26.05 -114.68
N THR O 32 3.22 -25.22 -115.70
CA THR O 32 2.20 -25.05 -116.65
C THR O 32 2.58 -25.93 -117.77
N SER O 33 3.74 -26.61 -117.65
CA SER O 33 4.21 -27.46 -118.67
C SER O 33 3.24 -28.57 -118.81
N LYS O 34 3.03 -28.97 -120.06
CA LYS O 34 2.19 -30.07 -120.44
C LYS O 34 3.12 -31.24 -120.60
N ALA O 35 4.42 -31.09 -120.20
CA ALA O 35 5.35 -32.16 -119.98
C ALA O 35 5.39 -32.50 -118.52
N TYR O 36 4.47 -31.92 -117.71
CA TYR O 36 4.36 -32.26 -116.32
C TYR O 36 2.93 -32.20 -115.95
N LYS O 37 2.45 -33.42 -115.61
CA LYS O 37 1.11 -33.86 -115.23
C LYS O 37 0.40 -32.83 -114.42
N GLN O 38 0.85 -32.74 -113.17
CA GLN O 38 0.42 -31.91 -112.11
C GLN O 38 0.68 -30.51 -112.51
N PRO O 39 -0.21 -29.56 -112.39
CA PRO O 39 0.15 -28.16 -112.35
C PRO O 39 0.94 -27.83 -111.13
N GLU O 40 0.86 -28.62 -110.03
CA GLU O 40 1.79 -28.46 -108.94
C GLU O 40 1.98 -29.84 -108.45
N PHE O 41 3.23 -30.24 -108.21
CA PHE O 41 3.44 -31.35 -107.39
C PHE O 41 4.59 -31.04 -106.57
N GLU O 42 4.57 -31.56 -105.36
CA GLU O 42 5.72 -31.55 -104.56
C GLU O 42 6.15 -32.88 -104.20
N VAL O 43 7.46 -33.13 -104.32
CA VAL O 43 8.01 -34.38 -103.99
C VAL O 43 9.09 -34.00 -103.09
N LYS O 44 9.72 -34.96 -102.43
CA LYS O 44 10.61 -34.56 -101.38
C LYS O 44 11.76 -35.41 -101.53
N ARG O 45 12.62 -34.98 -102.44
CA ARG O 45 13.63 -35.84 -102.89
C ARG O 45 14.81 -35.68 -102.14
N ARG O 46 15.58 -36.77 -102.09
CA ARG O 46 16.77 -36.85 -101.34
C ARG O 46 17.80 -37.03 -102.33
N TYR O 47 19.01 -36.64 -101.91
CA TYR O 47 20.13 -36.36 -102.76
C TYR O 47 20.42 -37.45 -103.75
N ARG O 48 20.36 -38.66 -103.22
CA ARG O 48 20.62 -39.90 -103.85
C ARG O 48 19.70 -40.19 -105.01
N ASP O 49 18.45 -39.77 -104.84
CA ASP O 49 17.44 -39.97 -105.82
C ASP O 49 17.72 -39.19 -107.03
N PHE O 50 18.06 -37.93 -106.80
CA PHE O 50 18.43 -37.03 -107.84
C PHE O 50 19.64 -37.37 -108.60
N LEU O 51 20.67 -37.83 -107.91
CA LEU O 51 21.91 -38.11 -108.57
C LEU O 51 21.73 -39.17 -109.51
N TRP O 52 21.03 -40.21 -109.03
CA TRP O 52 20.59 -41.25 -109.87
C TRP O 52 19.82 -40.70 -110.97
N LEU O 53 18.84 -39.86 -110.67
CA LEU O 53 17.91 -39.39 -111.62
C LEU O 53 18.62 -38.72 -112.70
N TYR O 54 19.58 -37.92 -112.32
CA TYR O 54 20.38 -37.14 -113.14
C TYR O 54 21.07 -38.04 -114.13
N ASN O 55 21.55 -39.14 -113.60
CA ASN O 55 22.13 -40.20 -114.32
C ASN O 55 21.12 -40.78 -115.21
N THR O 56 19.86 -40.91 -114.80
CA THR O 56 18.79 -41.47 -115.58
C THR O 56 18.62 -40.67 -116.78
N LEU O 57 18.62 -39.34 -116.63
CA LEU O 57 18.50 -38.41 -117.70
C LEU O 57 19.60 -38.69 -118.61
N HIS O 58 20.76 -38.97 -118.02
CA HIS O 58 21.91 -39.30 -118.77
C HIS O 58 21.62 -40.52 -119.60
N SER O 59 20.98 -41.52 -119.00
CA SER O 59 20.70 -42.81 -119.55
C SER O 59 19.64 -42.84 -120.59
N ASN O 60 18.77 -41.83 -120.70
CA ASN O 60 17.62 -42.02 -121.55
C ASN O 60 17.81 -41.18 -122.72
N ASN O 61 18.92 -40.45 -122.68
CA ASN O 61 19.17 -39.45 -123.62
C ASN O 61 20.56 -39.81 -124.02
N PRO O 62 20.75 -40.39 -125.20
CA PRO O 62 21.96 -41.12 -125.62
C PRO O 62 23.23 -40.37 -125.91
N GLY O 63 23.19 -39.07 -125.88
CA GLY O 63 24.31 -38.24 -126.20
C GLY O 63 23.74 -36.95 -125.91
N VAL O 64 22.40 -36.88 -126.19
CA VAL O 64 21.44 -35.91 -125.86
C VAL O 64 21.60 -35.68 -124.41
N VAL O 65 22.07 -34.46 -124.15
CA VAL O 65 22.68 -33.88 -123.00
C VAL O 65 22.13 -34.33 -121.69
N VAL O 66 22.88 -33.91 -120.68
CA VAL O 66 22.60 -34.07 -119.33
C VAL O 66 23.62 -33.16 -118.80
N PRO O 67 23.13 -32.11 -118.17
CA PRO O 67 23.98 -31.02 -117.80
C PRO O 67 24.62 -31.54 -116.57
N PRO O 68 25.40 -30.79 -115.98
CA PRO O 68 25.87 -31.17 -114.17
C PRO O 68 24.60 -31.65 -113.24
N PRO O 69 24.74 -32.47 -112.18
CA PRO O 69 23.69 -32.92 -111.19
C PRO O 69 23.13 -31.96 -110.09
N PRO O 70 22.45 -32.44 -109.01
CA PRO O 70 22.53 -31.93 -107.63
C PRO O 70 23.96 -31.92 -107.12
N GLU O 71 24.38 -30.90 -106.36
CA GLU O 71 25.71 -30.72 -105.84
C GLU O 71 26.26 -31.79 -104.98
N LYS O 72 27.53 -32.12 -105.38
CA LYS O 72 28.56 -32.93 -104.80
C LYS O 72 29.02 -32.56 -103.45
N GLN O 73 29.22 -33.63 -102.69
CA GLN O 73 29.67 -33.58 -101.36
C GLN O 73 31.13 -33.89 -101.42
N ALA O 74 31.65 -34.31 -102.61
CA ALA O 74 33.06 -34.45 -102.97
C ALA O 74 33.95 -33.27 -102.72
N VAL O 75 33.41 -32.20 -102.16
CA VAL O 75 34.16 -31.11 -101.63
C VAL O 75 33.25 -30.54 -100.62
N GLY O 76 31.90 -30.71 -100.83
CA GLY O 76 30.84 -30.27 -99.98
C GLY O 76 30.96 -30.93 -98.66
N ARG O 77 30.33 -30.38 -97.62
CA ARG O 77 30.35 -31.04 -96.36
C ARG O 77 28.99 -31.53 -96.26
N PHE O 78 28.13 -30.68 -95.72
CA PHE O 78 26.75 -30.94 -95.61
C PHE O 78 26.20 -29.57 -95.36
N GLU O 79 27.04 -28.55 -95.61
CA GLU O 79 26.82 -27.17 -95.29
C GLU O 79 25.56 -26.70 -95.92
N SER O 80 24.85 -25.75 -95.29
CA SER O 80 23.60 -25.20 -95.78
C SER O 80 23.80 -24.69 -97.16
N ASN O 81 24.98 -24.11 -97.35
CA ASN O 81 25.53 -23.60 -98.55
C ASN O 81 25.75 -24.68 -99.53
N PHE O 82 26.34 -25.80 -99.10
CA PHE O 82 26.64 -26.93 -99.90
C PHE O 82 25.38 -27.58 -100.39
N VAL O 83 24.44 -27.75 -99.47
CA VAL O 83 23.20 -28.33 -99.72
C VAL O 83 22.46 -27.39 -100.56
N GLU O 84 22.65 -26.10 -100.37
CA GLU O 84 22.11 -25.09 -101.19
C GLU O 84 22.68 -25.28 -102.52
N SER O 85 23.96 -25.55 -102.64
CA SER O 85 24.55 -25.76 -103.90
C SER O 85 23.90 -26.89 -104.53
N ARG O 86 23.57 -27.91 -103.77
CA ARG O 86 22.90 -29.03 -104.26
C ARG O 86 21.57 -28.75 -104.78
N ARG O 87 20.85 -27.96 -104.03
CA ARG O 87 19.53 -27.47 -104.23
C ARG O 87 19.50 -26.69 -105.48
N ALA O 88 20.47 -25.80 -105.60
CA ALA O 88 20.73 -24.96 -106.69
C ALA O 88 21.09 -25.77 -107.88
N ALA O 89 21.92 -26.79 -107.67
CA ALA O 89 22.53 -27.57 -108.70
C ALA O 89 21.55 -28.34 -109.39
N LEU O 90 20.62 -28.79 -108.59
CA LEU O 90 19.45 -29.34 -109.07
C LEU O 90 18.66 -28.34 -109.72
N GLU O 91 18.52 -27.17 -109.11
CA GLU O 91 17.58 -26.23 -109.61
C GLU O 91 17.93 -25.91 -110.97
N LYS O 92 19.18 -25.68 -111.17
CA LYS O 92 19.79 -25.43 -112.38
C LYS O 92 19.68 -26.51 -113.35
N MET O 93 19.95 -27.73 -112.89
CA MET O 93 20.04 -28.86 -113.74
C MET O 93 18.73 -29.08 -114.33
N LEU O 94 17.76 -29.00 -113.43
CA LEU O 94 16.37 -29.11 -113.63
C LEU O 94 15.85 -28.03 -114.47
N ASN O 95 16.30 -26.82 -114.22
CA ASN O 95 15.83 -25.65 -114.86
C ASN O 95 16.06 -25.78 -116.30
N LYS O 96 17.29 -26.17 -116.60
CA LYS O 96 17.70 -26.21 -117.95
C LYS O 96 17.06 -27.26 -118.69
N ILE O 97 17.01 -28.42 -118.05
CA ILE O 97 16.45 -29.58 -118.60
C ILE O 97 15.07 -29.32 -118.84
N ALA O 98 14.36 -28.61 -117.99
CA ALA O 98 13.05 -28.27 -118.33
C ALA O 98 12.98 -27.38 -119.52
N ALA O 99 13.91 -26.43 -119.67
CA ALA O 99 13.90 -25.65 -120.87
C ALA O 99 14.66 -26.28 -121.94
N HIS O 100 14.74 -27.60 -121.89
CA HIS O 100 15.11 -28.39 -122.98
C HIS O 100 14.00 -29.30 -123.01
N PRO O 101 13.20 -29.34 -123.99
CA PRO O 101 12.05 -30.19 -123.92
C PRO O 101 12.32 -31.67 -123.63
N THR O 102 13.39 -32.29 -124.21
CA THR O 102 13.72 -33.72 -124.08
C THR O 102 14.04 -34.30 -122.73
N LEU O 103 14.92 -33.63 -121.97
CA LEU O 103 15.36 -34.13 -120.70
C LEU O 103 14.26 -33.98 -119.74
N GLN O 104 13.41 -32.98 -120.01
CA GLN O 104 12.20 -32.72 -119.31
C GLN O 104 11.16 -33.78 -119.58
N LEU O 105 11.34 -34.57 -120.66
CA LEU O 105 10.42 -35.61 -121.02
C LEU O 105 10.71 -36.88 -120.37
N ASP O 106 11.82 -37.04 -119.63
CA ASP O 106 12.07 -38.31 -119.00
C ASP O 106 10.91 -38.60 -118.04
N ALA O 107 10.26 -39.76 -118.25
CA ALA O 107 9.04 -40.16 -117.59
C ALA O 107 9.28 -40.38 -116.16
N ASP O 108 10.49 -40.87 -115.83
CA ASP O 108 10.90 -41.10 -114.48
C ASP O 108 10.84 -39.81 -113.84
N LEU O 109 11.39 -38.80 -114.51
CA LEU O 109 11.42 -37.45 -114.09
C LEU O 109 10.05 -36.87 -113.90
N LYS O 110 9.08 -37.19 -114.76
CA LYS O 110 7.76 -36.70 -114.50
C LYS O 110 7.23 -37.24 -113.27
N LEU O 111 7.34 -38.54 -113.10
CA LEU O 111 6.91 -39.22 -111.93
C LEU O 111 7.69 -38.80 -110.72
N PHE O 112 8.97 -38.56 -110.85
CA PHE O 112 9.87 -38.12 -109.84
C PHE O 112 9.51 -36.82 -109.20
N LEU O 113 9.06 -35.86 -110.01
CA LEU O 113 8.89 -34.48 -109.65
C LEU O 113 7.52 -34.28 -109.25
N GLU O 114 6.71 -35.23 -109.73
CA GLU O 114 5.33 -35.20 -109.62
C GLU O 114 4.81 -36.30 -108.84
N SER O 115 5.70 -36.96 -108.09
CA SER O 115 5.32 -37.96 -107.13
C SER O 115 6.47 -38.00 -106.19
N GLU O 116 6.23 -38.07 -104.86
CA GLU O 116 7.27 -38.37 -103.91
C GLU O 116 7.25 -39.85 -103.64
N SER O 117 8.27 -40.60 -104.12
CA SER O 117 8.56 -41.92 -103.60
C SER O 117 9.95 -42.29 -103.94
N PHE O 118 10.60 -41.39 -104.67
CA PHE O 118 11.95 -41.40 -105.12
C PHE O 118 11.99 -42.05 -106.45
N ASN O 119 13.15 -41.89 -107.11
CA ASN O 119 13.40 -42.14 -108.51
C ASN O 119 13.22 -43.57 -108.81
N ILE O 120 13.56 -44.35 -107.77
CA ILE O 120 13.67 -45.76 -107.78
C ILE O 120 12.42 -46.48 -108.09
N ASP O 121 11.33 -46.18 -107.36
CA ASP O 121 10.20 -47.05 -107.51
C ASP O 121 9.43 -46.65 -108.70
N VAL O 122 9.67 -45.40 -109.11
CA VAL O 122 9.25 -44.83 -110.35
C VAL O 122 9.92 -45.56 -111.45
N LYS O 123 11.21 -45.83 -111.27
CA LYS O 123 11.95 -46.46 -112.30
C LYS O 123 11.65 -47.88 -112.51
N HIS O 124 11.13 -48.59 -111.50
CA HIS O 124 10.65 -49.90 -111.83
C HIS O 124 9.45 -49.83 -112.61
N LYS O 125 8.56 -49.00 -112.10
CA LYS O 125 7.24 -48.87 -112.58
C LYS O 125 7.20 -48.50 -114.00
N GLU O 126 8.07 -47.59 -114.42
CA GLU O 126 8.09 -47.26 -115.80
C GLU O 126 8.46 -48.32 -116.80
N ARG O 127 9.48 -49.21 -116.66
CA ARG O 127 9.67 -50.16 -117.77
C ARG O 127 8.77 -51.35 -117.66
N LYS O 128 7.64 -51.13 -116.95
CA LYS O 128 6.64 -52.05 -116.55
C LYS O 128 7.31 -53.16 -115.84
N GLU O 129 8.02 -52.81 -114.74
CA GLU O 129 8.77 -53.81 -114.03
C GLU O 129 9.14 -53.31 -112.64
N ALA P 1 -38.68 -16.86 -76.93
CA ALA P 1 -37.56 -17.80 -76.73
C ALA P 1 -38.04 -18.99 -75.99
N ARG P 2 -38.65 -18.81 -74.80
CA ARG P 2 -39.17 -19.91 -74.03
C ARG P 2 -40.19 -20.70 -74.75
N PRO P 3 -41.29 -20.20 -75.21
CA PRO P 3 -42.11 -20.97 -76.12
C PRO P 3 -41.40 -21.10 -77.44
N THR P 4 -40.47 -20.17 -77.80
CA THR P 4 -39.79 -20.11 -79.08
C THR P 4 -38.53 -20.94 -79.09
N PHE P 5 -38.83 -22.21 -79.00
CA PHE P 5 -38.01 -23.34 -78.81
C PHE P 5 -38.61 -24.18 -79.89
N HIS P 6 -37.81 -24.84 -80.76
CA HIS P 6 -38.34 -25.54 -81.91
C HIS P 6 -37.80 -26.95 -81.87
N ILE P 7 -38.69 -27.95 -82.01
CA ILE P 7 -38.39 -29.30 -81.60
C ILE P 7 -38.90 -30.17 -82.68
N THR P 8 -38.02 -31.07 -83.18
CA THR P 8 -38.49 -32.06 -84.07
C THR P 8 -37.99 -33.24 -83.33
N VAL P 9 -38.80 -34.31 -83.32
CA VAL P 9 -38.49 -35.54 -82.67
C VAL P 9 -38.66 -36.43 -83.85
N GLY P 10 -37.61 -37.10 -84.30
CA GLY P 10 -37.71 -37.75 -85.57
C GLY P 10 -36.96 -38.97 -85.40
N ASP P 11 -36.57 -39.48 -86.58
CA ASP P 11 -35.53 -40.44 -86.74
C ASP P 11 -35.72 -41.61 -85.87
N PRO P 12 -36.62 -42.49 -86.22
CA PRO P 12 -37.12 -43.43 -85.29
C PRO P 12 -36.17 -44.56 -85.40
N HIS P 13 -35.02 -44.45 -84.69
CA HIS P 13 -33.96 -45.38 -84.61
C HIS P 13 -34.52 -46.30 -83.67
N LYS P 14 -35.38 -47.16 -84.19
CA LYS P 14 -36.18 -47.92 -83.33
C LYS P 14 -35.34 -49.07 -83.35
N VAL P 15 -34.74 -49.28 -82.17
CA VAL P 15 -33.88 -50.39 -81.99
C VAL P 15 -34.81 -51.54 -82.16
N GLY P 16 -34.42 -52.45 -83.06
CA GLY P 16 -35.16 -53.62 -83.53
C GLY P 16 -35.46 -54.53 -82.39
N ASP P 17 -36.49 -55.39 -82.52
CA ASP P 17 -37.02 -56.32 -81.53
C ASP P 17 -36.12 -56.83 -80.38
N LEU P 18 -36.74 -56.89 -79.17
CA LEU P 18 -36.23 -57.47 -77.94
C LEU P 18 -37.48 -57.78 -77.15
N ALA P 19 -38.65 -57.27 -77.60
CA ALA P 19 -39.96 -57.35 -76.98
C ALA P 19 -40.12 -56.26 -75.94
N THR P 20 -39.26 -55.21 -75.98
CA THR P 20 -39.22 -54.18 -74.96
C THR P 20 -38.32 -53.07 -75.46
N SER P 21 -37.79 -53.22 -76.69
CA SER P 21 -36.79 -52.38 -77.35
C SER P 21 -37.18 -50.90 -77.50
N HIS P 22 -36.16 -50.01 -77.58
CA HIS P 22 -36.44 -48.69 -77.16
C HIS P 22 -35.93 -47.93 -78.31
N ILE P 23 -36.84 -47.09 -78.77
CA ILE P 23 -36.74 -46.21 -79.88
C ILE P 23 -35.96 -45.08 -79.43
N VAL P 24 -35.14 -44.61 -80.36
CA VAL P 24 -34.24 -43.63 -80.05
C VAL P 24 -34.60 -42.76 -81.15
N TYR P 25 -34.75 -41.50 -80.75
CA TYR P 25 -35.27 -40.48 -81.61
C TYR P 25 -34.22 -39.52 -81.67
N SER P 26 -34.00 -38.92 -82.84
CA SER P 26 -33.43 -37.61 -82.83
C SER P 26 -34.31 -36.69 -82.06
N VAL P 27 -33.71 -35.80 -81.31
CA VAL P 27 -34.42 -34.77 -80.69
C VAL P 27 -33.62 -33.74 -81.25
N ARG P 28 -34.21 -32.90 -82.06
CA ARG P 28 -33.53 -31.83 -82.62
C ARG P 28 -34.25 -30.81 -81.95
N THR P 29 -33.48 -29.94 -81.37
CA THR P 29 -33.94 -28.77 -80.80
C THR P 29 -33.37 -27.93 -81.84
N LYS P 30 -34.13 -27.04 -82.48
CA LYS P 30 -33.64 -25.92 -83.22
C LYS P 30 -34.24 -24.99 -82.26
N THR P 31 -33.55 -24.01 -81.77
CA THR P 31 -34.14 -23.29 -80.73
C THR P 31 -33.52 -22.01 -80.88
N THR P 32 -34.38 -21.00 -80.84
CA THR P 32 -33.95 -19.66 -80.78
C THR P 32 -34.01 -19.31 -79.36
N SER P 33 -34.46 -20.25 -78.51
CA SER P 33 -34.56 -20.02 -77.11
C SER P 33 -33.18 -19.78 -76.61
N LYS P 34 -33.11 -18.85 -75.66
CA LYS P 34 -31.91 -18.48 -74.95
C LYS P 34 -31.96 -19.27 -73.67
N ALA P 35 -32.93 -20.22 -73.54
CA ALA P 35 -32.94 -21.25 -72.53
C ALA P 35 -32.41 -22.52 -73.13
N TYR P 36 -31.85 -22.45 -74.37
CA TYR P 36 -31.20 -23.58 -74.98
C TYR P 36 -30.05 -23.08 -75.76
N LYS P 37 -28.86 -23.51 -75.26
CA LYS P 37 -27.50 -23.26 -75.66
C LYS P 37 -27.36 -23.14 -77.15
N GLN P 38 -27.44 -24.32 -77.78
CA GLN P 38 -27.34 -24.60 -79.15
C GLN P 38 -28.49 -23.95 -79.84
N PRO P 39 -28.35 -23.23 -80.93
CA PRO P 39 -29.45 -22.97 -81.81
C PRO P 39 -29.93 -24.22 -82.48
N GLU P 40 -29.12 -25.29 -82.57
CA GLU P 40 -29.64 -26.57 -82.98
C GLU P 40 -28.84 -27.54 -82.20
N PHE P 41 -29.50 -28.53 -81.59
CA PHE P 41 -28.78 -29.66 -81.20
C PHE P 41 -29.63 -30.79 -81.47
N GLU P 42 -28.99 -31.90 -81.80
CA GLU P 42 -29.67 -33.11 -81.86
C GLU P 42 -29.10 -34.10 -80.95
N VAL P 43 -29.99 -34.78 -80.21
CA VAL P 43 -29.56 -35.77 -79.30
C VAL P 43 -30.38 -36.91 -79.70
N LYS P 44 -30.13 -38.10 -79.17
CA LYS P 44 -30.78 -39.23 -79.72
C LYS P 44 -31.18 -40.03 -78.59
N ARG P 45 -32.32 -39.64 -78.05
CA ARG P 45 -32.69 -40.12 -76.79
C ARG P 45 -33.49 -41.28 -76.92
N ARG P 46 -33.41 -42.10 -75.87
CA ARG P 46 -34.07 -43.34 -75.81
C ARG P 46 -35.01 -43.19 -74.71
N TYR P 47 -36.05 -44.03 -74.79
CA TYR P 47 -37.28 -43.87 -74.07
C TYR P 47 -37.11 -43.65 -72.60
N ARG P 48 -36.19 -44.45 -72.07
CA ARG P 48 -35.82 -44.53 -70.71
C ARG P 48 -35.25 -43.25 -70.17
N ASP P 49 -34.49 -42.56 -71.03
CA ASP P 49 -33.86 -41.34 -70.69
C ASP P 49 -34.85 -40.29 -70.45
N PHE P 50 -35.80 -40.21 -71.36
CA PHE P 50 -36.88 -39.29 -71.25
C PHE P 50 -37.79 -39.46 -70.13
N LEU P 51 -38.12 -40.71 -69.81
CA LEU P 51 -39.06 -40.95 -68.77
C LEU P 51 -38.54 -40.51 -67.51
N TRP P 52 -37.26 -40.86 -67.30
CA TRP P 52 -36.52 -40.36 -66.22
C TRP P 52 -36.53 -38.90 -66.27
N LEU P 53 -36.21 -38.32 -67.41
CA LEU P 53 -36.04 -36.92 -67.54
C LEU P 53 -37.25 -36.23 -67.13
N TYR P 54 -38.36 -36.76 -67.57
CA TYR P 54 -39.64 -36.28 -67.35
C TYR P 54 -39.89 -36.20 -65.88
N ASN P 55 -39.47 -37.24 -65.21
CA ASN P 55 -39.44 -37.37 -63.81
C ASN P 55 -38.55 -36.35 -63.25
N THR P 56 -37.41 -36.05 -63.86
CA THR P 56 -36.47 -35.06 -63.41
C THR P 56 -37.11 -33.77 -63.35
N LEU P 57 -37.88 -33.43 -64.38
CA LEU P 57 -38.62 -32.21 -64.47
C LEU P 57 -39.52 -32.19 -63.33
N HIS P 58 -40.09 -33.36 -63.04
CA HIS P 58 -40.94 -33.51 -61.94
C HIS P 58 -40.20 -33.15 -60.68
N SER P 59 -38.97 -33.62 -60.56
CA SER P 59 -38.12 -33.50 -59.41
C SER P 59 -37.57 -32.14 -59.17
N ASN P 60 -37.54 -31.25 -60.16
CA ASN P 60 -36.77 -30.04 -59.95
C ASN P 60 -37.71 -28.94 -59.80
N ASN P 61 -38.98 -29.31 -59.94
CA ASN P 61 -40.00 -28.37 -60.02
C ASN P 61 -40.95 -28.93 -58.99
N PRO P 62 -41.05 -28.32 -57.82
CA PRO P 62 -41.64 -28.90 -56.60
C PRO P 62 -43.13 -29.10 -56.50
N GLY P 63 -43.87 -28.63 -57.47
CA GLY P 63 -45.29 -28.69 -57.46
C GLY P 63 -45.56 -28.16 -58.78
N VAL P 64 -44.65 -27.22 -59.16
CA VAL P 64 -44.42 -26.62 -60.42
C VAL P 64 -44.31 -27.73 -61.37
N VAL P 65 -45.33 -27.76 -62.23
CA VAL P 65 -45.85 -28.77 -63.09
C VAL P 65 -44.83 -29.65 -63.73
N VAL P 66 -45.40 -30.67 -64.35
CA VAL P 66 -44.73 -31.63 -65.12
C VAL P 66 -45.92 -32.26 -65.71
N PRO P 67 -46.02 -32.10 -67.02
CA PRO P 67 -47.22 -32.47 -67.71
C PRO P 67 -47.09 -33.94 -67.81
N PRO P 68 -47.98 -34.53 -68.41
CA PRO P 68 -47.64 -36.33 -69.01
C PRO P 68 -46.16 -36.54 -69.68
N PRO P 69 -45.50 -37.71 -69.67
CA PRO P 69 -44.19 -38.07 -70.32
C PRO P 69 -44.06 -38.28 -71.85
N PRO P 70 -42.98 -38.91 -72.39
CA PRO P 70 -43.00 -39.85 -73.53
C PRO P 70 -43.96 -40.99 -73.31
N GLU P 71 -44.69 -41.45 -74.33
CA GLU P 71 -45.67 -42.50 -74.27
C GLU P 71 -45.25 -43.83 -73.80
N LYS P 72 -46.11 -44.31 -72.86
CA LYS P 72 -46.26 -45.60 -72.22
C LYS P 72 -46.50 -46.75 -73.11
N GLN P 73 -45.81 -47.82 -72.71
CA GLN P 73 -45.86 -49.07 -73.36
C GLN P 73 -46.78 -49.90 -72.54
N ALA P 74 -47.23 -49.43 -71.36
CA ALA P 74 -48.30 -49.94 -70.53
C ALA P 74 -49.63 -50.19 -71.19
N VAL P 75 -49.71 -49.96 -72.49
CA VAL P 75 -50.80 -50.39 -73.30
C VAL P 75 -50.19 -50.47 -74.66
N GLY P 76 -49.12 -49.66 -74.90
CA GLY P 76 -48.36 -49.59 -76.11
C GLY P 76 -47.72 -50.91 -76.35
N ARG P 77 -47.31 -51.17 -77.59
CA ARG P 77 -46.61 -52.39 -77.85
C ARG P 77 -45.25 -51.90 -78.07
N PHE P 78 -44.97 -51.58 -79.31
CA PHE P 78 -43.75 -51.02 -79.70
C PHE P 78 -44.08 -50.43 -81.03
N GLU P 79 -45.39 -50.33 -81.32
CA GLU P 79 -45.97 -49.98 -82.58
C GLU P 79 -45.46 -48.66 -83.03
N SER P 80 -45.32 -48.44 -84.36
CA SER P 80 -44.83 -47.19 -84.91
C SER P 80 -45.63 -46.05 -84.40
N ASN P 81 -46.93 -46.34 -84.27
CA ASN P 81 -47.95 -45.53 -83.73
C ASN P 81 -47.73 -45.28 -82.30
N PHE P 82 -47.39 -46.31 -81.52
CA PHE P 82 -47.15 -46.24 -80.12
C PHE P 82 -45.93 -45.42 -79.85
N VAL P 83 -44.88 -45.70 -80.60
CA VAL P 83 -43.64 -45.04 -80.50
C VAL P 83 -43.86 -43.67 -80.97
N GLU P 84 -44.73 -43.48 -81.95
CA GLU P 84 -45.13 -42.18 -82.39
C GLU P 84 -45.78 -41.54 -81.25
N SER P 85 -46.63 -42.23 -80.53
CA SER P 85 -47.28 -41.64 -79.41
C SER P 85 -46.26 -41.20 -78.46
N ARG P 86 -45.21 -41.97 -78.31
CA ARG P 86 -44.16 -41.63 -77.45
C ARG P 86 -43.45 -40.43 -77.84
N ARG P 87 -43.17 -40.34 -79.13
CA ARG P 87 -42.52 -39.31 -79.85
C ARG P 87 -43.28 -38.06 -79.71
N ALA P 88 -44.58 -38.17 -79.91
CA ALA P 88 -45.56 -37.17 -79.77
C ALA P 88 -45.65 -36.74 -78.37
N ALA P 89 -45.62 -37.70 -77.44
CA ALA P 89 -45.87 -37.50 -76.06
C ALA P 89 -44.85 -36.71 -75.45
N LEU P 90 -43.66 -37.01 -75.94
CA LEU P 90 -42.56 -36.19 -75.70
C LEU P 90 -42.74 -34.92 -76.34
N GLU P 91 -43.18 -34.90 -77.60
CA GLU P 91 -43.15 -33.69 -78.32
C GLU P 91 -43.94 -32.72 -77.63
N LYS P 92 -45.09 -33.15 -77.22
CA LYS P 92 -46.01 -32.46 -76.45
C LYS P 92 -45.52 -32.02 -75.16
N MET P 93 -44.89 -32.95 -74.45
CA MET P 93 -44.49 -32.75 -73.09
C MET P 93 -43.52 -31.67 -73.08
N LEU P 94 -42.59 -31.81 -74.03
CA LEU P 94 -41.53 -30.95 -74.35
C LEU P 94 -41.99 -29.65 -74.84
N ASN P 95 -43.00 -29.68 -75.68
CA ASN P 95 -43.50 -28.52 -76.33
C ASN P 95 -43.96 -27.57 -75.30
N LYS P 96 -44.74 -28.13 -74.39
CA LYS P 96 -45.37 -27.33 -73.41
C LYS P 96 -44.45 -26.78 -72.47
N ILE P 97 -43.55 -27.66 -72.03
CA ILE P 97 -42.57 -27.33 -71.08
C ILE P 97 -41.73 -26.32 -71.63
N ALA P 98 -41.41 -26.36 -72.92
CA ALA P 98 -40.69 -25.27 -73.45
C ALA P 98 -41.49 -24.00 -73.41
N ALA P 99 -42.79 -24.05 -73.67
CA ALA P 99 -43.56 -22.85 -73.54
C ALA P 99 -44.04 -22.66 -72.17
N HIS P 100 -43.29 -23.20 -71.22
CA HIS P 100 -43.38 -22.83 -69.87
C HIS P 100 -42.00 -22.53 -69.61
N PRO P 101 -41.61 -21.37 -69.31
CA PRO P 101 -40.22 -21.11 -69.16
C PRO P 101 -39.46 -21.99 -68.17
N THR P 102 -40.05 -22.34 -66.98
CA THR P 102 -39.41 -23.10 -65.90
C THR P 102 -38.96 -24.51 -66.15
N LEU P 103 -39.84 -25.33 -66.75
CA LEU P 103 -39.55 -26.73 -66.98
C LEU P 103 -38.55 -26.83 -68.05
N GLN P 104 -38.59 -25.82 -68.93
CA GLN P 104 -37.64 -25.61 -69.98
C GLN P 104 -36.29 -25.22 -69.44
N LEU P 105 -36.23 -24.77 -68.18
CA LEU P 105 -34.99 -24.36 -67.56
C LEU P 105 -34.28 -25.47 -66.92
N ASP P 106 -34.85 -26.68 -66.82
CA ASP P 106 -34.12 -27.75 -66.19
C ASP P 106 -32.82 -27.97 -66.96
N ALA P 107 -31.68 -27.87 -66.24
CA ALA P 107 -30.35 -27.86 -66.80
C ALA P 107 -30.04 -29.17 -67.38
N ASP P 108 -30.59 -30.24 -66.77
CA ASP P 108 -30.41 -31.59 -67.24
C ASP P 108 -30.98 -31.60 -68.57
N LEU P 109 -32.17 -31.00 -68.71
CA LEU P 109 -32.88 -30.88 -69.92
C LEU P 109 -32.16 -30.10 -70.94
N LYS P 110 -31.44 -29.02 -70.57
CA LYS P 110 -30.66 -28.35 -71.57
C LYS P 110 -29.62 -29.20 -72.10
N LEU P 111 -28.88 -29.85 -71.23
CA LEU P 111 -27.85 -30.76 -71.57
C LEU P 111 -28.38 -31.96 -72.30
N PHE P 112 -29.54 -32.46 -71.92
CA PHE P 112 -30.24 -33.56 -72.49
C PHE P 112 -30.57 -33.40 -73.93
N LEU P 113 -31.02 -32.21 -74.31
CA LEU P 113 -31.62 -31.92 -75.59
C LEU P 113 -30.59 -31.42 -76.48
N GLU P 114 -29.54 -30.96 -75.81
CA GLU P 114 -28.48 -30.29 -76.42
C GLU P 114 -27.23 -31.00 -76.26
N SER P 115 -27.32 -32.29 -75.89
CA SER P 115 -26.18 -33.17 -75.89
C SER P 115 -26.80 -34.52 -75.97
N GLU P 116 -26.23 -35.44 -76.79
CA GLU P 116 -26.60 -36.84 -76.75
C GLU P 116 -25.63 -37.56 -75.84
N SER P 117 -26.08 -37.99 -74.64
CA SER P 117 -25.37 -39.00 -73.89
C SER P 117 -26.29 -39.61 -72.91
N PHE P 118 -27.52 -39.07 -72.87
CA PHE P 118 -28.65 -39.45 -72.10
C PHE P 118 -28.63 -38.67 -70.85
N ASN P 119 -29.78 -38.74 -70.15
CA ASN P 119 -30.16 -37.87 -69.06
C ASN P 119 -29.25 -38.06 -67.91
N ILE P 120 -28.79 -39.31 -67.83
CA ILE P 120 -28.03 -39.85 -66.77
C ILE P 120 -26.72 -39.19 -66.54
N ASP P 121 -25.89 -39.07 -67.58
CA ASP P 121 -24.55 -38.65 -67.30
C ASP P 121 -24.51 -37.18 -67.17
N VAL P 122 -25.54 -36.56 -67.74
CA VAL P 122 -25.88 -35.19 -67.58
C VAL P 122 -26.24 -34.95 -66.17
N LYS P 123 -27.00 -35.87 -65.59
CA LYS P 123 -27.46 -35.70 -64.27
C LYS P 123 -26.42 -35.88 -63.23
N HIS P 124 -25.34 -36.62 -63.49
CA HIS P 124 -24.27 -36.56 -62.54
C HIS P 124 -23.61 -35.30 -62.58
N LYS P 125 -23.30 -34.93 -63.82
CA LYS P 125 -22.51 -33.81 -64.13
C LYS P 125 -23.05 -32.57 -63.57
N GLU P 126 -24.36 -32.38 -63.65
CA GLU P 126 -24.94 -31.22 -63.07
C GLU P 126 -24.82 -31.02 -61.59
N ARG P 127 -25.03 -31.98 -60.65
CA ARG P 127 -24.89 -31.55 -59.25
C ARG P 127 -23.47 -31.58 -58.79
N LYS P 128 -22.56 -31.44 -59.78
CA LYS P 128 -21.15 -31.54 -59.72
C LYS P 128 -20.81 -32.84 -59.09
N GLU P 129 -21.28 -33.94 -59.72
CA GLU P 129 -21.08 -35.23 -59.13
C GLU P 129 -21.30 -36.32 -60.18
N ALA Q 1 -69.51 68.70 -23.04
CA ALA Q 1 -69.40 67.49 -23.88
C ALA Q 1 -68.25 67.67 -24.82
N PHE Q 2 -68.54 68.14 -26.06
CA PHE Q 2 -67.55 68.41 -27.07
C PHE Q 2 -66.66 69.48 -26.53
N LEU Q 3 -65.37 69.32 -26.79
CA LEU Q 3 -64.39 70.21 -26.32
C LEU Q 3 -63.64 70.35 -27.55
N ILE Q 4 -64.07 71.36 -28.32
CA ILE Q 4 -63.50 71.69 -29.57
C ILE Q 4 -62.77 72.91 -29.16
N LEU Q 5 -61.42 72.85 -29.32
CA LEU Q 5 -60.58 74.00 -29.08
C LEU Q 5 -60.47 74.76 -30.40
N VAL Q 6 -60.71 76.10 -30.30
CA VAL Q 6 -60.59 77.06 -31.40
C VAL Q 6 -59.52 78.05 -31.05
N ILE Q 7 -58.47 78.24 -31.90
CA ILE Q 7 -57.30 78.90 -31.39
C ILE Q 7 -56.78 79.65 -32.52
N GLY Q 8 -56.22 80.81 -32.18
CA GLY Q 8 -55.67 81.67 -33.15
C GLY Q 8 -54.35 81.95 -32.61
N ASN Q 9 -53.70 82.88 -33.33
CA ASN Q 9 -52.37 83.43 -33.23
C ASN Q 9 -51.41 82.84 -32.21
N LEU Q 10 -50.30 82.34 -32.85
CA LEU Q 10 -49.25 81.53 -32.33
C LEU Q 10 -47.93 81.91 -32.96
N HIS Q 11 -47.30 80.96 -33.70
CA HIS Q 11 -46.03 81.00 -34.29
C HIS Q 11 -45.27 80.66 -33.08
N ILE Q 12 -44.97 79.38 -32.93
CA ILE Q 12 -44.34 78.90 -31.79
C ILE Q 12 -43.07 78.53 -32.31
N PRO Q 13 -42.06 78.86 -31.60
CA PRO Q 13 -42.09 79.40 -30.24
C PRO Q 13 -41.83 80.82 -30.50
N ASP Q 14 -42.44 81.32 -31.58
CA ASP Q 14 -42.19 82.57 -32.20
C ASP Q 14 -43.09 83.59 -31.62
N ARG Q 15 -44.19 84.02 -32.28
CA ARG Q 15 -45.01 85.05 -31.71
C ARG Q 15 -45.58 84.63 -30.43
N ALA Q 16 -45.97 83.37 -30.33
CA ALA Q 16 -46.38 82.78 -29.13
C ALA Q 16 -45.18 82.03 -28.81
N LEU Q 17 -44.84 82.01 -27.54
CA LEU Q 17 -43.53 81.63 -27.16
C LEU Q 17 -43.63 80.29 -26.63
N ASP Q 18 -43.88 80.22 -25.30
CA ASP Q 18 -43.97 78.98 -24.62
C ASP Q 18 -45.37 78.63 -24.83
N ILE Q 19 -45.73 77.49 -24.26
CA ILE Q 19 -47.09 77.21 -24.04
C ILE Q 19 -47.27 77.76 -22.71
N PRO Q 20 -48.17 78.69 -22.50
CA PRO Q 20 -48.42 79.25 -21.21
C PRO Q 20 -48.66 78.18 -20.24
N PRO Q 21 -48.18 78.15 -19.06
CA PRO Q 21 -48.35 77.05 -18.16
C PRO Q 21 -49.75 76.60 -18.06
N LYS Q 22 -50.77 77.48 -18.06
CA LYS Q 22 -52.13 77.05 -17.94
C LYS Q 22 -52.47 76.32 -19.13
N PHE Q 23 -51.88 76.65 -20.26
CA PHE Q 23 -52.09 75.92 -21.46
C PHE Q 23 -51.39 74.67 -21.32
N LYS Q 24 -50.19 74.67 -20.75
CA LYS Q 24 -49.50 73.45 -20.54
C LYS Q 24 -50.28 72.50 -19.70
N LYS Q 25 -50.95 72.99 -18.68
CA LYS Q 25 -51.81 72.22 -17.85
C LYS Q 25 -53.00 71.71 -18.56
N LEU Q 26 -53.53 72.62 -19.38
CA LEU Q 26 -54.81 72.51 -19.97
C LEU Q 26 -55.02 71.51 -21.00
N LEU Q 27 -53.96 71.13 -21.72
CA LEU Q 27 -54.19 70.63 -23.05
C LEU Q 27 -53.90 69.16 -23.26
N SER Q 28 -53.75 68.36 -22.16
CA SER Q 28 -53.39 66.95 -22.21
C SER Q 28 -54.10 66.06 -23.27
N PRO Q 29 -53.42 65.07 -23.86
CA PRO Q 29 -53.85 64.29 -25.01
C PRO Q 29 -55.19 63.67 -25.06
N GLY Q 30 -55.75 63.56 -26.30
CA GLY Q 30 -56.90 62.73 -26.62
C GLY Q 30 -58.20 63.27 -26.11
N LYS Q 31 -58.08 63.96 -24.97
CA LYS Q 31 -59.06 64.48 -24.09
C LYS Q 31 -59.82 65.52 -24.78
N ILE Q 32 -59.09 66.47 -25.40
CA ILE Q 32 -59.71 67.47 -26.23
C ILE Q 32 -60.03 66.72 -27.44
N SER Q 33 -61.16 67.07 -28.04
CA SER Q 33 -61.75 66.31 -29.07
C SER Q 33 -61.20 66.65 -30.42
N GLN Q 34 -61.08 67.96 -30.72
CA GLN Q 34 -60.74 68.46 -32.03
C GLN Q 34 -60.00 69.74 -31.85
N THR Q 35 -58.93 69.95 -32.65
CA THR Q 35 -58.20 71.19 -32.63
C THR Q 35 -58.53 71.76 -33.99
N LEU Q 36 -59.11 72.99 -34.07
CA LEU Q 36 -59.27 73.74 -35.32
C LEU Q 36 -58.26 74.83 -35.33
N CYS Q 37 -57.25 74.57 -36.18
CA CYS Q 37 -56.02 75.30 -36.18
C CYS Q 37 -55.86 76.31 -37.30
N LEU Q 38 -55.65 77.62 -36.97
CA LEU Q 38 -55.64 78.74 -37.90
C LEU Q 38 -54.20 79.11 -38.28
N GLY Q 39 -53.30 78.15 -38.60
CA GLY Q 39 -51.94 78.26 -39.20
C GLY Q 39 -50.89 79.24 -38.67
N ASN Q 40 -49.60 79.04 -39.10
CA ASN Q 40 -48.39 79.80 -38.76
C ASN Q 40 -47.64 79.21 -37.62
N LEU Q 41 -47.76 77.88 -37.41
CA LEU Q 41 -47.34 77.09 -36.28
C LEU Q 41 -46.25 77.54 -35.37
N THR Q 42 -45.04 77.85 -35.82
CA THR Q 42 -44.56 77.65 -37.14
C THR Q 42 -44.17 76.22 -37.25
N ASP Q 43 -43.60 75.79 -36.14
CA ASP Q 43 -43.02 74.55 -35.83
C ASP Q 43 -43.87 73.33 -35.80
N ARG Q 44 -43.21 72.30 -36.31
CA ARG Q 44 -43.47 70.92 -36.30
C ARG Q 44 -43.48 70.23 -34.99
N ALA Q 45 -42.59 70.61 -34.05
CA ALA Q 45 -42.55 69.94 -32.76
C ALA Q 45 -43.85 70.15 -32.10
N THR Q 46 -44.27 71.35 -32.33
CA THR Q 46 -45.47 71.89 -31.93
C THR Q 46 -46.54 71.27 -32.73
N TYR Q 47 -46.35 70.99 -34.02
CA TYR Q 47 -47.28 70.25 -34.82
C TYR Q 47 -47.53 68.90 -34.19
N ASP Q 48 -46.46 68.20 -33.74
CA ASP Q 48 -46.57 66.93 -33.08
C ASP Q 48 -47.36 67.09 -31.84
N TYR Q 49 -47.15 68.22 -31.17
CA TYR Q 49 -47.91 68.60 -30.03
C TYR Q 49 -49.36 68.80 -30.34
N LEU Q 50 -49.77 69.40 -31.48
CA LEU Q 50 -51.17 69.67 -31.80
C LEU Q 50 -51.90 68.40 -31.89
N ARG Q 51 -51.17 67.46 -32.47
CA ARG Q 51 -51.57 66.12 -32.43
C ARG Q 51 -51.69 65.54 -31.06
N SER Q 52 -50.75 65.90 -30.21
CA SER Q 52 -50.63 65.37 -28.91
C SER Q 52 -51.79 65.87 -28.10
N ILE Q 53 -52.53 66.92 -28.50
CA ILE Q 53 -53.59 67.46 -27.68
C ILE Q 53 -54.81 66.61 -27.55
N SER Q 54 -55.15 66.02 -28.67
CA SER Q 54 -56.49 65.58 -28.81
C SER Q 54 -56.32 64.39 -29.61
N PRO Q 55 -57.35 63.93 -30.26
CA PRO Q 55 -57.18 62.84 -31.16
C PRO Q 55 -57.32 63.52 -32.48
N ASP Q 56 -57.59 64.84 -32.55
CA ASP Q 56 -57.63 65.48 -33.85
C ASP Q 56 -56.97 66.80 -33.80
N LEU Q 57 -56.00 66.94 -34.70
CA LEU Q 57 -55.46 68.12 -35.19
C LEU Q 57 -56.22 68.19 -36.47
N LYS Q 58 -57.05 69.21 -36.62
CA LYS Q 58 -57.79 69.49 -37.80
C LYS Q 58 -57.14 70.73 -38.24
N ILE Q 59 -56.61 70.61 -39.47
CA ILE Q 59 -55.57 71.44 -39.95
C ILE Q 59 -55.93 72.20 -41.22
N VAL Q 60 -55.43 73.48 -41.30
CA VAL Q 60 -55.55 74.44 -42.40
C VAL Q 60 -54.49 75.59 -42.29
N ARG Q 61 -53.36 75.47 -43.08
CA ARG Q 61 -52.12 76.30 -43.16
C ARG Q 61 -52.27 77.81 -43.01
N GLY Q 62 -51.13 78.49 -42.71
CA GLY Q 62 -51.10 79.91 -42.71
C GLY Q 62 -50.02 80.49 -43.52
N ARG Q 63 -50.10 81.82 -43.63
CA ARG Q 63 -49.32 82.59 -44.55
C ARG Q 63 -48.09 83.06 -43.86
N MET Q 64 -47.91 82.57 -42.63
CA MET Q 64 -46.73 82.73 -41.86
C MET Q 64 -46.49 81.37 -41.33
N ASP Q 65 -46.71 80.40 -42.25
CA ASP Q 65 -46.39 79.03 -42.10
C ASP Q 65 -45.96 78.71 -43.50
N VAL Q 66 -44.74 78.15 -43.66
CA VAL Q 66 -44.14 77.84 -44.95
C VAL Q 66 -44.41 76.39 -45.22
N GLU Q 67 -43.87 75.89 -46.38
CA GLU Q 67 -43.88 74.52 -46.86
C GLU Q 67 -45.11 73.78 -46.42
N ALA Q 68 -44.92 72.68 -45.68
CA ALA Q 68 -45.98 71.87 -45.23
C ALA Q 68 -45.30 70.70 -44.77
N THR Q 69 -45.58 70.40 -43.51
CA THR Q 69 -45.24 69.16 -42.92
C THR Q 69 -46.07 68.17 -43.65
N SER Q 70 -47.33 68.55 -43.91
CA SER Q 70 -48.19 67.74 -44.70
C SER Q 70 -49.46 68.50 -44.85
N LEU Q 71 -49.55 69.65 -44.19
CA LEU Q 71 -50.63 70.62 -44.16
C LEU Q 71 -51.70 70.56 -45.26
N PRO Q 72 -53.03 70.42 -44.97
CA PRO Q 72 -54.12 70.53 -45.96
C PRO Q 72 -54.85 71.86 -45.83
N LEU Q 73 -54.42 72.85 -46.68
CA LEU Q 73 -54.80 74.27 -46.80
C LEU Q 73 -56.09 74.65 -46.18
N MET Q 74 -57.19 74.04 -46.62
CA MET Q 74 -58.40 74.40 -46.00
C MET Q 74 -59.05 73.09 -45.93
N GLN Q 75 -59.94 73.06 -44.98
CA GLN Q 75 -60.60 71.90 -44.56
C GLN Q 75 -61.79 72.51 -43.97
N VAL Q 76 -62.92 71.83 -44.14
CA VAL Q 76 -64.20 72.20 -43.61
C VAL Q 76 -64.40 71.05 -42.65
N VAL Q 77 -65.00 71.28 -41.44
CA VAL Q 77 -65.31 70.15 -40.59
C VAL Q 77 -66.75 70.27 -40.24
N THR Q 78 -67.41 69.11 -40.00
CA THR Q 78 -68.77 69.14 -39.62
C THR Q 78 -68.87 68.57 -38.29
N HIS Q 79 -69.59 69.28 -37.42
CA HIS Q 79 -69.97 68.72 -36.18
C HIS Q 79 -71.28 69.25 -36.05
N GLY Q 80 -72.19 68.30 -35.79
CA GLY Q 80 -73.58 68.48 -36.05
C GLY Q 80 -73.62 68.58 -37.53
N SER Q 81 -74.13 69.71 -38.03
CA SER Q 81 -74.04 70.05 -39.41
C SER Q 81 -73.84 71.50 -39.37
N LEU Q 82 -72.81 71.86 -38.61
CA LEU Q 82 -72.34 73.19 -38.65
C LEU Q 82 -71.20 72.79 -39.43
N ARG Q 83 -70.93 73.65 -40.41
CA ARG Q 83 -69.72 73.52 -41.12
C ARG Q 83 -69.08 74.60 -40.36
N ILE Q 84 -67.92 74.20 -39.83
CA ILE Q 84 -67.21 74.99 -38.88
C ILE Q 84 -65.99 75.13 -39.69
N GLY Q 85 -65.61 76.41 -39.97
CA GLY Q 85 -64.50 76.64 -40.84
C GLY Q 85 -63.36 77.23 -40.11
N PHE Q 86 -62.21 76.92 -40.71
CA PHE Q 86 -61.00 77.47 -40.29
C PHE Q 86 -60.12 77.48 -41.49
N LEU Q 87 -59.22 78.47 -41.45
CA LEU Q 87 -58.12 78.59 -42.33
C LEU Q 87 -57.35 79.54 -41.55
N GLU Q 88 -56.08 79.77 -41.86
CA GLU Q 88 -55.38 80.74 -41.08
C GLU Q 88 -55.88 82.10 -41.46
N GLY Q 89 -56.42 82.23 -42.68
CA GLY Q 89 -57.15 83.39 -43.09
C GLY Q 89 -56.53 83.83 -44.35
N PHE Q 90 -55.48 83.11 -44.76
CA PHE Q 90 -54.56 83.44 -45.78
C PHE Q 90 -55.23 83.83 -47.02
N THR Q 91 -56.18 83.01 -47.48
CA THR Q 91 -56.97 83.23 -48.66
C THR Q 91 -57.46 84.63 -48.86
N LEU Q 92 -57.77 85.37 -47.76
CA LEU Q 92 -58.05 86.80 -47.75
C LEU Q 92 -57.04 87.64 -48.48
N VAL Q 93 -57.56 88.83 -48.78
CA VAL Q 93 -56.79 89.96 -49.18
C VAL Q 93 -57.58 91.13 -48.64
N SER Q 94 -58.77 90.90 -48.03
CA SER Q 94 -59.53 92.03 -47.54
C SER Q 94 -60.34 91.63 -46.36
N GLU Q 95 -60.03 92.23 -45.21
CA GLU Q 95 -60.84 92.10 -44.04
C GLU Q 95 -61.88 93.18 -44.13
N GLU Q 96 -63.07 92.83 -44.67
CA GLU Q 96 -64.22 93.72 -44.76
C GLU Q 96 -65.41 92.82 -44.57
N PRO Q 97 -66.48 93.26 -43.91
CA PRO Q 97 -67.52 92.37 -43.38
C PRO Q 97 -68.20 91.43 -44.33
N ASP Q 98 -68.53 91.98 -45.50
CA ASP Q 98 -69.31 91.31 -46.51
C ASP Q 98 -68.50 90.28 -47.15
N VAL Q 99 -67.18 90.52 -47.05
CA VAL Q 99 -66.17 89.64 -47.53
C VAL Q 99 -66.18 88.47 -46.63
N LEU Q 100 -66.27 88.68 -45.31
CA LEU Q 100 -66.24 87.59 -44.40
C LEU Q 100 -67.42 86.70 -44.60
N LEU Q 101 -68.55 87.35 -44.77
CA LEU Q 101 -69.76 86.63 -44.97
C LEU Q 101 -69.73 85.79 -46.25
N ALA Q 102 -69.21 86.39 -47.33
CA ALA Q 102 -69.07 85.77 -48.63
C ALA Q 102 -68.26 84.54 -48.68
N GLU Q 103 -67.20 84.62 -47.91
CA GLU Q 103 -66.12 83.71 -47.79
C GLU Q 103 -66.66 82.49 -47.21
N ALA Q 104 -67.55 82.71 -46.23
CA ALA Q 104 -68.17 81.61 -45.60
C ALA Q 104 -68.91 80.80 -46.61
N ASN Q 105 -69.53 81.50 -47.56
CA ASN Q 105 -70.19 80.73 -48.57
C ASN Q 105 -69.33 80.04 -49.54
N LYS Q 106 -68.19 80.65 -49.87
CA LYS Q 106 -67.43 80.12 -50.95
C LYS Q 106 -66.91 78.80 -50.58
N LEU Q 107 -66.52 78.67 -49.32
CA LEU Q 107 -65.98 77.43 -48.87
C LEU Q 107 -67.01 76.49 -48.43
N ASP Q 108 -68.30 76.89 -48.35
CA ASP Q 108 -69.25 76.08 -47.64
C ASP Q 108 -68.78 75.96 -46.22
N VAL Q 109 -68.85 77.06 -45.51
CA VAL Q 109 -68.48 77.09 -44.15
C VAL Q 109 -69.43 78.11 -43.63
N ASP Q 110 -69.70 78.11 -42.31
CA ASP Q 110 -70.71 78.99 -41.76
C ASP Q 110 -70.26 79.65 -40.48
N VAL Q 111 -69.13 79.20 -39.89
CA VAL Q 111 -68.54 79.84 -38.71
C VAL Q 111 -67.16 80.10 -39.19
N LEU Q 112 -66.61 81.35 -39.01
CA LEU Q 112 -65.29 81.52 -39.58
C LEU Q 112 -64.29 81.89 -38.55
N CYS Q 113 -63.23 81.03 -38.41
CA CYS Q 113 -62.07 81.42 -37.66
C CYS Q 113 -60.92 81.70 -38.57
N TRP Q 114 -60.28 82.83 -38.27
CA TRP Q 114 -59.22 83.41 -39.01
C TRP Q 114 -58.34 84.06 -38.01
N ALA Q 115 -57.09 84.39 -38.44
CA ALA Q 115 -56.03 85.06 -37.73
C ALA Q 115 -55.75 86.37 -38.50
N GLY Q 116 -55.53 87.56 -37.85
CA GLY Q 116 -55.47 88.84 -38.52
C GLY Q 116 -54.07 89.26 -38.86
N GLY Q 117 -53.89 90.50 -39.36
CA GLY Q 117 -52.64 90.93 -39.97
C GLY Q 117 -51.93 91.82 -39.02
N SER Q 118 -52.76 92.47 -38.23
CA SER Q 118 -52.37 93.16 -37.06
C SER Q 118 -52.67 92.15 -36.01
N HIS Q 119 -52.56 90.86 -36.39
CA HIS Q 119 -52.86 89.63 -35.74
C HIS Q 119 -53.99 89.74 -34.85
N ARG Q 120 -55.17 89.85 -35.47
CA ARG Q 120 -56.42 90.06 -34.80
C ARG Q 120 -56.77 88.92 -33.88
N PHE Q 121 -57.52 89.23 -32.82
CA PHE Q 121 -57.95 88.35 -31.80
C PHE Q 121 -59.16 89.14 -31.46
N GLU Q 122 -60.17 89.01 -32.29
CA GLU Q 122 -61.35 89.73 -32.10
C GLU Q 122 -62.32 88.93 -32.83
N CYS Q 123 -63.51 88.80 -32.23
CA CYS Q 123 -64.65 88.16 -32.79
C CYS Q 123 -65.90 88.97 -32.49
N PHE Q 124 -66.84 89.14 -33.44
CA PHE Q 124 -68.07 89.83 -33.11
C PHE Q 124 -69.08 89.37 -34.07
N GLU Q 125 -70.36 89.52 -33.64
CA GLU Q 125 -71.36 89.00 -34.45
C GLU Q 125 -71.71 90.17 -35.22
N TYR Q 126 -71.84 89.93 -36.48
CA TYR Q 126 -72.12 90.93 -37.41
C TYR Q 126 -72.73 90.02 -38.38
N MET Q 127 -73.95 90.38 -38.83
CA MET Q 127 -74.74 89.68 -39.79
C MET Q 127 -74.92 88.26 -39.37
N ASP Q 128 -75.25 88.07 -38.08
CA ASP Q 128 -75.61 86.81 -37.47
C ASP Q 128 -74.49 85.89 -37.44
N LYS Q 129 -73.33 86.34 -37.91
CA LYS Q 129 -72.26 85.46 -38.08
C LYS Q 129 -71.28 86.01 -37.21
N PHE Q 130 -70.35 85.15 -36.93
CA PHE Q 130 -69.29 85.47 -36.09
C PHE Q 130 -68.21 85.22 -37.01
N PHE Q 131 -67.37 86.23 -36.93
CA PHE Q 131 -66.22 86.21 -37.73
C PHE Q 131 -65.30 86.40 -36.58
N VAL Q 132 -64.33 85.46 -36.55
CA VAL Q 132 -63.75 85.06 -35.31
C VAL Q 132 -62.30 85.07 -35.48
N ASN Q 133 -61.64 85.84 -34.65
CA ASN Q 133 -60.28 85.68 -34.50
C ASN Q 133 -60.21 85.34 -33.11
N PRO Q 134 -59.84 84.15 -32.75
CA PRO Q 134 -59.69 83.77 -31.37
C PRO Q 134 -58.34 84.20 -31.03
N GLY Q 135 -57.65 84.71 -32.07
CA GLY Q 135 -56.34 85.21 -32.24
C GLY Q 135 -55.51 84.70 -31.21
N SER Q 136 -54.63 85.55 -30.64
CA SER Q 136 -53.70 85.25 -29.59
C SER Q 136 -54.28 84.25 -28.71
N ALA Q 137 -53.51 83.24 -28.38
CA ALA Q 137 -54.08 82.11 -27.79
C ALA Q 137 -53.05 81.37 -27.13
N THR Q 138 -51.82 81.88 -27.16
CA THR Q 138 -50.64 81.18 -26.73
C THR Q 138 -49.50 82.13 -26.52
N GLY Q 139 -49.74 83.45 -26.71
CA GLY Q 139 -48.72 84.46 -26.51
C GLY Q 139 -48.30 85.20 -27.73
N ALA Q 140 -49.04 85.09 -28.84
CA ALA Q 140 -48.76 85.73 -30.10
C ALA Q 140 -49.21 87.12 -30.15
N PHE Q 141 -48.98 87.79 -31.30
CA PHE Q 141 -49.26 89.20 -31.31
C PHE Q 141 -49.43 89.70 -32.68
N THR Q 142 -49.89 90.96 -32.74
CA THR Q 142 -50.22 91.75 -33.87
C THR Q 142 -49.27 91.56 -35.03
N VAL Q 152 -52.71 92.11 -22.64
CA VAL Q 152 -52.44 91.11 -23.70
C VAL Q 152 -53.33 89.91 -23.42
N VAL Q 153 -54.15 89.49 -24.45
CA VAL Q 153 -55.10 88.42 -24.28
C VAL Q 153 -54.96 87.33 -25.30
N PRO Q 154 -54.29 86.29 -24.85
CA PRO Q 154 -54.38 85.02 -25.50
C PRO Q 154 -55.70 84.54 -25.18
N SER Q 155 -56.30 83.86 -26.11
CA SER Q 155 -57.58 83.36 -25.94
C SER Q 155 -57.59 82.23 -26.87
N PHE Q 156 -58.39 81.25 -26.46
CA PHE Q 156 -58.92 80.21 -27.25
C PHE Q 156 -60.24 79.81 -26.55
N CYS Q 157 -61.06 78.95 -27.20
CA CYS Q 157 -62.38 78.61 -26.70
C CYS Q 157 -62.47 77.16 -26.52
N LEU Q 158 -63.31 76.76 -25.55
CA LEU Q 158 -63.74 75.41 -25.62
C LEU Q 158 -65.11 75.68 -26.00
N MET Q 159 -65.46 74.88 -26.99
CA MET Q 159 -66.66 74.98 -27.70
C MET Q 159 -67.35 73.71 -27.64
N ASP Q 160 -68.69 73.83 -27.62
CA ASP Q 160 -69.59 72.73 -27.69
C ASP Q 160 -70.43 73.20 -28.85
N VAL Q 161 -70.41 72.44 -29.97
CA VAL Q 161 -71.09 72.77 -31.19
C VAL Q 161 -72.28 71.90 -31.07
N GLN Q 162 -73.44 72.51 -31.35
CA GLN Q 162 -74.68 71.85 -31.26
C GLN Q 162 -75.29 72.23 -32.57
N GLY Q 163 -75.25 71.28 -33.53
CA GLY Q 163 -75.81 71.47 -34.84
C GLY Q 163 -74.99 72.41 -35.63
N ILE Q 164 -75.67 73.51 -36.07
CA ILE Q 164 -75.25 74.63 -36.85
C ILE Q 164 -74.86 75.70 -35.90
N SER Q 165 -75.11 75.45 -34.64
CA SER Q 165 -75.02 76.43 -33.66
C SER Q 165 -73.92 75.97 -32.88
N LEU Q 166 -73.25 76.94 -32.32
CA LEU Q 166 -72.06 76.70 -31.64
C LEU Q 166 -72.34 77.47 -30.45
N THR Q 167 -71.94 76.99 -29.30
CA THR Q 167 -71.89 77.84 -28.17
C THR Q 167 -70.48 77.71 -27.80
N LEU Q 168 -69.91 78.86 -27.56
CA LEU Q 168 -68.55 79.05 -27.33
C LEU Q 168 -68.47 79.57 -25.98
N TYR Q 169 -67.49 79.06 -25.23
CA TYR Q 169 -67.16 79.69 -24.00
C TYR Q 169 -65.83 79.95 -24.44
N VAL Q 170 -65.58 81.22 -24.47
CA VAL Q 170 -64.35 81.72 -24.83
C VAL Q 170 -63.81 81.90 -23.52
N TYR Q 171 -62.60 81.40 -23.39
CA TYR Q 171 -61.79 81.43 -22.25
C TYR Q 171 -60.76 82.46 -22.66
N GLN Q 172 -60.43 83.46 -21.82
CA GLN Q 172 -59.55 84.52 -22.23
C GLN Q 172 -58.54 84.53 -21.16
N LEU Q 173 -57.29 84.74 -21.58
CA LEU Q 173 -56.16 84.66 -20.72
C LEU Q 173 -55.62 85.98 -20.70
N ARG Q 174 -55.56 86.55 -19.51
CA ARG Q 174 -55.19 87.89 -19.37
C ARG Q 174 -54.13 87.79 -18.40
N LYS Q 175 -53.03 88.51 -18.69
CA LYS Q 175 -51.99 88.68 -17.70
C LYS Q 175 -52.61 89.72 -16.85
N ASP Q 176 -52.52 89.56 -15.53
CA ASP Q 176 -53.07 90.55 -14.66
C ASP Q 176 -52.32 90.33 -13.40
N GLU Q 177 -52.51 91.26 -12.43
CA GLU Q 177 -51.89 91.32 -11.13
C GLU Q 177 -52.63 90.42 -10.19
N ASN Q 178 -53.14 89.32 -10.77
CA ASN Q 178 -53.76 88.21 -10.15
C ASN Q 178 -52.66 87.25 -9.97
N GLY Q 179 -51.54 87.50 -10.68
CA GLY Q 179 -50.35 86.70 -10.63
C GLY Q 179 -50.65 85.38 -11.24
N THR Q 180 -51.47 85.36 -12.29
CA THR Q 180 -51.76 84.12 -12.92
C THR Q 180 -52.05 84.48 -14.30
N GLU Q 181 -52.19 83.44 -15.12
CA GLU Q 181 -52.68 83.56 -16.43
C GLU Q 181 -54.11 83.51 -16.10
N ASN Q 182 -54.84 84.56 -16.42
CA ASN Q 182 -56.08 84.66 -15.75
C ASN Q 182 -57.08 84.35 -16.69
N VAL Q 183 -57.93 83.42 -16.31
CA VAL Q 183 -58.98 82.94 -17.13
C VAL Q 183 -60.20 83.71 -16.86
N ALA Q 184 -60.78 84.30 -17.90
CA ALA Q 184 -62.07 84.91 -17.82
C ALA Q 184 -62.80 84.19 -18.87
N VAL Q 185 -64.03 83.74 -18.65
CA VAL Q 185 -64.73 82.98 -19.65
C VAL Q 185 -65.88 83.86 -19.99
N GLU Q 186 -66.31 83.94 -21.24
CA GLU Q 186 -67.45 84.68 -21.62
C GLU Q 186 -68.04 83.66 -22.50
N LYS Q 187 -69.36 83.54 -22.55
CA LYS Q 187 -69.94 82.57 -23.40
C LYS Q 187 -70.55 83.42 -24.41
N VAL Q 188 -70.42 83.01 -25.65
CA VAL Q 188 -71.14 83.58 -26.71
C VAL Q 188 -71.73 82.39 -27.37
N THR Q 189 -72.97 82.50 -27.83
CA THR Q 189 -73.77 81.46 -28.40
C THR Q 189 -73.96 81.95 -29.81
N TYR Q 190 -74.07 80.99 -30.73
CA TYR Q 190 -74.00 81.12 -32.16
C TYR Q 190 -74.97 80.23 -32.84
N THR Q 191 -75.65 80.73 -33.91
CA THR Q 191 -76.40 79.92 -34.84
C THR Q 191 -75.99 80.19 -36.24
N LYS Q 192 -75.73 79.12 -37.03
CA LYS Q 192 -75.44 79.25 -38.44
C LYS Q 192 -76.73 79.36 -39.14
N PRO Q 193 -76.84 80.16 -40.17
CA PRO Q 193 -78.01 80.18 -41.01
C PRO Q 193 -77.78 79.09 -42.02
N ARG R 1 -18.80 15.07 4.93
CA ARG R 1 -19.00 13.85 5.75
C ARG R 1 -18.66 14.18 7.17
N LEU R 2 -17.41 14.60 7.27
CA LEU R 2 -16.64 15.01 8.37
C LEU R 2 -17.34 15.79 9.47
N LEU R 3 -18.01 16.88 9.09
CA LEU R 3 -18.69 17.75 9.99
C LEU R 3 -19.76 17.07 10.74
N GLU R 4 -20.58 16.34 10.02
CA GLU R 4 -21.73 15.68 10.48
C GLU R 4 -21.40 14.61 11.43
N ASP R 5 -20.35 13.82 11.12
CA ASP R 5 -19.92 12.74 11.98
C ASP R 5 -19.64 13.27 13.36
N ALA R 6 -18.92 14.40 13.36
CA ALA R 6 -18.69 15.11 14.57
C ALA R 6 -19.93 15.61 15.20
N LEU R 7 -20.83 16.22 14.43
CA LEU R 7 -22.03 16.81 14.91
C LEU R 7 -22.94 15.88 15.58
N ILE R 8 -22.99 14.65 15.07
CA ILE R 8 -23.73 13.60 15.67
C ILE R 8 -23.24 13.34 17.03
N ALA R 9 -21.90 13.23 17.11
CA ALA R 9 -21.24 12.98 18.34
C ALA R 9 -21.52 14.11 19.31
N VAL R 10 -21.48 15.36 18.79
CA VAL R 10 -21.79 16.56 19.52
C VAL R 10 -23.16 16.55 20.09
N ARG R 11 -24.20 16.19 19.32
CA ARG R 11 -25.52 16.30 19.87
C ARG R 11 -25.79 15.44 21.05
N GLN R 12 -25.31 14.17 21.01
CA GLN R 12 -25.54 13.34 22.18
C GLN R 12 -24.89 13.83 23.43
N GLN R 13 -23.60 14.10 23.28
CA GLN R 13 -22.78 14.49 24.37
C GLN R 13 -23.02 15.84 24.93
N THR R 14 -23.34 16.85 24.07
CA THR R 14 -23.66 18.19 24.54
C THR R 14 -24.89 18.10 25.39
N ALA R 15 -25.86 17.21 25.05
CA ALA R 15 -26.98 16.98 25.92
C ALA R 15 -26.56 16.50 27.29
N MET R 16 -25.65 15.51 27.38
CA MET R 16 -25.14 15.06 28.66
C MET R 16 -24.39 16.14 29.41
N MET R 17 -23.59 16.94 28.68
CA MET R 17 -22.82 18.05 29.19
C MET R 17 -23.73 19.01 29.87
N ARG R 18 -24.85 19.38 29.20
CA ARG R 18 -25.81 20.34 29.62
C ARG R 18 -26.51 19.92 30.83
N LYS R 19 -26.90 18.63 30.95
CA LYS R 19 -27.57 18.13 32.13
C LYS R 19 -26.78 18.35 33.39
N PHE R 20 -25.47 18.12 33.27
CA PHE R 20 -24.54 18.48 34.29
C PHE R 20 -24.34 19.95 34.47
N LEU R 21 -24.22 20.71 33.35
CA LEU R 21 -23.90 22.12 33.33
C LEU R 21 -24.92 22.86 34.10
N ASP R 22 -26.18 22.42 33.97
CA ASP R 22 -27.33 22.99 34.58
C ASP R 22 -27.24 23.02 36.05
N THR R 23 -26.70 21.93 36.58
CA THR R 23 -26.88 21.65 37.95
C THR R 23 -25.66 22.11 38.69
N PRO R 24 -25.74 22.86 39.81
CA PRO R 24 -24.64 23.27 40.68
C PRO R 24 -24.17 22.02 41.36
N GLY R 25 -22.87 21.84 41.68
CA GLY R 25 -22.46 20.63 42.37
C GLY R 25 -22.12 19.63 41.30
N LYS R 26 -23.02 19.53 40.27
CA LYS R 26 -22.89 18.64 39.15
C LYS R 26 -22.38 19.47 38.03
N LEU R 27 -22.01 20.67 38.44
CA LEU R 27 -21.32 21.70 37.79
C LEU R 27 -19.98 21.11 37.52
N MET R 28 -19.46 20.42 38.55
CA MET R 28 -18.22 19.67 38.59
C MET R 28 -18.23 18.52 37.60
N ASP R 29 -19.37 17.83 37.53
CA ASP R 29 -19.65 16.76 36.60
C ASP R 29 -19.60 17.21 35.20
N ALA R 30 -20.18 18.41 35.01
CA ALA R 30 -20.30 19.03 33.73
C ALA R 30 -18.96 19.18 33.24
N LEU R 31 -18.06 19.62 34.11
CA LEU R 31 -16.71 19.70 33.68
C LEU R 31 -16.04 18.45 33.26
N LYS R 32 -16.24 17.28 33.90
CA LYS R 32 -15.61 16.11 33.30
C LYS R 32 -16.12 15.74 31.94
N CYS R 33 -17.44 15.77 31.77
CA CYS R 33 -18.09 15.39 30.54
C CYS R 33 -17.65 16.31 29.43
N CYS R 34 -17.54 17.58 29.78
CA CYS R 34 -16.99 18.63 28.99
C CYS R 34 -15.54 18.38 28.68
N SER R 35 -14.74 17.84 29.64
CA SER R 35 -13.34 17.53 29.41
C SER R 35 -13.21 16.59 28.27
N THR R 36 -14.09 15.57 28.22
CA THR R 36 -14.21 14.77 27.04
C THR R 36 -14.65 15.53 25.77
N LEU R 37 -15.62 16.50 25.82
CA LEU R 37 -16.12 17.31 24.66
C LEU R 37 -15.15 18.17 23.87
N VAL R 38 -14.30 18.96 24.53
CA VAL R 38 -13.53 20.00 23.85
C VAL R 38 -12.51 19.44 22.92
N SER R 39 -12.14 18.17 23.12
CA SER R 39 -11.20 17.45 22.31
C SER R 39 -11.53 17.46 20.85
N GLU R 40 -12.83 17.46 20.55
CA GLU R 40 -13.28 17.51 19.20
C GLU R 40 -12.88 18.77 18.57
N LEU R 41 -12.95 19.81 19.39
CA LEU R 41 -12.61 21.12 19.04
C LEU R 41 -11.12 21.29 19.09
N ARG R 42 -10.43 20.33 19.70
CA ARG R 42 -9.03 20.14 19.69
C ARG R 42 -8.62 19.45 18.49
N THR R 43 -9.55 18.90 17.69
CA THR R 43 -9.18 18.15 16.55
C THR R 43 -8.45 19.08 15.66
N SER R 44 -7.46 18.56 14.98
CA SER R 44 -6.75 19.33 14.04
C SER R 44 -7.15 18.71 12.78
N SER R 45 -7.79 19.51 11.90
CA SER R 45 -8.47 19.06 10.73
C SER R 45 -9.38 20.11 10.14
N LEU R 46 -10.72 20.02 10.45
CA LEU R 46 -11.90 20.67 9.87
C LEU R 46 -11.74 21.95 9.13
N SER R 47 -12.71 22.23 8.23
CA SER R 47 -12.84 23.50 7.57
C SER R 47 -12.99 24.53 8.62
N PRO R 48 -12.47 25.72 8.43
CA PRO R 48 -12.70 26.88 9.28
C PRO R 48 -14.13 27.02 9.56
N LYS R 49 -14.87 26.91 8.48
CA LYS R 49 -16.26 26.98 8.43
C LYS R 49 -16.92 25.88 9.18
N GLN R 50 -16.46 24.64 9.02
CA GLN R 50 -17.05 23.55 9.73
C GLN R 50 -16.83 23.69 11.18
N TYR R 51 -15.60 24.08 11.54
CA TYR R 51 -15.17 24.31 12.87
C TYR R 51 -15.94 25.39 13.50
N TYR R 52 -16.19 26.45 12.74
CA TYR R 52 -16.94 27.59 13.12
C TYR R 52 -18.29 27.16 13.53
N GLU R 53 -18.88 26.26 12.78
CA GLU R 53 -20.17 25.76 13.10
C GLU R 53 -20.25 25.02 14.34
N LEU R 54 -19.21 24.20 14.60
CA LEU R 54 -19.05 23.52 15.85
C LEU R 54 -18.93 24.55 16.88
N TYR R 55 -18.21 25.65 16.59
CA TYR R 55 -17.99 26.68 17.55
C TYR R 55 -19.29 27.15 17.97
N MET R 56 -20.26 27.45 17.13
CA MET R 56 -21.53 27.77 17.70
C MET R 56 -22.12 26.67 18.47
N ALA R 57 -22.08 25.46 17.95
CA ALA R 57 -22.83 24.44 18.59
C ALA R 57 -22.45 24.11 19.99
N VAL R 58 -21.16 23.94 20.25
CA VAL R 58 -20.75 23.73 21.58
C VAL R 58 -20.86 24.96 22.37
N PHE R 59 -20.52 26.11 21.75
CA PHE R 59 -20.44 27.37 22.43
C PHE R 59 -21.67 27.79 23.03
N ASP R 60 -22.71 27.72 22.24
CA ASP R 60 -24.01 28.07 22.59
C ASP R 60 -24.53 27.18 23.67
N ALA R 61 -24.20 25.87 23.60
CA ALA R 61 -24.58 24.92 24.62
C ALA R 61 -23.94 25.28 25.93
N LEU R 62 -22.68 25.66 25.83
CA LEU R 62 -21.89 26.24 26.85
C LEU R 62 -22.42 27.55 27.38
N ARG R 63 -23.08 28.40 26.58
CA ARG R 63 -23.68 29.65 26.99
C ARG R 63 -24.71 29.41 28.07
N TYR R 64 -25.44 28.27 28.00
CA TYR R 64 -26.31 27.85 29.09
C TYR R 64 -25.54 27.66 30.33
N LEU R 65 -24.36 27.04 30.22
CA LEU R 65 -23.48 26.94 31.35
C LEU R 65 -23.08 28.30 31.83
N SER R 66 -22.73 29.28 30.96
CA SER R 66 -22.26 30.56 31.46
C SER R 66 -23.31 31.27 32.27
N ALA R 67 -24.59 31.22 31.84
CA ALA R 67 -25.66 31.78 32.64
C ALA R 67 -25.83 31.10 33.97
N HIS R 68 -25.70 29.76 33.97
CA HIS R 68 -25.74 28.88 35.10
C HIS R 68 -24.71 29.28 36.08
N LEU R 69 -23.51 29.53 35.57
CA LEU R 69 -22.33 29.93 36.26
C LEU R 69 -22.50 31.23 36.91
N ARG R 70 -23.12 32.14 36.18
CA ARG R 70 -23.37 33.45 36.63
C ARG R 70 -24.43 33.47 37.68
N GLU R 71 -25.08 32.31 37.90
CA GLU R 71 -25.89 32.07 39.05
C GLU R 71 -25.04 31.36 40.05
N ASN R 72 -24.20 30.42 39.60
CA ASN R 72 -23.41 29.58 40.44
C ASN R 72 -22.44 30.24 41.34
N HIS R 73 -21.75 31.29 40.83
CA HIS R 73 -20.79 32.07 41.57
C HIS R 73 -21.45 32.85 42.65
N PRO R 74 -22.59 33.47 42.41
CA PRO R 74 -23.37 34.12 43.45
C PRO R 74 -23.84 33.18 44.53
N VAL R 75 -23.77 31.84 44.33
CA VAL R 75 -24.24 30.87 45.29
C VAL R 75 -23.06 30.10 45.83
N ASN R 76 -21.82 30.55 45.48
CA ASN R 76 -20.66 30.25 46.30
C ASN R 76 -19.43 30.03 45.46
N HIS R 77 -18.28 30.59 45.95
CA HIS R 77 -16.91 30.58 45.46
C HIS R 77 -16.36 29.24 45.09
N LEU R 78 -16.12 28.34 46.10
CA LEU R 78 -15.43 27.07 45.95
C LEU R 78 -14.02 27.48 45.52
N ALA R 79 -13.22 27.95 46.49
CA ALA R 79 -12.00 28.65 46.19
C ALA R 79 -10.98 28.01 45.30
N ASP R 80 -10.30 28.89 44.51
CA ASP R 80 -9.04 28.63 43.83
C ASP R 80 -9.24 27.77 42.68
N LEU R 81 -10.51 27.69 42.37
CA LEU R 81 -11.18 26.90 41.43
C LEU R 81 -10.68 27.21 40.10
N TYR R 82 -10.41 28.49 39.88
CA TYR R 82 -9.92 29.01 38.67
C TYR R 82 -8.65 28.37 38.27
N GLU R 83 -7.74 28.20 39.24
CA GLU R 83 -6.50 27.51 39.11
C GLU R 83 -6.68 26.06 38.92
N LEU R 84 -7.57 25.56 39.75
CA LEU R 84 -7.82 24.20 40.03
C LEU R 84 -8.25 23.50 38.77
N VAL R 85 -9.06 24.19 37.94
CA VAL R 85 -9.60 23.71 36.68
C VAL R 85 -8.61 23.58 35.60
N GLN R 86 -7.43 24.14 35.81
CA GLN R 86 -6.49 24.25 34.75
C GLN R 86 -5.55 23.16 34.78
N TYR R 87 -5.92 22.13 35.51
CA TYR R 87 -5.20 20.93 35.50
C TYR R 87 -5.79 20.16 34.39
N ALA R 88 -6.93 20.68 33.86
CA ALA R 88 -7.59 20.23 32.69
C ALA R 88 -6.63 20.20 31.59
N GLY R 89 -6.60 19.01 31.02
CA GLY R 89 -5.50 18.42 30.36
C GLY R 89 -4.99 19.14 29.21
N ASN R 90 -5.90 19.84 28.50
CA ASN R 90 -5.39 20.49 27.37
C ASN R 90 -6.23 21.58 27.01
N ILE R 91 -5.51 22.29 26.16
CA ILE R 91 -5.48 23.66 26.32
C ILE R 91 -6.71 24.40 26.10
N ILE R 92 -7.44 24.18 25.02
CA ILE R 92 -8.74 24.76 24.92
C ILE R 92 -9.65 24.26 25.98
N PRO R 93 -9.83 23.00 26.30
CA PRO R 93 -10.70 22.63 27.37
C PRO R 93 -10.39 23.24 28.65
N ARG R 94 -9.13 23.21 28.96
CA ARG R 94 -8.66 23.72 30.16
C ARG R 94 -8.95 25.12 30.29
N LEU R 95 -8.64 25.87 29.25
CA LEU R 95 -8.60 27.28 29.37
C LEU R 95 -9.92 27.84 29.56
N TYR R 96 -10.84 27.29 28.83
CA TYR R 96 -12.19 27.64 28.86
C TYR R 96 -12.68 27.40 30.22
N LEU R 97 -12.23 26.30 30.84
CA LEU R 97 -12.57 26.09 32.21
C LEU R 97 -12.06 27.14 33.09
N MET R 98 -10.83 27.65 32.94
CA MET R 98 -10.47 28.77 33.78
C MET R 98 -11.34 29.91 33.55
N ILE R 99 -11.63 30.17 32.27
CA ILE R 99 -12.28 31.33 31.80
C ILE R 99 -13.59 31.44 32.37
N THR R 100 -14.29 30.32 32.39
CA THR R 100 -15.52 30.18 33.04
C THR R 100 -15.31 30.49 34.47
N VAL R 101 -14.24 29.99 35.11
CA VAL R 101 -14.05 30.35 36.49
C VAL R 101 -13.81 31.82 36.67
N GLY R 102 -13.06 32.44 35.78
CA GLY R 102 -12.88 33.85 35.70
C GLY R 102 -14.19 34.60 35.76
N THR R 103 -15.17 34.18 34.93
CA THR R 103 -16.46 34.81 34.76
C THR R 103 -17.25 34.81 36.03
N ALA R 104 -17.14 33.72 36.77
CA ALA R 104 -17.66 33.58 38.10
C ALA R 104 -17.04 34.56 39.08
N TYR R 105 -15.70 34.67 39.02
CA TYR R 105 -14.93 35.54 39.88
C TYR R 105 -15.32 36.97 39.64
N MET R 106 -15.53 37.38 38.39
CA MET R 106 -15.99 38.69 38.05
C MET R 106 -17.31 38.97 38.67
N SER R 107 -18.17 37.93 38.66
CA SER R 107 -19.53 38.08 39.03
C SER R 107 -19.62 38.41 40.47
N ILE R 108 -18.94 37.70 41.36
CA ILE R 108 -18.95 38.19 42.70
C ILE R 108 -18.10 39.40 42.92
N ASP R 109 -16.87 39.36 42.39
CA ASP R 109 -15.80 40.24 42.78
C ASP R 109 -15.72 41.45 41.96
N GLY R 110 -14.54 42.11 42.07
CA GLY R 110 -14.18 43.30 41.38
C GLY R 110 -12.72 43.60 41.62
N ALA R 111 -12.27 43.66 42.88
CA ALA R 111 -10.87 43.96 43.15
C ALA R 111 -9.85 43.01 42.58
N PRO R 112 -9.90 41.68 42.70
CA PRO R 112 -8.85 40.84 42.16
C PRO R 112 -9.06 40.49 40.73
N VAL R 113 -10.16 40.98 40.17
CA VAL R 113 -10.62 40.66 38.86
C VAL R 113 -9.61 40.98 37.85
N LYS R 114 -9.06 42.19 37.97
CA LYS R 114 -8.17 42.80 37.04
C LYS R 114 -6.95 41.97 36.88
N GLU R 115 -6.38 41.47 37.97
CA GLU R 115 -5.17 40.75 38.03
C GLU R 115 -5.33 39.48 37.29
N LEU R 116 -6.47 38.84 37.51
CA LEU R 116 -6.78 37.62 36.84
C LEU R 116 -6.86 37.79 35.36
N MET R 117 -7.54 38.88 34.97
CA MET R 117 -7.86 39.19 33.62
C MET R 117 -6.67 39.31 32.82
N LYS R 118 -5.72 39.99 33.43
CA LYS R 118 -4.46 40.12 32.89
C LYS R 118 -3.83 38.79 32.75
N ASP R 119 -3.91 37.86 33.76
CA ASP R 119 -3.29 36.56 33.57
C ASP R 119 -3.75 35.92 32.33
N MET R 120 -5.04 35.92 32.16
CA MET R 120 -5.66 35.17 31.15
C MET R 120 -5.21 35.59 29.84
N MET R 121 -5.06 36.90 29.68
CA MET R 121 -4.63 37.50 28.47
C MET R 121 -3.31 37.00 28.16
N ASP R 122 -2.52 36.89 29.17
CA ASP R 122 -1.16 36.51 29.01
C ASP R 122 -1.14 35.19 28.50
N MET R 123 -2.00 34.35 29.07
CA MET R 123 -1.94 33.02 28.63
C MET R 123 -2.49 33.00 27.28
N SER R 124 -3.33 33.98 26.95
CA SER R 124 -3.82 34.24 25.63
C SER R 124 -2.83 34.73 24.64
N ARG R 125 -1.64 35.09 25.04
CA ARG R 125 -0.57 35.28 24.11
C ARG R 125 -0.16 34.02 23.53
N GLY R 126 -0.57 32.95 24.18
CA GLY R 126 -0.41 31.60 23.76
C GLY R 126 -1.09 31.03 22.55
N VAL R 127 -2.27 31.50 22.04
CA VAL R 127 -2.88 30.76 20.92
C VAL R 127 -2.58 31.41 19.63
N GLN R 128 -1.56 30.80 19.03
CA GLN R 128 -0.93 31.25 17.88
C GLN R 128 -1.41 30.38 16.77
N HIS R 129 -2.58 29.82 17.02
CA HIS R 129 -3.34 29.25 16.02
C HIS R 129 -4.32 30.32 15.83
N PRO R 130 -4.61 30.83 14.67
CA PRO R 130 -5.49 31.92 14.55
C PRO R 130 -6.81 31.58 15.03
N VAL R 131 -7.36 30.49 14.54
CA VAL R 131 -8.69 30.08 14.83
C VAL R 131 -8.98 29.67 16.22
N ARG R 132 -8.17 28.80 16.85
CA ARG R 132 -8.58 28.26 18.13
C ARG R 132 -8.59 29.37 19.11
N GLY R 133 -7.58 30.23 18.95
CA GLY R 133 -7.50 31.40 19.74
C GLY R 133 -8.56 32.36 19.43
N LEU R 134 -8.97 32.49 18.16
CA LEU R 134 -10.00 33.44 17.85
C LEU R 134 -11.31 33.16 18.46
N PHE R 135 -11.78 31.93 18.33
CA PHE R 135 -13.04 31.52 18.81
C PHE R 135 -13.05 31.58 20.26
N LEU R 136 -11.92 31.19 20.84
CA LEU R 136 -11.72 31.32 22.22
C LEU R 136 -11.80 32.71 22.66
N ARG R 137 -11.12 33.61 21.96
CA ARG R 137 -11.07 34.95 22.40
C ARG R 137 -12.39 35.52 22.22
N TYR R 138 -13.12 35.08 21.22
CA TYR R 138 -14.43 35.53 21.05
C TYR R 138 -15.32 35.15 22.12
N TYR R 139 -15.19 33.91 22.53
CA TYR R 139 -16.03 33.36 23.52
C TYR R 139 -15.85 34.13 24.75
N LEU R 140 -14.60 34.32 24.98
CA LEU R 140 -14.05 35.06 25.99
C LEU R 140 -14.55 36.43 25.95
N SER R 141 -14.58 37.04 24.78
CA SER R 141 -14.90 38.41 24.59
C SER R 141 -16.25 38.63 25.10
N GLY R 142 -17.12 37.64 24.86
CA GLY R 142 -18.46 37.71 25.35
C GLY R 142 -18.45 37.50 26.82
N GLN R 143 -17.58 36.61 27.32
CA GLN R 143 -17.54 36.38 28.73
C GLN R 143 -17.13 37.55 29.54
N ALA R 144 -16.20 38.38 29.07
CA ALA R 144 -15.80 39.48 29.89
C ALA R 144 -16.56 40.68 29.57
N ARG R 145 -17.55 40.61 28.66
CA ARG R 145 -18.04 41.82 28.06
C ARG R 145 -18.83 42.63 29.00
N ASP R 146 -19.20 41.97 30.07
CA ASP R 146 -20.19 42.36 30.98
C ASP R 146 -19.41 42.73 32.15
N TYR R 147 -18.08 42.59 32.04
CA TYR R 147 -17.23 42.56 33.14
C TYR R 147 -15.94 43.17 32.86
N LEU R 148 -15.87 43.94 31.80
CA LEU R 148 -14.76 44.71 31.38
C LEU R 148 -14.27 45.65 32.47
N PRO R 149 -12.96 46.00 32.54
CA PRO R 149 -12.34 46.69 33.65
C PRO R 149 -12.80 48.05 33.99
N THR R 150 -13.89 48.53 33.37
CA THR R 150 -14.44 49.81 33.64
C THR R 150 -15.93 49.67 33.71
N GLY R 151 -16.53 50.80 34.14
CA GLY R 151 -17.90 51.12 34.43
C GLY R 151 -18.99 50.40 33.72
N ASP R 152 -18.96 50.40 32.36
CA ASP R 152 -20.06 49.91 31.55
C ASP R 152 -20.36 48.49 31.82
N SER R 153 -19.33 47.68 31.83
CA SER R 153 -19.44 46.37 32.33
C SER R 153 -19.74 46.37 33.75
N ASP R 154 -19.03 47.21 34.52
CA ASP R 154 -19.21 47.21 35.93
C ASP R 154 -18.52 48.41 36.53
N GLY R 155 -17.20 48.56 36.33
CA GLY R 155 -16.33 49.53 36.99
C GLY R 155 -15.32 48.97 37.96
N PRO R 156 -14.61 47.85 37.76
CA PRO R 156 -13.38 47.47 38.47
C PRO R 156 -12.44 48.48 39.05
N GLU R 157 -11.74 48.04 40.15
CA GLU R 157 -10.59 48.63 40.81
C GLU R 157 -9.57 48.83 39.72
N GLY R 158 -9.49 50.10 39.27
CA GLY R 158 -8.84 50.53 38.05
C GLY R 158 -10.00 51.21 37.36
N ASN R 159 -10.14 51.06 36.04
CA ASN R 159 -11.28 51.49 35.31
C ASN R 159 -10.93 51.32 33.89
N LEU R 160 -11.20 52.36 33.10
CA LEU R 160 -11.16 52.33 31.69
C LEU R 160 -9.89 51.92 31.11
N GLN R 161 -8.83 52.28 31.79
CA GLN R 161 -7.55 52.09 31.28
C GLN R 161 -7.18 50.69 31.02
N ASP R 162 -7.45 49.86 32.01
CA ASP R 162 -7.18 48.47 32.08
C ASP R 162 -7.87 47.77 31.00
N SER R 163 -9.10 48.21 30.85
CA SER R 163 -9.95 47.71 29.86
C SER R 163 -9.49 48.00 28.48
N ILE R 164 -9.07 49.25 28.27
CA ILE R 164 -8.63 49.75 27.00
C ILE R 164 -7.52 48.96 26.52
N ASN R 165 -6.58 48.73 27.44
CA ASN R 165 -5.42 48.00 27.13
C ASN R 165 -5.79 46.65 26.69
N PHE R 166 -6.70 46.04 27.46
CA PHE R 166 -7.14 44.74 27.16
C PHE R 166 -7.70 44.57 25.80
N ILE R 167 -8.55 45.47 25.36
CA ILE R 167 -9.18 45.30 24.09
C ILE R 167 -8.20 45.49 23.06
N LEU R 168 -7.31 46.43 23.29
CA LEU R 168 -6.31 46.71 22.37
C LEU R 168 -5.48 45.54 22.13
N THR R 169 -5.12 44.82 23.20
CA THR R 169 -4.38 43.61 23.10
C THR R 169 -5.10 42.69 22.27
N ASN R 170 -6.38 42.69 22.47
CA ASN R 170 -7.15 41.85 21.70
C ASN R 170 -7.12 42.24 20.34
N PHE R 171 -7.21 43.51 20.04
CA PHE R 171 -7.27 44.01 18.74
C PHE R 171 -6.14 43.60 17.98
N VAL R 172 -5.00 43.79 18.62
CA VAL R 172 -3.79 43.58 17.95
C VAL R 172 -3.75 42.22 17.57
N GLU R 173 -4.16 41.41 18.53
CA GLU R 173 -4.19 40.04 18.50
C GLU R 173 -5.05 39.59 17.49
N MET R 174 -6.19 40.23 17.38
CA MET R 174 -7.21 39.92 16.47
C MET R 174 -6.61 40.12 15.13
N ASN R 175 -5.84 41.19 14.94
CA ASN R 175 -5.13 41.35 13.72
C ASN R 175 -4.18 40.22 13.53
N LYS R 176 -3.47 39.80 14.57
CA LYS R 176 -2.56 38.74 14.41
C LYS R 176 -3.09 37.48 13.98
N LEU R 177 -4.17 37.02 14.62
CA LEU R 177 -4.68 35.74 14.31
C LEU R 177 -5.15 35.76 12.93
N TRP R 178 -5.88 36.83 12.54
CA TRP R 178 -6.41 36.89 11.21
C TRP R 178 -5.44 36.96 10.11
N VAL R 179 -4.43 37.80 10.30
CA VAL R 179 -3.42 37.92 9.32
C VAL R 179 -2.64 36.69 9.24
N ARG R 180 -2.34 36.13 10.41
CA ARG R 180 -1.67 34.90 10.50
C ARG R 180 -2.44 33.83 9.92
N LEU R 181 -3.75 33.97 9.97
CA LEU R 181 -4.65 33.12 9.33
C LEU R 181 -4.50 33.04 7.90
N GLN R 182 -4.15 34.17 7.28
CA GLN R 182 -3.94 34.26 5.89
C GLN R 182 -2.86 33.36 5.45
N HIS R 183 -1.91 33.16 6.34
CA HIS R 183 -0.79 32.36 6.08
C HIS R 183 -0.90 31.12 6.84
N GLN R 184 -1.98 30.96 7.61
CA GLN R 184 -2.16 29.83 8.46
C GLN R 184 -2.66 28.74 7.63
N GLY R 185 -2.39 27.49 8.04
CA GLY R 185 -2.80 26.32 7.33
C GLY R 185 -1.97 26.16 6.12
N HIS R 186 -2.28 25.10 5.36
CA HIS R 186 -1.56 24.76 4.20
C HIS R 186 -1.55 25.88 3.20
N SER R 187 -0.43 25.95 2.46
CA SER R 187 0.04 27.03 1.64
C SER R 187 -0.87 27.40 0.53
N ARG R 188 -1.58 26.38 0.00
CA ARG R 188 -2.30 26.52 -1.21
C ARG R 188 -3.74 26.80 -0.87
N GLU R 189 -4.08 27.18 0.39
CA GLU R 189 -5.47 27.33 0.80
C GLU R 189 -5.88 28.79 0.84
N ARG R 190 -5.26 29.64 0.00
CA ARG R 190 -5.42 31.07 0.05
C ARG R 190 -6.81 31.62 -0.15
N ASP R 191 -7.58 31.18 -1.16
CA ASP R 191 -8.98 31.55 -1.33
C ASP R 191 -9.90 31.02 -0.30
N LEU R 192 -9.66 29.80 0.20
CA LEU R 192 -10.47 29.23 1.24
C LEU R 192 -10.38 30.10 2.41
N ARG R 193 -9.13 30.50 2.67
CA ARG R 193 -8.83 31.45 3.67
C ARG R 193 -9.53 32.71 3.36
N THR R 194 -9.60 33.23 2.12
CA THR R 194 -10.35 34.43 2.01
C THR R 194 -11.83 34.35 2.30
N GLN R 195 -12.61 33.32 1.87
CA GLN R 195 -14.00 33.33 2.28
C GLN R 195 -14.21 33.26 3.71
N GLU R 196 -13.49 32.32 4.25
CA GLU R 196 -13.51 32.03 5.62
C GLU R 196 -13.07 33.22 6.46
N ARG R 197 -12.01 33.96 6.03
CA ARG R 197 -11.51 35.15 6.69
C ARG R 197 -12.53 36.22 6.79
N ARG R 198 -13.31 36.41 5.71
CA ARG R 198 -14.38 37.34 5.77
C ARG R 198 -15.36 36.97 6.83
N GLU R 199 -15.61 35.68 7.04
CA GLU R 199 -16.53 35.34 8.09
C GLU R 199 -16.10 35.82 9.44
N LEU R 200 -14.82 35.66 9.75
CA LEU R 200 -14.59 35.82 11.14
C LEU R 200 -14.23 37.19 11.48
N GLN R 201 -14.17 38.05 10.48
CA GLN R 201 -13.90 39.42 10.69
C GLN R 201 -14.98 40.07 11.47
N LEU R 202 -16.18 39.59 11.19
CA LEU R 202 -17.41 40.10 11.65
C LEU R 202 -17.52 40.10 13.10
N LEU R 203 -16.95 39.04 13.63
CA LEU R 203 -16.81 38.69 14.99
C LEU R 203 -16.05 39.73 15.66
N VAL R 204 -15.05 40.20 14.94
CA VAL R 204 -14.16 41.19 15.36
C VAL R 204 -14.92 42.44 15.50
N GLY R 205 -15.84 42.72 14.58
CA GLY R 205 -16.42 44.01 14.64
C GLY R 205 -17.31 44.21 15.82
N SER R 206 -17.76 43.17 16.50
CA SER R 206 -18.52 43.34 17.71
C SER R 206 -17.80 44.04 18.82
N ASN R 207 -16.51 43.82 18.91
CA ASN R 207 -15.61 44.38 19.87
C ASN R 207 -15.54 45.81 19.75
N ILE R 208 -15.49 46.22 18.49
CA ILE R 208 -15.40 47.55 18.00
C ILE R 208 -16.63 48.23 18.40
N VAL R 209 -17.69 47.48 18.27
CA VAL R 209 -18.98 47.75 18.75
C VAL R 209 -18.97 47.91 20.20
N ARG R 210 -18.26 47.06 20.92
CA ARG R 210 -18.20 47.18 22.32
C ARG R 210 -17.63 48.48 22.67
N LEU R 211 -16.63 48.88 21.92
CA LEU R 211 -16.01 50.14 22.05
C LEU R 211 -16.84 51.29 21.80
N SER R 212 -17.76 51.23 20.85
CA SER R 212 -18.62 52.36 20.72
C SER R 212 -19.62 52.34 21.81
N GLN R 213 -19.84 51.16 22.44
CA GLN R 213 -20.59 51.12 23.65
C GLN R 213 -19.71 51.47 24.77
N LEU R 214 -18.67 52.27 24.52
CA LEU R 214 -17.70 52.65 25.46
C LEU R 214 -17.18 53.93 24.90
N VAL R 215 -16.08 54.37 25.53
CA VAL R 215 -15.18 55.37 25.13
C VAL R 215 -15.75 56.69 25.29
N ASP R 216 -14.81 57.57 25.54
CA ASP R 216 -15.03 58.94 25.68
C ASP R 216 -13.92 59.38 24.87
N LEU R 217 -13.94 60.66 24.56
CA LEU R 217 -13.02 61.16 23.59
C LEU R 217 -11.61 60.99 23.98
N PRO R 218 -11.07 61.18 25.13
CA PRO R 218 -9.67 60.96 25.31
C PRO R 218 -9.32 59.55 25.16
N THR R 219 -10.24 58.74 25.67
CA THR R 219 -9.98 57.35 25.79
C THR R 219 -9.81 56.76 24.43
N TYR R 220 -10.68 57.20 23.53
CA TYR R 220 -10.48 56.95 22.15
C TYR R 220 -9.21 57.51 21.56
N ARG R 221 -9.07 58.79 21.82
CA ARG R 221 -8.23 59.60 21.00
C ARG R 221 -6.84 59.23 21.05
N ASP R 222 -6.45 59.18 22.30
CA ASP R 222 -5.11 59.02 22.64
C ASP R 222 -4.79 57.60 22.51
N SER R 223 -5.73 56.76 22.99
CA SER R 223 -5.25 55.61 23.66
C SER R 223 -5.83 54.47 23.01
N ILE R 224 -6.59 54.72 21.97
CA ILE R 224 -7.09 53.68 21.21
C ILE R 224 -6.57 54.01 19.85
N LEU R 225 -6.76 55.26 19.38
CA LEU R 225 -6.51 55.60 18.01
C LEU R 225 -5.09 55.47 17.60
N GLY R 226 -4.18 55.95 18.46
CA GLY R 226 -2.76 55.77 18.34
C GLY R 226 -2.44 54.35 17.98
N PRO R 227 -2.87 53.45 18.84
CA PRO R 227 -2.73 52.04 18.65
C PRO R 227 -3.25 51.59 17.36
N LEU R 228 -4.43 52.03 16.93
CA LEU R 228 -4.90 51.46 15.70
C LEU R 228 -4.02 51.77 14.54
N LEU R 229 -3.67 53.06 14.45
CA LEU R 229 -3.03 53.48 13.24
C LEU R 229 -1.71 52.90 12.94
N GLU R 230 -0.85 52.73 13.97
CA GLU R 230 0.37 52.00 13.70
C GLU R 230 0.09 50.64 13.19
N GLN R 231 -0.88 49.98 13.84
CA GLN R 231 -1.16 48.64 13.56
C GLN R 231 -1.57 48.43 12.18
N ILE R 232 -2.39 49.35 11.70
CA ILE R 232 -2.81 49.36 10.35
C ILE R 232 -1.68 49.48 9.38
N VAL R 233 -0.75 50.43 9.62
CA VAL R 233 0.18 50.67 8.54
C VAL R 233 1.21 49.63 8.40
N GLN R 234 1.55 48.93 9.48
CA GLN R 234 2.57 47.95 9.29
C GLN R 234 1.96 46.64 9.08
N CYS R 235 0.65 46.50 9.33
CA CYS R 235 0.06 45.21 9.14
C CYS R 235 -0.05 44.84 7.71
N ARG R 236 -0.27 45.84 6.82
CA ARG R 236 -0.34 45.68 5.39
C ARG R 236 -1.49 44.88 4.85
N ASP R 237 -2.13 43.98 5.64
CA ASP R 237 -3.09 43.01 5.20
C ASP R 237 -4.28 43.71 4.69
N ILE R 238 -4.45 43.74 3.36
CA ILE R 238 -5.42 44.53 2.67
C ILE R 238 -6.77 44.08 3.05
N LEU R 239 -7.02 42.76 3.11
CA LEU R 239 -8.28 42.14 3.46
C LEU R 239 -8.66 42.57 4.83
N ALA R 240 -7.68 42.51 5.73
CA ALA R 240 -7.92 42.96 7.04
C ALA R 240 -8.20 44.42 7.13
N GLN R 241 -7.38 45.22 6.43
CA GLN R 241 -7.38 46.64 6.50
C GLN R 241 -8.69 47.15 6.07
N GLU R 242 -9.20 46.64 4.97
CA GLU R 242 -10.46 47.08 4.48
C GLU R 242 -11.58 46.81 5.43
N TYR R 243 -11.72 45.56 5.94
CA TYR R 243 -12.80 45.28 6.86
C TYR R 243 -12.71 46.09 8.10
N LEU R 244 -11.56 46.05 8.72
CA LEU R 244 -11.42 46.57 10.02
C LEU R 244 -11.60 48.01 10.14
N LEU R 245 -11.07 48.70 9.11
CA LEU R 245 -11.09 50.12 9.01
C LEU R 245 -12.47 50.46 8.91
N GLU R 246 -13.22 49.69 8.13
CA GLU R 246 -14.61 49.84 8.04
C GLU R 246 -15.20 49.68 9.36
N VAL R 247 -14.77 48.75 10.21
CA VAL R 247 -15.37 48.66 11.48
C VAL R 247 -15.17 49.89 12.24
N ILE R 248 -13.98 50.48 12.19
CA ILE R 248 -13.77 51.75 12.83
C ILE R 248 -14.74 52.74 12.31
N THR R 249 -14.85 52.76 10.99
CA THR R 249 -15.58 53.71 10.25
C THR R 249 -16.99 53.68 10.66
N GLN R 250 -17.50 52.46 10.73
CA GLN R 250 -18.83 52.11 10.96
C GLN R 250 -19.21 52.57 12.28
N VAL R 251 -18.34 52.27 13.22
CA VAL R 251 -18.61 52.37 14.58
C VAL R 251 -18.57 53.78 15.14
N PHE R 252 -17.61 54.60 14.72
CA PHE R 252 -17.29 55.78 15.49
C PHE R 252 -17.68 57.10 14.89
N PRO R 253 -17.75 58.16 15.67
CA PRO R 253 -18.08 59.48 15.27
C PRO R 253 -17.27 60.07 14.26
N ASP R 254 -17.90 60.72 13.29
CA ASP R 254 -17.17 61.49 12.35
C ASP R 254 -16.65 62.68 13.04
N GLU R 255 -17.31 63.24 14.06
CA GLU R 255 -16.71 64.22 14.89
C GLU R 255 -15.45 63.80 15.53
N TYR R 256 -15.35 62.54 15.99
CA TYR R 256 -14.19 62.09 16.72
C TYR R 256 -13.12 62.09 15.71
N HIS R 257 -13.52 61.61 14.55
CA HIS R 257 -12.75 61.47 13.37
C HIS R 257 -12.26 62.78 12.95
N LEU R 258 -13.14 63.78 13.11
CA LEU R 258 -13.01 65.15 12.81
C LEU R 258 -11.88 65.66 13.61
N HIS R 259 -11.68 65.12 14.80
CA HIS R 259 -10.69 65.65 15.67
C HIS R 259 -9.40 64.98 15.45
N THR R 260 -9.44 63.96 14.62
CA THR R 260 -8.33 63.11 14.39
C THR R 260 -8.00 63.06 12.96
N LEU R 261 -8.60 63.95 12.19
CA LEU R 261 -8.67 63.88 10.76
C LEU R 261 -7.36 63.78 10.11
N ASP R 262 -6.52 64.63 10.60
CA ASP R 262 -5.25 64.95 10.13
C ASP R 262 -4.35 63.74 10.19
N GLN R 263 -4.52 63.01 11.30
CA GLN R 263 -3.93 61.75 11.55
C GLN R 263 -4.42 60.77 10.59
N PHE R 264 -5.74 60.85 10.35
CA PHE R 264 -6.42 59.92 9.50
C PHE R 264 -5.86 60.02 8.14
N LEU R 265 -5.77 61.23 7.62
CA LEU R 265 -5.33 61.38 6.28
C LEU R 265 -3.91 60.99 6.19
N GLY R 266 -3.12 61.27 7.24
CA GLY R 266 -1.76 60.84 7.15
C GLY R 266 -1.62 59.37 7.17
N ALA R 267 -2.57 58.62 7.74
CA ALA R 267 -2.62 57.18 7.66
C ALA R 267 -2.97 56.72 6.32
N VAL R 268 -3.91 57.45 5.70
CA VAL R 268 -4.37 57.28 4.36
C VAL R 268 -3.24 57.35 3.39
N SER R 269 -2.21 58.13 3.74
CA SER R 269 -1.10 58.34 2.87
C SER R 269 -0.22 57.15 2.75
N ARG R 270 -0.38 56.18 3.65
CA ARG R 270 0.54 55.11 3.81
C ARG R 270 -0.11 53.77 3.66
N LEU R 271 -0.44 53.32 2.42
CA LEU R 271 -1.11 52.05 2.25
C LEU R 271 -0.72 51.31 1.00
N ASN R 272 -1.10 50.00 1.03
CA ASN R 272 -1.00 49.05 -0.04
C ASN R 272 -2.26 49.34 -0.78
N PRO R 273 -2.29 49.76 -2.01
CA PRO R 273 -3.44 50.46 -2.54
C PRO R 273 -4.41 49.48 -3.10
N HIS R 274 -4.28 48.21 -2.73
CA HIS R 274 -5.19 47.17 -3.10
C HIS R 274 -6.30 47.25 -2.12
N VAL R 275 -6.04 47.96 -1.00
CA VAL R 275 -7.04 48.56 -0.16
C VAL R 275 -7.75 49.60 -1.01
N ASN R 276 -9.11 49.64 -1.01
CA ASN R 276 -9.84 50.68 -1.71
C ASN R 276 -10.38 51.62 -0.71
N VAL R 277 -9.44 52.45 -0.27
CA VAL R 277 -9.58 53.56 0.62
C VAL R 277 -10.51 54.53 0.02
N LYS R 278 -10.53 54.64 -1.33
CA LYS R 278 -11.29 55.62 -2.04
C LYS R 278 -12.70 55.48 -1.65
N ALA R 279 -13.21 54.25 -1.60
CA ALA R 279 -14.51 53.97 -1.13
C ALA R 279 -14.65 54.33 0.30
N ILE R 280 -13.66 53.99 1.14
CA ILE R 280 -13.73 54.19 2.56
C ILE R 280 -13.94 55.61 2.91
N VAL R 281 -13.13 56.42 2.27
CA VAL R 281 -13.00 57.81 2.36
C VAL R 281 -14.23 58.35 1.87
N ILE R 282 -14.72 57.81 0.77
CA ILE R 282 -15.93 58.25 0.21
C ILE R 282 -17.02 58.03 1.14
N GLY R 283 -17.05 56.88 1.80
CA GLY R 283 -18.10 56.53 2.69
C GLY R 283 -18.12 57.48 3.78
N MET R 284 -16.94 57.94 4.17
CA MET R 284 -16.72 58.95 5.11
C MET R 284 -17.24 60.22 4.59
N MET R 285 -16.99 60.58 3.35
CA MET R 285 -17.41 61.81 2.82
C MET R 285 -18.85 61.92 2.87
N ASN R 286 -19.52 60.82 2.57
CA ASN R 286 -20.92 60.71 2.61
C ASN R 286 -21.45 60.91 3.94
N ARG R 287 -20.80 60.31 4.93
CA ARG R 287 -21.20 60.36 6.30
C ARG R 287 -21.15 61.76 6.75
N LEU R 288 -20.08 62.43 6.37
CA LEU R 288 -19.96 63.81 6.56
C LEU R 288 -20.97 64.58 5.81
N SER R 289 -21.35 64.16 4.59
CA SER R 289 -22.28 64.86 3.75
C SER R 289 -23.61 65.04 4.38
N ASP R 290 -24.16 63.96 4.98
CA ASP R 290 -25.45 64.06 5.61
C ASP R 290 -25.42 64.96 6.79
N TYR R 291 -24.33 64.91 7.56
CA TYR R 291 -24.14 65.86 8.61
C TYR R 291 -24.03 67.27 8.12
N ALA R 292 -23.32 67.41 7.03
CA ALA R 292 -22.78 68.63 6.54
C ALA R 292 -23.84 69.64 6.23
N GLU R 293 -24.97 69.23 5.60
CA GLU R 293 -26.00 70.19 5.34
C GLU R 293 -26.86 70.40 6.57
N ARG R 294 -26.63 69.59 7.64
CA ARG R 294 -27.36 69.63 8.89
C ARG R 294 -27.20 70.86 9.71
N VAL R 376 -12.54 75.14 10.77
CA VAL R 376 -11.96 74.05 10.05
C VAL R 376 -11.74 74.27 8.58
N PRO R 377 -10.56 74.03 8.06
CA PRO R 377 -10.32 74.09 6.64
C PRO R 377 -10.20 72.68 6.21
N LEU R 378 -11.26 71.87 6.47
CA LEU R 378 -11.27 70.45 6.26
C LEU R 378 -10.90 70.12 4.88
N TYR R 379 -11.49 70.88 3.93
CA TYR R 379 -11.25 70.70 2.53
C TYR R 379 -9.83 70.89 2.28
N ASP R 380 -9.20 71.96 2.80
CA ASP R 380 -7.84 72.23 2.46
C ASP R 380 -7.02 71.10 2.88
N ILE R 381 -7.21 70.65 4.10
CA ILE R 381 -6.41 69.69 4.75
C ILE R 381 -6.37 68.49 3.92
N PHE R 382 -7.58 68.11 3.57
CA PHE R 382 -7.78 66.95 2.82
C PHE R 382 -7.28 67.12 1.49
N PHE R 383 -7.46 68.30 0.91
CA PHE R 383 -7.04 68.65 -0.40
C PHE R 383 -5.61 68.48 -0.55
N ASP R 384 -4.79 69.01 0.35
CA ASP R 384 -3.35 68.99 0.29
C ASP R 384 -2.99 67.57 0.23
N GLN R 385 -3.71 66.84 1.09
CA GLN R 385 -3.61 65.45 1.13
C GLN R 385 -4.06 64.85 -0.17
N VAL R 386 -5.11 65.27 -0.84
CA VAL R 386 -5.57 64.59 -2.02
C VAL R 386 -4.56 64.49 -3.07
N GLN R 387 -3.87 65.58 -3.34
CA GLN R 387 -2.80 65.53 -4.27
C GLN R 387 -1.78 64.66 -3.80
N HIS R 388 -1.47 64.81 -2.51
CA HIS R 388 -0.39 64.10 -1.97
C HIS R 388 -0.61 62.67 -2.15
N LEU R 389 -1.83 62.28 -1.91
CA LEU R 389 -2.35 61.00 -1.91
C LEU R 389 -2.26 60.41 -3.20
N VAL R 390 -2.60 61.22 -4.21
CA VAL R 390 -2.60 60.75 -5.54
C VAL R 390 -1.23 60.37 -5.79
N GLN R 391 -0.30 61.18 -5.34
CA GLN R 391 1.05 60.80 -5.32
C GLN R 391 1.43 59.66 -4.42
N ALA R 392 0.81 59.54 -3.25
CA ALA R 392 1.23 58.59 -2.27
C ALA R 392 0.80 57.23 -2.53
N GLN R 393 -0.14 57.16 -3.43
CA GLN R 393 -0.57 55.96 -4.00
C GLN R 393 -0.46 56.43 -5.37
N HIS R 394 -1.25 55.93 -6.30
CA HIS R 394 -1.45 56.58 -7.56
C HIS R 394 -2.72 56.10 -8.01
N LEU R 395 -3.32 56.88 -8.94
CA LEU R 395 -4.69 56.71 -9.21
C LEU R 395 -4.91 56.51 -10.66
N PRO R 396 -5.72 55.52 -11.06
CA PRO R 396 -6.46 55.54 -12.29
C PRO R 396 -7.33 56.72 -12.12
N ILE R 397 -7.29 57.45 -13.18
CA ILE R 397 -7.60 58.81 -13.18
C ILE R 397 -9.01 59.06 -12.68
N GLN R 398 -9.98 58.19 -13.02
CA GLN R 398 -11.37 58.33 -12.62
C GLN R 398 -11.65 58.40 -11.18
N ASP R 399 -10.93 57.58 -10.39
CA ASP R 399 -11.22 57.33 -9.00
C ASP R 399 -11.18 58.59 -8.28
N THR R 400 -10.16 59.31 -8.67
CA THR R 400 -9.84 60.60 -8.25
C THR R 400 -10.94 61.51 -8.57
N ILE R 401 -11.48 61.41 -9.79
CA ILE R 401 -12.56 62.26 -10.19
C ILE R 401 -13.77 62.02 -9.44
N ALA R 402 -14.04 60.74 -9.20
CA ALA R 402 -15.17 60.34 -8.49
C ALA R 402 -15.15 60.90 -7.13
N LEU R 403 -13.96 60.91 -6.54
CA LEU R 403 -13.72 61.55 -5.31
C LEU R 403 -13.95 62.98 -5.37
N CYS R 404 -13.60 63.59 -6.47
CA CYS R 404 -13.84 64.94 -6.74
C CYS R 404 -15.25 65.33 -6.81
N CYS R 405 -16.09 64.48 -7.40
CA CYS R 405 -17.50 64.74 -7.46
C CYS R 405 -18.06 64.81 -6.11
N SER R 406 -17.65 63.84 -5.28
CA SER R 406 -18.04 63.67 -3.91
C SER R 406 -17.51 64.75 -3.08
N LEU R 407 -16.30 65.19 -3.42
CA LEU R 407 -15.61 66.27 -2.80
C LEU R 407 -16.47 67.42 -2.99
N ALA R 408 -17.02 67.55 -4.20
CA ALA R 408 -17.97 68.57 -4.41
C ALA R 408 -19.18 68.40 -3.56
N ASN R 409 -19.77 67.20 -3.55
CA ASN R 409 -21.01 67.06 -2.85
C ASN R 409 -20.96 67.29 -1.39
N LEU R 410 -19.95 66.71 -0.73
CA LEU R 410 -19.63 67.00 0.61
C LEU R 410 -19.22 68.41 0.93
N SER R 411 -18.28 68.99 0.14
CA SER R 411 -17.67 70.28 0.42
C SER R 411 -18.69 71.34 0.38
N LEU R 412 -19.62 71.22 -0.59
CA LEU R 412 -20.79 72.03 -0.78
C LEU R 412 -21.62 71.98 0.45
N ASN R 413 -21.80 70.77 1.02
CA ASN R 413 -22.81 70.61 2.00
C ASN R 413 -22.32 71.22 3.25
N ILE R 414 -21.02 71.10 3.55
CA ILE R 414 -20.56 71.72 4.76
C ILE R 414 -20.41 73.17 4.48
N TYR R 415 -19.92 73.42 3.27
CA TYR R 415 -19.40 74.67 2.97
C TYR R 415 -19.99 75.05 1.74
N PRO R 416 -20.97 75.88 1.67
CA PRO R 416 -21.64 75.97 0.42
C PRO R 416 -21.02 77.06 -0.36
N GLU R 417 -19.70 76.90 -0.53
CA GLU R 417 -18.86 77.50 -1.47
C GLU R 417 -17.53 77.25 -0.90
N ARG R 418 -16.62 78.16 -1.27
CA ARG R 418 -15.22 78.28 -1.14
C ARG R 418 -14.76 77.89 -2.45
N LEU R 419 -14.78 78.91 -3.35
CA LEU R 419 -14.56 78.90 -4.78
C LEU R 419 -13.20 78.52 -5.11
N ASP R 420 -12.38 78.80 -4.15
CA ASP R 420 -11.03 78.45 -4.03
C ASP R 420 -10.98 76.96 -4.03
N TYR R 421 -11.95 76.28 -3.39
CA TYR R 421 -12.07 74.86 -3.53
C TYR R 421 -12.37 74.56 -4.88
N VAL R 422 -13.32 75.37 -5.33
CA VAL R 422 -14.08 74.89 -6.41
C VAL R 422 -13.33 74.75 -7.61
N ASP R 423 -12.64 75.83 -7.88
CA ASP R 423 -11.60 75.88 -8.77
C ASP R 423 -10.55 75.01 -8.27
N GLY R 424 -10.38 74.92 -6.96
CA GLY R 424 -9.35 74.11 -6.43
C GLY R 424 -9.35 72.75 -6.80
N ILE R 425 -10.46 72.11 -6.99
CA ILE R 425 -10.36 70.96 -7.77
C ILE R 425 -10.06 71.25 -9.21
N LEU R 426 -10.80 72.20 -9.75
CA LEU R 426 -11.08 72.37 -11.14
C LEU R 426 -9.97 72.63 -12.01
N ALA R 427 -9.11 73.48 -11.52
CA ALA R 427 -7.91 73.55 -12.23
C ALA R 427 -7.17 72.56 -11.48
N TYR R 428 -7.20 72.84 -10.16
CA TYR R 428 -6.02 72.77 -9.39
C TYR R 428 -5.77 71.40 -9.03
N ALA R 429 -6.70 70.51 -9.33
CA ALA R 429 -6.37 69.16 -9.24
C ALA R 429 -6.58 68.75 -10.63
N LEU R 430 -7.68 69.17 -11.19
CA LEU R 430 -8.38 68.52 -12.22
C LEU R 430 -7.87 68.92 -13.49
N ALA R 431 -7.64 70.19 -13.74
CA ALA R 431 -6.99 70.60 -14.92
C ALA R 431 -5.67 69.92 -14.92
N LYS R 432 -4.97 69.88 -13.77
CA LYS R 432 -3.68 69.30 -13.61
C LYS R 432 -3.67 67.91 -14.01
N VAL R 433 -4.73 67.32 -13.64
CA VAL R 433 -4.98 66.03 -13.99
C VAL R 433 -5.20 65.91 -15.42
N LYS R 434 -5.96 66.79 -16.02
CA LYS R 434 -6.38 66.67 -17.35
C LYS R 434 -5.26 66.77 -18.27
N GLU R 435 -4.34 67.68 -18.00
CA GLU R 435 -3.15 67.67 -18.78
C GLU R 435 -2.44 66.45 -18.51
N HIS R 436 -2.38 65.99 -17.25
CA HIS R 436 -1.67 64.76 -17.10
C HIS R 436 -2.30 63.59 -17.81
N ALA R 437 -3.61 63.44 -17.68
CA ALA R 437 -4.27 62.33 -18.18
C ALA R 437 -5.18 62.85 -19.10
N ASN R 438 -4.91 62.28 -20.24
CA ASN R 438 -5.58 62.25 -21.45
C ASN R 438 -5.25 60.78 -21.62
N SER R 439 -5.43 60.00 -20.51
CA SER R 439 -4.74 58.75 -20.28
C SER R 439 -5.66 57.92 -19.46
N ALA R 440 -6.86 58.45 -19.25
CA ALA R 440 -8.01 57.66 -19.02
C ALA R 440 -8.98 58.23 -20.00
N ASP R 441 -8.89 59.56 -20.24
CA ASP R 441 -9.66 60.37 -21.19
C ASP R 441 -11.19 60.20 -21.27
N LEU R 442 -11.88 61.01 -22.15
CA LEU R 442 -13.32 61.28 -22.07
C LEU R 442 -14.07 61.00 -23.33
N HIS R 443 -15.39 61.20 -23.14
CA HIS R 443 -16.46 61.41 -24.05
C HIS R 443 -17.58 61.12 -23.14
N SER R 444 -17.40 60.07 -22.30
CA SER R 444 -18.50 59.57 -21.53
C SER R 444 -18.05 58.50 -20.60
N GLN R 445 -16.77 58.13 -20.63
CA GLN R 445 -16.24 57.12 -19.75
C GLN R 445 -16.46 57.45 -18.33
N PRO R 446 -16.18 56.61 -17.37
CA PRO R 446 -16.58 56.92 -16.03
C PRO R 446 -15.81 58.04 -15.47
N ALA R 447 -14.64 58.33 -16.03
CA ALA R 447 -13.94 59.51 -15.68
C ALA R 447 -14.65 60.74 -16.04
N GLN R 448 -15.28 60.68 -17.20
CA GLN R 448 -16.08 61.72 -17.72
C GLN R 448 -17.22 61.84 -16.89
N GLN R 449 -17.81 60.71 -16.54
CA GLN R 449 -19.00 60.64 -15.79
C GLN R 449 -18.78 61.33 -14.52
N SER R 450 -17.65 61.06 -13.91
CA SER R 450 -17.29 61.62 -12.68
C SER R 450 -17.10 63.03 -12.87
N LEU R 451 -16.49 63.40 -13.96
CA LEU R 451 -16.26 64.75 -14.19
C LEU R 451 -17.51 65.47 -14.32
N LEU R 452 -18.44 64.87 -14.97
CA LEU R 452 -19.71 65.37 -15.07
C LEU R 452 -20.47 65.54 -13.89
N SER R 453 -20.47 64.53 -13.06
CA SER R 453 -21.34 64.46 -11.93
C SER R 453 -21.04 65.52 -10.99
N LEU R 454 -19.74 65.64 -10.89
CA LEU R 454 -19.01 66.60 -10.23
C LEU R 454 -19.46 67.86 -10.77
N LEU R 455 -19.52 67.98 -12.09
CA LEU R 455 -19.91 69.19 -12.73
C LEU R 455 -21.30 69.51 -12.42
N GLN R 456 -22.13 68.54 -12.29
CA GLN R 456 -23.45 68.68 -11.87
C GLN R 456 -23.59 69.11 -10.54
N SER R 457 -22.66 68.73 -9.71
CA SER R 457 -22.79 68.92 -8.32
C SER R 457 -23.01 70.29 -7.94
N PRO R 458 -22.32 71.27 -8.39
CA PRO R 458 -22.71 72.60 -8.12
C PRO R 458 -24.02 72.89 -8.56
N LEU R 459 -24.34 72.48 -9.76
CA LEU R 459 -25.47 72.92 -10.47
C LEU R 459 -26.68 72.54 -9.81
N ARG R 460 -26.66 71.31 -9.40
CA ARG R 460 -27.72 70.63 -8.79
C ARG R 460 -27.95 71.23 -7.51
N ARG R 461 -26.86 71.60 -6.84
CA ARG R 461 -27.08 72.17 -5.56
C ARG R 461 -27.50 73.59 -5.74
N TYR R 462 -26.83 74.22 -6.68
CA TYR R 462 -26.88 75.57 -7.04
C TYR R 462 -28.19 76.15 -7.16
N VAL R 463 -28.04 77.47 -7.19
CA VAL R 463 -28.99 78.46 -7.44
C VAL R 463 -28.17 79.60 -7.97
N SER R 464 -26.86 79.41 -8.19
CA SER R 464 -26.01 80.52 -8.50
C SER R 464 -24.80 79.98 -9.16
N ILE R 465 -25.03 79.36 -10.30
CA ILE R 465 -24.08 78.63 -11.09
C ILE R 465 -23.06 79.51 -11.76
N PHE R 466 -23.38 80.80 -11.82
CA PHE R 466 -22.71 81.83 -12.56
C PHE R 466 -21.24 82.05 -12.33
N THR R 467 -20.77 81.98 -11.07
CA THR R 467 -19.38 82.14 -10.68
C THR R 467 -18.58 80.99 -11.18
N ALA R 468 -19.30 79.89 -11.40
CA ALA R 468 -18.73 78.74 -11.94
C ALA R 468 -18.33 79.03 -13.35
N LEU R 469 -19.03 79.87 -14.15
CA LEU R 469 -18.55 80.11 -15.50
C LEU R 469 -17.41 81.02 -15.53
N SER R 470 -17.14 81.66 -14.39
CA SER R 470 -15.93 82.39 -14.21
C SER R 470 -14.90 81.42 -13.82
N LEU R 471 -15.31 80.23 -13.38
CA LEU R 471 -14.40 79.16 -13.19
C LEU R 471 -14.26 78.64 -14.53
N PRO R 472 -13.08 78.45 -15.05
CA PRO R 472 -13.14 78.36 -16.45
C PRO R 472 -12.05 77.48 -16.81
N THR R 473 -11.76 76.60 -15.87
CA THR R 473 -10.85 75.52 -16.03
C THR R 473 -11.78 74.63 -16.66
N TYR R 474 -12.90 74.55 -15.98
CA TYR R 474 -14.21 74.37 -16.41
C TYR R 474 -14.42 74.73 -17.83
N VAL R 475 -14.27 76.01 -18.11
CA VAL R 475 -14.61 76.57 -19.35
C VAL R 475 -13.74 75.99 -20.35
N SER R 476 -12.45 76.06 -20.15
CA SER R 476 -11.50 75.55 -21.07
C SER R 476 -11.62 74.09 -21.23
N LEU R 477 -12.05 73.44 -20.18
CA LEU R 477 -12.32 72.06 -20.06
C LEU R 477 -13.48 71.70 -20.88
N PHE R 478 -14.38 72.62 -21.32
CA PHE R 478 -15.51 72.20 -22.13
C PHE R 478 -15.04 71.61 -23.42
N GLN R 479 -13.88 72.07 -23.85
CA GLN R 479 -13.23 71.74 -25.07
C GLN R 479 -12.92 70.32 -25.15
N ALA R 480 -12.55 69.78 -23.99
CA ALA R 480 -12.06 68.46 -23.94
C ALA R 480 -13.21 67.56 -23.69
N GLN R 481 -14.44 68.11 -23.53
CA GLN R 481 -15.62 67.31 -23.59
C GLN R 481 -16.00 67.13 -24.99
N THR R 482 -16.76 66.04 -25.22
CA THR R 482 -17.50 65.82 -26.41
C THR R 482 -18.64 66.79 -26.46
N TYR R 483 -19.06 67.09 -27.69
CA TYR R 483 -20.19 67.90 -27.98
C TYR R 483 -21.40 67.27 -27.42
N PRO R 484 -21.65 65.97 -27.52
CA PRO R 484 -22.76 65.31 -26.89
C PRO R 484 -22.89 65.62 -25.45
N THR R 485 -21.79 65.71 -24.73
CA THR R 485 -21.89 65.93 -23.34
C THR R 485 -21.97 67.37 -23.05
N ARG R 486 -21.41 68.23 -23.93
CA ARG R 486 -21.51 69.65 -23.77
C ARG R 486 -22.90 70.09 -23.75
N ARG R 487 -23.73 69.62 -24.67
CA ARG R 487 -25.14 69.81 -24.63
C ARG R 487 -25.72 69.18 -23.44
N ALA R 488 -25.32 67.94 -23.10
CA ALA R 488 -26.07 67.31 -22.08
C ALA R 488 -25.98 68.06 -20.81
N ILE R 489 -24.80 68.44 -20.34
CA ILE R 489 -24.86 69.32 -19.23
C ILE R 489 -25.25 70.73 -19.49
N ALA R 490 -24.63 71.35 -20.50
CA ALA R 490 -24.80 72.75 -20.75
C ALA R 490 -26.13 73.07 -21.14
N GLY R 491 -26.60 72.28 -22.08
CA GLY R 491 -27.93 72.14 -22.49
C GLY R 491 -28.72 71.93 -21.35
N GLU R 492 -28.29 71.04 -20.46
CA GLU R 492 -29.12 70.76 -19.35
C GLU R 492 -29.37 71.94 -18.60
N ILE R 493 -28.35 72.71 -18.42
CA ILE R 493 -28.42 73.95 -17.80
C ILE R 493 -29.33 74.83 -18.56
N VAL R 494 -29.27 74.86 -19.88
CA VAL R 494 -30.09 75.79 -20.60
C VAL R 494 -31.46 75.47 -20.37
N ARG R 495 -31.70 74.20 -20.45
CA ARG R 495 -32.93 73.63 -20.28
C ARG R 495 -33.46 73.91 -18.99
N THR R 496 -32.67 73.82 -17.94
CA THR R 496 -33.19 74.07 -16.64
C THR R 496 -33.55 75.47 -16.41
N LEU R 497 -32.75 76.30 -16.99
CA LEU R 497 -32.89 77.68 -17.01
C LEU R 497 -33.96 78.07 -17.89
N LEU R 498 -34.42 77.13 -18.69
CA LEU R 498 -35.45 77.34 -19.63
C LEU R 498 -36.64 76.83 -18.92
N LYS R 499 -36.49 75.86 -17.99
CA LYS R 499 -37.54 75.45 -17.11
C LYS R 499 -37.87 76.61 -16.27
N ASN R 500 -36.81 77.39 -16.00
CA ASN R 500 -36.84 78.76 -15.69
C ASN R 500 -35.51 79.05 -15.21
N GLN R 501 -35.10 80.23 -15.62
CA GLN R 501 -33.83 80.80 -15.50
C GLN R 501 -33.58 81.12 -14.09
N THR R 502 -32.33 81.03 -13.64
CA THR R 502 -31.93 81.33 -12.31
C THR R 502 -31.07 82.51 -12.51
N LEU R 503 -31.32 83.52 -11.67
CA LEU R 503 -30.58 84.73 -11.52
C LEU R 503 -30.76 85.55 -12.76
N ILE R 504 -30.15 86.76 -12.77
CA ILE R 504 -30.32 87.65 -13.87
C ILE R 504 -29.06 88.49 -14.05
N SER R 505 -28.99 89.05 -15.28
CA SER R 505 -28.01 89.81 -16.02
C SER R 505 -27.06 90.74 -15.35
N THR R 506 -25.97 90.92 -16.12
CA THR R 506 -25.00 91.94 -16.05
C THR R 506 -24.43 91.73 -17.43
N PRO R 507 -23.55 92.59 -17.81
CA PRO R 507 -22.74 92.47 -18.98
C PRO R 507 -22.14 91.13 -19.10
N ALA R 508 -21.60 90.63 -17.99
CA ALA R 508 -20.84 89.43 -17.84
C ALA R 508 -21.58 88.28 -18.33
N HIS R 509 -22.89 88.31 -18.18
CA HIS R 509 -23.64 87.14 -18.40
C HIS R 509 -23.84 87.04 -19.83
N LEU R 510 -23.80 88.18 -20.53
CA LEU R 510 -23.76 88.24 -21.96
C LEU R 510 -22.55 87.55 -22.41
N GLU R 511 -21.45 87.75 -21.70
CA GLU R 511 -20.23 87.12 -22.02
C GLU R 511 -20.38 85.68 -21.91
N ASN R 512 -20.98 85.27 -20.81
CA ASN R 512 -21.07 83.93 -20.45
C ASN R 512 -21.78 83.22 -21.46
N VAL R 513 -22.79 83.89 -21.90
CA VAL R 513 -23.67 83.47 -22.89
C VAL R 513 -22.95 83.22 -24.08
N LEU R 514 -22.08 84.11 -24.38
CA LEU R 514 -21.28 83.95 -25.45
C LEU R 514 -20.37 82.84 -25.29
N GLU R 515 -19.75 82.58 -24.11
CA GLU R 515 -18.69 81.58 -24.04
C GLU R 515 -19.22 80.31 -24.45
N ILE R 516 -20.36 80.15 -23.89
CA ILE R 516 -21.19 79.14 -24.15
C ILE R 516 -21.61 79.18 -25.57
N LEU R 517 -21.93 80.34 -26.17
CA LEU R 517 -22.35 80.49 -27.52
C LEU R 517 -21.33 80.00 -28.39
N LYS R 518 -20.11 80.27 -28.06
CA LYS R 518 -19.03 79.73 -28.75
C LYS R 518 -19.02 78.27 -28.68
N VAL R 519 -19.41 77.70 -27.53
CA VAL R 519 -19.61 76.27 -27.49
C VAL R 519 -20.69 75.89 -28.41
N LEU R 520 -21.71 76.70 -28.49
CA LEU R 520 -22.85 76.43 -29.29
C LEU R 520 -22.76 76.44 -30.77
N ILE R 521 -22.09 77.43 -31.36
CA ILE R 521 -22.27 77.68 -32.78
C ILE R 521 -21.58 76.65 -33.54
N LYS R 522 -20.42 76.39 -33.02
CA LYS R 522 -19.67 75.29 -33.40
C LYS R 522 -19.24 74.85 -32.06
N GLU R 523 -18.71 73.63 -31.96
CA GLU R 523 -17.99 73.05 -30.87
C GLU R 523 -18.28 71.61 -30.97
N GLY R 524 -18.26 71.12 -32.23
CA GLY R 524 -18.52 69.76 -32.60
C GLY R 524 -19.16 69.75 -33.94
N SER R 525 -20.11 70.66 -34.20
CA SER R 525 -20.82 70.62 -35.44
C SER R 525 -21.38 71.95 -35.62
N GLN R 526 -21.89 72.13 -36.86
CA GLN R 526 -22.39 73.32 -37.46
C GLN R 526 -23.25 74.21 -36.59
N MET R 548 -32.62 68.66 -29.77
CA MET R 548 -31.52 69.62 -29.90
C MET R 548 -32.15 70.95 -29.75
N GLU R 549 -32.36 71.49 -28.53
CA GLU R 549 -33.17 72.67 -28.40
C GLU R 549 -32.50 73.97 -28.64
N GLU R 550 -31.95 74.18 -29.80
CA GLU R 550 -31.34 75.45 -29.92
C GLU R 550 -32.31 76.49 -30.22
N GLN R 551 -33.45 76.08 -30.63
CA GLN R 551 -34.63 76.85 -30.61
C GLN R 551 -34.96 77.23 -29.25
N GLY R 552 -34.88 76.27 -28.32
CA GLY R 552 -35.43 76.60 -27.04
C GLY R 552 -34.49 77.49 -26.36
N TRP R 553 -33.29 77.45 -26.83
CA TRP R 553 -32.31 78.27 -26.34
C TRP R 553 -32.61 79.64 -26.79
N LEU R 554 -32.98 79.67 -28.05
CA LEU R 554 -33.21 80.82 -28.83
C LEU R 554 -34.21 81.58 -28.14
N ALA R 555 -35.20 80.84 -27.68
CA ALA R 555 -36.22 81.42 -26.96
C ALA R 555 -35.83 82.13 -25.72
N ARG R 556 -34.96 81.57 -24.86
CA ARG R 556 -34.64 82.26 -23.64
C ARG R 556 -34.06 83.56 -23.85
N LEU R 557 -33.15 83.53 -24.77
CA LEU R 557 -32.43 84.63 -25.19
C LEU R 557 -33.36 85.66 -25.69
N VAL R 558 -34.25 85.18 -26.56
CA VAL R 558 -35.20 85.97 -27.25
C VAL R 558 -36.03 86.62 -26.24
N HIS R 559 -36.36 85.96 -25.14
CA HIS R 559 -37.00 86.56 -24.02
C HIS R 559 -36.22 87.62 -23.38
N LEU R 560 -34.96 87.26 -23.13
CA LEU R 560 -34.23 87.74 -22.00
C LEU R 560 -33.93 89.13 -22.15
N ILE R 561 -33.86 89.44 -23.41
CA ILE R 561 -33.51 90.70 -23.93
C ILE R 561 -34.14 92.04 -23.53
N HIS R 562 -35.46 92.23 -23.33
CA HIS R 562 -35.97 93.61 -23.39
C HIS R 562 -35.56 94.77 -22.48
N SER R 563 -35.13 94.54 -21.23
CA SER R 563 -34.89 95.61 -20.29
C SER R 563 -33.78 96.64 -20.56
N ASP R 564 -32.56 96.22 -21.00
CA ASP R 564 -31.40 97.11 -21.22
C ASP R 564 -31.28 97.70 -22.61
N ASP R 565 -30.29 98.60 -22.73
CA ASP R 565 -29.78 99.35 -23.83
C ASP R 565 -29.55 98.61 -25.11
N ASN R 566 -29.45 99.43 -26.16
CA ASN R 566 -29.33 99.21 -27.57
C ASN R 566 -28.15 98.38 -27.89
N ASP R 567 -27.15 98.67 -27.13
CA ASP R 567 -25.88 98.21 -27.33
C ASP R 567 -25.77 96.79 -27.07
N THR R 568 -26.37 96.26 -26.01
CA THR R 568 -26.12 94.90 -25.57
C THR R 568 -26.34 93.91 -26.54
N GLN R 569 -27.46 94.15 -27.07
CA GLN R 569 -28.04 93.53 -28.14
C GLN R 569 -27.20 93.67 -29.24
N PHE R 570 -26.68 94.83 -29.47
CA PHE R 570 -25.89 94.98 -30.60
C PHE R 570 -24.71 94.17 -30.54
N ARG R 571 -24.06 94.12 -29.41
CA ARG R 571 -22.86 93.36 -29.35
C ARG R 571 -23.12 91.96 -29.63
N LEU R 572 -24.16 91.55 -28.98
CA LEU R 572 -24.62 90.27 -29.08
C LEU R 572 -25.05 89.95 -30.39
N LEU R 573 -25.80 90.86 -30.97
CA LEU R 573 -26.55 90.78 -32.17
C LEU R 573 -25.59 90.48 -33.17
N GLN R 574 -24.53 91.20 -33.01
CA GLN R 574 -23.53 91.04 -33.90
C GLN R 574 -22.95 89.72 -33.75
N MET R 575 -22.72 89.33 -32.51
CA MET R 575 -22.00 88.11 -32.34
C MET R 575 -22.66 86.97 -32.86
N THR R 576 -23.89 87.01 -32.57
CA THR R 576 -24.72 86.00 -32.95
C THR R 576 -24.82 85.87 -34.39
N ARG R 577 -24.97 86.93 -35.17
CA ARG R 577 -25.04 86.73 -36.59
C ARG R 577 -23.85 86.09 -37.14
N LYS R 578 -22.73 86.43 -36.57
CA LYS R 578 -21.52 85.82 -37.00
C LYS R 578 -21.50 84.39 -36.68
N ALA R 579 -22.06 84.14 -35.50
CA ALA R 579 -22.34 82.90 -34.95
C ALA R 579 -23.22 82.25 -35.98
N TYR R 580 -24.06 82.99 -36.68
CA TYR R 580 -24.71 82.43 -37.81
C TYR R 580 -23.92 82.65 -38.98
N ALA R 581 -23.13 81.63 -39.15
CA ALA R 581 -22.38 81.43 -40.29
C ALA R 581 -21.97 80.02 -40.13
N GLU R 582 -22.44 79.29 -39.10
CA GLU R 582 -21.77 78.07 -38.76
C GLU R 582 -22.51 76.94 -39.32
N GLY R 583 -23.80 77.20 -39.59
CA GLY R 583 -24.73 76.25 -40.13
C GLY R 583 -24.62 76.01 -41.61
N ASN R 584 -25.68 75.28 -42.06
CA ASN R 584 -26.00 74.83 -43.38
C ASN R 584 -27.07 73.77 -43.22
N GLU R 585 -27.62 73.48 -41.99
CA GLU R 585 -28.44 72.26 -41.90
C GLU R 585 -29.60 72.08 -40.87
N ARG R 586 -30.16 73.09 -40.16
CA ARG R 586 -31.28 72.83 -39.21
C ARG R 586 -32.13 74.08 -39.12
N ILE R 587 -31.52 75.07 -39.74
CA ILE R 587 -31.53 76.50 -39.82
C ILE R 587 -32.68 77.35 -40.17
N ARG R 588 -33.61 76.81 -40.96
CA ARG R 588 -34.67 77.55 -41.57
C ARG R 588 -35.45 78.34 -40.57
N THR R 589 -35.59 77.69 -39.46
CA THR R 589 -36.48 77.88 -38.39
C THR R 589 -35.80 78.57 -37.28
N THR R 590 -34.52 78.74 -37.45
CA THR R 590 -33.64 78.89 -36.36
C THR R 590 -33.28 80.31 -36.44
N THR R 591 -33.13 80.86 -37.65
CA THR R 591 -32.91 82.28 -37.70
C THR R 591 -34.11 83.09 -37.30
N PRO R 592 -35.30 82.81 -37.67
CA PRO R 592 -36.39 83.65 -37.30
C PRO R 592 -36.67 84.03 -35.88
N PRO R 593 -36.54 83.34 -34.78
CA PRO R 593 -36.83 83.85 -33.45
C PRO R 593 -35.99 84.99 -33.12
N LEU R 594 -34.81 85.01 -33.70
CA LEU R 594 -33.99 86.13 -33.54
C LEU R 594 -34.53 87.27 -34.28
N ILE R 595 -35.12 86.99 -35.45
CA ILE R 595 -35.66 88.01 -36.27
C ILE R 595 -36.71 88.67 -35.53
N THR R 596 -37.56 87.87 -34.95
CA THR R 596 -38.59 88.39 -34.16
C THR R 596 -38.13 89.09 -32.98
N ALA R 597 -37.09 88.60 -32.32
CA ALA R 597 -36.63 89.21 -31.13
C ALA R 597 -36.24 90.60 -31.38
N GLY R 598 -35.61 90.78 -32.53
CA GLY R 598 -35.29 92.09 -32.92
C GLY R 598 -36.44 92.86 -33.33
N LEU R 599 -37.42 92.25 -33.97
CA LEU R 599 -38.54 92.96 -34.47
C LEU R 599 -39.35 93.52 -33.39
N LYS R 600 -39.53 92.71 -32.34
CA LYS R 600 -40.31 93.07 -31.22
C LYS R 600 -39.64 94.15 -30.54
N LEU R 601 -38.33 94.02 -30.45
CA LEU R 601 -37.62 95.03 -29.83
C LEU R 601 -37.68 96.22 -30.59
N ALA R 602 -37.67 96.05 -31.88
CA ALA R 602 -37.75 97.08 -32.82
C ALA R 602 -38.98 97.82 -32.72
N ARG R 603 -40.12 97.18 -32.53
CA ARG R 603 -41.26 97.97 -32.25
C ARG R 603 -41.22 98.57 -30.94
N ARG R 604 -40.69 97.86 -29.94
CA ARG R 604 -40.62 98.35 -28.60
C ARG R 604 -39.80 99.56 -28.54
N PHE R 605 -38.82 99.55 -29.39
CA PHE R 605 -37.97 100.60 -29.75
C PHE R 605 -38.66 101.71 -30.42
N LYS R 606 -39.58 101.43 -31.38
CA LYS R 606 -40.30 102.43 -32.13
C LYS R 606 -41.12 103.14 -31.12
N ALA R 607 -41.61 102.35 -30.15
CA ALA R 607 -42.26 102.72 -28.94
C ALA R 607 -41.42 103.44 -27.91
N ARG R 608 -40.24 104.07 -28.23
CA ARG R 608 -39.50 104.81 -27.20
C ARG R 608 -38.72 106.08 -27.64
N GLU R 609 -38.57 106.41 -28.95
CA GLU R 609 -37.52 107.32 -29.40
C GLU R 609 -37.73 108.81 -29.23
N HIS R 610 -36.98 109.45 -28.32
CA HIS R 610 -36.96 110.89 -28.25
C HIS R 610 -35.72 111.27 -27.54
N TYR R 611 -34.84 110.30 -27.33
CA TYR R 611 -33.60 110.48 -26.63
C TYR R 611 -32.76 109.67 -27.51
N ASP R 612 -33.19 108.38 -27.73
CA ASP R 612 -32.77 107.63 -28.89
C ASP R 612 -33.54 108.31 -29.93
N ASP R 613 -32.88 108.53 -31.05
CA ASP R 613 -33.46 108.99 -32.24
C ASP R 613 -32.52 108.38 -33.27
N ASN R 614 -31.72 107.42 -32.79
CA ASN R 614 -30.60 106.76 -33.37
C ASN R 614 -31.04 105.43 -33.70
N TRP R 615 -32.36 105.31 -33.72
CA TRP R 615 -33.12 104.23 -34.18
C TRP R 615 -32.72 104.08 -35.55
N SER R 616 -32.51 105.21 -36.21
CA SER R 616 -32.15 105.31 -37.54
C SER R 616 -30.88 104.68 -37.69
N SER R 617 -29.96 104.98 -36.84
CA SER R 617 -28.70 104.39 -37.01
C SER R 617 -28.70 102.94 -36.86
N GLN R 618 -29.37 102.55 -35.80
CA GLN R 618 -29.48 101.24 -35.36
C GLN R 618 -30.13 100.43 -36.27
N SER R 619 -31.17 100.99 -36.78
CA SER R 619 -31.90 100.37 -37.76
C SER R 619 -31.12 100.19 -38.92
N SER R 620 -30.47 101.25 -39.28
CA SER R 620 -29.96 101.33 -40.56
C SER R 620 -29.03 100.34 -40.79
N SER R 621 -28.22 100.30 -39.78
CA SER R 621 -27.26 99.35 -39.65
C SER R 621 -27.89 98.12 -39.56
N LEU R 622 -28.94 98.03 -38.80
CA LEU R 622 -29.48 96.81 -38.64
C LEU R 622 -30.09 96.28 -39.76
N PHE R 623 -30.87 96.97 -40.50
CA PHE R 623 -31.48 96.50 -41.64
C PHE R 623 -30.56 96.16 -42.58
N LYS R 624 -29.53 96.94 -42.59
CA LYS R 624 -28.53 96.67 -43.45
C LYS R 624 -27.92 95.41 -43.10
N PHE R 625 -27.68 95.26 -41.84
CA PHE R 625 -27.01 94.19 -41.20
C PHE R 625 -27.70 93.00 -41.47
N LEU R 626 -28.96 93.16 -41.34
CA LEU R 626 -29.85 92.17 -41.54
C LEU R 626 -29.82 91.84 -42.90
N HIS R 627 -29.86 92.85 -43.73
CA HIS R 627 -29.96 92.64 -45.10
C HIS R 627 -28.82 91.89 -45.56
N SER R 628 -27.70 92.29 -45.12
CA SER R 628 -26.49 91.73 -45.52
C SER R 628 -26.49 90.35 -45.14
N ALA R 629 -26.99 90.11 -43.94
CA ALA R 629 -27.06 88.81 -43.45
C ALA R 629 -27.95 88.04 -44.29
N ILE R 630 -29.05 88.64 -44.70
CA ILE R 630 -30.07 88.08 -45.49
C ILE R 630 -29.67 87.73 -46.80
N SER R 631 -28.91 88.59 -47.43
CA SER R 631 -28.45 88.28 -48.72
C SER R 631 -27.62 87.13 -48.61
N THR R 632 -26.89 87.06 -47.51
CA THR R 632 -26.15 85.90 -47.20
C THR R 632 -27.01 84.76 -47.15
N LEU R 633 -28.13 84.91 -46.50
CA LEU R 633 -28.87 83.74 -46.29
C LEU R 633 -29.39 83.08 -47.48
N TYR R 634 -29.98 83.81 -48.42
CA TYR R 634 -30.57 83.11 -49.52
C TYR R 634 -29.58 82.31 -50.26
N THR R 635 -28.52 83.06 -50.43
CA THR R 635 -27.39 82.72 -51.16
C THR R 635 -26.76 81.53 -50.63
N ARG R 636 -26.96 81.27 -49.31
CA ARG R 636 -26.57 80.04 -48.67
C ARG R 636 -27.63 79.19 -49.24
N VAL R 637 -27.27 78.50 -50.35
CA VAL R 637 -28.14 78.20 -51.43
C VAL R 637 -29.21 77.38 -50.93
N ASN R 638 -28.71 76.44 -50.12
CA ASN R 638 -29.30 75.52 -49.20
C ASN R 638 -30.77 75.76 -48.90
N GLY R 639 -31.63 74.68 -48.94
CA GLY R 639 -33.04 74.55 -48.44
C GLY R 639 -34.23 74.30 -49.41
N PRO R 640 -35.30 73.49 -49.13
CA PRO R 640 -36.67 73.80 -49.53
C PRO R 640 -37.30 74.74 -48.52
N GLY R 641 -38.20 75.65 -48.95
CA GLY R 641 -38.95 76.50 -48.05
C GLY R 641 -38.31 77.82 -47.85
N VAL R 642 -37.13 78.02 -48.47
CA VAL R 642 -36.22 79.13 -48.31
C VAL R 642 -36.89 80.37 -48.73
N ALA R 643 -37.63 80.22 -49.82
CA ALA R 643 -38.24 81.28 -50.52
C ALA R 643 -39.31 81.77 -49.66
N ASP R 644 -40.13 80.84 -49.16
CA ASP R 644 -41.28 81.10 -48.36
C ASP R 644 -40.87 81.85 -47.13
N LEU R 645 -39.87 81.32 -46.43
CA LEU R 645 -39.41 81.81 -45.18
C LEU R 645 -38.84 83.16 -45.27
N CYS R 646 -37.96 83.32 -46.28
CA CYS R 646 -37.22 84.52 -46.49
C CYS R 646 -38.16 85.59 -46.71
N LEU R 647 -39.14 85.24 -47.50
CA LEU R 647 -40.16 86.14 -47.80
C LEU R 647 -40.87 86.58 -46.64
N ARG R 648 -41.26 85.70 -45.75
CA ARG R 648 -42.01 86.04 -44.60
C ARG R 648 -41.22 86.92 -43.74
N LEU R 649 -39.92 86.67 -43.66
CA LEU R 649 -39.03 87.56 -43.04
C LEU R 649 -38.99 88.88 -43.74
N PHE R 650 -39.01 88.95 -45.08
CA PHE R 650 -39.04 90.19 -45.81
C PHE R 650 -40.25 90.89 -45.39
N CYS R 651 -41.35 90.16 -45.26
CA CYS R 651 -42.56 90.76 -44.95
C CYS R 651 -42.53 91.38 -43.66
N SER R 652 -42.01 90.63 -42.67
CA SER R 652 -42.10 91.10 -41.35
C SER R 652 -41.38 92.37 -41.18
N CYS R 653 -40.17 92.33 -41.66
CA CYS R 653 -39.33 93.43 -41.61
C CYS R 653 -39.71 94.57 -42.44
N GLY R 654 -40.06 94.26 -43.69
CA GLY R 654 -40.49 95.17 -44.70
C GLY R 654 -41.63 96.01 -44.33
N GLN R 655 -42.64 95.38 -43.76
CA GLN R 655 -43.81 95.96 -43.20
C GLN R 655 -43.43 96.74 -42.04
N VAL R 656 -42.52 96.24 -41.24
CA VAL R 656 -42.13 96.95 -40.10
C VAL R 656 -41.55 98.23 -40.57
N ALA R 657 -40.78 98.19 -41.68
CA ALA R 657 -40.22 99.28 -42.41
C ALA R 657 -41.30 100.17 -42.88
N ASP R 658 -42.46 99.62 -43.33
CA ASP R 658 -43.58 100.46 -43.67
C ASP R 658 -44.05 101.26 -42.51
N MET R 659 -44.37 100.64 -41.35
CA MET R 659 -44.94 101.34 -40.23
C MET R 659 -43.98 102.31 -39.64
N THR R 660 -42.69 101.95 -39.61
CA THR R 660 -41.64 102.74 -39.05
C THR R 660 -41.13 103.94 -39.85
N GLU R 661 -41.38 104.07 -41.18
CA GLU R 661 -40.90 105.11 -42.11
C GLU R 661 -40.11 104.62 -43.33
N PHE R 662 -39.05 103.78 -43.15
CA PHE R 662 -38.00 103.70 -44.15
C PHE R 662 -38.18 102.84 -45.35
N GLU R 663 -38.88 103.51 -46.21
CA GLU R 663 -39.35 103.23 -47.49
C GLU R 663 -38.34 103.32 -48.55
N GLU R 664 -37.25 104.05 -48.29
CA GLU R 664 -36.28 104.38 -49.29
C GLU R 664 -35.67 103.19 -49.84
N VAL R 665 -35.47 102.29 -48.90
CA VAL R 665 -34.69 101.15 -49.20
C VAL R 665 -35.58 100.09 -49.64
N ALA R 666 -36.85 100.41 -49.73
CA ALA R 666 -37.74 99.35 -49.85
C ALA R 666 -37.77 98.71 -51.19
N TYR R 667 -37.91 99.44 -52.31
CA TYR R 667 -38.22 98.81 -53.58
C TYR R 667 -37.25 97.84 -53.98
N GLU R 668 -35.95 98.07 -53.80
CA GLU R 668 -35.05 97.07 -54.19
C GLU R 668 -35.36 95.80 -53.52
N PHE R 669 -35.60 95.88 -52.23
CA PHE R 669 -35.78 94.73 -51.43
C PHE R 669 -36.92 93.98 -51.86
N PHE R 670 -37.93 94.72 -52.12
CA PHE R 670 -39.17 94.27 -52.52
C PHE R 670 -39.16 93.68 -53.83
N ALA R 671 -38.38 94.29 -54.71
CA ALA R 671 -38.16 93.81 -56.03
C ALA R 671 -37.53 92.48 -55.88
N GLN R 672 -36.58 92.39 -54.95
CA GLN R 672 -36.01 91.14 -54.65
C GLN R 672 -37.00 90.16 -54.12
N ALA R 673 -37.90 90.60 -53.26
CA ALA R 673 -38.90 89.74 -52.71
C ALA R 673 -39.76 89.12 -53.73
N PHE R 674 -40.17 89.90 -54.70
CA PHE R 674 -40.89 89.38 -55.79
C PHE R 674 -40.14 88.41 -56.54
N THR R 675 -38.85 88.61 -56.76
CA THR R 675 -38.09 87.66 -57.51
C THR R 675 -38.18 86.32 -56.95
N VAL R 676 -38.14 86.27 -55.62
CA VAL R 676 -38.23 85.05 -54.91
C VAL R 676 -39.53 84.44 -55.24
N TYR R 677 -40.60 85.27 -55.30
CA TYR R 677 -41.90 84.83 -55.70
C TYR R 677 -41.84 84.28 -57.05
N GLU R 678 -41.14 84.89 -57.98
CA GLU R 678 -41.11 84.27 -59.23
C GLU R 678 -40.22 83.09 -59.36
N GLU R 679 -38.99 83.08 -58.88
CA GLU R 679 -38.20 81.96 -59.25
C GLU R 679 -38.44 80.77 -58.47
N SER R 680 -38.45 81.07 -57.19
CA SER R 680 -37.88 80.13 -56.31
C SER R 680 -38.88 79.67 -55.38
N ILE R 681 -40.13 80.08 -55.65
CA ILE R 681 -41.27 79.42 -55.10
C ILE R 681 -41.63 78.57 -56.29
N SER R 682 -42.41 77.48 -56.07
CA SER R 682 -42.58 76.45 -57.07
C SER R 682 -43.79 75.55 -56.81
N ASP R 683 -44.57 75.74 -55.72
CA ASP R 683 -45.69 74.89 -55.53
C ASP R 683 -46.83 75.74 -55.36
N SER R 684 -47.92 75.19 -55.82
CA SER R 684 -49.20 75.73 -55.90
C SER R 684 -49.63 76.12 -54.57
N LYS R 685 -49.41 75.28 -53.58
CA LYS R 685 -49.76 75.59 -52.24
C LYS R 685 -48.88 76.61 -51.68
N ALA R 686 -47.59 76.47 -52.00
CA ALA R 686 -46.55 77.25 -51.42
C ALA R 686 -46.78 78.63 -51.81
N GLN R 687 -47.10 78.74 -53.08
CA GLN R 687 -47.56 79.88 -53.73
C GLN R 687 -48.81 80.37 -53.18
N PHE R 688 -49.76 79.47 -52.86
CA PHE R 688 -51.06 79.93 -52.45
C PHE R 688 -50.92 80.75 -51.22
N GLN R 689 -50.18 80.24 -50.25
CA GLN R 689 -49.92 80.95 -49.07
C GLN R 689 -49.14 82.18 -49.26
N ALA R 690 -48.08 82.06 -50.08
CA ALA R 690 -47.15 83.13 -50.29
C ALA R 690 -47.69 84.37 -50.96
N VAL R 691 -48.47 84.25 -52.06
CA VAL R 691 -49.06 85.38 -52.72
C VAL R 691 -50.07 86.04 -51.80
N CYS R 692 -50.78 85.26 -50.92
CA CYS R 692 -51.69 85.86 -49.96
C CYS R 692 -50.93 86.80 -49.09
N VAL R 693 -49.71 86.40 -48.68
CA VAL R 693 -48.80 87.30 -48.05
C VAL R 693 -48.39 88.44 -48.93
N ILE R 694 -48.08 88.25 -50.21
CA ILE R 694 -47.61 89.35 -51.00
C ILE R 694 -48.60 90.39 -51.11
N ALA R 695 -49.80 89.95 -51.39
CA ALA R 695 -50.87 90.82 -51.50
C ALA R 695 -51.08 91.46 -50.22
N SER R 696 -51.22 90.68 -49.17
CA SER R 696 -51.53 91.20 -47.88
C SER R 696 -50.50 92.09 -47.28
N ALA R 697 -49.25 91.71 -47.48
CA ALA R 697 -48.11 92.38 -46.96
C ALA R 697 -48.05 93.70 -47.57
N LEU R 698 -48.32 93.70 -48.88
CA LEU R 698 -48.48 94.91 -49.58
C LEU R 698 -49.60 95.67 -48.97
N HIS R 699 -50.70 95.00 -48.65
CA HIS R 699 -51.83 95.55 -47.97
C HIS R 699 -51.70 96.17 -46.58
N ARG R 700 -50.55 96.36 -45.94
CA ARG R 700 -50.59 97.15 -44.72
C ARG R 700 -49.42 97.99 -44.71
N THR R 701 -48.85 97.99 -45.89
CA THR R 701 -47.77 98.68 -46.39
C THR R 701 -48.59 99.35 -47.41
N ARG R 702 -47.98 100.36 -48.02
CA ARG R 702 -48.72 101.28 -48.80
C ARG R 702 -47.68 102.26 -49.37
N ASN R 703 -46.36 102.15 -49.03
CA ASN R 703 -45.28 103.13 -49.22
C ASN R 703 -45.08 103.67 -50.60
N PHE R 704 -45.12 102.76 -51.55
CA PHE R 704 -44.84 103.05 -52.87
C PHE R 704 -46.01 103.69 -53.34
N GLY R 705 -45.77 104.54 -54.26
CA GLY R 705 -46.80 104.90 -55.06
C GLY R 705 -47.03 103.96 -56.08
N ARG R 706 -47.93 104.54 -56.83
CA ARG R 706 -48.55 104.20 -58.01
C ARG R 706 -47.46 103.98 -59.00
N GLU R 707 -46.40 104.77 -58.88
CA GLU R 707 -45.24 104.77 -59.71
C GLU R 707 -44.54 103.46 -59.73
N ASN R 708 -44.37 102.94 -58.54
CA ASN R 708 -43.72 101.72 -58.30
C ASN R 708 -44.63 100.73 -58.75
N TYR R 709 -45.85 101.00 -58.40
CA TYR R 709 -46.94 100.20 -58.60
C TYR R 709 -47.19 99.89 -59.96
N ASP R 710 -47.32 100.78 -60.93
CA ASP R 710 -47.93 100.39 -62.19
C ASP R 710 -47.18 99.25 -62.77
N THR R 711 -45.87 99.36 -62.60
CA THR R 711 -45.02 98.31 -62.87
C THR R 711 -45.28 97.16 -62.00
N LEU R 712 -45.35 97.31 -60.69
CA LEU R 712 -45.61 96.19 -59.82
C LEU R 712 -46.94 95.51 -59.84
N ILE R 713 -48.02 96.23 -59.94
CA ILE R 713 -49.37 95.83 -59.93
C ILE R 713 -49.65 95.01 -61.10
N THR R 714 -49.14 95.47 -62.27
CA THR R 714 -49.41 94.76 -63.47
C THR R 714 -48.80 93.42 -63.39
N LYS R 715 -47.59 93.39 -62.86
CA LYS R 715 -46.85 92.22 -62.56
C LYS R 715 -47.41 91.25 -61.56
N CYS R 716 -47.85 91.65 -60.35
CA CYS R 716 -48.31 90.70 -59.35
C CYS R 716 -49.44 89.98 -59.87
N ALA R 717 -50.28 90.79 -60.50
CA ALA R 717 -51.44 90.43 -61.17
C ALA R 717 -51.07 89.58 -62.27
N GLN R 718 -50.01 89.86 -62.98
CA GLN R 718 -49.51 89.03 -64.01
C GLN R 718 -49.06 87.76 -63.51
N HIS R 719 -48.33 87.67 -62.40
CA HIS R 719 -47.88 86.44 -61.85
C HIS R 719 -49.02 85.69 -61.48
N ALA R 720 -50.00 86.42 -60.94
CA ALA R 720 -51.25 85.96 -60.53
C ALA R 720 -51.92 85.40 -61.71
N SER R 721 -51.75 86.05 -62.86
CA SER R 721 -52.32 85.76 -64.13
C SER R 721 -51.40 84.81 -64.81
N LYS R 722 -50.41 84.32 -64.09
CA LYS R 722 -49.49 83.42 -64.63
C LYS R 722 -49.47 82.31 -63.69
N LEU R 723 -50.30 82.37 -62.63
CA LEU R 723 -50.59 81.22 -61.85
C LEU R 723 -51.58 80.49 -62.70
N LEU R 724 -51.88 79.22 -62.39
CA LEU R 724 -52.66 78.38 -63.27
C LEU R 724 -53.65 77.56 -62.43
N ARG R 725 -53.98 78.04 -61.19
CA ARG R 725 -54.80 77.35 -60.18
C ARG R 725 -56.15 78.03 -60.01
N LYS R 726 -57.16 77.56 -60.76
CA LYS R 726 -58.40 78.27 -60.90
C LYS R 726 -59.29 78.71 -59.78
N PRO R 727 -59.66 77.98 -58.74
CA PRO R 727 -60.57 78.49 -57.71
C PRO R 727 -60.09 79.78 -57.14
N ASP R 728 -58.86 79.65 -56.76
CA ASP R 728 -58.06 80.61 -56.13
C ASP R 728 -57.85 81.79 -57.02
N GLN R 729 -57.54 81.53 -58.29
CA GLN R 729 -57.28 82.59 -59.23
C GLN R 729 -58.34 83.59 -59.52
N CYS R 730 -59.59 83.19 -59.81
CA CYS R 730 -60.60 84.22 -60.03
C CYS R 730 -60.86 85.06 -58.83
N ARG R 731 -60.96 84.38 -57.65
CA ARG R 731 -61.42 85.05 -56.44
C ARG R 731 -60.51 86.16 -56.11
N ALA R 732 -59.23 85.88 -56.26
CA ALA R 732 -58.23 86.86 -56.13
C ALA R 732 -58.33 87.97 -57.14
N VAL R 733 -58.60 87.62 -58.41
CA VAL R 733 -58.58 88.59 -59.46
C VAL R 733 -59.59 89.63 -59.27
N TYR R 734 -60.80 89.24 -58.90
CA TYR R 734 -61.77 90.22 -58.55
C TYR R 734 -61.46 90.93 -57.27
N LEU R 735 -60.65 90.31 -56.40
CA LEU R 735 -60.22 90.78 -55.11
C LEU R 735 -59.18 91.81 -55.27
N ALA R 736 -58.58 91.86 -56.46
CA ALA R 736 -57.54 92.79 -56.81
C ALA R 736 -58.14 94.14 -56.95
N SER R 737 -59.47 94.22 -56.98
CA SER R 737 -60.23 95.44 -56.96
C SER R 737 -59.93 96.27 -55.78
N HIS R 738 -59.68 95.59 -54.67
CA HIS R 738 -59.51 96.17 -53.39
C HIS R 738 -58.21 96.92 -53.29
N LEU R 739 -57.33 96.76 -54.29
CA LEU R 739 -56.06 97.40 -54.35
C LEU R 739 -56.17 98.86 -54.56
N TRP R 740 -57.22 99.32 -55.22
CA TRP R 740 -57.34 100.71 -55.46
C TRP R 740 -58.22 101.31 -54.45
N TRP R 741 -58.91 100.40 -53.79
CA TRP R 741 -60.03 100.66 -53.00
C TRP R 741 -59.92 101.56 -51.83
N ALA R 742 -61.00 102.36 -51.68
CA ALA R 742 -61.32 103.31 -50.66
C ALA R 742 -61.24 102.74 -49.30
N THR R 743 -61.65 101.48 -49.21
CA THR R 743 -61.30 100.64 -48.11
C THR R 743 -60.03 100.10 -48.69
N PRO R 744 -58.84 100.34 -48.25
CA PRO R 744 -58.58 101.15 -47.10
C PRO R 744 -57.22 101.75 -47.30
N ILE R 745 -56.50 101.91 -46.17
CA ILE R 745 -55.13 102.33 -45.94
C ILE R 745 -54.10 101.74 -46.85
N ALA R 746 -54.25 100.47 -47.23
CA ALA R 746 -53.39 99.80 -48.17
C ALA R 746 -53.30 100.43 -49.53
N ALA R 747 -54.44 101.03 -49.97
CA ALA R 747 -54.78 101.55 -51.27
C ALA R 747 -54.23 102.91 -51.53
N ARG R 748 -53.09 103.25 -50.91
CA ARG R 748 -52.50 104.58 -50.92
C ARG R 748 -50.99 104.52 -51.34
N GLY R 749 -50.29 105.69 -51.60
CA GLY R 749 -48.84 105.76 -51.84
C GLY R 749 -48.15 107.02 -51.33
N GLU R 750 -47.01 106.89 -50.61
CA GLU R 750 -46.35 107.99 -49.92
C GLU R 750 -45.25 108.49 -50.74
N THR R 751 -44.98 107.84 -51.86
CA THR R 751 -44.13 108.47 -52.83
C THR R 751 -44.84 109.74 -53.27
N GLU R 752 -46.17 109.63 -53.36
CA GLU R 752 -47.05 110.69 -53.64
C GLU R 752 -47.28 111.51 -52.40
N ASP R 753 -47.49 110.84 -51.25
CA ASP R 753 -47.69 111.41 -49.95
C ASP R 753 -49.14 111.50 -49.56
N THR R 754 -49.83 110.34 -49.31
CA THR R 754 -51.13 110.18 -48.60
C THR R 754 -52.52 110.08 -49.36
N GLU R 755 -53.42 109.08 -49.00
CA GLU R 755 -54.85 108.78 -49.36
C GLU R 755 -55.16 107.83 -50.54
N LEU R 756 -56.38 107.19 -50.50
CA LEU R 756 -56.94 106.16 -51.37
C LEU R 756 -56.70 106.21 -52.82
N TYR R 757 -56.87 105.05 -53.50
CA TYR R 757 -56.33 104.88 -54.81
C TYR R 757 -57.30 105.11 -55.88
N ARG R 758 -58.16 106.11 -55.63
CA ARG R 758 -59.08 106.76 -56.53
C ARG R 758 -58.83 106.64 -58.01
N ASP R 759 -59.89 106.12 -58.67
CA ASP R 759 -60.13 105.82 -60.05
C ASP R 759 -60.41 104.38 -60.35
N GLY R 760 -61.54 104.18 -61.05
CA GLY R 760 -62.17 102.96 -61.46
C GLY R 760 -61.54 101.95 -62.40
N LYS R 761 -60.71 102.46 -63.34
CA LYS R 761 -60.42 101.71 -64.55
C LYS R 761 -59.84 100.36 -64.44
N ARG R 762 -58.79 100.23 -63.66
CA ARG R 762 -58.12 99.00 -63.36
C ARG R 762 -58.99 98.12 -62.56
N VAL R 763 -59.78 98.70 -61.63
CA VAL R 763 -60.59 97.93 -60.75
C VAL R 763 -61.58 97.09 -61.46
N LEU R 764 -62.26 97.70 -62.43
CA LEU R 764 -63.17 97.04 -63.31
C LEU R 764 -62.53 96.05 -64.20
N GLU R 765 -61.37 96.41 -64.74
CA GLU R 765 -60.59 95.60 -65.63
C GLU R 765 -60.23 94.36 -64.93
N CYS R 766 -59.92 94.43 -63.62
CA CYS R 766 -59.61 93.32 -62.77
C CYS R 766 -60.80 92.45 -62.66
N LEU R 767 -61.98 93.03 -62.47
CA LEU R 767 -63.17 92.26 -62.41
C LEU R 767 -63.43 91.60 -63.72
N GLN R 768 -63.15 92.31 -64.84
CA GLN R 768 -63.26 91.83 -66.18
C GLN R 768 -62.36 90.72 -66.49
N ARG R 769 -61.11 90.76 -66.01
CA ARG R 769 -60.16 89.69 -66.06
C ARG R 769 -60.56 88.54 -65.20
N ALA R 770 -61.12 88.79 -63.99
CA ALA R 770 -61.60 87.78 -63.08
C ALA R 770 -62.67 87.05 -63.80
N LEU R 771 -63.47 87.85 -64.46
CA LEU R 771 -64.45 87.47 -65.38
C LEU R 771 -63.82 86.71 -66.47
N ARG R 772 -62.67 87.06 -67.01
CA ARG R 772 -61.96 86.31 -68.02
C ARG R 772 -61.62 84.96 -67.55
N VAL R 773 -61.32 84.77 -66.26
CA VAL R 773 -61.12 83.47 -65.71
C VAL R 773 -62.39 82.72 -65.76
N ALA R 774 -63.49 83.41 -65.46
CA ALA R 774 -64.79 82.87 -65.56
C ALA R 774 -65.08 82.45 -66.97
N ASP R 775 -64.70 83.31 -67.92
CA ASP R 775 -64.84 83.18 -69.33
C ASP R 775 -64.14 82.03 -69.88
N SER R 776 -63.01 81.73 -69.27
CA SER R 776 -62.21 80.70 -69.82
C SER R 776 -62.52 79.48 -69.06
N CYS R 777 -63.54 79.53 -68.16
CA CYS R 777 -63.96 78.40 -67.39
C CYS R 777 -64.20 77.22 -68.20
N MET R 778 -65.36 77.21 -68.86
CA MET R 778 -65.82 76.14 -69.70
C MET R 778 -66.47 75.15 -68.75
N GLU R 779 -65.84 74.87 -67.58
CA GLU R 779 -66.40 74.08 -66.53
C GLU R 779 -67.07 75.03 -65.63
N THR R 780 -68.34 74.88 -65.79
CA THR R 780 -69.48 75.53 -65.36
C THR R 780 -69.73 75.57 -63.89
N ALA R 781 -69.57 74.45 -63.17
CA ALA R 781 -70.19 74.24 -61.87
C ALA R 781 -69.60 75.17 -60.89
N THR R 782 -68.28 75.11 -60.95
CA THR R 782 -67.42 75.88 -60.16
C THR R 782 -67.60 77.31 -60.58
N SER R 783 -67.86 77.54 -61.89
CA SER R 783 -68.08 78.80 -62.47
C SER R 783 -69.23 79.50 -61.81
N ILE R 784 -70.34 78.85 -61.57
CA ILE R 784 -71.47 79.40 -60.90
C ILE R 784 -71.25 79.69 -59.47
N GLU R 785 -70.60 78.77 -58.73
CA GLU R 785 -70.35 78.92 -57.31
C GLU R 785 -69.62 80.20 -57.13
N LEU R 786 -68.67 80.37 -58.04
CA LEU R 786 -67.94 81.56 -58.20
C LEU R 786 -68.78 82.71 -58.63
N PHE R 787 -69.72 82.58 -59.56
CA PHE R 787 -70.48 83.67 -60.09
C PHE R 787 -71.24 84.32 -59.04
N VAL R 788 -71.74 83.48 -58.19
CA VAL R 788 -72.44 83.81 -57.02
C VAL R 788 -71.53 84.54 -56.19
N GLU R 789 -70.36 84.04 -56.07
CA GLU R 789 -69.37 84.64 -55.30
C GLU R 789 -68.96 85.95 -55.71
N ILE R 790 -68.89 86.12 -57.01
CA ILE R 790 -68.66 87.35 -57.66
C ILE R 790 -69.80 88.19 -57.33
N LEU R 791 -70.99 87.64 -57.31
CA LEU R 791 -72.17 88.35 -56.99
C LEU R 791 -72.11 88.86 -55.63
N ASP R 792 -71.61 88.08 -54.68
CA ASP R 792 -71.45 88.49 -53.32
C ASP R 792 -70.58 89.71 -53.32
N ARG R 793 -69.57 89.64 -54.19
CA ARG R 793 -68.65 90.68 -54.43
C ARG R 793 -69.22 91.89 -55.01
N TYR R 794 -70.17 91.72 -55.89
CA TYR R 794 -70.93 92.74 -56.53
C TYR R 794 -71.66 93.49 -55.51
N VAL R 795 -72.24 92.76 -54.54
CA VAL R 795 -72.87 93.35 -53.39
C VAL R 795 -71.87 94.18 -52.64
N TYR R 796 -70.62 93.75 -52.45
CA TYR R 796 -69.64 94.62 -51.84
C TYR R 796 -69.50 95.96 -52.50
N TYR R 797 -69.38 96.05 -53.85
CA TYR R 797 -69.16 97.25 -54.60
C TYR R 797 -70.34 98.11 -54.73
N PHE R 798 -71.53 97.48 -54.62
CA PHE R 798 -72.84 98.09 -54.48
C PHE R 798 -72.66 98.88 -53.21
N ASP R 799 -72.11 98.23 -52.16
CA ASP R 799 -71.86 98.90 -50.92
C ASP R 799 -70.66 99.80 -50.98
N GLN R 800 -69.73 99.65 -51.95
CA GLN R 800 -68.59 100.49 -51.90
C GLN R 800 -68.74 101.75 -52.61
N ARG R 801 -69.94 102.07 -53.12
CA ARG R 801 -70.10 103.28 -53.85
C ARG R 801 -69.20 103.16 -55.04
N ASN R 802 -69.36 102.08 -55.80
CA ASN R 802 -68.51 101.89 -56.92
C ASN R 802 -69.23 102.65 -57.97
N GLU R 803 -68.87 103.94 -58.05
CA GLU R 803 -69.60 104.96 -58.74
C GLU R 803 -69.63 104.77 -60.23
N SER R 804 -68.43 104.50 -60.78
CA SER R 804 -68.13 104.34 -62.19
C SER R 804 -68.92 103.23 -62.78
N VAL R 805 -68.90 102.15 -61.99
CA VAL R 805 -69.61 100.92 -62.12
C VAL R 805 -71.06 101.29 -62.29
N THR R 806 -71.67 100.61 -63.26
CA THR R 806 -73.01 100.85 -63.69
C THR R 806 -73.63 99.48 -63.65
N THR R 807 -74.96 99.44 -63.35
CA THR R 807 -75.81 98.32 -63.01
C THR R 807 -75.82 97.27 -64.04
N LYS R 808 -75.58 97.64 -65.28
CA LYS R 808 -75.78 96.85 -66.45
C LYS R 808 -75.06 95.54 -66.41
N TYR R 809 -73.82 95.51 -65.95
CA TYR R 809 -73.15 94.32 -65.59
C TYR R 809 -73.69 93.63 -64.41
N LEU R 810 -74.15 94.31 -63.33
CA LEU R 810 -74.69 93.65 -62.13
C LEU R 810 -75.85 92.86 -62.57
N ASN R 811 -76.69 93.47 -63.39
CA ASN R 811 -77.83 92.91 -63.99
C ASN R 811 -77.42 91.78 -64.84
N GLY R 812 -76.33 91.95 -65.60
CA GLY R 812 -75.86 90.94 -66.47
C GLY R 812 -75.39 89.75 -65.70
N LEU R 813 -74.79 89.93 -64.51
CA LEU R 813 -74.35 88.91 -63.62
C LEU R 813 -75.42 88.17 -62.90
N ILE R 814 -76.42 88.86 -62.33
CA ILE R 814 -77.46 88.20 -61.57
C ILE R 814 -78.27 87.31 -62.42
N GLU R 815 -78.52 87.84 -63.62
CA GLU R 815 -79.13 87.18 -64.70
C GLU R 815 -78.35 86.02 -65.17
N LEU R 816 -77.03 86.21 -65.34
CA LEU R 816 -76.15 85.16 -65.76
C LEU R 816 -76.05 84.04 -64.77
N ILE R 817 -76.02 84.33 -63.46
CA ILE R 817 -75.98 83.30 -62.47
C ILE R 817 -77.22 82.52 -62.53
N HIS R 818 -78.38 83.19 -62.63
CA HIS R 818 -79.66 82.58 -62.71
C HIS R 818 -79.79 81.69 -63.89
N SER R 819 -79.29 82.14 -65.05
CA SER R 819 -79.40 81.47 -66.31
C SER R 819 -78.71 80.17 -66.29
N ASN R 820 -77.58 80.10 -65.60
CA ASN R 820 -76.84 78.88 -65.61
C ASN R 820 -77.46 78.02 -64.55
N LEU R 821 -77.78 78.67 -63.41
CA LEU R 821 -78.18 78.06 -62.18
C LEU R 821 -79.40 77.26 -62.37
N ALA R 822 -80.38 77.90 -62.99
CA ALA R 822 -81.61 77.26 -63.26
C ALA R 822 -81.50 76.48 -64.51
N GLY R 823 -80.84 77.09 -65.51
CA GLY R 823 -81.15 76.78 -66.88
C GLY R 823 -80.61 75.49 -67.34
N ASN R 824 -79.84 74.84 -66.47
CA ASN R 824 -79.16 73.66 -66.84
C ASN R 824 -79.17 72.99 -65.52
N GLN R 825 -79.30 71.65 -65.50
CA GLN R 825 -79.18 70.93 -64.24
C GLN R 825 -78.91 69.48 -64.47
N GLN R 826 -78.34 68.83 -63.43
CA GLN R 826 -78.02 67.42 -63.41
C GLN R 826 -77.78 67.09 -61.96
N ASP R 827 -77.62 65.78 -61.70
CA ASP R 827 -77.45 65.14 -60.42
C ASP R 827 -76.38 65.73 -59.51
N SER R 828 -76.80 66.49 -58.49
CA SER R 828 -75.78 67.04 -57.67
C SER R 828 -76.39 67.37 -56.39
N ALA R 829 -75.54 67.16 -55.37
CA ALA R 829 -75.60 67.58 -54.01
C ALA R 829 -75.65 69.06 -54.03
N SER R 830 -74.88 69.58 -54.97
CA SER R 830 -74.61 70.95 -55.28
C SER R 830 -75.90 71.60 -55.63
N VAL R 831 -76.84 70.94 -56.33
CA VAL R 831 -78.09 71.56 -56.68
C VAL R 831 -78.82 71.86 -55.38
N GLU R 832 -78.79 70.97 -54.39
CA GLU R 832 -79.35 71.28 -53.09
C GLU R 832 -78.69 72.44 -52.41
N ALA R 833 -77.37 72.42 -52.46
CA ALA R 833 -76.54 73.37 -51.82
C ALA R 833 -76.80 74.72 -52.33
N SER R 834 -76.97 74.81 -53.66
CA SER R 834 -77.14 76.02 -54.41
C SER R 834 -78.33 76.72 -53.95
N ARG R 835 -79.39 75.98 -53.67
CA ARG R 835 -80.49 76.59 -53.03
C ARG R 835 -80.21 77.08 -51.68
N LYS R 836 -79.49 76.32 -50.82
CA LYS R 836 -79.23 76.83 -49.49
C LYS R 836 -78.47 78.10 -49.54
N HIS R 837 -77.49 78.15 -50.44
CA HIS R 837 -76.65 79.28 -50.69
C HIS R 837 -77.56 80.38 -51.15
N PHE R 838 -78.49 80.12 -52.07
CA PHE R 838 -79.36 81.09 -52.67
C PHE R 838 -80.18 81.73 -51.65
N ILE R 839 -80.66 80.89 -50.75
CA ILE R 839 -81.43 81.32 -49.67
C ILE R 839 -80.72 82.20 -48.74
N GLN R 840 -79.50 81.78 -48.41
CA GLN R 840 -78.72 82.52 -47.50
C GLN R 840 -78.51 83.85 -48.02
N THR R 841 -78.13 83.88 -49.27
CA THR R 841 -77.80 85.08 -49.92
C THR R 841 -78.89 86.03 -50.01
N LEU R 842 -80.07 85.51 -50.35
CA LEU R 842 -81.09 86.48 -50.53
C LEU R 842 -81.42 87.15 -49.27
N GLU R 843 -81.51 86.37 -48.17
CA GLU R 843 -81.71 87.08 -46.94
C GLU R 843 -80.60 88.01 -46.56
N MET R 844 -79.39 87.55 -46.79
CA MET R 844 -78.25 88.31 -46.49
C MET R 844 -78.08 89.56 -47.24
N ILE R 845 -78.41 89.60 -48.53
CA ILE R 845 -78.03 90.75 -49.29
C ILE R 845 -78.85 91.92 -49.04
N GLN R 846 -80.05 91.73 -48.46
CA GLN R 846 -81.00 92.79 -48.36
C GLN R 846 -81.32 93.16 -49.82
N ALA S 1 -2.92 80.11 -97.62
CA ALA S 1 -2.33 79.44 -96.44
C ALA S 1 -3.42 79.14 -95.48
N PHE S 2 -3.65 80.03 -94.48
CA PHE S 2 -4.69 79.91 -93.49
C PHE S 2 -5.99 79.93 -94.23
N LEU S 3 -6.90 79.07 -93.79
CA LEU S 3 -8.16 78.93 -94.40
C LEU S 3 -8.96 78.93 -93.19
N ILE S 4 -9.37 80.16 -92.83
CA ILE S 4 -10.16 80.40 -91.68
C ILE S 4 -11.44 80.67 -92.36
N LEU S 5 -12.45 79.83 -92.03
CA LEU S 5 -13.80 80.02 -92.51
C LEU S 5 -14.52 80.90 -91.49
N VAL S 6 -15.17 81.96 -92.03
CA VAL S 6 -16.00 82.91 -91.26
C VAL S 6 -17.42 82.82 -91.79
N ILE S 7 -18.43 82.55 -90.91
CA ILE S 7 -19.68 82.11 -91.46
C ILE S 7 -20.69 82.66 -90.57
N GLY S 8 -21.81 83.01 -91.19
CA GLY S 8 -22.89 83.57 -90.47
C GLY S 8 -24.02 82.76 -90.91
N ASN S 9 -25.19 83.23 -90.44
CA ASN S 9 -26.54 82.73 -90.55
C ASN S 9 -26.78 81.41 -91.23
N LEU S 10 -27.38 80.54 -90.34
CA LEU S 10 -27.61 79.12 -90.46
C LEU S 10 -28.93 78.75 -89.83
N HIS S 11 -28.88 77.90 -88.77
CA HIS S 11 -29.95 77.31 -88.08
C HIS S 11 -30.16 76.22 -89.02
N ILE S 12 -29.57 75.07 -88.74
CA ILE S 12 -29.60 73.98 -89.61
C ILE S 12 -30.41 73.08 -88.84
N PRO S 13 -31.30 72.44 -89.50
CA PRO S 13 -31.45 72.42 -90.95
C PRO S 13 -32.59 73.34 -91.12
N ASP S 14 -32.58 74.41 -90.32
CA ASP S 14 -33.63 75.32 -90.11
C ASP S 14 -33.53 76.44 -91.06
N ARG S 15 -33.04 77.66 -90.69
CA ARG S 15 -33.00 78.72 -91.64
C ARG S 15 -32.16 78.40 -92.79
N ALA S 16 -31.05 77.73 -92.54
CA ALA S 16 -30.21 77.20 -93.55
C ALA S 16 -30.62 75.81 -93.48
N LEU S 17 -30.72 75.19 -94.63
CA LEU S 17 -31.43 73.96 -94.72
C LEU S 17 -30.44 72.91 -94.83
N ASP S 18 -30.05 72.62 -96.07
CA ASP S 18 -29.12 71.58 -96.36
C ASP S 18 -27.85 72.29 -96.20
N ILE S 19 -26.78 71.55 -96.43
CA ILE S 19 -25.55 72.15 -96.71
C ILE S 19 -25.61 72.25 -98.17
N PRO S 20 -25.48 73.41 -98.75
CA PRO S 20 -25.50 73.58 -100.17
C PRO S 20 -24.53 72.67 -100.77
N PRO S 21 -24.73 71.97 -101.83
CA PRO S 21 -23.80 71.03 -102.36
C PRO S 21 -22.45 71.58 -102.48
N LYS S 22 -22.22 72.84 -102.87
CA LYS S 22 -20.90 73.37 -103.01
C LYS S 22 -20.32 73.44 -101.70
N PHE S 23 -21.11 73.66 -100.66
CA PHE S 23 -20.62 73.63 -99.33
C PHE S 23 -20.33 72.26 -99.00
N LYS S 24 -21.18 71.33 -99.40
CA LYS S 24 -20.91 69.95 -99.13
C LYS S 24 -19.61 69.52 -99.72
N LYS S 25 -19.29 69.99 -100.92
CA LYS S 25 -18.05 69.72 -101.56
C LYS S 25 -16.91 70.35 -100.88
N LEU S 26 -17.17 71.57 -100.44
CA LEU S 26 -16.20 72.50 -100.00
C LEU S 26 -15.51 72.24 -98.73
N LEU S 27 -16.16 71.53 -97.82
CA LEU S 27 -15.82 71.73 -96.45
C LEU S 27 -15.13 70.57 -95.77
N SER S 28 -14.62 69.56 -96.52
CA SER S 28 -13.99 68.35 -96.01
C SER S 28 -13.01 68.50 -94.81
N PRO S 29 -12.95 67.55 -93.88
CA PRO S 29 -12.27 67.63 -92.60
C PRO S 29 -10.86 68.06 -92.51
N GLY S 30 -10.50 68.72 -91.38
CA GLY S 30 -9.13 68.97 -90.95
C GLY S 30 -8.44 70.01 -91.75
N LYS S 31 -8.83 70.07 -93.02
CA LYS S 31 -8.33 70.80 -94.12
C LYS S 31 -8.47 72.24 -93.88
N ILE S 32 -9.70 72.64 -93.49
CA ILE S 32 -9.97 73.98 -93.10
C ILE S 32 -9.39 74.02 -91.76
N SER S 33 -8.82 75.17 -91.43
CA SER S 33 -8.01 75.33 -90.29
C SER S 33 -8.79 75.64 -89.06
N GLN S 34 -9.75 76.59 -89.17
CA GLN S 34 -10.48 77.12 -88.04
C GLN S 34 -11.84 77.50 -88.53
N THR S 35 -12.89 77.22 -87.71
CA THR S 35 -14.23 77.63 -88.03
C THR S 35 -14.49 78.64 -86.94
N LEU S 36 -14.85 79.92 -87.32
CA LEU S 36 -15.34 80.93 -86.39
C LEU S 36 -16.81 81.06 -86.60
N CYS S 37 -17.52 80.49 -85.61
CA CYS S 37 -18.92 80.23 -85.69
C CYS S 37 -19.81 81.19 -84.93
N LEU S 38 -20.76 81.87 -85.61
CA LEU S 38 -21.59 82.95 -85.08
C LEU S 38 -22.97 82.41 -84.67
N GLY S 39 -23.08 81.25 -83.97
CA GLY S 39 -24.25 80.65 -83.28
C GLY S 39 -25.63 80.50 -83.95
N ASN S 40 -26.53 79.68 -83.34
CA ASN S 40 -27.89 79.34 -83.75
C ASN S 40 -27.95 78.09 -84.57
N LEU S 41 -26.99 77.17 -84.36
CA LEU S 41 -26.68 75.99 -85.14
C LEU S 41 -27.70 75.33 -86.01
N THR S 42 -28.86 74.92 -85.55
CA THR S 42 -29.25 74.88 -84.19
C THR S 42 -28.65 73.65 -83.60
N ASP S 43 -28.69 72.64 -84.45
CA ASP S 43 -28.30 71.31 -84.30
C ASP S 43 -26.88 70.98 -84.04
N ARG S 44 -26.78 69.98 -83.17
CA ARG S 44 -25.70 69.16 -82.79
C ARG S 44 -25.11 68.29 -83.82
N ALA S 45 -25.91 67.70 -84.71
CA ALA S 45 -25.37 66.80 -85.72
C ALA S 45 -24.44 67.57 -86.56
N THR S 46 -24.91 68.76 -86.75
CA THR S 46 -24.29 69.79 -87.43
C THR S 46 -23.17 70.28 -86.61
N TYR S 47 -23.30 70.36 -85.29
CA TYR S 47 -22.19 70.67 -84.41
C TYR S 47 -21.08 69.68 -84.62
N ASP S 48 -21.40 68.37 -84.71
CA ASP S 48 -20.42 67.34 -84.95
C ASP S 48 -19.78 67.57 -86.27
N TYR S 49 -20.58 68.03 -87.21
CA TYR S 49 -20.12 68.43 -88.49
C TYR S 49 -19.18 69.60 -88.44
N LEU S 50 -19.37 70.63 -87.59
CA LEU S 50 -18.52 71.82 -87.53
C LEU S 50 -17.16 71.41 -87.14
N ARG S 51 -17.19 70.45 -86.22
CA ARG S 51 -16.03 69.75 -85.89
C ARG S 51 -15.41 69.00 -87.01
N SER S 52 -16.27 68.39 -87.83
CA SER S 52 -15.85 67.54 -88.88
C SER S 52 -15.19 68.38 -89.93
N ILE S 53 -15.36 69.72 -89.97
CA ILE S 53 -14.80 70.52 -91.04
C ILE S 53 -13.31 70.66 -91.03
N SER S 54 -12.80 70.81 -89.82
CA SER S 54 -11.52 71.40 -89.71
C SER S 54 -10.98 70.69 -88.57
N PRO S 55 -9.97 71.22 -87.93
CA PRO S 55 -9.52 70.62 -86.74
C PRO S 55 -9.99 71.60 -85.70
N ASP S 56 -10.65 72.73 -86.07
CA ASP S 56 -11.16 73.60 -85.05
C ASP S 56 -12.49 74.10 -85.43
N LEU S 57 -13.42 73.85 -84.51
CA LEU S 57 -14.65 74.49 -84.34
C LEU S 57 -14.27 75.42 -83.25
N LYS S 58 -14.29 76.72 -83.52
CA LYS S 58 -14.06 77.76 -82.57
C LYS S 58 -15.38 78.35 -82.46
N ILE S 59 -15.85 78.30 -81.20
CA ILE S 59 -17.24 78.38 -80.88
C ILE S 59 -17.59 79.53 -79.97
N VAL S 60 -18.79 80.15 -80.23
CA VAL S 60 -19.44 81.24 -79.50
C VAL S 60 -20.96 81.33 -79.83
N ARG S 61 -21.84 80.77 -78.93
CA ARG S 61 -23.33 80.60 -78.95
C ARG S 61 -24.16 81.71 -79.57
N GLY S 62 -25.43 81.38 -79.94
CA GLY S 62 -26.36 82.36 -80.38
C GLY S 62 -27.64 82.33 -79.67
N ARG S 63 -28.45 83.35 -79.97
CA ARG S 63 -29.63 83.68 -79.26
C ARG S 63 -30.79 83.02 -79.92
N MET S 64 -30.48 82.18 -80.89
CA MET S 64 -31.38 81.30 -81.54
C MET S 64 -30.63 80.03 -81.58
N ASP S 65 -29.96 79.77 -80.45
CA ASP S 65 -29.31 78.54 -80.14
C ASP S 65 -29.59 78.48 -78.67
N VAL S 66 -30.19 77.36 -78.19
CA VAL S 66 -30.59 77.15 -76.82
C VAL S 66 -29.50 76.38 -76.15
N GLU S 67 -29.73 76.04 -74.84
CA GLU S 67 -28.90 75.22 -73.96
C GLU S 67 -27.43 75.36 -74.30
N ALA S 68 -26.80 74.23 -74.63
CA ALA S 68 -25.43 74.20 -74.93
C ALA S 68 -25.14 72.79 -74.93
N THR S 69 -24.59 72.38 -76.05
CA THR S 69 -24.00 71.10 -76.19
C THR S 69 -22.80 71.15 -75.30
N SER S 70 -22.12 72.29 -75.31
CA SER S 70 -21.05 72.52 -74.42
C SER S 70 -20.58 73.91 -74.64
N LEU S 71 -21.16 74.58 -75.64
CA LEU S 71 -20.96 75.93 -76.08
C LEU S 71 -20.23 76.93 -75.15
N PRO S 72 -19.10 77.58 -75.53
CA PRO S 72 -18.44 78.65 -74.76
C PRO S 72 -18.73 80.02 -75.38
N LEU S 73 -19.79 80.71 -74.84
CA LEU S 73 -20.41 81.99 -75.19
C LEU S 73 -19.61 82.89 -76.05
N MET S 74 -18.42 83.30 -75.58
CA MET S 74 -17.66 84.14 -76.41
C MET S 74 -16.32 83.60 -76.15
N GLN S 75 -15.51 83.86 -77.14
CA GLN S 75 -14.22 83.33 -77.25
C GLN S 75 -13.64 84.34 -78.14
N VAL S 76 -12.36 84.63 -77.90
CA VAL S 76 -11.56 85.54 -78.66
C VAL S 76 -10.57 84.57 -79.23
N VAL S 77 -10.12 84.73 -80.52
CA VAL S 77 -9.06 83.86 -81.00
C VAL S 77 -7.98 84.76 -81.53
N THR S 78 -6.73 84.29 -81.49
CA THR S 78 -5.67 85.07 -82.00
C THR S 78 -5.07 84.31 -83.10
N HIS S 79 -4.89 85.00 -84.21
CA HIS S 79 -4.10 84.48 -85.27
C HIS S 79 -3.41 85.65 -85.70
N GLY S 80 -2.09 85.47 -85.75
CA GLY S 80 -1.18 86.56 -85.73
C GLY S 80 -1.38 87.11 -84.36
N SER S 81 -1.77 88.39 -84.30
CA SER S 81 -2.21 89.00 -83.10
C SER S 81 -3.28 89.89 -83.55
N LEU S 82 -4.20 89.24 -84.26
CA LEU S 82 -5.41 89.90 -84.58
C LEU S 82 -6.12 89.13 -83.59
N ARG S 83 -7.00 89.86 -82.90
CA ARG S 83 -7.92 89.22 -82.05
C ARG S 83 -9.01 89.34 -83.03
N ILE S 84 -9.57 88.16 -83.27
CA ILE S 84 -10.50 87.97 -84.32
C ILE S 84 -11.62 87.54 -83.45
N GLY S 85 -12.76 88.28 -83.56
CA GLY S 85 -13.84 88.01 -82.67
C GLY S 85 -15.00 87.48 -83.41
N PHE S 86 -15.76 86.71 -82.61
CA PHE S 86 -16.98 86.20 -83.05
C PHE S 86 -17.79 86.01 -81.82
N LEU S 87 -19.09 86.13 -82.06
CA LEU S 87 -20.12 85.79 -81.13
C LEU S 87 -21.23 85.73 -82.07
N GLU S 88 -22.37 85.17 -81.70
CA GLU S 88 -23.44 85.18 -82.65
C GLU S 88 -23.95 86.57 -82.78
N GLY S 89 -23.78 87.37 -81.72
CA GLY S 89 -24.00 88.78 -81.77
C GLY S 89 -24.90 89.09 -80.66
N PHE S 90 -25.29 88.03 -79.93
CA PHE S 90 -26.31 88.00 -78.95
C PHE S 90 -26.20 89.08 -77.99
N THR S 91 -25.01 89.25 -77.41
CA THR S 91 -24.68 90.27 -76.44
C THR S 91 -25.22 91.65 -76.75
N LEU S 92 -25.34 92.02 -78.05
CA LEU S 92 -26.03 93.21 -78.53
C LEU S 92 -27.41 93.39 -78.00
N VAL S 93 -27.81 94.66 -78.12
CA VAL S 93 -29.17 95.09 -78.01
C VAL S 93 -29.25 96.23 -78.96
N SER S 94 -28.13 96.66 -79.61
CA SER S 94 -28.20 97.77 -80.50
C SER S 94 -27.20 97.65 -81.59
N GLU S 95 -27.69 97.53 -82.83
CA GLU S 95 -26.85 97.59 -83.99
C GLU S 95 -26.76 99.04 -84.35
N GLU S 96 -25.69 99.72 -83.87
CA GLU S 96 -25.39 101.10 -84.18
C GLU S 96 -23.89 101.18 -84.23
N PRO S 97 -23.28 101.95 -85.11
CA PRO S 97 -21.86 101.84 -85.45
C PRO S 97 -20.85 101.90 -84.35
N ASP S 98 -21.08 102.85 -83.45
CA ASP S 98 -20.17 103.19 -82.39
C ASP S 98 -20.21 102.13 -81.37
N VAL S 99 -21.35 101.44 -81.38
CA VAL S 99 -21.62 100.32 -80.55
C VAL S 99 -20.77 99.22 -81.03
N LEU S 100 -20.68 99.03 -82.35
CA LEU S 100 -19.91 97.96 -82.88
C LEU S 100 -18.47 98.13 -82.55
N LEU S 101 -18.03 99.37 -82.71
CA LEU S 101 -16.69 99.69 -82.45
C LEU S 101 -16.31 99.48 -80.98
N ALA S 102 -17.21 99.90 -80.08
CA ALA S 102 -17.08 99.78 -78.65
C ALA S 102 -16.92 98.41 -78.13
N GLU S 103 -17.69 97.55 -78.76
CA GLU S 103 -17.92 96.18 -78.48
C GLU S 103 -16.65 95.50 -78.71
N ALA S 104 -16.00 95.90 -79.80
CA ALA S 104 -14.76 95.32 -80.12
C ALA S 104 -13.80 95.55 -79.01
N ASN S 105 -13.87 96.73 -78.40
CA ASN S 105 -13.01 96.92 -77.28
C ASN S 105 -13.34 96.16 -76.06
N LYS S 106 -14.63 95.98 -75.80
CA LYS S 106 -14.99 95.45 -74.53
C LYS S 106 -14.49 94.08 -74.41
N LEU S 107 -14.57 93.34 -75.52
CA LEU S 107 -14.14 91.99 -75.50
C LEU S 107 -12.71 91.85 -75.74
N ASP S 108 -11.97 92.92 -76.10
CA ASP S 108 -10.65 92.74 -76.62
C ASP S 108 -10.76 91.92 -77.87
N VAL S 109 -11.34 92.52 -78.88
CA VAL S 109 -11.47 91.88 -80.15
C VAL S 109 -11.35 93.06 -81.05
N ASP S 110 -11.00 92.81 -82.34
CA ASP S 110 -10.71 93.91 -83.23
C ASP S 110 -11.33 93.70 -84.60
N VAL S 111 -11.84 92.48 -84.90
CA VAL S 111 -12.56 92.19 -86.13
C VAL S 111 -13.83 91.65 -85.60
N LEU S 112 -15.02 92.12 -86.09
CA LEU S 112 -16.21 91.57 -85.46
C LEU S 112 -17.08 90.89 -86.43
N CYS S 113 -17.33 89.55 -86.17
CA CYS S 113 -18.38 88.86 -86.87
C CYS S 113 -19.53 88.60 -85.96
N TRP S 114 -20.70 88.91 -86.52
CA TRP S 114 -21.97 88.87 -85.87
C TRP S 114 -22.94 88.46 -86.92
N ALA S 115 -24.14 88.02 -86.47
CA ALA S 115 -25.31 87.61 -87.23
C ALA S 115 -26.44 88.59 -86.88
N GLY S 116 -27.29 89.09 -87.82
CA GLY S 116 -28.24 90.17 -87.58
C GLY S 116 -29.61 89.67 -87.22
N GLY S 117 -30.60 90.59 -87.12
CA GLY S 117 -31.90 90.29 -86.53
C GLY S 117 -32.88 90.17 -87.62
N SER S 118 -32.58 90.92 -88.67
CA SER S 118 -33.18 90.78 -89.93
C SER S 118 -32.18 89.95 -90.65
N HIS S 119 -31.49 89.09 -89.87
CA HIS S 119 -30.41 88.21 -90.14
C HIS S 119 -29.52 88.72 -91.15
N ARG S 120 -28.75 89.74 -90.75
CA ARG S 120 -27.86 90.49 -91.57
C ARG S 120 -26.75 89.62 -92.13
N PHE S 121 -26.27 90.00 -93.32
CA PHE S 121 -25.26 89.34 -94.06
C PHE S 121 -24.80 90.55 -94.76
N GLU S 122 -24.05 91.37 -94.05
CA GLU S 122 -23.58 92.56 -94.59
C GLU S 122 -22.42 92.84 -93.77
N CYS S 123 -21.37 93.33 -94.43
CA CYS S 123 -20.14 93.77 -93.84
C CYS S 123 -19.68 95.05 -94.51
N PHE S 124 -19.18 96.05 -93.77
CA PHE S 124 -18.63 97.23 -94.45
C PHE S 124 -17.69 97.84 -93.52
N GLU S 125 -16.76 98.64 -94.12
CA GLU S 125 -15.76 99.16 -93.30
C GLU S 125 -16.32 100.44 -92.98
N TYR S 126 -16.22 100.74 -91.72
CA TYR S 126 -16.75 101.91 -91.18
C TYR S 126 -15.82 101.96 -90.05
N MET S 127 -15.18 103.13 -89.89
CA MET S 127 -14.22 103.42 -88.85
C MET S 127 -13.14 102.41 -88.83
N ASP S 128 -12.62 102.08 -90.03
CA ASP S 128 -11.46 101.25 -90.26
C ASP S 128 -11.73 99.87 -89.87
N LYS S 129 -12.96 99.59 -89.44
CA LYS S 129 -13.23 98.34 -88.89
C LYS S 129 -14.23 97.84 -89.76
N PHE S 130 -14.36 96.55 -89.66
CA PHE S 130 -15.27 95.85 -90.42
C PHE S 130 -16.04 95.26 -89.35
N PHE S 131 -17.31 95.42 -89.64
CA PHE S 131 -18.28 94.92 -88.75
C PHE S 131 -18.97 94.11 -89.79
N VAL S 132 -19.10 92.82 -89.42
CA VAL S 132 -19.15 91.78 -90.40
C VAL S 132 -20.27 90.93 -90.07
N ASN S 133 -21.17 90.78 -91.02
CA ASN S 133 -22.09 89.75 -90.96
C ASN S 133 -21.77 89.05 -92.16
N PRO S 134 -21.25 87.86 -92.09
CA PRO S 134 -20.96 87.07 -93.26
C PRO S 134 -22.22 86.40 -93.55
N GLY S 135 -23.20 86.65 -92.65
CA GLY S 135 -24.54 86.22 -92.49
C GLY S 135 -24.73 85.01 -93.21
N SER S 136 -25.87 84.88 -93.91
CA SER S 136 -26.27 83.75 -94.70
C SER S 136 -25.09 83.15 -95.31
N ALA S 137 -24.99 81.85 -95.22
CA ALA S 137 -23.76 81.23 -95.49
C ALA S 137 -23.99 79.84 -95.76
N THR S 138 -25.27 79.42 -95.75
CA THR S 138 -25.67 78.05 -95.81
C THR S 138 -27.12 77.94 -96.16
N GLY S 139 -27.81 79.08 -96.41
CA GLY S 139 -29.20 79.07 -96.79
C GLY S 139 -30.14 79.70 -95.83
N ALA S 140 -29.62 80.44 -94.83
CA ALA S 140 -30.40 81.10 -93.81
C ALA S 140 -30.94 82.39 -94.23
N PHE S 141 -31.68 83.07 -93.33
CA PHE S 141 -32.37 84.24 -93.78
C PHE S 141 -32.70 85.12 -92.66
N THR S 142 -33.18 86.33 -93.05
CA THR S 142 -33.56 87.44 -92.27
C THR S 142 -34.29 87.05 -91.00
N VAL S 152 -30.60 85.82 -103.27
CA VAL S 152 -30.28 85.27 -101.93
C VAL S 152 -28.80 84.91 -101.92
N VAL S 153 -28.04 85.44 -100.91
CA VAL S 153 -26.61 85.25 -100.85
C VAL S 153 -26.15 84.70 -99.54
N PRO S 154 -25.93 83.41 -99.57
CA PRO S 154 -25.15 82.77 -98.57
C PRO S 154 -23.79 83.17 -98.87
N SER S 155 -23.00 83.36 -97.86
CA SER S 155 -21.69 83.76 -98.02
C SER S 155 -21.06 83.26 -96.80
N PHE S 156 -19.79 82.95 -96.97
CA PHE S 156 -18.81 82.80 -95.97
C PHE S 156 -17.47 83.13 -96.65
N CYS S 157 -16.36 83.26 -95.88
CA CYS S 157 -15.08 83.71 -96.39
C CYS S 157 -14.08 82.69 -96.13
N LEU S 158 -13.07 82.63 -97.02
CA LEU S 158 -11.89 81.97 -96.57
C LEU S 158 -11.06 83.16 -96.46
N MET S 159 -10.40 83.12 -95.32
CA MET S 159 -9.63 84.18 -94.82
C MET S 159 -8.28 83.69 -94.57
N ASP S 160 -7.34 84.63 -94.78
CA ASP S 160 -5.96 84.46 -94.47
C ASP S 160 -5.76 85.67 -93.62
N VAL S 161 -5.41 85.46 -92.33
CA VAL S 161 -5.25 86.51 -91.35
C VAL S 161 -3.78 86.62 -91.34
N GLN S 162 -3.31 87.87 -91.40
CA GLN S 162 -1.93 88.17 -91.42
C GLN S 162 -1.86 89.23 -90.37
N GLY S 163 -1.40 88.83 -89.16
CA GLY S 163 -1.24 89.71 -88.05
C GLY S 163 -2.57 90.11 -87.49
N ILE S 164 -2.79 91.45 -87.50
CA ILE S 164 -3.92 92.21 -87.07
C ILE S 164 -4.79 92.44 -88.24
N SER S 165 -4.29 92.03 -89.37
CA SER S 165 -4.87 92.36 -90.59
C SER S 165 -5.33 91.09 -91.07
N LEU S 166 -6.39 91.18 -91.81
CA LEU S 166 -7.06 90.04 -92.25
C LEU S 166 -7.20 90.41 -93.64
N THR S 167 -7.08 89.45 -94.54
CA THR S 167 -7.53 89.67 -95.86
C THR S 167 -8.47 88.57 -96.01
N LEU S 168 -9.61 88.95 -96.52
CA LEU S 168 -10.74 88.14 -96.64
C LEU S 168 -10.97 88.04 -98.06
N TYR S 169 -11.32 86.82 -98.50
CA TYR S 169 -11.82 86.69 -99.83
C TYR S 169 -13.05 86.15 -99.33
N VAL S 170 -14.06 86.90 -99.66
CA VAL S 170 -15.35 86.58 -99.33
C VAL S 170 -15.74 85.95 -100.57
N TYR S 171 -16.32 84.80 -100.41
CA TYR S 171 -16.83 83.95 -101.40
C TYR S 171 -18.31 84.14 -101.20
N GLN S 172 -19.10 84.39 -102.26
CA GLN S 172 -20.50 84.71 -102.10
C GLN S 172 -21.15 83.73 -103.00
N LEU S 173 -22.28 83.21 -102.53
CA LEU S 173 -22.99 82.17 -103.18
C LEU S 173 -24.24 82.75 -103.55
N ARG S 174 -24.52 82.76 -104.84
CA ARG S 174 -25.65 83.42 -105.34
C ARG S 174 -26.28 82.37 -106.11
N LYS S 175 -27.61 82.27 -105.92
CA LYS S 175 -28.39 81.43 -106.78
C LYS S 175 -28.49 82.29 -107.99
N ASP S 176 -28.30 81.71 -109.17
CA ASP S 176 -28.41 82.49 -110.37
C ASP S 176 -28.70 81.47 -111.40
N GLU S 177 -29.04 81.96 -112.62
CA GLU S 177 -29.39 81.20 -113.80
C GLU S 177 -28.15 80.75 -114.49
N ASN S 178 -27.13 80.48 -113.67
CA ASN S 178 -25.88 79.91 -113.98
C ASN S 178 -26.09 78.46 -113.73
N GLY S 179 -27.18 78.14 -113.01
CA GLY S 179 -27.56 76.81 -112.67
C GLY S 179 -26.56 76.25 -111.72
N THR S 180 -26.05 77.08 -110.82
CA THR S 180 -25.11 76.58 -109.88
C THR S 180 -25.27 77.45 -108.72
N GLU S 181 -24.60 77.05 -107.64
CA GLU S 181 -24.46 77.86 -106.49
C GLU S 181 -23.30 78.62 -106.96
N ASN S 182 -23.45 79.94 -107.06
CA ASN S 182 -22.49 80.59 -107.87
C ASN S 182 -21.64 81.30 -107.00
N VAL S 183 -20.36 81.08 -107.17
CA VAL S 183 -19.34 81.64 -106.37
C VAL S 183 -18.87 82.89 -107.00
N ALA S 184 -18.92 84.00 -106.27
CA ALA S 184 -18.32 85.23 -106.68
C ALA S 184 -17.43 85.49 -105.54
N VAL S 185 -16.17 85.90 -105.76
CA VAL S 185 -15.28 86.12 -104.65
C VAL S 185 -15.00 87.58 -104.75
N GLU S 186 -14.87 88.29 -103.64
CA GLU S 186 -14.50 89.66 -103.64
C GLU S 186 -13.50 89.58 -102.56
N LYS S 187 -12.44 90.36 -102.64
CA LYS S 187 -11.47 90.30 -101.60
C LYS S 187 -11.67 91.60 -100.98
N VAL S 188 -11.64 91.61 -99.65
CA VAL S 188 -11.58 92.80 -98.92
C VAL S 188 -10.45 92.53 -97.99
N THR S 189 -9.63 93.55 -97.74
CA THR S 189 -8.42 93.50 -96.96
C THR S 189 -8.75 94.41 -95.81
N TYR S 190 -8.16 94.07 -94.65
CA TYR S 190 -8.46 94.57 -93.34
C TYR S 190 -7.23 94.76 -92.53
N THR S 191 -7.16 95.88 -91.76
CA THR S 191 -6.18 96.06 -90.72
C THR S 191 -6.82 96.42 -89.42
N LYS S 192 -6.43 95.75 -88.32
CA LYS S 192 -6.90 96.08 -86.99
C LYS S 192 -6.07 97.20 -86.52
N PRO S 193 -6.61 98.16 -85.81
CA PRO S 193 -5.82 99.18 -85.17
C PRO S 193 -5.42 98.57 -83.83
N ARG T 1 -4.16 1.30 -101.70
CA ARG T 1 -3.15 0.31 -102.12
C ARG T 1 -3.44 -0.10 -103.53
N LEU T 2 -4.66 -0.63 -103.60
CA LEU T 2 -5.38 -1.17 -104.68
C LEU T 2 -5.22 -0.52 -106.04
N LEU T 3 -5.46 0.80 -106.09
CA LEU T 3 -5.37 1.57 -107.30
C LEU T 3 -4.04 1.54 -107.92
N GLU T 4 -3.04 1.77 -107.09
CA GLU T 4 -1.69 1.90 -107.47
C GLU T 4 -1.14 0.64 -108.00
N ASP T 5 -1.48 -0.49 -107.34
CA ASP T 5 -1.02 -1.80 -107.77
C ASP T 5 -1.41 -2.04 -109.20
N ALA T 6 -2.68 -1.70 -109.46
CA ALA T 6 -3.17 -1.71 -110.80
C ALA T 6 -2.46 -0.75 -111.70
N LEU T 7 -2.26 0.48 -111.27
CA LEU T 7 -1.67 1.52 -112.05
C LEU T 7 -0.30 1.23 -112.48
N ILE T 8 0.46 0.56 -111.64
CA ILE T 8 1.77 0.10 -111.96
C ILE T 8 1.70 -0.82 -113.11
N ALA T 9 0.77 -1.77 -112.99
CA ALA T 9 0.56 -2.73 -114.02
C ALA T 9 0.18 -2.07 -115.30
N VAL T 10 -0.71 -1.06 -115.20
CA VAL T 10 -1.16 -0.23 -116.28
C VAL T 10 -0.04 0.46 -116.97
N ARG T 11 0.89 1.10 -116.26
CA ARG T 11 1.88 1.86 -116.96
C ARG T 11 2.78 1.06 -117.84
N GLN T 12 3.21 -0.13 -117.36
CA GLN T 12 4.05 -0.93 -118.22
C GLN T 12 3.40 -1.39 -119.49
N GLN T 13 2.21 -1.97 -119.28
CA GLN T 13 1.47 -2.55 -120.35
C GLN T 13 0.85 -1.61 -121.30
N THR T 14 0.35 -0.44 -120.86
CA THR T 14 -0.20 0.57 -121.74
C THR T 14 0.89 1.03 -122.65
N ALA T 15 2.15 1.12 -122.18
CA ALA T 15 3.25 1.41 -123.06
C ALA T 15 3.41 0.38 -124.15
N MET T 16 3.34 -0.93 -123.82
CA MET T 16 3.40 -1.96 -124.84
C MET T 16 2.22 -1.92 -125.79
N MET T 17 1.02 -1.62 -125.26
CA MET T 17 -0.21 -1.48 -125.99
C MET T 17 -0.05 -0.45 -127.03
N ARG T 18 0.48 0.73 -126.64
CA ARG T 18 0.65 1.90 -127.44
C ARG T 18 1.60 1.67 -128.54
N LYS T 19 2.73 0.96 -128.30
CA LYS T 19 3.68 0.69 -129.34
C LYS T 19 3.10 -0.05 -130.50
N PHE T 20 2.22 -1.01 -130.17
CA PHE T 20 1.41 -1.66 -131.14
C PHE T 20 0.34 -0.81 -131.74
N LEU T 21 -0.36 0.00 -130.90
CA LEU T 21 -1.51 0.79 -131.28
C LEU T 21 -1.12 1.74 -132.35
N ASP T 22 0.10 2.25 -132.24
CA ASP T 22 0.70 3.20 -133.13
C ASP T 22 0.77 2.72 -134.50
N THR T 23 1.12 1.44 -134.61
CA THR T 23 1.60 0.95 -135.85
C THR T 23 0.45 0.26 -136.54
N PRO T 24 0.16 0.49 -137.84
CA PRO T 24 -0.84 -0.19 -138.66
C PRO T 24 -0.32 -1.57 -138.87
N GLY T 25 -1.15 -2.63 -138.96
CA GLY T 25 -0.63 -3.95 -139.19
C GLY T 25 -0.36 -4.55 -137.84
N LYS T 26 0.26 -3.74 -136.94
CA LYS T 26 0.60 -4.11 -135.59
C LYS T 26 -0.44 -3.49 -134.73
N LEU T 27 -1.44 -3.00 -135.44
CA LEU T 27 -2.69 -2.52 -135.07
C LEU T 27 -3.36 -3.70 -134.48
N MET T 28 -3.20 -4.86 -135.18
CA MET T 28 -3.67 -6.17 -134.84
C MET T 28 -3.05 -6.69 -133.55
N ASP T 29 -1.74 -6.42 -133.40
CA ASP T 29 -0.96 -6.72 -132.22
C ASP T 29 -1.44 -5.99 -131.05
N ALA T 30 -1.79 -4.72 -131.29
CA ALA T 30 -2.25 -3.81 -130.29
C ALA T 30 -3.42 -4.40 -129.72
N LEU T 31 -4.28 -4.94 -130.57
CA LEU T 31 -5.41 -5.61 -130.04
C LEU T 31 -5.17 -6.79 -129.17
N LYS T 32 -4.20 -7.68 -129.45
CA LYS T 32 -4.00 -8.72 -128.46
C LYS T 32 -3.54 -8.24 -127.11
N CYS T 33 -2.56 -7.33 -127.11
CA CYS T 33 -1.98 -6.80 -125.91
C CYS T 33 -3.02 -6.09 -125.08
N CYS T 34 -3.87 -5.37 -125.80
CA CYS T 34 -5.05 -4.75 -125.32
C CYS T 34 -6.04 -5.75 -124.77
N SER T 35 -6.19 -6.93 -125.42
CA SER T 35 -7.09 -7.97 -124.96
C SER T 35 -6.71 -8.37 -123.57
N THR T 36 -5.40 -8.51 -123.30
CA THR T 36 -4.93 -8.64 -121.96
C THR T 36 -5.23 -7.43 -121.05
N LEU T 37 -5.11 -6.14 -121.50
CA LEU T 37 -5.37 -4.89 -120.71
C LEU T 37 -6.74 -4.66 -120.12
N VAL T 38 -7.83 -4.86 -120.89
CA VAL T 38 -9.15 -4.40 -120.48
C VAL T 38 -9.68 -5.16 -119.31
N SER T 39 -9.12 -6.34 -119.06
CA SER T 39 -9.47 -7.21 -117.97
C SER T 39 -9.40 -6.54 -116.64
N GLU T 40 -8.44 -5.62 -116.50
CA GLU T 40 -8.29 -4.89 -115.29
C GLU T 40 -9.47 -4.05 -115.04
N LEU T 41 -9.97 -3.52 -116.14
CA LEU T 41 -11.12 -2.72 -116.17
C LEU T 41 -12.36 -3.56 -116.10
N ARG T 42 -12.19 -4.86 -116.30
CA ARG T 42 -13.14 -5.88 -116.08
C ARG T 42 -13.17 -6.27 -114.69
N THR T 43 -12.19 -5.81 -113.87
CA THR T 43 -12.13 -6.23 -112.51
C THR T 43 -13.38 -5.76 -111.89
N SER T 44 -13.88 -6.55 -110.97
CA SER T 44 -15.02 -6.17 -110.24
C SER T 44 -14.46 -5.96 -108.89
N SER T 45 -14.58 -4.71 -108.39
CA SER T 45 -13.92 -4.25 -107.21
C SER T 45 -13.96 -2.74 -107.10
N LEU T 46 -12.85 -2.05 -107.51
CA LEU T 46 -12.43 -0.66 -107.30
C LEU T 46 -13.45 0.37 -106.97
N SER T 47 -12.99 1.46 -106.33
CA SER T 47 -13.78 2.64 -106.10
C SER T 47 -14.21 3.16 -107.43
N PRO T 48 -15.38 3.72 -107.56
CA PRO T 48 -15.84 4.42 -108.74
C PRO T 48 -14.81 5.35 -109.21
N LYS T 49 -14.30 6.08 -108.24
CA LYS T 49 -13.29 7.02 -108.38
C LYS T 49 -12.01 6.43 -108.83
N GLN T 50 -11.57 5.32 -108.24
CA GLN T 50 -10.35 4.70 -108.64
C GLN T 50 -10.45 4.21 -110.02
N TYR T 51 -11.59 3.60 -110.34
CA TYR T 51 -11.91 3.07 -111.63
C TYR T 51 -11.94 4.13 -112.64
N TYR T 52 -12.50 5.28 -112.28
CA TYR T 52 -12.62 6.44 -113.07
C TYR T 52 -11.28 6.86 -113.49
N GLU T 53 -10.33 6.84 -112.57
CA GLU T 53 -8.99 7.22 -112.86
C GLU T 53 -8.33 6.35 -113.81
N LEU T 54 -8.56 5.04 -113.69
CA LEU T 54 -8.11 4.08 -114.64
C LEU T 54 -8.74 4.42 -115.92
N TYR T 55 -10.03 4.81 -115.90
CA TYR T 55 -10.74 5.11 -117.09
C TYR T 55 -9.99 6.13 -117.80
N MET T 56 -9.55 7.23 -117.20
CA MET T 56 -8.72 8.09 -117.99
C MET T 56 -7.49 7.45 -118.45
N ALA T 57 -6.80 6.73 -117.58
CA ALA T 57 -5.50 6.29 -117.95
C ALA T 57 -5.41 5.38 -119.13
N VAL T 58 -6.25 4.37 -119.17
CA VAL T 58 -6.29 3.54 -120.30
C VAL T 58 -6.90 4.23 -121.45
N PHE T 59 -7.96 5.02 -121.19
CA PHE T 59 -8.74 5.66 -122.21
C PHE T 59 -8.01 6.56 -123.04
N ASP T 60 -7.26 7.41 -122.39
CA ASP T 60 -6.44 8.38 -122.98
C ASP T 60 -5.36 7.74 -123.79
N ALA T 61 -4.79 6.63 -123.28
CA ALA T 61 -3.77 5.89 -124.00
C ALA T 61 -4.34 5.33 -125.27
N LEU T 62 -5.55 4.83 -125.15
CA LEU T 62 -6.41 4.42 -126.19
C LEU T 62 -6.79 5.51 -127.17
N ARG T 63 -6.91 6.79 -126.74
CA ARG T 63 -7.21 7.92 -127.59
C ARG T 63 -6.14 8.08 -128.65
N TYR T 64 -4.87 7.76 -128.32
CA TYR T 64 -3.81 7.68 -129.31
C TYR T 64 -4.12 6.68 -130.35
N LEU T 65 -4.65 5.52 -129.91
CA LEU T 65 -5.13 4.54 -130.85
C LEU T 65 -6.25 5.10 -131.67
N SER T 66 -7.23 5.84 -131.12
CA SER T 66 -8.34 6.29 -131.93
C SER T 66 -7.91 7.22 -133.03
N ALA T 67 -6.95 8.12 -132.76
CA ALA T 67 -6.41 8.96 -133.80
C ALA T 67 -5.70 8.17 -134.87
N HIS T 68 -4.93 7.15 -134.43
CA HIS T 68 -4.22 6.20 -135.25
C HIS T 68 -5.14 5.52 -136.17
N LEU T 69 -6.27 5.09 -135.63
CA LEU T 69 -7.34 4.41 -136.27
C LEU T 69 -7.97 5.25 -137.30
N ARG T 70 -8.16 6.51 -136.97
CA ARG T 70 -8.76 7.45 -137.83
C ARG T 70 -7.84 7.81 -138.94
N GLU T 71 -6.58 7.34 -138.87
CA GLU T 71 -5.67 7.34 -139.98
C GLU T 71 -5.76 5.99 -140.61
N ASN T 72 -5.86 4.92 -139.79
CA ASN T 72 -5.81 3.56 -140.23
C ASN T 72 -6.88 3.14 -141.18
N HIS T 73 -8.12 3.59 -140.94
CA HIS T 73 -9.27 3.30 -141.77
C HIS T 73 -9.15 3.94 -143.11
N PRO T 74 -8.70 5.19 -143.20
CA PRO T 74 -8.40 5.82 -144.47
C PRO T 74 -7.31 5.12 -145.26
N VAL T 75 -6.54 4.19 -144.64
CA VAL T 75 -5.45 3.51 -145.30
C VAL T 75 -5.80 2.05 -145.43
N ASN T 76 -7.07 1.69 -145.12
CA ASN T 76 -7.67 0.49 -145.66
C ASN T 76 -8.57 -0.20 -144.66
N HIS T 77 -9.74 -0.69 -145.15
CA HIS T 77 -10.83 -1.41 -144.53
C HIS T 77 -10.43 -2.60 -143.71
N LEU T 78 -9.95 -3.70 -144.36
CA LEU T 78 -9.68 -4.99 -143.75
C LEU T 78 -11.05 -5.46 -143.31
N ALA T 79 -11.85 -5.93 -144.28
CA ALA T 79 -13.26 -6.14 -144.07
C ALA T 79 -13.73 -6.96 -142.90
N ASP T 80 -14.90 -6.53 -142.36
CA ASP T 80 -15.78 -7.30 -141.49
C ASP T 80 -15.21 -7.43 -140.16
N LEU T 81 -14.23 -6.59 -139.99
CA LEU T 81 -13.32 -6.44 -138.94
C LEU T 81 -14.05 -6.12 -137.72
N TYR T 82 -15.10 -5.32 -137.87
CA TYR T 82 -15.93 -4.88 -136.83
C TYR T 82 -16.55 -6.02 -136.12
N GLU T 83 -17.02 -7.02 -136.87
CA GLU T 83 -17.55 -8.26 -136.39
C GLU T 83 -16.50 -9.12 -135.78
N LEU T 84 -15.40 -9.16 -136.52
CA LEU T 84 -14.31 -10.04 -136.39
C LEU T 84 -13.69 -9.88 -135.05
N VAL T 85 -13.60 -8.62 -134.56
CA VAL T 85 -13.03 -8.22 -133.29
C VAL T 85 -13.83 -8.61 -132.11
N GLN T 86 -15.06 -9.04 -132.35
CA GLN T 86 -15.98 -9.23 -131.28
C GLN T 86 -16.00 -10.61 -130.86
N TYR T 87 -14.97 -11.32 -131.28
CA TYR T 87 -14.76 -12.64 -130.82
C TYR T 87 -13.94 -12.46 -129.60
N ALA T 88 -13.47 -11.19 -129.38
CA ALA T 88 -12.80 -10.74 -128.21
C ALA T 88 -13.65 -11.03 -127.07
N GLY T 89 -12.97 -11.71 -126.15
CA GLY T 89 -13.52 -12.63 -125.22
C GLY T 89 -14.50 -12.08 -124.30
N ASN T 90 -14.32 -10.80 -123.95
CA ASN T 90 -15.25 -10.31 -123.02
C ASN T 90 -15.36 -8.90 -123.11
N ILE T 91 -16.45 -8.59 -122.44
CA ILE T 91 -17.34 -7.70 -123.02
C ILE T 91 -16.89 -6.33 -123.17
N ILE T 92 -16.32 -5.68 -122.19
CA ILE T 92 -15.71 -4.42 -122.40
C ILE T 92 -14.58 -4.51 -123.36
N PRO T 93 -13.60 -5.38 -123.29
CA PRO T 93 -12.57 -5.42 -124.30
C PRO T 93 -13.05 -5.57 -125.65
N ARG T 94 -13.96 -6.50 -125.79
CA ARG T 94 -14.50 -6.81 -127.03
C ARG T 94 -15.16 -5.68 -127.61
N LEU T 95 -15.99 -5.03 -126.83
CA LEU T 95 -16.92 -4.10 -127.36
C LEU T 95 -16.24 -2.91 -127.86
N TYR T 96 -15.28 -2.49 -127.12
CA TYR T 96 -14.46 -1.38 -127.41
C TYR T 96 -13.78 -1.67 -128.67
N LEU T 97 -13.35 -2.92 -128.88
CA LEU T 97 -12.80 -3.29 -130.14
C LEU T 97 -13.76 -3.14 -131.25
N MET T 98 -15.04 -3.51 -131.11
CA MET T 98 -15.92 -3.20 -132.21
C MET T 98 -16.01 -1.78 -132.44
N ILE T 99 -16.11 -1.02 -131.34
CA ILE T 99 -16.41 0.38 -131.34
C ILE T 99 -15.41 1.11 -132.05
N THR T 100 -14.17 0.74 -131.82
CA THR T 100 -13.06 1.24 -132.53
C THR T 100 -13.26 0.88 -133.95
N VAL T 101 -13.68 -0.35 -134.27
CA VAL T 101 -13.90 -0.64 -135.66
C VAL T 101 -14.99 0.19 -136.27
N GLY T 102 -16.06 0.43 -135.52
CA GLY T 102 -17.11 1.34 -135.87
C GLY T 102 -16.58 2.67 -136.30
N THR T 103 -15.67 3.25 -135.50
CA THR T 103 -15.11 4.57 -135.68
C THR T 103 -14.36 4.70 -136.97
N ALA T 104 -13.67 3.62 -137.33
CA ALA T 104 -13.02 3.45 -138.59
C ALA T 104 -14.01 3.44 -139.75
N TYR T 105 -15.10 2.68 -139.58
CA TYR T 105 -16.15 2.54 -140.56
C TYR T 105 -16.79 3.87 -140.83
N MET T 106 -17.03 4.68 -139.79
CA MET T 106 -17.55 6.01 -139.93
C MET T 106 -16.64 6.86 -140.75
N SER T 107 -15.34 6.67 -140.52
CA SER T 107 -14.35 7.53 -141.07
C SER T 107 -14.33 7.39 -142.55
N ILE T 108 -14.29 6.17 -143.08
CA ILE T 108 -14.44 6.11 -144.50
C ILE T 108 -15.84 6.35 -144.99
N ASP T 109 -16.81 5.70 -144.33
CA ASP T 109 -18.14 5.53 -144.85
C ASP T 109 -19.07 6.58 -144.43
N GLY T 110 -20.37 6.27 -144.61
CA GLY T 110 -21.49 7.09 -144.29
C GLY T 110 -22.77 6.30 -144.43
N ALA T 111 -23.01 5.65 -145.59
CA ALA T 111 -24.22 4.90 -145.78
C ALA T 111 -24.47 3.75 -144.84
N PRO T 112 -23.57 2.81 -144.54
CA PRO T 112 -23.90 1.71 -143.64
C PRO T 112 -23.68 2.04 -142.21
N VAL T 113 -23.22 3.26 -141.97
CA VAL T 113 -22.80 3.72 -140.69
C VAL T 113 -23.91 3.62 -139.71
N LYS T 114 -25.08 4.09 -140.14
CA LYS T 114 -26.25 4.24 -139.34
C LYS T 114 -26.67 2.92 -138.79
N GLU T 115 -26.66 1.88 -139.61
CA GLU T 115 -27.11 0.57 -139.31
C GLU T 115 -26.27 0.00 -138.23
N LEU T 116 -24.97 0.21 -138.38
CA LEU T 116 -24.03 -0.25 -137.39
C LEU T 116 -24.25 0.39 -136.07
N MET T 117 -24.47 1.70 -136.10
CA MET T 117 -24.58 2.55 -134.96
C MET T 117 -25.66 2.10 -134.11
N LYS T 118 -26.73 1.80 -134.79
CA LYS T 118 -27.84 1.26 -134.17
C LYS T 118 -27.49 -0.04 -133.56
N ASP T 119 -26.72 -0.95 -134.22
CA ASP T 119 -26.38 -2.21 -133.58
C ASP T 119 -25.77 -1.98 -132.27
N MET T 120 -24.81 -1.12 -132.26
CA MET T 120 -23.98 -0.94 -131.14
C MET T 120 -24.73 -0.53 -129.97
N MET T 121 -25.71 0.35 -130.22
CA MET T 121 -26.54 0.87 -129.21
C MET T 121 -27.27 -0.22 -128.60
N ASP T 122 -27.70 -1.12 -129.44
CA ASP T 122 -28.50 -2.20 -129.01
C ASP T 122 -27.74 -2.99 -128.12
N MET T 123 -26.49 -3.21 -128.50
CA MET T 123 -25.73 -4.06 -127.67
C MET T 123 -25.45 -3.30 -126.44
N SER T 124 -25.48 -1.97 -126.54
CA SER T 124 -25.43 -1.07 -125.43
C SER T 124 -26.60 -1.05 -124.53
N ARG T 125 -27.69 -1.68 -124.89
CA ARG T 125 -28.73 -1.93 -123.94
C ARG T 125 -28.31 -2.91 -122.95
N GLY T 126 -27.25 -3.61 -123.28
CA GLY T 126 -26.55 -4.54 -122.46
C GLY T 126 -25.81 -4.14 -121.22
N VAL T 127 -25.27 -2.89 -121.01
CA VAL T 127 -24.46 -2.68 -119.79
C VAL T 127 -25.24 -2.02 -118.74
N GLN T 128 -25.71 -2.91 -117.88
CA GLN T 128 -26.61 -2.64 -116.86
C GLN T 128 -25.82 -2.61 -115.60
N HIS T 129 -24.54 -2.34 -115.80
CA HIS T 129 -23.70 -1.94 -114.76
C HIS T 129 -23.67 -0.49 -115.03
N PRO T 130 -23.92 0.40 -114.12
CA PRO T 130 -23.94 1.76 -114.44
C PRO T 130 -22.66 2.22 -114.95
N VAL T 131 -21.60 1.95 -114.22
CA VAL T 131 -20.30 2.42 -114.51
C VAL T 131 -19.66 1.90 -115.73
N ARG T 132 -19.64 0.57 -115.95
CA ARG T 132 -18.85 0.04 -117.05
C ARG T 132 -19.43 0.54 -118.32
N GLY T 133 -20.77 0.56 -118.33
CA GLY T 133 -21.49 1.08 -119.42
C GLY T 133 -21.32 2.54 -119.54
N LEU T 134 -21.24 3.28 -118.43
CA LEU T 134 -21.10 4.69 -118.55
C LEU T 134 -19.85 5.15 -119.19
N PHE T 135 -18.73 4.63 -118.74
CA PHE T 135 -17.45 4.99 -119.21
C PHE T 135 -17.31 4.58 -120.60
N LEU T 136 -17.85 3.41 -120.88
CA LEU T 136 -17.93 2.96 -122.21
C LEU T 136 -18.70 3.84 -123.06
N ARG T 137 -19.88 4.27 -122.60
CA ARG T 137 -20.72 5.06 -123.43
C ARG T 137 -20.10 6.34 -123.59
N TYR T 138 -19.37 6.81 -122.60
CA TYR T 138 -18.69 8.00 -122.71
C TYR T 138 -17.64 7.98 -123.73
N TYR T 139 -16.91 6.89 -123.70
CA TYR T 139 -15.80 6.74 -124.56
C TYR T 139 -16.28 6.79 -125.94
N LEU T 140 -17.34 6.06 -126.08
CA LEU T 140 -18.11 5.91 -127.20
C LEU T 140 -18.60 7.21 -127.64
N SER T 141 -19.10 8.03 -126.71
CA SER T 141 -19.76 9.26 -126.99
C SER T 141 -18.81 10.13 -127.71
N GLY T 142 -17.54 10.06 -127.28
CA GLY T 142 -16.51 10.79 -127.92
C GLY T 142 -16.22 10.19 -129.23
N GLN T 143 -16.24 8.85 -129.33
CA GLN T 143 -15.97 8.24 -130.59
C GLN T 143 -16.94 8.55 -131.67
N ALA T 144 -18.23 8.69 -131.38
CA ALA T 144 -19.14 8.95 -132.44
C ALA T 144 -19.37 10.38 -132.59
N ARG T 145 -18.67 11.24 -131.84
CA ARG T 145 -19.14 12.60 -131.69
C ARG T 145 -18.94 13.39 -132.92
N ASP T 146 -18.12 12.83 -133.76
CA ASP T 146 -17.51 13.45 -134.86
C ASP T 146 -18.20 12.85 -136.00
N TYR T 147 -19.13 11.95 -135.68
CA TYR T 147 -19.65 11.03 -136.63
C TYR T 147 -21.04 10.73 -136.39
N LEU T 148 -21.71 11.56 -135.62
CA LEU T 148 -23.10 11.53 -135.34
C LEU T 148 -23.94 11.55 -136.60
N PRO T 149 -25.15 10.94 -136.63
CA PRO T 149 -25.94 10.68 -137.82
C PRO T 149 -26.41 11.84 -138.61
N THR T 150 -25.97 13.06 -138.29
CA THR T 150 -26.33 14.23 -139.01
C THR T 150 -25.10 15.06 -139.19
N GLY T 151 -25.31 16.11 -140.02
CA GLY T 151 -24.44 17.12 -140.55
C GLY T 151 -23.23 17.53 -139.79
N ASP T 152 -23.40 17.92 -138.51
CA ASP T 152 -22.35 18.53 -137.71
C ASP T 152 -21.18 17.63 -137.57
N SER T 153 -21.46 16.40 -137.21
CA SER T 153 -20.48 15.40 -137.28
C SER T 153 -20.08 15.15 -138.66
N ASP T 154 -21.07 15.05 -139.56
CA ASP T 154 -20.78 14.74 -140.92
C ASP T 154 -22.00 14.96 -141.78
N GLY T 155 -23.12 14.28 -141.48
CA GLY T 155 -24.33 14.20 -142.31
C GLY T 155 -24.62 12.87 -142.93
N PRO T 156 -24.47 11.69 -142.31
CA PRO T 156 -25.09 10.42 -142.73
C PRO T 156 -26.39 10.35 -143.47
N GLU T 157 -26.52 9.26 -144.30
CA GLU T 157 -27.68 8.74 -144.98
C GLU T 157 -28.72 8.56 -143.90
N GLY T 158 -29.64 9.55 -143.85
CA GLY T 158 -30.55 9.82 -142.75
C GLY T 158 -30.17 11.25 -142.45
N ASN T 159 -30.13 11.64 -141.17
CA ASN T 159 -29.61 12.89 -140.73
C ASN T 159 -29.94 13.00 -139.30
N LEU T 160 -30.48 14.13 -138.91
CA LEU T 160 -30.67 14.52 -137.56
C LEU T 160 -31.44 13.60 -136.75
N GLN T 161 -32.38 12.98 -137.38
CA GLN T 161 -33.31 12.18 -136.69
C GLN T 161 -32.72 11.03 -135.97
N ASP T 162 -31.87 10.32 -136.68
CA ASP T 162 -31.19 9.14 -136.28
C ASP T 162 -30.34 9.42 -135.13
N SER T 163 -29.70 10.56 -135.26
CA SER T 163 -28.84 11.06 -134.27
C SER T 163 -29.53 11.39 -133.01
N ILE T 164 -30.69 12.06 -133.15
CA ILE T 164 -31.48 12.54 -132.05
C ILE T 164 -31.88 11.41 -131.23
N ASN T 165 -32.34 10.38 -131.91
CA ASN T 165 -32.80 9.20 -131.26
C ASN T 165 -31.70 8.63 -130.48
N PHE T 166 -30.54 8.54 -131.12
CA PHE T 166 -29.41 8.00 -130.49
C PHE T 166 -29.03 8.65 -129.22
N ILE T 167 -29.00 9.96 -129.17
CA ILE T 167 -28.56 10.64 -127.99
C ILE T 167 -29.55 10.46 -126.97
N LEU T 168 -30.80 10.48 -127.38
CA LEU T 168 -31.84 10.33 -126.47
C LEU T 168 -31.75 9.05 -125.80
N THR T 169 -31.45 7.98 -126.54
CA THR T 169 -31.26 6.68 -125.99
C THR T 169 -30.22 6.75 -125.01
N ASN T 170 -29.21 7.50 -125.34
CA ASN T 170 -28.18 7.64 -124.44
C ASN T 170 -28.61 8.30 -123.28
N PHE T 171 -29.39 9.35 -123.40
CA PHE T 171 -29.81 10.15 -122.33
C PHE T 171 -30.50 9.38 -121.37
N VAL T 172 -31.42 8.59 -121.88
CA VAL T 172 -32.28 7.88 -121.05
C VAL T 172 -31.48 7.00 -120.26
N GLU T 173 -30.55 6.40 -120.97
CA GLU T 173 -29.66 5.45 -120.52
C GLU T 173 -28.82 6.00 -119.53
N MET T 174 -28.38 7.21 -119.76
CA MET T 174 -27.52 7.93 -118.92
C MET T 174 -28.24 8.10 -117.64
N ASN T 175 -29.54 8.42 -117.70
CA ASN T 175 -30.32 8.45 -116.52
C ASN T 175 -30.35 7.11 -115.88
N LYS T 176 -30.50 6.05 -116.66
CA LYS T 176 -30.55 4.76 -116.08
C LYS T 176 -29.37 4.34 -115.33
N LEU T 177 -28.19 4.51 -115.91
CA LEU T 177 -27.02 4.03 -115.29
C LEU T 177 -26.84 4.76 -114.06
N TRP T 178 -27.00 6.10 -114.10
CA TRP T 178 -26.79 6.89 -112.92
C TRP T 178 -27.71 6.65 -111.79
N VAL T 179 -28.98 6.55 -112.11
CA VAL T 179 -29.95 6.30 -111.12
C VAL T 179 -29.76 4.96 -110.57
N ARG T 180 -29.50 4.01 -111.47
CA ARG T 180 -29.21 2.68 -111.10
C ARG T 180 -28.01 2.60 -110.30
N LEU T 181 -27.10 3.52 -110.55
CA LEU T 181 -25.94 3.69 -109.80
C LEU T 181 -26.18 3.97 -108.40
N GLN T 182 -27.23 4.74 -108.12
CA GLN T 182 -27.62 5.10 -106.80
C GLN T 182 -27.90 3.90 -105.99
N HIS T 183 -28.40 2.89 -106.66
CA HIS T 183 -28.79 1.68 -106.03
C HIS T 183 -27.81 0.65 -106.39
N GLN T 184 -26.79 0.99 -107.18
CA GLN T 184 -25.85 0.04 -107.66
C GLN T 184 -24.86 -0.16 -106.60
N GLY T 185 -24.23 -1.33 -106.58
CA GLY T 185 -23.25 -1.68 -105.59
C GLY T 185 -23.92 -1.95 -104.31
N HIS T 186 -23.09 -2.27 -103.30
CA HIS T 186 -23.56 -2.61 -102.01
C HIS T 186 -24.40 -1.52 -101.41
N SER T 187 -25.38 -1.97 -100.62
CA SER T 187 -26.53 -1.25 -100.11
C SER T 187 -26.19 -0.07 -99.28
N ARG T 188 -25.07 -0.17 -98.55
CA ARG T 188 -24.75 0.77 -97.52
C ARG T 188 -23.78 1.77 -98.10
N GLU T 189 -23.62 1.87 -99.45
CA GLU T 189 -22.62 2.74 -100.05
C GLU T 189 -23.22 4.02 -100.57
N ARG T 190 -24.33 4.49 -99.96
CA ARG T 190 -25.12 5.58 -100.48
C ARG T 190 -24.44 6.92 -100.62
N ASP T 191 -23.68 7.41 -99.61
CA ASP T 191 -22.87 8.60 -99.72
C ASP T 191 -21.72 8.51 -100.65
N LEU T 192 -21.06 7.34 -100.72
CA LEU T 192 -19.97 7.13 -101.62
C LEU T 192 -20.45 7.34 -102.98
N ARG T 193 -21.63 6.74 -103.20
CA ARG T 193 -22.34 6.91 -104.40
C ARG T 193 -22.65 8.34 -104.58
N THR T 194 -23.07 9.13 -103.58
CA THR T 194 -23.28 10.49 -103.93
C THR T 194 -22.06 11.29 -104.34
N GLN T 195 -20.87 11.20 -103.72
CA GLN T 195 -19.77 11.96 -104.27
C GLN T 195 -19.40 11.60 -105.61
N GLU T 196 -19.29 10.31 -105.76
CA GLU T 196 -18.93 9.71 -106.97
C GLU T 196 -19.93 10.00 -108.07
N ARG T 197 -21.25 9.99 -107.78
CA ARG T 197 -22.32 10.30 -108.70
C ARG T 197 -22.21 11.68 -109.24
N ARG T 198 -21.86 12.63 -108.38
CA ARG T 198 -21.63 13.95 -108.84
C ARG T 198 -20.53 14.00 -109.83
N GLU T 199 -19.49 13.18 -109.67
CA GLU T 199 -18.45 13.21 -110.66
C GLU T 199 -18.93 12.85 -112.02
N LEU T 200 -19.77 11.83 -112.14
CA LEU T 200 -19.88 11.36 -113.47
C LEU T 200 -20.99 12.01 -114.17
N GLN T 201 -21.71 12.88 -113.48
CA GLN T 201 -22.76 13.62 -114.07
C GLN T 201 -22.25 14.53 -115.13
N LEU T 202 -21.07 15.03 -114.87
CA LEU T 202 -20.40 16.04 -115.59
C LEU T 202 -20.15 15.66 -116.97
N LEU T 203 -19.87 14.38 -117.08
CA LEU T 203 -19.58 13.63 -118.24
C LEU T 203 -20.75 13.66 -119.11
N VAL T 204 -21.88 13.58 -118.45
CA VAL T 204 -23.16 13.59 -119.07
C VAL T 204 -23.35 14.91 -119.66
N GLY T 205 -22.93 15.98 -118.99
CA GLY T 205 -23.31 17.24 -119.51
C GLY T 205 -22.63 17.59 -120.77
N SER T 206 -21.54 16.93 -121.16
CA SER T 206 -20.93 17.16 -122.44
C SER T 206 -21.79 16.85 -123.62
N ASN T 207 -22.63 15.86 -123.49
CA ASN T 207 -23.56 15.39 -124.47
C ASN T 207 -24.54 16.39 -124.78
N ILE T 208 -24.99 17.02 -123.71
CA ILE T 208 -25.95 18.07 -123.65
C ILE T 208 -25.40 19.20 -124.38
N VAL T 209 -24.13 19.39 -124.14
CA VAL T 209 -23.27 20.26 -124.83
C VAL T 209 -23.21 19.91 -126.25
N ARG T 210 -23.13 18.64 -126.58
CA ARG T 210 -23.10 18.26 -127.94
C ARG T 210 -24.31 18.71 -128.61
N LEU T 211 -25.42 18.58 -127.92
CA LEU T 211 -26.68 19.03 -128.34
C LEU T 211 -26.81 20.45 -128.55
N SER T 212 -26.17 21.30 -127.75
CA SER T 212 -26.26 22.68 -128.08
C SER T 212 -25.36 22.96 -129.21
N GLN T 213 -24.36 22.08 -129.46
CA GLN T 213 -23.62 22.16 -130.68
C GLN T 213 -24.40 21.50 -131.75
N LEU T 214 -25.72 21.48 -131.64
CA LEU T 214 -26.61 20.84 -132.53
C LEU T 214 -27.87 21.57 -132.34
N VAL T 215 -28.92 21.00 -132.94
CA VAL T 215 -30.30 21.25 -132.76
C VAL T 215 -30.68 22.49 -133.39
N ASP T 216 -31.93 22.44 -133.78
CA ASP T 216 -32.62 23.51 -134.37
C ASP T 216 -33.83 23.36 -133.60
N LEU T 217 -34.67 24.38 -133.71
CA LEU T 217 -35.80 24.45 -132.85
C LEU T 217 -36.73 23.30 -132.99
N PRO T 218 -37.12 22.74 -134.08
CA PRO T 218 -38.03 21.63 -134.02
C PRO T 218 -37.40 20.46 -133.40
N THR T 219 -36.14 20.30 -133.75
CA THR T 219 -35.45 19.13 -133.40
C THR T 219 -35.35 19.02 -131.91
N TYR T 220 -35.07 20.17 -131.29
CA TYR T 220 -35.22 20.28 -129.89
C TYR T 220 -36.60 20.06 -129.37
N ARG T 221 -37.51 20.79 -129.99
CA ARG T 221 -38.76 21.08 -129.36
C ARG T 221 -39.57 19.92 -129.15
N ASP T 222 -39.69 19.24 -130.25
CA ASP T 222 -40.58 18.18 -130.37
C ASP T 222 -39.93 17.01 -129.78
N SER T 223 -38.63 16.87 -130.09
CA SER T 223 -38.18 15.54 -130.31
C SER T 223 -37.08 15.31 -129.42
N ILE T 224 -36.79 16.29 -128.59
CA ILE T 224 -35.83 16.10 -127.60
C ILE T 224 -36.58 16.43 -126.37
N LEU T 225 -37.29 17.58 -126.33
CA LEU T 225 -37.86 18.08 -125.11
C LEU T 225 -38.91 17.21 -124.53
N GLY T 226 -39.81 16.71 -125.38
CA GLY T 226 -40.79 15.71 -125.04
C GLY T 226 -40.17 14.61 -124.22
N PRO T 227 -39.17 13.98 -124.82
CA PRO T 227 -38.40 12.96 -124.19
C PRO T 227 -37.85 13.38 -122.88
N LEU T 228 -37.29 14.56 -122.75
CA LEU T 228 -36.72 14.84 -121.47
C LEU T 228 -37.71 14.86 -120.38
N LEU T 229 -38.81 15.57 -120.64
CA LEU T 229 -39.71 15.83 -119.55
C LEU T 229 -40.37 14.68 -118.95
N GLU T 230 -40.81 13.69 -119.76
CA GLU T 230 -41.30 12.47 -119.14
C GLU T 230 -40.28 11.86 -118.28
N GLN T 231 -39.05 11.82 -118.80
CA GLN T 231 -38.01 11.13 -118.15
C GLN T 231 -37.73 11.67 -116.84
N ILE T 232 -37.73 12.98 -116.75
CA ILE T 232 -37.58 13.66 -115.54
C ILE T 232 -38.63 13.33 -114.54
N VAL T 233 -39.92 13.34 -114.94
CA VAL T 233 -40.90 13.26 -113.89
C VAL T 233 -41.04 11.91 -113.32
N GLN T 234 -40.73 10.85 -114.09
CA GLN T 234 -40.90 9.57 -113.49
C GLN T 234 -39.63 9.10 -112.95
N CYS T 235 -38.50 9.76 -113.30
CA CYS T 235 -37.26 9.28 -112.78
C CYS T 235 -37.11 9.54 -111.33
N ARG T 236 -37.68 10.65 -110.83
CA ARG T 236 -37.69 11.02 -109.43
C ARG T 236 -36.37 11.37 -108.81
N ASP T 237 -35.22 10.89 -109.36
CA ASP T 237 -33.91 10.95 -108.75
C ASP T 237 -33.51 12.37 -108.63
N ILE T 238 -33.55 12.89 -107.40
CA ILE T 238 -33.39 14.27 -107.09
C ILE T 238 -32.04 14.71 -107.47
N LEU T 239 -30.99 13.91 -107.15
CA LEU T 239 -29.60 14.18 -107.44
C LEU T 239 -29.42 14.31 -108.90
N ALA T 240 -30.04 13.37 -109.63
CA ALA T 240 -29.99 13.43 -111.03
C ALA T 240 -30.69 14.61 -111.59
N GLN T 241 -31.91 14.86 -111.09
CA GLN T 241 -32.81 15.86 -111.59
C GLN T 241 -32.19 17.17 -111.49
N GLU T 242 -31.60 17.48 -110.35
CA GLU T 242 -30.97 18.74 -110.16
C GLU T 242 -29.84 18.97 -111.11
N TYR T 243 -28.87 18.02 -111.22
CA TYR T 243 -27.77 18.22 -112.12
C TYR T 243 -28.21 18.36 -113.54
N LEU T 244 -28.99 17.41 -113.98
CA LEU T 244 -29.28 17.29 -115.36
C LEU T 244 -30.05 18.39 -115.93
N LEU T 245 -31.02 18.85 -115.12
CA LEU T 245 -31.90 19.89 -115.45
C LEU T 245 -31.10 21.05 -115.63
N GLU T 246 -30.11 21.22 -114.74
CA GLU T 246 -29.16 22.25 -114.86
C GLU T 246 -28.46 22.10 -116.12
N VAL T 247 -28.09 20.90 -116.58
CA VAL T 247 -27.44 20.84 -117.83
C VAL T 247 -28.28 21.34 -118.91
N ILE T 248 -29.57 21.02 -118.90
CA ILE T 248 -30.47 21.58 -119.87
C ILE T 248 -30.42 23.06 -119.80
N THR T 249 -30.49 23.54 -118.57
CA THR T 249 -30.63 24.92 -118.24
C THR T 249 -29.50 25.66 -118.79
N GLN T 250 -28.33 25.10 -118.53
CA GLN T 250 -27.06 25.64 -118.80
C GLN T 250 -26.91 25.80 -120.23
N VAL T 251 -27.27 24.74 -120.92
CA VAL T 251 -26.97 24.56 -122.27
C VAL T 251 -27.83 25.36 -123.23
N PHE T 252 -29.14 25.46 -122.98
CA PHE T 252 -30.06 25.86 -124.03
C PHE T 252 -30.66 27.22 -123.91
N PRO T 253 -31.20 27.77 -124.98
CA PRO T 253 -31.83 29.04 -125.05
C PRO T 253 -32.94 29.25 -124.19
N ASP T 254 -32.98 30.41 -123.54
CA ASP T 254 -34.14 30.77 -122.80
C ASP T 254 -35.21 31.07 -123.77
N GLU T 255 -34.95 31.58 -124.97
CA GLU T 255 -35.94 31.63 -126.01
C GLU T 255 -36.55 30.32 -126.32
N TYR T 256 -35.78 29.24 -126.36
CA TYR T 256 -36.29 27.96 -126.77
C TYR T 256 -37.22 27.59 -125.70
N HIS T 257 -36.75 27.85 -124.50
CA HIS T 257 -37.38 27.64 -123.25
C HIS T 257 -38.63 28.38 -123.20
N LEU T 258 -38.59 29.58 -123.76
CA LEU T 258 -39.59 30.56 -123.89
C LEU T 258 -40.69 29.96 -124.67
N HIS T 259 -40.35 29.09 -125.60
CA HIS T 259 -41.34 28.57 -126.47
C HIS T 259 -41.93 27.34 -125.91
N THR T 260 -41.34 26.89 -124.82
CA THR T 260 -41.68 25.66 -124.21
C THR T 260 -42.05 25.85 -122.81
N LEU T 261 -42.25 27.10 -122.42
CA LEU T 261 -42.32 27.54 -121.06
C LEU T 261 -43.33 26.83 -120.28
N ASP T 262 -44.45 26.75 -120.90
CA ASP T 262 -45.68 26.31 -120.40
C ASP T 262 -45.59 24.86 -119.99
N GLN T 263 -44.87 24.10 -120.83
CA GLN T 263 -44.49 22.76 -120.61
C GLN T 263 -43.59 22.68 -119.46
N PHE T 264 -42.66 23.65 -119.41
CA PHE T 264 -41.66 23.69 -118.40
C PHE T 264 -42.31 23.82 -117.08
N LEU T 265 -43.20 24.78 -116.95
CA LEU T 265 -43.79 25.02 -115.69
C LEU T 265 -44.63 23.88 -115.30
N GLY T 266 -45.29 23.24 -116.30
CA GLY T 266 -46.07 22.10 -115.92
C GLY T 266 -45.24 20.96 -115.47
N ALA T 267 -43.97 20.87 -115.90
CA ALA T 267 -43.02 19.90 -115.39
C ALA T 267 -42.61 20.22 -114.01
N VAL T 268 -42.43 21.52 -113.75
CA VAL T 268 -42.12 22.10 -112.50
C VAL T 268 -43.15 21.73 -111.48
N SER T 269 -44.39 21.51 -111.92
CA SER T 269 -45.47 21.23 -111.04
C SER T 269 -45.40 19.86 -110.45
N ARG T 270 -44.54 19.01 -111.03
CA ARG T 270 -44.55 17.61 -110.75
C ARG T 270 -43.21 17.11 -110.26
N LEU T 271 -42.82 17.40 -108.99
CA LEU T 271 -41.52 16.98 -108.52
C LEU T 271 -41.48 16.60 -107.07
N ASN T 272 -40.37 15.91 -106.73
CA ASN T 272 -39.97 15.50 -105.42
C ASN T 272 -39.26 16.73 -104.95
N PRO T 273 -39.66 17.43 -103.93
CA PRO T 273 -39.28 18.83 -103.78
C PRO T 273 -37.99 18.92 -103.05
N HIS T 274 -37.24 17.82 -103.00
CA HIS T 274 -35.92 17.79 -102.44
C HIS T 274 -35.01 18.25 -103.51
N VAL T 275 -35.53 18.23 -104.75
CA VAL T 275 -35.06 19.04 -105.84
C VAL T 275 -35.27 20.48 -105.45
N ASN T 276 -34.27 21.37 -105.62
CA ASN T 276 -34.44 22.80 -105.35
C ASN T 276 -34.53 23.50 -106.66
N VAL T 277 -35.72 23.33 -107.23
CA VAL T 277 -36.21 23.94 -108.41
C VAL T 277 -36.20 25.41 -108.25
N LYS T 278 -36.41 25.91 -107.02
CA LYS T 278 -36.53 27.32 -106.74
C LYS T 278 -35.32 28.00 -107.23
N ALA T 279 -34.16 27.43 -106.94
CA ALA T 279 -32.93 27.91 -107.46
C ALA T 279 -32.88 27.81 -108.93
N ILE T 280 -33.32 26.70 -109.50
CA ILE T 280 -33.23 26.44 -110.92
C ILE T 280 -33.94 27.47 -111.72
N VAL T 281 -35.14 27.72 -111.26
CA VAL T 281 -36.11 28.59 -111.76
C VAL T 281 -35.58 29.92 -111.61
N ILE T 282 -34.99 30.18 -110.46
CA ILE T 282 -34.42 31.43 -110.20
C ILE T 282 -33.34 31.69 -111.14
N GLY T 283 -32.50 30.69 -111.41
CA GLY T 283 -31.38 30.83 -112.26
C GLY T 283 -31.84 31.19 -113.60
N MET T 284 -32.99 30.63 -113.96
CA MET T 284 -33.71 30.92 -115.14
C MET T 284 -34.16 32.31 -115.09
N MET T 285 -34.72 32.78 -114.00
CA MET T 285 -35.26 34.10 -113.93
C MET T 285 -34.21 35.06 -114.18
N ASN T 286 -33.05 34.81 -113.62
CA ASN T 286 -31.90 35.61 -113.80
C ASN T 286 -31.47 35.67 -115.18
N ARG T 287 -31.47 34.54 -115.86
CA ARG T 287 -31.05 34.41 -117.21
C ARG T 287 -31.92 35.24 -118.06
N LEU T 288 -33.21 35.14 -117.77
CA LEU T 288 -34.15 35.98 -118.38
C LEU T 288 -33.96 37.39 -118.02
N SER T 289 -33.54 37.72 -116.79
CA SER T 289 -33.38 39.06 -116.31
C SER T 289 -32.41 39.84 -117.10
N ASP T 290 -31.23 39.25 -117.41
CA ASP T 290 -30.25 39.94 -118.18
C ASP T 290 -30.71 40.20 -119.57
N TYR T 291 -31.41 39.23 -120.17
CA TYR T 291 -32.04 39.46 -121.43
C TYR T 291 -33.08 40.53 -121.38
N ALA T 292 -33.84 40.51 -120.31
CA ALA T 292 -35.07 41.18 -120.17
C ALA T 292 -34.96 42.67 -120.29
N GLU T 293 -33.91 43.28 -119.71
CA GLU T 293 -33.75 44.71 -119.88
C GLU T 293 -33.10 45.02 -121.21
N ARG T 294 -32.63 43.98 -121.94
CA ARG T 294 -31.96 44.09 -123.21
C ARG T 294 -32.77 44.61 -124.35
N VAL T 376 -46.55 37.95 -124.98
CA VAL T 376 -46.39 37.04 -123.90
C VAL T 376 -46.85 37.50 -122.56
N PRO T 377 -47.66 36.73 -121.85
CA PRO T 377 -48.05 37.07 -120.51
C PRO T 377 -47.28 36.13 -119.65
N LEU T 378 -45.93 36.15 -119.76
CA LEU T 378 -45.04 35.22 -119.14
C LEU T 378 -45.28 35.18 -117.68
N TYR T 379 -45.42 36.38 -117.09
CA TYR T 379 -45.65 36.55 -115.68
C TYR T 379 -46.88 35.84 -115.35
N ASP T 380 -47.98 36.03 -116.09
CA ASP T 380 -49.23 35.46 -115.71
C ASP T 380 -49.09 34.02 -115.65
N ILE T 381 -48.52 33.44 -116.69
CA ILE T 381 -48.43 32.05 -116.92
C ILE T 381 -47.80 31.44 -115.76
N PHE T 382 -46.68 32.04 -115.45
CA PHE T 382 -45.87 31.58 -114.42
C PHE T 382 -46.52 31.80 -113.15
N PHE T 383 -47.20 32.92 -112.98
CA PHE T 383 -47.89 33.31 -111.81
C PHE T 383 -48.89 32.32 -111.45
N ASP T 384 -49.75 31.89 -112.36
CA ASP T 384 -50.83 30.99 -112.14
C ASP T 384 -50.21 29.76 -111.60
N GLN T 385 -49.10 29.44 -112.27
CA GLN T 385 -48.29 28.38 -111.87
C GLN T 385 -47.72 28.64 -110.52
N VAL T 386 -47.26 29.82 -110.13
CA VAL T 386 -46.61 29.99 -108.86
C VAL T 386 -47.44 29.61 -107.71
N GLN T 387 -48.69 30.02 -107.71
CA GLN T 387 -49.57 29.59 -106.70
C GLN T 387 -49.74 28.19 -106.76
N HIS T 388 -49.93 27.69 -107.99
CA HIS T 388 -50.23 26.33 -108.17
C HIS T 388 -49.18 25.53 -107.58
N LEU T 389 -47.97 25.95 -107.82
CA LEU T 389 -46.76 25.38 -107.48
C LEU T 389 -46.60 25.30 -106.08
N VAL T 390 -46.97 26.40 -105.41
CA VAL T 390 -46.83 26.47 -104.01
C VAL T 390 -47.66 25.40 -103.50
N GLN T 391 -48.83 25.25 -104.07
CA GLN T 391 -49.61 24.12 -103.82
C GLN T 391 -49.08 22.80 -104.26
N ALA T 392 -48.39 22.74 -105.41
CA ALA T 392 -47.99 21.50 -105.99
C ALA T 392 -46.83 20.90 -105.37
N GLN T 393 -46.17 21.72 -104.61
CA GLN T 393 -45.14 21.32 -103.74
C GLN T 393 -45.69 22.01 -102.59
N HIS T 394 -44.87 22.44 -101.65
CA HIS T 394 -45.28 23.41 -100.68
C HIS T 394 -44.05 24.03 -100.25
N LEU T 395 -44.20 25.24 -99.69
CA LEU T 395 -43.08 26.08 -99.54
C LEU T 395 -42.95 26.53 -98.13
N PRO T 396 -41.74 26.46 -97.55
CA PRO T 396 -41.35 27.34 -96.47
C PRO T 396 -41.41 28.67 -97.10
N ILE T 397 -42.03 29.49 -96.31
CA ILE T 397 -42.66 30.64 -96.77
C ILE T 397 -41.68 31.57 -97.49
N GLN T 398 -40.44 31.67 -97.01
CA GLN T 398 -39.43 32.54 -97.58
C GLN T 398 -39.08 32.30 -99.00
N ASP T 399 -39.01 31.04 -99.42
CA ASP T 399 -38.48 30.62 -100.68
C ASP T 399 -39.22 31.26 -101.74
N THR T 400 -40.51 31.23 -101.48
CA THR T 400 -41.53 31.81 -102.23
C THR T 400 -41.31 33.27 -102.34
N ILE T 401 -40.97 33.91 -101.22
CA ILE T 401 -40.73 35.33 -101.23
C ILE T 401 -39.57 35.69 -102.00
N ALA T 402 -38.53 34.89 -101.86
CA ALA T 402 -37.32 35.11 -102.55
C ALA T 402 -37.54 35.06 -104.00
N LEU T 403 -38.39 34.14 -104.42
CA LEU T 403 -38.84 34.05 -105.76
C LEU T 403 -39.58 35.24 -106.15
N CYS T 404 -40.36 35.77 -105.26
CA CYS T 404 -41.07 36.96 -105.46
C CYS T 404 -40.24 38.16 -105.67
N CYS T 405 -39.14 38.28 -104.95
CA CYS T 405 -38.24 39.38 -105.13
C CYS T 405 -37.69 39.37 -106.49
N SER T 406 -37.30 38.17 -106.93
CA SER T 406 -36.74 37.88 -108.22
C SER T 406 -37.73 38.04 -109.27
N LEU T 407 -38.98 37.68 -108.95
CA LEU T 407 -40.12 37.83 -109.79
C LEU T 407 -40.22 39.24 -110.06
N ALA T 408 -40.02 40.06 -109.02
CA ALA T 408 -39.97 41.45 -109.25
C ALA T 408 -38.85 41.84 -110.14
N ASN T 409 -37.64 41.36 -109.85
CA ASN T 409 -36.51 41.83 -110.60
C ASN T 409 -36.52 41.52 -112.05
N LEU T 410 -36.85 40.26 -112.37
CA LEU T 410 -37.13 39.84 -113.70
C LEU T 410 -38.30 40.50 -114.38
N SER T 411 -39.47 40.54 -113.70
CA SER T 411 -40.73 40.97 -114.30
C SER T 411 -40.63 42.38 -114.70
N LEU T 412 -39.95 43.19 -113.87
CA LEU T 412 -39.60 44.57 -114.07
C LEU T 412 -38.80 44.69 -115.30
N ASN T 413 -37.84 43.77 -115.49
CA ASN T 413 -36.85 44.01 -116.49
C ASN T 413 -37.47 43.73 -117.80
N ILE T 414 -38.34 42.72 -117.90
CA ILE T 414 -38.95 42.50 -119.18
C ILE T 414 -40.02 43.51 -119.34
N TYR T 415 -40.68 43.75 -118.23
CA TYR T 415 -41.92 44.39 -118.26
C TYR T 415 -41.86 45.42 -117.28
N PRO T 416 -41.64 46.65 -117.59
CA PRO T 416 -41.33 47.53 -116.51
C PRO T 416 -42.59 48.14 -116.04
N GLU T 417 -43.51 47.24 -115.67
CA GLU T 417 -44.65 47.42 -114.87
C GLU T 417 -45.44 46.22 -115.18
N ARG T 418 -46.76 46.40 -115.01
CA ARG T 418 -47.87 45.55 -115.01
C ARG T 418 -48.14 45.39 -113.60
N LEU T 419 -48.86 46.39 -113.07
CA LEU T 419 -49.19 46.68 -111.69
C LEU T 419 -50.02 45.65 -111.10
N ASP T 420 -50.71 45.04 -111.99
CA ASP T 420 -51.51 43.89 -111.85
C ASP T 420 -50.60 42.80 -111.38
N TYR T 421 -49.35 42.74 -111.89
CA TYR T 421 -48.38 41.86 -111.34
C TYR T 421 -48.11 42.26 -110.01
N VAL T 422 -47.96 43.57 -109.94
CA VAL T 422 -47.19 44.04 -108.86
C VAL T 422 -47.82 43.84 -107.60
N ASP T 423 -49.06 44.24 -107.59
CA ASP T 423 -49.98 43.89 -106.65
C ASP T 423 -50.18 42.45 -106.73
N GLY T 424 -50.10 41.88 -107.92
CA GLY T 424 -50.29 40.50 -108.06
C GLY T 424 -49.47 39.64 -107.28
N ILE T 425 -48.25 39.95 -107.03
CA ILE T 425 -47.68 39.32 -105.94
C ILE T 425 -48.26 39.77 -104.64
N LEU T 426 -48.35 41.08 -104.50
CA LEU T 426 -48.41 41.82 -103.26
C LEU T 426 -49.52 41.55 -102.41
N ALA T 427 -50.67 41.46 -103.02
CA ALA T 427 -51.71 40.96 -102.24
C ALA T 427 -51.55 39.55 -102.56
N TYR T 428 -51.55 39.37 -103.89
CA TYR T 428 -52.33 38.34 -104.47
C TYR T 428 -51.59 37.09 -104.35
N ALA T 429 -50.37 37.15 -103.90
CA ALA T 429 -49.74 35.96 -103.53
C ALA T 429 -49.48 36.23 -102.12
N LEU T 430 -48.97 37.40 -101.83
CA LEU T 430 -48.14 37.70 -100.75
C LEU T 430 -48.94 38.05 -99.62
N ALA T 431 -49.95 38.89 -99.75
CA ALA T 431 -50.85 39.11 -98.68
C ALA T 431 -51.41 37.80 -98.34
N LYS T 432 -51.79 36.98 -99.32
CA LYS T 432 -52.39 35.68 -99.14
C LYS T 432 -51.56 34.83 -98.33
N VAL T 433 -50.32 34.96 -98.63
CA VAL T 433 -49.35 34.33 -97.92
C VAL T 433 -49.27 34.81 -96.55
N LYS T 434 -49.32 36.12 -96.36
CA LYS T 434 -49.08 36.71 -95.10
C LYS T 434 -50.10 36.34 -94.16
N GLU T 435 -51.35 36.31 -94.58
CA GLU T 435 -52.34 35.80 -93.70
C GLU T 435 -52.07 34.38 -93.49
N HIS T 436 -51.68 33.64 -94.53
CA HIS T 436 -51.42 32.28 -94.22
C HIS T 436 -50.27 32.06 -93.26
N ALA T 437 -49.17 32.76 -93.49
CA ALA T 437 -48.01 32.54 -92.74
C ALA T 437 -47.76 33.78 -92.13
N ASN T 438 -47.73 33.55 -90.85
CA ASN T 438 -47.35 34.32 -89.78
C ASN T 438 -46.67 33.14 -89.13
N SER T 439 -45.93 32.35 -89.97
CA SER T 439 -45.61 30.97 -89.72
C SER T 439 -44.30 30.71 -90.33
N ALA T 440 -43.69 31.79 -90.84
CA ALA T 440 -42.28 31.87 -90.95
C ALA T 440 -42.02 33.21 -90.31
N ASP T 441 -42.97 34.17 -90.49
CA ASP T 441 -43.01 35.52 -89.93
C ASP T 441 -41.73 36.40 -89.97
N LEU T 442 -41.83 37.68 -89.47
CA LEU T 442 -40.90 38.76 -89.80
C LEU T 442 -40.29 39.45 -88.60
N HIS T 443 -39.39 40.36 -88.99
CA HIS T 443 -38.82 41.47 -88.32
C HIS T 443 -37.67 41.70 -89.22
N SER T 444 -37.04 40.59 -89.68
CA SER T 444 -35.80 40.70 -90.36
C SER T 444 -35.35 39.37 -90.86
N GLN T 445 -36.09 38.29 -90.58
CA GLN T 445 -35.74 36.98 -91.03
C GLN T 445 -35.64 36.92 -92.51
N PRO T 446 -35.20 35.85 -93.12
CA PRO T 446 -34.94 35.91 -94.53
C PRO T 446 -36.17 36.03 -95.31
N ALA T 447 -37.31 35.66 -94.74
CA ALA T 447 -38.57 35.95 -95.36
C ALA T 447 -38.85 37.38 -95.47
N GLN T 448 -38.46 38.10 -94.42
CA GLN T 448 -38.58 39.49 -94.35
C GLN T 448 -37.68 40.06 -95.30
N GLN T 449 -36.48 39.53 -95.35
CA GLN T 449 -35.45 40.00 -96.18
C GLN T 449 -35.90 39.97 -97.56
N SER T 450 -36.51 38.86 -97.93
CA SER T 450 -37.02 38.65 -99.22
C SER T 450 -38.07 39.59 -99.45
N LEU T 451 -38.90 39.79 -98.46
CA LEU T 451 -39.97 40.67 -98.64
C LEU T 451 -39.48 42.01 -98.87
N LEU T 452 -38.47 42.38 -98.19
CA LEU T 452 -37.83 43.58 -98.39
C LEU T 452 -37.22 43.81 -99.66
N SER T 453 -36.48 42.85 -100.12
CA SER T 453 -35.65 42.99 -101.27
C SER T 453 -36.45 43.27 -102.45
N LEU T 454 -37.51 42.50 -102.43
CA LEU T 454 -38.60 42.51 -103.26
C LEU T 454 -39.11 43.86 -103.19
N LEU T 455 -39.30 44.39 -101.99
CA LEU T 455 -39.84 45.68 -101.82
C LEU T 455 -38.95 46.70 -102.36
N GLN T 456 -37.68 46.51 -102.28
CA GLN T 456 -36.73 47.32 -102.86
C GLN T 456 -36.73 47.29 -104.27
N SER T 457 -37.11 46.18 -104.83
CA SER T 457 -36.97 45.97 -106.22
C SER T 457 -37.63 46.95 -107.02
N PRO T 458 -38.83 47.35 -106.82
CA PRO T 458 -39.36 48.46 -107.53
C PRO T 458 -38.58 49.63 -107.36
N LEU T 459 -38.23 49.92 -106.14
CA LEU T 459 -37.73 51.17 -105.73
C LEU T 459 -36.48 51.47 -106.37
N ARG T 460 -35.67 50.45 -106.37
CA ARG T 460 -34.36 50.46 -106.86
C ARG T 460 -34.43 50.64 -108.29
N ARG T 461 -35.41 50.00 -108.91
CA ARG T 461 -35.46 50.15 -110.31
C ARG T 461 -36.06 51.47 -110.63
N TYR T 462 -37.08 51.78 -109.85
CA TYR T 462 -37.94 52.89 -109.95
C TYR T 462 -37.33 54.16 -110.16
N VAL T 463 -38.29 55.01 -110.52
CA VAL T 463 -38.22 56.40 -110.69
C VAL T 463 -39.63 56.84 -110.45
N SER T 464 -40.55 55.93 -110.03
CA SER T 464 -41.93 56.27 -109.99
C SER T 464 -42.58 55.33 -109.05
N ILE T 465 -42.14 55.38 -107.81
CA ILE T 465 -42.50 54.51 -106.74
C ILE T 465 -43.91 54.68 -106.26
N PHE T 466 -44.49 55.81 -106.64
CA PHE T 466 -45.74 56.35 -106.18
C PHE T 466 -46.98 55.49 -106.28
N THR T 467 -47.14 54.75 -107.41
CA THR T 467 -48.25 53.85 -107.66
C THR T 467 -48.19 52.69 -106.74
N ALA T 468 -46.98 52.45 -106.28
CA ALA T 468 -46.74 51.42 -105.36
C ALA T 468 -47.40 51.82 -104.06
N LEU T 469 -47.49 53.11 -103.65
CA LEU T 469 -48.15 53.38 -102.40
C LEU T 469 -49.60 53.31 -102.51
N SER T 470 -50.09 53.24 -103.76
CA SER T 470 -51.46 52.93 -104.00
C SER T 470 -51.58 51.47 -103.96
N LEU T 471 -50.46 50.75 -104.05
CA LEU T 471 -50.46 49.36 -103.81
C LEU T 471 -50.38 49.32 -102.36
N PRO T 472 -51.21 48.60 -101.68
CA PRO T 472 -51.28 49.00 -100.33
C PRO T 472 -51.59 47.80 -99.60
N THR T 473 -51.14 46.69 -100.19
CA THR T 473 -51.15 45.39 -99.60
C THR T 473 -49.95 45.56 -98.83
N TYR T 474 -48.97 45.99 -99.58
CA TYR T 474 -47.92 46.84 -99.26
C TYR T 474 -48.13 47.67 -98.07
N VAL T 475 -49.10 48.56 -98.18
CA VAL T 475 -49.35 49.55 -97.21
C VAL T 475 -49.75 48.90 -95.99
N SER T 476 -50.75 48.06 -96.05
CA SER T 476 -51.26 47.38 -94.92
C SER T 476 -50.25 46.48 -94.32
N LEU T 477 -49.38 45.96 -95.18
CA LEU T 477 -48.30 45.13 -94.90
C LEU T 477 -47.27 45.86 -94.13
N PHE T 478 -47.24 47.23 -94.10
CA PHE T 478 -46.19 47.90 -93.35
C PHE T 478 -46.32 47.58 -91.90
N GLN T 479 -47.55 47.29 -91.49
CA GLN T 479 -47.98 47.02 -90.16
C GLN T 479 -47.32 45.86 -89.61
N ALA T 480 -47.12 44.88 -90.51
CA ALA T 480 -46.64 43.61 -90.10
C ALA T 480 -45.16 43.63 -90.19
N GLN T 481 -44.57 44.76 -90.64
CA GLN T 481 -43.16 44.96 -90.48
C GLN T 481 -42.92 45.50 -89.14
N THR T 482 -41.67 45.30 -88.67
CA THR T 482 -41.09 45.98 -87.57
C THR T 482 -40.86 47.40 -87.94
N TYR T 483 -40.87 48.26 -86.93
CA TYR T 483 -40.55 49.64 -87.04
C TYR T 483 -39.17 49.79 -87.52
N PRO T 484 -38.16 49.06 -87.03
CA PRO T 484 -36.82 49.11 -87.56
C PRO T 484 -36.75 48.98 -89.04
N THR T 485 -37.57 48.12 -89.61
CA THR T 485 -37.47 47.90 -91.01
C THR T 485 -38.31 48.89 -91.74
N ARG T 486 -39.38 49.40 -91.10
CA ARG T 486 -40.18 50.42 -91.70
C ARG T 486 -39.41 51.62 -92.02
N ARG T 487 -38.58 52.09 -91.11
CA ARG T 487 -37.62 53.11 -91.36
C ARG T 487 -36.64 52.67 -92.35
N ALA T 488 -36.12 51.44 -92.25
CA ALA T 488 -35.02 51.17 -93.10
C ALA T 488 -35.43 51.24 -94.52
N ILE T 489 -36.52 50.61 -94.94
CA ILE T 489 -36.90 50.93 -96.28
C ILE T 489 -37.52 52.26 -96.50
N ALA T 490 -38.51 52.62 -95.67
CA ALA T 490 -39.31 53.78 -95.88
C ALA T 490 -38.55 54.97 -95.77
N GLY T 491 -37.79 55.00 -94.70
CA GLY T 491 -36.74 55.88 -94.41
C GLY T 491 -35.87 55.89 -95.52
N GLU T 492 -35.52 54.71 -96.04
CA GLU T 492 -34.59 54.70 -97.09
C GLU T 492 -35.06 55.46 -98.20
N ILE T 493 -36.31 55.31 -98.49
CA ILE T 493 -36.97 56.02 -99.46
C ILE T 493 -36.93 57.45 -99.12
N VAL T 494 -37.15 57.85 -97.87
CA VAL T 494 -37.19 59.26 -97.58
C VAL T 494 -35.92 59.83 -97.86
N ARG T 495 -34.93 59.12 -97.42
CA ARG T 495 -33.62 59.45 -97.53
C ARG T 495 -33.25 59.57 -98.91
N THR T 496 -33.67 58.69 -99.78
CA THR T 496 -33.28 58.80 -101.15
C THR T 496 -33.87 59.95 -101.84
N LEU T 497 -35.08 60.21 -101.45
CA LEU T 497 -35.85 61.27 -101.86
C LEU T 497 -35.40 62.50 -101.27
N LEU T 498 -34.53 62.37 -100.29
CA LEU T 498 -33.98 63.46 -99.58
C LEU T 498 -32.68 63.65 -100.24
N LYS T 499 -32.06 62.58 -100.80
CA LYS T 499 -30.90 62.70 -101.62
C LYS T 499 -31.30 63.45 -102.81
N ASN T 500 -32.57 63.24 -103.17
CA ASN T 500 -33.38 64.14 -103.90
C ASN T 500 -34.53 63.35 -104.28
N GLN T 501 -35.63 64.05 -104.22
CA GLN T 501 -36.96 63.60 -104.36
C GLN T 501 -37.17 63.24 -105.77
N THR T 502 -38.03 62.23 -106.01
CA THR T 502 -38.37 61.79 -107.32
C THR T 502 -39.80 62.14 -107.40
N LEU T 503 -40.16 62.75 -108.54
CA LEU T 503 -41.48 63.09 -108.95
C LEU T 503 -42.00 64.17 -108.07
N ILE T 504 -43.24 64.63 -108.35
CA ILE T 504 -43.82 65.71 -107.60
C ILE T 504 -45.31 65.55 -107.54
N SER T 505 -45.87 66.28 -106.55
CA SER T 505 -47.19 66.42 -105.98
C SER T 505 -48.44 66.27 -106.79
N THR T 506 -49.46 65.94 -105.99
CA THR T 506 -50.85 66.02 -106.25
C THR T 506 -51.30 65.94 -104.82
N PRO T 507 -52.57 66.10 -104.63
CA PRO T 507 -53.24 65.85 -103.39
C PRO T 507 -52.86 64.56 -102.79
N ALA T 508 -52.82 63.52 -103.62
CA ALA T 508 -52.63 62.14 -103.32
C ALA T 508 -51.38 61.96 -102.58
N HIS T 509 -50.39 62.76 -102.88
CA HIS T 509 -49.09 62.49 -102.41
C HIS T 509 -49.04 62.99 -101.04
N LEU T 510 -49.88 63.98 -100.73
CA LEU T 510 -50.12 64.42 -99.39
C LEU T 510 -50.65 63.32 -98.61
N GLU T 511 -51.52 62.54 -99.22
CA GLU T 511 -52.08 61.40 -98.59
C GLU T 511 -51.06 60.45 -98.27
N ASN T 512 -50.20 60.22 -99.24
CA ASN T 512 -49.24 59.22 -99.19
C ASN T 512 -48.36 59.47 -98.08
N VAL T 513 -48.07 60.73 -98.00
CA VAL T 513 -47.24 61.29 -97.03
C VAL T 513 -47.78 61.02 -95.75
N LEU T 514 -49.04 61.20 -95.64
CA LEU T 514 -49.67 60.89 -94.48
C LEU T 514 -49.63 59.48 -94.19
N GLU T 515 -49.80 58.54 -95.16
CA GLU T 515 -49.95 57.13 -94.79
C GLU T 515 -48.81 56.71 -94.08
N ILE T 516 -47.77 57.15 -94.70
CA ILE T 516 -46.52 57.04 -94.21
C ILE T 516 -46.39 57.78 -92.95
N LEU T 517 -46.95 58.97 -92.78
CA LEU T 517 -46.88 59.77 -91.58
C LEU T 517 -47.45 59.05 -90.51
N LYS T 518 -48.52 58.36 -90.76
CA LYS T 518 -49.07 57.50 -89.81
C LYS T 518 -48.15 56.44 -89.44
N VAL T 519 -47.35 55.93 -90.39
CA VAL T 519 -46.29 55.03 -90.01
C VAL T 519 -45.32 55.74 -89.15
N LEU T 520 -45.07 56.98 -89.44
CA LEU T 520 -44.13 57.76 -88.73
C LEU T 520 -44.37 58.18 -87.32
N ILE T 521 -45.57 58.62 -86.98
CA ILE T 521 -45.76 59.36 -85.76
C ILE T 521 -45.73 58.43 -84.64
N LYS T 522 -46.37 57.34 -84.92
CA LYS T 522 -46.29 56.20 -84.13
C LYS T 522 -46.18 55.20 -85.22
N GLU T 523 -45.80 53.97 -84.86
CA GLU T 523 -45.85 52.77 -85.64
C GLU T 523 -44.72 51.96 -85.13
N GLY T 524 -44.57 52.00 -83.79
CA GLY T 524 -43.55 51.32 -83.06
C GLY T 524 -43.21 52.12 -81.86
N SER T 525 -43.09 53.45 -82.00
CA SER T 525 -42.66 54.26 -80.90
C SER T 525 -43.11 55.62 -81.20
N GLN T 526 -42.98 56.45 -80.16
CA GLN T 526 -43.43 57.79 -80.01
C GLN T 526 -43.24 58.71 -81.19
N MET T 548 -31.78 58.66 -87.01
CA MET T 548 -33.25 58.66 -87.06
C MET T 548 -33.59 59.96 -87.67
N GLU T 549 -33.63 60.10 -89.02
CA GLU T 549 -33.76 61.41 -89.59
C GLU T 549 -35.12 61.99 -89.70
N GLU T 550 -35.82 62.14 -88.60
CA GLU T 550 -37.10 62.68 -88.82
C GLU T 550 -37.05 64.12 -88.95
N GLN T 551 -35.97 64.69 -88.57
CA GLN T 551 -35.56 65.97 -88.97
C GLN T 551 -35.40 66.04 -90.41
N GLY T 552 -34.74 65.02 -90.98
CA GLY T 552 -34.39 65.21 -92.34
C GLY T 552 -35.59 65.04 -93.16
N TRP T 553 -36.53 64.39 -92.57
CA TRP T 553 -37.75 64.19 -93.16
C TRP T 553 -38.43 65.49 -93.20
N LEU T 554 -38.32 66.14 -92.06
CA LEU T 554 -38.98 67.33 -91.70
C LEU T 554 -38.60 68.29 -92.70
N ALA T 555 -37.34 68.26 -93.02
CA ALA T 555 -36.84 69.10 -94.00
C ALA T 555 -37.45 68.97 -95.35
N ARG T 556 -37.66 67.75 -95.88
CA ARG T 556 -38.20 67.66 -97.21
C ARG T 556 -39.50 68.27 -97.35
N LEU T 557 -40.27 67.95 -96.36
CA LEU T 557 -41.58 68.39 -96.23
C LEU T 557 -41.58 69.87 -96.17
N VAL T 558 -40.69 70.38 -95.32
CA VAL T 558 -40.55 71.75 -95.01
C VAL T 558 -40.23 72.43 -96.26
N HIS T 559 -39.43 71.83 -97.14
CA HIS T 559 -39.18 72.32 -98.46
C HIS T 559 -40.39 72.37 -99.29
N LEU T 560 -41.08 71.25 -99.27
CA LEU T 560 -41.81 70.77 -100.40
C LEU T 560 -42.94 71.60 -100.66
N ILE T 561 -43.35 72.17 -99.55
CA ILE T 561 -44.47 72.99 -99.41
C ILE T 561 -44.80 74.21 -100.27
N HIS T 562 -43.90 75.13 -100.68
CA HIS T 562 -44.39 76.44 -101.10
C HIS T 562 -45.35 76.72 -102.26
N SER T 563 -45.37 75.90 -103.33
CA SER T 563 -46.13 76.22 -104.52
C SER T 563 -47.66 76.32 -104.44
N ASP T 564 -48.39 75.39 -103.77
CA ASP T 564 -49.85 75.34 -103.70
C ASP T 564 -50.48 76.11 -102.55
N ASP T 565 -51.82 76.16 -102.60
CA ASP T 565 -52.81 76.69 -101.73
C ASP T 565 -52.66 76.42 -100.27
N ASN T 566 -53.38 77.26 -99.53
CA ASN T 566 -53.50 77.47 -98.11
C ASN T 566 -53.91 76.23 -97.42
N ASP T 567 -54.77 75.56 -98.12
CA ASP T 567 -55.47 74.48 -97.63
C ASP T 567 -54.61 73.33 -97.43
N THR T 568 -53.70 73.02 -98.34
CA THR T 568 -52.98 71.76 -98.29
C THR T 568 -52.28 71.49 -97.11
N GLN T 569 -51.64 72.54 -96.80
CA GLN T 569 -50.93 72.80 -95.67
C GLN T 569 -51.78 72.70 -94.59
N PHE T 570 -52.95 73.27 -94.66
CA PHE T 570 -53.78 73.21 -93.55
C PHE T 570 -54.16 71.87 -93.22
N ARG T 571 -54.49 71.07 -94.19
CA ARG T 571 -54.91 69.76 -93.88
C ARG T 571 -53.85 69.02 -93.22
N LEU T 572 -52.72 69.19 -93.82
CA LEU T 572 -51.57 68.60 -93.38
C LEU T 572 -51.19 69.05 -92.11
N LEU T 573 -51.26 70.36 -91.93
CA LEU T 573 -50.77 71.15 -90.85
C LEU T 573 -51.42 70.63 -89.70
N GLN T 574 -52.68 70.42 -89.96
CA GLN T 574 -53.44 69.94 -88.94
C GLN T 574 -53.02 68.60 -88.63
N MET T 575 -52.81 67.78 -89.65
CA MET T 575 -52.56 66.42 -89.35
C MET T 575 -51.39 66.19 -88.58
N THR T 576 -50.45 66.92 -89.00
CA THR T 576 -49.21 66.85 -88.44
C THR T 576 -49.23 67.26 -87.04
N ARG T 577 -49.86 68.35 -86.65
CA ARG T 577 -49.86 68.69 -85.25
C ARG T 577 -50.41 67.64 -84.41
N LYS T 578 -51.42 66.99 -84.91
CA LYS T 578 -52.01 65.92 -84.19
C LYS T 578 -51.07 64.80 -84.05
N ALA T 579 -50.35 64.62 -85.14
CA ALA T 579 -49.29 63.76 -85.31
C ALA T 579 -48.31 64.17 -84.24
N TYR T 580 -48.23 65.44 -83.92
CA TYR T 580 -47.50 65.80 -82.74
C TYR T 580 -48.38 65.82 -81.61
N ALA T 581 -48.35 64.65 -81.05
CA ALA T 581 -48.92 64.38 -79.82
C ALA T 581 -48.32 63.08 -79.49
N GLU T 582 -47.39 62.55 -80.30
CA GLU T 582 -47.09 61.15 -80.16
C GLU T 582 -45.85 61.00 -79.38
N GLY T 583 -45.06 62.08 -79.35
CA GLY T 583 -43.83 62.17 -78.65
C GLY T 583 -43.91 62.39 -77.17
N ASN T 584 -42.71 62.68 -76.64
CA ASN T 584 -42.31 62.98 -75.28
C ASN T 584 -40.81 62.86 -75.24
N GLU T 585 -40.06 62.63 -76.37
CA GLU T 585 -38.66 62.26 -76.18
C GLU T 585 -37.54 62.56 -77.23
N ARG T 586 -37.66 63.41 -78.28
CA ARG T 586 -36.55 63.65 -79.21
C ARG T 586 -36.68 65.05 -79.79
N ILE T 587 -37.86 65.54 -79.44
CA ILE T 587 -38.76 66.58 -79.80
C ILE T 587 -38.46 68.03 -79.86
N ARG T 588 -37.51 68.49 -79.06
CA ARG T 588 -37.23 69.87 -78.84
C ARG T 588 -37.03 70.62 -80.11
N THR T 589 -36.39 69.91 -80.97
CA THR T 589 -35.71 70.28 -82.14
C THR T 589 -36.54 69.99 -83.33
N THR T 590 -37.64 69.34 -83.08
CA THR T 590 -38.29 68.55 -84.04
C THR T 590 -39.47 69.35 -84.36
N THR T 591 -40.07 70.02 -83.38
CA THR T 591 -41.16 70.90 -83.75
C THR T 591 -40.70 72.12 -84.51
N PRO T 592 -39.66 72.78 -84.22
CA PRO T 592 -39.33 73.97 -84.94
C PRO T 592 -39.19 73.97 -86.43
N PRO T 593 -38.73 73.06 -87.24
CA PRO T 593 -38.68 73.19 -88.69
C PRO T 593 -40.00 73.36 -89.26
N LEU T 594 -40.98 72.80 -88.58
CA LEU T 594 -42.29 73.03 -88.99
C LEU T 594 -42.70 74.41 -88.70
N ILE T 595 -42.21 74.94 -87.57
CA ILE T 595 -42.53 76.26 -87.17
C ILE T 595 -42.08 77.17 -88.18
N THR T 596 -40.86 76.96 -88.60
CA THR T 596 -40.30 77.76 -89.62
C THR T 596 -40.97 77.59 -90.90
N ALA T 597 -41.37 76.37 -91.25
CA ALA T 597 -41.98 76.15 -92.52
C ALA T 597 -43.19 76.95 -92.66
N GLY T 598 -43.92 77.03 -91.55
CA GLY T 598 -45.04 77.87 -91.55
C GLY T 598 -44.69 79.28 -91.54
N LEU T 599 -43.64 79.67 -90.85
CA LEU T 599 -43.29 81.04 -90.73
C LEU T 599 -42.91 81.61 -92.02
N LYS T 600 -42.13 80.83 -92.77
CA LYS T 600 -41.65 81.24 -94.04
C LYS T 600 -42.76 81.37 -94.94
N LEU T 601 -43.67 80.42 -94.83
CA LEU T 601 -44.78 80.49 -95.63
C LEU T 601 -45.58 81.61 -95.31
N ALA T 602 -45.64 81.87 -94.03
CA ALA T 602 -46.33 82.94 -93.47
C ALA T 602 -45.85 84.21 -93.93
N ARG T 603 -44.55 84.44 -94.05
CA ARG T 603 -44.16 85.62 -94.68
C ARG T 603 -44.42 85.63 -96.10
N ARG T 604 -44.25 84.49 -96.77
CA ARG T 604 -44.46 84.37 -98.17
C ARG T 604 -45.86 84.67 -98.50
N PHE T 605 -46.71 84.32 -97.58
CA PHE T 605 -48.06 84.62 -97.47
C PHE T 605 -48.32 86.04 -97.26
N LYS T 606 -47.54 86.72 -96.37
CA LYS T 606 -47.72 88.13 -96.06
C LYS T 606 -47.42 88.84 -97.33
N ALA T 607 -46.44 88.29 -98.04
CA ALA T 607 -46.04 88.60 -99.37
C ALA T 607 -47.03 88.25 -100.48
N ARG T 608 -48.36 88.06 -100.24
CA ARG T 608 -49.27 87.78 -101.35
C ARG T 608 -50.72 88.33 -101.24
N GLU T 609 -51.21 88.87 -100.09
CA GLU T 609 -52.64 88.97 -99.82
C GLU T 609 -53.41 90.11 -100.47
N HIS T 610 -54.28 89.81 -101.43
CA HIS T 610 -55.21 90.79 -101.95
C HIS T 610 -56.31 90.04 -102.59
N TYR T 611 -56.35 88.73 -102.38
CA TYR T 611 -57.32 87.85 -102.95
C TYR T 611 -57.54 87.01 -101.78
N ASP T 612 -56.43 86.46 -101.22
CA ASP T 612 -56.40 86.01 -99.85
C ASP T 612 -56.37 87.29 -99.17
N ASP T 613 -57.14 87.38 -98.10
CA ASP T 613 -57.12 88.44 -97.18
C ASP T 613 -57.57 87.72 -95.91
N ASN T 614 -57.52 86.39 -95.97
CA ASN T 614 -58.00 85.38 -95.10
C ASN T 614 -56.87 84.82 -94.44
N TRP T 615 -55.78 85.59 -94.53
CA TRP T 615 -54.57 85.46 -93.85
C TRP T 615 -54.95 85.52 -92.47
N SER T 616 -55.89 86.39 -92.17
CA SER T 616 -56.39 86.63 -90.89
C SER T 616 -56.97 85.42 -90.41
N SER T 617 -57.76 84.78 -91.20
CA SER T 617 -58.37 83.62 -90.72
C SER T 617 -57.43 82.56 -90.41
N GLN T 618 -56.55 82.37 -91.36
CA GLN T 618 -55.57 81.39 -91.40
C GLN T 618 -54.67 81.51 -90.36
N SER T 619 -54.30 82.73 -90.16
CA SER T 619 -53.45 83.05 -89.14
C SER T 619 -54.06 82.79 -87.90
N SER T 620 -55.29 83.23 -87.82
CA SER T 620 -55.87 83.36 -86.57
C SER T 620 -55.97 82.15 -85.94
N SER T 621 -56.44 81.29 -86.79
CA SER T 621 -56.56 79.96 -86.51
C SER T 621 -55.27 79.46 -86.29
N LEU T 622 -54.34 79.85 -87.10
CA LEU T 622 -53.14 79.27 -86.93
C LEU T 622 -52.47 79.63 -85.78
N PHE T 623 -52.40 80.84 -85.39
CA PHE T 623 -51.74 81.24 -84.24
C PHE T 623 -52.35 80.71 -83.13
N LYS T 624 -53.63 80.61 -83.25
CA LYS T 624 -54.31 80.04 -82.23
C LYS T 624 -53.94 78.66 -82.11
N PHE T 625 -53.89 78.01 -83.23
CA PHE T 625 -53.63 76.63 -83.43
C PHE T 625 -52.37 76.32 -82.88
N LEU T 626 -51.52 77.19 -83.21
CA LEU T 626 -50.22 77.12 -82.81
C LEU T 626 -50.18 77.29 -81.41
N HIS T 627 -50.91 78.28 -80.95
CA HIS T 627 -50.85 78.61 -79.60
C HIS T 627 -51.29 77.51 -78.81
N SER T 628 -52.35 76.93 -79.21
CA SER T 628 -52.96 75.89 -78.53
C SER T 628 -52.04 74.79 -78.46
N ALA T 629 -51.36 74.57 -79.58
CA ALA T 629 -50.43 73.55 -79.65
C ALA T 629 -49.35 73.85 -78.72
N ILE T 630 -48.95 75.09 -78.65
CA ILE T 630 -47.90 75.58 -77.86
C ILE T 630 -48.14 75.48 -76.45
N SER T 631 -49.34 75.81 -76.03
CA SER T 631 -49.64 75.69 -74.67
C SER T 631 -49.53 74.33 -74.32
N THR T 632 -49.92 73.45 -75.25
CA THR T 632 -49.69 72.07 -75.10
C THR T 632 -48.31 71.79 -74.91
N LEU T 633 -47.47 72.42 -75.69
CA LEU T 633 -46.14 72.00 -75.62
C LEU T 633 -45.46 72.23 -74.35
N TYR T 634 -45.59 73.41 -73.75
CA TYR T 634 -44.82 73.62 -72.57
C TYR T 634 -45.15 72.67 -71.51
N THR T 635 -46.46 72.58 -71.46
CA THR T 635 -47.18 71.84 -70.53
C THR T 635 -46.84 70.43 -70.60
N ARG T 636 -46.37 69.96 -71.79
CA ARG T 636 -45.82 68.65 -71.97
C ARG T 636 -44.53 68.90 -71.28
N VAL T 637 -44.50 68.52 -69.98
CA VAL T 637 -43.76 69.21 -68.97
C VAL T 637 -42.37 69.14 -69.32
N ASN T 638 -42.04 67.92 -69.74
CA ASN T 638 -40.92 67.36 -70.39
C ASN T 638 -39.91 68.38 -70.92
N GLY T 639 -38.56 68.17 -70.64
CA GLY T 639 -37.36 68.83 -71.24
C GLY T 639 -36.40 69.71 -70.38
N PRO T 640 -35.03 69.74 -70.52
CA PRO T 640 -34.23 70.94 -70.39
C PRO T 640 -34.23 71.69 -71.71
N GLY T 641 -34.19 73.05 -71.68
CA GLY T 641 -34.05 73.85 -72.88
C GLY T 641 -35.36 74.31 -73.41
N VAL T 642 -36.46 73.89 -72.74
CA VAL T 642 -37.84 74.05 -73.13
C VAL T 642 -38.17 75.49 -73.20
N ALA T 643 -37.63 76.18 -72.20
CA ALA T 643 -37.92 77.54 -71.94
C ALA T 643 -37.32 78.30 -73.03
N ASP T 644 -36.05 78.01 -73.30
CA ASP T 644 -35.25 78.68 -74.27
C ASP T 644 -35.90 78.57 -75.62
N LEU T 645 -36.23 77.34 -76.00
CA LEU T 645 -36.75 77.01 -77.28
C LEU T 645 -38.06 77.62 -77.55
N CYS T 646 -38.94 77.49 -76.54
CA CYS T 646 -40.31 77.94 -76.63
C CYS T 646 -40.29 79.35 -76.86
N LEU T 647 -39.41 79.99 -76.12
CA LEU T 647 -39.25 81.35 -76.22
C LEU T 647 -38.85 81.76 -77.54
N ARG T 648 -37.89 81.10 -78.15
CA ARG T 648 -37.40 81.47 -79.43
C ARG T 648 -38.47 81.33 -80.42
N LEU T 649 -39.29 80.30 -80.27
CA LEU T 649 -40.47 80.18 -81.02
C LEU T 649 -41.41 81.30 -80.78
N PHE T 650 -41.60 81.77 -79.52
CA PHE T 650 -42.45 82.90 -79.22
C PHE T 650 -41.93 84.03 -79.98
N CYS T 651 -40.61 84.17 -80.00
CA CYS T 651 -40.03 85.28 -80.62
C CYS T 651 -40.29 85.30 -82.02
N SER T 652 -40.10 84.13 -82.66
CA SER T 652 -40.20 84.11 -84.06
C SER T 652 -41.53 84.49 -84.53
N CYS T 653 -42.48 83.85 -83.92
CA CYS T 653 -43.82 84.07 -84.22
C CYS T 653 -44.35 85.38 -83.82
N GLY T 654 -44.03 85.76 -82.60
CA GLY T 654 -44.40 86.99 -81.98
C GLY T 654 -44.02 88.19 -82.70
N GLN T 655 -42.78 88.22 -83.16
CA GLN T 655 -42.20 89.20 -84.01
C GLN T 655 -42.84 89.16 -85.31
N VAL T 656 -43.12 87.97 -85.80
CA VAL T 656 -43.75 87.88 -87.05
C VAL T 656 -45.06 88.55 -86.94
N ALA T 657 -45.75 88.37 -85.79
CA ALA T 657 -46.95 89.02 -85.37
C ALA T 657 -46.75 90.48 -85.31
N ASP T 658 -45.56 90.96 -84.85
CA ASP T 658 -45.29 92.37 -84.92
C ASP T 658 -45.30 92.88 -86.33
N MET T 659 -44.54 92.29 -87.26
CA MET T 659 -44.43 92.80 -88.60
C MET T 659 -45.70 92.71 -89.34
N THR T 660 -46.45 91.62 -89.11
CA THR T 660 -47.69 91.34 -89.78
C THR T 660 -48.94 92.10 -89.33
N GLU T 661 -48.99 92.76 -88.13
CA GLU T 661 -50.12 93.48 -87.52
C GLU T 661 -50.54 93.00 -86.13
N PHE T 662 -50.80 91.68 -85.92
CA PHE T 662 -51.66 91.25 -84.83
C PHE T 662 -51.12 91.13 -83.45
N GLU T 663 -51.12 92.32 -82.92
CA GLU T 663 -50.72 92.82 -81.68
C GLU T 663 -51.67 92.57 -80.59
N GLU T 664 -52.94 92.30 -80.94
CA GLU T 664 -54.00 92.23 -79.99
C GLU T 664 -53.77 91.17 -79.04
N VAL T 665 -53.24 90.11 -79.61
CA VAL T 665 -53.14 88.91 -78.90
C VAL T 665 -51.84 88.86 -78.25
N ALA T 666 -51.08 89.92 -78.41
CA ALA T 666 -49.74 89.79 -78.07
C ALA T 666 -49.48 89.76 -76.62
N TYR T 667 -49.96 90.71 -75.80
CA TYR T 667 -49.46 90.85 -74.43
C TYR T 667 -49.62 89.67 -73.65
N GLU T 668 -50.75 88.95 -73.75
CA GLU T 668 -50.84 87.79 -72.97
C GLU T 668 -49.73 86.88 -73.24
N PHE T 669 -49.45 86.69 -74.51
CA PHE T 669 -48.47 85.75 -74.94
C PHE T 669 -47.17 86.08 -74.43
N PHE T 670 -46.91 87.32 -74.52
CA PHE T 670 -45.72 87.92 -74.16
C PHE T 670 -45.50 87.90 -72.73
N ALA T 671 -46.59 88.10 -71.99
CA ALA T 671 -46.59 88.04 -70.59
C ALA T 671 -46.22 86.65 -70.25
N GLN T 672 -46.78 85.70 -70.98
CA GLN T 672 -46.38 84.35 -70.81
C GLN T 672 -44.94 84.13 -71.13
N ALA T 673 -44.43 84.75 -72.18
CA ALA T 673 -43.07 84.61 -72.55
C ALA T 673 -42.13 85.03 -71.49
N PHE T 674 -42.43 86.14 -70.87
CA PHE T 674 -41.67 86.57 -69.77
C PHE T 674 -41.71 85.64 -68.67
N THR T 675 -42.84 85.02 -68.37
CA THR T 675 -42.91 84.10 -67.28
C THR T 675 -41.92 83.04 -67.41
N VAL T 676 -41.77 82.56 -68.65
CA VAL T 676 -40.83 81.55 -68.96
C VAL T 676 -39.50 82.05 -68.61
N TYR T 677 -39.22 83.33 -68.92
CA TYR T 677 -37.99 83.96 -68.57
C TYR T 677 -37.84 83.95 -67.11
N GLU T 678 -38.87 84.22 -66.34
CA GLU T 678 -38.65 84.16 -64.96
C GLU T 678 -38.59 82.79 -64.38
N GLU T 679 -39.46 81.85 -64.69
CA GLU T 679 -39.40 80.67 -63.89
C GLU T 679 -38.36 79.76 -64.29
N SER T 680 -38.40 79.57 -65.59
CA SER T 680 -38.13 78.27 -66.07
C SER T 680 -36.96 78.30 -66.94
N ILE T 681 -36.31 79.46 -66.94
CA ILE T 681 -34.95 79.55 -67.39
C ILE T 681 -34.28 79.56 -66.05
N SER T 682 -32.96 79.22 -66.01
CA SER T 682 -32.29 78.91 -64.77
C SER T 682 -30.77 78.95 -64.87
N ASP T 683 -30.17 79.26 -66.05
CA ASP T 683 -28.75 79.31 -66.09
C ASP T 683 -28.41 80.58 -66.65
N SER T 684 -27.28 81.03 -66.17
CA SER T 684 -26.65 82.24 -66.41
C SER T 684 -26.42 82.39 -67.84
N LYS T 685 -25.93 81.36 -68.48
CA LYS T 685 -25.72 81.38 -69.89
C LYS T 685 -26.97 81.38 -70.63
N ALA T 686 -27.90 80.55 -70.13
CA ALA T 686 -29.13 80.27 -70.80
C ALA T 686 -29.87 81.51 -70.89
N GLN T 687 -29.85 82.19 -69.76
CA GLN T 687 -30.30 83.48 -69.54
C GLN T 687 -29.60 84.44 -70.37
N PHE T 688 -28.26 84.32 -70.50
CA PHE T 688 -27.52 85.35 -71.17
C PHE T 688 -28.01 85.46 -72.57
N GLN T 689 -28.13 84.33 -73.24
CA GLN T 689 -28.66 84.30 -74.55
C GLN T 689 -30.06 84.73 -74.66
N ALA T 690 -30.87 84.22 -73.72
CA ALA T 690 -32.29 84.44 -73.75
C ALA T 690 -32.75 85.88 -73.55
N VAL T 691 -32.20 86.63 -72.57
CA VAL T 691 -32.55 88.01 -72.36
C VAL T 691 -32.10 88.83 -73.56
N CYS T 692 -30.96 88.46 -74.23
CA CYS T 692 -30.53 89.17 -75.43
C CYS T 692 -31.61 89.08 -76.44
N VAL T 693 -32.24 87.89 -76.57
CA VAL T 693 -33.43 87.76 -77.35
C VAL T 693 -34.56 88.57 -76.81
N ILE T 694 -34.84 88.63 -75.50
CA ILE T 694 -35.99 89.36 -75.04
C ILE T 694 -35.91 90.75 -75.38
N ALA T 695 -34.74 91.31 -75.12
CA ALA T 695 -34.49 92.63 -75.40
C ALA T 695 -34.60 92.82 -76.84
N SER T 696 -33.87 92.03 -77.60
CA SER T 696 -33.82 92.20 -79.01
C SER T 696 -35.09 91.99 -79.72
N ALA T 697 -35.83 90.99 -79.29
CA ALA T 697 -37.07 90.58 -79.86
C ALA T 697 -38.02 91.66 -79.67
N LEU T 698 -37.97 92.24 -78.47
CA LEU T 698 -38.71 93.40 -78.20
C LEU T 698 -38.26 94.47 -79.14
N HIS T 699 -36.95 94.60 -79.35
CA HIS T 699 -36.38 95.49 -80.31
C HIS T 699 -36.70 95.43 -81.79
N ARG T 700 -37.63 94.62 -82.32
CA ARG T 700 -37.95 94.83 -83.72
C ARG T 700 -39.39 94.68 -83.85
N THR T 701 -39.95 94.69 -82.67
CA THR T 701 -41.28 94.63 -82.29
C THR T 701 -41.20 95.94 -81.62
N ARG T 702 -42.37 96.45 -81.30
CA ARG T 702 -42.49 97.81 -80.93
C ARG T 702 -43.97 98.02 -80.57
N ASN T 703 -44.87 96.98 -80.70
CA ASN T 703 -46.34 97.06 -80.69
C ASN T 703 -46.99 97.74 -79.55
N PHE T 704 -46.49 97.41 -78.37
CA PHE T 704 -47.05 97.85 -77.17
C PHE T 704 -46.61 99.19 -77.07
N GLY T 705 -47.43 99.92 -76.43
CA GLY T 705 -46.98 101.08 -75.90
C GLY T 705 -46.32 100.87 -74.68
N ARG T 706 -46.09 102.08 -74.26
CA ARG T 706 -45.53 102.60 -73.10
C ARG T 706 -46.34 102.07 -71.97
N GLU T 707 -47.64 101.90 -72.20
CA GLU T 707 -48.61 101.42 -71.30
C GLU T 707 -48.31 100.06 -70.79
N ASN T 708 -47.98 99.21 -71.74
CA ASN T 708 -47.66 97.87 -71.52
C ASN T 708 -46.40 97.88 -70.89
N TYR T 709 -45.60 98.75 -71.44
CA TYR T 709 -44.28 98.93 -71.13
C TYR T 709 -44.05 99.30 -69.79
N ASP T 710 -44.63 100.30 -69.14
CA ASP T 710 -44.06 100.80 -67.91
C ASP T 710 -43.97 99.71 -66.93
N THR T 711 -45.02 98.89 -66.97
CA THR T 711 -45.03 97.69 -66.29
C THR T 711 -43.99 96.77 -66.78
N LEU T 712 -43.89 96.52 -68.08
CA LEU T 712 -42.88 95.63 -68.59
C LEU T 712 -41.44 96.00 -68.51
N ILE T 713 -41.08 97.23 -68.77
CA ILE T 713 -39.79 97.81 -68.81
C ILE T 713 -39.20 97.76 -67.48
N THR T 714 -40.02 98.12 -66.47
CA THR T 714 -39.49 98.16 -65.13
C THR T 714 -39.09 96.80 -64.74
N LYS T 715 -39.94 95.84 -65.09
CA LYS T 715 -39.72 94.45 -64.92
C LYS T 715 -38.56 93.82 -65.63
N CYS T 716 -38.33 94.01 -66.96
CA CYS T 716 -37.27 93.32 -67.65
C CYS T 716 -36.01 93.69 -67.07
N ALA T 717 -35.97 95.00 -66.83
CA ALA T 717 -34.92 95.69 -66.22
C ALA T 717 -34.79 95.19 -64.86
N GLN T 718 -35.87 94.93 -64.16
CA GLN T 718 -35.83 94.35 -62.89
C GLN T 718 -35.29 93.00 -62.90
N HIS T 719 -35.67 92.13 -63.84
CA HIS T 719 -35.16 90.81 -63.93
C HIS T 719 -33.78 90.90 -64.18
N ALA T 720 -33.44 91.86 -65.02
CA ALA T 720 -32.15 92.21 -65.41
C ALA T 720 -31.41 92.60 -64.20
N SER T 721 -32.09 93.32 -63.30
CA SER T 721 -31.62 93.86 -62.07
C SER T 721 -31.79 92.82 -61.05
N LYS T 722 -32.15 91.61 -61.47
CA LYS T 722 -32.34 90.56 -60.56
C LYS T 722 -31.54 89.48 -61.11
N LEU T 723 -30.82 89.72 -62.23
CA LEU T 723 -29.78 88.85 -62.63
C LEU T 723 -28.65 89.23 -61.73
N LEU T 724 -27.58 88.42 -61.66
CA LEU T 724 -26.54 88.59 -60.66
C LEU T 724 -25.19 88.40 -61.32
N ARG T 725 -25.09 88.56 -62.67
CA ARG T 725 -23.91 88.29 -63.51
C ARG T 725 -23.30 89.57 -64.04
N LYS T 726 -22.31 90.12 -63.30
CA LYS T 726 -21.84 91.46 -63.53
C LYS T 726 -21.30 91.98 -64.83
N PRO T 727 -20.44 91.38 -65.63
CA PRO T 727 -19.95 92.01 -66.86
C PRO T 727 -21.08 92.44 -67.74
N ASP T 728 -21.88 91.44 -67.92
CA ASP T 728 -23.03 91.42 -68.71
C ASP T 728 -24.06 92.40 -68.22
N GLN T 729 -24.27 92.41 -66.89
CA GLN T 729 -25.25 93.27 -66.30
C GLN T 729 -25.11 94.75 -66.45
N CYS T 730 -23.93 95.35 -66.21
CA CYS T 730 -23.84 96.78 -66.42
C CYS T 730 -24.05 97.18 -67.85
N ARG T 731 -23.41 96.40 -68.78
CA ARG T 731 -23.34 96.79 -70.17
C ARG T 731 -24.70 96.90 -70.72
N ALA T 732 -25.52 95.92 -70.34
CA ALA T 732 -26.89 95.95 -70.67
C ALA T 732 -27.64 97.10 -70.06
N VAL T 733 -27.36 97.42 -68.78
CA VAL T 733 -28.12 98.41 -68.09
C VAL T 733 -27.98 99.73 -68.71
N TYR T 734 -26.77 100.12 -69.07
CA TYR T 734 -26.61 101.32 -69.81
C TYR T 734 -27.16 101.23 -71.21
N LEU T 735 -27.28 100.00 -71.74
CA LEU T 735 -27.75 99.67 -73.05
C LEU T 735 -29.22 99.79 -73.10
N ALA T 736 -29.86 99.80 -71.93
CA ALA T 736 -31.28 99.90 -71.76
C ALA T 736 -31.69 101.28 -72.12
N SER T 737 -30.74 102.20 -72.26
CA SER T 737 -30.93 103.54 -72.74
C SER T 737 -31.56 103.58 -74.08
N HIS T 738 -31.18 102.58 -74.88
CA HIS T 738 -31.54 102.49 -76.25
C HIS T 738 -32.99 102.16 -76.44
N LEU T 739 -33.66 101.80 -75.32
CA LEU T 739 -35.06 101.45 -75.32
C LEU T 739 -35.94 102.62 -75.59
N TRP T 740 -35.50 103.82 -75.23
CA TRP T 740 -36.32 104.96 -75.45
C TRP T 740 -35.92 105.64 -76.67
N TRP T 741 -34.74 105.22 -77.11
CA TRP T 741 -33.96 105.88 -78.07
C TRP T 741 -34.48 106.08 -79.44
N ALA T 742 -34.15 107.28 -79.95
CA ALA T 742 -34.40 107.85 -81.24
C ALA T 742 -33.93 106.98 -82.34
N THR T 743 -32.80 106.32 -82.08
CA THR T 743 -32.42 105.18 -82.83
C THR T 743 -33.10 104.16 -81.97
N PRO T 744 -34.12 103.42 -82.31
CA PRO T 744 -34.70 103.48 -83.63
C PRO T 744 -36.13 103.11 -83.46
N ILE T 745 -36.66 102.41 -84.50
CA ILE T 745 -37.94 101.76 -84.68
C ILE T 745 -38.46 100.97 -83.53
N ALA T 746 -37.58 100.28 -82.79
CA ALA T 746 -37.91 99.55 -81.61
C ALA T 746 -38.54 100.37 -80.49
N ALA T 747 -38.10 101.64 -80.39
CA ALA T 747 -38.32 102.63 -79.37
C ALA T 747 -39.64 103.32 -79.47
N ARG T 748 -40.66 102.65 -80.04
CA ARG T 748 -41.94 103.21 -80.36
C ARG T 748 -43.12 102.33 -79.79
N GLY T 749 -44.43 102.80 -79.82
CA GLY T 749 -45.60 101.99 -79.45
C GLY T 749 -46.87 102.29 -80.23
N GLU T 750 -47.58 101.24 -80.74
CA GLU T 750 -48.69 101.40 -81.66
C GLU T 750 -49.95 101.30 -80.91
N THR T 751 -49.88 101.01 -79.62
CA THR T 751 -51.03 101.22 -78.80
C THR T 751 -51.34 102.69 -78.86
N GLU T 752 -50.27 103.49 -78.89
CA GLU T 752 -50.31 104.89 -79.06
C GLU T 752 -50.51 105.24 -80.51
N ASP T 753 -49.80 104.54 -81.40
CA ASP T 753 -49.86 104.67 -82.84
C ASP T 753 -48.77 105.55 -83.40
N THR T 754 -47.47 105.08 -83.36
CA THR T 754 -46.29 105.58 -84.13
C THR T 754 -45.27 106.62 -83.54
N GLU T 755 -43.89 106.39 -83.68
CA GLU T 755 -42.66 107.19 -83.41
C GLU T 755 -41.95 107.08 -82.03
N LEU T 756 -40.62 107.40 -82.01
CA LEU T 756 -39.64 107.29 -80.94
C LEU T 756 -40.01 107.62 -79.56
N TYR T 757 -39.22 107.12 -78.58
CA TYR T 757 -39.67 107.05 -77.23
C TYR T 757 -39.20 108.16 -76.40
N ARG T 758 -39.16 109.34 -77.03
CA ARG T 758 -38.97 110.66 -76.50
C ARG T 758 -39.25 110.88 -75.04
N ASP T 759 -38.20 111.39 -74.38
CA ASP T 759 -37.98 111.75 -73.00
C ASP T 759 -36.88 111.01 -72.31
N GLY T 760 -35.98 111.81 -71.72
CA GLY T 760 -34.75 111.47 -71.03
C GLY T 760 -34.71 110.64 -69.75
N LYS T 761 -35.78 110.75 -68.94
CA LYS T 761 -35.66 110.42 -67.53
C LYS T 761 -35.23 109.06 -67.15
N ARG T 762 -35.85 108.06 -67.72
CA ARG T 762 -35.54 106.68 -67.55
C ARG T 762 -34.23 106.37 -68.13
N VAL T 763 -33.89 106.99 -69.28
CA VAL T 763 -32.68 106.70 -69.97
C VAL T 763 -31.47 106.94 -69.15
N LEU T 764 -31.44 108.11 -68.50
CA LEU T 764 -30.44 108.49 -67.57
C LEU T 764 -30.40 107.66 -66.36
N GLU T 765 -31.57 107.35 -65.82
CA GLU T 765 -31.76 106.55 -64.65
C GLU T 765 -31.16 105.22 -64.88
N CYS T 766 -31.30 104.67 -66.11
CA CYS T 766 -30.72 103.43 -66.54
C CYS T 766 -29.25 103.55 -66.50
N LEU T 767 -28.70 104.65 -66.99
CA LEU T 767 -27.30 104.84 -66.96
C LEU T 767 -26.83 104.94 -65.55
N GLN T 768 -27.61 105.60 -64.67
CA GLN T 768 -27.38 105.75 -63.28
C GLN T 768 -27.40 104.48 -62.54
N ARG T 769 -28.32 103.58 -62.85
CA ARG T 769 -28.37 102.23 -62.37
C ARG T 769 -27.23 101.40 -62.87
N ALA T 770 -26.82 101.58 -64.15
CA ALA T 770 -25.71 100.88 -64.75
C ALA T 770 -24.51 101.27 -63.98
N LEU T 771 -24.49 102.55 -63.69
CA LEU T 771 -23.60 103.19 -62.83
C LEU T 771 -23.72 102.58 -61.49
N ARG T 772 -24.89 102.25 -60.94
CA ARG T 772 -25.07 101.59 -59.69
C ARG T 772 -24.40 100.27 -59.67
N VAL T 773 -24.38 99.57 -60.80
CA VAL T 773 -23.63 98.33 -60.89
C VAL T 773 -22.19 98.64 -60.76
N ALA T 774 -21.77 99.73 -61.38
CA ALA T 774 -20.44 100.22 -61.27
C ALA T 774 -20.11 100.53 -59.84
N ASP T 775 -21.06 101.18 -59.17
CA ASP T 775 -21.03 101.62 -57.81
C ASP T 775 -20.89 100.53 -56.86
N SER T 776 -21.50 99.41 -57.21
CA SER T 776 -21.51 98.35 -56.29
C SER T 776 -20.41 97.45 -56.66
N CYS T 777 -19.56 97.86 -57.64
CA CYS T 777 -18.43 97.09 -58.07
C CYS T 777 -17.59 96.65 -56.98
N MET T 778 -16.76 97.58 -56.48
CA MET T 778 -15.83 97.38 -55.42
C MET T 778 -14.60 96.81 -56.08
N GLU T 779 -14.77 95.85 -57.02
CA GLU T 779 -13.72 95.31 -57.84
C GLU T 779 -13.71 96.14 -59.06
N THR T 780 -12.66 96.89 -59.01
CA THR T 780 -12.16 97.95 -59.75
C THR T 780 -11.83 97.68 -61.16
N ALA T 781 -11.15 96.58 -61.49
CA ALA T 781 -10.38 96.41 -62.72
C ALA T 781 -11.33 96.39 -63.87
N THR T 782 -12.29 95.54 -63.65
CA THR T 782 -13.36 95.28 -64.53
C THR T 782 -14.18 96.54 -64.59
N SER T 783 -14.27 97.27 -63.46
CA SER T 783 -14.99 98.48 -63.31
C SER T 783 -14.48 99.49 -64.30
N ILE T 784 -13.19 99.68 -64.44
CA ILE T 784 -12.60 100.58 -65.38
C ILE T 784 -12.78 100.21 -66.78
N GLU T 785 -12.61 98.91 -67.13
CA GLU T 785 -12.73 98.42 -68.49
C GLU T 785 -14.08 98.81 -68.97
N LEU T 786 -15.01 98.60 -68.06
CA LEU T 786 -16.35 99.03 -68.18
C LEU T 786 -16.50 100.50 -68.23
N PHE T 787 -15.80 101.29 -67.42
CA PHE T 787 -15.97 102.72 -67.34
C PHE T 787 -15.70 103.34 -68.61
N VAL T 788 -14.67 102.80 -69.23
CA VAL T 788 -14.22 103.12 -70.50
C VAL T 788 -15.28 102.81 -71.42
N GLU T 789 -15.85 101.65 -71.24
CA GLU T 789 -16.90 101.22 -72.04
C GLU T 789 -18.09 102.00 -72.01
N ILE T 790 -18.40 102.48 -70.82
CA ILE T 790 -19.43 103.41 -70.56
C ILE T 790 -19.07 104.63 -71.26
N LEU T 791 -17.80 104.99 -71.24
CA LEU T 791 -17.31 106.14 -71.89
C LEU T 791 -17.54 106.05 -73.34
N ASP T 792 -17.30 104.88 -73.94
CA ASP T 792 -17.54 104.66 -75.33
C ASP T 792 -18.98 104.97 -75.60
N ARG T 793 -19.80 104.54 -74.64
CA ARG T 793 -21.19 104.76 -74.63
C ARG T 793 -21.60 106.16 -74.52
N TYR T 794 -20.86 106.92 -73.74
CA TYR T 794 -21.02 108.31 -73.53
C TYR T 794 -20.81 109.00 -74.82
N VAL T 795 -19.79 108.56 -75.59
CA VAL T 795 -19.56 109.02 -76.93
C VAL T 795 -20.76 108.74 -77.78
N TYR T 796 -21.42 107.56 -77.68
CA TYR T 796 -22.65 107.37 -78.42
C TYR T 796 -23.69 108.44 -78.17
N TYR T 797 -23.99 108.83 -76.93
CA TYR T 797 -25.01 109.77 -76.55
C TYR T 797 -24.69 111.17 -76.84
N PHE T 798 -23.35 111.45 -76.88
CA PHE T 798 -22.73 112.68 -77.35
C PHE T 798 -23.23 112.73 -78.77
N ASP T 799 -23.10 111.60 -79.50
CA ASP T 799 -23.58 111.53 -80.84
C ASP T 799 -25.07 111.42 -80.93
N GLN T 800 -25.80 111.02 -79.86
CA GLN T 800 -27.20 110.88 -80.04
C GLN T 800 -27.96 112.08 -79.76
N ARG T 801 -27.32 113.22 -79.52
CA ARG T 801 -28.06 114.42 -79.22
C ARG T 801 -28.80 114.12 -77.96
N ASN T 802 -28.08 113.69 -76.94
CA ASN T 802 -28.73 113.36 -75.72
C ASN T 802 -28.78 114.68 -75.04
N GLU T 803 -29.90 115.38 -75.32
CA GLU T 803 -30.06 116.78 -75.06
C GLU T 803 -30.09 117.13 -73.60
N SER T 804 -30.89 116.35 -72.85
CA SER T 804 -31.19 116.46 -71.45
C SER T 804 -29.95 116.36 -70.64
N VAL T 805 -29.17 115.34 -71.06
CA VAL T 805 -27.87 114.97 -70.63
C VAL T 805 -27.02 116.21 -70.75
N THR T 806 -26.24 116.42 -69.70
CA THR T 806 -25.42 117.57 -69.52
C THR T 806 -24.06 116.99 -69.21
N THR T 807 -23.01 117.73 -69.63
CA THR T 807 -21.59 117.35 -69.71
C THR T 807 -21.02 116.94 -68.42
N LYS T 808 -21.59 117.44 -67.33
CA LYS T 808 -21.07 117.37 -66.01
C LYS T 808 -20.77 115.97 -65.55
N TYR T 809 -21.66 115.02 -65.83
CA TYR T 809 -21.37 113.63 -65.74
C TYR T 809 -20.38 113.13 -66.69
N LEU T 810 -20.34 113.57 -67.98
CA LEU T 810 -19.37 113.07 -68.96
C LEU T 810 -18.02 113.39 -68.45
N ASN T 811 -17.87 114.62 -67.96
CA ASN T 811 -16.72 115.12 -67.34
C ASN T 811 -16.40 114.33 -66.15
N GLY T 812 -17.42 113.99 -65.36
CA GLY T 812 -17.25 113.23 -64.16
C GLY T 812 -16.76 111.87 -64.48
N LEU T 813 -17.20 111.26 -65.59
CA LEU T 813 -16.77 109.98 -66.06
C LEU T 813 -15.41 109.91 -66.64
N ILE T 814 -15.02 110.86 -67.51
CA ILE T 814 -13.71 110.82 -68.14
C ILE T 814 -12.63 110.97 -67.15
N GLU T 815 -12.92 111.87 -66.21
CA GLU T 815 -12.16 112.14 -65.06
C GLU T 815 -12.07 110.96 -64.17
N LEU T 816 -13.22 110.30 -63.91
CA LEU T 816 -13.27 109.12 -63.10
C LEU T 816 -12.51 107.97 -63.67
N ILE T 817 -12.57 107.76 -65.00
CA ILE T 817 -11.82 106.70 -65.61
C ILE T 817 -10.39 106.95 -65.45
N HIS T 818 -9.95 108.20 -65.70
CA HIS T 818 -8.59 108.61 -65.58
C HIS T 818 -8.05 108.41 -64.22
N SER T 819 -8.87 108.77 -63.21
CA SER T 819 -8.50 108.75 -61.82
C SER T 819 -8.18 107.39 -61.35
N ASN T 820 -8.93 106.41 -61.86
CA ASN T 820 -8.72 105.10 -61.39
C ASN T 820 -7.59 104.54 -62.19
N LEU T 821 -7.61 104.86 -63.51
CA LEU T 821 -6.77 104.30 -64.53
C LEU T 821 -5.36 104.57 -64.24
N ALA T 822 -5.09 105.84 -63.96
CA ALA T 822 -3.78 106.26 -63.65
C ALA T 822 -3.51 106.01 -62.22
N GLY T 823 -4.51 106.34 -61.38
CA GLY T 823 -4.24 106.74 -60.03
C GLY T 823 -3.89 105.63 -59.15
N ASN T 824 -3.96 104.41 -59.67
CA ASN T 824 -3.76 103.25 -58.89
C ASN T 824 -3.17 102.38 -59.92
N GLN T 825 -2.21 101.50 -59.54
CA GLN T 825 -1.72 100.54 -60.50
C GLN T 825 -1.01 99.41 -59.80
N GLN T 826 -0.92 98.27 -60.51
CA GLN T 826 -0.27 97.07 -60.07
C GLN T 826 -0.07 96.23 -61.30
N ASP T 827 0.68 95.13 -61.14
CA ASP T 827 1.09 94.18 -62.12
C ASP T 827 0.02 93.63 -63.05
N SER T 828 -0.03 94.11 -64.29
CA SER T 828 -1.07 93.60 -65.12
C SER T 828 -0.66 93.83 -66.51
N ALA T 829 -1.06 92.82 -67.30
CA ALA T 829 -1.12 92.74 -68.73
C ALA T 829 -2.03 93.83 -69.16
N SER T 830 -3.07 94.00 -68.34
CA SER T 830 -4.16 94.88 -68.44
C SER T 830 -3.64 96.27 -68.47
N VAL T 831 -2.59 96.62 -67.70
CA VAL T 831 -2.07 97.95 -67.72
C VAL T 831 -1.55 98.25 -69.11
N GLU T 832 -0.90 97.28 -69.77
CA GLU T 832 -0.52 97.46 -71.15
C GLU T 832 -1.69 97.65 -72.08
N ALA T 833 -2.69 96.81 -71.88
CA ALA T 833 -3.84 96.76 -72.68
C ALA T 833 -4.58 98.03 -72.64
N SER T 834 -4.65 98.61 -71.43
CA SER T 834 -5.37 99.81 -71.12
C SER T 834 -4.86 100.91 -71.90
N ARG T 835 -3.56 100.99 -72.07
CA ARG T 835 -3.02 101.92 -72.98
C ARG T 835 -3.40 101.67 -74.37
N LYS T 836 -3.36 100.42 -74.88
CA LYS T 836 -3.74 100.19 -76.26
C LYS T 836 -5.13 100.64 -76.50
N HIS T 837 -6.02 100.31 -75.56
CA HIS T 837 -7.40 100.66 -75.57
C HIS T 837 -7.47 102.15 -75.59
N PHE T 838 -6.69 102.84 -74.74
CA PHE T 838 -6.72 104.26 -74.57
C PHE T 838 -6.38 104.93 -75.84
N ILE T 839 -5.39 104.36 -76.48
CA ILE T 839 -4.94 104.83 -77.72
C ILE T 839 -5.94 104.71 -78.78
N GLN T 840 -6.55 103.53 -78.83
CA GLN T 840 -7.52 103.28 -79.82
C GLN T 840 -8.59 104.25 -79.72
N THR T 841 -9.04 104.42 -78.50
CA THR T 841 -10.13 105.25 -78.22
C THR T 841 -9.91 106.63 -78.55
N LEU T 842 -8.73 107.14 -78.21
CA LEU T 842 -8.59 108.51 -78.45
C LEU T 842 -8.62 108.81 -79.88
N GLU T 843 -7.93 107.99 -80.71
CA GLU T 843 -8.09 108.23 -82.10
C GLU T 843 -9.48 108.07 -82.61
N MET T 844 -10.14 107.04 -82.13
CA MET T 844 -11.46 106.76 -82.51
C MET T 844 -12.47 107.77 -82.17
N ILE T 845 -12.39 108.39 -81.00
CA ILE T 845 -13.50 109.19 -80.58
C ILE T 845 -13.59 110.49 -81.28
N GLN T 846 -12.48 110.92 -81.91
CA GLN T 846 -12.43 112.25 -82.44
C GLN T 846 -12.59 113.17 -81.20
#